data_6W21
#
_entry.id   6W21
#
_cell.length_a   1.00
_cell.length_b   1.00
_cell.length_c   1.00
_cell.angle_alpha   90.00
_cell.angle_beta   90.00
_cell.angle_gamma   90.00
#
_symmetry.space_group_name_H-M   'P 1'
#
loop_
_entity.id
_entity.type
_entity.pdbx_description
1 polymer 'ATP-dependent Clp protease ATP-binding subunit ClpA'
2 polymer 'RepA, green fluorescent protein fusion'
3 polymer 'ATP-dependent Clp protease proteolytic subunit'
4 non-polymer "ADENOSINE-5'-DIPHOSPHATE"
5 non-polymer "ADENOSINE-5'-TRIPHOSPHATE"
#
loop_
_entity_poly.entity_id
_entity_poly.type
_entity_poly.pdbx_seq_one_letter_code
_entity_poly.pdbx_strand_id
1 'polypeptide(L)'
;MLNQELELSLNMAFARAREHRHEFMTVEHLLLALLSNPSAREALEACSVDLVALRQELEAFIEQTTPVLPASEEERDTQP
TLSFQRVLQRAVFHVQSSGRNEVTGANVLVAIFSEQESQAAYLLRKHEVSRLDVVNFISHGTRKDEPTQSSDPGSQPNSE
EQAGGEERMENFTTNLNQLARVGGIDPLIGREKELERAIQVLCRRRKNNPLLVGESGVGKTAIAEGLAWRIVQGDVPEVM
ADCTIYSLDIGSLLAGTKYRGDFEKRFKALLKQLEQDTNSILFIDEIHTIIGAGAASGGQVDAANLIKPLLSSGKIRVIG
STTYQEFSNIFEKDRALARRFQKIDITEPSIEETVQIINGLKPKYEAHHDVRYTAKAVRAAVELAVKYINDRHLPDKAID
VIDEAGARARLMPVSKRKKTVNVADIESVVARIARIPEKSVSQSDRDTLKNLGDRLKMLVFGQDKAIEALTEAIKMARAG
LGHEHKPVGSFLFAGPTGVGKTEVTVQLSKALGIELLRFDMSEYMERHTVSRLIGAPPGYVGFDQGGLLTDAVIKHPHAV
LLLDEIEKAHPDVFNILLQVMDNGTLTDNNGRKADFRNVVLVMTTNAGVRETERKSIGLIHQDNSTDAMEEIKKIFTPEF
RNRLDNIIWFDHLSTDVIHQVVDKFIVELQVQLDQKGVSLEVSQEARNWLAEKGYDRAMGARPMARVIQDNLKKPLANEL
LFGSLVDGGQVTVALDKEKNELTYGFQSAQKHKAEAAH
;
A,B,C,D,E,F
2 'polypeptide(L)'
;(UNK)(UNK)(UNK)(UNK)(UNK)(UNK)(UNK)(UNK)(UNK)(UNK)(UNK)(UNK)(UNK)(UNK)(UNK)(UNK)
(UNK)(UNK)(UNK)(UNK)(UNK)(UNK)(UNK)(UNK)
;
X
3 'polypeptide(L)'
;MSYSGERDNFAPHMALVPMVIEQTSRGERSFDIYSRLLKERVIFLTGQVEDHMANLIVAQMLFLEAENPEKDIYLYINSP
GGVITAGMSIYDTMQFIKPDVSTICMGQAASMGAFLLTAGAKGKRFCLPNSRVMIHQPLGGYQGQATDIEIHAREILKVK
GRMNELMALHTGQSLEQIERDTERDRFLSAPEAVEYGLVDSILTHRN
;
G,H,I,J,K,L,M,N,O,P,Q,R,S,T
#
loop_
_chem_comp.id
_chem_comp.type
_chem_comp.name
_chem_comp.formula
ADP non-polymer ADENOSINE-5'-DIPHOSPHATE 'C10 H15 N5 O10 P2'
ATP non-polymer ADENOSINE-5'-TRIPHOSPHATE 'C10 H16 N5 O13 P3'
#
# COMPACT_ATOMS: atom_id res chain seq x y z
N MET A 169 -67.64 36.99 10.96
CA MET A 169 -66.80 36.53 9.86
C MET A 169 -66.34 37.72 9.02
N GLU A 170 -67.17 38.75 8.96
CA GLU A 170 -66.83 39.94 8.18
C GLU A 170 -65.59 40.65 8.71
N ASN A 171 -65.10 40.26 9.89
CA ASN A 171 -63.96 40.91 10.51
C ASN A 171 -62.67 40.08 10.37
N PHE A 172 -62.71 38.98 9.64
CA PHE A 172 -61.51 38.18 9.45
C PHE A 172 -61.34 37.71 8.02
N THR A 173 -62.42 37.66 7.25
CA THR A 173 -62.36 37.21 5.87
C THR A 173 -63.01 38.25 4.96
N THR A 174 -62.69 38.14 3.67
CA THR A 174 -63.19 39.06 2.66
C THR A 174 -64.04 38.30 1.66
N ASN A 175 -65.25 38.79 1.42
CA ASN A 175 -66.14 38.20 0.42
C ASN A 175 -65.60 38.52 -0.96
N LEU A 176 -65.00 37.53 -1.61
CA LEU A 176 -64.48 37.72 -2.96
C LEU A 176 -65.57 37.98 -3.98
N ASN A 177 -66.74 37.39 -3.82
CA ASN A 177 -67.86 37.73 -4.69
C ASN A 177 -68.26 39.19 -4.54
N GLN A 178 -68.18 39.70 -3.31
CA GLN A 178 -68.40 41.13 -3.10
C GLN A 178 -67.31 41.97 -3.76
N LEU A 179 -66.08 41.46 -3.77
CA LEU A 179 -64.98 42.17 -4.43
C LEU A 179 -65.23 42.25 -5.94
N ALA A 180 -65.66 41.15 -6.55
CA ALA A 180 -65.87 41.15 -7.99
C ALA A 180 -67.12 41.95 -8.36
N ARG A 181 -68.06 42.12 -7.43
CA ARG A 181 -69.26 42.89 -7.73
C ARG A 181 -68.99 44.38 -7.88
N VAL A 182 -67.85 44.85 -7.38
CA VAL A 182 -67.47 46.26 -7.49
C VAL A 182 -66.27 46.45 -8.40
N GLY A 183 -65.37 45.47 -8.45
CA GLY A 183 -64.14 45.61 -9.21
C GLY A 183 -62.94 45.28 -8.37
N GLY A 184 -61.80 45.03 -9.02
CA GLY A 184 -60.59 44.64 -8.34
C GLY A 184 -60.24 43.17 -8.50
N ILE A 185 -61.16 42.36 -9.02
CA ILE A 185 -60.92 40.95 -9.30
C ILE A 185 -60.64 40.82 -10.78
N ASP A 186 -59.46 40.37 -11.12
CA ASP A 186 -59.19 40.29 -12.54
C ASP A 186 -59.65 38.96 -13.11
N PRO A 187 -60.24 38.96 -14.30
CA PRO A 187 -60.64 37.70 -14.93
C PRO A 187 -59.43 36.84 -15.25
N LEU A 188 -59.68 35.55 -15.41
CA LEU A 188 -58.63 34.59 -15.71
C LEU A 188 -58.55 34.34 -17.20
N ILE A 189 -57.32 34.19 -17.70
CA ILE A 189 -57.05 33.96 -19.10
C ILE A 189 -56.22 32.69 -19.22
N GLY A 190 -56.79 31.66 -19.84
CA GLY A 190 -56.06 30.45 -20.11
C GLY A 190 -55.83 29.55 -18.91
N ARG A 191 -56.79 29.51 -17.98
CA ARG A 191 -56.73 28.61 -16.83
C ARG A 191 -57.97 27.73 -16.77
N GLU A 192 -58.43 27.26 -17.93
CA GLU A 192 -59.71 26.57 -18.01
C GLU A 192 -59.64 25.17 -17.41
N LYS A 193 -58.57 24.43 -17.69
CA LYS A 193 -58.44 23.08 -17.16
C LYS A 193 -58.46 23.09 -15.64
N GLU A 194 -57.76 24.04 -15.04
CA GLU A 194 -57.71 24.13 -13.58
C GLU A 194 -59.07 24.43 -13.00
N LEU A 195 -59.82 25.34 -13.63
CA LEU A 195 -61.16 25.66 -13.15
C LEU A 195 -62.09 24.46 -13.29
N GLU A 196 -61.95 23.72 -14.39
CA GLU A 196 -62.75 22.50 -14.56
C GLU A 196 -62.45 21.51 -13.45
N ARG A 197 -61.18 21.27 -13.16
CA ARG A 197 -60.82 20.34 -12.09
C ARG A 197 -61.34 20.81 -10.75
N ALA A 198 -61.23 22.12 -10.48
CA ALA A 198 -61.67 22.65 -9.19
C ALA A 198 -63.18 22.52 -9.04
N ILE A 199 -63.93 22.81 -10.10
CA ILE A 199 -65.38 22.67 -10.02
C ILE A 199 -65.76 21.20 -9.86
N GLN A 200 -65.04 20.30 -10.54
CA GLN A 200 -65.25 18.88 -10.32
C GLN A 200 -65.09 18.52 -8.85
N VAL A 201 -64.01 18.98 -8.24
CA VAL A 201 -63.76 18.64 -6.83
C VAL A 201 -64.83 19.25 -5.94
N LEU A 202 -65.23 20.50 -6.21
CA LEU A 202 -66.24 21.14 -5.39
C LEU A 202 -67.57 20.43 -5.48
N CYS A 203 -67.87 19.81 -6.62
CA CYS A 203 -69.14 19.13 -6.79
C CYS A 203 -69.25 17.83 -5.99
N ARG A 204 -68.14 17.35 -5.43
CA ARG A 204 -68.19 16.13 -4.64
C ARG A 204 -68.98 16.36 -3.36
N ARG A 205 -69.35 15.26 -2.71
CA ARG A 205 -70.08 15.35 -1.46
C ARG A 205 -69.20 15.12 -0.24
N ARG A 206 -68.06 14.47 -0.40
CA ARG A 206 -67.14 14.20 0.70
C ARG A 206 -65.73 14.55 0.28
N LYS A 207 -64.99 15.17 1.19
CA LYS A 207 -63.61 15.63 0.92
C LYS A 207 -63.56 16.51 -0.32
N ASN A 208 -64.61 17.29 -0.53
CA ASN A 208 -64.71 18.20 -1.67
C ASN A 208 -63.91 19.48 -1.40
N ASN A 209 -62.61 19.29 -1.15
CA ASN A 209 -61.72 20.38 -0.76
C ASN A 209 -60.53 20.41 -1.72
N PRO A 210 -60.63 21.17 -2.81
CA PRO A 210 -59.52 21.24 -3.76
C PRO A 210 -58.33 21.98 -3.17
N LEU A 211 -57.14 21.51 -3.52
CA LEU A 211 -55.90 22.07 -3.03
C LEU A 211 -55.04 22.48 -4.21
N LEU A 212 -54.96 23.79 -4.47
CA LEU A 212 -54.15 24.32 -5.55
C LEU A 212 -52.68 24.26 -5.17
N VAL A 213 -51.93 23.39 -5.84
CA VAL A 213 -50.52 23.21 -5.56
C VAL A 213 -49.73 23.73 -6.75
N GLY A 214 -48.77 24.60 -6.48
CA GLY A 214 -47.94 25.15 -7.52
C GLY A 214 -46.66 25.70 -6.95
N GLU A 215 -46.12 26.70 -7.63
CA GLU A 215 -44.91 27.38 -7.21
C GLU A 215 -45.24 28.82 -6.80
N SER A 216 -44.23 29.51 -6.31
CA SER A 216 -44.41 30.91 -5.96
C SER A 216 -44.62 31.74 -7.22
N GLY A 217 -45.70 32.51 -7.21
CA GLY A 217 -45.97 33.42 -8.31
C GLY A 217 -46.42 32.78 -9.60
N VAL A 218 -47.40 31.87 -9.54
CA VAL A 218 -47.96 31.27 -10.73
C VAL A 218 -49.44 31.59 -10.86
N GLY A 219 -49.95 32.48 -10.02
CA GLY A 219 -51.35 32.82 -10.06
C GLY A 219 -52.23 31.92 -9.23
N LYS A 220 -51.71 31.35 -8.14
CA LYS A 220 -52.48 30.43 -7.33
C LYS A 220 -53.72 31.12 -6.75
N THR A 221 -53.53 32.21 -6.00
CA THR A 221 -54.66 32.96 -5.48
C THR A 221 -55.50 33.56 -6.61
N ALA A 222 -54.86 33.87 -7.74
CA ALA A 222 -55.61 34.35 -8.89
C ALA A 222 -56.58 33.30 -9.40
N ILE A 223 -56.27 32.02 -9.19
CA ILE A 223 -57.20 30.98 -9.61
C ILE A 223 -58.50 31.08 -8.82
N ALA A 224 -58.41 31.18 -7.50
CA ALA A 224 -59.61 31.34 -6.69
C ALA A 224 -60.32 32.65 -7.01
N GLU A 225 -59.54 33.72 -7.24
CA GLU A 225 -60.15 34.99 -7.59
C GLU A 225 -60.97 34.88 -8.88
N GLY A 226 -60.39 34.28 -9.92
CA GLY A 226 -61.11 34.13 -11.17
C GLY A 226 -62.26 33.15 -11.06
N LEU A 227 -62.14 32.17 -10.16
CA LEU A 227 -63.26 31.28 -9.90
C LEU A 227 -64.44 32.03 -9.31
N ALA A 228 -64.19 32.84 -8.28
CA ALA A 228 -65.25 33.67 -7.71
C ALA A 228 -65.78 34.65 -8.75
N TRP A 229 -64.90 35.11 -9.64
CA TRP A 229 -65.33 36.04 -10.68
C TRP A 229 -66.30 35.37 -11.65
N ARG A 230 -65.91 34.22 -12.19
CA ARG A 230 -66.83 33.44 -13.02
C ARG A 230 -68.11 33.11 -12.25
N ILE A 231 -68.02 32.97 -10.93
CA ILE A 231 -69.22 32.72 -10.12
C ILE A 231 -70.16 33.91 -10.19
N VAL A 232 -69.65 35.11 -9.91
CA VAL A 232 -70.52 36.28 -9.92
C VAL A 232 -70.92 36.65 -11.34
N GLN A 233 -70.05 36.37 -12.32
CA GLN A 233 -70.38 36.65 -13.71
C GLN A 233 -71.33 35.62 -14.31
N GLY A 234 -71.87 34.72 -13.50
CA GLY A 234 -72.72 33.67 -14.01
C GLY A 234 -72.02 32.62 -14.83
N ASP A 235 -70.70 32.67 -14.92
CA ASP A 235 -69.94 31.69 -15.71
C ASP A 235 -69.64 30.43 -14.91
N VAL A 236 -70.67 29.88 -14.27
CA VAL A 236 -70.56 28.65 -13.51
C VAL A 236 -71.85 27.85 -13.66
N PRO A 237 -71.79 26.55 -13.44
CA PRO A 237 -73.02 25.75 -13.45
C PRO A 237 -73.94 26.16 -12.32
N GLU A 238 -75.24 25.90 -12.51
CA GLU A 238 -76.24 26.25 -11.50
C GLU A 238 -75.97 25.57 -10.17
N VAL A 239 -75.28 24.43 -10.16
CA VAL A 239 -74.89 23.81 -8.91
C VAL A 239 -73.93 24.72 -8.14
N MET A 240 -73.08 25.44 -8.86
CA MET A 240 -72.16 26.38 -8.25
C MET A 240 -72.77 27.76 -8.03
N ALA A 241 -73.97 28.01 -8.55
CA ALA A 241 -74.60 29.30 -8.37
C ALA A 241 -74.89 29.55 -6.90
N ASP A 242 -74.96 30.84 -6.54
CA ASP A 242 -75.23 31.32 -5.19
C ASP A 242 -74.15 30.92 -4.20
N CYS A 243 -73.01 30.43 -4.66
CA CYS A 243 -71.90 30.11 -3.78
C CYS A 243 -71.10 31.36 -3.47
N THR A 244 -70.50 31.39 -2.30
CA THR A 244 -69.72 32.53 -1.83
C THR A 244 -68.35 32.05 -1.39
N ILE A 245 -67.30 32.71 -1.87
CA ILE A 245 -65.94 32.37 -1.52
C ILE A 245 -65.43 33.43 -0.55
N TYR A 246 -64.86 32.99 0.56
CA TYR A 246 -64.31 33.87 1.57
C TYR A 246 -62.80 33.66 1.69
N SER A 247 -62.06 34.76 1.71
CA SER A 247 -60.60 34.72 1.80
C SER A 247 -60.16 34.99 3.24
N LEU A 248 -59.70 33.94 3.91
CA LEU A 248 -59.40 34.03 5.33
C LEU A 248 -58.01 34.61 5.55
N ASP A 249 -57.92 35.59 6.44
CA ASP A 249 -56.64 36.15 6.87
C ASP A 249 -56.17 35.35 8.08
N ILE A 250 -55.16 34.50 7.87
CA ILE A 250 -54.61 33.71 8.98
C ILE A 250 -54.02 34.63 10.03
N GLY A 251 -53.31 35.67 9.60
CA GLY A 251 -52.75 36.61 10.56
C GLY A 251 -53.81 37.28 11.41
N SER A 252 -54.91 37.70 10.78
CA SER A 252 -55.99 38.32 11.54
C SER A 252 -56.63 37.34 12.50
N LEU A 253 -56.74 36.07 12.09
CA LEU A 253 -57.31 35.06 12.97
C LEU A 253 -56.42 34.83 14.18
N LEU A 254 -55.10 34.81 13.98
CA LEU A 254 -54.19 34.49 15.06
C LEU A 254 -53.87 35.67 15.95
N ALA A 255 -53.96 36.89 15.43
CA ALA A 255 -53.48 38.05 16.16
C ALA A 255 -54.38 38.39 17.34
N GLY A 256 -53.74 38.73 18.46
CA GLY A 256 -54.45 39.25 19.61
C GLY A 256 -55.27 38.24 20.38
N THR A 257 -54.87 36.97 20.39
CA THR A 257 -55.60 35.98 21.16
C THR A 257 -54.99 35.79 22.54
N LYS A 258 -53.75 35.31 22.57
CA LYS A 258 -52.89 35.33 23.77
C LYS A 258 -53.43 34.46 24.92
N TYR A 259 -54.59 33.84 24.75
CA TYR A 259 -55.11 33.03 25.82
C TYR A 259 -55.65 31.71 25.28
N ARG A 260 -55.67 30.69 26.15
CA ARG A 260 -56.04 29.35 25.75
C ARG A 260 -57.44 29.27 25.16
N GLY A 261 -58.32 30.22 25.50
CA GLY A 261 -59.69 30.14 25.05
C GLY A 261 -60.07 31.03 23.90
N ASP A 262 -59.17 31.90 23.43
CA ASP A 262 -59.53 32.87 22.41
C ASP A 262 -59.39 32.34 21.00
N PHE A 263 -58.30 31.64 20.69
CA PHE A 263 -58.12 31.12 19.34
C PHE A 263 -59.25 30.16 18.97
N GLU A 264 -59.58 29.24 19.87
CA GLU A 264 -60.64 28.29 19.61
C GLU A 264 -61.99 28.97 19.45
N LYS A 265 -62.31 29.92 20.35
CA LYS A 265 -63.60 30.59 20.27
C LYS A 265 -63.70 31.42 19.00
N ARG A 266 -62.61 32.02 18.55
CA ARG A 266 -62.64 32.83 17.34
C ARG A 266 -62.80 31.96 16.11
N PHE A 267 -62.01 30.87 16.03
CA PHE A 267 -62.14 29.93 14.94
C PHE A 267 -63.55 29.35 14.87
N LYS A 268 -64.13 29.07 16.05
CA LYS A 268 -65.46 28.46 16.07
C LYS A 268 -66.54 29.47 15.71
N ALA A 269 -66.40 30.71 16.16
CA ALA A 269 -67.34 31.74 15.75
C ALA A 269 -67.29 31.96 14.24
N LEU A 270 -66.09 31.89 13.66
CA LEU A 270 -65.98 31.96 12.21
C LEU A 270 -66.68 30.77 11.56
N LEU A 271 -66.39 29.56 12.04
CA LEU A 271 -66.99 28.36 11.44
C LEU A 271 -68.50 28.38 11.57
N LYS A 272 -69.03 29.03 12.60
CA LYS A 272 -70.47 29.06 12.78
C LYS A 272 -71.11 30.14 11.91
N GLN A 273 -70.53 31.35 11.92
CA GLN A 273 -71.01 32.41 11.02
C GLN A 273 -70.93 31.97 9.57
N LEU A 274 -70.05 31.00 9.26
CA LEU A 274 -69.94 30.52 7.90
C LEU A 274 -70.90 29.37 7.62
N GLU A 275 -70.81 28.30 8.41
CA GLU A 275 -71.52 27.06 8.09
C GLU A 275 -73.03 27.25 8.09
N GLN A 276 -73.51 28.37 8.64
CA GLN A 276 -74.93 28.70 8.53
C GLN A 276 -75.41 28.61 7.08
N ASP A 277 -74.52 28.86 6.12
CA ASP A 277 -74.74 28.54 4.72
C ASP A 277 -73.66 27.58 4.28
N THR A 278 -74.05 26.34 3.95
CA THR A 278 -73.09 25.34 3.51
C THR A 278 -72.50 25.65 2.15
N ASN A 279 -73.22 26.37 1.29
CA ASN A 279 -72.75 26.69 -0.05
C ASN A 279 -71.60 27.66 -0.06
N SER A 280 -71.25 28.25 1.08
CA SER A 280 -70.13 29.19 1.13
C SER A 280 -68.81 28.42 1.22
N ILE A 281 -67.81 28.90 0.50
CA ILE A 281 -66.53 28.21 0.35
C ILE A 281 -65.43 29.06 0.96
N LEU A 282 -64.54 28.42 1.71
CA LEU A 282 -63.39 29.09 2.30
C LEU A 282 -62.17 28.92 1.40
N PHE A 283 -61.62 30.04 0.96
CA PHE A 283 -60.31 30.05 0.34
C PHE A 283 -59.30 30.55 1.36
N ILE A 284 -58.24 29.77 1.57
CA ILE A 284 -57.20 30.12 2.52
C ILE A 284 -55.87 30.11 1.80
N ASP A 285 -55.22 31.27 1.75
CA ASP A 285 -53.88 31.36 1.21
C ASP A 285 -52.90 30.65 2.13
N GLU A 286 -51.87 30.06 1.54
CA GLU A 286 -50.76 29.47 2.27
C GLU A 286 -51.26 28.46 3.31
N ILE A 287 -51.86 27.38 2.84
CA ILE A 287 -52.28 26.35 3.78
C ILE A 287 -51.08 25.44 4.01
N HIS A 288 -50.16 25.92 4.84
CA HIS A 288 -49.13 25.10 5.48
C HIS A 288 -48.97 25.61 6.90
N THR A 289 -49.52 26.80 7.15
CA THR A 289 -49.36 27.49 8.42
C THR A 289 -50.34 27.01 9.49
N ILE A 290 -51.29 26.15 9.13
CA ILE A 290 -52.28 25.65 10.08
C ILE A 290 -51.76 24.44 10.85
N ILE A 291 -50.47 24.14 10.74
CA ILE A 291 -49.85 23.02 11.43
C ILE A 291 -48.87 23.49 12.50
N GLY A 292 -47.84 24.22 12.08
CA GLY A 292 -46.82 24.69 13.00
C GLY A 292 -47.34 25.73 13.98
N VAL A 301 -52.63 27.47 20.37
CA VAL A 301 -51.84 27.48 19.15
C VAL A 301 -52.69 27.05 17.96
N ASP A 302 -52.21 27.33 16.75
CA ASP A 302 -52.92 26.95 15.55
C ASP A 302 -52.95 25.43 15.40
N ALA A 303 -54.06 24.92 14.88
CA ALA A 303 -54.21 23.49 14.66
C ALA A 303 -55.31 23.26 13.63
N ALA A 304 -55.10 22.25 12.79
CA ALA A 304 -56.12 21.84 11.84
C ALA A 304 -56.97 20.69 12.37
N ASN A 305 -56.67 20.18 13.56
CA ASN A 305 -57.52 19.17 14.18
C ASN A 305 -58.94 19.68 14.39
N LEU A 306 -59.10 20.98 14.62
CA LEU A 306 -60.43 21.57 14.74
C LEU A 306 -61.19 21.58 13.43
N ILE A 307 -60.50 21.46 12.30
CA ILE A 307 -61.15 21.52 11.00
C ILE A 307 -61.33 20.14 10.37
N LYS A 308 -60.57 19.13 10.79
CA LYS A 308 -60.69 17.79 10.23
C LYS A 308 -62.11 17.25 10.21
N PRO A 309 -62.87 17.24 11.32
CA PRO A 309 -64.24 16.71 11.23
C PRO A 309 -65.17 17.60 10.44
N LEU A 310 -64.95 18.91 10.44
CA LEU A 310 -65.79 19.81 9.64
C LEU A 310 -65.61 19.56 8.16
N LEU A 311 -64.45 19.05 7.74
CA LEU A 311 -64.20 18.77 6.33
C LEU A 311 -64.58 17.35 5.94
N SER A 312 -64.23 16.37 6.78
CA SER A 312 -64.59 14.98 6.48
C SER A 312 -66.10 14.78 6.45
N SER A 313 -66.85 15.60 7.16
CA SER A 313 -68.31 15.53 7.15
C SER A 313 -68.92 16.27 5.97
N GLY A 314 -68.13 16.99 5.19
CA GLY A 314 -68.64 17.75 4.07
C GLY A 314 -69.37 19.02 4.45
N LYS A 315 -69.33 19.43 5.71
CA LYS A 315 -70.04 20.64 6.11
C LYS A 315 -69.36 21.89 5.55
N ILE A 316 -68.04 21.89 5.48
CA ILE A 316 -67.27 23.05 5.06
C ILE A 316 -66.54 22.73 3.76
N ARG A 317 -66.81 23.51 2.72
CA ARG A 317 -66.09 23.41 1.46
C ARG A 317 -64.97 24.44 1.47
N VAL A 318 -63.73 23.97 1.45
CA VAL A 318 -62.57 24.83 1.61
C VAL A 318 -61.61 24.58 0.46
N ILE A 319 -61.05 25.65 -0.09
CA ILE A 319 -60.10 25.59 -1.20
C ILE A 319 -58.70 25.84 -0.66
N GLY A 320 -57.79 24.91 -0.92
CA GLY A 320 -56.42 25.02 -0.46
C GLY A 320 -55.48 25.58 -1.52
N SER A 321 -54.38 26.14 -1.05
CA SER A 321 -53.38 26.73 -1.92
C SER A 321 -52.05 26.79 -1.19
N THR A 322 -51.02 26.21 -1.78
CA THR A 322 -49.71 26.16 -1.15
C THR A 322 -48.65 25.91 -2.23
N THR A 323 -47.41 25.76 -1.81
CA THR A 323 -46.29 25.46 -2.70
C THR A 323 -45.95 23.98 -2.60
N TYR A 324 -45.10 23.53 -3.52
CA TYR A 324 -44.75 22.11 -3.57
C TYR A 324 -43.91 21.70 -2.36
N GLN A 325 -42.96 22.55 -1.96
CA GLN A 325 -42.17 22.25 -0.77
C GLN A 325 -43.02 22.25 0.48
N GLU A 326 -43.87 23.26 0.64
CA GLU A 326 -44.79 23.28 1.77
C GLU A 326 -45.72 22.08 1.75
N PHE A 327 -46.18 21.67 0.57
CA PHE A 327 -47.05 20.50 0.48
C PHE A 327 -46.30 19.24 0.91
N SER A 328 -45.05 19.10 0.48
CA SER A 328 -44.31 17.88 0.77
C SER A 328 -43.90 17.81 2.24
N ASN A 329 -43.63 18.96 2.86
CA ASN A 329 -43.11 18.94 4.22
C ASN A 329 -44.22 19.04 5.27
N ILE A 330 -45.26 19.81 5.00
CA ILE A 330 -46.36 19.99 5.94
C ILE A 330 -47.44 18.93 5.75
N PHE A 331 -47.98 18.82 4.54
CA PHE A 331 -48.84 17.71 4.20
C PHE A 331 -47.98 16.50 3.85
N GLU A 332 -48.65 15.38 3.59
CA GLU A 332 -48.01 14.10 3.28
C GLU A 332 -47.37 13.54 4.54
N LYS A 333 -47.36 14.33 5.61
CA LYS A 333 -46.93 13.81 6.90
C LYS A 333 -48.12 13.55 7.80
N ASP A 334 -49.11 14.43 7.78
CA ASP A 334 -50.41 14.18 8.41
C ASP A 334 -51.33 13.64 7.32
N ARG A 335 -51.61 12.35 7.37
CA ARG A 335 -52.39 11.73 6.30
C ARG A 335 -53.85 12.16 6.31
N ALA A 336 -54.36 12.58 7.47
CA ALA A 336 -55.77 12.97 7.55
C ALA A 336 -56.10 14.13 6.63
N LEU A 337 -55.36 15.23 6.74
CA LEU A 337 -55.58 16.34 5.82
C LEU A 337 -55.10 16.00 4.42
N ALA A 338 -54.13 15.09 4.31
CA ALA A 338 -53.68 14.65 2.99
C ALA A 338 -54.83 14.05 2.19
N ARG A 339 -55.68 13.27 2.85
CA ARG A 339 -56.85 12.71 2.18
C ARG A 339 -58.04 13.65 2.19
N ARG A 340 -58.11 14.58 3.16
CA ARG A 340 -59.21 15.54 3.18
C ARG A 340 -59.19 16.44 1.95
N PHE A 341 -58.02 16.79 1.45
CA PHE A 341 -57.88 17.72 0.34
C PHE A 341 -57.53 16.97 -0.93
N GLN A 342 -58.05 17.47 -2.05
CA GLN A 342 -57.79 16.90 -3.37
C GLN A 342 -56.76 17.79 -4.07
N LYS A 343 -55.60 17.22 -4.35
CA LYS A 343 -54.49 18.00 -4.90
C LYS A 343 -54.76 18.41 -6.33
N ILE A 344 -54.49 19.67 -6.64
CA ILE A 344 -54.66 20.23 -7.98
C ILE A 344 -53.39 20.99 -8.33
N ASP A 345 -52.82 20.70 -9.49
CA ASP A 345 -51.53 21.25 -9.87
C ASP A 345 -51.72 22.59 -10.60
N ILE A 346 -50.94 23.58 -10.21
CA ILE A 346 -50.86 24.86 -10.89
C ILE A 346 -49.52 24.92 -11.59
N THR A 347 -49.53 24.92 -12.91
CA THR A 347 -48.32 24.91 -13.72
C THR A 347 -48.02 26.31 -14.24
N GLU A 348 -46.74 26.56 -14.47
CA GLU A 348 -46.33 27.84 -15.00
C GLU A 348 -46.70 27.92 -16.48
N PRO A 349 -47.38 28.98 -16.90
CA PRO A 349 -47.88 29.05 -18.27
C PRO A 349 -46.76 29.13 -19.29
N SER A 350 -47.13 28.85 -20.54
CA SER A 350 -46.18 28.90 -21.64
C SER A 350 -45.86 30.34 -21.99
N ILE A 351 -44.82 30.53 -22.80
CA ILE A 351 -44.52 31.86 -23.34
C ILE A 351 -45.74 32.40 -24.08
N GLU A 352 -46.33 31.57 -24.94
CA GLU A 352 -47.54 31.98 -25.66
C GLU A 352 -48.70 32.18 -24.70
N GLU A 353 -48.85 31.26 -23.73
CA GLU A 353 -49.89 31.43 -22.72
C GLU A 353 -49.69 32.72 -21.94
N THR A 354 -48.44 33.07 -21.65
CA THR A 354 -48.19 34.28 -20.88
C THR A 354 -48.43 35.53 -21.71
N VAL A 355 -48.05 35.52 -22.98
CA VAL A 355 -48.33 36.69 -23.82
C VAL A 355 -49.82 36.83 -24.04
N GLN A 356 -50.56 35.72 -24.04
CA GLN A 356 -52.02 35.81 -24.14
C GLN A 356 -52.62 36.37 -22.85
N ILE A 357 -52.12 35.90 -21.70
CA ILE A 357 -52.55 36.47 -20.43
C ILE A 357 -52.30 37.97 -20.41
N ILE A 358 -51.14 38.38 -20.89
CA ILE A 358 -50.79 39.80 -20.87
C ILE A 358 -51.63 40.56 -21.88
N ASN A 359 -51.97 39.93 -23.01
CA ASN A 359 -52.80 40.60 -24.00
C ASN A 359 -54.21 40.80 -23.47
N GLY A 360 -54.69 39.88 -22.63
CA GLY A 360 -55.99 40.06 -22.02
C GLY A 360 -55.94 41.01 -20.83
N LEU A 361 -54.79 41.13 -20.20
CA LEU A 361 -54.66 41.96 -19.01
C LEU A 361 -54.28 43.40 -19.34
N LYS A 362 -53.71 43.63 -20.52
CA LYS A 362 -53.10 44.91 -20.87
C LYS A 362 -54.03 46.11 -20.82
N PRO A 363 -55.29 46.04 -21.27
CA PRO A 363 -56.15 47.24 -21.20
C PRO A 363 -56.21 47.88 -19.82
N LYS A 364 -56.11 47.10 -18.76
CA LYS A 364 -56.10 47.68 -17.42
C LYS A 364 -54.89 48.58 -17.22
N TYR A 365 -53.69 48.08 -17.52
CA TYR A 365 -52.48 48.89 -17.36
C TYR A 365 -52.44 50.03 -18.37
N GLU A 366 -53.09 49.86 -19.52
CA GLU A 366 -53.16 50.93 -20.50
C GLU A 366 -54.05 52.06 -20.02
N ALA A 367 -55.18 51.72 -19.39
CA ALA A 367 -56.02 52.75 -18.79
C ALA A 367 -55.34 53.38 -17.58
N HIS A 368 -54.54 52.60 -16.86
CA HIS A 368 -53.86 53.12 -15.68
C HIS A 368 -52.77 54.11 -16.06
N HIS A 369 -51.77 53.64 -16.81
CA HIS A 369 -50.63 54.46 -17.19
C HIS A 369 -50.89 55.37 -18.38
N ASP A 370 -52.02 55.18 -19.08
CA ASP A 370 -52.35 55.97 -20.27
C ASP A 370 -51.25 55.88 -21.33
N VAL A 371 -50.73 54.66 -21.51
CA VAL A 371 -49.70 54.40 -22.50
C VAL A 371 -50.14 53.21 -23.36
N ARG A 372 -49.38 52.97 -24.42
CA ARG A 372 -49.65 51.89 -25.36
C ARG A 372 -48.46 50.95 -25.41
N TYR A 373 -48.73 49.66 -25.23
CA TYR A 373 -47.71 48.64 -25.38
C TYR A 373 -47.90 47.91 -26.70
N THR A 374 -46.90 48.00 -27.57
CA THR A 374 -46.94 47.21 -28.79
C THR A 374 -46.84 45.73 -28.45
N ALA A 375 -47.44 44.91 -29.31
CA ALA A 375 -47.36 43.46 -29.12
C ALA A 375 -45.91 42.99 -29.10
N LYS A 376 -45.06 43.61 -29.91
CA LYS A 376 -43.64 43.30 -29.87
C LYS A 376 -43.05 43.67 -28.51
N ALA A 377 -43.51 44.77 -27.92
CA ALA A 377 -43.02 45.13 -26.59
C ALA A 377 -43.42 44.07 -25.56
N VAL A 378 -44.62 43.53 -25.68
CA VAL A 378 -45.08 42.49 -24.75
C VAL A 378 -44.25 41.23 -24.93
N ARG A 379 -44.05 40.80 -26.18
CA ARG A 379 -43.26 39.62 -26.45
C ARG A 379 -41.83 39.78 -25.95
N ALA A 380 -41.27 40.98 -26.14
CA ALA A 380 -39.93 41.27 -25.64
C ALA A 380 -39.90 41.20 -24.12
N ALA A 381 -40.91 41.77 -23.46
CA ALA A 381 -40.99 41.67 -22.00
C ALA A 381 -40.93 40.21 -21.57
N VAL A 382 -41.79 39.37 -22.14
CA VAL A 382 -41.84 37.97 -21.74
C VAL A 382 -40.49 37.29 -21.98
N GLU A 383 -39.95 37.42 -23.20
CA GLU A 383 -38.75 36.67 -23.56
C GLU A 383 -37.52 37.16 -22.81
N LEU A 384 -37.36 38.47 -22.67
CA LEU A 384 -36.23 38.99 -21.91
C LEU A 384 -36.35 38.63 -20.44
N ALA A 385 -37.57 38.64 -19.89
CA ALA A 385 -37.75 38.26 -18.50
C ALA A 385 -37.37 36.81 -18.27
N VAL A 386 -37.78 35.91 -19.18
CA VAL A 386 -37.37 34.52 -18.99
C VAL A 386 -35.87 34.37 -19.22
N LYS A 387 -35.28 35.22 -20.07
CA LYS A 387 -33.87 35.08 -20.38
C LYS A 387 -32.99 35.52 -19.21
N TYR A 388 -33.30 36.66 -18.59
CA TYR A 388 -32.40 37.27 -17.63
C TYR A 388 -32.90 37.24 -16.20
N ILE A 389 -34.19 37.06 -15.98
CA ILE A 389 -34.76 36.93 -14.63
C ILE A 389 -35.11 35.47 -14.42
N ASN A 390 -34.30 34.78 -13.62
CA ASN A 390 -34.47 33.36 -13.35
C ASN A 390 -34.77 33.07 -11.89
N ASP A 391 -35.04 34.09 -11.08
CA ASP A 391 -35.33 33.88 -9.67
C ASP A 391 -36.82 33.71 -9.38
N ARG A 392 -37.68 34.31 -10.20
CA ARG A 392 -39.12 34.23 -10.01
C ARG A 392 -39.76 33.53 -11.19
N HIS A 393 -41.08 33.41 -11.15
CA HIS A 393 -41.80 32.68 -12.17
C HIS A 393 -42.51 33.64 -13.12
N LEU A 394 -42.77 33.15 -14.33
CA LEU A 394 -43.11 34.01 -15.47
C LEU A 394 -44.41 34.80 -15.29
N PRO A 395 -45.56 34.18 -15.02
CA PRO A 395 -46.83 34.95 -15.08
C PRO A 395 -46.90 36.09 -14.07
N ASP A 396 -45.90 36.23 -13.20
CA ASP A 396 -45.84 37.34 -12.26
C ASP A 396 -44.65 38.24 -12.48
N LYS A 397 -43.49 37.69 -12.84
CA LYS A 397 -42.35 38.55 -13.15
C LYS A 397 -42.58 39.34 -14.43
N ALA A 398 -43.24 38.74 -15.43
CA ALA A 398 -43.64 39.49 -16.60
C ALA A 398 -44.59 40.63 -16.26
N ILE A 399 -45.51 40.41 -15.33
CA ILE A 399 -46.43 41.47 -14.93
C ILE A 399 -45.70 42.56 -14.17
N ASP A 400 -44.75 42.20 -13.32
CA ASP A 400 -43.95 43.20 -12.64
C ASP A 400 -43.14 44.02 -13.64
N VAL A 401 -42.61 43.36 -14.66
CA VAL A 401 -41.84 44.06 -15.69
C VAL A 401 -42.72 45.03 -16.47
N ILE A 402 -43.90 44.58 -16.87
CA ILE A 402 -44.80 45.46 -17.62
C ILE A 402 -45.27 46.61 -16.72
N ASP A 403 -45.40 46.38 -15.42
CA ASP A 403 -45.80 47.45 -14.52
C ASP A 403 -44.69 48.49 -14.36
N GLU A 404 -43.44 48.04 -14.23
CA GLU A 404 -42.35 48.99 -14.14
C GLU A 404 -42.16 49.74 -15.46
N ALA A 405 -42.43 49.07 -16.59
CA ALA A 405 -42.38 49.76 -17.87
C ALA A 405 -43.46 50.83 -17.97
N GLY A 406 -44.67 50.50 -17.52
CA GLY A 406 -45.72 51.50 -17.46
C GLY A 406 -45.37 52.65 -16.54
N ALA A 407 -44.67 52.35 -15.45
CA ALA A 407 -44.25 53.41 -14.53
C ALA A 407 -43.22 54.31 -15.18
N ARG A 408 -42.27 53.74 -15.90
CA ARG A 408 -41.28 54.56 -16.61
C ARG A 408 -41.93 55.39 -17.69
N ALA A 409 -42.91 54.82 -18.41
CA ALA A 409 -43.61 55.58 -19.44
C ALA A 409 -44.62 56.54 -18.84
N ARG A 410 -44.89 56.43 -17.54
CA ARG A 410 -45.64 57.45 -16.82
C ARG A 410 -44.72 58.57 -16.34
N LEU A 411 -43.46 58.23 -16.11
CA LEU A 411 -42.45 59.24 -15.76
C LEU A 411 -42.02 60.05 -16.97
N MET A 412 -42.00 59.44 -18.15
CA MET A 412 -41.58 60.14 -19.36
C MET A 412 -42.42 61.39 -19.68
N PRO A 413 -43.76 61.42 -19.47
CA PRO A 413 -44.53 62.63 -19.81
C PRO A 413 -44.00 63.94 -19.22
N VAL A 414 -43.10 63.88 -18.24
CA VAL A 414 -42.38 65.09 -17.86
C VAL A 414 -41.60 65.64 -19.05
N SER A 415 -41.28 64.78 -20.02
CA SER A 415 -40.75 65.21 -21.31
C SER A 415 -41.78 65.05 -22.43
N LYS A 416 -43.00 64.63 -22.10
CA LYS A 416 -44.08 64.46 -23.07
C LYS A 416 -43.69 63.48 -24.18
N ARG A 417 -43.31 62.27 -23.77
CA ARG A 417 -42.97 61.24 -24.74
C ARG A 417 -44.23 60.47 -25.14
N LYS A 418 -44.10 59.69 -26.20
CA LYS A 418 -45.25 58.99 -26.77
C LYS A 418 -45.79 57.94 -25.81
N LYS A 419 -47.08 57.66 -25.96
CA LYS A 419 -47.70 56.61 -25.16
C LYS A 419 -47.20 55.23 -25.57
N THR A 420 -46.80 55.09 -26.84
CA THR A 420 -46.30 53.81 -27.32
C THR A 420 -45.02 53.43 -26.58
N VAL A 421 -45.10 52.37 -25.78
CA VAL A 421 -43.96 51.88 -25.02
C VAL A 421 -43.17 50.95 -25.91
N ASN A 422 -41.94 51.34 -26.25
CA ASN A 422 -41.12 50.60 -27.18
C ASN A 422 -40.35 49.50 -26.44
N VAL A 423 -39.59 48.72 -27.22
CA VAL A 423 -38.82 47.61 -26.65
C VAL A 423 -37.68 48.14 -25.80
N ALA A 424 -37.20 49.35 -26.10
CA ALA A 424 -36.09 49.92 -25.34
C ALA A 424 -36.44 50.13 -23.88
N ASP A 425 -37.67 50.60 -23.61
CA ASP A 425 -38.12 50.73 -22.23
C ASP A 425 -38.13 49.37 -21.53
N ILE A 426 -38.57 48.33 -22.25
CA ILE A 426 -38.57 46.98 -21.69
C ILE A 426 -37.15 46.54 -21.35
N GLU A 427 -36.20 46.79 -22.24
CA GLU A 427 -34.83 46.41 -21.99
C GLU A 427 -34.27 47.14 -20.77
N SER A 428 -34.53 48.45 -20.67
CA SER A 428 -34.10 49.19 -19.50
C SER A 428 -34.70 48.64 -18.22
N VAL A 429 -36.00 48.36 -18.22
CA VAL A 429 -36.66 47.83 -17.03
C VAL A 429 -36.03 46.49 -16.63
N VAL A 430 -35.86 45.59 -17.59
CA VAL A 430 -35.34 44.27 -17.27
C VAL A 430 -33.91 44.36 -16.75
N ALA A 431 -33.08 45.18 -17.39
CA ALA A 431 -31.71 45.35 -16.91
C ALA A 431 -31.68 45.95 -15.52
N ARG A 432 -32.63 46.84 -15.21
CA ARG A 432 -32.72 47.37 -13.86
C ARG A 432 -33.08 46.28 -12.86
N ILE A 433 -34.03 45.41 -13.22
CA ILE A 433 -34.47 44.38 -12.30
C ILE A 433 -33.41 43.29 -12.15
N ALA A 434 -32.80 42.88 -13.26
CA ALA A 434 -31.80 41.81 -13.21
C ALA A 434 -30.43 42.30 -12.76
N ARG A 435 -30.26 43.61 -12.55
CA ARG A 435 -29.01 44.19 -12.06
C ARG A 435 -27.84 43.85 -13.00
N ILE A 436 -27.99 44.26 -14.25
CA ILE A 436 -26.98 43.99 -15.28
C ILE A 436 -26.73 45.30 -16.02
N PRO A 437 -25.59 45.42 -16.70
CA PRO A 437 -25.33 46.61 -17.51
C PRO A 437 -26.40 46.80 -18.58
N GLU A 438 -26.78 48.06 -18.79
CA GLU A 438 -27.86 48.37 -19.71
C GLU A 438 -27.43 48.17 -21.15
N LYS A 439 -28.36 47.69 -21.97
CA LYS A 439 -28.19 47.48 -23.41
C LYS A 439 -27.13 46.44 -23.73
N SER A 440 -26.56 45.78 -22.73
CA SER A 440 -25.69 44.63 -22.96
C SER A 440 -26.47 43.41 -23.42
N VAL A 441 -27.78 43.55 -23.66
CA VAL A 441 -28.63 42.39 -23.88
C VAL A 441 -29.23 42.33 -25.27
N SER A 442 -29.63 43.47 -25.85
CA SER A 442 -30.53 43.40 -27.00
C SER A 442 -29.97 43.90 -28.32
N GLN A 443 -29.57 45.18 -28.39
CA GLN A 443 -29.35 45.82 -29.68
C GLN A 443 -28.01 46.52 -29.82
N SER A 444 -27.43 47.03 -28.73
CA SER A 444 -26.07 47.52 -28.79
C SER A 444 -25.07 46.40 -29.02
N ASP A 445 -25.51 45.15 -28.92
CA ASP A 445 -24.63 44.01 -29.18
C ASP A 445 -24.12 44.01 -30.60
N ARG A 446 -24.87 44.59 -31.54
CA ARG A 446 -24.42 44.62 -32.93
C ARG A 446 -23.10 45.38 -33.07
N ASP A 447 -23.10 46.66 -32.71
CA ASP A 447 -21.86 47.43 -32.70
C ASP A 447 -20.85 46.87 -31.71
N THR A 448 -21.33 46.27 -30.61
CA THR A 448 -20.43 45.66 -29.65
C THR A 448 -19.55 44.60 -30.31
N LEU A 449 -20.18 43.58 -30.91
CA LEU A 449 -19.41 42.56 -31.61
C LEU A 449 -18.72 43.12 -32.84
N LYS A 450 -19.26 44.20 -33.41
CA LYS A 450 -18.62 44.84 -34.55
C LYS A 450 -17.21 45.28 -34.23
N ASN A 451 -17.05 46.03 -33.13
CA ASN A 451 -15.74 46.50 -32.69
C ASN A 451 -15.18 45.65 -31.56
N LEU A 452 -15.80 44.50 -31.28
CA LEU A 452 -15.27 43.60 -30.27
C LEU A 452 -13.86 43.14 -30.64
N GLY A 453 -13.69 42.71 -31.89
CA GLY A 453 -12.36 42.34 -32.35
C GLY A 453 -11.34 43.44 -32.12
N ASP A 454 -11.68 44.67 -32.47
CA ASP A 454 -10.75 45.77 -32.28
C ASP A 454 -10.55 46.09 -30.81
N ARG A 455 -11.63 46.16 -30.03
CA ARG A 455 -11.50 46.52 -28.62
C ARG A 455 -10.65 45.51 -27.87
N LEU A 456 -10.86 44.22 -28.13
CA LEU A 456 -9.95 43.21 -27.58
C LEU A 456 -8.55 43.38 -28.14
N LYS A 457 -8.44 43.73 -29.42
CA LYS A 457 -7.13 43.91 -30.04
C LYS A 457 -6.40 45.11 -29.46
N MET A 458 -7.12 46.18 -29.16
CA MET A 458 -6.49 47.38 -28.60
C MET A 458 -6.17 47.23 -27.11
N LEU A 459 -6.66 46.19 -26.46
CA LEU A 459 -6.33 45.90 -25.07
C LEU A 459 -5.50 44.63 -24.91
N VAL A 460 -5.73 43.64 -25.76
CA VAL A 460 -4.88 42.46 -25.85
C VAL A 460 -4.20 42.47 -27.21
N PHE A 461 -2.87 42.50 -27.21
CA PHE A 461 -2.09 42.64 -28.43
C PHE A 461 -1.48 41.30 -28.78
N GLY A 462 -1.30 41.07 -30.09
CA GLY A 462 -0.87 39.77 -30.58
C GLY A 462 -1.98 38.74 -30.46
N GLN A 463 -1.76 37.60 -31.12
CA GLN A 463 -2.76 36.54 -31.20
C GLN A 463 -4.09 37.09 -31.73
N ASP A 464 -3.99 38.12 -32.57
CA ASP A 464 -5.19 38.83 -33.02
C ASP A 464 -6.02 37.96 -33.96
N LYS A 465 -5.40 37.00 -34.63
CA LYS A 465 -6.17 36.02 -35.40
C LYS A 465 -7.05 35.18 -34.49
N ALA A 466 -6.52 34.75 -33.36
CA ALA A 466 -7.32 33.99 -32.39
C ALA A 466 -8.42 34.85 -31.81
N ILE A 467 -8.12 36.12 -31.54
CA ILE A 467 -9.15 37.05 -31.10
C ILE A 467 -10.25 37.15 -32.13
N GLU A 468 -9.89 37.22 -33.41
CA GLU A 468 -10.88 37.28 -34.47
C GLU A 468 -11.74 36.03 -34.50
N ALA A 469 -11.11 34.86 -34.39
CA ALA A 469 -11.88 33.61 -34.42
C ALA A 469 -12.84 33.53 -33.24
N LEU A 470 -12.38 33.86 -32.03
CA LEU A 470 -13.24 33.87 -30.87
C LEU A 470 -14.39 34.85 -31.05
N THR A 471 -14.11 36.02 -31.60
CA THR A 471 -15.17 37.00 -31.86
C THR A 471 -16.19 36.46 -32.84
N GLU A 472 -15.73 35.76 -33.88
CA GLU A 472 -16.65 35.16 -34.84
C GLU A 472 -17.54 34.12 -34.17
N ALA A 473 -16.97 33.34 -33.26
CA ALA A 473 -17.76 32.34 -32.56
C ALA A 473 -18.81 33.00 -31.67
N ILE A 474 -18.42 34.04 -30.93
CA ILE A 474 -19.40 34.74 -30.10
C ILE A 474 -20.46 35.39 -30.98
N LYS A 475 -20.08 35.83 -32.18
CA LYS A 475 -21.04 36.35 -33.13
C LYS A 475 -22.08 35.29 -33.50
N MET A 476 -21.61 34.15 -34.00
CA MET A 476 -22.54 33.08 -34.36
C MET A 476 -23.38 32.64 -33.17
N ALA A 477 -22.87 32.85 -31.96
CA ALA A 477 -23.70 32.64 -30.78
C ALA A 477 -24.82 33.67 -30.70
N ARG A 478 -24.47 34.97 -30.71
CA ARG A 478 -25.47 36.01 -30.64
C ARG A 478 -26.37 36.02 -31.87
N ALA A 479 -25.89 35.44 -32.98
CA ALA A 479 -26.69 35.37 -34.19
C ALA A 479 -27.90 34.46 -34.06
N GLY A 480 -28.02 33.73 -32.94
CA GLY A 480 -29.14 32.83 -32.77
C GLY A 480 -28.95 31.49 -33.43
N LEU A 481 -27.73 30.99 -33.48
CA LEU A 481 -27.43 29.71 -34.13
C LEU A 481 -27.01 28.64 -33.14
N GLY A 482 -27.21 28.87 -31.84
CA GLY A 482 -26.91 27.89 -30.82
C GLY A 482 -28.02 26.90 -30.63
N HIS A 483 -28.05 26.29 -29.44
CA HIS A 483 -29.06 25.30 -29.10
C HIS A 483 -29.68 25.64 -27.76
N GLU A 484 -30.88 25.09 -27.55
CA GLU A 484 -31.49 25.10 -26.22
C GLU A 484 -30.95 23.97 -25.36
N HIS A 485 -29.97 23.22 -25.87
CA HIS A 485 -29.35 22.11 -25.15
C HIS A 485 -27.84 22.16 -25.27
N LYS A 486 -27.28 23.34 -25.44
CA LYS A 486 -25.85 23.53 -25.59
C LYS A 486 -25.44 24.82 -24.89
N PRO A 487 -24.21 24.90 -24.39
CA PRO A 487 -23.71 26.19 -23.92
C PRO A 487 -23.55 27.15 -25.08
N VAL A 488 -23.31 28.42 -24.75
CA VAL A 488 -23.06 29.42 -25.78
C VAL A 488 -21.84 29.03 -26.60
N GLY A 489 -20.74 28.72 -25.92
CA GLY A 489 -19.53 28.29 -26.61
C GLY A 489 -18.61 27.61 -25.62
N SER A 490 -17.85 26.65 -26.15
CA SER A 490 -16.87 25.92 -25.36
C SER A 490 -15.53 26.04 -26.07
N PHE A 491 -14.64 26.89 -25.54
CA PHE A 491 -13.38 27.18 -26.20
C PHE A 491 -12.22 26.73 -25.32
N LEU A 492 -11.28 26.03 -25.92
CA LEU A 492 -10.01 25.71 -25.29
C LEU A 492 -8.96 26.70 -25.77
N PHE A 493 -8.31 27.38 -24.83
CA PHE A 493 -7.29 28.37 -25.14
C PHE A 493 -5.92 27.71 -25.04
N ALA A 494 -5.39 27.28 -26.17
CA ALA A 494 -4.12 26.57 -26.22
C ALA A 494 -2.98 27.56 -26.41
N GLY A 495 -1.95 27.45 -25.56
CA GLY A 495 -0.81 28.30 -25.64
C GLY A 495 -0.09 28.43 -24.32
N PRO A 496 1.16 28.87 -24.36
CA PRO A 496 1.91 29.06 -23.11
C PRO A 496 1.36 30.22 -22.30
N THR A 497 1.76 30.28 -21.04
CA THR A 497 1.22 31.26 -20.12
C THR A 497 1.70 32.67 -20.48
N GLY A 498 1.07 33.66 -19.85
CA GLY A 498 1.50 35.04 -20.01
C GLY A 498 1.29 35.64 -21.38
N VAL A 499 0.22 35.24 -22.08
CA VAL A 499 -0.06 35.75 -23.41
C VAL A 499 -1.40 36.46 -23.48
N GLY A 500 -2.15 36.49 -22.37
CA GLY A 500 -3.37 37.28 -22.31
C GLY A 500 -4.67 36.51 -22.37
N LYS A 501 -4.63 35.18 -22.29
CA LYS A 501 -5.88 34.41 -22.25
C LYS A 501 -6.75 34.85 -21.08
N THR A 502 -6.17 34.91 -19.88
CA THR A 502 -6.88 35.52 -18.77
C THR A 502 -7.28 36.95 -19.08
N GLU A 503 -6.38 37.70 -19.73
CA GLU A 503 -6.66 39.09 -20.01
C GLU A 503 -7.77 39.24 -21.06
N VAL A 504 -7.73 38.43 -22.11
CA VAL A 504 -8.77 38.51 -23.13
C VAL A 504 -10.11 38.07 -22.56
N THR A 505 -10.10 37.08 -21.66
CA THR A 505 -11.35 36.67 -21.03
C THR A 505 -11.92 37.76 -20.14
N VAL A 506 -11.04 38.42 -19.38
CA VAL A 506 -11.49 39.53 -18.52
C VAL A 506 -12.08 40.64 -19.37
N GLN A 507 -11.39 41.01 -20.46
CA GLN A 507 -11.89 42.10 -21.30
C GLN A 507 -13.15 41.70 -22.05
N LEU A 508 -13.33 40.41 -22.32
CA LEU A 508 -14.55 39.96 -22.98
C LEU A 508 -15.73 40.01 -22.01
N SER A 509 -15.51 39.57 -20.78
CA SER A 509 -16.53 39.72 -19.75
C SER A 509 -16.87 41.19 -19.55
N LYS A 510 -15.87 42.06 -19.62
CA LYS A 510 -16.12 43.50 -19.49
C LYS A 510 -16.94 44.03 -20.67
N ALA A 511 -16.63 43.55 -21.88
CA ALA A 511 -17.26 44.10 -23.07
C ALA A 511 -18.74 43.73 -23.12
N LEU A 512 -19.10 42.55 -22.65
CA LEU A 512 -20.48 42.08 -22.69
C LEU A 512 -21.25 42.42 -21.42
N GLY A 513 -20.60 43.01 -20.42
CA GLY A 513 -21.29 43.33 -19.19
C GLY A 513 -21.79 42.13 -18.43
N ILE A 514 -20.97 41.08 -18.32
CA ILE A 514 -21.34 39.87 -17.59
C ILE A 514 -20.22 39.52 -16.63
N GLU A 515 -20.51 38.56 -15.76
CA GLU A 515 -19.57 38.20 -14.71
C GLU A 515 -18.55 37.19 -15.22
N LEU A 516 -17.45 37.08 -14.49
CA LEU A 516 -16.40 36.10 -14.77
C LEU A 516 -16.33 35.10 -13.63
N LEU A 517 -16.58 33.83 -13.94
CA LEU A 517 -16.47 32.76 -12.98
C LEU A 517 -15.06 32.18 -13.06
N ARG A 518 -14.30 32.32 -11.98
CA ARG A 518 -12.89 31.97 -11.94
C ARG A 518 -12.72 30.66 -11.19
N PHE A 519 -12.05 29.70 -11.82
CA PHE A 519 -11.84 28.39 -11.23
C PHE A 519 -10.46 27.86 -11.57
N ASP A 520 -9.79 27.30 -10.57
CA ASP A 520 -8.49 26.68 -10.73
C ASP A 520 -8.68 25.18 -10.73
N MET A 521 -8.55 24.55 -11.91
CA MET A 521 -8.73 23.11 -12.00
C MET A 521 -7.60 22.34 -11.36
N SER A 522 -6.50 23.00 -10.99
CA SER A 522 -5.48 22.34 -10.20
C SER A 522 -5.99 22.02 -8.80
N GLU A 523 -6.97 22.78 -8.30
CA GLU A 523 -7.61 22.47 -7.03
C GLU A 523 -8.35 21.15 -7.07
N TYR A 524 -8.85 20.75 -8.23
CA TYR A 524 -9.71 19.58 -8.36
C TYR A 524 -9.01 18.43 -9.07
N MET A 525 -7.70 18.27 -8.81
CA MET A 525 -7.00 17.12 -9.34
C MET A 525 -7.44 15.82 -8.66
N GLU A 526 -8.07 15.93 -7.49
CA GLU A 526 -8.45 14.76 -6.70
C GLU A 526 -9.93 14.45 -6.86
N ARG A 527 -10.29 13.22 -6.50
CA ARG A 527 -11.63 12.71 -6.79
C ARG A 527 -12.68 13.38 -5.90
N HIS A 528 -12.44 13.41 -4.59
CA HIS A 528 -13.44 13.89 -3.64
C HIS A 528 -13.83 15.35 -3.89
N THR A 529 -13.09 16.08 -4.70
CA THR A 529 -13.37 17.48 -4.97
C THR A 529 -14.48 17.69 -6.00
N VAL A 530 -14.80 16.66 -6.79
CA VAL A 530 -15.96 16.77 -7.68
C VAL A 530 -17.23 16.99 -6.87
N SER A 531 -17.23 16.50 -5.63
CA SER A 531 -18.33 16.78 -4.72
C SER A 531 -18.35 18.24 -4.28
N ARG A 532 -17.18 18.84 -4.05
CA ARG A 532 -17.14 20.27 -3.79
C ARG A 532 -17.64 21.05 -4.99
N LEU A 533 -17.41 20.53 -6.19
CA LEU A 533 -17.88 21.21 -7.39
C LEU A 533 -19.39 21.18 -7.50
N ILE A 534 -20.01 20.03 -7.21
CA ILE A 534 -21.43 19.84 -7.43
C ILE A 534 -22.22 19.92 -6.14
N GLY A 535 -21.69 19.34 -5.05
CA GLY A 535 -22.43 19.29 -3.81
C GLY A 535 -22.48 17.87 -3.26
N ALA A 536 -22.15 17.71 -1.99
CA ALA A 536 -22.11 16.38 -1.39
C ALA A 536 -23.49 15.75 -1.38
N PRO A 537 -23.56 14.42 -1.42
CA PRO A 537 -24.87 13.77 -1.34
C PRO A 537 -25.51 14.06 0.01
N PRO A 538 -26.84 14.05 0.07
CA PRO A 538 -27.51 14.31 1.35
C PRO A 538 -27.04 13.36 2.44
N GLY A 539 -26.86 13.90 3.64
CA GLY A 539 -26.38 13.14 4.76
C GLY A 539 -24.88 13.12 4.93
N TYR A 540 -24.13 13.63 3.97
CA TYR A 540 -22.68 13.55 4.01
C TYR A 540 -22.06 14.90 4.33
N VAL A 541 -20.76 14.87 4.61
CA VAL A 541 -20.06 16.08 5.06
C VAL A 541 -20.11 17.13 3.96
N GLY A 542 -20.41 18.36 4.35
CA GLY A 542 -20.43 19.47 3.43
C GLY A 542 -21.60 19.53 2.47
N PHE A 543 -22.64 18.72 2.71
CA PHE A 543 -23.81 18.76 1.83
C PHE A 543 -24.45 20.14 1.82
N ASP A 544 -24.54 20.77 3.00
CA ASP A 544 -25.21 22.06 3.10
C ASP A 544 -24.45 23.18 2.40
N GLN A 545 -23.15 23.01 2.18
CA GLN A 545 -22.37 24.02 1.48
C GLN A 545 -22.79 24.21 0.04
N GLY A 546 -23.43 23.21 -0.57
CA GLY A 546 -23.69 23.23 -1.98
C GLY A 546 -22.41 23.03 -2.77
N GLY A 547 -22.55 23.02 -4.08
CA GLY A 547 -21.40 22.91 -4.94
C GLY A 547 -20.78 24.26 -5.27
N LEU A 548 -19.46 24.25 -5.42
CA LEU A 548 -18.76 25.47 -5.78
C LEU A 548 -19.07 25.92 -7.20
N LEU A 549 -19.36 24.99 -8.09
CA LEU A 549 -19.61 25.29 -9.49
C LEU A 549 -21.07 25.62 -9.78
N THR A 550 -22.00 24.87 -9.17
CA THR A 550 -23.41 25.02 -9.52
C THR A 550 -24.03 26.30 -8.99
N ASP A 551 -23.70 26.69 -7.76
CA ASP A 551 -24.31 27.89 -7.18
C ASP A 551 -23.93 29.14 -7.96
N ALA A 552 -22.66 29.26 -8.35
CA ALA A 552 -22.21 30.44 -9.07
C ALA A 552 -22.91 30.55 -10.42
N VAL A 553 -23.12 29.42 -11.09
CA VAL A 553 -23.85 29.44 -12.36
C VAL A 553 -25.32 29.78 -12.12
N ILE A 554 -25.89 29.31 -11.00
CA ILE A 554 -27.29 29.59 -10.73
C ILE A 554 -27.50 31.07 -10.50
N LYS A 555 -26.64 31.70 -9.70
CA LYS A 555 -26.82 33.12 -9.39
C LYS A 555 -26.33 34.03 -10.51
N HIS A 556 -25.57 33.50 -11.47
CA HIS A 556 -25.09 34.26 -12.62
C HIS A 556 -25.23 33.41 -13.87
N PRO A 557 -26.45 33.31 -14.41
CA PRO A 557 -26.67 32.41 -15.56
C PRO A 557 -26.06 32.88 -16.86
N HIS A 558 -25.56 34.12 -16.93
CA HIS A 558 -25.05 34.68 -18.17
C HIS A 558 -23.56 34.92 -18.15
N ALA A 559 -22.86 34.43 -17.12
CA ALA A 559 -21.47 34.83 -16.91
C ALA A 559 -20.52 34.06 -17.84
N VAL A 560 -19.28 34.53 -17.86
CA VAL A 560 -18.18 33.84 -18.52
C VAL A 560 -17.60 32.82 -17.54
N LEU A 561 -17.30 31.63 -18.03
CA LEU A 561 -16.76 30.57 -17.21
C LEU A 561 -15.32 30.32 -17.60
N LEU A 562 -14.41 30.51 -16.65
CA LEU A 562 -12.98 30.30 -16.87
C LEU A 562 -12.49 29.18 -15.96
N LEU A 563 -11.91 28.14 -16.55
CA LEU A 563 -11.34 27.02 -15.82
C LEU A 563 -9.87 26.94 -16.18
N ASP A 564 -9.00 27.20 -15.21
CA ASP A 564 -7.57 27.25 -15.46
C ASP A 564 -6.94 25.87 -15.35
N GLU A 565 -6.06 25.57 -16.30
CA GLU A 565 -5.28 24.34 -16.33
C GLU A 565 -6.16 23.10 -16.20
N ILE A 566 -7.11 22.99 -17.13
CA ILE A 566 -8.05 21.87 -17.09
C ILE A 566 -7.35 20.54 -17.35
N GLU A 567 -6.18 20.56 -17.97
CA GLU A 567 -5.43 19.32 -18.17
C GLU A 567 -4.93 18.73 -16.85
N LYS A 568 -4.99 19.49 -15.77
CA LYS A 568 -4.64 19.00 -14.45
C LYS A 568 -5.86 18.64 -13.60
N ALA A 569 -7.04 18.57 -14.22
CA ALA A 569 -8.25 18.23 -13.49
C ALA A 569 -8.44 16.72 -13.44
N HIS A 570 -9.22 16.27 -12.46
CA HIS A 570 -9.50 14.86 -12.32
C HIS A 570 -10.48 14.42 -13.42
N PRO A 571 -10.31 13.21 -13.95
CA PRO A 571 -11.20 12.76 -15.04
C PRO A 571 -12.68 12.87 -14.73
N ASP A 572 -13.07 12.83 -13.46
CA ASP A 572 -14.48 13.03 -13.12
C ASP A 572 -14.91 14.46 -13.39
N VAL A 573 -14.02 15.43 -13.15
CA VAL A 573 -14.30 16.80 -13.58
C VAL A 573 -14.52 16.84 -15.08
N PHE A 574 -13.74 16.04 -15.82
CA PHE A 574 -13.94 15.95 -17.27
C PHE A 574 -15.31 15.38 -17.60
N ASN A 575 -15.75 14.37 -16.85
CA ASN A 575 -17.07 13.81 -17.10
C ASN A 575 -18.17 14.84 -16.85
N ILE A 576 -18.02 15.64 -15.80
CA ILE A 576 -19.00 16.68 -15.52
C ILE A 576 -18.99 17.72 -16.64
N LEU A 577 -17.79 18.17 -17.04
CA LEU A 577 -17.69 19.14 -18.12
C LEU A 577 -18.31 18.60 -19.40
N LEU A 578 -18.14 17.30 -19.66
CA LEU A 578 -18.75 16.70 -20.84
C LEU A 578 -20.26 16.70 -20.71
N GLN A 579 -20.78 16.38 -19.53
CA GLN A 579 -22.22 16.50 -19.29
C GLN A 579 -22.71 17.89 -19.69
N VAL A 580 -22.02 18.91 -19.21
CA VAL A 580 -22.41 20.29 -19.53
C VAL A 580 -22.36 20.52 -21.03
N MET A 581 -21.20 20.29 -21.64
CA MET A 581 -21.03 20.54 -23.07
C MET A 581 -22.05 19.76 -23.90
N ASP A 582 -22.56 18.65 -23.36
CA ASP A 582 -23.56 17.88 -24.08
C ASP A 582 -24.95 18.49 -23.95
N ASN A 583 -25.38 18.82 -22.73
CA ASN A 583 -26.72 19.36 -22.57
C ASN A 583 -26.78 20.68 -21.79
N GLY A 584 -25.66 21.15 -21.25
CA GLY A 584 -25.65 22.45 -20.59
C GLY A 584 -26.52 22.56 -19.36
N THR A 585 -26.78 21.46 -18.65
CA THR A 585 -27.62 21.49 -17.48
C THR A 585 -27.01 20.60 -16.39
N LEU A 586 -26.58 21.23 -15.30
CA LEU A 586 -26.13 20.51 -14.12
C LEU A 586 -27.21 20.55 -13.05
N THR A 587 -27.31 19.46 -12.29
CA THR A 587 -28.33 19.33 -11.26
C THR A 587 -27.70 19.59 -9.90
N ASP A 588 -28.12 20.68 -9.26
CA ASP A 588 -27.72 20.90 -7.88
C ASP A 588 -28.23 19.76 -7.00
N ASN A 589 -27.41 19.40 -6.01
CA ASN A 589 -27.77 18.29 -5.13
C ASN A 589 -29.00 18.60 -4.28
N ASN A 590 -29.54 19.80 -4.35
CA ASN A 590 -30.82 20.13 -3.74
C ASN A 590 -31.96 20.10 -4.76
N GLY A 591 -31.71 19.57 -5.95
CA GLY A 591 -32.71 19.50 -6.99
C GLY A 591 -32.80 20.70 -7.89
N ARG A 592 -31.93 21.69 -7.73
CA ARG A 592 -31.96 22.86 -8.58
C ARG A 592 -31.18 22.60 -9.87
N LYS A 593 -31.60 23.28 -10.93
CA LYS A 593 -31.03 23.09 -12.26
C LYS A 593 -30.07 24.23 -12.57
N ALA A 594 -28.82 23.87 -12.89
CA ALA A 594 -27.82 24.83 -13.33
C ALA A 594 -27.89 24.92 -14.85
N ASP A 595 -28.49 26.00 -15.36
CA ASP A 595 -28.68 26.18 -16.79
C ASP A 595 -27.45 26.88 -17.36
N PHE A 596 -26.72 26.19 -18.24
CA PHE A 596 -25.51 26.72 -18.84
C PHE A 596 -25.75 27.26 -20.25
N ARG A 597 -27.01 27.40 -20.66
CA ARG A 597 -27.30 27.85 -22.02
C ARG A 597 -26.81 29.26 -22.28
N ASN A 598 -26.66 30.08 -21.24
CA ASN A 598 -26.17 31.44 -21.40
C ASN A 598 -24.76 31.62 -20.85
N VAL A 599 -24.01 30.53 -20.70
CA VAL A 599 -22.65 30.58 -20.16
C VAL A 599 -21.68 30.17 -21.25
N VAL A 600 -20.69 31.02 -21.50
CA VAL A 600 -19.59 30.69 -22.41
C VAL A 600 -18.53 29.94 -21.62
N LEU A 601 -18.12 28.78 -22.12
CA LEU A 601 -17.15 27.94 -21.45
C LEU A 601 -15.76 28.20 -22.03
N VAL A 602 -14.87 28.70 -21.19
CA VAL A 602 -13.50 29.01 -21.60
C VAL A 602 -12.54 28.22 -20.73
N MET A 603 -11.78 27.34 -21.35
CA MET A 603 -10.80 26.52 -20.65
C MET A 603 -9.42 26.77 -21.24
N THR A 604 -8.41 26.83 -20.37
CA THR A 604 -7.05 27.05 -20.78
C THR A 604 -6.24 25.77 -20.61
N THR A 605 -5.13 25.69 -21.34
CA THR A 605 -4.19 24.60 -21.19
C THR A 605 -2.81 25.08 -21.61
N ASN A 606 -1.80 24.70 -20.82
CA ASN A 606 -0.43 25.11 -21.12
C ASN A 606 0.26 24.07 -22.00
N ALA A 607 0.39 22.85 -21.50
CA ALA A 607 1.07 21.76 -22.20
C ALA A 607 2.49 22.17 -22.62
N GLY A 608 3.15 22.97 -21.78
CA GLY A 608 4.49 23.44 -22.07
C GLY A 608 5.55 22.77 -21.22
N VAL A 609 6.59 23.52 -20.84
CA VAL A 609 7.66 22.98 -20.02
C VAL A 609 7.87 23.76 -18.72
N LYS A 615 16.07 22.65 -15.96
CA LYS A 615 16.50 23.55 -17.03
C LYS A 615 17.48 22.83 -17.96
N SER A 616 16.92 21.93 -18.77
CA SER A 616 17.65 21.33 -19.88
C SER A 616 18.93 20.64 -19.42
N ILE A 617 18.81 19.56 -18.66
CA ILE A 617 19.97 18.78 -18.22
C ILE A 617 20.84 18.48 -19.43
N GLY A 618 22.14 18.61 -19.24
CA GLY A 618 23.07 18.38 -20.34
C GLY A 618 23.91 19.60 -20.67
N LEU A 619 24.20 19.78 -21.95
CA LEU A 619 25.13 20.80 -22.39
C LEU A 619 24.47 22.01 -23.02
N ILE A 620 23.15 22.12 -22.97
CA ILE A 620 22.44 23.22 -23.61
C ILE A 620 21.35 23.75 -22.68
N HIS A 621 20.62 24.75 -23.17
CA HIS A 621 19.44 25.30 -22.53
C HIS A 621 18.34 25.57 -23.55
N GLN A 622 18.12 24.64 -24.47
CA GLN A 622 17.11 24.81 -25.51
C GLN A 622 15.76 24.29 -25.04
N ASP A 623 14.71 25.05 -25.34
CA ASP A 623 13.35 24.59 -25.10
C ASP A 623 12.31 25.44 -25.83
N ASN A 624 11.59 24.83 -26.78
CA ASN A 624 10.44 25.46 -27.43
C ASN A 624 9.62 24.37 -28.11
N SER A 625 8.38 24.16 -27.65
CA SER A 625 7.55 23.11 -28.19
C SER A 625 6.10 23.33 -27.78
N THR A 626 5.17 22.85 -28.61
CA THR A 626 3.75 22.91 -28.30
C THR A 626 3.01 21.73 -28.94
N ASP A 627 2.30 20.98 -28.09
CA ASP A 627 1.30 20.03 -28.55
C ASP A 627 0.30 19.79 -27.43
N ALA A 628 -0.86 20.45 -27.51
CA ALA A 628 -1.86 20.31 -26.46
C ALA A 628 -2.94 19.32 -26.87
N MET A 629 -3.11 19.09 -28.17
CA MET A 629 -4.11 18.13 -28.64
C MET A 629 -3.81 16.75 -28.09
N GLU A 630 -2.53 16.38 -28.03
CA GLU A 630 -2.16 15.08 -27.48
C GLU A 630 -2.34 15.04 -25.97
N GLU A 631 -2.19 16.19 -25.30
CA GLU A 631 -2.17 16.22 -23.85
C GLU A 631 -3.58 16.37 -23.27
N ILE A 632 -4.53 16.88 -24.04
CA ILE A 632 -5.91 16.88 -23.58
C ILE A 632 -6.69 15.75 -24.23
N LYS A 633 -6.35 15.41 -25.48
CA LYS A 633 -6.77 14.13 -26.06
C LYS A 633 -6.55 13.01 -25.07
N LYS A 634 -5.71 13.29 -24.06
CA LYS A 634 -5.61 12.40 -22.93
C LYS A 634 -6.97 12.10 -22.31
N ILE A 635 -7.57 13.09 -21.65
CA ILE A 635 -8.89 12.91 -21.08
C ILE A 635 -9.95 13.57 -21.96
N PHE A 636 -9.59 14.67 -22.60
CA PHE A 636 -10.41 15.25 -23.66
C PHE A 636 -10.19 14.43 -24.93
N THR A 637 -10.56 13.15 -24.86
CA THR A 637 -10.43 12.23 -25.96
C THR A 637 -11.16 12.79 -27.18
N PRO A 638 -10.89 12.29 -28.39
CA PRO A 638 -11.68 12.75 -29.55
C PRO A 638 -13.17 12.79 -29.27
N GLU A 639 -13.68 11.84 -28.47
CA GLU A 639 -15.06 11.92 -28.01
C GLU A 639 -15.31 13.21 -27.24
N PHE A 640 -14.42 13.54 -26.31
CA PHE A 640 -14.57 14.80 -25.58
C PHE A 640 -14.31 15.99 -26.48
N ARG A 641 -13.29 15.90 -27.34
CA ARG A 641 -12.93 17.02 -28.21
C ARG A 641 -14.06 17.37 -29.16
N ASN A 642 -14.91 16.40 -29.50
CA ASN A 642 -16.05 16.67 -30.38
C ASN A 642 -17.06 17.61 -29.75
N ARG A 643 -16.90 17.95 -28.47
CA ARG A 643 -17.77 18.92 -27.81
C ARG A 643 -17.23 20.33 -27.88
N LEU A 644 -16.00 20.51 -28.34
CA LEU A 644 -15.37 21.82 -28.38
C LEU A 644 -15.89 22.63 -29.56
N ASP A 645 -16.35 23.85 -29.27
CA ASP A 645 -16.85 24.73 -30.31
C ASP A 645 -15.71 25.30 -31.15
N ASN A 646 -14.54 25.48 -30.54
CA ASN A 646 -13.39 26.04 -31.21
C ASN A 646 -12.16 25.76 -30.37
N ILE A 647 -11.01 25.62 -31.03
CA ILE A 647 -9.73 25.48 -30.36
C ILE A 647 -8.91 26.72 -30.66
N ILE A 648 -8.86 27.63 -29.69
CA ILE A 648 -8.21 28.93 -29.84
C ILE A 648 -6.74 28.77 -29.47
N TRP A 649 -5.86 29.10 -30.40
CA TRP A 649 -4.43 28.94 -30.21
C TRP A 649 -3.78 30.28 -29.88
N PHE A 650 -2.83 30.25 -28.96
CA PHE A 650 -2.05 31.42 -28.58
C PHE A 650 -0.57 31.11 -28.78
N ASP A 651 0.18 32.10 -29.27
CA ASP A 651 1.59 31.92 -29.54
C ASP A 651 2.42 32.85 -28.65
N HIS A 652 3.74 32.74 -28.80
CA HIS A 652 4.66 33.55 -28.02
C HIS A 652 4.49 35.02 -28.34
N LEU A 653 5.06 35.86 -27.48
CA LEU A 653 5.02 37.31 -27.70
C LEU A 653 6.31 37.79 -28.35
N SER A 654 6.16 38.50 -29.46
CA SER A 654 7.30 39.08 -30.17
C SER A 654 7.84 40.30 -29.42
N THR A 655 9.03 40.75 -29.84
CA THR A 655 9.67 41.86 -29.15
C THR A 655 8.86 43.15 -29.30
N ASP A 656 8.28 43.37 -30.47
CA ASP A 656 7.47 44.57 -30.66
C ASP A 656 6.21 44.52 -29.79
N VAL A 657 5.60 43.34 -29.64
CA VAL A 657 4.39 43.29 -28.83
C VAL A 657 4.72 43.29 -27.34
N ILE A 658 5.87 42.78 -26.93
CA ILE A 658 6.23 42.96 -25.53
C ILE A 658 6.55 44.43 -25.26
N HIS A 659 7.12 45.12 -26.24
CA HIS A 659 7.26 46.57 -26.12
C HIS A 659 5.89 47.24 -26.02
N GLN A 660 4.92 46.75 -26.77
CA GLN A 660 3.60 47.36 -26.77
C GLN A 660 2.87 47.11 -25.45
N VAL A 661 3.03 45.93 -24.86
CA VAL A 661 2.41 45.69 -23.56
C VAL A 661 3.15 46.46 -22.48
N VAL A 662 4.46 46.65 -22.65
CA VAL A 662 5.18 47.55 -21.74
C VAL A 662 4.63 48.96 -21.85
N ASP A 663 4.30 49.39 -23.07
CA ASP A 663 3.68 50.70 -23.26
C ASP A 663 2.31 50.75 -22.59
N LYS A 664 1.55 49.66 -22.67
CA LYS A 664 0.27 49.59 -22.00
C LYS A 664 0.41 49.79 -20.50
N PHE A 665 1.32 49.02 -19.88
CA PHE A 665 1.58 49.18 -18.45
C PHE A 665 2.05 50.60 -18.14
N ILE A 666 2.88 51.17 -19.02
CA ILE A 666 3.46 52.48 -18.74
C ILE A 666 2.39 53.56 -18.80
N VAL A 667 1.47 53.47 -19.76
CA VAL A 667 0.41 54.47 -19.83
C VAL A 667 -0.58 54.27 -18.71
N GLU A 668 -0.75 53.04 -18.24
CA GLU A 668 -1.59 52.82 -17.06
C GLU A 668 -1.00 53.52 -15.85
N LEU A 669 0.28 53.27 -15.56
CA LEU A 669 0.94 53.98 -14.47
C LEU A 669 0.95 55.48 -14.71
N GLN A 670 1.02 55.90 -15.97
CA GLN A 670 1.07 57.32 -16.28
C GLN A 670 -0.24 58.00 -15.93
N VAL A 671 -1.37 57.41 -16.29
CA VAL A 671 -2.65 58.00 -15.89
C VAL A 671 -2.80 57.95 -14.38
N GLN A 672 -2.33 56.86 -13.76
CA GLN A 672 -2.41 56.76 -12.31
C GLN A 672 -1.68 57.91 -11.63
N LEU A 673 -0.51 58.28 -12.14
CA LEU A 673 0.26 59.37 -11.54
C LEU A 673 -0.30 60.73 -11.92
N ASP A 674 -0.66 60.92 -13.19
CA ASP A 674 -1.23 62.18 -13.64
C ASP A 674 -2.48 62.54 -12.85
N GLN A 675 -3.23 61.54 -12.39
CA GLN A 675 -4.34 61.83 -11.50
C GLN A 675 -3.91 62.46 -10.18
N LYS A 676 -2.61 62.56 -9.93
CA LYS A 676 -2.08 63.21 -8.74
C LYS A 676 -1.20 64.41 -9.08
N GLY A 677 -0.95 64.67 -10.36
CA GLY A 677 -0.18 65.83 -10.76
C GLY A 677 1.30 65.60 -10.96
N VAL A 678 1.70 64.39 -11.36
CA VAL A 678 3.10 64.06 -11.57
C VAL A 678 3.22 63.43 -12.95
N SER A 679 3.96 64.09 -13.84
CA SER A 679 4.20 63.53 -15.16
C SER A 679 5.36 62.55 -15.12
N LEU A 680 5.24 61.46 -15.87
CA LEU A 680 6.25 60.41 -15.91
C LEU A 680 6.60 60.12 -17.36
N GLU A 681 7.89 60.21 -17.67
CA GLU A 681 8.41 59.81 -18.98
C GLU A 681 9.49 58.76 -18.81
N VAL A 682 9.33 57.66 -19.53
CA VAL A 682 10.31 56.57 -19.56
C VAL A 682 11.04 56.64 -20.89
N SER A 683 12.37 56.73 -20.82
CA SER A 683 13.17 56.74 -22.03
C SER A 683 12.94 55.46 -22.83
N GLN A 684 13.12 55.56 -24.15
CA GLN A 684 12.82 54.43 -25.03
C GLN A 684 13.70 53.23 -24.71
N GLU A 685 15.00 53.46 -24.49
CA GLU A 685 15.86 52.35 -24.11
C GLU A 685 15.45 51.78 -22.76
N ALA A 686 14.90 52.61 -21.87
CA ALA A 686 14.37 52.09 -20.62
C ALA A 686 13.14 51.23 -20.85
N ARG A 687 12.31 51.60 -21.83
CA ARG A 687 11.19 50.75 -22.21
C ARG A 687 11.66 49.40 -22.73
N ASN A 688 12.68 49.41 -23.60
CA ASN A 688 13.23 48.16 -24.10
C ASN A 688 13.80 47.32 -22.97
N TRP A 689 14.49 47.96 -22.02
CA TRP A 689 15.05 47.23 -20.90
C TRP A 689 13.97 46.63 -20.01
N LEU A 690 12.90 47.38 -19.77
CA LEU A 690 11.77 46.85 -19.01
C LEU A 690 11.15 45.65 -19.73
N ALA A 691 11.03 45.73 -21.05
CA ALA A 691 10.47 44.62 -21.81
C ALA A 691 11.39 43.40 -21.76
N GLU A 692 12.70 43.62 -21.75
CA GLU A 692 13.64 42.52 -21.69
C GLU A 692 13.72 41.88 -20.31
N LYS A 693 13.48 42.65 -19.25
CA LYS A 693 13.54 42.13 -17.88
C LYS A 693 12.22 41.54 -17.39
N GLY A 694 11.09 42.03 -17.90
CA GLY A 694 9.81 41.56 -17.41
C GLY A 694 9.23 40.39 -18.16
N TYR A 695 9.51 40.28 -19.44
CA TYR A 695 8.98 39.21 -20.26
C TYR A 695 9.94 38.01 -20.23
N ASP A 696 9.38 36.82 -20.04
CA ASP A 696 10.10 35.58 -20.21
C ASP A 696 9.27 34.69 -21.10
N ARG A 697 9.92 34.06 -22.08
CA ARG A 697 9.19 33.22 -23.03
C ARG A 697 8.49 32.06 -22.33
N ALA A 698 9.19 31.41 -21.39
CA ALA A 698 8.60 30.31 -20.65
C ALA A 698 7.60 30.78 -19.60
N MET A 699 7.57 32.07 -19.27
CA MET A 699 6.63 32.59 -18.30
C MET A 699 5.74 33.69 -18.86
N GLY A 700 5.85 34.02 -20.13
CA GLY A 700 4.95 34.98 -20.74
C GLY A 700 5.13 36.37 -20.13
N ALA A 701 4.05 37.14 -20.14
CA ALA A 701 4.04 38.50 -19.62
C ALA A 701 3.70 38.56 -18.14
N ARG A 702 3.67 37.42 -17.45
CA ARG A 702 3.31 37.42 -16.03
C ARG A 702 4.35 38.11 -15.15
N PRO A 703 5.66 37.86 -15.27
CA PRO A 703 6.62 38.61 -14.44
C PRO A 703 6.64 40.09 -14.74
N MET A 704 6.08 40.51 -15.88
CA MET A 704 6.12 41.91 -16.28
C MET A 704 5.42 42.80 -15.28
N ALA A 705 4.31 42.35 -14.71
CA ALA A 705 3.62 43.15 -13.71
C ALA A 705 4.54 43.50 -12.55
N ARG A 706 5.18 42.49 -11.98
CA ARG A 706 6.06 42.71 -10.84
C ARG A 706 7.26 43.56 -11.20
N VAL A 707 7.87 43.32 -12.37
CA VAL A 707 9.05 44.11 -12.72
C VAL A 707 8.67 45.57 -12.94
N ILE A 708 7.53 45.81 -13.60
CA ILE A 708 7.09 47.19 -13.84
C ILE A 708 6.83 47.88 -12.52
N GLN A 709 6.06 47.23 -11.64
CA GLN A 709 5.77 47.83 -10.34
C GLN A 709 7.06 48.12 -9.57
N ASP A 710 7.92 47.11 -9.40
CA ASP A 710 9.13 47.30 -8.61
C ASP A 710 10.04 48.36 -9.19
N ASN A 711 10.27 48.35 -10.50
CA ASN A 711 11.21 49.29 -11.10
C ASN A 711 10.66 50.70 -11.14
N LEU A 712 9.36 50.87 -11.26
CA LEU A 712 8.80 52.22 -11.37
C LEU A 712 8.24 52.75 -10.06
N LYS A 713 7.22 52.09 -9.50
CA LYS A 713 6.49 52.68 -8.38
C LYS A 713 7.37 52.88 -7.16
N LYS A 714 8.41 52.05 -7.01
CA LYS A 714 9.18 52.05 -5.76
C LYS A 714 9.85 53.40 -5.47
N PRO A 715 10.79 53.90 -6.28
CA PRO A 715 11.38 55.20 -5.95
C PRO A 715 10.36 56.32 -5.99
N LEU A 716 9.37 56.20 -6.87
CA LEU A 716 8.27 57.17 -6.87
C LEU A 716 7.51 57.12 -5.55
N ALA A 717 7.23 55.92 -5.04
CA ALA A 717 6.56 55.81 -3.75
C ALA A 717 7.37 56.51 -2.67
N ASN A 718 8.69 56.28 -2.64
CA ASN A 718 9.54 56.97 -1.68
C ASN A 718 9.40 58.48 -1.82
N GLU A 719 9.67 59.01 -3.03
CA GLU A 719 9.70 60.45 -3.24
C GLU A 719 8.34 61.09 -2.97
N LEU A 720 7.26 60.35 -3.18
CA LEU A 720 5.93 60.90 -2.97
C LEU A 720 5.57 60.93 -1.49
N LEU A 721 5.74 59.81 -0.79
CA LEU A 721 5.36 59.79 0.61
C LEU A 721 6.25 60.71 1.44
N PHE A 722 7.55 60.72 1.17
CA PHE A 722 8.45 61.57 1.94
C PHE A 722 8.07 63.03 1.81
N GLY A 723 7.35 63.38 0.75
CA GLY A 723 6.91 64.74 0.53
C GLY A 723 7.80 65.57 -0.37
N SER A 724 8.95 65.04 -0.79
CA SER A 724 9.83 65.80 -1.68
C SER A 724 9.27 65.89 -3.09
N LEU A 725 8.66 64.82 -3.60
CA LEU A 725 7.94 64.86 -4.86
C LEU A 725 6.47 65.09 -4.56
N VAL A 726 5.98 66.29 -4.90
CA VAL A 726 4.59 66.66 -4.72
C VAL A 726 4.06 67.21 -6.04
N ASP A 727 2.82 67.69 -6.01
CA ASP A 727 2.19 68.27 -7.18
C ASP A 727 3.08 69.35 -7.77
N GLY A 728 3.09 69.44 -9.10
CA GLY A 728 4.05 70.27 -9.81
C GLY A 728 5.35 69.55 -10.10
N GLY A 729 5.60 68.42 -9.44
CA GLY A 729 6.78 67.62 -9.72
C GLY A 729 6.58 66.69 -10.89
N GLN A 730 7.66 66.02 -11.26
CA GLN A 730 7.65 65.09 -12.37
C GLN A 730 8.87 64.19 -12.27
N VAL A 731 8.90 63.11 -13.04
CA VAL A 731 10.01 62.18 -13.01
C VAL A 731 10.28 61.67 -14.41
N THR A 732 11.55 61.77 -14.82
CA THR A 732 11.99 61.33 -16.13
C THR A 732 12.84 60.07 -15.96
N VAL A 733 12.28 58.94 -16.37
CA VAL A 733 12.95 57.66 -16.24
C VAL A 733 13.87 57.44 -17.43
N ALA A 734 15.16 57.31 -17.15
CA ALA A 734 16.15 56.99 -18.16
C ALA A 734 17.01 55.86 -17.63
N LEU A 735 17.54 55.07 -18.55
CA LEU A 735 18.41 53.97 -18.19
C LEU A 735 19.80 54.49 -17.79
N ASP A 736 20.29 54.03 -16.65
CA ASP A 736 21.70 54.15 -16.32
C ASP A 736 22.41 53.04 -17.08
N LYS A 737 23.07 53.38 -18.18
CA LYS A 737 23.54 52.38 -19.13
C LYS A 737 24.47 51.37 -18.48
N GLU A 738 25.25 51.78 -17.47
CA GLU A 738 26.20 50.90 -16.82
C GLU A 738 25.70 50.37 -15.48
N LYS A 739 24.73 51.02 -14.87
CA LYS A 739 24.11 50.53 -13.65
C LYS A 739 22.80 49.80 -13.89
N ASN A 740 22.18 49.99 -15.06
CA ASN A 740 20.90 49.39 -15.42
C ASN A 740 19.75 49.89 -14.53
N GLU A 741 20.05 50.78 -13.59
CA GLU A 741 19.02 51.39 -12.79
C GLU A 741 18.30 52.49 -13.58
N LEU A 742 17.01 52.63 -13.32
CA LEU A 742 16.20 53.64 -14.00
C LEU A 742 16.48 55.00 -13.36
N THR A 743 17.37 55.77 -13.99
CA THR A 743 17.73 57.09 -13.51
C THR A 743 16.52 58.01 -13.61
N TYR A 744 16.36 58.85 -12.59
CA TYR A 744 15.13 59.64 -12.44
C TYR A 744 15.52 61.02 -11.94
N GLY A 745 14.53 61.89 -11.83
CA GLY A 745 14.76 63.24 -11.36
C GLY A 745 13.45 63.90 -10.97
N PHE A 746 13.59 65.05 -10.32
CA PHE A 746 12.42 65.83 -9.91
C PHE A 746 11.96 66.73 -11.04
N MET B 169 -73.36 20.03 28.23
CA MET B 169 -72.93 19.07 27.25
C MET B 169 -73.64 19.29 25.92
N GLU B 170 -74.91 19.67 26.00
CA GLU B 170 -75.71 19.91 24.81
C GLU B 170 -75.16 21.04 23.95
N ASN B 171 -74.28 21.87 24.52
CA ASN B 171 -73.61 22.92 23.78
C ASN B 171 -72.18 22.57 23.39
N PHE B 172 -71.71 21.38 23.78
CA PHE B 172 -70.35 20.95 23.47
C PHE B 172 -70.26 19.67 22.67
N THR B 173 -71.31 18.83 22.68
CA THR B 173 -71.28 17.56 21.99
C THR B 173 -72.53 17.41 21.14
N THR B 174 -72.54 16.38 20.30
CA THR B 174 -73.63 16.12 19.37
C THR B 174 -74.21 14.74 19.63
N ASN B 175 -75.53 14.66 19.74
CA ASN B 175 -76.21 13.40 19.94
C ASN B 175 -76.17 12.60 18.64
N LEU B 176 -75.29 11.60 18.57
CA LEU B 176 -75.16 10.81 17.35
C LEU B 176 -76.45 10.05 17.03
N ASN B 177 -77.19 9.63 18.06
CA ASN B 177 -78.47 9.00 17.80
C ASN B 177 -79.41 9.95 17.08
N GLN B 178 -79.38 11.23 17.44
CA GLN B 178 -80.21 12.21 16.74
C GLN B 178 -79.81 12.32 15.28
N LEU B 179 -78.51 12.31 14.99
CA LEU B 179 -78.06 12.37 13.61
C LEU B 179 -78.49 11.14 12.82
N ALA B 180 -78.32 9.96 13.40
CA ALA B 180 -78.74 8.74 12.72
C ALA B 180 -80.25 8.72 12.52
N ARG B 181 -81.00 9.34 13.43
CA ARG B 181 -82.45 9.41 13.25
C ARG B 181 -82.84 10.27 12.06
N VAL B 182 -82.03 11.28 11.75
CA VAL B 182 -82.24 12.14 10.59
C VAL B 182 -81.31 11.76 9.44
N GLY B 183 -80.43 10.79 9.66
CA GLY B 183 -79.58 10.31 8.60
C GLY B 183 -78.33 11.10 8.37
N GLY B 184 -77.79 11.72 9.41
CA GLY B 184 -76.52 12.41 9.28
C GLY B 184 -75.31 11.52 9.33
N ILE B 185 -75.51 10.21 9.44
CA ILE B 185 -74.42 9.24 9.51
C ILE B 185 -74.59 8.27 8.35
N ASP B 186 -73.54 8.10 7.57
CA ASP B 186 -73.55 7.09 6.53
C ASP B 186 -73.67 5.70 7.18
N PRO B 187 -74.52 4.83 6.66
CA PRO B 187 -74.75 3.55 7.33
C PRO B 187 -73.50 2.68 7.33
N LEU B 188 -73.31 1.98 8.44
CA LEU B 188 -72.15 1.11 8.61
C LEU B 188 -72.45 -0.24 7.95
N ILE B 189 -71.49 -0.75 7.19
CA ILE B 189 -71.62 -2.02 6.49
C ILE B 189 -70.45 -2.91 6.91
N GLY B 190 -70.76 -4.13 7.33
CA GLY B 190 -69.72 -5.04 7.73
C GLY B 190 -69.13 -4.69 9.08
N ARG B 191 -67.87 -5.09 9.27
CA ARG B 191 -67.13 -4.82 10.50
C ARG B 191 -67.81 -5.43 11.72
N GLU B 192 -68.50 -6.56 11.51
CA GLU B 192 -69.20 -7.19 12.62
C GLU B 192 -68.22 -7.74 13.64
N LYS B 193 -67.07 -8.23 13.20
CA LYS B 193 -66.05 -8.71 14.14
C LYS B 193 -65.51 -7.54 14.98
N GLU B 194 -65.14 -6.44 14.33
CA GLU B 194 -64.63 -5.30 15.05
C GLU B 194 -65.71 -4.65 15.91
N LEU B 195 -66.93 -4.57 15.39
CA LEU B 195 -68.02 -4.01 16.18
C LEU B 195 -68.28 -4.87 17.41
N GLU B 196 -68.21 -6.19 17.26
CA GLU B 196 -68.39 -7.09 18.40
C GLU B 196 -67.27 -6.93 19.41
N ARG B 197 -66.04 -6.74 18.92
CA ARG B 197 -64.94 -6.48 19.84
C ARG B 197 -65.17 -5.20 20.62
N ALA B 198 -65.63 -4.15 19.94
CA ALA B 198 -65.91 -2.90 20.61
C ALA B 198 -67.00 -3.07 21.67
N ILE B 199 -68.07 -3.81 21.32
CA ILE B 199 -69.15 -4.01 22.27
C ILE B 199 -68.67 -4.81 23.47
N GLN B 200 -67.85 -5.84 23.23
CA GLN B 200 -67.28 -6.60 24.33
C GLN B 200 -66.46 -5.71 25.24
N VAL B 201 -65.68 -4.80 24.66
CA VAL B 201 -64.87 -3.91 25.48
C VAL B 201 -65.75 -2.98 26.29
N LEU B 202 -66.81 -2.45 25.69
CA LEU B 202 -67.64 -1.46 26.38
C LEU B 202 -68.34 -2.05 27.59
N CYS B 203 -68.71 -3.32 27.54
CA CYS B 203 -69.44 -3.94 28.64
C CYS B 203 -68.53 -4.38 29.78
N ARG B 204 -67.26 -4.00 29.77
CA ARG B 204 -66.33 -4.46 30.79
C ARG B 204 -66.53 -3.70 32.09
N ARG B 205 -65.95 -4.25 33.16
CA ARG B 205 -66.07 -3.63 34.48
C ARG B 205 -65.09 -2.48 34.63
N ARG B 206 -63.84 -2.67 34.22
CA ARG B 206 -62.81 -1.66 34.38
C ARG B 206 -62.23 -1.29 33.03
N LYS B 207 -61.90 -0.01 32.88
CA LYS B 207 -61.23 0.51 31.69
C LYS B 207 -61.99 0.14 30.42
N ASN B 208 -63.31 0.08 30.51
CA ASN B 208 -64.16 -0.32 29.39
C ASN B 208 -64.23 0.82 28.36
N ASN B 209 -63.08 1.10 27.74
CA ASN B 209 -62.93 2.20 26.81
C ASN B 209 -62.17 1.71 25.58
N PRO B 210 -62.88 1.34 24.52
CA PRO B 210 -62.20 0.85 23.32
C PRO B 210 -61.51 1.98 22.58
N LEU B 211 -60.38 1.65 21.97
CA LEU B 211 -59.60 2.61 21.21
C LEU B 211 -59.51 2.13 19.76
N LEU B 212 -60.18 2.84 18.87
CA LEU B 212 -60.20 2.50 17.45
C LEU B 212 -58.91 3.01 16.81
N VAL B 213 -57.95 2.11 16.63
CA VAL B 213 -56.66 2.44 16.04
C VAL B 213 -56.62 1.86 14.64
N GLY B 214 -56.24 2.69 13.67
CA GLY B 214 -56.13 2.22 12.30
C GLY B 214 -55.60 3.32 11.41
N GLU B 215 -55.15 2.92 10.23
CA GLU B 215 -54.68 3.88 9.24
C GLU B 215 -55.80 4.84 8.87
N SER B 216 -55.42 5.98 8.29
CA SER B 216 -56.39 6.99 7.94
C SER B 216 -57.26 6.50 6.78
N GLY B 217 -58.53 6.90 6.80
CA GLY B 217 -59.48 6.51 5.79
C GLY B 217 -60.08 5.14 5.95
N VAL B 218 -59.60 4.34 6.91
CA VAL B 218 -60.07 2.96 7.03
C VAL B 218 -61.52 2.92 7.50
N GLY B 219 -61.94 3.91 8.28
CA GLY B 219 -63.33 4.00 8.69
C GLY B 219 -63.54 3.98 10.19
N LYS B 220 -62.51 4.39 10.94
CA LYS B 220 -62.62 4.41 12.40
C LYS B 220 -63.76 5.31 12.86
N THR B 221 -63.70 6.59 12.51
CA THR B 221 -64.83 7.49 12.73
C THR B 221 -66.11 6.91 12.15
N ALA B 222 -66.02 6.35 10.94
CA ALA B 222 -67.18 5.70 10.34
C ALA B 222 -67.67 4.55 11.19
N ILE B 223 -66.74 3.78 11.79
CA ILE B 223 -67.15 2.64 12.60
C ILE B 223 -67.90 3.10 13.83
N ALA B 224 -67.40 4.14 14.49
CA ALA B 224 -68.08 4.64 15.69
C ALA B 224 -69.47 5.19 15.34
N GLU B 225 -69.54 6.05 14.33
CA GLU B 225 -70.83 6.63 13.97
C GLU B 225 -71.78 5.56 13.43
N GLY B 226 -71.25 4.49 12.86
CA GLY B 226 -72.12 3.41 12.40
C GLY B 226 -72.59 2.54 13.54
N LEU B 227 -71.78 2.41 14.60
CA LEU B 227 -72.29 1.80 15.82
C LEU B 227 -73.46 2.60 16.37
N ALA B 228 -73.32 3.93 16.39
CA ALA B 228 -74.45 4.76 16.79
C ALA B 228 -75.66 4.54 15.89
N TRP B 229 -75.43 4.46 14.57
CA TRP B 229 -76.52 4.28 13.62
C TRP B 229 -77.24 2.95 13.86
N ARG B 230 -76.46 1.88 14.05
CA ARG B 230 -77.05 0.57 14.31
C ARG B 230 -77.78 0.53 15.64
N ILE B 231 -77.29 1.30 16.63
CA ILE B 231 -78.04 1.45 17.87
C ILE B 231 -79.39 2.08 17.59
N VAL B 232 -79.40 3.12 16.74
CA VAL B 232 -80.67 3.74 16.37
C VAL B 232 -81.59 2.74 15.69
N GLN B 233 -81.03 1.92 14.79
CA GLN B 233 -81.80 0.89 14.13
C GLN B 233 -81.99 -0.36 14.98
N GLY B 234 -81.42 -0.39 16.18
CA GLY B 234 -81.55 -1.54 17.05
C GLY B 234 -80.73 -2.74 16.64
N ASP B 235 -79.81 -2.59 15.70
CA ASP B 235 -79.00 -3.71 15.22
C ASP B 235 -77.80 -3.94 16.14
N VAL B 236 -78.11 -4.07 17.43
CA VAL B 236 -77.09 -4.22 18.46
C VAL B 236 -77.57 -5.24 19.48
N PRO B 237 -76.64 -5.84 20.23
CA PRO B 237 -77.04 -6.64 21.39
C PRO B 237 -77.74 -5.78 22.43
N GLU B 238 -78.61 -6.43 23.21
CA GLU B 238 -79.47 -5.72 24.15
C GLU B 238 -78.68 -4.88 25.14
N VAL B 239 -77.42 -5.23 25.42
CA VAL B 239 -76.65 -4.48 26.40
C VAL B 239 -76.37 -3.06 25.91
N MET B 240 -76.12 -2.90 24.61
CA MET B 240 -75.88 -1.59 24.04
C MET B 240 -77.15 -0.91 23.56
N ALA B 241 -78.28 -1.61 23.59
CA ALA B 241 -79.54 -0.98 23.20
C ALA B 241 -79.88 0.15 24.14
N ASP B 242 -80.52 1.18 23.60
CA ASP B 242 -80.89 2.37 24.36
C ASP B 242 -79.65 3.01 24.99
N CYS B 243 -78.58 3.10 24.20
CA CYS B 243 -77.41 3.86 24.59
C CYS B 243 -77.21 5.01 23.61
N THR B 244 -76.77 6.15 24.14
CA THR B 244 -76.58 7.35 23.33
C THR B 244 -75.10 7.68 23.28
N ILE B 245 -74.57 7.77 22.06
CA ILE B 245 -73.18 8.08 21.83
C ILE B 245 -73.07 9.56 21.51
N TYR B 246 -72.16 10.25 22.19
CA TYR B 246 -71.91 11.67 21.96
C TYR B 246 -70.51 11.85 21.41
N SER B 247 -70.40 12.63 20.35
CA SER B 247 -69.12 12.99 19.76
C SER B 247 -68.61 14.25 20.46
N LEU B 248 -67.50 14.12 21.18
CA LEU B 248 -66.98 15.23 21.96
C LEU B 248 -66.24 16.20 21.06
N ASP B 249 -66.67 17.46 21.09
CA ASP B 249 -65.95 18.53 20.41
C ASP B 249 -64.95 19.18 21.35
N ILE B 250 -63.73 19.35 20.87
CA ILE B 250 -62.66 19.95 21.66
C ILE B 250 -62.64 21.46 21.51
N GLY B 251 -62.93 21.97 20.31
CA GLY B 251 -62.94 23.39 20.06
C GLY B 251 -63.92 24.14 20.94
N SER B 252 -65.21 23.83 20.81
CA SER B 252 -66.22 24.48 21.63
C SER B 252 -66.01 24.22 23.11
N LEU B 253 -65.30 23.15 23.47
CA LEU B 253 -65.01 22.90 24.87
C LEU B 253 -63.98 23.88 25.39
N LEU B 254 -62.98 24.22 24.57
CA LEU B 254 -61.96 25.18 24.97
C LEU B 254 -62.30 26.60 24.55
N ALA B 255 -63.42 26.81 23.87
CA ALA B 255 -63.77 28.14 23.39
C ALA B 255 -64.03 29.09 24.55
N GLY B 256 -63.25 30.16 24.61
CA GLY B 256 -63.46 31.19 25.61
C GLY B 256 -63.04 30.82 27.02
N THR B 257 -62.28 29.73 27.19
CA THR B 257 -61.92 29.26 28.53
C THR B 257 -60.70 30.02 29.06
N LYS B 258 -60.82 31.34 29.08
CA LYS B 258 -59.97 32.18 29.91
C LYS B 258 -60.43 32.04 31.35
N TYR B 259 -59.88 32.88 32.23
CA TYR B 259 -60.37 32.92 33.60
C TYR B 259 -60.22 31.56 34.27
N ARG B 260 -58.99 31.19 34.61
CA ARG B 260 -58.64 29.84 35.08
C ARG B 260 -59.76 29.22 35.91
N GLY B 261 -60.13 27.99 35.54
CA GLY B 261 -61.26 27.31 36.12
C GLY B 261 -62.45 27.16 35.21
N ASP B 262 -62.60 28.07 34.23
CA ASP B 262 -63.71 27.94 33.29
C ASP B 262 -63.68 26.61 32.56
N PHE B 263 -62.53 26.26 31.97
CA PHE B 263 -62.42 24.97 31.30
C PHE B 263 -62.64 23.83 32.27
N GLU B 264 -62.07 23.92 33.47
CA GLU B 264 -62.22 22.83 34.43
C GLU B 264 -63.66 22.69 34.88
N LYS B 265 -64.31 23.81 35.21
CA LYS B 265 -65.71 23.77 35.60
C LYS B 265 -66.57 23.18 34.49
N ARG B 266 -66.34 23.60 33.25
CA ARG B 266 -67.14 23.12 32.13
C ARG B 266 -66.90 21.63 31.88
N PHE B 267 -65.64 21.21 31.93
CA PHE B 267 -65.31 19.80 31.73
C PHE B 267 -65.93 18.93 32.82
N LYS B 268 -65.85 19.38 34.08
CA LYS B 268 -66.45 18.61 35.16
C LYS B 268 -67.96 18.62 35.07
N ALA B 269 -68.55 19.68 34.52
CA ALA B 269 -69.99 19.69 34.31
C ALA B 269 -70.40 18.65 33.28
N LEU B 270 -69.65 18.57 32.17
CA LEU B 270 -69.90 17.52 31.19
C LEU B 270 -69.73 16.15 31.82
N LEU B 271 -68.66 15.96 32.59
CA LEU B 271 -68.42 14.69 33.26
C LEU B 271 -69.57 14.34 34.19
N LYS B 272 -70.12 15.32 34.89
CA LYS B 272 -71.20 15.05 35.82
C LYS B 272 -72.48 14.69 35.08
N GLN B 273 -72.77 15.40 33.99
CA GLN B 273 -73.94 15.04 33.19
C GLN B 273 -73.82 13.61 32.68
N LEU B 274 -72.63 13.21 32.24
CA LEU B 274 -72.45 11.86 31.75
C LEU B 274 -72.53 10.84 32.87
N GLU B 275 -71.94 11.15 34.03
CA GLU B 275 -72.04 10.25 35.18
C GLU B 275 -73.49 10.05 35.60
N GLN B 276 -74.29 11.11 35.56
CA GLN B 276 -75.69 10.98 35.93
C GLN B 276 -76.48 10.24 34.85
N ASP B 277 -76.06 10.33 33.60
CA ASP B 277 -76.75 9.61 32.53
C ASP B 277 -76.64 8.10 32.73
N THR B 278 -75.44 7.61 33.06
CA THR B 278 -75.16 6.21 33.37
C THR B 278 -75.40 5.29 32.19
N ASN B 279 -75.86 5.83 31.07
CA ASN B 279 -76.18 5.04 29.89
C ASN B 279 -75.72 5.75 28.63
N SER B 280 -74.59 6.45 28.73
CA SER B 280 -74.06 7.22 27.63
C SER B 280 -72.60 6.83 27.39
N ILE B 281 -72.18 6.93 26.14
CA ILE B 281 -70.80 6.70 25.76
C ILE B 281 -70.29 7.94 25.06
N LEU B 282 -69.18 8.49 25.55
CA LEU B 282 -68.56 9.66 24.95
C LEU B 282 -67.56 9.22 23.90
N PHE B 283 -67.76 9.68 22.68
CA PHE B 283 -66.87 9.34 21.57
C PHE B 283 -65.96 10.51 21.28
N ILE B 284 -64.67 10.29 21.39
CA ILE B 284 -63.65 11.30 21.09
C ILE B 284 -62.97 10.93 19.78
N ASP B 285 -63.29 11.69 18.73
CA ASP B 285 -62.77 11.37 17.40
C ASP B 285 -61.26 11.41 17.33
N GLU B 286 -60.64 12.38 17.99
CA GLU B 286 -59.18 12.51 18.02
C GLU B 286 -58.75 12.39 19.47
N ILE B 287 -58.50 11.14 19.90
CA ILE B 287 -58.16 10.90 21.30
C ILE B 287 -56.78 11.43 21.62
N HIS B 288 -55.90 11.54 20.64
CA HIS B 288 -54.55 12.03 20.88
C HIS B 288 -54.50 13.52 21.14
N THR B 289 -55.60 14.25 20.89
CA THR B 289 -55.63 15.68 21.07
C THR B 289 -56.22 16.10 22.42
N ILE B 290 -56.43 15.16 23.34
CA ILE B 290 -56.96 15.51 24.64
C ILE B 290 -55.89 15.35 25.70
N ILE B 291 -54.63 15.45 25.29
CA ILE B 291 -53.52 15.38 26.24
C ILE B 291 -52.97 16.79 26.45
N GLY B 292 -53.80 17.78 26.19
CA GLY B 292 -53.43 19.16 26.45
C GLY B 292 -54.66 20.04 26.48
N ALA B 293 -54.76 20.82 27.55
CA ALA B 293 -55.89 21.70 27.73
C ALA B 293 -55.49 23.06 28.29
N GLY B 294 -54.40 23.61 27.76
CA GLY B 294 -54.02 24.97 28.13
C GLY B 294 -53.37 25.05 29.50
N ALA B 295 -53.31 26.27 30.02
CA ALA B 295 -52.68 26.58 31.30
C ALA B 295 -51.23 26.09 31.32
N ALA B 296 -50.47 26.52 30.31
CA ALA B 296 -49.09 26.03 30.15
C ALA B 296 -48.24 26.35 31.38
N SER B 297 -48.61 27.38 32.13
CA SER B 297 -48.00 27.60 33.43
C SER B 297 -48.31 26.40 34.32
N GLY B 298 -47.29 25.58 34.58
CA GLY B 298 -47.53 24.29 35.19
C GLY B 298 -47.86 23.26 34.13
N GLY B 299 -48.92 23.51 33.37
CA GLY B 299 -49.25 22.70 32.22
C GLY B 299 -49.60 21.26 32.50
N GLN B 300 -50.13 20.95 33.68
CA GLN B 300 -50.40 19.56 34.03
C GLN B 300 -51.89 19.22 34.08
N VAL B 301 -52.74 20.12 34.57
CA VAL B 301 -54.16 19.80 34.74
C VAL B 301 -54.83 20.07 33.40
N ASP B 302 -54.84 19.03 32.56
CA ASP B 302 -55.48 19.07 31.26
C ASP B 302 -56.65 18.09 31.24
N ALA B 303 -57.31 17.99 30.09
CA ALA B 303 -58.43 17.05 29.97
C ALA B 303 -57.98 15.62 30.19
N ALA B 304 -56.70 15.32 29.97
CA ALA B 304 -56.22 13.96 30.17
C ALA B 304 -56.19 13.60 31.66
N ASN B 305 -55.53 14.42 32.48
CA ASN B 305 -55.46 14.11 33.90
C ASN B 305 -56.80 14.31 34.59
N LEU B 306 -57.71 15.05 33.96
CA LEU B 306 -59.04 15.23 34.54
C LEU B 306 -59.90 13.98 34.41
N ILE B 307 -59.58 13.09 33.48
CA ILE B 307 -60.47 11.99 33.13
C ILE B 307 -59.95 10.66 33.65
N LYS B 308 -58.64 10.55 33.90
CA LYS B 308 -58.06 9.30 34.37
C LYS B 308 -58.76 8.67 35.57
N PRO B 309 -59.16 9.42 36.60
CA PRO B 309 -59.92 8.78 37.69
C PRO B 309 -61.23 8.18 37.23
N LEU B 310 -61.93 8.81 36.30
CA LEU B 310 -63.19 8.25 35.82
C LEU B 310 -62.98 6.97 35.04
N LEU B 311 -61.96 6.92 34.17
CA LEU B 311 -61.73 5.74 33.37
C LEU B 311 -61.21 4.58 34.22
N SER B 312 -60.27 4.86 35.12
CA SER B 312 -59.70 3.78 35.94
C SER B 312 -60.76 3.12 36.81
N SER B 313 -61.78 3.86 37.24
CA SER B 313 -62.79 3.31 38.13
C SER B 313 -63.93 2.63 37.40
N GLY B 314 -63.91 2.62 36.06
CA GLY B 314 -65.04 2.08 35.33
C GLY B 314 -66.30 2.88 35.51
N LYS B 315 -66.18 4.17 35.81
CA LYS B 315 -67.35 5.00 36.06
C LYS B 315 -68.05 5.39 34.76
N ILE B 316 -67.31 5.48 33.67
CA ILE B 316 -67.82 6.04 32.42
C ILE B 316 -67.23 5.28 31.25
N ARG B 317 -67.99 5.20 30.15
CA ARG B 317 -67.56 4.51 28.94
C ARG B 317 -67.27 5.54 27.86
N VAL B 318 -66.06 5.51 27.30
CA VAL B 318 -65.65 6.42 26.25
C VAL B 318 -65.02 5.63 25.13
N ILE B 319 -65.31 6.02 23.89
CA ILE B 319 -64.72 5.42 22.70
C ILE B 319 -63.75 6.41 22.09
N GLY B 320 -62.52 5.97 21.84
CA GLY B 320 -61.50 6.79 21.23
C GLY B 320 -61.22 6.39 19.79
N SER B 321 -60.45 7.25 19.12
CA SER B 321 -60.04 6.99 17.75
C SER B 321 -58.79 7.79 17.45
N THR B 322 -57.87 7.17 16.71
CA THR B 322 -56.60 7.76 16.35
C THR B 322 -55.94 6.91 15.29
N THR B 323 -55.05 7.52 14.52
CA THR B 323 -54.24 6.79 13.57
C THR B 323 -53.05 6.16 14.29
N TYR B 324 -52.28 5.36 13.56
CA TYR B 324 -51.21 4.61 14.18
C TYR B 324 -50.08 5.51 14.65
N GLN B 325 -49.62 6.42 13.78
CA GLN B 325 -48.50 7.27 14.16
C GLN B 325 -48.87 8.26 15.25
N GLU B 326 -50.05 8.88 15.17
CA GLU B 326 -50.48 9.75 16.25
C GLU B 326 -50.56 8.98 17.56
N PHE B 327 -51.15 7.79 17.53
CA PHE B 327 -51.17 6.93 18.72
C PHE B 327 -49.76 6.75 19.27
N SER B 328 -48.87 6.18 18.46
CA SER B 328 -47.56 5.75 18.94
C SER B 328 -46.63 6.90 19.29
N ASN B 329 -46.91 8.12 18.82
CA ASN B 329 -46.02 9.23 19.11
C ASN B 329 -46.59 10.26 20.08
N ILE B 330 -47.92 10.31 20.25
CA ILE B 330 -48.56 11.29 21.11
C ILE B 330 -49.32 10.60 22.24
N PHE B 331 -50.13 9.60 21.91
CA PHE B 331 -51.04 9.04 22.89
C PHE B 331 -50.34 8.08 23.83
N GLU B 332 -49.67 7.07 23.27
CA GLU B 332 -49.05 6.05 24.11
C GLU B 332 -47.92 6.61 24.97
N LYS B 333 -47.48 7.84 24.71
CA LYS B 333 -46.47 8.44 25.57
C LYS B 333 -47.00 8.62 26.99
N ASP B 334 -48.30 8.88 27.14
CA ASP B 334 -48.94 8.95 28.45
C ASP B 334 -49.31 7.53 28.86
N ARG B 335 -48.40 6.88 29.58
CA ARG B 335 -48.61 5.48 29.95
C ARG B 335 -49.90 5.29 30.72
N ALA B 336 -50.17 6.17 31.69
CA ALA B 336 -51.37 6.02 32.50
C ALA B 336 -52.64 6.21 31.68
N LEU B 337 -52.59 7.05 30.64
CA LEU B 337 -53.78 7.23 29.81
C LEU B 337 -53.94 6.09 28.81
N ALA B 338 -52.83 5.63 28.23
CA ALA B 338 -52.92 4.51 27.30
C ALA B 338 -53.37 3.24 28.01
N ARG B 339 -53.02 3.12 29.29
CA ARG B 339 -53.39 1.95 30.08
C ARG B 339 -54.90 1.81 30.32
N ARG B 340 -55.61 2.94 30.35
CA ARG B 340 -57.05 2.93 30.58
C ARG B 340 -57.86 2.73 29.31
N PHE B 341 -57.22 2.50 28.17
CA PHE B 341 -57.92 2.30 26.92
C PHE B 341 -57.57 0.94 26.34
N GLN B 342 -58.56 0.30 25.72
CA GLN B 342 -58.38 -1.01 25.12
C GLN B 342 -58.12 -0.83 23.63
N LYS B 343 -57.01 -1.40 23.15
CA LYS B 343 -56.55 -1.19 21.78
C LYS B 343 -57.32 -2.09 20.83
N ILE B 344 -57.96 -1.50 19.83
CA ILE B 344 -58.66 -2.23 18.79
C ILE B 344 -58.05 -1.82 17.45
N ASP B 345 -57.54 -2.80 16.71
CA ASP B 345 -56.94 -2.55 15.40
C ASP B 345 -58.02 -2.59 14.33
N ILE B 346 -58.30 -1.45 13.72
CA ILE B 346 -59.23 -1.37 12.61
C ILE B 346 -58.41 -1.54 11.33
N THR B 347 -58.46 -2.73 10.76
CA THR B 347 -57.62 -3.09 9.62
C THR B 347 -58.28 -2.71 8.30
N GLU B 348 -57.45 -2.59 7.28
CA GLU B 348 -57.94 -2.24 5.96
C GLU B 348 -58.82 -3.37 5.41
N PRO B 349 -60.02 -3.07 4.94
CA PRO B 349 -60.92 -4.13 4.48
C PRO B 349 -60.41 -4.80 3.21
N SER B 350 -61.13 -5.83 2.79
CA SER B 350 -60.76 -6.56 1.60
C SER B 350 -61.49 -5.99 0.38
N ILE B 351 -61.25 -6.62 -0.77
CA ILE B 351 -61.87 -6.18 -2.01
C ILE B 351 -63.37 -6.32 -1.94
N GLU B 352 -63.86 -7.51 -1.58
CA GLU B 352 -65.29 -7.77 -1.56
C GLU B 352 -65.97 -6.97 -0.47
N GLU B 353 -65.32 -6.82 0.68
CA GLU B 353 -65.85 -5.94 1.71
C GLU B 353 -66.00 -4.52 1.18
N THR B 354 -65.01 -4.04 0.44
CA THR B 354 -65.10 -2.72 -0.15
C THR B 354 -66.25 -2.63 -1.13
N VAL B 355 -66.46 -3.68 -1.92
CA VAL B 355 -67.56 -3.70 -2.88
C VAL B 355 -68.89 -3.59 -2.16
N GLN B 356 -69.06 -4.35 -1.07
CA GLN B 356 -70.30 -4.29 -0.32
C GLN B 356 -70.48 -2.92 0.34
N ILE B 357 -69.40 -2.34 0.84
CA ILE B 357 -69.46 -1.01 1.44
C ILE B 357 -69.95 0.00 0.41
N ILE B 358 -69.40 -0.06 -0.81
CA ILE B 358 -69.82 0.87 -1.85
C ILE B 358 -71.26 0.61 -2.24
N ASN B 359 -71.67 -0.66 -2.28
CA ASN B 359 -73.05 -0.98 -2.56
C ASN B 359 -73.98 -0.32 -1.55
N GLY B 360 -73.64 -0.41 -0.26
CA GLY B 360 -74.47 0.19 0.77
C GLY B 360 -74.44 1.70 0.79
N LEU B 361 -73.32 2.31 0.40
CA LEU B 361 -73.22 3.77 0.42
C LEU B 361 -73.74 4.41 -0.85
N LYS B 362 -73.90 3.64 -1.93
CA LYS B 362 -74.30 4.18 -3.23
C LYS B 362 -75.55 5.05 -3.22
N PRO B 363 -76.65 4.68 -2.57
CA PRO B 363 -77.88 5.50 -2.67
C PRO B 363 -77.69 6.95 -2.26
N LYS B 364 -76.86 7.22 -1.26
CA LYS B 364 -76.62 8.60 -0.86
C LYS B 364 -75.88 9.38 -1.94
N TYR B 365 -74.86 8.77 -2.55
CA TYR B 365 -74.16 9.43 -3.65
C TYR B 365 -75.06 9.61 -4.86
N GLU B 366 -75.99 8.67 -5.06
CA GLU B 366 -76.97 8.81 -6.14
C GLU B 366 -77.88 10.01 -5.87
N ALA B 367 -78.41 10.11 -4.65
CA ALA B 367 -79.25 11.25 -4.31
C ALA B 367 -78.49 12.56 -4.42
N HIS B 368 -77.20 12.54 -4.10
CA HIS B 368 -76.41 13.76 -4.15
C HIS B 368 -76.11 14.19 -5.59
N HIS B 369 -75.73 13.24 -6.43
CA HIS B 369 -75.34 13.56 -7.81
C HIS B 369 -76.47 13.36 -8.82
N ASP B 370 -77.57 12.72 -8.43
CA ASP B 370 -78.64 12.36 -9.35
C ASP B 370 -78.12 11.50 -10.49
N VAL B 371 -77.19 10.60 -10.16
CA VAL B 371 -76.58 9.69 -11.12
C VAL B 371 -76.63 8.30 -10.52
N ARG B 372 -76.64 7.29 -11.39
CA ARG B 372 -76.75 5.90 -10.98
C ARG B 372 -75.49 5.13 -11.36
N TYR B 373 -75.10 4.20 -10.51
CA TYR B 373 -73.92 3.39 -10.72
C TYR B 373 -74.31 1.96 -11.06
N THR B 374 -73.63 1.38 -12.04
CA THR B 374 -73.81 -0.02 -12.36
C THR B 374 -72.87 -0.87 -11.51
N ALA B 375 -73.28 -2.11 -11.25
CA ALA B 375 -72.50 -2.99 -10.40
C ALA B 375 -71.12 -3.25 -11.00
N LYS B 376 -71.07 -3.48 -12.30
CA LYS B 376 -69.78 -3.65 -12.96
C LYS B 376 -68.91 -2.41 -12.78
N ALA B 377 -69.51 -1.22 -12.84
CA ALA B 377 -68.75 0.00 -12.64
C ALA B 377 -68.19 0.07 -11.23
N VAL B 378 -68.95 -0.36 -10.24
CA VAL B 378 -68.49 -0.34 -8.86
C VAL B 378 -67.32 -1.29 -8.67
N ARG B 379 -67.46 -2.52 -9.18
CA ARG B 379 -66.37 -3.49 -9.08
C ARG B 379 -65.13 -2.99 -9.80
N ALA B 380 -65.32 -2.37 -10.96
CA ALA B 380 -64.17 -1.82 -11.70
C ALA B 380 -63.52 -0.70 -10.92
N ALA B 381 -64.32 0.14 -10.26
CA ALA B 381 -63.75 1.19 -9.42
C ALA B 381 -62.88 0.59 -8.33
N VAL B 382 -63.40 -0.42 -7.64
CA VAL B 382 -62.62 -1.06 -6.57
C VAL B 382 -61.31 -1.61 -7.11
N GLU B 383 -61.40 -2.42 -8.18
CA GLU B 383 -60.21 -3.09 -8.69
C GLU B 383 -59.17 -2.09 -9.21
N LEU B 384 -59.61 -1.08 -9.97
CA LEU B 384 -58.67 -0.10 -10.49
C LEU B 384 -58.06 0.74 -9.38
N ALA B 385 -58.87 1.09 -8.36
CA ALA B 385 -58.32 1.84 -7.23
C ALA B 385 -57.25 1.03 -6.51
N VAL B 386 -57.47 -0.27 -6.36
CA VAL B 386 -56.44 -1.11 -5.74
C VAL B 386 -55.19 -1.14 -6.62
N LYS B 387 -55.39 -1.27 -7.93
CA LYS B 387 -54.26 -1.53 -8.81
C LYS B 387 -53.40 -0.28 -9.01
N TYR B 388 -54.02 0.90 -9.02
CA TYR B 388 -53.34 2.07 -9.56
C TYR B 388 -53.20 3.25 -8.60
N ILE B 389 -54.07 3.37 -7.60
CA ILE B 389 -53.97 4.45 -6.62
C ILE B 389 -53.23 3.90 -5.40
N ASN B 390 -52.11 4.53 -5.05
CA ASN B 390 -51.19 3.96 -4.08
C ASN B 390 -51.06 4.75 -2.77
N ASP B 391 -51.72 5.90 -2.64
CA ASP B 391 -51.47 6.78 -1.51
C ASP B 391 -52.56 6.75 -0.45
N ARG B 392 -53.62 5.97 -0.64
CA ARG B 392 -54.69 5.89 0.34
C ARG B 392 -55.07 4.44 0.58
N HIS B 393 -56.08 4.24 1.41
CA HIS B 393 -56.52 2.91 1.77
C HIS B 393 -57.94 2.65 1.28
N LEU B 394 -58.24 1.37 1.06
CA LEU B 394 -59.38 0.94 0.24
C LEU B 394 -60.70 1.65 0.52
N PRO B 395 -61.27 1.61 1.72
CA PRO B 395 -62.63 2.14 1.89
C PRO B 395 -62.71 3.64 1.77
N ASP B 396 -61.59 4.33 1.53
CA ASP B 396 -61.61 5.77 1.33
C ASP B 396 -61.12 6.19 -0.05
N LYS B 397 -60.54 5.27 -0.80
CA LYS B 397 -60.13 5.67 -2.15
C LYS B 397 -61.02 5.08 -3.23
N ALA B 398 -61.57 3.88 -3.02
CA ALA B 398 -62.60 3.40 -3.93
C ALA B 398 -63.83 4.30 -3.87
N ILE B 399 -64.24 4.67 -2.65
CA ILE B 399 -65.34 5.62 -2.51
C ILE B 399 -64.95 6.97 -3.08
N ASP B 400 -63.67 7.32 -3.03
CA ASP B 400 -63.22 8.55 -3.67
C ASP B 400 -63.46 8.49 -5.17
N VAL B 401 -63.10 7.38 -5.80
CA VAL B 401 -63.34 7.22 -7.23
C VAL B 401 -64.84 7.29 -7.52
N ILE B 402 -65.65 6.65 -6.68
CA ILE B 402 -67.09 6.66 -6.88
C ILE B 402 -67.63 8.09 -6.84
N ASP B 403 -67.27 8.83 -5.78
CA ASP B 403 -67.77 10.19 -5.62
C ASP B 403 -67.29 11.09 -6.74
N GLU B 404 -66.03 10.96 -7.16
CA GLU B 404 -65.51 11.84 -8.20
C GLU B 404 -66.13 11.51 -9.55
N ALA B 405 -66.35 10.23 -9.83
CA ALA B 405 -67.05 9.85 -11.05
C ALA B 405 -68.46 10.41 -11.05
N GLY B 406 -69.15 10.31 -9.92
CA GLY B 406 -70.48 10.91 -9.83
C GLY B 406 -70.47 12.40 -10.04
N ALA B 407 -69.49 13.08 -9.44
CA ALA B 407 -69.43 14.54 -9.55
C ALA B 407 -69.11 14.97 -10.98
N ARG B 408 -68.20 14.27 -11.65
CA ARG B 408 -67.86 14.63 -13.01
C ARG B 408 -69.00 14.30 -13.96
N ALA B 409 -69.66 13.16 -13.77
CA ALA B 409 -70.84 12.84 -14.56
C ALA B 409 -71.97 13.80 -14.27
N ARG B 410 -71.92 14.47 -13.12
CA ARG B 410 -72.84 15.56 -12.84
C ARG B 410 -72.43 16.84 -13.56
N LEU B 411 -71.19 16.93 -14.01
CA LEU B 411 -70.73 18.05 -14.83
C LEU B 411 -70.77 17.72 -16.31
N MET B 412 -71.17 16.50 -16.67
CA MET B 412 -71.41 16.14 -18.05
C MET B 412 -72.69 16.77 -18.59
N PRO B 413 -73.79 16.87 -17.80
CA PRO B 413 -75.00 17.52 -18.35
C PRO B 413 -74.88 19.03 -18.48
N VAL B 414 -73.78 19.48 -19.08
CA VAL B 414 -73.72 20.82 -19.64
C VAL B 414 -74.35 20.87 -21.04
N SER B 415 -74.30 19.78 -21.79
CA SER B 415 -75.18 19.55 -22.92
C SER B 415 -76.30 18.58 -22.55
N LYS B 416 -76.61 18.46 -21.26
CA LYS B 416 -77.63 17.54 -20.75
C LYS B 416 -77.30 16.10 -21.10
N ARG B 417 -76.06 15.70 -20.86
CA ARG B 417 -75.63 14.32 -21.05
C ARG B 417 -75.97 13.50 -19.80
N LYS B 418 -77.27 13.35 -19.58
CA LYS B 418 -77.76 12.56 -18.45
C LYS B 418 -77.43 11.10 -18.70
N LYS B 419 -76.78 10.46 -17.73
CA LYS B 419 -76.31 9.10 -17.91
C LYS B 419 -76.06 8.47 -16.55
N THR B 420 -76.00 7.14 -16.55
CA THR B 420 -75.46 6.39 -15.44
C THR B 420 -73.95 6.32 -15.55
N VAL B 421 -73.29 5.97 -14.45
CA VAL B 421 -71.84 5.81 -14.43
C VAL B 421 -71.51 4.41 -14.91
N ASN B 422 -70.97 4.30 -16.11
CA ASN B 422 -70.50 3.04 -16.64
C ASN B 422 -69.05 2.83 -16.21
N VAL B 423 -68.46 1.73 -16.69
CA VAL B 423 -67.06 1.47 -16.39
C VAL B 423 -66.16 2.50 -17.05
N ALA B 424 -66.63 3.09 -18.16
CA ALA B 424 -65.80 4.06 -18.87
C ALA B 424 -65.53 5.30 -18.03
N ASP B 425 -66.55 5.85 -17.37
CA ASP B 425 -66.34 7.01 -16.52
C ASP B 425 -65.40 6.70 -15.36
N ILE B 426 -65.60 5.53 -14.74
CA ILE B 426 -64.71 5.10 -13.67
C ILE B 426 -63.27 5.03 -14.16
N GLU B 427 -63.07 4.49 -15.37
CA GLU B 427 -61.73 4.39 -15.92
C GLU B 427 -61.14 5.77 -16.15
N SER B 428 -61.94 6.70 -16.67
CA SER B 428 -61.45 8.07 -16.84
C SER B 428 -61.01 8.66 -15.51
N VAL B 429 -61.81 8.44 -14.45
CA VAL B 429 -61.49 9.01 -13.15
C VAL B 429 -60.19 8.43 -12.62
N VAL B 430 -60.08 7.10 -12.60
CA VAL B 430 -58.88 6.47 -12.05
C VAL B 430 -57.67 6.82 -12.90
N ALA B 431 -57.88 7.05 -14.20
CA ALA B 431 -56.78 7.45 -15.07
C ALA B 431 -56.29 8.84 -14.72
N ARG B 432 -57.21 9.75 -14.40
CA ARG B 432 -56.79 11.12 -14.06
C ARG B 432 -55.78 11.16 -12.91
N ILE B 433 -55.66 10.09 -12.15
CA ILE B 433 -54.64 9.97 -11.12
C ILE B 433 -53.53 9.03 -11.54
N ALA B 434 -53.86 7.98 -12.29
CA ALA B 434 -52.85 7.04 -12.75
C ALA B 434 -52.17 7.53 -14.03
N ARG B 435 -52.73 8.54 -14.68
CA ARG B 435 -52.19 9.26 -15.83
C ARG B 435 -52.24 8.46 -17.12
N ILE B 436 -52.73 7.23 -17.13
CA ILE B 436 -52.84 6.45 -18.36
C ILE B 436 -54.20 5.76 -18.43
N PRO B 437 -55.11 6.22 -19.28
CA PRO B 437 -56.39 5.52 -19.42
C PRO B 437 -56.24 4.23 -20.21
N GLU B 438 -57.01 3.21 -19.81
CA GLU B 438 -56.99 1.92 -20.47
C GLU B 438 -58.01 1.81 -21.60
N LYS B 439 -59.17 2.44 -21.46
CA LYS B 439 -60.25 2.30 -22.44
C LYS B 439 -60.26 3.43 -23.47
N SER B 440 -59.63 4.56 -23.18
CA SER B 440 -59.62 5.66 -24.14
C SER B 440 -58.82 5.35 -25.39
N VAL B 441 -58.10 4.22 -25.41
CA VAL B 441 -57.33 3.83 -26.57
C VAL B 441 -58.19 3.69 -27.82
N SER B 442 -59.51 3.51 -27.67
CA SER B 442 -60.41 3.47 -28.82
C SER B 442 -60.47 4.80 -29.56
N GLN B 443 -59.79 5.82 -29.09
CA GLN B 443 -59.68 7.12 -29.72
C GLN B 443 -58.42 7.16 -30.59
N SER B 444 -58.07 8.36 -31.04
CA SER B 444 -56.86 8.59 -31.83
C SER B 444 -55.60 8.09 -31.14
N ASP B 445 -55.65 7.75 -29.85
CA ASP B 445 -54.53 7.10 -29.20
C ASP B 445 -54.10 5.86 -29.96
N ARG B 446 -55.07 5.11 -30.51
CA ARG B 446 -54.73 4.00 -31.39
C ARG B 446 -53.88 4.45 -32.56
N ASP B 447 -54.23 5.60 -33.16
CA ASP B 447 -53.45 6.11 -34.27
C ASP B 447 -52.05 6.50 -33.83
N THR B 448 -51.95 7.23 -32.72
CA THR B 448 -50.64 7.61 -32.20
C THR B 448 -49.76 6.38 -31.96
N LEU B 449 -50.36 5.32 -31.44
CA LEU B 449 -49.62 4.08 -31.27
C LEU B 449 -49.20 3.49 -32.61
N LYS B 450 -50.11 3.50 -33.59
CA LYS B 450 -49.82 2.86 -34.87
C LYS B 450 -48.69 3.57 -35.61
N ASN B 451 -48.77 4.89 -35.72
CA ASN B 451 -47.79 5.66 -36.48
C ASN B 451 -46.60 6.10 -35.62
N LEU B 452 -46.51 5.62 -34.38
CA LEU B 452 -45.42 6.04 -33.51
C LEU B 452 -44.07 5.61 -34.08
N GLY B 453 -43.98 4.36 -34.54
CA GLY B 453 -42.73 3.88 -35.11
C GLY B 453 -42.25 4.72 -36.27
N ASP B 454 -43.16 5.11 -37.17
CA ASP B 454 -42.76 5.96 -38.28
C ASP B 454 -42.39 7.36 -37.82
N ARG B 455 -43.20 7.95 -36.94
CA ARG B 455 -42.90 9.29 -36.46
C ARG B 455 -41.55 9.34 -35.76
N LEU B 456 -41.09 8.20 -35.24
CA LEU B 456 -39.73 8.12 -34.72
C LEU B 456 -38.72 7.91 -35.84
N LYS B 457 -39.08 7.09 -36.83
CA LYS B 457 -38.15 6.79 -37.92
C LYS B 457 -37.83 8.02 -38.73
N MET B 458 -38.78 8.95 -38.86
CA MET B 458 -38.49 10.22 -39.51
C MET B 458 -37.53 11.07 -38.70
N LEU B 459 -37.25 10.69 -37.46
CA LEU B 459 -36.33 11.43 -36.61
C LEU B 459 -35.10 10.62 -36.22
N VAL B 460 -35.18 9.30 -36.26
CA VAL B 460 -34.04 8.42 -36.02
C VAL B 460 -33.89 7.51 -37.23
N PHE B 461 -32.78 7.66 -37.94
CA PHE B 461 -32.56 6.93 -39.18
C PHE B 461 -31.63 5.75 -38.91
N GLY B 462 -31.98 4.60 -39.44
CA GLY B 462 -31.33 3.38 -39.06
C GLY B 462 -31.74 2.98 -37.65
N GLN B 463 -31.06 1.96 -37.12
CA GLN B 463 -31.31 1.46 -35.77
C GLN B 463 -32.80 1.19 -35.56
N ASP B 464 -33.44 0.60 -36.58
CA ASP B 464 -34.88 0.36 -36.52
C ASP B 464 -35.25 -0.59 -35.37
N LYS B 465 -34.34 -1.50 -35.01
CA LYS B 465 -34.64 -2.47 -33.95
C LYS B 465 -35.04 -1.77 -32.66
N ALA B 466 -34.39 -0.65 -32.34
CA ALA B 466 -34.70 0.05 -31.09
C ALA B 466 -36.10 0.62 -31.11
N ILE B 467 -36.47 1.31 -32.19
CA ILE B 467 -37.82 1.87 -32.29
C ILE B 467 -38.85 0.75 -32.25
N GLU B 468 -38.55 -0.36 -32.91
CA GLU B 468 -39.48 -1.49 -32.89
C GLU B 468 -39.67 -2.03 -31.48
N ALA B 469 -38.57 -2.23 -30.75
CA ALA B 469 -38.68 -2.75 -29.39
C ALA B 469 -39.45 -1.79 -28.49
N LEU B 470 -39.15 -0.50 -28.57
CA LEU B 470 -39.82 0.46 -27.72
C LEU B 470 -41.32 0.53 -28.04
N THR B 471 -41.66 0.56 -29.33
CA THR B 471 -43.07 0.62 -29.70
C THR B 471 -43.80 -0.64 -29.28
N GLU B 472 -43.15 -1.81 -29.41
CA GLU B 472 -43.79 -3.05 -28.99
C GLU B 472 -44.04 -3.06 -27.49
N ALA B 473 -43.05 -2.60 -26.72
CA ALA B 473 -43.23 -2.55 -25.26
C ALA B 473 -44.38 -1.61 -24.90
N ILE B 474 -44.40 -0.41 -25.49
CA ILE B 474 -45.44 0.56 -25.15
C ILE B 474 -46.81 0.04 -25.57
N LYS B 475 -46.88 -0.64 -26.71
CA LYS B 475 -48.16 -1.19 -27.16
C LYS B 475 -48.64 -2.29 -26.23
N MET B 476 -47.74 -3.21 -25.85
CA MET B 476 -48.12 -4.25 -24.91
C MET B 476 -48.60 -3.65 -23.60
N ALA B 477 -47.97 -2.55 -23.17
CA ALA B 477 -48.42 -1.88 -21.96
C ALA B 477 -49.82 -1.31 -22.13
N ARG B 478 -50.03 -0.54 -23.21
CA ARG B 478 -51.33 0.08 -23.45
C ARG B 478 -52.41 -0.91 -23.84
N ALA B 479 -52.03 -2.10 -24.30
CA ALA B 479 -53.01 -3.13 -24.63
C ALA B 479 -53.39 -3.99 -23.44
N GLY B 480 -52.81 -3.73 -22.26
CA GLY B 480 -53.12 -4.51 -21.09
C GLY B 480 -52.39 -5.83 -20.98
N LEU B 481 -51.45 -6.11 -21.88
CA LEU B 481 -50.68 -7.34 -21.84
C LEU B 481 -49.35 -7.16 -21.15
N GLY B 482 -49.01 -5.96 -20.71
CA GLY B 482 -47.76 -5.71 -20.03
C GLY B 482 -47.71 -6.36 -18.66
N HIS B 483 -46.64 -6.07 -17.94
CA HIS B 483 -46.48 -6.56 -16.59
C HIS B 483 -47.40 -5.80 -15.65
N GLU B 484 -47.86 -6.48 -14.61
CA GLU B 484 -48.73 -5.87 -13.62
C GLU B 484 -47.96 -5.20 -12.49
N HIS B 485 -46.66 -5.49 -12.33
CA HIS B 485 -45.88 -4.93 -11.25
C HIS B 485 -44.47 -4.56 -11.71
N LYS B 486 -44.29 -4.24 -12.97
CA LYS B 486 -42.97 -3.87 -13.47
C LYS B 486 -43.08 -2.57 -14.26
N PRO B 487 -41.95 -1.91 -14.56
CA PRO B 487 -42.02 -0.75 -15.45
C PRO B 487 -42.54 -1.15 -16.82
N VAL B 488 -42.96 -0.15 -17.59
CA VAL B 488 -43.43 -0.40 -18.95
C VAL B 488 -42.36 -1.13 -19.74
N GLY B 489 -41.11 -0.68 -19.64
CA GLY B 489 -40.02 -1.33 -20.32
C GLY B 489 -38.71 -0.97 -19.67
N SER B 490 -37.81 -1.95 -19.64
CA SER B 490 -36.47 -1.77 -19.08
C SER B 490 -35.47 -2.21 -20.14
N PHE B 491 -34.87 -1.23 -20.82
CA PHE B 491 -34.00 -1.51 -21.96
C PHE B 491 -32.61 -0.96 -21.72
N LEU B 492 -31.61 -1.74 -22.09
CA LEU B 492 -30.22 -1.33 -22.05
C LEU B 492 -29.75 -1.08 -23.47
N PHE B 493 -29.50 0.18 -23.80
CA PHE B 493 -29.05 0.58 -25.12
C PHE B 493 -27.53 0.67 -25.12
N ALA B 494 -26.89 -0.10 -26.00
CA ALA B 494 -25.44 -0.14 -26.07
C ALA B 494 -24.99 -0.06 -27.51
N GLY B 495 -23.88 0.63 -27.72
CA GLY B 495 -23.35 0.84 -29.05
C GLY B 495 -22.40 2.02 -29.08
N PRO B 496 -21.83 2.30 -30.25
CA PRO B 496 -20.87 3.40 -30.35
C PRO B 496 -21.54 4.75 -30.12
N THR B 497 -20.71 5.78 -30.02
CA THR B 497 -21.20 7.11 -29.70
C THR B 497 -21.95 7.71 -30.89
N GLY B 498 -22.78 8.70 -30.59
CA GLY B 498 -23.45 9.47 -31.62
C GLY B 498 -24.31 8.67 -32.57
N VAL B 499 -24.86 7.54 -32.12
CA VAL B 499 -25.68 6.71 -32.97
C VAL B 499 -27.16 6.88 -32.67
N GLY B 500 -27.52 7.86 -31.83
CA GLY B 500 -28.91 8.11 -31.52
C GLY B 500 -29.42 7.46 -30.27
N LYS B 501 -28.54 6.97 -29.40
CA LYS B 501 -28.99 6.30 -28.19
C LYS B 501 -29.76 7.25 -27.28
N THR B 502 -29.24 8.47 -27.10
CA THR B 502 -29.93 9.47 -26.31
C THR B 502 -30.99 10.23 -27.10
N GLU B 503 -30.79 10.39 -28.41
CA GLU B 503 -31.74 11.15 -29.21
C GLU B 503 -33.06 10.41 -29.35
N VAL B 504 -33.02 9.09 -29.51
CA VAL B 504 -34.24 8.33 -29.71
C VAL B 504 -35.15 8.43 -28.50
N THR B 505 -34.58 8.46 -27.29
CA THR B 505 -35.40 8.53 -26.10
C THR B 505 -36.04 9.90 -25.94
N VAL B 506 -35.27 10.96 -26.20
CA VAL B 506 -35.85 12.30 -26.17
C VAL B 506 -36.97 12.42 -27.17
N GLN B 507 -36.76 11.90 -28.38
CA GLN B 507 -37.81 11.98 -29.39
C GLN B 507 -39.01 11.12 -29.03
N LEU B 508 -38.80 10.00 -28.36
CA LEU B 508 -39.92 9.19 -27.89
C LEU B 508 -40.74 9.94 -26.86
N SER B 509 -40.05 10.57 -25.90
CA SER B 509 -40.75 11.39 -24.92
C SER B 509 -41.54 12.51 -25.60
N LYS B 510 -40.95 13.13 -26.62
CA LYS B 510 -41.67 14.18 -27.34
C LYS B 510 -42.90 13.63 -28.05
N ALA B 511 -42.74 12.49 -28.74
CA ALA B 511 -43.82 11.95 -29.54
C ALA B 511 -44.97 11.45 -28.67
N LEU B 512 -44.65 10.98 -27.47
CA LEU B 512 -45.70 10.49 -26.57
C LEU B 512 -46.31 11.59 -25.72
N GLY B 513 -45.67 12.75 -25.62
CA GLY B 513 -46.18 13.81 -24.79
C GLY B 513 -45.95 13.60 -23.30
N ILE B 514 -44.87 12.91 -22.93
CA ILE B 514 -44.58 12.60 -21.54
C ILE B 514 -43.23 13.21 -21.18
N GLU B 515 -43.05 13.46 -19.89
CA GLU B 515 -41.83 14.10 -19.42
C GLU B 515 -40.65 13.15 -19.54
N LEU B 516 -39.46 13.72 -19.72
CA LEU B 516 -38.22 12.96 -19.76
C LEU B 516 -37.50 13.12 -18.43
N LEU B 517 -37.62 12.11 -17.58
CA LEU B 517 -36.87 12.07 -16.32
C LEU B 517 -35.45 11.64 -16.65
N ARG B 518 -34.56 12.63 -16.76
CA ARG B 518 -33.22 12.43 -17.27
C ARG B 518 -32.21 12.48 -16.15
N PHE B 519 -31.42 11.42 -16.02
CA PHE B 519 -30.37 11.34 -15.01
C PHE B 519 -29.07 10.92 -15.67
N ASP B 520 -28.00 11.66 -15.37
CA ASP B 520 -26.68 11.35 -15.90
C ASP B 520 -25.93 10.53 -14.87
N MET B 521 -25.62 9.28 -15.22
CA MET B 521 -24.93 8.40 -14.28
C MET B 521 -23.46 8.75 -14.10
N SER B 522 -22.96 9.73 -14.85
CA SER B 522 -21.59 10.18 -14.58
C SER B 522 -21.50 11.00 -13.31
N GLU B 523 -22.61 11.59 -12.86
CA GLU B 523 -22.64 12.31 -11.58
C GLU B 523 -22.71 11.37 -10.39
N TYR B 524 -23.09 10.12 -10.58
CA TYR B 524 -23.19 9.14 -9.53
C TYR B 524 -22.07 8.11 -9.62
N MET B 525 -20.88 8.59 -9.96
CA MET B 525 -19.72 7.73 -10.12
C MET B 525 -19.24 7.13 -8.81
N GLU B 526 -19.79 7.56 -7.67
CA GLU B 526 -19.33 7.09 -6.37
C GLU B 526 -20.46 6.38 -5.64
N ARG B 527 -20.07 5.41 -4.82
CA ARG B 527 -21.04 4.55 -4.14
C ARG B 527 -22.01 5.36 -3.31
N HIS B 528 -21.50 6.29 -2.50
CA HIS B 528 -22.34 7.03 -1.57
C HIS B 528 -23.31 7.98 -2.25
N THR B 529 -23.20 8.18 -3.56
CA THR B 529 -24.07 9.12 -4.25
C THR B 529 -25.51 8.63 -4.37
N VAL B 530 -25.76 7.35 -4.06
CA VAL B 530 -27.12 6.82 -4.14
C VAL B 530 -28.06 7.59 -3.22
N SER B 531 -27.50 8.13 -2.13
CA SER B 531 -28.28 8.96 -1.23
C SER B 531 -28.89 10.16 -1.93
N ARG B 532 -28.30 10.60 -3.05
CA ARG B 532 -28.98 11.61 -3.87
C ARG B 532 -30.26 11.06 -4.45
N LEU B 533 -30.25 9.80 -4.88
CA LEU B 533 -31.42 9.23 -5.54
C LEU B 533 -32.52 8.87 -4.55
N ILE B 534 -32.16 8.31 -3.40
CA ILE B 534 -33.16 7.82 -2.46
C ILE B 534 -33.27 8.67 -1.20
N GLY B 535 -32.30 9.52 -0.90
CA GLY B 535 -32.37 10.32 0.29
C GLY B 535 -31.41 9.84 1.37
N ALA B 536 -31.19 10.68 2.36
CA ALA B 536 -30.33 10.33 3.47
C ALA B 536 -31.13 9.68 4.59
N PRO B 537 -30.52 8.81 5.39
CA PRO B 537 -31.24 8.21 6.49
C PRO B 537 -31.65 9.28 7.49
N PRO B 538 -32.68 9.01 8.30
CA PRO B 538 -33.08 10.00 9.30
C PRO B 538 -31.96 10.26 10.28
N GLY B 539 -31.92 11.49 10.80
CA GLY B 539 -30.87 11.94 11.68
C GLY B 539 -29.67 12.53 10.97
N TYR B 540 -29.70 12.61 9.65
CA TYR B 540 -28.58 13.15 8.89
C TYR B 540 -28.99 14.40 8.13
N VAL B 541 -27.99 15.14 7.66
CA VAL B 541 -28.17 16.54 7.30
C VAL B 541 -29.18 16.71 6.16
N GLY B 542 -29.16 15.83 5.17
CA GLY B 542 -30.04 15.94 4.03
C GLY B 542 -31.34 15.21 4.15
N PHE B 543 -31.77 14.86 5.38
CA PHE B 543 -32.93 13.99 5.54
C PHE B 543 -34.19 14.62 4.97
N ASP B 544 -34.53 15.83 5.41
CA ASP B 544 -35.78 16.47 5.03
C ASP B 544 -35.88 16.75 3.54
N GLN B 545 -34.79 16.55 2.79
CA GLN B 545 -34.83 16.80 1.35
C GLN B 545 -35.51 15.68 0.59
N GLY B 546 -35.25 14.43 0.96
CA GLY B 546 -35.76 13.31 0.22
C GLY B 546 -34.82 12.90 -0.89
N GLY B 547 -35.30 11.98 -1.72
CA GLY B 547 -34.53 11.46 -2.84
C GLY B 547 -34.92 12.12 -4.15
N LEU B 548 -33.91 12.38 -4.98
CA LEU B 548 -34.18 12.98 -6.28
C LEU B 548 -35.04 12.07 -7.15
N LEU B 549 -34.58 10.83 -7.35
CA LEU B 549 -35.23 9.92 -8.28
C LEU B 549 -36.65 9.59 -7.84
N THR B 550 -36.82 9.18 -6.59
CA THR B 550 -38.14 8.82 -6.10
C THR B 550 -39.12 9.99 -6.16
N ASP B 551 -38.66 11.19 -5.80
CA ASP B 551 -39.56 12.34 -5.85
C ASP B 551 -39.91 12.70 -7.29
N ALA B 552 -38.95 12.60 -8.20
CA ALA B 552 -39.25 12.85 -9.61
C ALA B 552 -40.27 11.86 -10.12
N VAL B 553 -40.15 10.59 -9.73
CA VAL B 553 -41.09 9.58 -10.18
C VAL B 553 -42.47 9.83 -9.59
N ILE B 554 -42.53 10.23 -8.31
CA ILE B 554 -43.82 10.47 -7.68
C ILE B 554 -44.50 11.68 -8.30
N LYS B 555 -43.74 12.71 -8.63
CA LYS B 555 -44.32 13.88 -9.27
C LYS B 555 -44.77 13.56 -10.70
N HIS B 556 -44.06 12.66 -11.38
CA HIS B 556 -44.38 12.29 -12.75
C HIS B 556 -44.59 10.77 -12.80
N PRO B 557 -45.79 10.30 -12.48
CA PRO B 557 -46.03 8.86 -12.48
C PRO B 557 -45.92 8.24 -13.86
N HIS B 558 -46.25 9.00 -14.91
CA HIS B 558 -46.16 8.52 -16.29
C HIS B 558 -45.09 9.33 -17.01
N ALA B 559 -43.95 8.71 -17.28
CA ALA B 559 -42.84 9.38 -17.93
C ALA B 559 -41.86 8.32 -18.41
N VAL B 560 -40.80 8.78 -19.08
CA VAL B 560 -39.72 7.92 -19.53
C VAL B 560 -38.49 8.24 -18.69
N LEU B 561 -37.86 7.21 -18.14
CA LEU B 561 -36.70 7.38 -17.28
C LEU B 561 -35.45 7.08 -18.09
N LEU B 562 -34.57 8.07 -18.20
CA LEU B 562 -33.37 7.98 -19.01
C LEU B 562 -32.15 8.02 -18.11
N LEU B 563 -31.29 7.01 -18.24
CA LEU B 563 -30.06 6.90 -17.46
C LEU B 563 -28.88 7.03 -18.41
N ASP B 564 -28.45 8.26 -18.66
CA ASP B 564 -27.32 8.49 -19.55
C ASP B 564 -26.04 7.89 -18.96
N GLU B 565 -25.28 7.22 -19.81
CA GLU B 565 -23.96 6.71 -19.46
C GLU B 565 -24.00 5.86 -18.19
N ILE B 566 -24.83 4.82 -18.21
CA ILE B 566 -25.01 4.01 -17.00
C ILE B 566 -23.70 3.38 -16.58
N GLU B 567 -22.80 3.12 -17.52
CA GLU B 567 -21.49 2.55 -17.18
C GLU B 567 -20.66 3.48 -16.31
N LYS B 568 -21.06 4.75 -16.19
CA LYS B 568 -20.31 5.72 -15.40
C LYS B 568 -20.69 5.71 -13.92
N ALA B 569 -21.88 5.24 -13.58
CA ALA B 569 -22.27 5.17 -12.17
C ALA B 569 -21.46 4.10 -11.47
N HIS B 570 -21.26 4.28 -10.17
CA HIS B 570 -20.55 3.28 -9.40
C HIS B 570 -21.31 1.96 -9.45
N PRO B 571 -20.62 0.83 -9.63
CA PRO B 571 -21.31 -0.44 -9.85
C PRO B 571 -22.38 -0.77 -8.81
N ASP B 572 -22.28 -0.22 -7.61
CA ASP B 572 -23.28 -0.51 -6.59
C ASP B 572 -24.63 0.09 -6.91
N VAL B 573 -24.67 1.23 -7.61
CA VAL B 573 -25.93 1.93 -7.83
C VAL B 573 -26.90 1.12 -8.68
N PHE B 574 -26.42 0.12 -9.40
CA PHE B 574 -27.32 -0.75 -10.14
C PHE B 574 -28.22 -1.55 -9.20
N ASN B 575 -27.84 -1.68 -7.93
CA ASN B 575 -28.62 -2.49 -7.01
C ASN B 575 -29.95 -1.85 -6.68
N ILE B 576 -30.06 -0.52 -6.80
CA ILE B 576 -31.37 0.11 -6.71
C ILE B 576 -32.22 -0.28 -7.91
N LEU B 577 -31.65 -0.16 -9.11
CA LEU B 577 -32.36 -0.54 -10.32
C LEU B 577 -32.80 -1.98 -10.28
N LEU B 578 -32.10 -2.81 -9.50
CA LEU B 578 -32.54 -4.19 -9.33
C LEU B 578 -34.02 -4.26 -8.93
N GLN B 579 -34.36 -3.71 -7.76
CA GLN B 579 -35.76 -3.72 -7.34
C GLN B 579 -36.61 -2.75 -8.14
N VAL B 580 -36.02 -1.72 -8.74
CA VAL B 580 -36.80 -0.86 -9.63
C VAL B 580 -37.38 -1.69 -10.76
N MET B 581 -36.56 -2.49 -11.42
CA MET B 581 -37.03 -3.32 -12.52
C MET B 581 -37.88 -4.48 -12.01
N ASP B 582 -37.55 -4.99 -10.83
CA ASP B 582 -38.23 -6.19 -10.34
C ASP B 582 -39.66 -5.89 -9.88
N ASN B 583 -39.85 -4.85 -9.09
CA ASN B 583 -41.16 -4.57 -8.52
C ASN B 583 -41.75 -3.24 -8.97
N GLY B 584 -41.04 -2.45 -9.74
CA GLY B 584 -41.54 -1.13 -10.11
C GLY B 584 -41.83 -0.26 -8.92
N THR B 585 -41.16 -0.51 -7.80
CA THR B 585 -41.43 0.19 -6.56
C THR B 585 -40.12 0.54 -5.88
N LEU B 586 -40.00 1.79 -5.44
CA LEU B 586 -38.84 2.25 -4.69
C LEU B 586 -39.33 3.06 -3.50
N THR B 587 -38.78 2.77 -2.33
CA THR B 587 -39.16 3.45 -1.10
C THR B 587 -38.07 4.41 -0.69
N ASP B 588 -38.42 5.68 -0.56
CA ASP B 588 -37.46 6.69 -0.14
C ASP B 588 -37.21 6.59 1.36
N ASN B 589 -36.43 7.53 1.90
CA ASN B 589 -36.09 7.50 3.31
C ASN B 589 -37.24 7.93 4.21
N ASN B 590 -38.39 8.29 3.66
CA ASN B 590 -39.56 8.65 4.44
C ASN B 590 -40.61 7.54 4.45
N GLY B 591 -40.27 6.36 3.96
CA GLY B 591 -41.22 5.27 3.93
C GLY B 591 -42.29 5.39 2.86
N ARG B 592 -42.12 6.29 1.90
CA ARG B 592 -43.07 6.45 0.82
C ARG B 592 -42.60 5.67 -0.40
N LYS B 593 -43.57 5.14 -1.15
CA LYS B 593 -43.29 4.23 -2.25
C LYS B 593 -43.42 4.95 -3.58
N ALA B 594 -42.43 4.79 -4.45
CA ALA B 594 -42.47 5.36 -5.79
C ALA B 594 -42.94 4.29 -6.76
N ASP B 595 -43.96 4.62 -7.56
CA ASP B 595 -44.56 3.66 -8.49
C ASP B 595 -43.90 3.82 -9.86
N PHE B 596 -43.34 2.74 -10.37
CA PHE B 596 -42.64 2.75 -11.65
C PHE B 596 -43.40 2.05 -12.77
N ARG B 597 -44.65 1.63 -12.51
CA ARG B 597 -45.35 0.81 -13.49
C ARG B 597 -45.67 1.58 -14.76
N ASN B 598 -45.88 2.89 -14.67
CA ASN B 598 -46.18 3.71 -15.84
C ASN B 598 -44.94 4.40 -16.39
N VAL B 599 -43.75 3.96 -16.00
CA VAL B 599 -42.50 4.63 -16.35
C VAL B 599 -41.69 3.69 -17.24
N VAL B 600 -41.17 4.23 -18.33
CA VAL B 600 -40.29 3.50 -19.22
C VAL B 600 -38.85 3.71 -18.74
N LEU B 601 -38.16 2.61 -18.46
CA LEU B 601 -36.78 2.66 -18.00
C LEU B 601 -35.86 2.41 -19.19
N VAL B 602 -35.04 3.40 -19.52
CA VAL B 602 -34.06 3.29 -20.59
C VAL B 602 -32.69 3.66 -20.05
N MET B 603 -31.70 2.82 -20.30
CA MET B 603 -30.33 3.05 -19.87
C MET B 603 -29.42 2.94 -21.08
N THR B 604 -28.55 3.93 -21.25
CA THR B 604 -27.68 4.03 -22.41
C THR B 604 -26.23 3.84 -22.01
N THR B 605 -25.46 3.22 -22.90
CA THR B 605 -24.06 2.94 -22.61
C THR B 605 -23.31 2.66 -23.90
N ASN B 606 -21.99 2.64 -23.79
CA ASN B 606 -21.10 2.24 -24.88
C ASN B 606 -20.09 1.20 -24.40
N ALA B 607 -20.52 0.27 -23.55
CA ALA B 607 -19.57 -0.54 -22.78
C ALA B 607 -18.74 -1.43 -23.68
N GLY B 608 -19.37 -2.13 -24.62
CA GLY B 608 -18.69 -3.11 -25.43
C GLY B 608 -18.17 -2.64 -26.78
N VAL B 609 -18.20 -1.34 -27.06
CA VAL B 609 -17.82 -0.86 -28.38
C VAL B 609 -16.35 -1.11 -28.67
N ARG B 610 -15.51 -0.99 -27.64
CA ARG B 610 -14.08 -1.19 -27.85
C ARG B 610 -13.74 -2.61 -28.26
N GLU B 611 -14.61 -3.57 -27.97
CA GLU B 611 -14.35 -4.97 -28.31
C GLU B 611 -14.73 -5.33 -29.74
N THR B 612 -15.59 -4.53 -30.38
CA THR B 612 -16.03 -4.81 -31.74
C THR B 612 -15.29 -3.98 -32.78
N GLU B 613 -14.35 -3.14 -32.35
CA GLU B 613 -13.60 -2.28 -33.26
C GLU B 613 -12.32 -2.92 -33.78
N ARG B 614 -12.03 -4.15 -33.39
CA ARG B 614 -10.80 -4.81 -33.82
C ARG B 614 -11.09 -6.27 -34.14
N LYS B 615 -10.27 -6.80 -35.05
CA LYS B 615 -10.33 -8.22 -35.39
C LYS B 615 -9.38 -9.00 -34.51
N SER B 616 -9.44 -10.32 -34.65
CA SER B 616 -8.63 -11.20 -33.82
C SER B 616 -7.15 -11.12 -34.22
N ILE B 617 -6.29 -11.61 -33.32
CA ILE B 617 -4.86 -11.70 -33.60
C ILE B 617 -4.54 -13.14 -33.95
N GLY B 618 -4.01 -13.35 -35.14
CA GLY B 618 -3.56 -14.67 -35.50
C GLY B 618 -3.63 -14.91 -36.98
N LEU B 619 -2.97 -15.98 -37.41
CA LEU B 619 -2.98 -16.36 -38.81
C LEU B 619 -4.37 -16.77 -39.27
N ILE B 620 -5.14 -17.42 -38.39
CA ILE B 620 -6.50 -17.84 -38.69
C ILE B 620 -7.44 -16.93 -37.93
N HIS B 621 -8.39 -16.34 -38.66
CA HIS B 621 -9.30 -15.38 -38.06
C HIS B 621 -10.33 -16.09 -37.19
N GLN B 622 -10.57 -15.54 -36.00
CA GLN B 622 -11.62 -16.06 -35.14
C GLN B 622 -12.97 -15.51 -35.61
N ASP B 623 -13.99 -15.70 -34.77
CA ASP B 623 -15.31 -15.18 -35.10
C ASP B 623 -15.56 -13.84 -34.43
N ASN B 624 -15.29 -13.75 -33.12
CA ASN B 624 -15.54 -12.55 -32.32
C ASN B 624 -16.99 -12.09 -32.42
N SER B 625 -17.89 -13.02 -32.70
CA SER B 625 -19.32 -12.72 -32.73
C SER B 625 -20.00 -12.96 -31.38
N THR B 626 -19.60 -14.00 -30.65
CA THR B 626 -20.05 -14.17 -29.28
C THR B 626 -19.50 -13.10 -28.36
N ASP B 627 -18.36 -12.51 -28.70
CA ASP B 627 -17.78 -11.40 -27.95
C ASP B 627 -18.30 -10.05 -28.42
N ALA B 628 -19.42 -10.04 -29.16
CA ALA B 628 -19.94 -8.79 -29.69
C ALA B 628 -20.53 -7.97 -28.55
N MET B 629 -19.68 -7.18 -27.90
CA MET B 629 -20.09 -6.33 -26.77
C MET B 629 -20.71 -7.17 -25.66
N GLU B 630 -20.25 -8.41 -25.52
CA GLU B 630 -20.76 -9.31 -24.50
C GLU B 630 -19.87 -9.40 -23.27
N GLU B 631 -18.99 -8.43 -23.08
CA GLU B 631 -18.41 -8.17 -21.77
C GLU B 631 -19.30 -7.24 -20.95
N ILE B 632 -20.38 -6.76 -21.56
CA ILE B 632 -21.48 -6.17 -20.81
C ILE B 632 -21.97 -7.14 -19.73
N LYS B 633 -21.77 -8.43 -19.93
CA LYS B 633 -22.10 -9.40 -18.89
C LYS B 633 -21.16 -9.27 -17.70
N LYS B 634 -19.91 -8.86 -17.93
CA LYS B 634 -19.03 -8.55 -16.82
C LYS B 634 -19.31 -7.18 -16.24
N ILE B 635 -19.81 -6.25 -17.07
CA ILE B 635 -20.19 -4.94 -16.55
C ILE B 635 -21.44 -5.06 -15.68
N PHE B 636 -22.44 -5.80 -16.14
CA PHE B 636 -23.72 -5.89 -15.46
C PHE B 636 -23.92 -7.32 -14.96
N THR B 637 -24.11 -7.44 -13.64
CA THR B 637 -24.27 -8.72 -12.96
C THR B 637 -25.47 -9.49 -13.52
N PRO B 638 -25.44 -10.82 -13.49
CA PRO B 638 -26.57 -11.60 -14.03
C PRO B 638 -27.90 -11.27 -13.40
N GLU B 639 -27.93 -10.96 -12.10
CA GLU B 639 -29.20 -10.59 -11.46
C GLU B 639 -29.77 -9.33 -12.09
N PHE B 640 -28.92 -8.44 -12.58
CA PHE B 640 -29.38 -7.26 -13.30
C PHE B 640 -29.88 -7.62 -14.69
N ARG B 641 -29.06 -8.32 -15.45
CA ARG B 641 -29.41 -8.60 -16.85
C ARG B 641 -30.65 -9.47 -16.96
N ASN B 642 -30.87 -10.37 -16.00
CA ASN B 642 -32.04 -11.23 -16.01
C ASN B 642 -33.35 -10.45 -15.94
N ARG B 643 -33.31 -9.19 -15.50
CA ARG B 643 -34.48 -8.35 -15.44
C ARG B 643 -34.65 -7.49 -16.68
N LEU B 644 -33.61 -7.34 -17.48
CA LEU B 644 -33.66 -6.49 -18.67
C LEU B 644 -34.62 -7.06 -19.70
N ASP B 645 -35.56 -6.23 -20.14
CA ASP B 645 -36.53 -6.66 -21.14
C ASP B 645 -35.84 -7.01 -22.45
N ASN B 646 -34.85 -6.23 -22.86
CA ASN B 646 -34.06 -6.54 -24.05
C ASN B 646 -32.84 -5.62 -24.06
N ILE B 647 -31.76 -6.13 -24.64
CA ILE B 647 -30.53 -5.37 -24.83
C ILE B 647 -30.42 -5.04 -26.31
N ILE B 648 -30.70 -3.78 -26.65
CA ILE B 648 -30.73 -3.34 -28.04
C ILE B 648 -29.33 -2.88 -28.43
N TRP B 649 -28.82 -3.43 -29.51
CA TRP B 649 -27.54 -2.98 -30.06
C TRP B 649 -27.78 -1.89 -31.09
N PHE B 650 -27.01 -0.81 -30.96
CA PHE B 650 -27.02 0.28 -31.92
C PHE B 650 -25.81 0.14 -32.82
N ASP B 651 -26.05 0.05 -34.13
CA ASP B 651 -24.98 -0.21 -35.07
C ASP B 651 -24.41 1.10 -35.62
N HIS B 652 -23.28 1.00 -36.30
CA HIS B 652 -22.67 2.17 -36.91
C HIS B 652 -23.58 2.72 -38.01
N LEU B 653 -23.36 3.98 -38.34
CA LEU B 653 -24.18 4.66 -39.35
C LEU B 653 -23.60 4.47 -40.73
N SER B 654 -24.47 4.16 -41.69
CA SER B 654 -24.05 4.02 -43.08
C SER B 654 -23.97 5.39 -43.75
N THR B 655 -23.47 5.39 -44.99
CA THR B 655 -23.35 6.64 -45.73
C THR B 655 -24.71 7.26 -46.03
N ASP B 656 -25.69 6.45 -46.45
CA ASP B 656 -27.04 6.95 -46.65
C ASP B 656 -27.63 7.48 -45.36
N VAL B 657 -27.41 6.77 -44.26
CA VAL B 657 -27.86 7.24 -42.96
C VAL B 657 -27.19 8.58 -42.63
N ILE B 658 -25.92 8.71 -42.98
CA ILE B 658 -25.21 9.97 -42.74
C ILE B 658 -25.84 11.09 -43.55
N HIS B 659 -26.19 10.81 -44.82
CA HIS B 659 -26.83 11.82 -45.64
C HIS B 659 -28.17 12.24 -45.06
N GLN B 660 -28.92 11.27 -44.52
CA GLN B 660 -30.18 11.60 -43.87
C GLN B 660 -29.94 12.45 -42.63
N VAL B 661 -28.86 12.18 -41.91
CA VAL B 661 -28.51 13.00 -40.75
C VAL B 661 -28.21 14.43 -41.18
N VAL B 662 -27.49 14.59 -42.29
CA VAL B 662 -27.18 15.92 -42.79
C VAL B 662 -28.45 16.63 -43.23
N ASP B 663 -29.37 15.90 -43.86
CA ASP B 663 -30.65 16.47 -44.22
C ASP B 663 -31.41 16.95 -42.99
N LYS B 664 -31.36 16.17 -41.91
CA LYS B 664 -32.03 16.55 -40.67
C LYS B 664 -31.40 17.81 -40.08
N PHE B 665 -30.07 17.85 -40.02
CA PHE B 665 -29.38 19.04 -39.55
C PHE B 665 -29.76 20.25 -40.40
N ILE B 666 -29.87 20.05 -41.71
CA ILE B 666 -30.11 21.18 -42.61
C ILE B 666 -31.54 21.69 -42.44
N VAL B 667 -32.52 20.79 -42.27
CA VAL B 667 -33.88 21.26 -42.07
C VAL B 667 -34.04 21.90 -40.71
N GLU B 668 -33.29 21.41 -39.70
CA GLU B 668 -33.28 22.09 -38.41
C GLU B 668 -32.74 23.51 -38.56
N LEU B 669 -31.62 23.67 -39.26
CA LEU B 669 -31.09 25.00 -39.49
C LEU B 669 -32.07 25.84 -40.30
N GLN B 670 -32.81 25.20 -41.22
CA GLN B 670 -33.78 25.92 -42.03
C GLN B 670 -34.88 26.51 -41.19
N VAL B 671 -35.45 25.72 -40.28
CA VAL B 671 -36.51 26.27 -39.42
C VAL B 671 -35.91 27.25 -38.42
N GLN B 672 -34.67 27.02 -37.98
CA GLN B 672 -34.01 27.95 -37.07
C GLN B 672 -33.82 29.31 -37.74
N LEU B 673 -33.66 29.33 -39.05
CA LEU B 673 -33.55 30.60 -39.75
C LEU B 673 -34.92 31.18 -40.06
N ASP B 674 -35.86 30.33 -40.46
CA ASP B 674 -37.22 30.79 -40.75
C ASP B 674 -37.86 31.45 -39.54
N GLN B 675 -37.47 31.03 -38.33
CA GLN B 675 -37.97 31.69 -37.13
C GLN B 675 -37.65 33.18 -37.13
N LYS B 676 -36.65 33.61 -37.90
CA LYS B 676 -36.36 35.02 -38.10
C LYS B 676 -36.86 35.54 -39.45
N GLY B 677 -37.59 34.71 -40.19
CA GLY B 677 -38.13 35.12 -41.48
C GLY B 677 -37.15 35.08 -42.63
N VAL B 678 -36.07 34.31 -42.50
CA VAL B 678 -35.06 34.21 -43.55
C VAL B 678 -34.97 32.76 -43.98
N SER B 679 -34.99 32.53 -45.29
CA SER B 679 -34.95 31.18 -45.84
C SER B 679 -33.55 30.82 -46.28
N LEU B 680 -33.34 29.52 -46.48
CA LEU B 680 -32.06 28.98 -46.92
C LEU B 680 -32.30 27.89 -47.96
N GLU B 681 -31.51 27.92 -49.03
CA GLU B 681 -31.54 26.87 -50.04
C GLU B 681 -30.14 26.32 -50.21
N VAL B 682 -30.01 25.00 -50.07
CA VAL B 682 -28.72 24.32 -50.12
C VAL B 682 -28.72 23.38 -51.31
N SER B 683 -27.63 23.40 -52.07
CA SER B 683 -27.53 22.53 -53.23
C SER B 683 -27.32 21.08 -52.81
N GLN B 684 -27.68 20.17 -53.72
CA GLN B 684 -27.54 18.75 -53.42
C GLN B 684 -26.07 18.35 -53.34
N GLU B 685 -25.24 18.87 -54.24
CA GLU B 685 -23.82 18.55 -54.18
C GLU B 685 -23.17 19.17 -52.95
N ALA B 686 -23.68 20.30 -52.47
CA ALA B 686 -23.20 20.82 -51.20
C ALA B 686 -23.53 19.86 -50.07
N ARG B 687 -24.72 19.27 -50.08
CA ARG B 687 -25.08 18.25 -49.10
C ARG B 687 -24.13 17.06 -49.17
N ASN B 688 -23.89 16.57 -50.38
CA ASN B 688 -22.97 15.45 -50.54
C ASN B 688 -21.58 15.79 -50.03
N TRP B 689 -21.08 16.98 -50.36
CA TRP B 689 -19.75 17.40 -49.95
C TRP B 689 -19.66 17.53 -48.43
N LEU B 690 -20.69 18.08 -47.80
CA LEU B 690 -20.74 18.14 -46.35
C LEU B 690 -20.67 16.74 -45.74
N ALA B 691 -21.58 15.86 -46.17
CA ALA B 691 -21.62 14.52 -45.59
C ALA B 691 -20.32 13.77 -45.86
N GLU B 692 -19.64 14.09 -46.96
CA GLU B 692 -18.39 13.43 -47.27
C GLU B 692 -17.26 13.92 -46.38
N LYS B 693 -17.24 15.23 -46.09
CA LYS B 693 -16.21 15.76 -45.22
C LYS B 693 -16.31 15.16 -43.82
N GLY B 694 -17.45 15.31 -43.17
CA GLY B 694 -17.63 14.92 -41.80
C GLY B 694 -17.98 13.46 -41.56
N TYR B 695 -17.95 12.62 -42.59
CA TYR B 695 -18.29 11.22 -42.41
C TYR B 695 -17.26 10.54 -41.52
N ASP B 696 -17.73 9.88 -40.47
CA ASP B 696 -16.89 9.03 -39.65
C ASP B 696 -17.73 7.87 -39.13
N ARG B 697 -17.05 6.80 -38.76
CA ARG B 697 -17.72 5.60 -38.25
C ARG B 697 -17.38 5.32 -36.80
N ALA B 698 -16.13 5.56 -36.39
CA ALA B 698 -15.76 5.36 -34.99
C ALA B 698 -16.40 6.42 -34.10
N MET B 699 -16.58 7.63 -34.61
CA MET B 699 -17.16 8.72 -33.86
C MET B 699 -18.60 9.00 -34.25
N GLY B 700 -19.19 8.18 -35.13
CA GLY B 700 -20.59 8.33 -35.47
C GLY B 700 -20.90 9.68 -36.06
N ALA B 701 -22.09 10.19 -35.76
CA ALA B 701 -22.56 11.46 -36.29
C ALA B 701 -22.33 12.61 -35.34
N ARG B 702 -21.60 12.40 -34.25
CA ARG B 702 -21.33 13.47 -33.28
C ARG B 702 -20.65 14.67 -33.92
N PRO B 703 -19.55 14.51 -34.66
CA PRO B 703 -18.90 15.70 -35.24
C PRO B 703 -19.65 16.30 -36.42
N MET B 704 -20.72 15.65 -36.88
CA MET B 704 -21.47 16.20 -38.01
C MET B 704 -22.14 17.52 -37.65
N ALA B 705 -22.59 17.67 -36.41
CA ALA B 705 -23.16 18.94 -35.99
C ALA B 705 -22.13 20.05 -36.06
N ARG B 706 -20.92 19.80 -35.58
CA ARG B 706 -19.86 20.81 -35.65
C ARG B 706 -19.46 21.09 -37.09
N VAL B 707 -19.48 20.07 -37.94
CA VAL B 707 -19.15 20.29 -39.35
C VAL B 707 -20.18 21.20 -39.99
N ILE B 708 -21.46 20.89 -39.80
CA ILE B 708 -22.52 21.75 -40.32
C ILE B 708 -22.37 23.16 -39.79
N GLN B 709 -22.11 23.28 -38.49
CA GLN B 709 -21.94 24.60 -37.90
C GLN B 709 -20.82 25.37 -38.58
N ASP B 710 -19.60 24.82 -38.57
CA ASP B 710 -18.45 25.50 -39.16
C ASP B 710 -18.71 25.88 -40.61
N ASN B 711 -19.32 24.98 -41.39
CA ASN B 711 -19.40 25.22 -42.82
C ASN B 711 -20.55 26.14 -43.21
N LEU B 712 -21.62 26.18 -42.42
CA LEU B 712 -22.78 26.99 -42.79
C LEU B 712 -23.01 28.19 -41.88
N LYS B 713 -22.98 27.99 -40.57
CA LYS B 713 -23.49 29.01 -39.65
C LYS B 713 -22.58 30.23 -39.60
N LYS B 714 -21.26 30.01 -39.58
CA LYS B 714 -20.33 31.15 -39.51
C LYS B 714 -20.56 32.16 -40.64
N PRO B 715 -20.56 31.77 -41.92
CA PRO B 715 -20.89 32.77 -42.96
C PRO B 715 -22.28 33.32 -42.81
N LEU B 716 -23.25 32.47 -42.47
CA LEU B 716 -24.60 32.95 -42.23
C LEU B 716 -24.64 33.90 -41.05
N ALA B 717 -23.88 33.62 -39.99
CA ALA B 717 -23.82 34.53 -38.86
C ALA B 717 -23.27 35.88 -39.27
N ASN B 718 -22.20 35.89 -40.05
CA ASN B 718 -21.64 37.15 -40.51
C ASN B 718 -22.63 37.92 -41.36
N GLU B 719 -23.27 37.25 -42.33
CA GLU B 719 -24.22 37.92 -43.20
C GLU B 719 -25.45 38.40 -42.44
N LEU B 720 -25.77 37.74 -41.33
CA LEU B 720 -26.99 38.06 -40.59
C LEU B 720 -26.75 39.22 -39.63
N LEU B 721 -25.75 39.08 -38.76
CA LEU B 721 -25.47 40.14 -37.80
C LEU B 721 -25.04 41.42 -38.48
N PHE B 722 -24.10 41.34 -39.41
CA PHE B 722 -23.55 42.53 -40.06
C PHE B 722 -24.55 43.21 -40.99
N GLY B 723 -25.78 42.72 -41.06
CA GLY B 723 -26.81 43.39 -41.81
C GLY B 723 -26.87 43.07 -43.28
N SER B 724 -25.89 42.34 -43.82
CA SER B 724 -25.92 42.01 -45.23
C SER B 724 -27.05 41.07 -45.58
N LEU B 725 -27.41 40.16 -44.69
CA LEU B 725 -28.56 39.27 -44.86
C LEU B 725 -29.49 39.52 -43.69
N VAL B 726 -30.57 40.26 -43.92
CA VAL B 726 -31.53 40.62 -42.88
C VAL B 726 -32.90 40.10 -43.27
N ASP B 727 -33.88 40.45 -42.44
CA ASP B 727 -35.25 40.01 -42.61
C ASP B 727 -35.73 40.19 -44.05
N GLY B 728 -36.51 39.22 -44.52
CA GLY B 728 -37.03 39.22 -45.87
C GLY B 728 -36.10 38.60 -46.89
N GLY B 729 -34.81 38.49 -46.59
CA GLY B 729 -33.85 37.93 -47.51
C GLY B 729 -33.86 36.41 -47.51
N GLN B 730 -33.21 35.85 -48.53
CA GLN B 730 -33.10 34.42 -48.69
C GLN B 730 -31.77 34.12 -49.36
N VAL B 731 -30.91 33.37 -48.66
CA VAL B 731 -29.57 33.06 -49.14
C VAL B 731 -29.57 31.65 -49.73
N THR B 732 -28.85 31.47 -50.83
CA THR B 732 -28.75 30.19 -51.51
C THR B 732 -27.27 29.80 -51.58
N VAL B 733 -26.99 28.53 -51.31
CA VAL B 733 -25.63 28.03 -51.18
C VAL B 733 -25.35 27.01 -52.26
N ALA B 734 -24.22 27.16 -52.95
CA ALA B 734 -23.76 26.20 -53.94
C ALA B 734 -22.29 25.88 -53.67
N LEU B 735 -21.85 24.75 -54.21
CA LEU B 735 -20.49 24.27 -53.97
C LEU B 735 -19.57 24.67 -55.10
N ASP B 736 -18.37 25.16 -54.75
CA ASP B 736 -17.32 25.44 -55.73
C ASP B 736 -16.55 24.15 -55.96
N LYS B 737 -16.62 23.64 -57.19
CA LYS B 737 -15.99 22.35 -57.49
C LYS B 737 -14.47 22.43 -57.51
N GLU B 738 -13.91 23.60 -57.84
CA GLU B 738 -12.46 23.70 -57.95
C GLU B 738 -11.78 23.69 -56.59
N LYS B 739 -12.25 24.52 -55.66
CA LYS B 739 -11.62 24.66 -54.36
C LYS B 739 -12.41 24.02 -53.22
N ASN B 740 -13.51 23.32 -53.53
CA ASN B 740 -14.37 22.73 -52.51
C ASN B 740 -14.87 23.79 -51.53
N GLU B 741 -15.52 24.81 -52.08
CA GLU B 741 -15.99 25.93 -51.28
C GLU B 741 -17.46 26.18 -51.56
N LEU B 742 -18.10 26.93 -50.67
CA LEU B 742 -19.50 27.25 -50.81
C LEU B 742 -19.67 28.70 -51.26
N THR B 743 -20.74 28.94 -52.02
CA THR B 743 -21.09 30.27 -52.47
C THR B 743 -22.31 30.75 -51.68
N TYR B 744 -22.33 32.04 -51.37
CA TYR B 744 -23.40 32.61 -50.58
C TYR B 744 -23.87 33.91 -51.20
N GLY B 745 -25.16 33.96 -51.52
CA GLY B 745 -25.78 35.15 -52.06
C GLY B 745 -27.26 35.14 -51.77
N PHE B 746 -27.80 36.34 -51.59
CA PHE B 746 -29.22 36.47 -51.26
C PHE B 746 -29.98 37.25 -52.31
N MET C 169 -63.53 19.95 52.08
CA MET C 169 -63.73 18.55 52.46
C MET C 169 -65.17 18.12 52.17
N GLU C 170 -66.07 19.10 52.13
CA GLU C 170 -67.49 18.80 51.92
C GLU C 170 -67.71 18.14 50.57
N ASN C 171 -67.21 18.74 49.49
CA ASN C 171 -67.49 18.21 48.16
C ASN C 171 -66.26 18.21 47.25
N PHE C 172 -65.06 18.36 47.80
CA PHE C 172 -63.84 18.36 47.00
C PHE C 172 -63.02 17.10 47.15
N THR C 173 -63.20 16.35 48.23
CA THR C 173 -62.56 15.06 48.39
C THR C 173 -63.62 14.00 48.69
N THR C 174 -63.29 12.77 48.38
CA THR C 174 -64.19 11.64 48.58
C THR C 174 -63.68 10.81 49.76
N ASN C 175 -64.58 10.53 50.70
CA ASN C 175 -64.23 9.74 51.88
C ASN C 175 -64.00 8.30 51.46
N LEU C 176 -62.74 7.88 51.44
CA LEU C 176 -62.41 6.51 51.09
C LEU C 176 -62.87 5.51 52.15
N ASN C 177 -62.85 5.89 53.42
CA ASN C 177 -63.44 5.06 54.44
C ASN C 177 -64.92 4.83 54.19
N GLN C 178 -65.63 5.86 53.72
CA GLN C 178 -67.02 5.69 53.34
C GLN C 178 -67.16 4.70 52.19
N LEU C 179 -66.26 4.77 51.22
CA LEU C 179 -66.28 3.81 50.11
C LEU C 179 -66.11 2.39 50.61
N ALA C 180 -65.09 2.15 51.44
CA ALA C 180 -64.87 0.81 51.96
C ALA C 180 -66.03 0.37 52.85
N ARG C 181 -66.69 1.31 53.51
CA ARG C 181 -67.88 0.96 54.29
C ARG C 181 -69.04 0.57 53.38
N VAL C 182 -69.10 1.14 52.18
CA VAL C 182 -70.11 0.76 51.19
C VAL C 182 -69.53 -0.14 50.11
N GLY C 183 -68.26 -0.54 50.24
CA GLY C 183 -67.66 -1.46 49.29
C GLY C 183 -67.27 -0.85 47.97
N GLY C 184 -67.03 0.47 47.94
CA GLY C 184 -66.64 1.12 46.70
C GLY C 184 -65.19 0.97 46.33
N ILE C 185 -64.40 0.25 47.12
CA ILE C 185 -62.98 0.06 46.88
C ILE C 185 -62.72 -1.43 46.69
N ASP C 186 -62.00 -1.76 45.62
CA ASP C 186 -61.60 -3.15 45.43
C ASP C 186 -60.57 -3.53 46.48
N PRO C 187 -60.61 -4.76 46.99
CA PRO C 187 -59.78 -5.11 48.15
C PRO C 187 -58.31 -5.18 47.80
N LEU C 188 -57.49 -4.70 48.72
CA LEU C 188 -56.03 -4.76 48.60
C LEU C 188 -55.55 -6.11 49.09
N ILE C 189 -54.78 -6.80 48.26
CA ILE C 189 -54.27 -8.13 48.56
C ILE C 189 -52.74 -8.08 48.58
N GLY C 190 -52.15 -8.62 49.62
CA GLY C 190 -50.70 -8.63 49.70
C GLY C 190 -50.15 -7.22 49.90
N ARG C 191 -49.04 -6.94 49.21
CA ARG C 191 -48.35 -5.66 49.35
C ARG C 191 -47.99 -5.39 50.80
N GLU C 192 -47.50 -6.42 51.48
CA GLU C 192 -47.26 -6.33 52.92
C GLU C 192 -46.14 -5.35 53.24
N LYS C 193 -44.95 -5.55 52.66
CA LYS C 193 -43.84 -4.67 52.96
C LYS C 193 -44.12 -3.25 52.49
N GLU C 194 -44.76 -3.09 51.34
CA GLU C 194 -45.06 -1.76 50.83
C GLU C 194 -45.97 -1.00 51.79
N LEU C 195 -47.08 -1.63 52.20
CA LEU C 195 -48.01 -0.94 53.10
C LEU C 195 -47.39 -0.73 54.47
N GLU C 196 -46.58 -1.70 54.93
CA GLU C 196 -45.90 -1.53 56.20
C GLU C 196 -45.00 -0.31 56.18
N ARG C 197 -44.23 -0.14 55.10
CA ARG C 197 -43.35 1.01 55.02
C ARG C 197 -44.13 2.30 54.82
N ALA C 198 -45.26 2.23 54.12
CA ALA C 198 -46.12 3.41 54.02
C ALA C 198 -46.60 3.86 55.39
N ILE C 199 -46.99 2.91 56.24
CA ILE C 199 -47.36 3.23 57.61
C ILE C 199 -46.17 3.81 58.36
N GLN C 200 -45.00 3.17 58.24
CA GLN C 200 -43.80 3.68 58.90
C GLN C 200 -43.54 5.12 58.54
N VAL C 201 -43.68 5.47 57.26
CA VAL C 201 -43.50 6.84 56.83
C VAL C 201 -44.58 7.73 57.44
N LEU C 202 -45.82 7.25 57.45
CA LEU C 202 -46.91 8.03 58.04
C LEU C 202 -46.67 8.33 59.51
N CYS C 203 -45.87 7.50 60.19
CA CYS C 203 -45.63 7.67 61.61
C CYS C 203 -44.41 8.53 61.92
N ARG C 204 -43.78 9.11 60.90
CA ARG C 204 -42.65 10.00 61.16
C ARG C 204 -43.13 11.27 61.85
N ARG C 205 -42.19 11.99 62.46
CA ARG C 205 -42.55 13.24 63.12
C ARG C 205 -42.69 14.37 62.11
N ARG C 206 -41.73 14.48 61.19
CA ARG C 206 -41.76 15.53 60.18
C ARG C 206 -41.75 14.88 58.80
N LYS C 207 -42.44 15.53 57.85
CA LYS C 207 -42.53 15.06 56.48
C LYS C 207 -43.00 13.61 56.41
N ASN C 208 -44.01 13.28 57.21
CA ASN C 208 -44.61 11.96 57.20
C ASN C 208 -45.57 11.83 56.02
N ASN C 209 -45.00 11.92 54.82
CA ASN C 209 -45.77 11.98 53.58
C ASN C 209 -45.21 10.96 52.59
N PRO C 210 -45.79 9.77 52.55
CA PRO C 210 -45.29 8.74 51.63
C PRO C 210 -45.67 9.05 50.19
N LEU C 211 -44.74 8.76 49.29
CA LEU C 211 -44.94 8.96 47.87
C LEU C 211 -44.83 7.60 47.16
N LEU C 212 -45.94 7.14 46.62
CA LEU C 212 -45.99 5.86 45.93
C LEU C 212 -45.58 6.06 44.48
N VAL C 213 -44.35 5.69 44.17
CA VAL C 213 -43.83 5.77 42.81
C VAL C 213 -43.68 4.36 42.27
N GLY C 214 -43.96 4.18 40.98
CA GLY C 214 -43.89 2.86 40.38
C GLY C 214 -44.40 2.93 38.96
N GLU C 215 -44.29 1.80 38.27
CA GLU C 215 -44.80 1.71 36.91
C GLU C 215 -46.30 1.94 36.90
N SER C 216 -46.82 2.26 35.72
CA SER C 216 -48.24 2.54 35.59
C SER C 216 -49.05 1.26 35.74
N GLY C 217 -50.08 1.33 36.58
CA GLY C 217 -50.98 0.20 36.74
C GLY C 217 -50.38 -0.99 37.46
N VAL C 218 -49.61 -0.76 38.51
CA VAL C 218 -49.06 -1.84 39.32
C VAL C 218 -49.72 -1.93 40.68
N GLY C 219 -50.71 -1.09 40.97
CA GLY C 219 -51.39 -1.11 42.25
C GLY C 219 -51.11 0.06 43.17
N LYS C 220 -50.50 1.14 42.66
CA LYS C 220 -50.23 2.29 43.52
C LYS C 220 -51.53 2.89 44.05
N THR C 221 -52.43 3.29 43.15
CA THR C 221 -53.76 3.72 43.60
C THR C 221 -54.46 2.61 44.35
N ALA C 222 -54.26 1.36 43.92
CA ALA C 222 -54.85 0.24 44.63
C ALA C 222 -54.36 0.17 46.06
N ILE C 223 -53.05 0.36 46.27
CA ILE C 223 -52.51 0.35 47.64
C ILE C 223 -53.07 1.53 48.43
N ALA C 224 -53.12 2.71 47.81
CA ALA C 224 -53.58 3.89 48.52
C ALA C 224 -55.01 3.75 49.00
N GLU C 225 -55.88 3.20 48.16
CA GLU C 225 -57.26 3.01 48.60
C GLU C 225 -57.43 1.77 49.46
N GLY C 226 -56.56 0.77 49.28
CA GLY C 226 -56.64 -0.41 50.10
C GLY C 226 -56.19 -0.15 51.53
N LEU C 227 -55.41 0.91 51.73
CA LEU C 227 -55.10 1.30 53.10
C LEU C 227 -56.36 1.73 53.84
N ALA C 228 -57.18 2.58 53.23
CA ALA C 228 -58.45 2.95 53.85
C ALA C 228 -59.38 1.76 53.93
N TRP C 229 -59.36 0.89 52.92
CA TRP C 229 -60.16 -0.33 52.97
C TRP C 229 -59.77 -1.19 54.17
N ARG C 230 -58.46 -1.32 54.43
CA ARG C 230 -58.00 -2.07 55.57
C ARG C 230 -58.37 -1.37 56.88
N ILE C 231 -58.30 -0.04 56.91
CA ILE C 231 -58.72 0.69 58.09
C ILE C 231 -60.17 0.35 58.42
N VAL C 232 -61.03 0.36 57.40
CA VAL C 232 -62.43 -0.02 57.60
C VAL C 232 -62.52 -1.47 58.05
N GLN C 233 -61.68 -2.34 57.49
CA GLN C 233 -61.60 -3.71 57.99
C GLN C 233 -60.87 -3.80 59.31
N GLY C 234 -60.12 -2.76 59.69
CA GLY C 234 -59.44 -2.75 60.97
C GLY C 234 -58.21 -3.63 61.06
N ASP C 235 -57.76 -4.21 59.94
CA ASP C 235 -56.55 -5.03 59.93
C ASP C 235 -55.31 -4.16 59.73
N VAL C 236 -55.17 -3.19 60.63
CA VAL C 236 -54.06 -2.25 60.58
C VAL C 236 -53.44 -2.15 61.98
N PRO C 237 -52.17 -1.77 62.06
CA PRO C 237 -51.58 -1.52 63.38
C PRO C 237 -52.30 -0.37 64.08
N GLU C 238 -52.36 -0.47 65.41
CA GLU C 238 -53.22 0.42 66.18
C GLU C 238 -52.55 1.78 66.38
N VAL C 239 -52.12 2.35 65.26
CA VAL C 239 -51.76 3.75 65.18
C VAL C 239 -52.49 4.49 64.07
N MET C 240 -52.91 3.80 63.02
CA MET C 240 -53.68 4.39 61.93
C MET C 240 -55.17 4.09 62.06
N ALA C 241 -55.59 3.46 63.15
CA ALA C 241 -57.01 3.25 63.39
C ALA C 241 -57.72 4.60 63.50
N ASP C 242 -58.96 4.64 63.01
CA ASP C 242 -59.83 5.81 63.03
C ASP C 242 -59.30 6.94 62.16
N CYS C 243 -58.20 6.74 61.45
CA CYS C 243 -57.75 7.72 60.47
C CYS C 243 -58.49 7.52 59.16
N THR C 244 -58.92 8.63 58.57
CA THR C 244 -59.74 8.62 57.37
C THR C 244 -58.98 9.25 56.21
N ILE C 245 -58.75 8.46 55.17
CA ILE C 245 -58.02 8.89 53.99
C ILE C 245 -59.01 9.50 53.01
N TYR C 246 -58.66 10.67 52.46
CA TYR C 246 -59.50 11.37 51.50
C TYR C 246 -58.74 11.56 50.19
N SER C 247 -59.42 11.24 49.09
CA SER C 247 -58.86 11.39 47.76
C SER C 247 -59.21 12.78 47.23
N LEU C 248 -58.19 13.57 46.90
CA LEU C 248 -58.41 14.94 46.49
C LEU C 248 -58.83 15.00 45.02
N ASP C 249 -59.90 15.74 44.75
CA ASP C 249 -60.38 15.98 43.39
C ASP C 249 -59.89 17.38 43.00
N ILE C 250 -58.76 17.43 42.29
CA ILE C 250 -58.22 18.71 41.84
C ILE C 250 -59.16 19.35 40.83
N GLY C 251 -59.83 18.53 40.02
CA GLY C 251 -60.72 19.07 38.99
C GLY C 251 -61.80 19.94 39.56
N SER C 252 -62.59 19.39 40.48
CA SER C 252 -63.64 20.19 41.12
C SER C 252 -63.04 21.28 41.98
N LEU C 253 -61.82 21.08 42.50
CA LEU C 253 -61.17 22.11 43.30
C LEU C 253 -60.90 23.36 42.48
N LEU C 254 -60.51 23.19 41.22
CA LEU C 254 -60.19 24.32 40.37
C LEU C 254 -61.38 24.87 39.60
N ALA C 255 -62.58 24.35 39.84
CA ALA C 255 -63.72 24.67 38.97
C ALA C 255 -64.07 26.15 39.02
N GLY C 256 -64.28 26.70 40.21
CA GLY C 256 -64.77 28.06 40.35
C GLY C 256 -63.73 29.11 40.68
N THR C 257 -62.45 28.85 40.43
CA THR C 257 -61.42 29.81 40.79
C THR C 257 -61.25 30.86 39.70
N LYS C 258 -62.36 31.47 39.29
CA LYS C 258 -62.29 32.46 38.22
C LYS C 258 -61.71 33.78 38.72
N TYR C 259 -61.99 34.12 39.98
CA TYR C 259 -61.56 35.40 40.54
C TYR C 259 -60.28 35.23 41.34
N ARG C 260 -59.56 36.34 41.48
CA ARG C 260 -58.31 36.35 42.21
C ARG C 260 -58.53 35.94 43.67
N GLY C 261 -57.82 34.89 44.08
CA GLY C 261 -57.86 34.45 45.46
C GLY C 261 -58.81 33.32 45.76
N ASP C 262 -59.78 33.05 44.89
CA ASP C 262 -60.75 31.98 45.15
C ASP C 262 -60.08 30.65 45.38
N PHE C 263 -59.16 30.27 44.47
CA PHE C 263 -58.45 29.01 44.61
C PHE C 263 -57.70 28.95 45.94
N GLU C 264 -56.93 29.99 46.24
CA GLU C 264 -56.16 30.01 47.49
C GLU C 264 -57.09 29.98 48.69
N LYS C 265 -58.20 30.71 48.63
CA LYS C 265 -59.15 30.71 49.75
C LYS C 265 -59.67 29.31 50.03
N ARG C 266 -60.22 28.64 49.01
CA ARG C 266 -60.77 27.31 49.24
C ARG C 266 -59.69 26.32 49.64
N PHE C 267 -58.51 26.42 49.03
CA PHE C 267 -57.44 25.48 49.34
C PHE C 267 -56.97 25.63 50.78
N LYS C 268 -56.78 26.86 51.24
CA LYS C 268 -56.33 27.08 52.61
C LYS C 268 -57.42 26.71 53.61
N ALA C 269 -58.69 26.91 53.24
CA ALA C 269 -59.77 26.46 54.11
C ALA C 269 -59.74 24.95 54.28
N LEU C 270 -59.60 24.22 53.17
CA LEU C 270 -59.48 22.77 53.25
C LEU C 270 -58.24 22.37 54.06
N LEU C 271 -57.14 23.11 53.90
CA LEU C 271 -55.92 22.81 54.63
C LEU C 271 -56.13 22.96 56.12
N LYS C 272 -56.77 24.05 56.55
CA LYS C 272 -57.01 24.23 57.98
C LYS C 272 -58.01 23.22 58.51
N GLN C 273 -58.97 22.79 57.69
CA GLN C 273 -59.84 21.69 58.11
C GLN C 273 -59.04 20.43 58.36
N LEU C 274 -58.15 20.08 57.43
CA LEU C 274 -57.30 18.92 57.61
C LEU C 274 -56.42 19.05 58.84
N GLU C 275 -55.94 20.27 59.11
CA GLU C 275 -55.12 20.49 60.30
C GLU C 275 -55.93 20.27 61.57
N GLN C 276 -57.18 20.73 61.57
CA GLN C 276 -58.02 20.58 62.76
C GLN C 276 -58.40 19.13 62.98
N ASP C 277 -58.55 18.34 61.91
CA ASP C 277 -58.97 16.96 62.06
C ASP C 277 -57.93 16.14 62.82
N THR C 278 -56.66 16.26 62.43
CA THR C 278 -55.53 15.58 63.07
C THR C 278 -55.59 14.06 62.92
N ASN C 279 -56.64 13.55 62.31
CA ASN C 279 -56.74 12.12 62.03
C ASN C 279 -56.78 11.81 60.55
N SER C 280 -57.25 12.74 59.72
CA SER C 280 -57.45 12.47 58.32
C SER C 280 -56.12 12.47 57.57
N ILE C 281 -56.09 11.72 56.47
CA ILE C 281 -54.98 11.71 55.54
C ILE C 281 -55.50 12.13 54.18
N LEU C 282 -54.77 13.01 53.51
CA LEU C 282 -55.14 13.47 52.17
C LEU C 282 -54.35 12.67 51.14
N PHE C 283 -55.07 11.86 50.37
CA PHE C 283 -54.46 11.11 49.28
C PHE C 283 -54.66 11.88 47.99
N ILE C 284 -53.57 12.30 47.37
CA ILE C 284 -53.62 13.03 46.11
C ILE C 284 -53.12 12.09 45.02
N ASP C 285 -54.05 11.52 44.26
CA ASP C 285 -53.66 10.70 43.14
C ASP C 285 -53.07 11.56 42.03
N GLU C 286 -52.04 11.04 41.37
CA GLU C 286 -51.30 11.77 40.35
C GLU C 286 -50.83 13.11 40.90
N ILE C 287 -50.11 13.04 42.02
CA ILE C 287 -49.66 14.23 42.71
C ILE C 287 -48.69 15.04 41.87
N HIS C 288 -48.12 14.44 40.82
CA HIS C 288 -47.26 15.18 39.91
C HIS C 288 -47.99 16.31 39.21
N THR C 289 -49.32 16.29 39.18
CA THR C 289 -50.09 17.40 38.63
C THR C 289 -49.97 18.66 39.46
N ILE C 290 -49.69 18.56 40.76
CA ILE C 290 -49.59 19.75 41.61
C ILE C 290 -48.13 20.19 41.54
N ILE C 291 -47.82 20.88 40.45
CA ILE C 291 -46.60 21.67 40.29
C ILE C 291 -47.10 22.99 39.74
N GLY C 292 -48.41 23.03 39.48
CA GLY C 292 -49.08 24.23 39.04
C GLY C 292 -50.58 24.08 39.17
N ALA C 293 -51.23 25.04 39.83
CA ALA C 293 -52.67 25.00 39.99
C ALA C 293 -53.25 26.38 39.76
N GLY C 294 -52.67 27.12 38.82
CA GLY C 294 -53.14 28.45 38.50
C GLY C 294 -52.15 29.54 38.85
N ALA C 295 -51.40 29.98 37.84
CA ALA C 295 -50.58 31.17 37.88
C ALA C 295 -51.05 32.15 36.83
N ALA C 296 -52.37 32.19 36.64
CA ALA C 296 -53.00 32.92 35.55
C ALA C 296 -52.70 34.40 35.67
N SER C 297 -51.84 34.90 34.78
CA SER C 297 -51.32 36.26 34.86
C SER C 297 -50.70 36.53 36.23
N GLY C 298 -49.92 35.55 36.70
CA GLY C 298 -49.30 35.65 38.00
C GLY C 298 -48.05 34.79 38.14
N GLY C 299 -47.56 34.65 39.37
CA GLY C 299 -46.37 33.89 39.65
C GLY C 299 -46.66 32.56 40.31
N GLN C 300 -45.60 31.98 40.88
CA GLN C 300 -45.66 30.65 41.49
C GLN C 300 -46.33 30.75 42.86
N VAL C 301 -47.63 31.01 42.82
CA VAL C 301 -48.43 31.23 44.01
C VAL C 301 -49.58 30.21 44.09
N ASP C 302 -49.47 29.12 43.34
CA ASP C 302 -50.51 28.10 43.28
C ASP C 302 -50.24 27.02 44.33
N ALA C 303 -50.95 25.90 44.21
CA ALA C 303 -50.89 24.85 45.24
C ALA C 303 -49.49 24.27 45.39
N ALA C 304 -48.62 24.47 44.41
CA ALA C 304 -47.26 23.94 44.51
C ALA C 304 -46.54 24.51 45.72
N ASN C 305 -46.88 25.74 46.14
CA ASN C 305 -46.23 26.38 47.28
C ASN C 305 -47.14 26.50 48.49
N LEU C 306 -48.45 26.52 48.30
CA LEU C 306 -49.36 26.55 49.44
C LEU C 306 -49.20 25.31 50.31
N ILE C 307 -48.86 24.18 49.71
CA ILE C 307 -48.77 22.94 50.47
C ILE C 307 -47.39 22.80 51.11
N LYS C 308 -46.39 23.51 50.59
CA LYS C 308 -45.02 23.32 51.04
C LYS C 308 -44.80 23.54 52.53
N PRO C 309 -45.25 24.63 53.15
CA PRO C 309 -44.93 24.84 54.57
C PRO C 309 -45.62 23.86 55.51
N LEU C 310 -46.81 23.37 55.16
CA LEU C 310 -47.54 22.47 56.04
C LEU C 310 -46.86 21.13 56.18
N LEU C 311 -46.23 20.63 55.13
CA LEU C 311 -45.59 19.31 55.20
C LEU C 311 -44.34 19.36 56.06
N SER C 312 -43.51 20.39 55.90
CA SER C 312 -42.29 20.51 56.68
C SER C 312 -42.56 20.64 58.17
N SER C 313 -43.77 21.02 58.56
CA SER C 313 -44.13 21.17 59.96
C SER C 313 -44.80 19.93 60.53
N GLY C 314 -45.09 18.92 59.71
CA GLY C 314 -45.65 17.69 60.21
C GLY C 314 -47.05 17.80 60.78
N LYS C 315 -47.82 18.78 60.34
CA LYS C 315 -49.19 18.94 60.82
C LYS C 315 -50.19 18.07 60.07
N ILE C 316 -49.94 17.81 58.79
CA ILE C 316 -50.86 17.03 57.97
C ILE C 316 -50.09 15.90 57.31
N ARG C 317 -50.83 14.92 56.82
CA ARG C 317 -50.25 13.72 56.20
C ARG C 317 -50.87 13.55 54.82
N VAL C 318 -50.02 13.42 53.81
CA VAL C 318 -50.46 13.29 52.42
C VAL C 318 -49.76 12.08 51.80
N ILE C 319 -50.50 11.33 51.01
CA ILE C 319 -49.97 10.18 50.28
C ILE C 319 -50.02 10.51 48.79
N GLY C 320 -48.88 10.38 48.11
CA GLY C 320 -48.79 10.67 46.70
C GLY C 320 -48.63 9.42 45.85
N SER C 321 -48.92 9.58 44.57
CA SER C 321 -48.84 8.47 43.62
C SER C 321 -48.53 9.02 42.25
N THR C 322 -47.49 8.48 41.61
CA THR C 322 -47.10 8.93 40.29
C THR C 322 -46.19 7.88 39.67
N THR C 323 -46.20 7.84 38.33
CA THR C 323 -45.34 6.92 37.60
C THR C 323 -43.91 7.42 37.62
N TYR C 324 -42.98 6.53 37.30
CA TYR C 324 -41.57 6.90 37.30
C TYR C 324 -41.30 8.05 36.34
N GLN C 325 -41.89 8.01 35.15
CA GLN C 325 -41.59 9.03 34.15
C GLN C 325 -42.18 10.38 34.55
N GLU C 326 -43.46 10.41 34.93
CA GLU C 326 -44.06 11.66 35.38
C GLU C 326 -43.33 12.21 36.59
N PHE C 327 -42.99 11.33 37.54
CA PHE C 327 -42.18 11.75 38.69
C PHE C 327 -40.91 12.44 38.23
N SER C 328 -40.05 11.70 37.51
CA SER C 328 -38.74 12.22 37.13
C SER C 328 -38.85 13.50 36.31
N ASN C 329 -39.90 13.63 35.51
CA ASN C 329 -39.98 14.77 34.59
C ASN C 329 -40.65 15.99 35.19
N ILE C 330 -41.52 15.83 36.18
CA ILE C 330 -42.32 16.93 36.71
C ILE C 330 -42.02 17.15 38.19
N PHE C 331 -42.12 16.09 39.00
CA PHE C 331 -42.07 16.25 40.45
C PHE C 331 -40.66 16.56 40.92
N GLU C 332 -39.66 15.86 40.37
CA GLU C 332 -38.28 16.09 40.75
C GLU C 332 -37.79 17.50 40.40
N LYS C 333 -38.51 18.22 39.54
CA LYS C 333 -38.08 19.57 39.17
C LYS C 333 -38.02 20.48 40.38
N ASP C 334 -39.04 20.47 41.22
CA ASP C 334 -39.07 21.28 42.44
C ASP C 334 -38.48 20.45 43.56
N ARG C 335 -37.18 20.64 43.82
CA ARG C 335 -36.52 19.89 44.87
C ARG C 335 -37.14 20.16 46.23
N ALA C 336 -37.60 21.38 46.48
CA ALA C 336 -38.20 21.72 47.76
C ALA C 336 -39.41 20.84 48.04
N LEU C 337 -40.31 20.70 47.07
CA LEU C 337 -41.45 19.83 47.25
C LEU C 337 -41.04 18.37 47.21
N ALA C 338 -40.03 18.04 46.39
CA ALA C 338 -39.63 16.65 46.24
C ALA C 338 -39.09 16.07 47.54
N ARG C 339 -38.33 16.85 48.30
CA ARG C 339 -37.74 16.33 49.53
C ARG C 339 -38.75 16.20 50.66
N ARG C 340 -39.92 16.81 50.53
CA ARG C 340 -40.95 16.72 51.56
C ARG C 340 -41.74 15.42 51.50
N PHE C 341 -41.47 14.57 50.52
CA PHE C 341 -42.15 13.30 50.37
C PHE C 341 -41.14 12.15 50.50
N GLN C 342 -41.65 10.99 50.88
CA GLN C 342 -40.83 9.80 51.01
C GLN C 342 -41.13 8.86 49.84
N LYS C 343 -40.16 8.69 48.97
CA LYS C 343 -40.34 7.90 47.76
C LYS C 343 -40.44 6.41 48.11
N ILE C 344 -41.51 5.77 47.66
CA ILE C 344 -41.76 4.36 47.92
C ILE C 344 -42.01 3.67 46.59
N ASP C 345 -41.22 2.64 46.32
CA ASP C 345 -41.25 1.96 45.03
C ASP C 345 -42.23 0.80 45.06
N ILE C 346 -43.25 0.86 44.23
CA ILE C 346 -44.24 -0.22 44.09
C ILE C 346 -43.83 -1.03 42.86
N THR C 347 -43.10 -2.11 43.08
CA THR C 347 -42.58 -2.93 42.00
C THR C 347 -43.68 -3.84 41.45
N GLU C 348 -43.42 -4.36 40.25
CA GLU C 348 -44.34 -5.31 39.64
C GLU C 348 -44.24 -6.65 40.36
N PRO C 349 -45.36 -7.21 40.82
CA PRO C 349 -45.31 -8.50 41.53
C PRO C 349 -44.96 -9.63 40.58
N SER C 350 -44.64 -10.77 41.18
CA SER C 350 -44.26 -11.95 40.42
C SER C 350 -45.52 -12.75 40.07
N ILE C 351 -45.35 -13.98 39.59
CA ILE C 351 -46.48 -14.77 39.11
C ILE C 351 -47.43 -15.09 40.26
N GLU C 352 -46.90 -15.69 41.32
CA GLU C 352 -47.75 -16.17 42.41
C GLU C 352 -48.54 -15.04 43.05
N GLU C 353 -47.90 -13.89 43.26
CA GLU C 353 -48.61 -12.75 43.82
C GLU C 353 -49.75 -12.31 42.89
N THR C 354 -49.52 -12.33 41.58
CA THR C 354 -50.55 -11.92 40.65
C THR C 354 -51.72 -12.88 40.65
N VAL C 355 -51.44 -14.20 40.66
CA VAL C 355 -52.53 -15.17 40.61
C VAL C 355 -53.31 -15.13 41.93
N GLN C 356 -52.63 -14.83 43.04
CA GLN C 356 -53.34 -14.69 44.30
C GLN C 356 -54.20 -13.44 44.32
N ILE C 357 -53.68 -12.34 43.75
CA ILE C 357 -54.46 -11.11 43.64
C ILE C 357 -55.72 -11.37 42.83
N ILE C 358 -55.58 -12.11 41.73
CA ILE C 358 -56.75 -12.42 40.91
C ILE C 358 -57.71 -13.33 41.68
N ASN C 359 -57.17 -14.28 42.43
CA ASN C 359 -58.02 -15.14 43.23
C ASN C 359 -58.85 -14.33 44.21
N GLY C 360 -58.24 -13.32 44.83
CA GLY C 360 -58.97 -12.49 45.76
C GLY C 360 -59.90 -11.49 45.12
N LEU C 361 -59.63 -11.11 43.87
CA LEU C 361 -60.43 -10.09 43.20
C LEU C 361 -61.58 -10.66 42.38
N LYS C 362 -61.44 -11.88 41.88
CA LYS C 362 -62.40 -12.43 40.93
C LYS C 362 -63.82 -12.60 41.45
N PRO C 363 -64.09 -12.71 42.76
CA PRO C 363 -65.50 -12.67 43.18
C PRO C 363 -66.27 -11.48 42.64
N LYS C 364 -65.68 -10.29 42.67
CA LYS C 364 -66.37 -9.11 42.16
C LYS C 364 -66.64 -9.21 40.67
N TYR C 365 -65.69 -9.73 39.89
CA TYR C 365 -65.90 -9.84 38.46
C TYR C 365 -66.91 -10.93 38.12
N GLU C 366 -66.89 -12.03 38.87
CA GLU C 366 -67.93 -13.04 38.71
C GLU C 366 -69.30 -12.46 39.02
N ALA C 367 -69.38 -11.60 40.03
CA ALA C 367 -70.66 -10.97 40.36
C ALA C 367 -71.09 -10.02 39.24
N HIS C 368 -70.15 -9.23 38.71
CA HIS C 368 -70.51 -8.22 37.72
C HIS C 368 -70.89 -8.85 36.38
N HIS C 369 -70.14 -9.86 35.96
CA HIS C 369 -70.35 -10.47 34.65
C HIS C 369 -71.16 -11.76 34.69
N ASP C 370 -71.54 -12.22 35.88
CA ASP C 370 -72.36 -13.42 36.04
C ASP C 370 -71.70 -14.64 35.40
N VAL C 371 -70.42 -14.85 35.72
CA VAL C 371 -69.65 -15.95 35.18
C VAL C 371 -68.92 -16.66 36.32
N ARG C 372 -68.22 -17.73 35.97
CA ARG C 372 -67.39 -18.47 36.90
C ARG C 372 -66.03 -18.70 36.27
N TYR C 373 -64.97 -18.46 37.04
CA TYR C 373 -63.61 -18.68 36.57
C TYR C 373 -63.03 -19.92 37.24
N THR C 374 -62.49 -20.81 36.44
CA THR C 374 -61.75 -21.94 36.99
C THR C 374 -60.36 -21.47 37.43
N ALA C 375 -59.76 -22.24 38.34
CA ALA C 375 -58.41 -21.91 38.79
C ALA C 375 -57.42 -22.00 37.63
N LYS C 376 -57.55 -23.04 36.81
CA LYS C 376 -56.69 -23.17 35.64
C LYS C 376 -56.89 -22.00 34.69
N ALA C 377 -58.12 -21.49 34.58
CA ALA C 377 -58.35 -20.32 33.75
C ALA C 377 -57.53 -19.13 34.24
N VAL C 378 -57.50 -18.92 35.55
CA VAL C 378 -56.76 -17.77 36.11
C VAL C 378 -55.26 -17.96 35.91
N ARG C 379 -54.76 -19.17 36.17
CA ARG C 379 -53.34 -19.43 35.99
C ARG C 379 -52.92 -19.25 34.53
N ALA C 380 -53.76 -19.72 33.60
CA ALA C 380 -53.46 -19.54 32.19
C ALA C 380 -53.51 -18.07 31.81
N ALA C 381 -54.48 -17.32 32.34
CA ALA C 381 -54.51 -15.88 32.09
C ALA C 381 -53.20 -15.23 32.52
N VAL C 382 -52.71 -15.58 33.72
CA VAL C 382 -51.47 -14.99 34.20
C VAL C 382 -50.32 -15.33 33.26
N GLU C 383 -50.12 -16.62 32.98
CA GLU C 383 -48.96 -17.02 32.20
C GLU C 383 -49.01 -16.46 30.78
N LEU C 384 -50.18 -16.45 30.16
CA LEU C 384 -50.29 -15.95 28.79
C LEU C 384 -50.11 -14.44 28.74
N ALA C 385 -50.70 -13.71 29.71
CA ALA C 385 -50.49 -12.27 29.75
C ALA C 385 -49.03 -11.94 29.99
N VAL C 386 -48.32 -12.80 30.71
CA VAL C 386 -46.89 -12.60 30.89
C VAL C 386 -46.15 -12.78 29.58
N LYS C 387 -46.36 -13.91 28.91
CA LYS C 387 -45.48 -14.25 27.80
C LYS C 387 -45.94 -13.69 26.46
N TYR C 388 -47.12 -13.07 26.39
CA TYR C 388 -47.66 -12.63 25.11
C TYR C 388 -47.97 -11.14 25.04
N ILE C 389 -48.24 -10.48 26.16
CA ILE C 389 -48.54 -9.06 26.17
C ILE C 389 -47.38 -8.33 26.84
N ASN C 390 -46.61 -7.59 26.05
CA ASN C 390 -45.47 -6.83 26.57
C ASN C 390 -45.73 -5.33 26.58
N ASP C 391 -47.00 -4.93 26.41
CA ASP C 391 -47.38 -3.54 26.45
C ASP C 391 -47.55 -3.04 27.89
N ARG C 392 -48.16 -3.84 28.75
CA ARG C 392 -48.56 -3.40 30.08
C ARG C 392 -47.88 -4.25 31.14
N HIS C 393 -48.23 -3.99 32.39
CA HIS C 393 -47.61 -4.66 33.52
C HIS C 393 -48.61 -5.59 34.21
N LEU C 394 -48.06 -6.54 34.96
CA LEU C 394 -48.80 -7.74 35.38
C LEU C 394 -50.12 -7.45 36.08
N PRO C 395 -50.15 -6.81 37.25
CA PRO C 395 -51.40 -6.82 38.04
C PRO C 395 -52.54 -6.09 37.36
N ASP C 396 -52.28 -5.39 36.26
CA ASP C 396 -53.36 -4.77 35.50
C ASP C 396 -53.69 -5.53 34.22
N LYS C 397 -52.67 -6.01 33.50
CA LYS C 397 -52.96 -6.72 32.26
C LYS C 397 -53.62 -8.06 32.53
N ALA C 398 -53.25 -8.74 33.62
CA ALA C 398 -53.92 -9.99 33.95
C ALA C 398 -55.39 -9.76 34.25
N ILE C 399 -55.70 -8.77 35.07
CA ILE C 399 -57.10 -8.48 35.39
C ILE C 399 -57.82 -7.93 34.18
N ASP C 400 -57.10 -7.33 33.23
CA ASP C 400 -57.73 -6.90 31.99
C ASP C 400 -58.14 -8.09 31.15
N VAL C 401 -57.26 -9.09 31.03
CA VAL C 401 -57.64 -10.36 30.42
C VAL C 401 -58.88 -10.92 31.09
N ILE C 402 -58.89 -10.92 32.42
CA ILE C 402 -60.02 -11.48 33.17
C ILE C 402 -61.30 -10.71 32.87
N ASP C 403 -61.23 -9.38 32.90
CA ASP C 403 -62.41 -8.57 32.67
C ASP C 403 -62.96 -8.75 31.26
N GLU C 404 -62.09 -8.80 30.26
CA GLU C 404 -62.57 -8.97 28.90
C GLU C 404 -63.13 -10.37 28.69
N ALA C 405 -62.53 -11.39 29.32
CA ALA C 405 -63.10 -12.73 29.25
C ALA C 405 -64.49 -12.75 29.88
N GLY C 406 -64.63 -12.08 31.04
CA GLY C 406 -65.94 -11.99 31.66
C GLY C 406 -66.97 -11.32 30.78
N ALA C 407 -66.58 -10.21 30.15
CA ALA C 407 -67.51 -9.48 29.30
C ALA C 407 -67.91 -10.31 28.08
N ARG C 408 -66.94 -10.98 27.46
CA ARG C 408 -67.24 -11.80 26.29
C ARG C 408 -68.16 -12.94 26.65
N ALA C 409 -67.82 -13.71 27.69
CA ALA C 409 -68.67 -14.81 28.10
C ALA C 409 -70.01 -14.31 28.64
N ARG C 410 -70.09 -13.04 29.04
CA ARG C 410 -71.34 -12.47 29.49
C ARG C 410 -72.23 -12.10 28.31
N LEU C 411 -71.63 -11.75 27.18
CA LEU C 411 -72.37 -11.44 25.97
C LEU C 411 -72.82 -12.69 25.22
N MET C 412 -72.36 -13.87 25.63
CA MET C 412 -72.72 -15.13 25.01
C MET C 412 -74.13 -15.61 25.38
N PRO C 413 -74.63 -15.36 26.62
CA PRO C 413 -76.00 -15.81 26.95
C PRO C 413 -77.11 -15.30 26.04
N VAL C 414 -76.79 -14.51 25.01
CA VAL C 414 -77.75 -14.32 23.94
C VAL C 414 -78.15 -15.65 23.34
N SER C 415 -77.28 -16.66 23.40
CA SER C 415 -77.62 -18.05 23.13
C SER C 415 -77.66 -18.88 24.41
N LYS C 416 -77.84 -18.22 25.55
CA LYS C 416 -77.95 -18.88 26.86
C LYS C 416 -76.68 -19.66 27.21
N ARG C 417 -75.53 -19.00 27.08
CA ARG C 417 -74.25 -19.57 27.49
C ARG C 417 -73.95 -19.19 28.94
N LYS C 418 -74.79 -19.70 29.83
CA LYS C 418 -74.58 -19.56 31.26
C LYS C 418 -73.66 -20.69 31.71
N LYS C 419 -72.37 -20.38 31.84
CA LYS C 419 -71.38 -21.39 32.16
C LYS C 419 -70.13 -20.72 32.69
N THR C 420 -69.17 -21.53 33.11
CA THR C 420 -67.89 -21.03 33.57
C THR C 420 -67.01 -20.64 32.39
N VAL C 421 -66.01 -19.82 32.68
CA VAL C 421 -65.06 -19.35 31.68
C VAL C 421 -63.81 -20.22 31.79
N ASN C 422 -63.68 -21.19 30.89
CA ASN C 422 -62.60 -22.16 30.94
C ASN C 422 -61.32 -21.56 30.35
N VAL C 423 -60.33 -22.42 30.12
CA VAL C 423 -59.04 -21.97 29.62
C VAL C 423 -59.15 -21.52 28.18
N ALA C 424 -59.98 -22.21 27.39
CA ALA C 424 -60.10 -21.89 25.97
C ALA C 424 -60.58 -20.45 25.77
N ASP C 425 -61.53 -20.01 26.58
CA ASP C 425 -62.01 -18.63 26.45
C ASP C 425 -60.91 -17.64 26.80
N ILE C 426 -60.11 -17.95 27.83
CA ILE C 426 -58.99 -17.10 28.20
C ILE C 426 -58.02 -16.98 27.03
N GLU C 427 -57.74 -18.09 26.35
CA GLU C 427 -56.84 -18.04 25.21
C GLU C 427 -57.47 -17.25 24.06
N SER C 428 -58.78 -17.34 23.90
CA SER C 428 -59.44 -16.49 22.91
C SER C 428 -59.19 -15.03 23.20
N VAL C 429 -59.43 -14.61 24.43
CA VAL C 429 -59.21 -13.21 24.80
C VAL C 429 -57.77 -12.80 24.56
N VAL C 430 -56.83 -13.64 24.97
CA VAL C 430 -55.42 -13.30 24.84
C VAL C 430 -55.04 -13.18 23.37
N ALA C 431 -55.54 -14.07 22.52
CA ALA C 431 -55.20 -14.01 21.11
C ALA C 431 -55.83 -12.80 20.44
N ARG C 432 -57.08 -12.49 20.78
CA ARG C 432 -57.73 -11.34 20.17
C ARG C 432 -57.12 -10.04 20.63
N ILE C 433 -56.53 -10.02 21.83
CA ILE C 433 -55.86 -8.82 22.31
C ILE C 433 -54.48 -8.69 21.66
N ALA C 434 -53.65 -9.72 21.77
CA ALA C 434 -52.29 -9.67 21.25
C ALA C 434 -52.22 -9.90 19.76
N ARG C 435 -53.34 -10.24 19.11
CA ARG C 435 -53.38 -10.47 17.67
C ARG C 435 -52.42 -11.57 17.25
N ILE C 436 -52.64 -12.75 17.80
CA ILE C 436 -51.77 -13.90 17.53
C ILE C 436 -52.65 -15.06 17.12
N PRO C 437 -52.11 -15.94 16.26
CA PRO C 437 -52.85 -17.11 15.79
C PRO C 437 -52.90 -18.21 16.84
N GLU C 438 -53.72 -18.03 17.87
CA GLU C 438 -53.84 -19.01 18.93
C GLU C 438 -55.18 -19.74 18.85
N LYS C 439 -55.67 -20.21 19.99
CA LYS C 439 -56.94 -20.93 20.04
C LYS C 439 -56.83 -22.28 19.34
N SER C 440 -55.65 -22.90 19.44
CA SER C 440 -55.42 -24.17 18.83
C SER C 440 -55.90 -24.08 17.41
N VAL C 441 -55.28 -24.84 16.54
CA VAL C 441 -55.62 -24.84 15.15
C VAL C 441 -57.12 -24.88 14.95
N SER C 442 -57.69 -26.08 14.93
CA SER C 442 -59.13 -26.26 14.81
C SER C 442 -59.77 -26.19 13.42
N GLN C 443 -61.07 -25.95 13.45
CA GLN C 443 -61.97 -25.83 12.31
C GLN C 443 -61.41 -26.27 10.99
N SER C 444 -60.91 -25.26 10.28
CA SER C 444 -60.29 -25.42 8.97
C SER C 444 -58.87 -24.88 9.04
N ASP C 445 -58.58 -24.14 10.10
CA ASP C 445 -57.22 -23.64 10.28
C ASP C 445 -56.31 -24.84 10.06
N ARG C 446 -56.83 -26.03 10.39
CA ARG C 446 -56.11 -27.27 10.22
C ARG C 446 -56.07 -27.63 8.74
N ASP C 447 -57.21 -27.53 8.06
CA ASP C 447 -57.20 -27.85 6.64
C ASP C 447 -56.19 -26.99 5.89
N THR C 448 -56.22 -25.68 6.12
CA THR C 448 -55.34 -24.75 5.43
C THR C 448 -53.88 -25.12 5.67
N LEU C 449 -53.52 -25.40 6.93
CA LEU C 449 -52.15 -25.80 7.22
C LEU C 449 -51.82 -27.15 6.60
N LYS C 450 -52.82 -28.01 6.44
CA LYS C 450 -52.56 -29.36 5.94
C LYS C 450 -52.08 -29.33 4.49
N ASN C 451 -52.83 -28.67 3.62
CA ASN C 451 -52.52 -28.63 2.19
C ASN C 451 -51.83 -27.34 1.78
N LEU C 452 -51.13 -26.68 2.72
CA LEU C 452 -50.38 -25.49 2.37
C LEU C 452 -49.23 -25.82 1.42
N GLY C 453 -48.49 -26.88 1.72
CA GLY C 453 -47.45 -27.33 0.82
C GLY C 453 -47.96 -27.59 -0.59
N ASP C 454 -49.18 -28.12 -0.69
CA ASP C 454 -49.78 -28.32 -2.00
C ASP C 454 -50.10 -26.99 -2.69
N ARG C 455 -50.78 -26.09 -1.99
CA ARG C 455 -51.15 -24.82 -2.60
C ARG C 455 -49.93 -24.02 -3.01
N LEU C 456 -48.79 -24.26 -2.38
CA LEU C 456 -47.57 -23.60 -2.82
C LEU C 456 -46.91 -24.35 -3.96
N LYS C 457 -46.90 -25.69 -3.90
CA LYS C 457 -46.25 -26.47 -4.95
C LYS C 457 -46.95 -26.31 -6.29
N MET C 458 -48.24 -25.99 -6.28
CA MET C 458 -48.95 -25.74 -7.53
C MET C 458 -48.66 -24.37 -8.11
N LEU C 459 -48.05 -23.47 -7.34
CA LEU C 459 -47.68 -22.15 -7.84
C LEU C 459 -46.17 -21.96 -7.94
N VAL C 460 -45.39 -22.73 -7.19
CA VAL C 460 -43.94 -22.71 -7.28
C VAL C 460 -43.50 -24.12 -7.67
N PHE C 461 -42.90 -24.24 -8.84
CA PHE C 461 -42.50 -25.54 -9.37
C PHE C 461 -41.02 -25.76 -9.10
N GLY C 462 -40.67 -26.96 -8.65
CA GLY C 462 -39.34 -27.21 -8.14
C GLY C 462 -39.12 -26.49 -6.84
N GLN C 463 -37.92 -26.65 -6.29
CA GLN C 463 -37.56 -26.07 -5.01
C GLN C 463 -38.60 -26.41 -3.94
N ASP C 464 -39.01 -27.67 -3.89
CA ASP C 464 -40.07 -28.06 -2.98
C ASP C 464 -39.60 -28.12 -1.54
N LYS C 465 -38.31 -28.40 -1.32
CA LYS C 465 -37.82 -28.52 0.05
C LYS C 465 -37.87 -27.18 0.78
N ALA C 466 -37.78 -26.07 0.04
CA ALA C 466 -38.00 -24.77 0.66
C ALA C 466 -39.43 -24.65 1.18
N ILE C 467 -40.41 -25.05 0.38
CA ILE C 467 -41.79 -25.05 0.84
C ILE C 467 -41.94 -25.99 2.03
N GLU C 468 -41.24 -27.12 2.01
CA GLU C 468 -41.27 -28.04 3.13
C GLU C 468 -40.79 -27.36 4.41
N ALA C 469 -39.65 -26.69 4.35
CA ALA C 469 -39.11 -26.03 5.54
C ALA C 469 -40.05 -24.94 6.03
N LEU C 470 -40.56 -24.11 5.11
CA LEU C 470 -41.48 -23.05 5.52
C LEU C 470 -42.72 -23.63 6.20
N THR C 471 -43.33 -24.64 5.60
CA THR C 471 -44.52 -25.24 6.17
C THR C 471 -44.24 -25.90 7.50
N GLU C 472 -43.08 -26.56 7.64
CA GLU C 472 -42.74 -27.17 8.92
C GLU C 472 -42.62 -26.12 10.01
N ALA C 473 -41.95 -25.01 9.71
CA ALA C 473 -41.83 -23.94 10.69
C ALA C 473 -43.20 -23.38 11.07
N ILE C 474 -44.04 -23.13 10.08
CA ILE C 474 -45.36 -22.57 10.36
C ILE C 474 -46.19 -23.53 11.20
N LYS C 475 -46.15 -24.82 10.87
CA LYS C 475 -46.89 -25.80 11.64
C LYS C 475 -46.39 -25.88 13.07
N MET C 476 -45.07 -25.96 13.26
CA MET C 476 -44.51 -25.96 14.61
C MET C 476 -44.97 -24.74 15.39
N ALA C 477 -45.06 -23.59 14.73
CA ALA C 477 -45.60 -22.41 15.39
C ALA C 477 -47.04 -22.65 15.82
N ARG C 478 -47.90 -23.07 14.88
CA ARG C 478 -49.31 -23.26 15.22
C ARG C 478 -49.52 -24.46 16.12
N ALA C 479 -48.66 -25.47 16.05
CA ALA C 479 -48.79 -26.65 16.89
C ALA C 479 -48.29 -26.43 18.30
N GLY C 480 -47.87 -25.21 18.64
CA GLY C 480 -47.39 -24.95 19.99
C GLY C 480 -46.02 -25.50 20.29
N LEU C 481 -45.26 -25.90 19.27
CA LEU C 481 -43.90 -26.38 19.46
C LEU C 481 -42.87 -25.36 19.00
N GLY C 482 -43.27 -24.12 18.79
CA GLY C 482 -42.35 -23.09 18.39
C GLY C 482 -41.33 -22.78 19.46
N HIS C 483 -40.53 -21.76 19.20
CA HIS C 483 -39.51 -21.37 20.15
C HIS C 483 -40.11 -20.54 21.27
N GLU C 484 -39.40 -20.50 22.39
CA GLU C 484 -39.85 -19.72 23.54
C GLU C 484 -39.99 -18.25 23.17
N HIS C 485 -38.97 -17.65 22.58
CA HIS C 485 -39.07 -16.30 22.04
C HIS C 485 -38.16 -16.14 20.84
N LYS C 486 -38.69 -16.40 19.65
CA LYS C 486 -37.95 -16.26 18.41
C LYS C 486 -38.96 -16.03 17.30
N PRO C 487 -38.53 -15.54 16.15
CA PRO C 487 -39.43 -15.48 15.00
C PRO C 487 -39.92 -16.87 14.65
N VAL C 488 -41.10 -16.91 14.03
CA VAL C 488 -41.65 -18.20 13.59
C VAL C 488 -40.63 -18.96 12.76
N GLY C 489 -39.97 -18.27 11.84
CA GLY C 489 -38.91 -18.87 11.06
C GLY C 489 -37.91 -17.83 10.62
N SER C 490 -36.65 -18.24 10.61
CA SER C 490 -35.55 -17.38 10.17
C SER C 490 -34.79 -18.13 9.08
N PHE C 491 -35.08 -17.81 7.82
CA PHE C 491 -34.58 -18.59 6.69
C PHE C 491 -33.74 -17.73 5.77
N LEU C 492 -32.68 -18.34 5.24
CA LEU C 492 -31.84 -17.73 4.22
C LEU C 492 -31.99 -18.52 2.93
N PHE C 493 -32.70 -17.95 1.96
CA PHE C 493 -32.90 -18.58 0.67
C PHE C 493 -31.84 -18.08 -0.29
N ALA C 494 -30.96 -18.97 -0.72
CA ALA C 494 -29.86 -18.61 -1.61
C ALA C 494 -29.91 -19.47 -2.87
N GLY C 495 -29.62 -18.83 -4.01
CA GLY C 495 -29.63 -19.54 -5.26
C GLY C 495 -29.60 -18.61 -6.46
N PRO C 496 -29.50 -19.18 -7.65
CA PRO C 496 -29.41 -18.37 -8.87
C PRO C 496 -30.68 -17.57 -9.10
N THR C 497 -30.55 -16.54 -9.94
CA THR C 497 -31.67 -15.65 -10.20
C THR C 497 -32.80 -16.40 -10.92
N GLY C 498 -34.03 -15.94 -10.68
CA GLY C 498 -35.18 -16.47 -11.38
C GLY C 498 -35.51 -17.92 -11.07
N VAL C 499 -35.28 -18.38 -9.85
CA VAL C 499 -35.61 -19.73 -9.46
C VAL C 499 -36.74 -19.77 -8.44
N GLY C 500 -37.38 -18.63 -8.19
CA GLY C 500 -38.52 -18.59 -7.29
C GLY C 500 -38.22 -18.19 -5.87
N LYS C 501 -37.09 -17.54 -5.61
CA LYS C 501 -36.70 -17.24 -4.25
C LYS C 501 -37.67 -16.27 -3.59
N THR C 502 -37.97 -15.16 -4.24
CA THR C 502 -38.97 -14.23 -3.73
C THR C 502 -40.39 -14.67 -4.03
N GLU C 503 -40.59 -15.45 -5.09
CA GLU C 503 -41.95 -15.83 -5.47
C GLU C 503 -42.55 -16.80 -4.46
N VAL C 504 -41.76 -17.75 -3.96
CA VAL C 504 -42.28 -18.68 -2.97
C VAL C 504 -42.70 -17.92 -1.72
N THR C 505 -41.96 -16.88 -1.35
CA THR C 505 -42.31 -16.11 -0.17
C THR C 505 -43.57 -15.30 -0.39
N VAL C 506 -43.67 -14.62 -1.53
CA VAL C 506 -44.87 -13.84 -1.80
C VAL C 506 -46.10 -14.74 -1.86
N GLN C 507 -45.96 -15.92 -2.46
CA GLN C 507 -47.09 -16.83 -2.54
C GLN C 507 -47.41 -17.43 -1.18
N LEU C 508 -46.41 -17.62 -0.33
CA LEU C 508 -46.68 -18.04 1.04
C LEU C 508 -47.50 -16.99 1.78
N SER C 509 -47.13 -15.72 1.61
CA SER C 509 -47.90 -14.64 2.21
C SER C 509 -49.33 -14.66 1.70
N LYS C 510 -49.52 -14.83 0.39
CA LYS C 510 -50.86 -14.80 -0.17
C LYS C 510 -51.67 -16.01 0.28
N ALA C 511 -51.02 -17.16 0.47
CA ALA C 511 -51.72 -18.36 0.89
C ALA C 511 -52.16 -18.25 2.34
N LEU C 512 -51.29 -17.74 3.21
CA LEU C 512 -51.66 -17.58 4.61
C LEU C 512 -52.66 -16.44 4.83
N GLY C 513 -52.81 -15.55 3.86
CA GLY C 513 -53.73 -14.44 4.02
C GLY C 513 -53.29 -13.41 5.03
N ILE C 514 -51.98 -13.23 5.21
CA ILE C 514 -51.44 -12.28 6.16
C ILE C 514 -50.61 -11.25 5.42
N GLU C 515 -50.10 -10.27 6.16
CA GLU C 515 -49.37 -9.16 5.57
C GLU C 515 -47.97 -9.59 5.14
N LEU C 516 -47.51 -9.04 4.03
CA LEU C 516 -46.16 -9.22 3.56
C LEU C 516 -45.37 -7.95 3.80
N LEU C 517 -44.30 -8.05 4.58
CA LEU C 517 -43.43 -6.93 4.87
C LEU C 517 -42.18 -7.07 4.00
N ARG C 518 -42.19 -6.40 2.85
CA ARG C 518 -41.10 -6.47 1.90
C ARG C 518 -40.12 -5.34 2.17
N PHE C 519 -38.85 -5.68 2.30
CA PHE C 519 -37.79 -4.71 2.48
C PHE C 519 -36.68 -5.00 1.48
N ASP C 520 -36.23 -3.95 0.80
CA ASP C 520 -35.22 -4.08 -0.25
C ASP C 520 -33.87 -3.73 0.34
N MET C 521 -33.12 -4.75 0.76
CA MET C 521 -31.83 -4.52 1.40
C MET C 521 -30.82 -3.86 0.48
N SER C 522 -31.14 -3.71 -0.81
CA SER C 522 -30.26 -2.97 -1.69
C SER C 522 -30.22 -1.48 -1.35
N GLU C 523 -31.27 -0.96 -0.73
CA GLU C 523 -31.30 0.44 -0.33
C GLU C 523 -30.51 0.70 0.94
N TYR C 524 -29.91 -0.32 1.54
CA TYR C 524 -29.18 -0.19 2.79
C TYR C 524 -27.70 -0.50 2.58
N MET C 525 -27.13 0.04 1.50
CA MET C 525 -25.74 -0.22 1.17
C MET C 525 -24.80 0.35 2.23
N GLU C 526 -25.16 1.46 2.86
CA GLU C 526 -24.26 2.17 3.75
C GLU C 526 -24.56 1.81 5.20
N ARG C 527 -23.49 1.84 6.01
CA ARG C 527 -23.62 1.50 7.43
C ARG C 527 -24.63 2.40 8.13
N HIS C 528 -24.59 3.70 7.84
CA HIS C 528 -25.44 4.65 8.54
C HIS C 528 -26.89 4.59 8.12
N THR C 529 -27.28 3.63 7.28
CA THR C 529 -28.68 3.51 6.92
C THR C 529 -29.49 2.75 7.97
N VAL C 530 -28.83 2.22 9.00
CA VAL C 530 -29.52 1.51 10.06
C VAL C 530 -30.58 2.41 10.69
N SER C 531 -30.27 3.70 10.85
CA SER C 531 -31.23 4.65 11.38
C SER C 531 -32.50 4.70 10.55
N ARG C 532 -32.43 4.33 9.27
CA ARG C 532 -33.65 4.22 8.49
C ARG C 532 -34.49 3.04 8.94
N LEU C 533 -33.84 1.99 9.44
CA LEU C 533 -34.57 0.83 9.93
C LEU C 533 -35.17 1.09 11.32
N ILE C 534 -34.35 1.60 12.24
CA ILE C 534 -34.75 1.67 13.64
C ILE C 534 -34.98 3.09 14.13
N GLY C 535 -34.78 4.10 13.31
CA GLY C 535 -35.05 5.45 13.77
C GLY C 535 -33.80 6.18 14.20
N ALA C 536 -33.89 7.51 14.20
CA ALA C 536 -32.76 8.33 14.59
C ALA C 536 -32.73 8.53 16.10
N PRO C 537 -31.54 8.63 16.69
CA PRO C 537 -31.44 8.86 18.12
C PRO C 537 -32.13 10.15 18.52
N PRO C 538 -32.52 10.30 19.78
CA PRO C 538 -33.25 11.50 20.18
C PRO C 538 -32.42 12.76 20.03
N GLY C 539 -33.10 13.87 19.76
CA GLY C 539 -32.46 15.14 19.54
C GLY C 539 -32.09 15.43 18.10
N TYR C 540 -32.33 14.49 17.19
CA TYR C 540 -31.93 14.64 15.80
C TYR C 540 -33.14 14.86 14.91
N VAL C 541 -32.87 15.10 13.63
CA VAL C 541 -33.91 15.63 12.74
C VAL C 541 -35.01 14.60 12.49
N GLY C 542 -34.65 13.35 12.30
CA GLY C 542 -35.62 12.33 11.98
C GLY C 542 -36.18 11.57 13.16
N PHE C 543 -36.12 12.13 14.37
CA PHE C 543 -36.53 11.40 15.55
C PHE C 543 -38.03 11.12 15.54
N ASP C 544 -38.83 12.09 15.10
CA ASP C 544 -40.28 11.95 15.13
C ASP C 544 -40.81 10.89 14.17
N GLN C 545 -39.97 10.30 13.34
CA GLN C 545 -40.43 9.31 12.36
C GLN C 545 -40.34 7.88 12.87
N GLY C 546 -39.54 7.63 13.91
CA GLY C 546 -39.33 6.25 14.29
C GLY C 546 -38.52 5.53 13.23
N GLY C 547 -38.58 4.20 13.29
CA GLY C 547 -37.92 3.36 12.32
C GLY C 547 -38.93 2.62 11.48
N LEU C 548 -38.55 2.31 10.24
CA LEU C 548 -39.48 1.67 9.33
C LEU C 548 -39.74 0.22 9.71
N LEU C 549 -38.67 -0.53 10.00
CA LEU C 549 -38.81 -1.95 10.29
C LEU C 549 -39.68 -2.18 11.53
N THR C 550 -39.32 -1.55 12.65
CA THR C 550 -40.06 -1.76 13.88
C THR C 550 -41.48 -1.23 13.80
N ASP C 551 -41.69 -0.11 13.09
CA ASP C 551 -43.05 0.39 12.94
C ASP C 551 -43.91 -0.58 12.13
N ALA C 552 -43.36 -1.14 11.06
CA ALA C 552 -44.10 -2.12 10.28
C ALA C 552 -44.42 -3.35 11.13
N VAL C 553 -43.45 -3.82 11.92
CA VAL C 553 -43.69 -5.01 12.73
C VAL C 553 -44.75 -4.73 13.79
N ILE C 554 -44.70 -3.55 14.41
CA ILE C 554 -45.69 -3.20 15.42
C ILE C 554 -47.08 -3.08 14.81
N LYS C 555 -47.17 -2.52 13.61
CA LYS C 555 -48.47 -2.41 12.95
C LYS C 555 -49.01 -3.78 12.58
N HIS C 556 -48.12 -4.69 12.15
CA HIS C 556 -48.51 -6.03 11.72
C HIS C 556 -47.67 -7.05 12.48
N PRO C 557 -48.10 -7.43 13.68
CA PRO C 557 -47.33 -8.39 14.46
C PRO C 557 -47.34 -9.79 13.88
N HIS C 558 -48.40 -10.16 13.17
CA HIS C 558 -48.49 -11.45 12.50
C HIS C 558 -48.35 -11.21 11.00
N ALA C 559 -47.16 -11.45 10.48
CA ALA C 559 -46.88 -11.20 9.06
C ALA C 559 -45.64 -11.99 8.69
N VAL C 560 -45.27 -11.90 7.41
CA VAL C 560 -44.06 -12.53 6.89
C VAL C 560 -43.09 -11.42 6.49
N LEU C 561 -41.87 -11.49 7.01
CA LEU C 561 -40.88 -10.45 6.81
C LEU C 561 -39.92 -10.87 5.71
N LEU C 562 -39.96 -10.16 4.60
CA LEU C 562 -39.16 -10.49 3.42
C LEU C 562 -38.06 -9.46 3.25
N LEU C 563 -36.82 -9.93 3.26
CA LEU C 563 -35.65 -9.07 3.09
C LEU C 563 -34.96 -9.44 1.79
N ASP C 564 -35.23 -8.69 0.73
CA ASP C 564 -34.70 -9.00 -0.59
C ASP C 564 -33.23 -8.64 -0.67
N GLU C 565 -32.42 -9.62 -1.08
CA GLU C 565 -31.01 -9.40 -1.43
C GLU C 565 -30.24 -8.78 -0.28
N ILE C 566 -30.16 -9.53 0.82
CA ILE C 566 -29.49 -9.03 2.01
C ILE C 566 -27.99 -8.91 1.81
N GLU C 567 -27.42 -9.63 0.85
CA GLU C 567 -25.99 -9.47 0.58
C GLU C 567 -25.66 -8.11 -0.01
N LYS C 568 -26.66 -7.35 -0.45
CA LYS C 568 -26.45 -6.02 -0.99
C LYS C 568 -26.36 -4.94 0.07
N ALA C 569 -26.87 -5.19 1.27
CA ALA C 569 -26.79 -4.21 2.34
C ALA C 569 -25.39 -4.18 2.93
N HIS C 570 -25.12 -3.15 3.72
CA HIS C 570 -23.83 -3.05 4.38
C HIS C 570 -23.63 -4.25 5.30
N PRO C 571 -22.45 -4.87 5.29
CA PRO C 571 -22.24 -6.06 6.12
C PRO C 571 -22.48 -5.84 7.60
N ASP C 572 -22.48 -4.58 8.05
CA ASP C 572 -22.74 -4.30 9.46
C ASP C 572 -24.22 -4.32 9.80
N VAL C 573 -25.10 -4.04 8.83
CA VAL C 573 -26.53 -3.99 9.12
C VAL C 573 -27.05 -5.34 9.58
N PHE C 574 -26.36 -6.43 9.22
CA PHE C 574 -26.77 -7.76 9.64
C PHE C 574 -26.91 -7.89 11.15
N ASN C 575 -26.22 -7.05 11.91
CA ASN C 575 -26.25 -7.16 13.36
C ASN C 575 -27.60 -6.79 13.96
N ILE C 576 -28.47 -6.11 13.22
CA ILE C 576 -29.83 -5.90 13.68
C ILE C 576 -30.61 -7.21 13.64
N LEU C 577 -30.61 -7.85 12.47
CA LEU C 577 -31.23 -9.17 12.34
C LEU C 577 -30.61 -10.17 13.30
N LEU C 578 -29.36 -9.95 13.70
CA LEU C 578 -28.74 -10.81 14.71
C LEU C 578 -29.63 -10.91 15.95
N GLN C 579 -29.86 -9.77 16.58
CA GLN C 579 -30.71 -9.71 17.77
C GLN C 579 -32.16 -10.07 17.46
N VAL C 580 -32.64 -9.74 16.26
CA VAL C 580 -34.02 -10.06 15.90
C VAL C 580 -34.22 -11.57 15.87
N MET C 581 -33.28 -12.30 15.26
CA MET C 581 -33.38 -13.75 15.22
C MET C 581 -33.17 -14.37 16.59
N ASP C 582 -32.24 -13.82 17.37
CA ASP C 582 -31.95 -14.45 18.65
C ASP C 582 -33.09 -14.28 19.65
N ASN C 583 -33.68 -13.09 19.74
CA ASN C 583 -34.65 -12.82 20.79
C ASN C 583 -36.04 -12.49 20.28
N GLY C 584 -36.22 -12.24 19.00
CA GLY C 584 -37.51 -11.88 18.48
C GLY C 584 -37.97 -10.50 18.89
N THR C 585 -37.08 -9.66 19.39
CA THR C 585 -37.42 -8.30 19.77
C THR C 585 -36.42 -7.33 19.15
N LEU C 586 -36.90 -6.14 18.85
CA LEU C 586 -36.07 -5.07 18.31
C LEU C 586 -36.57 -3.76 18.88
N THR C 587 -35.66 -2.95 19.42
CA THR C 587 -36.01 -1.72 20.10
C THR C 587 -35.71 -0.53 19.21
N ASP C 588 -36.73 0.27 18.91
CA ASP C 588 -36.54 1.46 18.11
C ASP C 588 -36.00 2.59 18.99
N ASN C 589 -35.97 3.80 18.45
CA ASN C 589 -35.39 4.93 19.14
C ASN C 589 -36.20 5.40 20.34
N ASN C 590 -37.47 5.03 20.43
CA ASN C 590 -38.32 5.44 21.54
C ASN C 590 -38.34 4.44 22.68
N GLY C 591 -37.45 3.45 22.66
CA GLY C 591 -37.49 2.40 23.65
C GLY C 591 -38.57 1.36 23.44
N ARG C 592 -39.47 1.58 22.48
CA ARG C 592 -40.49 0.61 22.14
C ARG C 592 -39.86 -0.64 21.55
N LYS C 593 -40.49 -1.78 21.81
CA LYS C 593 -39.97 -3.06 21.37
C LYS C 593 -40.97 -3.74 20.43
N ALA C 594 -40.49 -4.10 19.24
CA ALA C 594 -41.31 -4.82 18.28
C ALA C 594 -41.24 -6.32 18.56
N ASP C 595 -42.37 -7.00 18.39
CA ASP C 595 -42.49 -8.42 18.69
C ASP C 595 -42.37 -9.20 17.39
N PHE C 596 -41.28 -9.94 17.25
CA PHE C 596 -41.02 -10.73 16.05
C PHE C 596 -41.42 -12.18 16.20
N ARG C 597 -41.94 -12.58 17.37
CA ARG C 597 -42.25 -13.98 17.61
C ARG C 597 -43.37 -14.51 16.74
N ASN C 598 -44.10 -13.65 16.04
CA ASN C 598 -45.19 -14.08 15.17
C ASN C 598 -44.92 -13.78 13.70
N VAL C 599 -43.65 -13.59 13.34
CA VAL C 599 -43.30 -13.32 11.95
C VAL C 599 -42.34 -14.39 11.46
N VAL C 600 -42.38 -14.61 10.15
CA VAL C 600 -41.46 -15.52 9.48
C VAL C 600 -40.41 -14.69 8.76
N LEU C 601 -39.19 -14.70 9.28
CA LEU C 601 -38.09 -13.95 8.70
C LEU C 601 -37.49 -14.78 7.58
N VAL C 602 -37.64 -14.32 6.35
CA VAL C 602 -37.10 -14.98 5.18
C VAL C 602 -36.22 -14.00 4.43
N MET C 603 -34.98 -14.40 4.16
CA MET C 603 -34.01 -13.55 3.48
C MET C 603 -33.51 -14.24 2.23
N THR C 604 -33.54 -13.51 1.13
CA THR C 604 -33.12 -14.03 -0.17
C THR C 604 -31.77 -13.42 -0.55
N THR C 605 -30.99 -14.18 -1.30
CA THR C 605 -29.67 -13.72 -1.72
C THR C 605 -29.19 -14.55 -2.89
N ASN C 606 -28.29 -13.97 -3.68
CA ASN C 606 -27.58 -14.67 -4.74
C ASN C 606 -26.12 -14.90 -4.37
N ALA C 607 -25.85 -15.23 -3.11
CA ALA C 607 -24.47 -15.23 -2.61
C ALA C 607 -23.63 -16.30 -3.30
N GLY C 608 -24.03 -17.55 -3.19
CA GLY C 608 -23.23 -18.64 -3.71
C GLY C 608 -23.32 -18.87 -5.20
N VAL C 609 -23.92 -17.94 -5.94
CA VAL C 609 -24.15 -18.16 -7.36
C VAL C 609 -22.83 -18.12 -8.13
N ARG C 610 -22.13 -16.99 -8.07
CA ARG C 610 -20.96 -16.79 -8.92
C ARG C 610 -19.87 -17.80 -8.61
N GLU C 611 -19.80 -18.29 -7.37
CA GLU C 611 -18.77 -19.26 -7.02
C GLU C 611 -19.12 -20.64 -7.54
N THR C 612 -20.40 -21.01 -7.54
CA THR C 612 -20.80 -22.30 -8.07
C THR C 612 -20.71 -22.36 -9.58
N GLU C 613 -20.93 -21.24 -10.27
CA GLU C 613 -20.85 -21.19 -11.73
C GLU C 613 -19.45 -20.75 -12.15
N ARG C 614 -18.48 -21.61 -11.82
CA ARG C 614 -17.10 -21.40 -12.18
C ARG C 614 -16.60 -22.58 -12.99
N LYS C 615 -15.49 -22.36 -13.68
CA LYS C 615 -14.89 -23.38 -14.52
C LYS C 615 -13.61 -23.90 -13.86
N SER C 616 -13.59 -25.19 -13.56
CA SER C 616 -12.39 -25.82 -13.04
C SER C 616 -11.33 -25.88 -14.12
N ILE C 617 -10.07 -25.72 -13.71
CA ILE C 617 -8.93 -25.83 -14.62
C ILE C 617 -8.15 -27.07 -14.24
N GLY C 618 -7.96 -27.95 -15.21
CA GLY C 618 -7.24 -29.18 -14.95
C GLY C 618 -7.87 -30.38 -15.64
N LEU C 619 -7.22 -31.53 -15.54
CA LEU C 619 -7.72 -32.71 -16.22
C LEU C 619 -8.95 -33.29 -15.54
N ILE C 620 -9.17 -32.97 -14.27
CA ILE C 620 -10.25 -33.55 -13.49
C ILE C 620 -11.13 -32.43 -12.96
N HIS C 621 -12.39 -32.44 -13.35
CA HIS C 621 -13.35 -31.50 -12.77
C HIS C 621 -13.61 -31.86 -11.32
N GLN C 622 -13.62 -30.84 -10.47
CA GLN C 622 -13.79 -31.01 -9.04
C GLN C 622 -15.24 -30.78 -8.63
N ASP C 623 -15.59 -31.32 -7.48
CA ASP C 623 -16.91 -31.07 -6.89
C ASP C 623 -16.91 -29.66 -6.33
N ASN C 624 -17.75 -28.80 -6.91
CA ASN C 624 -17.90 -27.42 -6.44
C ASN C 624 -19.22 -27.22 -5.71
N SER C 625 -19.80 -28.28 -5.17
CA SER C 625 -21.04 -28.14 -4.41
C SER C 625 -20.86 -27.34 -3.13
N THR C 626 -19.71 -27.51 -2.45
CA THR C 626 -19.48 -26.83 -1.19
C THR C 626 -19.15 -25.35 -1.35
N ASP C 627 -19.01 -24.86 -2.59
CA ASP C 627 -18.58 -23.48 -2.78
C ASP C 627 -19.68 -22.48 -2.45
N ALA C 628 -20.94 -22.84 -2.67
CA ALA C 628 -22.02 -21.96 -2.23
C ALA C 628 -21.96 -21.75 -0.73
N MET C 629 -21.80 -22.82 0.03
CA MET C 629 -21.65 -22.71 1.48
C MET C 629 -20.39 -21.96 1.86
N GLU C 630 -19.29 -22.16 1.13
CA GLU C 630 -18.07 -21.42 1.41
C GLU C 630 -18.30 -19.92 1.26
N GLU C 631 -18.94 -19.52 0.16
CA GLU C 631 -19.21 -18.10 -0.07
C GLU C 631 -20.15 -17.55 1.00
N ILE C 632 -21.20 -18.29 1.34
CA ILE C 632 -22.15 -17.79 2.33
C ILE C 632 -21.47 -17.64 3.68
N LYS C 633 -20.58 -18.57 4.03
CA LYS C 633 -19.83 -18.46 5.28
C LYS C 633 -18.89 -17.26 5.24
N LYS C 634 -18.27 -17.01 4.09
CA LYS C 634 -17.41 -15.84 3.96
C LYS C 634 -18.18 -14.53 4.08
N ILE C 635 -19.44 -14.52 3.68
CA ILE C 635 -20.23 -13.30 3.72
C ILE C 635 -20.85 -13.07 5.10
N PHE C 636 -21.39 -14.11 5.71
CA PHE C 636 -22.17 -13.98 6.93
C PHE C 636 -21.37 -14.46 8.13
N THR C 637 -21.33 -13.64 9.17
CA THR C 637 -20.58 -13.96 10.37
C THR C 637 -21.08 -15.26 10.97
N PRO C 638 -20.21 -16.05 11.61
CA PRO C 638 -20.67 -17.32 12.20
C PRO C 638 -21.84 -17.19 13.13
N GLU C 639 -21.89 -16.12 13.93
CA GLU C 639 -23.02 -15.95 14.84
C GLU C 639 -24.29 -15.56 14.11
N PHE C 640 -24.19 -14.97 12.91
CA PHE C 640 -25.39 -14.69 12.13
C PHE C 640 -25.94 -15.97 11.54
N ARG C 641 -25.06 -16.81 10.98
CA ARG C 641 -25.51 -18.08 10.44
C ARG C 641 -26.02 -19.00 11.54
N ASN C 642 -25.44 -18.91 12.73
CA ASN C 642 -25.80 -19.78 13.84
C ASN C 642 -27.18 -19.49 14.40
N ARG C 643 -27.89 -18.48 13.88
CA ARG C 643 -29.24 -18.19 14.33
C ARG C 643 -30.28 -18.44 13.24
N LEU C 644 -29.85 -18.87 12.06
CA LEU C 644 -30.78 -19.20 11.00
C LEU C 644 -31.42 -20.56 11.26
N ASP C 645 -32.73 -20.64 11.01
CA ASP C 645 -33.41 -21.93 11.12
C ASP C 645 -32.83 -22.94 10.15
N ASN C 646 -32.66 -22.53 8.90
CA ASN C 646 -32.00 -23.36 7.90
C ASN C 646 -31.67 -22.48 6.69
N ILE C 647 -30.64 -22.89 5.95
CA ILE C 647 -30.23 -22.23 4.73
C ILE C 647 -30.63 -23.12 3.56
N ILE C 648 -31.68 -22.74 2.85
CA ILE C 648 -32.24 -23.54 1.77
C ILE C 648 -31.57 -23.11 0.48
N TRP C 649 -30.61 -23.90 0.03
CA TRP C 649 -29.89 -23.60 -1.20
C TRP C 649 -30.75 -24.01 -2.40
N PHE C 650 -31.17 -23.02 -3.18
CA PHE C 650 -31.99 -23.27 -4.35
C PHE C 650 -31.13 -23.77 -5.50
N ASP C 651 -31.68 -24.68 -6.29
CA ASP C 651 -31.02 -25.16 -7.50
C ASP C 651 -31.69 -24.57 -8.73
N HIS C 652 -31.03 -24.71 -9.88
CA HIS C 652 -31.59 -24.19 -11.12
C HIS C 652 -32.85 -24.95 -11.50
N LEU C 653 -33.64 -24.34 -12.37
CA LEU C 653 -34.86 -24.97 -12.85
C LEU C 653 -34.54 -25.99 -13.95
N SER C 654 -35.17 -27.16 -13.85
CA SER C 654 -35.01 -28.16 -14.88
C SER C 654 -36.02 -27.93 -16.00
N THR C 655 -35.85 -28.68 -17.10
CA THR C 655 -36.65 -28.44 -18.29
C THR C 655 -38.13 -28.76 -18.09
N ASP C 656 -38.45 -29.80 -17.33
CA ASP C 656 -39.86 -30.05 -17.01
C ASP C 656 -40.43 -28.94 -16.16
N VAL C 657 -39.63 -28.47 -15.19
CA VAL C 657 -40.00 -27.27 -14.45
C VAL C 657 -40.19 -26.10 -15.40
N ILE C 658 -39.39 -26.05 -16.47
CA ILE C 658 -39.53 -24.98 -17.44
C ILE C 658 -40.87 -25.09 -18.16
N HIS C 659 -41.27 -26.32 -18.51
CA HIS C 659 -42.58 -26.51 -19.13
C HIS C 659 -43.69 -26.05 -18.20
N GLN C 660 -43.60 -26.40 -16.92
CA GLN C 660 -44.62 -25.99 -15.96
C GLN C 660 -44.64 -24.48 -15.80
N VAL C 661 -43.46 -23.84 -15.83
CA VAL C 661 -43.38 -22.40 -15.73
C VAL C 661 -44.03 -21.75 -16.95
N VAL C 662 -43.78 -22.32 -18.14
CA VAL C 662 -44.40 -21.81 -19.34
C VAL C 662 -45.91 -21.92 -19.24
N ASP C 663 -46.39 -23.03 -18.68
CA ASP C 663 -47.84 -23.20 -18.50
C ASP C 663 -48.40 -22.16 -17.54
N LYS C 664 -47.68 -21.90 -16.45
CA LYS C 664 -48.12 -20.87 -15.51
C LYS C 664 -48.20 -19.50 -16.18
N PHE C 665 -47.19 -19.17 -16.97
CA PHE C 665 -47.22 -17.89 -17.68
C PHE C 665 -48.33 -17.85 -18.72
N ILE C 666 -48.62 -18.99 -19.35
CA ILE C 666 -49.74 -19.05 -20.29
C ILE C 666 -51.04 -18.78 -19.56
N VAL C 667 -51.17 -19.31 -18.34
CA VAL C 667 -52.39 -19.07 -17.57
C VAL C 667 -52.49 -17.60 -17.18
N GLU C 668 -51.37 -17.00 -16.81
CA GLU C 668 -51.35 -15.56 -16.53
C GLU C 668 -51.81 -14.76 -17.73
N LEU C 669 -51.25 -15.06 -18.90
CA LEU C 669 -51.62 -14.36 -20.12
C LEU C 669 -53.09 -14.59 -20.45
N GLN C 670 -53.58 -15.81 -20.24
CA GLN C 670 -54.98 -16.10 -20.48
C GLN C 670 -55.87 -15.26 -19.58
N VAL C 671 -55.49 -15.11 -18.32
CA VAL C 671 -56.25 -14.27 -17.41
C VAL C 671 -56.26 -12.82 -17.91
N GLN C 672 -55.09 -12.32 -18.30
CA GLN C 672 -55.01 -10.96 -18.83
C GLN C 672 -55.92 -10.79 -20.04
N LEU C 673 -56.02 -11.83 -20.87
CA LEU C 673 -56.85 -11.73 -22.07
C LEU C 673 -58.33 -11.83 -21.72
N ASP C 674 -58.69 -12.71 -20.77
CA ASP C 674 -60.07 -12.79 -20.32
C ASP C 674 -60.53 -11.46 -19.74
N GLN C 675 -59.60 -10.72 -19.10
CA GLN C 675 -59.92 -9.36 -18.71
C GLN C 675 -60.34 -8.53 -19.92
N LYS C 676 -59.71 -8.75 -21.07
CA LYS C 676 -60.12 -8.11 -22.31
C LYS C 676 -61.24 -8.86 -23.02
N GLY C 677 -61.65 -10.01 -22.50
CA GLY C 677 -62.77 -10.72 -23.08
C GLY C 677 -62.44 -11.60 -24.26
N VAL C 678 -61.15 -11.92 -24.49
CA VAL C 678 -60.76 -12.80 -25.56
C VAL C 678 -60.12 -14.06 -24.95
N SER C 679 -60.26 -15.16 -25.66
CA SER C 679 -59.74 -16.45 -25.22
C SER C 679 -58.53 -16.83 -26.06
N LEU C 680 -57.61 -17.56 -25.45
CA LEU C 680 -56.41 -18.01 -26.12
C LEU C 680 -56.23 -19.50 -25.88
N GLU C 681 -55.95 -20.24 -26.95
CA GLU C 681 -55.51 -21.62 -26.86
C GLU C 681 -54.17 -21.76 -27.56
N VAL C 682 -53.25 -22.47 -26.91
CA VAL C 682 -51.92 -22.71 -27.45
C VAL C 682 -51.71 -24.21 -27.56
N SER C 683 -51.42 -24.68 -28.76
CA SER C 683 -51.20 -26.10 -28.97
C SER C 683 -50.04 -26.61 -28.12
N GLN C 684 -50.09 -27.91 -27.82
CA GLN C 684 -49.10 -28.49 -26.93
C GLN C 684 -47.70 -28.43 -27.52
N GLU C 685 -47.56 -28.75 -28.80
CA GLU C 685 -46.24 -28.65 -29.43
C GLU C 685 -45.77 -27.21 -29.48
N ALA C 686 -46.70 -26.24 -29.53
CA ALA C 686 -46.28 -24.86 -29.45
C ALA C 686 -45.69 -24.55 -28.09
N ARG C 687 -46.31 -25.05 -27.02
CA ARG C 687 -45.73 -24.90 -25.69
C ARG C 687 -44.34 -25.53 -25.62
N ASN C 688 -44.20 -26.73 -26.18
CA ASN C 688 -42.91 -27.40 -26.18
C ASN C 688 -41.86 -26.57 -26.93
N TRP C 689 -42.24 -26.01 -28.08
CA TRP C 689 -41.30 -25.22 -28.85
C TRP C 689 -40.91 -23.95 -28.09
N LEU C 690 -41.88 -23.30 -27.44
CA LEU C 690 -41.56 -22.13 -26.63
C LEU C 690 -40.58 -22.48 -25.52
N ALA C 691 -40.81 -23.61 -24.85
CA ALA C 691 -39.91 -24.03 -23.78
C ALA C 691 -38.51 -24.31 -24.32
N GLU C 692 -38.42 -25.00 -25.45
CA GLU C 692 -37.11 -25.29 -26.02
C GLU C 692 -36.43 -24.03 -26.53
N LYS C 693 -37.21 -23.01 -26.88
CA LYS C 693 -36.63 -21.79 -27.41
C LYS C 693 -36.11 -20.90 -26.29
N GLY C 694 -36.85 -20.79 -25.20
CA GLY C 694 -36.49 -19.85 -24.15
C GLY C 694 -35.63 -20.40 -23.03
N TYR C 695 -35.42 -21.70 -22.96
CA TYR C 695 -34.73 -22.29 -21.81
C TYR C 695 -33.29 -21.82 -21.75
N ASP C 696 -32.91 -21.24 -20.61
CA ASP C 696 -31.53 -20.87 -20.32
C ASP C 696 -31.25 -21.26 -18.88
N ARG C 697 -30.43 -22.29 -18.69
CA ARG C 697 -30.20 -22.82 -17.35
C ARG C 697 -29.59 -21.77 -16.42
N ALA C 698 -28.71 -20.93 -16.96
CA ALA C 698 -28.00 -19.98 -16.11
C ALA C 698 -28.90 -18.85 -15.64
N MET C 699 -30.05 -18.67 -16.26
CA MET C 699 -30.90 -17.52 -15.97
C MET C 699 -32.29 -17.90 -15.45
N GLY C 700 -32.50 -19.17 -15.11
CA GLY C 700 -33.73 -19.54 -14.44
C GLY C 700 -34.95 -19.37 -15.31
N ALA C 701 -35.95 -18.67 -14.78
CA ALA C 701 -37.28 -18.65 -15.39
C ALA C 701 -37.63 -17.33 -16.06
N ARG C 702 -36.92 -16.25 -15.75
CA ARG C 702 -37.23 -14.97 -16.39
C ARG C 702 -37.11 -15.01 -17.91
N PRO C 703 -36.10 -15.64 -18.50
CA PRO C 703 -36.09 -15.76 -19.97
C PRO C 703 -37.33 -16.41 -20.53
N MET C 704 -37.96 -17.33 -19.79
CA MET C 704 -39.22 -17.88 -20.25
C MET C 704 -40.29 -16.81 -20.35
N ALA C 705 -40.43 -15.97 -19.33
CA ALA C 705 -41.37 -14.87 -19.39
C ALA C 705 -41.06 -13.95 -20.56
N ARG C 706 -39.77 -13.69 -20.80
CA ARG C 706 -39.41 -12.80 -21.90
C ARG C 706 -39.77 -13.39 -23.25
N VAL C 707 -39.46 -14.68 -23.46
CA VAL C 707 -39.73 -15.29 -24.75
C VAL C 707 -41.23 -15.43 -24.97
N ILE C 708 -41.98 -15.72 -23.90
CA ILE C 708 -43.42 -15.84 -24.04
C ILE C 708 -44.04 -14.49 -24.38
N GLN C 709 -43.59 -13.44 -23.67
CA GLN C 709 -44.02 -12.09 -24.02
C GLN C 709 -43.75 -11.80 -25.48
N ASP C 710 -42.49 -11.90 -25.90
CA ASP C 710 -42.11 -11.54 -27.27
C ASP C 710 -42.91 -12.34 -28.30
N ASN C 711 -43.10 -13.63 -28.07
CA ASN C 711 -43.71 -14.47 -29.10
C ASN C 711 -45.22 -14.33 -29.14
N LEU C 712 -45.88 -14.13 -28.00
CA LEU C 712 -47.34 -14.12 -27.97
C LEU C 712 -47.93 -12.73 -27.78
N LYS C 713 -47.48 -11.98 -26.77
CA LYS C 713 -48.14 -10.72 -26.45
C LYS C 713 -48.01 -9.72 -27.59
N LYS C 714 -46.81 -9.60 -28.17
CA LYS C 714 -46.62 -8.63 -29.25
C LYS C 714 -47.54 -8.89 -30.43
N PRO C 715 -47.61 -10.09 -31.00
CA PRO C 715 -48.64 -10.33 -32.03
C PRO C 715 -50.04 -10.13 -31.51
N LEU C 716 -50.32 -10.56 -30.27
CA LEU C 716 -51.64 -10.34 -29.69
C LEU C 716 -51.91 -8.86 -29.49
N ALA C 717 -50.90 -8.10 -29.04
CA ALA C 717 -51.08 -6.67 -28.87
C ALA C 717 -51.42 -6.01 -30.19
N ASN C 718 -50.68 -6.34 -31.25
CA ASN C 718 -50.99 -5.77 -32.56
C ASN C 718 -52.37 -6.20 -33.02
N GLU C 719 -52.76 -7.45 -32.76
CA GLU C 719 -54.03 -7.95 -33.27
C GLU C 719 -55.21 -7.29 -32.58
N LEU C 720 -55.12 -7.09 -31.26
CA LEU C 720 -56.25 -6.54 -30.53
C LEU C 720 -56.24 -5.01 -30.48
N LEU C 721 -55.09 -4.39 -30.77
CA LEU C 721 -55.05 -2.94 -30.78
C LEU C 721 -55.58 -2.36 -32.08
N PHE C 722 -55.47 -3.11 -33.18
CA PHE C 722 -55.72 -2.57 -34.51
C PHE C 722 -56.84 -3.30 -35.25
N GLY C 723 -57.81 -3.85 -34.54
CA GLY C 723 -59.07 -4.28 -35.12
C GLY C 723 -59.33 -5.77 -35.12
N SER C 724 -58.33 -6.59 -35.40
CA SER C 724 -58.59 -8.01 -35.65
C SER C 724 -59.12 -8.71 -34.39
N LEU C 725 -58.78 -8.20 -33.21
CA LEU C 725 -59.23 -8.79 -31.96
C LEU C 725 -59.90 -7.77 -31.03
N VAL C 726 -60.29 -6.61 -31.57
CA VAL C 726 -61.06 -5.65 -30.77
C VAL C 726 -62.39 -6.30 -30.40
N ASP C 727 -62.60 -6.51 -29.09
CA ASP C 727 -63.71 -7.31 -28.60
C ASP C 727 -63.68 -8.71 -29.23
N GLY C 728 -62.47 -9.22 -29.44
CA GLY C 728 -62.27 -10.44 -30.19
C GLY C 728 -62.69 -11.68 -29.44
N GLY C 729 -62.46 -12.81 -30.09
CA GLY C 729 -62.82 -14.09 -29.51
C GLY C 729 -61.62 -15.00 -29.28
N GLN C 730 -61.62 -16.15 -29.96
CA GLN C 730 -60.59 -17.16 -29.74
C GLN C 730 -59.32 -16.80 -30.51
N VAL C 731 -58.19 -16.92 -29.85
CA VAL C 731 -56.90 -16.79 -30.50
C VAL C 731 -56.40 -18.19 -30.87
N THR C 732 -56.04 -18.38 -32.13
CA THR C 732 -55.70 -19.68 -32.69
C THR C 732 -54.19 -19.75 -32.85
N VAL C 733 -53.50 -20.26 -31.84
CA VAL C 733 -52.05 -20.36 -31.85
C VAL C 733 -51.66 -21.83 -31.93
N ALA C 734 -50.96 -22.18 -33.01
CA ALA C 734 -50.40 -23.52 -33.19
C ALA C 734 -49.07 -23.40 -33.89
N LEU C 735 -48.32 -24.49 -33.89
CA LEU C 735 -46.97 -24.50 -34.45
C LEU C 735 -46.92 -25.33 -35.73
N ASP C 736 -46.26 -24.79 -36.75
CA ASP C 736 -45.93 -25.57 -37.93
C ASP C 736 -44.53 -26.17 -37.78
N LYS C 737 -44.18 -27.09 -38.66
CA LYS C 737 -42.92 -27.81 -38.55
C LYS C 737 -41.83 -27.32 -39.49
N GLU C 738 -42.21 -26.74 -40.63
CA GLU C 738 -41.20 -26.33 -41.61
C GLU C 738 -40.41 -25.13 -41.13
N LYS C 739 -41.06 -24.19 -40.45
CA LYS C 739 -40.38 -22.98 -39.99
C LYS C 739 -40.46 -22.76 -38.48
N ASN C 740 -41.11 -23.65 -37.72
CA ASN C 740 -41.30 -23.48 -36.29
C ASN C 740 -42.00 -22.14 -36.00
N GLU C 741 -43.06 -21.88 -36.76
CA GLU C 741 -43.80 -20.63 -36.64
C GLU C 741 -45.14 -20.86 -35.96
N LEU C 742 -45.73 -19.78 -35.50
CA LEU C 742 -47.00 -19.83 -34.80
C LEU C 742 -48.13 -19.33 -35.70
N THR C 743 -49.31 -19.90 -35.50
CA THR C 743 -50.51 -19.48 -36.20
C THR C 743 -51.27 -18.45 -35.37
N TYR C 744 -52.16 -17.72 -36.04
CA TYR C 744 -52.95 -16.68 -35.40
C TYR C 744 -54.28 -16.53 -36.13
N GLY C 745 -55.25 -15.94 -35.45
CA GLY C 745 -56.53 -15.70 -36.08
C GLY C 745 -57.58 -15.25 -35.09
N PHE C 746 -58.81 -15.20 -35.57
CA PHE C 746 -59.98 -14.82 -34.76
C PHE C 746 -60.74 -16.08 -34.36
N MET D 169 -51.06 42.17 60.76
CA MET D 169 -50.16 41.15 61.28
C MET D 169 -50.90 40.25 62.27
N GLU D 170 -52.22 40.23 62.14
CA GLU D 170 -53.04 39.42 63.04
C GLU D 170 -53.06 37.96 62.61
N ASN D 171 -53.35 37.70 61.34
CA ASN D 171 -53.44 36.33 60.84
C ASN D 171 -52.67 36.12 59.55
N PHE D 172 -52.25 37.18 58.88
CA PHE D 172 -51.47 37.07 57.65
C PHE D 172 -49.99 36.82 57.93
N THR D 173 -49.63 36.62 59.20
CA THR D 173 -48.28 36.25 59.56
C THR D 173 -48.32 35.61 60.93
N THR D 174 -47.27 34.85 61.24
CA THR D 174 -47.12 34.22 62.54
C THR D 174 -45.97 34.88 63.28
N ASN D 175 -46.20 35.21 64.54
CA ASN D 175 -45.15 35.71 65.41
C ASN D 175 -44.19 34.55 65.68
N LEU D 176 -43.04 34.56 64.99
CA LEU D 176 -42.07 33.50 65.18
C LEU D 176 -41.53 33.48 66.61
N ASN D 177 -41.48 34.64 67.27
CA ASN D 177 -41.14 34.65 68.68
C ASN D 177 -42.20 33.96 69.53
N GLN D 178 -43.47 34.18 69.21
CA GLN D 178 -44.54 33.52 69.96
C GLN D 178 -44.52 32.02 69.75
N LEU D 179 -44.25 31.59 68.51
CA LEU D 179 -44.15 30.15 68.25
C LEU D 179 -42.91 29.56 68.92
N ALA D 180 -41.83 30.33 69.00
CA ALA D 180 -40.62 29.86 69.65
C ALA D 180 -40.81 29.74 71.15
N ARG D 181 -41.60 30.64 71.74
CA ARG D 181 -41.79 30.64 73.19
C ARG D 181 -42.52 29.39 73.65
N VAL D 182 -43.40 28.84 72.81
CA VAL D 182 -44.13 27.63 73.16
C VAL D 182 -43.37 26.37 72.75
N GLY D 183 -42.15 26.52 72.23
CA GLY D 183 -41.33 25.37 71.90
C GLY D 183 -41.68 24.69 70.59
N GLY D 184 -42.25 25.42 69.64
CA GLY D 184 -42.60 24.82 68.36
C GLY D 184 -41.50 24.78 67.34
N ILE D 185 -40.36 25.42 67.62
CA ILE D 185 -39.22 25.42 66.72
C ILE D 185 -38.15 24.49 67.29
N ASP D 186 -37.73 23.53 66.48
CA ASP D 186 -36.65 22.65 66.90
C ASP D 186 -35.39 23.48 67.12
N PRO D 187 -34.54 23.09 68.09
CA PRO D 187 -33.38 23.93 68.42
C PRO D 187 -32.38 24.01 67.27
N LEU D 188 -32.03 25.24 66.93
CA LEU D 188 -31.00 25.47 65.92
C LEU D 188 -29.63 25.20 66.51
N ILE D 189 -28.95 24.19 66.00
CA ILE D 189 -27.65 23.76 66.51
C ILE D 189 -26.57 24.24 65.56
N GLY D 190 -25.61 24.99 66.08
CA GLY D 190 -24.54 25.49 65.25
C GLY D 190 -24.97 26.70 64.43
N ARG D 191 -24.32 26.85 63.27
CA ARG D 191 -24.60 27.96 62.35
C ARG D 191 -24.34 29.31 63.01
N GLU D 192 -23.21 29.41 63.71
CA GLU D 192 -22.89 30.66 64.39
C GLU D 192 -22.42 31.72 63.40
N LYS D 193 -21.60 31.34 62.43
CA LYS D 193 -21.14 32.31 61.43
C LYS D 193 -22.30 32.86 60.62
N GLU D 194 -23.26 32.00 60.27
CA GLU D 194 -24.39 32.45 59.47
C GLU D 194 -25.28 33.38 60.29
N LEU D 195 -25.51 33.06 61.56
CA LEU D 195 -26.26 33.97 62.43
C LEU D 195 -25.53 35.30 62.58
N GLU D 196 -24.20 35.26 62.70
CA GLU D 196 -23.43 36.49 62.77
C GLU D 196 -23.63 37.33 61.52
N ARG D 197 -23.57 36.70 60.35
CA ARG D 197 -23.77 37.42 59.10
C ARG D 197 -25.17 38.03 59.02
N ALA D 198 -26.18 37.25 59.42
CA ALA D 198 -27.55 37.74 59.37
C ALA D 198 -27.76 38.93 60.30
N ILE D 199 -27.23 38.84 61.53
CA ILE D 199 -27.35 39.95 62.45
C ILE D 199 -26.58 41.16 61.94
N GLN D 200 -25.41 40.93 61.33
CA GLN D 200 -24.63 42.02 60.77
C GLN D 200 -25.41 42.78 59.71
N VAL D 201 -26.00 42.05 58.75
CA VAL D 201 -26.68 42.72 57.66
C VAL D 201 -27.99 43.35 58.15
N LEU D 202 -28.63 42.73 59.14
CA LEU D 202 -29.88 43.29 59.66
C LEU D 202 -29.67 44.67 60.27
N CYS D 203 -28.48 44.94 60.78
CA CYS D 203 -28.21 46.21 61.45
C CYS D 203 -27.57 47.26 60.55
N ARG D 204 -27.38 46.97 59.27
CA ARG D 204 -26.85 47.97 58.37
C ARG D 204 -27.81 49.14 58.22
N ARG D 205 -27.26 50.31 57.89
CA ARG D 205 -28.10 51.47 57.68
C ARG D 205 -28.97 51.32 56.44
N ARG D 206 -28.42 50.72 55.38
CA ARG D 206 -29.16 50.45 54.17
C ARG D 206 -28.98 48.98 53.80
N LYS D 207 -29.91 48.47 53.00
CA LYS D 207 -29.92 47.07 52.58
C LYS D 207 -29.88 46.13 53.78
N ASN D 208 -30.65 46.48 54.81
CA ASN D 208 -30.76 45.66 56.01
C ASN D 208 -31.74 44.51 55.80
N ASN D 209 -31.47 43.69 54.79
CA ASN D 209 -32.36 42.61 54.40
C ASN D 209 -31.53 41.37 54.06
N PRO D 210 -31.33 40.48 55.03
CA PRO D 210 -30.58 39.25 54.76
C PRO D 210 -31.35 38.31 53.84
N LEU D 211 -30.66 37.87 52.79
CA LEU D 211 -31.21 36.90 51.84
C LEU D 211 -30.51 35.58 52.03
N LEU D 212 -31.13 34.68 52.79
CA LEU D 212 -30.59 33.36 53.03
C LEU D 212 -30.78 32.52 51.77
N VAL D 213 -29.70 32.28 51.05
CA VAL D 213 -29.70 31.46 49.85
C VAL D 213 -29.00 30.15 50.18
N GLY D 214 -29.55 29.04 49.73
CA GLY D 214 -28.97 27.76 50.03
C GLY D 214 -29.61 26.66 49.24
N GLU D 215 -29.53 25.45 49.78
CA GLU D 215 -30.07 24.26 49.15
C GLU D 215 -31.35 23.83 49.83
N SER D 216 -32.09 22.94 49.17
CA SER D 216 -33.31 22.39 49.76
C SER D 216 -32.96 21.53 50.96
N GLY D 217 -33.62 21.80 52.08
CA GLY D 217 -33.36 21.05 53.30
C GLY D 217 -32.04 21.36 53.96
N VAL D 218 -31.29 22.34 53.46
CA VAL D 218 -29.96 22.60 54.01
C VAL D 218 -30.04 23.35 55.34
N GLY D 219 -31.15 24.00 55.63
CA GLY D 219 -31.30 24.75 56.86
C GLY D 219 -31.52 26.23 56.71
N LYS D 220 -32.02 26.70 55.55
CA LYS D 220 -32.32 28.12 55.40
C LYS D 220 -33.37 28.57 56.40
N THR D 221 -34.58 28.03 56.30
CA THR D 221 -35.62 28.31 57.28
C THR D 221 -35.25 27.79 58.67
N ALA D 222 -34.42 26.74 58.75
CA ALA D 222 -33.92 26.33 60.06
C ALA D 222 -33.20 27.46 60.76
N ILE D 223 -32.31 28.17 60.05
CA ILE D 223 -31.61 29.30 60.64
C ILE D 223 -32.57 30.46 60.85
N ALA D 224 -33.46 30.71 59.88
CA ALA D 224 -34.38 31.83 59.98
C ALA D 224 -35.30 31.69 61.18
N GLU D 225 -35.58 30.46 61.59
CA GLU D 225 -36.42 30.24 62.76
C GLU D 225 -35.59 30.12 64.03
N GLY D 226 -34.38 29.56 63.92
CA GLY D 226 -33.50 29.50 65.07
C GLY D 226 -33.07 30.87 65.54
N LEU D 227 -33.10 31.87 64.65
CA LEU D 227 -32.83 33.24 65.09
C LEU D 227 -33.88 33.71 66.09
N ALA D 228 -35.17 33.56 65.75
CA ALA D 228 -36.22 33.92 66.68
C ALA D 228 -36.18 33.03 67.92
N TRP D 229 -35.82 31.77 67.75
CA TRP D 229 -35.77 30.85 68.88
C TRP D 229 -34.64 31.24 69.85
N ARG D 230 -33.55 31.77 69.32
CA ARG D 230 -32.45 32.24 70.16
C ARG D 230 -32.78 33.58 70.79
N ILE D 231 -33.51 34.44 70.07
CA ILE D 231 -33.99 35.69 70.67
C ILE D 231 -34.89 35.38 71.86
N VAL D 232 -35.78 34.40 71.71
CA VAL D 232 -36.55 33.92 72.84
C VAL D 232 -35.63 33.34 73.90
N GLN D 233 -34.62 32.59 73.48
CA GLN D 233 -33.63 32.07 74.41
C GLN D 233 -32.84 33.18 75.07
N GLY D 234 -32.59 34.27 74.34
CA GLY D 234 -31.92 35.42 74.91
C GLY D 234 -30.41 35.41 74.81
N ASP D 235 -29.82 34.52 74.02
CA ASP D 235 -28.38 34.50 73.81
C ASP D 235 -27.97 35.20 72.51
N VAL D 236 -28.81 36.10 72.02
CA VAL D 236 -28.50 36.92 70.85
C VAL D 236 -27.91 38.23 71.35
N PRO D 237 -27.21 38.99 70.52
CA PRO D 237 -26.81 40.34 70.93
C PRO D 237 -28.02 41.17 71.32
N GLU D 238 -27.82 42.05 72.30
CA GLU D 238 -28.92 42.82 72.88
C GLU D 238 -29.70 43.61 71.83
N VAL D 239 -29.07 43.95 70.70
CA VAL D 239 -29.80 44.63 69.64
C VAL D 239 -30.91 43.74 69.10
N MET D 240 -30.61 42.46 68.92
CA MET D 240 -31.57 41.50 68.42
C MET D 240 -32.52 40.98 69.50
N ALA D 241 -32.34 41.41 70.75
CA ALA D 241 -33.35 41.13 71.76
C ALA D 241 -34.58 42.00 71.49
N ASP D 242 -35.76 41.42 71.72
CA ASP D 242 -37.06 42.06 71.57
C ASP D 242 -37.41 42.36 70.11
N CYS D 243 -36.53 42.05 69.16
CA CYS D 243 -36.91 42.20 67.76
C CYS D 243 -37.75 40.99 67.35
N THR D 244 -38.96 41.26 66.89
CA THR D 244 -39.94 40.21 66.66
C THR D 244 -39.92 39.77 65.20
N ILE D 245 -39.66 38.49 64.98
CA ILE D 245 -39.61 37.92 63.64
C ILE D 245 -41.01 37.43 63.27
N TYR D 246 -41.51 37.87 62.13
CA TYR D 246 -42.81 37.46 61.64
C TYR D 246 -42.64 36.68 60.33
N SER D 247 -43.31 35.54 60.25
CA SER D 247 -43.28 34.68 59.08
C SER D 247 -44.54 34.94 58.25
N LEU D 248 -44.37 35.52 57.07
CA LEU D 248 -45.50 35.88 56.24
C LEU D 248 -46.17 34.64 55.67
N ASP D 249 -47.49 34.58 55.78
CA ASP D 249 -48.28 33.52 55.16
C ASP D 249 -48.73 34.03 53.80
N ILE D 250 -47.99 33.64 52.76
CA ILE D 250 -48.29 34.11 51.42
C ILE D 250 -49.69 33.68 51.00
N GLY D 251 -50.11 32.51 51.44
CA GLY D 251 -51.42 31.99 51.07
C GLY D 251 -52.58 32.88 51.44
N SER D 252 -52.84 33.04 52.74
CA SER D 252 -53.97 33.83 53.19
C SER D 252 -53.84 35.29 52.79
N LEU D 253 -52.60 35.80 52.73
CA LEU D 253 -52.38 37.15 52.23
C LEU D 253 -52.90 37.28 50.80
N LEU D 254 -52.54 36.33 49.94
CA LEU D 254 -53.03 36.35 48.57
C LEU D 254 -54.49 35.96 48.48
N ALA D 255 -55.05 35.38 49.56
CA ALA D 255 -56.45 35.00 49.57
C ALA D 255 -57.33 36.22 49.70
N GLY D 256 -57.30 37.08 48.70
CA GLY D 256 -58.10 38.29 48.69
C GLY D 256 -59.45 38.10 48.05
N THR D 257 -60.23 39.16 48.02
CA THR D 257 -61.59 39.12 47.52
C THR D 257 -61.60 39.21 46.00
N LYS D 258 -62.81 39.16 45.44
CA LYS D 258 -62.97 39.28 44.00
C LYS D 258 -62.82 40.70 43.50
N TYR D 259 -62.48 41.65 44.38
CA TYR D 259 -62.41 43.04 43.98
C TYR D 259 -60.97 43.48 43.76
N ARG D 260 -60.81 44.54 42.98
CA ARG D 260 -59.48 45.02 42.64
C ARG D 260 -58.97 45.99 43.69
N GLY D 261 -57.66 45.98 43.91
CA GLY D 261 -57.00 46.91 44.80
C GLY D 261 -57.09 46.54 46.27
N ASP D 262 -58.13 45.84 46.69
CA ASP D 262 -58.28 45.52 48.11
C ASP D 262 -57.27 44.51 48.61
N PHE D 263 -56.73 43.66 47.72
CA PHE D 263 -55.55 42.90 48.09
C PHE D 263 -54.40 43.83 48.41
N GLU D 264 -54.15 44.80 47.53
CA GLU D 264 -53.14 45.81 47.79
C GLU D 264 -53.48 46.61 49.05
N LYS D 265 -54.77 46.83 49.29
CA LYS D 265 -55.18 47.56 50.50
C LYS D 265 -54.80 46.79 51.75
N ARG D 266 -55.16 45.51 51.82
CA ARG D 266 -54.79 44.69 52.96
C ARG D 266 -53.27 44.60 53.11
N PHE D 267 -52.57 44.45 51.99
CA PHE D 267 -51.12 44.33 52.03
C PHE D 267 -50.48 45.60 52.57
N LYS D 268 -50.98 46.76 52.14
CA LYS D 268 -50.43 48.03 52.63
C LYS D 268 -50.79 48.26 54.08
N ALA D 269 -51.96 47.76 54.52
CA ALA D 269 -52.29 47.84 55.93
C ALA D 269 -51.34 47.02 56.77
N LEU D 270 -51.01 45.81 56.30
CA LEU D 270 -50.01 45.01 57.00
C LEU D 270 -48.64 45.68 56.99
N LEU D 271 -48.29 46.30 55.86
CA LEU D 271 -47.05 47.09 55.79
C LEU D 271 -47.05 48.19 56.83
N LYS D 272 -48.19 48.86 57.01
CA LYS D 272 -48.25 49.97 57.96
C LYS D 272 -48.17 49.48 59.39
N GLN D 273 -48.75 48.31 59.68
CA GLN D 273 -48.56 47.71 60.99
C GLN D 273 -47.09 47.40 61.23
N LEU D 274 -46.43 46.80 60.24
CA LEU D 274 -45.00 46.51 60.34
C LEU D 274 -44.19 47.79 60.57
N GLU D 275 -44.57 48.88 59.90
CA GLU D 275 -43.86 50.14 60.06
C GLU D 275 -44.09 50.73 61.44
N GLN D 276 -45.32 50.63 61.95
CA GLN D 276 -45.63 51.19 63.27
C GLN D 276 -44.90 50.42 64.37
N ASP D 277 -44.71 49.11 64.18
CA ASP D 277 -43.94 48.36 65.17
C ASP D 277 -42.47 48.75 65.14
N THR D 278 -41.80 48.48 64.02
CA THR D 278 -40.45 48.95 63.68
C THR D 278 -39.38 48.26 64.51
N ASN D 279 -39.76 47.61 65.61
CA ASN D 279 -38.88 46.66 66.28
C ASN D 279 -39.29 45.22 65.93
N SER D 280 -39.32 44.96 64.63
CA SER D 280 -39.82 43.68 64.15
C SER D 280 -39.29 43.42 62.76
N ILE D 281 -39.05 42.15 62.46
CA ILE D 281 -38.54 41.70 61.18
C ILE D 281 -39.59 40.81 60.53
N LEU D 282 -39.86 41.06 59.26
CA LEU D 282 -40.81 40.26 58.49
C LEU D 282 -40.03 39.27 57.64
N PHE D 283 -40.05 38.01 58.04
CA PHE D 283 -39.36 36.95 57.32
C PHE D 283 -40.34 36.25 56.38
N ILE D 284 -39.92 36.03 55.14
CA ILE D 284 -40.77 35.43 54.13
C ILE D 284 -40.05 34.21 53.55
N ASP D 285 -40.56 33.02 53.88
CA ASP D 285 -40.12 31.82 53.21
C ASP D 285 -40.52 31.86 51.74
N GLU D 286 -39.67 31.29 50.90
CA GLU D 286 -39.89 31.27 49.45
C GLU D 286 -40.10 32.69 48.92
N ILE D 287 -39.13 33.55 49.22
CA ILE D 287 -39.26 34.97 48.96
C ILE D 287 -39.34 35.25 47.46
N HIS D 288 -38.65 34.46 46.65
CA HIS D 288 -38.72 34.61 45.20
C HIS D 288 -40.14 34.46 44.67
N THR D 289 -40.99 33.69 45.36
CA THR D 289 -42.38 33.54 44.95
C THR D 289 -43.19 34.81 45.12
N ILE D 290 -42.70 35.78 45.90
CA ILE D 290 -43.41 37.04 46.01
C ILE D 290 -43.29 37.85 44.73
N ILE D 291 -42.31 37.56 43.89
CA ILE D 291 -42.19 38.23 42.60
C ILE D 291 -43.36 37.78 41.73
N GLY D 292 -44.11 38.74 41.21
CA GLY D 292 -45.29 38.41 40.46
C GLY D 292 -46.46 37.92 41.30
N ALA D 293 -46.40 38.07 42.62
CA ALA D 293 -47.49 37.63 43.47
C ALA D 293 -48.80 38.34 43.14
N GLY D 294 -48.74 39.57 42.65
CA GLY D 294 -49.94 40.26 42.25
C GLY D 294 -50.50 39.74 40.94
N ALA D 295 -51.78 39.99 40.73
CA ALA D 295 -52.50 39.49 39.57
C ALA D 295 -53.71 40.38 39.33
N ALA D 296 -54.64 39.88 38.53
CA ALA D 296 -55.88 40.60 38.25
C ALA D 296 -55.59 41.97 37.66
N SER D 297 -55.03 41.99 36.46
CA SER D 297 -54.53 43.21 35.83
C SER D 297 -55.60 44.31 35.82
N GLY D 298 -55.12 45.55 35.71
CA GLY D 298 -55.98 46.70 35.87
C GLY D 298 -55.60 47.53 37.08
N GLY D 299 -56.44 47.48 38.12
CA GLY D 299 -56.19 48.21 39.34
C GLY D 299 -55.52 47.45 40.46
N GLN D 300 -55.27 46.15 40.29
CA GLN D 300 -54.62 45.33 41.31
C GLN D 300 -53.13 45.29 40.98
N VAL D 301 -52.33 46.09 41.70
CA VAL D 301 -50.92 46.19 41.42
C VAL D 301 -50.19 44.93 41.87
N ASP D 302 -49.13 44.58 41.14
CA ASP D 302 -48.35 43.40 41.45
C ASP D 302 -47.56 43.59 42.75
N ALA D 303 -47.48 42.53 43.54
CA ALA D 303 -46.62 42.54 44.70
C ALA D 303 -45.16 42.46 44.27
N ALA D 304 -44.26 42.71 45.23
CA ALA D 304 -42.82 42.79 45.03
C ALA D 304 -42.48 44.06 44.26
N ASN D 305 -43.51 44.77 43.78
CA ASN D 305 -43.36 46.16 43.38
C ASN D 305 -43.76 47.08 44.52
N LEU D 306 -44.60 46.61 45.43
CA LEU D 306 -45.02 47.33 46.61
C LEU D 306 -43.97 47.32 47.71
N ILE D 307 -43.09 46.34 47.73
CA ILE D 307 -42.09 46.19 48.77
C ILE D 307 -40.87 47.07 48.50
N LYS D 308 -40.47 47.18 47.24
CA LYS D 308 -39.31 47.99 46.85
C LYS D 308 -39.29 49.41 47.43
N PRO D 309 -40.41 50.15 47.48
CA PRO D 309 -40.36 51.46 48.14
C PRO D 309 -39.96 51.40 49.60
N LEU D 310 -40.31 50.33 50.31
CA LEU D 310 -39.92 50.18 51.71
C LEU D 310 -38.52 49.66 51.89
N LEU D 311 -37.98 48.92 50.91
CA LEU D 311 -36.59 48.50 50.98
C LEU D 311 -35.64 49.62 50.58
N SER D 312 -36.12 50.56 49.76
CA SER D 312 -35.29 51.70 49.40
C SER D 312 -35.14 52.66 50.57
N SER D 313 -36.17 52.81 51.40
CA SER D 313 -36.13 53.71 52.53
C SER D 313 -35.51 53.07 53.77
N GLY D 314 -35.50 51.75 53.85
CA GLY D 314 -35.03 51.07 55.03
C GLY D 314 -35.99 51.08 56.20
N LYS D 315 -37.25 51.48 55.97
CA LYS D 315 -38.21 51.56 57.07
C LYS D 315 -38.48 50.18 57.67
N ILE D 316 -38.44 49.13 56.85
CA ILE D 316 -38.75 47.78 57.29
C ILE D 316 -37.53 46.90 57.07
N ARG D 317 -37.49 45.80 57.82
CA ARG D 317 -36.41 44.83 57.73
C ARG D 317 -36.99 43.46 57.40
N VAL D 318 -36.39 42.77 56.43
CA VAL D 318 -36.93 41.56 55.83
C VAL D 318 -35.85 40.49 55.75
N ILE D 319 -36.27 39.24 55.94
CA ILE D 319 -35.40 38.08 55.76
C ILE D 319 -36.02 37.20 54.69
N GLY D 320 -35.18 36.73 53.76
CA GLY D 320 -35.61 35.86 52.68
C GLY D 320 -34.97 34.49 52.73
N SER D 321 -35.60 33.57 52.01
CA SER D 321 -35.10 32.20 51.90
C SER D 321 -35.47 31.67 50.53
N THR D 322 -34.45 31.29 49.75
CA THR D 322 -34.68 30.77 48.41
C THR D 322 -33.48 29.92 48.01
N THR D 323 -33.75 28.89 47.21
CA THR D 323 -32.70 28.01 46.75
C THR D 323 -31.87 28.67 45.66
N TYR D 324 -30.68 28.12 45.41
CA TYR D 324 -29.81 28.66 44.38
C TYR D 324 -30.52 28.73 43.03
N GLN D 325 -31.20 27.65 42.66
CA GLN D 325 -31.85 27.60 41.35
C GLN D 325 -32.98 28.61 41.26
N GLU D 326 -33.92 28.57 42.21
CA GLU D 326 -35.02 29.52 42.21
C GLU D 326 -34.51 30.95 42.21
N PHE D 327 -33.54 31.25 43.08
CA PHE D 327 -32.97 32.59 43.12
C PHE D 327 -32.42 32.98 41.75
N SER D 328 -31.44 32.23 41.26
CA SER D 328 -30.76 32.60 40.03
C SER D 328 -31.71 32.68 38.84
N ASN D 329 -32.82 31.93 38.86
CA ASN D 329 -33.71 31.92 37.72
C ASN D 329 -34.80 32.97 37.79
N ILE D 330 -35.26 33.33 38.98
CA ILE D 330 -36.40 34.24 39.14
C ILE D 330 -35.99 35.49 39.91
N PHE D 331 -35.39 35.34 41.08
CA PHE D 331 -35.13 36.47 41.95
C PHE D 331 -34.09 37.41 41.34
N GLU D 332 -33.12 36.84 40.62
CA GLU D 332 -32.08 37.65 39.99
C GLU D 332 -32.63 38.63 38.96
N LYS D 333 -33.85 38.40 38.45
CA LYS D 333 -34.38 39.27 37.41
C LYS D 333 -34.56 40.70 37.90
N ASP D 334 -35.14 40.90 39.08
CA ASP D 334 -35.27 42.24 39.66
C ASP D 334 -33.92 42.61 40.26
N ARG D 335 -33.11 43.33 39.48
CA ARG D 335 -31.83 43.78 40.00
C ARG D 335 -32.00 44.80 41.13
N ALA D 336 -33.08 45.57 41.09
CA ALA D 336 -33.33 46.54 42.16
C ALA D 336 -33.57 45.84 43.49
N LEU D 337 -34.43 44.83 43.50
CA LEU D 337 -34.65 44.07 44.72
C LEU D 337 -33.40 43.28 45.11
N ALA D 338 -32.64 42.81 44.12
CA ALA D 338 -31.40 42.11 44.42
C ALA D 338 -30.41 43.03 45.12
N ARG D 339 -30.45 44.32 44.80
CA ARG D 339 -29.59 45.30 45.42
C ARG D 339 -30.04 45.61 46.85
N ARG D 340 -31.32 45.37 47.14
CA ARG D 340 -31.86 45.63 48.46
C ARG D 340 -31.52 44.54 49.46
N PHE D 341 -30.91 43.45 49.02
CA PHE D 341 -30.60 42.30 49.88
C PHE D 341 -29.12 41.99 49.84
N GLN D 342 -28.61 41.49 50.96
CA GLN D 342 -27.26 40.96 51.03
C GLN D 342 -27.33 39.45 50.85
N LYS D 343 -26.79 38.97 49.74
CA LYS D 343 -26.84 37.54 49.42
C LYS D 343 -26.02 36.76 50.42
N ILE D 344 -26.69 35.97 51.26
CA ILE D 344 -26.05 35.13 52.25
C ILE D 344 -26.25 33.68 51.84
N ASP D 345 -25.16 32.99 51.54
CA ASP D 345 -25.23 31.63 51.02
C ASP D 345 -25.14 30.63 52.17
N ILE D 346 -26.19 29.83 52.33
CA ILE D 346 -26.23 28.77 53.33
C ILE D 346 -25.58 27.55 52.70
N THR D 347 -24.50 27.06 53.31
CA THR D 347 -23.76 25.93 52.78
C THR D 347 -24.18 24.64 53.47
N GLU D 348 -23.94 23.52 52.78
CA GLU D 348 -24.29 22.23 53.34
C GLU D 348 -23.39 21.92 54.53
N PRO D 349 -23.94 21.61 55.70
CA PRO D 349 -23.11 21.26 56.85
C PRO D 349 -22.36 19.96 56.60
N SER D 350 -21.21 19.85 57.24
CA SER D 350 -20.32 18.72 57.04
C SER D 350 -20.73 17.58 57.98
N ILE D 351 -19.87 16.58 58.12
CA ILE D 351 -20.20 15.39 58.90
C ILE D 351 -20.40 15.76 60.37
N GLU D 352 -19.39 16.36 60.98
CA GLU D 352 -19.45 16.60 62.42
C GLU D 352 -20.51 17.62 62.80
N GLU D 353 -20.65 18.68 61.99
CA GLU D 353 -21.71 19.65 62.24
C GLU D 353 -23.08 18.97 62.23
N THR D 354 -23.30 18.07 61.27
CA THR D 354 -24.57 17.36 61.21
C THR D 354 -24.74 16.42 62.39
N VAL D 355 -23.66 15.78 62.83
CA VAL D 355 -23.73 14.92 64.00
C VAL D 355 -24.18 15.72 65.22
N GLN D 356 -23.59 16.91 65.40
CA GLN D 356 -23.97 17.76 66.52
C GLN D 356 -25.41 18.23 66.38
N ILE D 357 -25.84 18.54 65.16
CA ILE D 357 -27.23 18.96 64.94
C ILE D 357 -28.19 17.83 65.32
N ILE D 358 -27.84 16.59 64.95
CA ILE D 358 -28.68 15.46 65.31
C ILE D 358 -28.72 15.30 66.82
N ASN D 359 -27.57 15.42 67.47
CA ASN D 359 -27.54 15.27 68.92
C ASN D 359 -28.39 16.34 69.59
N GLY D 360 -28.43 17.53 69.02
CA GLY D 360 -29.27 18.58 69.57
C GLY D 360 -30.76 18.32 69.34
N LEU D 361 -31.11 17.83 68.17
CA LEU D 361 -32.51 17.60 67.84
C LEU D 361 -33.06 16.30 68.43
N LYS D 362 -32.18 15.40 68.85
CA LYS D 362 -32.58 14.06 69.30
C LYS D 362 -33.62 14.05 70.41
N PRO D 363 -33.59 14.92 71.42
CA PRO D 363 -34.65 14.88 72.43
C PRO D 363 -36.05 15.01 71.86
N LYS D 364 -36.25 15.88 70.87
CA LYS D 364 -37.58 16.06 70.30
C LYS D 364 -38.08 14.77 69.66
N TYR D 365 -37.26 14.14 68.82
CA TYR D 365 -37.70 12.96 68.12
C TYR D 365 -37.76 11.75 69.03
N GLU D 366 -36.96 11.75 70.11
CA GLU D 366 -37.10 10.70 71.11
C GLU D 366 -38.41 10.86 71.88
N ALA D 367 -38.80 12.09 72.18
CA ALA D 367 -40.08 12.32 72.83
C ALA D 367 -41.22 11.92 71.91
N HIS D 368 -41.10 12.19 70.61
CA HIS D 368 -42.16 11.85 69.67
C HIS D 368 -42.26 10.33 69.48
N HIS D 369 -41.12 9.67 69.32
CA HIS D 369 -41.08 8.25 68.99
C HIS D 369 -40.88 7.36 70.20
N ASP D 370 -40.49 7.91 71.35
CA ASP D 370 -40.28 7.14 72.58
C ASP D 370 -39.18 6.11 72.38
N VAL D 371 -38.03 6.57 71.87
CA VAL D 371 -36.88 5.73 71.58
C VAL D 371 -35.64 6.37 72.17
N ARG D 372 -34.55 5.60 72.21
CA ARG D 372 -33.25 6.08 72.64
C ARG D 372 -32.23 5.70 71.57
N TYR D 373 -31.32 6.62 71.29
CA TYR D 373 -30.32 6.42 70.24
C TYR D 373 -28.92 6.36 70.83
N THR D 374 -28.10 5.48 70.28
CA THR D 374 -26.69 5.45 70.63
C THR D 374 -25.92 6.47 69.80
N ALA D 375 -24.76 6.88 70.32
CA ALA D 375 -23.87 7.73 69.52
C ALA D 375 -23.41 6.99 68.28
N LYS D 376 -23.16 5.69 68.40
CA LYS D 376 -22.85 4.88 67.22
C LYS D 376 -23.98 4.92 66.22
N ALA D 377 -25.24 4.95 66.69
CA ALA D 377 -26.36 5.03 65.78
C ALA D 377 -26.35 6.35 65.01
N VAL D 378 -26.06 7.45 65.69
CA VAL D 378 -25.97 8.74 65.01
C VAL D 378 -24.86 8.73 63.97
N ARG D 379 -23.68 8.26 64.36
CA ARG D 379 -22.55 8.24 63.44
C ARG D 379 -22.84 7.36 62.23
N ALA D 380 -23.44 6.19 62.45
CA ALA D 380 -23.76 5.30 61.35
C ALA D 380 -24.82 5.90 60.44
N ALA D 381 -25.84 6.54 61.02
CA ALA D 381 -26.84 7.20 60.21
C ALA D 381 -26.20 8.25 59.32
N VAL D 382 -25.32 9.08 59.87
CA VAL D 382 -24.65 10.10 59.07
C VAL D 382 -23.85 9.45 57.95
N GLU D 383 -22.97 8.49 58.30
CA GLU D 383 -22.09 7.91 57.31
C GLU D 383 -22.85 7.22 56.20
N LEU D 384 -23.88 6.44 56.55
CA LEU D 384 -24.62 5.69 55.54
C LEU D 384 -25.51 6.60 54.71
N ALA D 385 -26.11 7.63 55.31
CA ALA D 385 -26.91 8.57 54.54
C ALA D 385 -26.04 9.34 53.57
N VAL D 386 -24.77 9.56 53.93
CA VAL D 386 -23.83 10.17 53.00
C VAL D 386 -23.53 9.18 51.87
N LYS D 387 -23.18 7.95 52.22
CA LYS D 387 -22.60 7.03 51.25
C LYS D 387 -23.63 6.47 50.28
N TYR D 388 -24.89 6.36 50.72
CA TYR D 388 -25.87 5.62 49.95
C TYR D 388 -27.12 6.40 49.60
N ILE D 389 -27.28 7.62 50.09
CA ILE D 389 -28.33 8.52 49.63
C ILE D 389 -27.67 9.71 48.98
N ASN D 390 -28.01 9.96 47.72
CA ASN D 390 -27.44 11.07 46.96
C ASN D 390 -28.51 11.94 46.34
N ASP D 391 -29.73 11.90 46.87
CA ASP D 391 -30.83 12.69 46.34
C ASP D 391 -31.13 13.93 47.16
N ARG D 392 -30.77 13.93 48.44
CA ARG D 392 -31.05 15.07 49.30
C ARG D 392 -29.73 15.57 49.90
N HIS D 393 -29.86 16.57 50.78
CA HIS D 393 -28.70 17.17 51.41
C HIS D 393 -28.57 16.68 52.85
N LEU D 394 -27.33 16.66 53.34
CA LEU D 394 -26.98 15.96 54.58
C LEU D 394 -27.85 16.32 55.77
N PRO D 395 -28.06 17.60 56.13
CA PRO D 395 -28.85 17.89 57.33
C PRO D 395 -30.26 17.37 57.26
N ASP D 396 -30.78 17.11 56.06
CA ASP D 396 -32.10 16.51 55.93
C ASP D 396 -32.02 14.99 55.78
N LYS D 397 -31.00 14.50 55.06
CA LYS D 397 -30.83 13.06 54.93
C LYS D 397 -30.71 12.39 56.29
N ALA D 398 -29.83 12.92 57.15
CA ALA D 398 -29.64 12.29 58.46
C ALA D 398 -30.88 12.40 59.33
N ILE D 399 -31.55 13.55 59.29
CA ILE D 399 -32.78 13.72 60.06
C ILE D 399 -33.84 12.72 59.60
N ASP D 400 -33.95 12.50 58.29
CA ASP D 400 -34.94 11.56 57.78
C ASP D 400 -34.60 10.14 58.19
N VAL D 401 -33.31 9.78 58.12
CA VAL D 401 -32.89 8.46 58.60
C VAL D 401 -33.31 8.27 60.04
N ILE D 402 -32.98 9.23 60.90
CA ILE D 402 -33.27 9.10 62.32
C ILE D 402 -34.77 9.06 62.58
N ASP D 403 -35.53 9.90 61.88
CA ASP D 403 -36.96 9.96 62.09
C ASP D 403 -37.64 8.67 61.65
N GLU D 404 -37.22 8.11 60.52
CA GLU D 404 -37.81 6.85 60.09
C GLU D 404 -37.41 5.71 61.01
N ALA D 405 -36.18 5.72 61.52
CA ALA D 405 -35.78 4.72 62.49
C ALA D 405 -36.64 4.81 63.74
N GLY D 406 -36.92 6.04 64.18
CA GLY D 406 -37.77 6.22 65.35
C GLY D 406 -39.20 5.74 65.11
N ALA D 407 -39.75 6.07 63.95
CA ALA D 407 -41.10 5.62 63.63
C ALA D 407 -41.16 4.10 63.52
N ARG D 408 -40.11 3.48 62.98
CA ARG D 408 -40.08 2.03 62.86
C ARG D 408 -39.98 1.38 64.22
N ALA D 409 -39.13 1.91 65.09
CA ALA D 409 -39.02 1.36 66.45
C ALA D 409 -40.25 1.70 67.29
N ARG D 410 -41.06 2.66 66.84
CA ARG D 410 -42.29 3.00 67.54
C ARG D 410 -43.45 2.13 67.04
N LEU D 411 -43.36 1.64 65.81
CA LEU D 411 -44.34 0.67 65.32
C LEU D 411 -43.98 -0.77 65.70
N MET D 412 -42.71 -1.02 66.00
CA MET D 412 -42.32 -2.33 66.50
C MET D 412 -43.09 -2.79 67.73
N PRO D 413 -43.36 -1.93 68.74
CA PRO D 413 -44.04 -2.42 69.94
C PRO D 413 -45.54 -2.63 69.77
N VAL D 414 -45.95 -3.29 68.69
CA VAL D 414 -47.27 -3.90 68.69
C VAL D 414 -47.27 -5.09 69.64
N SER D 415 -46.08 -5.64 69.91
CA SER D 415 -45.84 -6.61 70.97
C SER D 415 -45.02 -6.00 72.10
N LYS D 416 -45.08 -4.67 72.25
CA LYS D 416 -44.41 -3.92 73.31
C LYS D 416 -42.90 -4.03 73.26
N ARG D 417 -42.31 -4.05 72.06
CA ARG D 417 -40.85 -4.03 71.91
C ARG D 417 -40.37 -2.60 71.72
N LYS D 418 -40.66 -1.75 72.70
CA LYS D 418 -40.09 -0.42 72.75
C LYS D 418 -38.62 -0.53 73.13
N LYS D 419 -37.75 -0.25 72.16
CA LYS D 419 -36.32 -0.51 72.32
C LYS D 419 -35.54 0.74 71.95
N THR D 420 -34.23 0.68 72.22
CA THR D 420 -33.32 1.66 71.67
C THR D 420 -33.02 1.33 70.21
N VAL D 421 -32.54 2.33 69.47
CA VAL D 421 -32.19 2.16 68.08
C VAL D 421 -30.73 1.71 68.00
N ASN D 422 -30.53 0.47 67.56
CA ASN D 422 -29.18 -0.06 67.40
C ASN D 422 -28.66 0.25 66.00
N VAL D 423 -27.40 -0.11 65.76
CA VAL D 423 -26.79 0.15 64.46
C VAL D 423 -27.45 -0.72 63.39
N ALA D 424 -27.92 -1.91 63.77
CA ALA D 424 -28.60 -2.77 62.81
C ALA D 424 -29.89 -2.14 62.30
N ASP D 425 -30.64 -1.49 63.18
CA ASP D 425 -31.87 -0.83 62.76
C ASP D 425 -31.57 0.32 61.79
N ILE D 426 -30.57 1.13 62.10
CA ILE D 426 -30.19 2.22 61.20
C ILE D 426 -29.75 1.68 59.85
N GLU D 427 -28.97 0.60 59.86
CA GLU D 427 -28.53 -0.01 58.62
C GLU D 427 -29.70 -0.50 57.79
N SER D 428 -30.66 -1.18 58.43
CA SER D 428 -31.85 -1.64 57.72
C SER D 428 -32.63 -0.47 57.15
N VAL D 429 -32.79 0.61 57.92
CA VAL D 429 -33.57 1.75 57.46
C VAL D 429 -32.91 2.38 56.24
N VAL D 430 -31.60 2.61 56.29
CA VAL D 430 -30.94 3.25 55.16
C VAL D 430 -30.93 2.32 53.95
N ALA D 431 -30.80 1.02 54.17
CA ALA D 431 -30.81 0.09 53.05
C ALA D 431 -32.18 0.07 52.38
N ARG D 432 -33.24 0.18 53.16
CA ARG D 432 -34.57 0.27 52.56
C ARG D 432 -34.78 1.60 51.86
N ILE D 433 -34.16 2.66 52.39
CA ILE D 433 -34.30 3.97 51.75
C ILE D 433 -33.49 4.02 50.47
N ALA D 434 -32.23 3.56 50.52
CA ALA D 434 -31.39 3.53 49.34
C ALA D 434 -31.75 2.42 48.37
N ARG D 435 -32.74 1.58 48.70
CA ARG D 435 -33.15 0.47 47.87
C ARG D 435 -32.00 -0.48 47.56
N ILE D 436 -31.14 -0.69 48.56
CA ILE D 436 -29.95 -1.53 48.38
C ILE D 436 -29.99 -2.66 49.39
N PRO D 437 -29.34 -3.78 49.08
CA PRO D 437 -29.35 -4.91 50.02
C PRO D 437 -28.59 -4.58 51.29
N GLU D 438 -29.11 -5.10 52.41
CA GLU D 438 -28.50 -4.96 53.71
C GLU D 438 -27.76 -6.24 54.09
N LYS D 439 -27.26 -6.29 55.32
CA LYS D 439 -26.61 -7.50 55.81
C LYS D 439 -27.65 -8.60 56.02
N SER D 440 -27.47 -9.71 55.32
CA SER D 440 -28.46 -10.79 55.28
C SER D 440 -27.78 -12.15 55.39
N VAL D 441 -26.80 -12.27 56.29
CA VAL D 441 -26.05 -13.50 56.43
C VAL D 441 -26.87 -14.62 57.07
N SER D 442 -28.12 -14.34 57.44
CA SER D 442 -28.95 -15.33 58.11
C SER D 442 -30.24 -15.64 57.38
N GLN D 443 -30.71 -14.75 56.52
CA GLN D 443 -32.01 -14.93 55.89
C GLN D 443 -31.95 -16.00 54.81
N SER D 444 -33.09 -16.20 54.13
CA SER D 444 -33.16 -17.18 53.05
C SER D 444 -32.21 -16.84 51.92
N ASP D 445 -31.98 -15.56 51.64
CA ASP D 445 -31.07 -15.19 50.57
C ASP D 445 -29.63 -15.58 50.86
N ARG D 446 -29.26 -15.76 52.13
CA ARG D 446 -27.96 -16.36 52.42
C ARG D 446 -27.86 -17.75 51.82
N ASP D 447 -28.90 -18.55 51.97
CA ASP D 447 -28.93 -19.86 51.33
C ASP D 447 -29.02 -19.75 49.82
N THR D 448 -29.79 -18.79 49.32
CA THR D 448 -29.84 -18.54 47.88
C THR D 448 -28.44 -18.30 47.32
N LEU D 449 -27.65 -17.51 48.02
CA LEU D 449 -26.27 -17.28 47.60
C LEU D 449 -25.41 -18.51 47.84
N LYS D 450 -25.78 -19.33 48.83
CA LYS D 450 -25.00 -20.53 49.12
C LYS D 450 -25.05 -21.52 47.97
N ASN D 451 -26.25 -21.75 47.42
CA ASN D 451 -26.45 -22.74 46.36
C ASN D 451 -26.61 -22.10 44.99
N LEU D 452 -26.21 -20.84 44.83
CA LEU D 452 -26.38 -20.16 43.55
C LEU D 452 -25.54 -20.80 42.46
N GLY D 453 -24.28 -21.08 42.75
CA GLY D 453 -23.40 -21.67 41.76
C GLY D 453 -23.92 -23.00 41.21
N ASP D 454 -24.49 -23.82 42.09
CA ASP D 454 -25.02 -25.10 41.64
C ASP D 454 -26.36 -24.95 40.93
N ARG D 455 -27.22 -24.05 41.41
CA ARG D 455 -28.49 -23.82 40.72
C ARG D 455 -28.27 -23.18 39.36
N LEU D 456 -27.09 -22.63 39.12
CA LEU D 456 -26.76 -22.16 37.77
C LEU D 456 -26.08 -23.25 36.95
N LYS D 457 -25.19 -24.03 37.57
CA LYS D 457 -24.48 -25.07 36.83
C LYS D 457 -25.44 -26.10 36.26
N MET D 458 -26.60 -26.29 36.89
CA MET D 458 -27.59 -27.21 36.35
C MET D 458 -28.25 -26.68 35.09
N LEU D 459 -28.07 -25.40 34.78
CA LEU D 459 -28.63 -24.80 33.57
C LEU D 459 -27.58 -24.46 32.52
N VAL D 460 -26.36 -24.14 32.93
CA VAL D 460 -25.27 -23.87 32.01
C VAL D 460 -24.17 -24.89 32.29
N PHE D 461 -23.96 -25.81 31.35
CA PHE D 461 -23.01 -26.89 31.53
C PHE D 461 -21.66 -26.49 30.98
N GLY D 462 -20.61 -26.93 31.66
CA GLY D 462 -19.29 -26.44 31.33
C GLY D 462 -19.18 -24.97 31.68
N GLN D 463 -18.02 -24.40 31.34
CA GLN D 463 -17.75 -22.98 31.56
C GLN D 463 -18.02 -22.60 33.02
N ASP D 464 -17.53 -23.44 33.93
CA ASP D 464 -17.80 -23.22 35.35
C ASP D 464 -17.17 -21.95 35.88
N LYS D 465 -16.03 -21.54 35.31
CA LYS D 465 -15.31 -20.38 35.84
C LYS D 465 -16.13 -19.11 35.74
N ALA D 466 -16.96 -18.98 34.70
CA ALA D 466 -17.81 -17.80 34.60
C ALA D 466 -18.82 -17.75 35.74
N ILE D 467 -19.48 -18.87 36.01
CA ILE D 467 -20.44 -18.93 37.12
C ILE D 467 -19.72 -18.67 38.44
N GLU D 468 -18.51 -19.20 38.59
CA GLU D 468 -17.75 -18.98 39.81
C GLU D 468 -17.44 -17.51 40.01
N ALA D 469 -16.95 -16.84 38.96
CA ALA D 469 -16.64 -15.42 39.05
C ALA D 469 -17.88 -14.61 39.38
N LEU D 470 -19.00 -14.89 38.69
CA LEU D 470 -20.22 -14.15 38.95
C LEU D 470 -20.69 -14.33 40.39
N THR D 471 -20.75 -15.58 40.85
CA THR D 471 -21.21 -15.84 42.21
C THR D 471 -20.30 -15.20 43.23
N GLU D 472 -18.98 -15.24 43.01
CA GLU D 472 -18.06 -14.65 43.97
C GLU D 472 -18.20 -13.14 44.02
N ALA D 473 -18.42 -12.51 42.86
CA ALA D 473 -18.65 -11.07 42.86
C ALA D 473 -19.92 -10.72 43.60
N ILE D 474 -21.00 -11.47 43.35
CA ILE D 474 -22.26 -11.20 44.04
C ILE D 474 -22.10 -11.39 45.54
N LYS D 475 -21.32 -12.40 45.94
CA LYS D 475 -21.10 -12.64 47.36
C LYS D 475 -20.30 -11.50 48.00
N MET D 476 -19.17 -11.13 47.39
CA MET D 476 -18.37 -10.05 47.93
C MET D 476 -19.19 -8.76 48.05
N ALA D 477 -20.11 -8.53 47.11
CA ALA D 477 -20.98 -7.37 47.24
C ALA D 477 -21.96 -7.54 48.38
N ARG D 478 -22.58 -8.72 48.49
CA ARG D 478 -23.56 -8.93 49.56
C ARG D 478 -22.89 -9.04 50.91
N ALA D 479 -21.69 -9.62 50.97
CA ALA D 479 -20.96 -9.70 52.23
C ALA D 479 -20.54 -8.33 52.75
N GLY D 480 -20.84 -7.27 52.02
CA GLY D 480 -20.39 -5.93 52.35
C GLY D 480 -18.95 -5.67 52.02
N LEU D 481 -18.17 -6.71 51.71
CA LEU D 481 -16.76 -6.57 51.38
C LEU D 481 -16.59 -6.33 49.88
N GLY D 482 -17.35 -5.36 49.37
CA GLY D 482 -17.43 -5.09 47.96
C GLY D 482 -16.48 -4.00 47.53
N HIS D 483 -16.77 -3.43 46.36
CA HIS D 483 -15.99 -2.33 45.82
C HIS D 483 -16.44 -1.02 46.44
N GLU D 484 -15.59 0.00 46.29
CA GLU D 484 -15.84 1.27 46.97
C GLU D 484 -17.13 1.92 46.50
N HIS D 485 -17.16 2.38 45.25
CA HIS D 485 -18.41 2.85 44.67
C HIS D 485 -18.51 2.39 43.21
N LYS D 486 -18.06 1.18 42.95
CA LYS D 486 -18.13 0.55 41.64
C LYS D 486 -19.37 -0.33 41.54
N PRO D 487 -19.74 -0.75 40.34
CA PRO D 487 -20.79 -1.76 40.21
C PRO D 487 -20.41 -3.06 40.92
N VAL D 488 -21.44 -3.87 41.17
CA VAL D 488 -21.24 -5.19 41.77
C VAL D 488 -20.13 -5.94 41.06
N GLY D 489 -20.25 -6.06 39.74
CA GLY D 489 -19.23 -6.71 38.95
C GLY D 489 -19.28 -6.23 37.53
N SER D 490 -18.10 -6.07 36.94
CA SER D 490 -17.98 -5.61 35.56
C SER D 490 -17.23 -6.69 34.80
N PHE D 491 -17.95 -7.51 34.05
CA PHE D 491 -17.39 -8.69 33.43
C PHE D 491 -17.57 -8.64 31.91
N LEU D 492 -16.51 -9.00 31.20
CA LEU D 492 -16.54 -9.12 29.75
C LEU D 492 -16.48 -10.60 29.39
N PHE D 493 -17.54 -11.09 28.76
CA PHE D 493 -17.64 -12.48 28.35
C PHE D 493 -17.34 -12.59 26.87
N ALA D 494 -16.31 -13.35 26.52
CA ALA D 494 -15.90 -13.52 25.14
C ALA D 494 -15.71 -15.00 24.86
N GLY D 495 -15.99 -15.41 23.63
CA GLY D 495 -15.85 -16.78 23.22
C GLY D 495 -16.66 -17.10 21.98
N PRO D 496 -16.54 -18.33 21.50
CA PRO D 496 -17.28 -18.73 20.29
C PRO D 496 -18.78 -18.59 20.50
N THR D 497 -19.49 -18.45 19.39
CA THR D 497 -20.94 -18.24 19.45
C THR D 497 -21.65 -19.52 19.87
N GLY D 498 -22.92 -19.36 20.25
CA GLY D 498 -23.74 -20.50 20.58
C GLY D 498 -23.43 -21.14 21.91
N VAL D 499 -22.59 -20.51 22.73
CA VAL D 499 -22.32 -21.00 24.08
C VAL D 499 -23.07 -20.09 25.05
N GLY D 500 -23.10 -20.52 26.31
CA GLY D 500 -23.90 -19.83 27.30
C GLY D 500 -23.31 -18.55 27.81
N LYS D 501 -22.99 -17.60 26.93
CA LYS D 501 -22.54 -16.30 27.39
C LYS D 501 -23.70 -15.43 27.84
N THR D 502 -24.75 -15.33 27.03
CA THR D 502 -25.94 -14.60 27.41
C THR D 502 -26.91 -15.45 28.22
N GLU D 503 -26.91 -16.76 28.00
CA GLU D 503 -27.83 -17.62 28.73
C GLU D 503 -27.46 -17.70 30.21
N VAL D 504 -26.18 -17.74 30.53
CA VAL D 504 -25.78 -17.74 31.93
C VAL D 504 -26.22 -16.44 32.60
N THR D 505 -26.23 -15.33 31.85
CA THR D 505 -26.66 -14.07 32.43
C THR D 505 -28.17 -14.05 32.66
N VAL D 506 -28.93 -14.55 31.69
CA VAL D 506 -30.38 -14.63 31.88
C VAL D 506 -30.72 -15.50 33.07
N GLN D 507 -30.06 -16.65 33.18
CA GLN D 507 -30.35 -17.56 34.29
C GLN D 507 -29.84 -17.01 35.60
N LEU D 508 -28.81 -16.16 35.58
CA LEU D 508 -28.37 -15.51 36.80
C LEU D 508 -29.37 -14.47 37.25
N SER D 509 -29.92 -13.72 36.31
CA SER D 509 -31.00 -12.79 36.65
C SER D 509 -32.20 -13.52 37.21
N LYS D 510 -32.52 -14.69 36.67
CA LYS D 510 -33.65 -15.44 37.18
C LYS D 510 -33.36 -16.02 38.56
N ALA D 511 -32.16 -16.56 38.76
CA ALA D 511 -31.84 -17.22 40.01
C ALA D 511 -31.79 -16.23 41.17
N LEU D 512 -31.41 -14.98 40.90
CA LEU D 512 -31.43 -13.95 41.93
C LEU D 512 -32.79 -13.28 42.05
N GLY D 513 -33.68 -13.46 41.08
CA GLY D 513 -34.97 -12.82 41.11
C GLY D 513 -34.91 -11.32 40.98
N ILE D 514 -33.91 -10.79 40.29
CA ILE D 514 -33.74 -9.36 40.10
C ILE D 514 -33.93 -9.02 38.63
N GLU D 515 -34.24 -7.75 38.38
CA GLU D 515 -34.56 -7.32 37.03
C GLU D 515 -33.38 -7.52 36.09
N LEU D 516 -33.68 -7.88 34.86
CA LEU D 516 -32.67 -8.05 33.82
C LEU D 516 -32.84 -6.94 32.79
N LEU D 517 -31.80 -6.13 32.63
CA LEU D 517 -31.79 -5.07 31.64
C LEU D 517 -30.93 -5.49 30.46
N ARG D 518 -31.58 -5.72 29.32
CA ARG D 518 -30.90 -6.17 28.11
C ARG D 518 -30.72 -5.00 27.16
N PHE D 519 -29.51 -4.84 26.68
CA PHE D 519 -29.21 -3.85 25.66
C PHE D 519 -28.39 -4.51 24.56
N ASP D 520 -28.95 -4.54 23.35
CA ASP D 520 -28.28 -5.10 22.19
C ASP D 520 -27.48 -4.00 21.53
N MET D 521 -26.16 -4.00 21.77
CA MET D 521 -25.31 -2.93 21.28
C MET D 521 -25.29 -2.84 19.77
N SER D 522 -25.82 -3.85 19.07
CA SER D 522 -25.94 -3.76 17.63
C SER D 522 -26.86 -2.64 17.18
N GLU D 523 -27.78 -2.21 18.04
CA GLU D 523 -28.61 -1.04 17.73
C GLU D 523 -27.85 0.27 17.89
N TYR D 524 -26.56 0.21 18.24
CA TYR D 524 -25.78 1.41 18.51
C TYR D 524 -24.54 1.44 17.65
N MET D 525 -24.70 1.22 16.35
CA MET D 525 -23.58 1.24 15.42
C MET D 525 -23.00 2.62 15.19
N GLU D 526 -23.84 3.65 15.19
CA GLU D 526 -23.35 5.01 14.99
C GLU D 526 -22.89 5.61 16.31
N ARG D 527 -21.96 6.55 16.21
CA ARG D 527 -21.43 7.18 17.42
C ARG D 527 -22.44 8.13 18.04
N HIS D 528 -23.36 8.68 17.25
CA HIS D 528 -24.33 9.62 17.79
C HIS D 528 -25.52 8.93 18.43
N THR D 529 -25.51 7.60 18.55
CA THR D 529 -26.57 6.92 19.29
C THR D 529 -26.35 6.96 20.80
N VAL D 530 -25.24 7.51 21.26
CA VAL D 530 -25.05 7.70 22.70
C VAL D 530 -26.16 8.57 23.26
N SER D 531 -26.65 9.51 22.46
CA SER D 531 -27.83 10.28 22.83
C SER D 531 -29.02 9.40 23.12
N ARG D 532 -29.10 8.22 22.49
CA ARG D 532 -30.17 7.29 22.79
C ARG D 532 -29.96 6.63 24.16
N LEU D 533 -28.70 6.39 24.52
CA LEU D 533 -28.41 5.80 25.82
C LEU D 533 -28.68 6.78 26.96
N ILE D 534 -28.18 8.01 26.84
CA ILE D 534 -28.19 8.95 27.96
C ILE D 534 -29.14 10.11 27.74
N GLY D 535 -29.79 10.22 26.61
CA GLY D 535 -30.76 11.29 26.44
C GLY D 535 -30.21 12.43 25.60
N ALA D 536 -31.11 13.21 25.04
CA ALA D 536 -30.70 14.36 24.24
C ALA D 536 -30.39 15.55 25.13
N PRO D 537 -29.36 16.32 24.79
CA PRO D 537 -29.01 17.50 25.59
C PRO D 537 -30.17 18.48 25.63
N PRO D 538 -30.24 19.31 26.66
CA PRO D 538 -31.35 20.27 26.75
C PRO D 538 -31.35 21.21 25.56
N GLY D 539 -32.56 21.59 25.14
CA GLY D 539 -32.74 22.35 23.93
C GLY D 539 -32.74 21.53 22.67
N TYR D 540 -33.29 20.32 22.70
CA TYR D 540 -33.40 19.45 21.54
C TYR D 540 -34.64 18.58 21.65
N VAL D 541 -35.10 18.09 20.50
CA VAL D 541 -36.43 17.48 20.41
C VAL D 541 -36.57 16.27 21.33
N GLY D 542 -35.54 15.45 21.43
CA GLY D 542 -35.62 14.26 22.25
C GLY D 542 -35.23 14.43 23.70
N PHE D 543 -35.30 15.66 24.23
CA PHE D 543 -34.84 15.91 25.59
C PHE D 543 -35.79 15.30 26.62
N ASP D 544 -37.09 15.54 26.46
CA ASP D 544 -38.10 15.17 27.44
C ASP D 544 -38.26 13.66 27.60
N GLN D 545 -37.61 12.86 26.75
CA GLN D 545 -37.71 11.41 26.90
C GLN D 545 -36.66 10.86 27.85
N GLY D 546 -35.47 11.46 27.86
CA GLY D 546 -34.39 10.95 28.68
C GLY D 546 -33.77 9.69 28.09
N GLY D 547 -32.59 9.38 28.58
CA GLY D 547 -31.86 8.23 28.12
C GLY D 547 -32.47 6.93 28.61
N LEU D 548 -32.26 5.87 27.84
CA LEU D 548 -32.84 4.57 28.20
C LEU D 548 -32.01 3.85 29.25
N LEU D 549 -30.69 3.86 29.11
CA LEU D 549 -29.84 3.18 30.08
C LEU D 549 -29.98 3.79 31.47
N THR D 550 -29.84 5.12 31.56
CA THR D 550 -29.95 5.78 32.85
C THR D 550 -31.35 5.63 33.45
N ASP D 551 -32.39 5.76 32.63
CA ASP D 551 -33.75 5.60 33.14
C ASP D 551 -33.97 4.18 33.67
N ALA D 552 -33.50 3.17 32.93
CA ALA D 552 -33.64 1.80 33.39
C ALA D 552 -32.92 1.58 34.71
N VAL D 553 -31.68 2.07 34.82
CA VAL D 553 -30.92 1.86 36.04
C VAL D 553 -31.56 2.61 37.21
N ILE D 554 -32.16 3.77 36.93
CA ILE D 554 -32.90 4.48 37.96
C ILE D 554 -34.09 3.65 38.42
N LYS D 555 -34.77 3.00 37.48
CA LYS D 555 -35.93 2.19 37.85
C LYS D 555 -35.54 0.96 38.65
N HIS D 556 -34.37 0.38 38.38
CA HIS D 556 -33.92 -0.84 39.04
C HIS D 556 -32.47 -0.67 39.47
N PRO D 557 -32.23 -0.06 40.63
CA PRO D 557 -30.85 0.10 41.10
C PRO D 557 -30.17 -1.21 41.42
N HIS D 558 -30.93 -2.27 41.70
CA HIS D 558 -30.39 -3.59 41.95
C HIS D 558 -30.86 -4.49 40.80
N ALA D 559 -29.96 -4.76 39.86
CA ALA D 559 -30.33 -5.51 38.66
C ALA D 559 -29.05 -6.02 38.00
N VAL D 560 -29.24 -6.89 37.02
CA VAL D 560 -28.16 -7.37 36.18
C VAL D 560 -28.27 -6.66 34.84
N LEU D 561 -27.21 -5.97 34.45
CA LEU D 561 -27.19 -5.21 33.19
C LEU D 561 -26.47 -6.02 32.14
N LEU D 562 -27.16 -6.36 31.06
CA LEU D 562 -26.61 -7.16 29.98
C LEU D 562 -26.46 -6.30 28.74
N LEU D 563 -25.23 -6.11 28.29
CA LEU D 563 -24.92 -5.39 27.07
C LEU D 563 -24.42 -6.40 26.05
N ASP D 564 -25.26 -6.74 25.08
CA ASP D 564 -24.94 -7.79 24.12
C ASP D 564 -24.17 -7.22 22.94
N GLU D 565 -23.10 -7.92 22.56
CA GLU D 565 -22.34 -7.61 21.36
C GLU D 565 -21.82 -6.17 21.40
N ILE D 566 -21.09 -5.83 22.46
CA ILE D 566 -20.62 -4.46 22.60
C ILE D 566 -19.58 -4.11 21.54
N GLU D 567 -18.82 -5.09 21.06
CA GLU D 567 -17.86 -4.79 20.00
C GLU D 567 -18.54 -4.43 18.68
N LYS D 568 -19.84 -4.66 18.57
CA LYS D 568 -20.59 -4.26 17.39
C LYS D 568 -21.21 -2.89 17.53
N ALA D 569 -21.16 -2.29 18.72
CA ALA D 569 -21.54 -0.89 18.86
C ALA D 569 -20.38 0.00 18.42
N HIS D 570 -20.66 1.28 18.28
CA HIS D 570 -19.63 2.23 17.88
C HIS D 570 -18.58 2.33 18.98
N PRO D 571 -17.29 2.24 18.66
CA PRO D 571 -16.26 2.30 19.69
C PRO D 571 -16.30 3.56 20.52
N ASP D 572 -16.97 4.61 20.05
CA ASP D 572 -17.13 5.81 20.87
C ASP D 572 -18.05 5.57 22.06
N VAL D 573 -18.95 4.58 21.97
CA VAL D 573 -19.86 4.29 23.07
C VAL D 573 -19.12 3.76 24.29
N PHE D 574 -17.97 3.11 24.10
CA PHE D 574 -17.26 2.48 25.21
C PHE D 574 -16.85 3.46 26.29
N ASN D 575 -16.81 4.75 26.00
CA ASN D 575 -16.36 5.71 27.00
C ASN D 575 -17.40 5.90 28.09
N ILE D 576 -18.68 5.81 27.75
CA ILE D 576 -19.72 5.80 28.76
C ILE D 576 -19.48 4.66 29.76
N LEU D 577 -19.17 3.47 29.23
CA LEU D 577 -18.87 2.35 30.10
C LEU D 577 -17.59 2.58 30.89
N LEU D 578 -16.62 3.29 30.31
CA LEU D 578 -15.45 3.71 31.08
C LEU D 578 -15.87 4.45 32.34
N GLN D 579 -16.62 5.54 32.15
CA GLN D 579 -17.07 6.35 33.27
C GLN D 579 -17.83 5.51 34.29
N VAL D 580 -18.77 4.69 33.81
CA VAL D 580 -19.60 3.90 34.72
C VAL D 580 -18.74 2.92 35.50
N MET D 581 -17.96 2.09 34.80
CA MET D 581 -17.14 1.07 35.45
C MET D 581 -16.20 1.70 36.48
N ASP D 582 -15.69 2.89 36.22
CA ASP D 582 -14.75 3.45 37.18
C ASP D 582 -15.46 4.08 38.37
N ASN D 583 -16.61 4.73 38.15
CA ASN D 583 -17.26 5.45 39.22
C ASN D 583 -18.61 4.90 39.63
N GLY D 584 -19.17 3.96 38.89
CA GLY D 584 -20.49 3.45 39.21
C GLY D 584 -21.60 4.47 39.13
N THR D 585 -21.33 5.64 38.56
CA THR D 585 -22.34 6.67 38.40
C THR D 585 -22.39 7.11 36.95
N LEU D 586 -23.53 7.68 36.57
CA LEU D 586 -23.75 8.11 35.20
C LEU D 586 -24.74 9.25 35.20
N THR D 587 -24.39 10.36 34.56
CA THR D 587 -25.23 11.55 34.52
C THR D 587 -25.99 11.60 33.20
N ASP D 588 -27.31 11.59 33.29
CA ASP D 588 -28.15 11.63 32.09
C ASP D 588 -28.26 13.09 31.62
N ASN D 589 -29.20 13.34 30.71
CA ASN D 589 -29.36 14.68 30.15
C ASN D 589 -29.93 15.67 31.16
N ASN D 590 -30.65 15.22 32.18
CA ASN D 590 -31.24 16.09 33.17
C ASN D 590 -30.30 16.36 34.33
N GLY D 591 -28.99 16.18 34.15
CA GLY D 591 -28.07 16.28 35.26
C GLY D 591 -28.28 15.25 36.34
N ARG D 592 -29.23 14.34 36.16
CA ARG D 592 -29.54 13.30 37.13
C ARG D 592 -28.50 12.20 37.05
N LYS D 593 -28.08 11.71 38.20
CA LYS D 593 -27.01 10.71 38.29
C LYS D 593 -27.61 9.34 38.60
N ALA D 594 -27.34 8.38 37.72
CA ALA D 594 -27.75 7.01 37.97
C ALA D 594 -26.70 6.30 38.80
N ASP D 595 -27.15 5.45 39.71
CA ASP D 595 -26.26 4.76 40.65
C ASP D 595 -26.12 3.31 40.20
N PHE D 596 -24.91 2.94 39.79
CA PHE D 596 -24.63 1.60 39.29
C PHE D 596 -23.97 0.71 40.32
N ARG D 597 -23.87 1.17 41.57
CA ARG D 597 -23.13 0.41 42.57
C ARG D 597 -23.77 -0.94 42.88
N ASN D 598 -25.07 -1.09 42.63
CA ASN D 598 -25.76 -2.34 42.90
C ASN D 598 -26.23 -3.03 41.63
N VAL D 599 -25.56 -2.78 40.52
CA VAL D 599 -25.90 -3.38 39.23
C VAL D 599 -24.70 -4.19 38.75
N VAL D 600 -24.94 -5.45 38.40
CA VAL D 600 -23.91 -6.31 37.82
C VAL D 600 -23.82 -6.01 36.33
N LEU D 601 -22.63 -5.65 35.88
CA LEU D 601 -22.40 -5.27 34.50
C LEU D 601 -21.74 -6.42 33.76
N VAL D 602 -22.49 -7.06 32.85
CA VAL D 602 -22.01 -8.17 32.06
C VAL D 602 -22.17 -7.84 30.60
N MET D 603 -21.08 -7.91 29.85
CA MET D 603 -21.08 -7.63 28.42
C MET D 603 -20.56 -8.84 27.65
N THR D 604 -21.31 -9.26 26.64
CA THR D 604 -21.01 -10.46 25.87
C THR D 604 -20.56 -10.07 24.47
N THR D 605 -19.46 -10.68 24.02
CA THR D 605 -18.90 -10.39 22.72
C THR D 605 -18.58 -11.68 21.99
N ASN D 606 -18.48 -11.58 20.67
CA ASN D 606 -17.92 -12.64 19.83
C ASN D 606 -16.61 -12.20 19.21
N ALA D 607 -15.88 -11.30 19.86
CA ALA D 607 -14.62 -10.81 19.33
C ALA D 607 -13.53 -11.86 19.47
N GLY D 608 -12.50 -11.75 18.64
CA GLY D 608 -11.37 -12.64 18.70
C GLY D 608 -11.65 -14.09 18.37
N VAL D 609 -12.89 -14.44 18.04
CA VAL D 609 -13.20 -15.85 17.77
C VAL D 609 -12.62 -16.29 16.45
N ARG D 610 -12.54 -15.37 15.47
CA ARG D 610 -12.05 -15.73 14.15
C ARG D 610 -10.66 -16.34 14.23
N GLU D 611 -9.77 -15.72 14.99
CA GLU D 611 -8.40 -16.20 15.09
C GLU D 611 -8.34 -17.55 15.79
N THR D 612 -9.07 -17.69 16.90
CA THR D 612 -9.03 -18.94 17.66
C THR D 612 -9.46 -20.12 16.79
N GLU D 613 -10.47 -19.93 15.95
CA GLU D 613 -10.91 -20.98 15.05
C GLU D 613 -10.20 -20.93 13.70
N ARG D 614 -9.39 -19.91 13.45
CA ARG D 614 -8.66 -19.85 12.19
C ARG D 614 -7.54 -20.89 12.18
N LYS D 615 -7.45 -21.63 11.08
CA LYS D 615 -6.44 -22.67 10.94
C LYS D 615 -5.13 -22.05 10.49
N SER D 616 -4.07 -22.34 11.24
CA SER D 616 -2.74 -21.95 10.80
C SER D 616 -2.28 -22.86 9.66
N ILE D 617 -1.26 -22.42 8.96
CA ILE D 617 -0.70 -23.16 7.83
C ILE D 617 0.56 -23.86 8.30
N GLY D 618 0.57 -25.17 8.25
CA GLY D 618 1.72 -25.93 8.65
C GLY D 618 1.31 -27.28 9.21
N LEU D 619 2.32 -28.04 9.64
CA LEU D 619 2.06 -29.36 10.20
C LEU D 619 1.43 -29.28 11.59
N ILE D 620 1.68 -28.20 12.32
CA ILE D 620 1.23 -28.07 13.70
C ILE D 620 0.44 -26.76 13.83
N HIS D 621 -0.70 -26.84 14.48
CA HIS D 621 -1.50 -25.65 14.73
C HIS D 621 -1.12 -25.02 16.07
N GLN D 622 -1.30 -23.70 16.15
CA GLN D 622 -0.93 -22.92 17.31
C GLN D 622 -2.18 -22.61 18.15
N ASP D 623 -1.94 -22.30 19.42
CA ASP D 623 -2.98 -21.73 20.26
C ASP D 623 -3.15 -20.28 19.88
N ASN D 624 -4.28 -19.96 19.24
CA ASN D 624 -4.57 -18.59 18.82
C ASN D 624 -5.20 -17.77 19.93
N SER D 625 -5.19 -18.25 21.16
CA SER D 625 -5.71 -17.45 22.27
C SER D 625 -4.92 -16.16 22.43
N THR D 626 -3.63 -16.20 22.11
CA THR D 626 -2.85 -14.96 22.08
C THR D 626 -3.43 -13.99 21.07
N ASP D 627 -3.87 -14.49 19.92
CA ASP D 627 -4.53 -13.63 18.94
C ASP D 627 -5.88 -13.15 19.42
N ALA D 628 -6.62 -13.98 20.17
CA ALA D 628 -7.86 -13.51 20.77
C ALA D 628 -7.59 -12.32 21.69
N MET D 629 -6.55 -12.44 22.53
CA MET D 629 -6.19 -11.33 23.41
C MET D 629 -5.76 -10.11 22.59
N GLU D 630 -4.98 -10.32 21.54
CA GLU D 630 -4.55 -9.21 20.69
C GLU D 630 -5.75 -8.51 20.08
N GLU D 631 -6.72 -9.27 19.60
CA GLU D 631 -7.92 -8.68 19.00
C GLU D 631 -8.71 -7.90 20.03
N ILE D 632 -8.90 -8.48 21.21
CA ILE D 632 -9.66 -7.78 22.26
C ILE D 632 -8.96 -6.48 22.63
N LYS D 633 -7.63 -6.52 22.75
CA LYS D 633 -6.89 -5.29 23.06
C LYS D 633 -7.02 -4.29 21.92
N LYS D 634 -7.06 -4.77 20.68
CA LYS D 634 -7.29 -3.87 19.55
C LYS D 634 -8.63 -3.18 19.66
N ILE D 635 -9.66 -3.91 20.08
CA ILE D 635 -11.00 -3.33 20.10
C ILE D 635 -11.22 -2.48 21.33
N PHE D 636 -10.65 -2.86 22.46
CA PHE D 636 -10.90 -2.20 23.74
C PHE D 636 -9.63 -1.50 24.20
N THR D 637 -9.70 -0.18 24.36
CA THR D 637 -8.59 0.66 24.79
C THR D 637 -8.04 0.16 26.12
N PRO D 638 -6.75 0.38 26.39
CA PRO D 638 -6.14 -0.18 27.62
C PRO D 638 -6.88 0.16 28.89
N GLU D 639 -7.40 1.39 29.04
CA GLU D 639 -8.11 1.72 30.26
C GLU D 639 -9.44 1.00 30.36
N PHE D 640 -10.09 0.73 29.24
CA PHE D 640 -11.31 -0.07 29.27
C PHE D 640 -11.04 -1.47 29.78
N ARG D 641 -9.96 -2.09 29.29
CA ARG D 641 -9.57 -3.38 29.83
C ARG D 641 -9.14 -3.27 31.29
N ASN D 642 -8.63 -2.11 31.69
CA ASN D 642 -8.22 -1.90 33.07
C ASN D 642 -9.39 -1.72 34.02
N ARG D 643 -10.55 -1.30 33.52
CA ARG D 643 -11.72 -1.09 34.37
C ARG D 643 -12.63 -2.30 34.41
N LEU D 644 -12.18 -3.45 33.94
CA LEU D 644 -12.97 -4.67 34.00
C LEU D 644 -12.58 -5.49 35.22
N ASP D 645 -13.57 -6.18 35.80
CA ASP D 645 -13.25 -7.11 36.86
C ASP D 645 -12.50 -8.33 36.33
N ASN D 646 -12.96 -8.88 35.21
CA ASN D 646 -12.25 -9.97 34.54
C ASN D 646 -12.85 -10.18 33.16
N ILE D 647 -12.05 -10.78 32.28
CA ILE D 647 -12.50 -11.21 30.97
C ILE D 647 -12.54 -12.73 30.99
N ILE D 648 -13.74 -13.29 30.99
CA ILE D 648 -13.94 -14.73 31.09
C ILE D 648 -14.00 -15.29 29.68
N TRP D 649 -12.96 -16.04 29.30
CA TRP D 649 -12.91 -16.65 27.99
C TRP D 649 -13.68 -17.96 27.99
N PHE D 650 -14.85 -17.96 27.35
CA PHE D 650 -15.66 -19.16 27.26
C PHE D 650 -15.04 -20.14 26.28
N ASP D 651 -15.13 -21.42 26.63
CA ASP D 651 -14.59 -22.47 25.78
C ASP D 651 -15.69 -23.07 24.91
N HIS D 652 -15.29 -23.94 23.99
CA HIS D 652 -16.25 -24.69 23.19
C HIS D 652 -16.96 -25.71 24.07
N LEU D 653 -17.94 -26.39 23.49
CA LEU D 653 -18.71 -27.38 24.21
C LEU D 653 -18.24 -28.78 23.84
N SER D 654 -17.92 -29.59 24.85
CA SER D 654 -17.48 -30.94 24.62
C SER D 654 -18.67 -31.86 24.34
N THR D 655 -18.35 -33.11 23.99
CA THR D 655 -19.39 -34.05 23.59
C THR D 655 -20.32 -34.41 24.74
N ASP D 656 -19.78 -34.68 25.93
CA ASP D 656 -20.65 -34.93 27.08
C ASP D 656 -21.48 -33.69 27.41
N VAL D 657 -20.87 -32.51 27.28
CA VAL D 657 -21.62 -31.28 27.41
C VAL D 657 -22.73 -31.23 26.37
N ILE D 658 -22.46 -31.74 25.18
CA ILE D 658 -23.50 -31.80 24.14
C ILE D 658 -24.62 -32.73 24.57
N HIS D 659 -24.28 -33.87 25.19
CA HIS D 659 -25.31 -34.77 25.68
C HIS D 659 -26.18 -34.08 26.72
N GLN D 660 -25.56 -33.35 27.65
CA GLN D 660 -26.33 -32.65 28.67
C GLN D 660 -27.21 -31.57 28.06
N VAL D 661 -26.70 -30.88 27.04
CA VAL D 661 -27.49 -29.87 26.35
C VAL D 661 -28.70 -30.51 25.67
N VAL D 662 -28.50 -31.69 25.08
CA VAL D 662 -29.59 -32.42 24.46
C VAL D 662 -30.64 -32.79 25.50
N ASP D 663 -30.20 -33.25 26.66
CA ASP D 663 -31.14 -33.55 27.74
C ASP D 663 -31.93 -32.31 28.13
N LYS D 664 -31.26 -31.17 28.26
CA LYS D 664 -31.93 -29.93 28.63
C LYS D 664 -32.99 -29.56 27.60
N PHE D 665 -32.64 -29.60 26.33
CA PHE D 665 -33.59 -29.23 25.29
C PHE D 665 -34.75 -30.23 25.21
N ILE D 666 -34.48 -31.51 25.45
CA ILE D 666 -35.54 -32.50 25.45
C ILE D 666 -36.49 -32.25 26.61
N VAL D 667 -35.95 -31.84 27.76
CA VAL D 667 -36.81 -31.51 28.90
C VAL D 667 -37.70 -30.33 28.56
N GLU D 668 -37.13 -29.31 27.92
CA GLU D 668 -37.93 -28.15 27.52
C GLU D 668 -39.02 -28.54 26.53
N LEU D 669 -38.67 -29.41 25.58
CA LEU D 669 -39.67 -29.89 24.63
C LEU D 669 -40.76 -30.68 25.33
N GLN D 670 -40.39 -31.48 26.34
CA GLN D 670 -41.38 -32.22 27.09
C GLN D 670 -42.33 -31.28 27.82
N VAL D 671 -41.80 -30.19 28.37
CA VAL D 671 -42.66 -29.19 29.01
C VAL D 671 -43.62 -28.61 27.98
N GLN D 672 -43.11 -28.25 26.81
CA GLN D 672 -43.97 -27.73 25.75
C GLN D 672 -45.08 -28.70 25.41
N LEU D 673 -44.75 -29.99 25.33
CA LEU D 673 -45.76 -30.99 24.99
C LEU D 673 -46.78 -31.15 26.10
N ASP D 674 -46.32 -31.15 27.36
CA ASP D 674 -47.22 -31.27 28.48
C ASP D 674 -48.19 -30.11 28.53
N GLN D 675 -47.75 -28.93 28.08
CA GLN D 675 -48.68 -27.81 27.92
C GLN D 675 -49.84 -28.19 27.02
N LYS D 676 -49.59 -29.04 26.02
CA LYS D 676 -50.63 -29.55 25.14
C LYS D 676 -51.22 -30.87 25.65
N GLY D 677 -50.75 -31.38 26.79
CA GLY D 677 -51.25 -32.63 27.30
C GLY D 677 -50.68 -33.87 26.67
N VAL D 678 -49.42 -33.84 26.28
CA VAL D 678 -48.79 -34.96 25.58
C VAL D 678 -47.53 -35.32 26.35
N SER D 679 -47.53 -36.50 26.97
CA SER D 679 -46.31 -37.02 27.55
C SER D 679 -45.40 -37.57 26.44
N LEU D 680 -44.10 -37.53 26.69
CA LEU D 680 -43.14 -37.99 25.72
C LEU D 680 -42.00 -38.72 26.42
N GLU D 681 -41.58 -39.83 25.84
CA GLU D 681 -40.43 -40.58 26.30
C GLU D 681 -39.43 -40.73 25.16
N VAL D 682 -38.18 -40.37 25.42
CA VAL D 682 -37.09 -40.53 24.46
C VAL D 682 -36.08 -41.48 25.07
N SER D 683 -35.68 -42.48 24.29
CA SER D 683 -34.73 -43.47 24.78
C SER D 683 -33.36 -42.83 24.99
N GLN D 684 -32.45 -43.65 25.56
CA GLN D 684 -31.10 -43.16 25.82
C GLN D 684 -30.25 -43.17 24.56
N GLU D 685 -30.31 -44.27 23.80
CA GLU D 685 -29.53 -44.32 22.57
C GLU D 685 -30.07 -43.34 21.54
N ALA D 686 -31.37 -43.01 21.60
CA ALA D 686 -31.88 -41.95 20.76
C ALA D 686 -31.24 -40.62 21.11
N ARG D 687 -31.08 -40.35 22.40
CA ARG D 687 -30.38 -39.15 22.83
C ARG D 687 -28.94 -39.14 22.32
N ASN D 688 -28.25 -40.28 22.46
CA ASN D 688 -26.88 -40.36 21.97
C ASN D 688 -26.82 -40.11 20.47
N TRP D 689 -27.76 -40.67 19.72
CA TRP D 689 -27.76 -40.48 18.27
C TRP D 689 -28.04 -39.03 17.90
N LEU D 690 -28.97 -38.38 18.60
CA LEU D 690 -29.22 -36.96 18.36
C LEU D 690 -27.96 -36.15 18.61
N ALA D 691 -27.25 -36.44 19.71
CA ALA D 691 -26.03 -35.71 20.02
C ALA D 691 -24.97 -35.94 18.95
N GLU D 692 -24.84 -37.19 18.48
CA GLU D 692 -23.85 -37.47 17.44
C GLU D 692 -24.21 -36.78 16.13
N LYS D 693 -25.50 -36.68 15.84
CA LYS D 693 -25.93 -36.06 14.58
C LYS D 693 -25.75 -34.55 14.63
N GLY D 694 -25.97 -33.94 15.79
CA GLY D 694 -25.94 -32.49 15.87
C GLY D 694 -24.66 -31.86 16.35
N TYR D 695 -23.69 -32.64 16.83
CA TYR D 695 -22.48 -32.06 17.40
C TYR D 695 -21.74 -31.25 16.36
N ASP D 696 -21.59 -29.95 16.64
CA ASP D 696 -20.85 -29.04 15.78
C ASP D 696 -19.99 -28.16 16.68
N ARG D 697 -18.68 -28.41 16.70
CA ARG D 697 -17.80 -27.68 17.60
C ARG D 697 -17.81 -26.19 17.32
N ALA D 698 -17.87 -25.82 16.04
CA ALA D 698 -17.74 -24.42 15.67
C ALA D 698 -18.93 -23.58 16.11
N MET D 699 -20.11 -24.21 16.25
CA MET D 699 -21.33 -23.47 16.52
C MET D 699 -21.89 -23.71 17.92
N GLY D 700 -21.19 -24.49 18.73
CA GLY D 700 -21.61 -24.63 20.12
C GLY D 700 -22.90 -25.42 20.25
N ALA D 701 -23.84 -24.89 21.03
CA ALA D 701 -25.05 -25.60 21.39
C ALA D 701 -26.23 -25.28 20.48
N ARG D 702 -26.15 -24.23 19.69
CA ARG D 702 -27.28 -23.85 18.85
C ARG D 702 -27.67 -24.91 17.81
N PRO D 703 -26.77 -25.63 17.17
CA PRO D 703 -27.20 -26.67 16.23
C PRO D 703 -28.05 -27.76 16.85
N MET D 704 -27.87 -28.04 18.15
CA MET D 704 -28.69 -29.04 18.80
C MET D 704 -30.16 -28.66 18.78
N ALA D 705 -30.46 -27.37 18.91
CA ALA D 705 -31.85 -26.92 18.83
C ALA D 705 -32.46 -27.30 17.49
N ARG D 706 -31.76 -27.03 16.39
CA ARG D 706 -32.29 -27.38 15.08
C ARG D 706 -32.39 -28.89 14.89
N VAL D 707 -31.40 -29.62 15.37
CA VAL D 707 -31.42 -31.08 15.20
C VAL D 707 -32.62 -31.67 15.93
N ILE D 708 -32.80 -31.31 17.20
CA ILE D 708 -33.96 -31.78 17.94
C ILE D 708 -35.25 -31.32 17.26
N GLN D 709 -35.27 -30.07 16.80
CA GLN D 709 -36.43 -29.54 16.11
C GLN D 709 -36.85 -30.45 14.95
N ASP D 710 -35.96 -30.63 13.98
CA ASP D 710 -36.33 -31.41 12.80
C ASP D 710 -36.60 -32.86 13.15
N ASN D 711 -35.81 -33.45 14.05
CA ASN D 711 -35.93 -34.87 14.30
C ASN D 711 -37.16 -35.22 15.14
N LEU D 712 -37.66 -34.30 15.94
CA LEU D 712 -38.78 -34.59 16.82
C LEU D 712 -40.03 -33.78 16.52
N LYS D 713 -39.92 -32.45 16.45
CA LYS D 713 -41.10 -31.61 16.35
C LYS D 713 -41.85 -31.86 15.05
N LYS D 714 -41.14 -32.10 13.94
CA LYS D 714 -41.80 -32.32 12.66
C LYS D 714 -42.82 -33.45 12.74
N PRO D 715 -42.44 -34.70 13.06
CA PRO D 715 -43.47 -35.73 13.21
C PRO D 715 -44.43 -35.41 14.34
N LEU D 716 -43.92 -34.80 15.41
CA LEU D 716 -44.80 -34.42 16.52
C LEU D 716 -45.79 -33.34 16.09
N ALA D 717 -45.34 -32.37 15.31
CA ALA D 717 -46.27 -31.35 14.82
C ALA D 717 -47.34 -31.97 13.93
N ASN D 718 -46.93 -32.90 13.06
CA ASN D 718 -47.91 -33.56 12.21
C ASN D 718 -48.92 -34.35 13.03
N GLU D 719 -48.45 -35.08 14.05
CA GLU D 719 -49.35 -35.88 14.87
C GLU D 719 -50.22 -35.01 15.77
N LEU D 720 -49.75 -33.82 16.12
CA LEU D 720 -50.54 -32.92 16.95
C LEU D 720 -51.55 -32.14 16.12
N LEU D 721 -51.30 -31.99 14.83
CA LEU D 721 -52.23 -31.28 13.96
C LEU D 721 -53.22 -32.20 13.26
N PHE D 722 -52.73 -33.20 12.53
CA PHE D 722 -53.57 -34.08 11.73
C PHE D 722 -53.13 -35.52 11.95
N GLY D 723 -52.93 -35.90 13.21
CA GLY D 723 -52.41 -37.22 13.49
C GLY D 723 -52.97 -37.82 14.76
N SER D 724 -52.23 -38.79 15.30
CA SER D 724 -52.67 -39.54 16.45
C SER D 724 -52.65 -38.72 17.74
N LEU D 725 -51.69 -37.80 17.88
CA LEU D 725 -51.50 -37.09 19.13
C LEU D 725 -52.37 -35.84 19.22
N VAL D 726 -53.66 -35.99 18.99
CA VAL D 726 -54.63 -34.93 19.22
C VAL D 726 -55.34 -35.24 20.52
N ASP D 727 -55.01 -34.49 21.58
CA ASP D 727 -55.52 -34.75 22.92
C ASP D 727 -55.12 -36.14 23.41
N GLY D 728 -53.83 -36.41 23.34
CA GLY D 728 -53.31 -37.69 23.79
C GLY D 728 -51.81 -37.72 23.60
N GLY D 729 -51.16 -38.57 24.39
CA GLY D 729 -49.72 -38.62 24.38
C GLY D 729 -49.13 -40.00 24.21
N GLN D 730 -48.23 -40.37 25.13
CA GLN D 730 -47.58 -41.68 25.14
C GLN D 730 -46.78 -41.91 23.86
N VAL D 731 -46.19 -40.84 23.32
CA VAL D 731 -45.34 -40.95 22.14
C VAL D 731 -43.98 -41.44 22.57
N THR D 732 -43.54 -42.55 21.98
CA THR D 732 -42.26 -43.17 22.30
C THR D 732 -41.34 -43.03 21.10
N VAL D 733 -40.11 -42.60 21.35
CA VAL D 733 -39.11 -42.44 20.31
C VAL D 733 -37.93 -43.34 20.66
N ALA D 734 -37.63 -44.28 19.77
CA ALA D 734 -36.51 -45.19 19.96
C ALA D 734 -35.75 -45.31 18.66
N LEU D 735 -34.48 -45.69 18.77
CA LEU D 735 -33.56 -45.75 17.65
C LEU D 735 -33.28 -47.19 17.27
N ASP D 736 -33.46 -47.51 15.99
CA ASP D 736 -32.99 -48.79 15.50
C ASP D 736 -31.52 -48.67 15.08
N LYS D 737 -30.90 -49.79 14.75
CA LYS D 737 -29.50 -49.80 14.36
C LYS D 737 -29.29 -50.07 12.88
N GLU D 738 -30.30 -50.57 12.19
CA GLU D 738 -30.16 -50.84 10.76
C GLU D 738 -30.28 -49.55 9.95
N LYS D 739 -31.17 -48.65 10.37
CA LYS D 739 -31.40 -47.39 9.66
C LYS D 739 -31.21 -46.16 10.52
N ASN D 740 -30.93 -46.30 11.81
CA ASN D 740 -30.77 -45.17 12.73
C ASN D 740 -31.98 -44.25 12.70
N GLU D 741 -33.16 -44.85 12.67
CA GLU D 741 -34.41 -44.11 12.58
C GLU D 741 -35.14 -44.11 13.93
N LEU D 742 -36.21 -43.34 13.98
CA LEU D 742 -36.93 -43.09 15.23
C LEU D 742 -38.31 -43.73 15.20
N THR D 743 -38.73 -44.23 16.36
CA THR D 743 -40.08 -44.75 16.55
C THR D 743 -41.00 -43.62 17.00
N TYR D 744 -42.30 -43.84 16.84
CA TYR D 744 -43.29 -42.82 17.17
C TYR D 744 -44.59 -43.51 17.57
N GLY D 745 -45.66 -42.73 17.65
CA GLY D 745 -46.99 -43.26 17.86
C GLY D 745 -47.35 -43.42 19.32
N PHE D 746 -48.64 -43.68 19.54
CA PHE D 746 -49.20 -43.90 20.88
C PHE D 746 -48.41 -44.96 21.65
N MET E 169 -44.42 68.67 37.81
CA MET E 169 -45.24 68.98 38.97
C MET E 169 -44.41 68.98 40.24
N GLU E 170 -44.29 70.16 40.86
CA GLU E 170 -43.49 70.29 42.08
C GLU E 170 -44.02 69.45 43.22
N ASN E 171 -45.31 69.07 43.19
CA ASN E 171 -45.84 68.22 44.24
C ASN E 171 -45.24 66.83 44.19
N PHE E 172 -44.72 66.41 43.04
CA PHE E 172 -44.17 65.07 42.87
C PHE E 172 -42.77 65.04 42.28
N THR E 173 -42.15 66.18 42.01
CA THR E 173 -40.80 66.24 41.47
C THR E 173 -39.87 66.88 42.48
N THR E 174 -38.81 66.16 42.84
CA THR E 174 -37.85 66.63 43.83
C THR E 174 -36.81 67.51 43.15
N ASN E 175 -36.71 68.76 43.60
CA ASN E 175 -35.78 69.72 43.03
C ASN E 175 -34.37 69.42 43.56
N LEU E 176 -33.64 68.59 42.83
CA LEU E 176 -32.25 68.33 43.19
C LEU E 176 -31.41 69.59 43.11
N ASN E 177 -31.78 70.53 42.24
CA ASN E 177 -31.06 71.80 42.19
C ASN E 177 -31.27 72.60 43.47
N GLN E 178 -32.49 72.54 44.03
CA GLN E 178 -32.73 73.26 45.28
C GLN E 178 -32.11 72.52 46.47
N LEU E 179 -32.17 71.19 46.46
CA LEU E 179 -31.51 70.43 47.52
C LEU E 179 -30.01 70.68 47.53
N ALA E 180 -29.36 70.58 46.37
CA ALA E 180 -27.94 70.88 46.27
C ALA E 180 -27.66 72.34 46.58
N ARG E 181 -28.61 73.23 46.27
CA ARG E 181 -28.45 74.63 46.59
C ARG E 181 -28.38 74.84 48.10
N VAL E 182 -29.05 74.00 48.87
CA VAL E 182 -29.05 74.10 50.32
C VAL E 182 -28.21 73.00 50.96
N GLY E 183 -27.39 72.30 50.17
CA GLY E 183 -26.56 71.23 50.69
C GLY E 183 -27.02 69.87 50.23
N GLY E 184 -27.27 68.96 51.17
CA GLY E 184 -27.84 67.67 50.83
C GLY E 184 -26.88 66.75 50.11
N ILE E 185 -26.22 67.27 49.08
CA ILE E 185 -25.34 66.49 48.21
C ILE E 185 -23.92 66.61 48.73
N ASP E 186 -23.22 65.48 48.81
CA ASP E 186 -21.81 65.50 49.17
C ASP E 186 -20.98 65.99 47.98
N PRO E 187 -19.77 66.48 48.23
CA PRO E 187 -18.94 66.98 47.12
C PRO E 187 -18.61 65.88 46.13
N LEU E 188 -18.65 66.25 44.84
CA LEU E 188 -18.29 65.34 43.76
C LEU E 188 -16.79 65.07 43.80
N ILE E 189 -16.40 63.86 43.45
CA ILE E 189 -15.01 63.42 43.57
C ILE E 189 -14.52 62.96 42.21
N GLY E 190 -13.92 63.87 41.46
CA GLY E 190 -13.24 63.51 40.22
C GLY E 190 -14.14 63.18 39.05
N ARG E 191 -15.26 63.90 38.88
CA ARG E 191 -16.20 63.60 37.81
C ARG E 191 -16.49 64.83 36.96
N GLU E 192 -15.54 65.76 36.90
CA GLU E 192 -15.74 66.97 36.10
C GLU E 192 -15.68 66.67 34.61
N LYS E 193 -15.01 65.57 34.24
CA LYS E 193 -14.90 65.22 32.83
C LYS E 193 -16.23 64.72 32.28
N GLU E 194 -16.91 63.86 33.05
CA GLU E 194 -18.22 63.38 32.63
C GLU E 194 -19.25 64.49 32.70
N LEU E 195 -19.10 65.41 33.66
CA LEU E 195 -19.96 66.60 33.67
C LEU E 195 -19.74 67.43 32.43
N GLU E 196 -18.48 67.63 32.03
CA GLU E 196 -18.17 68.30 30.77
C GLU E 196 -18.87 67.62 29.60
N ARG E 197 -18.72 66.30 29.49
CA ARG E 197 -19.33 65.59 28.38
C ARG E 197 -20.84 65.71 28.38
N ALA E 198 -21.45 65.61 29.56
CA ALA E 198 -22.91 65.66 29.65
C ALA E 198 -23.43 67.05 29.29
N ILE E 199 -22.85 68.10 29.89
CA ILE E 199 -23.27 69.45 29.56
C ILE E 199 -23.00 69.74 28.09
N GLN E 200 -21.96 69.14 27.52
CA GLN E 200 -21.71 69.27 26.08
C GLN E 200 -22.83 68.64 25.27
N VAL E 201 -23.32 67.48 25.71
CA VAL E 201 -24.45 66.86 25.04
C VAL E 201 -25.68 67.75 25.13
N LEU E 202 -25.94 68.31 26.32
CA LEU E 202 -27.15 69.10 26.53
C LEU E 202 -27.26 70.28 25.57
N CYS E 203 -26.17 71.02 25.38
CA CYS E 203 -26.22 72.21 24.53
C CYS E 203 -26.29 71.89 23.05
N ARG E 204 -26.23 70.62 22.67
CA ARG E 204 -26.42 70.25 21.27
C ARG E 204 -27.86 70.49 20.85
N ARG E 205 -28.09 70.49 19.53
CA ARG E 205 -29.45 70.66 19.04
C ARG E 205 -30.21 69.33 19.05
N ARG E 206 -29.59 68.26 18.58
CA ARG E 206 -30.23 66.95 18.56
C ARG E 206 -29.37 65.97 19.33
N LYS E 207 -30.01 64.89 19.80
CA LYS E 207 -29.39 63.92 20.69
C LYS E 207 -28.86 64.59 21.96
N ASN E 208 -29.50 65.69 22.35
CA ASN E 208 -29.09 66.46 23.51
C ASN E 208 -29.73 65.92 24.80
N ASN E 209 -29.56 64.62 25.01
CA ASN E 209 -30.09 63.95 26.20
C ASN E 209 -29.01 63.00 26.71
N PRO E 210 -28.19 63.44 27.65
CA PRO E 210 -27.07 62.59 28.10
C PRO E 210 -27.57 61.29 28.73
N LEU E 211 -27.19 60.18 28.11
CA LEU E 211 -27.54 58.85 28.58
C LEU E 211 -26.37 58.31 29.40
N LEU E 212 -26.42 58.54 30.71
CA LEU E 212 -25.41 57.99 31.62
C LEU E 212 -25.66 56.50 31.77
N VAL E 213 -24.97 55.70 30.97
CA VAL E 213 -25.09 54.24 31.03
C VAL E 213 -23.90 53.71 31.82
N GLY E 214 -24.19 53.08 32.95
CA GLY E 214 -23.15 52.57 33.82
C GLY E 214 -23.60 51.32 34.53
N GLU E 215 -22.63 50.62 35.11
CA GLU E 215 -22.91 49.41 35.85
C GLU E 215 -23.58 49.74 37.17
N SER E 216 -23.81 48.72 37.98
CA SER E 216 -24.38 48.91 39.31
C SER E 216 -23.28 49.25 40.30
N GLY E 217 -23.64 50.08 41.28
CA GLY E 217 -22.69 50.48 42.29
C GLY E 217 -21.51 51.27 41.79
N VAL E 218 -21.71 52.08 40.76
CA VAL E 218 -20.64 52.89 40.18
C VAL E 218 -20.80 54.36 40.53
N GLY E 219 -22.01 54.87 40.46
CA GLY E 219 -22.28 56.26 40.77
C GLY E 219 -22.86 57.13 39.67
N LYS E 220 -23.68 56.58 38.78
CA LYS E 220 -24.33 57.42 37.77
C LYS E 220 -25.29 58.41 38.41
N THR E 221 -26.15 57.94 39.31
CA THR E 221 -26.97 58.85 40.11
C THR E 221 -26.07 59.80 40.90
N ALA E 222 -24.93 59.31 41.38
CA ALA E 222 -23.96 60.18 42.03
C ALA E 222 -23.43 61.22 41.08
N ILE E 223 -23.27 60.87 39.80
CA ILE E 223 -22.79 61.84 38.82
C ILE E 223 -23.85 62.92 38.59
N ALA E 224 -25.12 62.53 38.57
CA ALA E 224 -26.18 63.52 38.45
C ALA E 224 -26.22 64.44 39.66
N GLU E 225 -26.07 63.87 40.86
CA GLU E 225 -25.98 64.68 42.07
C GLU E 225 -24.80 65.65 41.99
N GLY E 226 -23.67 65.17 41.48
CA GLY E 226 -22.52 66.05 41.32
C GLY E 226 -22.75 67.16 40.32
N LEU E 227 -23.50 66.86 39.25
CA LEU E 227 -23.86 67.90 38.29
C LEU E 227 -24.70 68.97 38.97
N ALA E 228 -25.72 68.56 39.73
CA ALA E 228 -26.54 69.54 40.45
C ALA E 228 -25.70 70.35 41.43
N TRP E 229 -24.78 69.67 42.14
CA TRP E 229 -23.97 70.34 43.13
C TRP E 229 -23.00 71.33 42.48
N ARG E 230 -22.47 70.99 41.32
CA ARG E 230 -21.58 71.90 40.61
C ARG E 230 -22.35 73.06 39.99
N ILE E 231 -23.61 72.82 39.60
CA ILE E 231 -24.44 73.92 39.10
C ILE E 231 -24.69 74.92 40.21
N VAL E 232 -25.11 74.44 41.38
CA VAL E 232 -25.37 75.35 42.49
C VAL E 232 -24.07 75.90 43.06
N GLN E 233 -22.94 75.25 42.75
CA GLN E 233 -21.66 75.71 43.27
C GLN E 233 -21.10 76.87 42.46
N GLY E 234 -21.41 76.92 41.17
CA GLY E 234 -20.89 77.93 40.30
C GLY E 234 -19.73 77.50 39.41
N ASP E 235 -19.73 76.26 38.94
CA ASP E 235 -18.66 75.75 38.10
C ASP E 235 -19.15 75.36 36.71
N VAL E 236 -20.20 76.00 36.22
CA VAL E 236 -20.72 75.79 34.87
C VAL E 236 -21.21 77.13 34.37
N PRO E 237 -20.92 77.51 33.12
CA PRO E 237 -21.31 78.84 32.65
C PRO E 237 -22.82 78.95 32.45
N GLU E 238 -23.28 80.20 32.30
CA GLU E 238 -24.71 80.49 32.30
C GLU E 238 -25.43 80.03 31.04
N VAL E 239 -24.72 79.42 30.08
CA VAL E 239 -25.39 78.87 28.91
C VAL E 239 -26.39 77.81 29.32
N MET E 240 -26.17 77.16 30.46
CA MET E 240 -27.10 76.19 31.03
C MET E 240 -27.27 76.31 32.53
N ALA E 241 -26.45 77.12 33.20
CA ALA E 241 -26.37 77.10 34.66
C ALA E 241 -27.72 77.40 35.30
N ASP E 242 -27.99 76.75 36.43
CA ASP E 242 -29.16 76.96 37.28
C ASP E 242 -30.47 76.52 36.64
N CYS E 243 -30.41 75.75 35.55
CA CYS E 243 -31.62 75.10 35.05
C CYS E 243 -32.13 74.13 36.11
N THR E 244 -33.37 74.33 36.54
CA THR E 244 -33.89 73.60 37.69
C THR E 244 -34.05 72.11 37.37
N ILE E 245 -33.29 71.29 38.08
CA ILE E 245 -33.28 69.84 37.87
C ILE E 245 -34.47 69.26 38.63
N TYR E 246 -35.18 68.34 37.98
CA TYR E 246 -36.34 67.68 38.57
C TYR E 246 -36.18 66.17 38.47
N SER E 247 -36.55 65.49 39.55
CA SER E 247 -36.54 64.03 39.60
C SER E 247 -37.97 63.54 39.74
N LEU E 248 -38.31 62.48 39.01
CA LEU E 248 -39.69 62.01 38.90
C LEU E 248 -39.96 60.91 39.92
N ASP E 249 -40.98 61.12 40.75
CA ASP E 249 -41.48 60.10 41.66
C ASP E 249 -42.44 59.22 40.88
N ILE E 250 -42.00 58.02 40.52
CA ILE E 250 -42.83 57.13 39.71
C ILE E 250 -44.02 56.61 40.50
N GLY E 251 -43.77 56.21 41.76
CA GLY E 251 -44.85 55.67 42.57
C GLY E 251 -45.99 56.65 42.79
N SER E 252 -45.68 57.95 42.85
CA SER E 252 -46.73 58.94 43.02
C SER E 252 -47.72 58.89 41.86
N LEU E 253 -47.23 58.67 40.64
CA LEU E 253 -48.11 58.55 39.49
C LEU E 253 -48.76 57.18 39.43
N LEU E 254 -48.03 56.13 39.83
CA LEU E 254 -48.63 54.80 39.91
C LEU E 254 -49.74 54.75 40.95
N ALA E 255 -49.80 55.74 41.83
CA ALA E 255 -50.76 55.74 42.93
C ALA E 255 -52.20 55.98 42.48
N GLY E 256 -52.50 55.91 41.19
CA GLY E 256 -53.90 55.98 40.76
C GLY E 256 -54.77 54.94 41.43
N THR E 257 -54.43 53.65 41.23
CA THR E 257 -54.93 52.49 41.96
C THR E 257 -56.41 52.20 41.78
N LYS E 258 -57.16 53.02 41.04
CA LYS E 258 -58.59 52.80 40.95
C LYS E 258 -59.16 53.55 39.77
N TYR E 259 -60.35 53.10 39.32
CA TYR E 259 -61.06 53.71 38.21
C TYR E 259 -60.14 53.79 36.99
N ARG E 260 -59.79 52.63 36.43
CA ARG E 260 -58.82 52.51 35.35
C ARG E 260 -58.98 53.63 34.33
N GLY E 261 -57.88 54.34 34.07
CA GLY E 261 -57.87 55.51 33.21
C GLY E 261 -57.36 56.76 33.91
N ASP E 262 -57.49 56.82 35.24
CA ASP E 262 -57.05 57.99 35.98
C ASP E 262 -55.54 58.14 35.97
N PHE E 263 -54.81 57.03 35.97
CA PHE E 263 -53.35 57.08 35.92
C PHE E 263 -52.86 57.89 34.73
N GLU E 264 -53.40 57.58 33.54
CA GLU E 264 -52.94 58.25 32.33
C GLU E 264 -53.33 59.72 32.34
N LYS E 265 -54.47 60.06 32.95
CA LYS E 265 -54.87 61.46 33.04
C LYS E 265 -53.92 62.24 33.95
N ARG E 266 -53.54 61.64 35.08
CA ARG E 266 -52.59 62.31 35.96
C ARG E 266 -51.24 62.45 35.30
N PHE E 267 -50.82 61.45 34.53
CA PHE E 267 -49.55 61.56 33.82
C PHE E 267 -49.60 62.64 32.75
N LYS E 268 -50.73 62.76 32.05
CA LYS E 268 -50.89 63.83 31.08
C LYS E 268 -50.87 65.18 31.78
N ALA E 269 -51.46 65.27 32.97
CA ALA E 269 -51.39 66.51 33.73
C ALA E 269 -49.96 66.87 34.08
N LEU E 270 -49.17 65.88 34.51
CA LEU E 270 -47.76 66.12 34.81
C LEU E 270 -47.02 66.59 33.56
N LEU E 271 -47.29 65.95 32.42
CA LEU E 271 -46.59 66.31 31.19
C LEU E 271 -46.95 67.72 30.74
N LYS E 272 -48.23 68.09 30.86
CA LYS E 272 -48.65 69.44 30.52
C LYS E 272 -48.02 70.46 31.44
N GLN E 273 -47.93 70.13 32.74
CA GLN E 273 -47.28 71.03 33.68
C GLN E 273 -45.80 71.21 33.34
N LEU E 274 -45.13 70.13 32.96
CA LEU E 274 -43.71 70.22 32.60
C LEU E 274 -43.51 71.01 31.32
N GLU E 275 -44.42 70.85 30.35
CA GLU E 275 -44.33 71.64 29.12
C GLU E 275 -44.60 73.11 29.41
N GLN E 276 -45.49 73.40 30.35
CA GLN E 276 -45.76 74.78 30.72
C GLN E 276 -44.60 75.38 31.50
N ASP E 277 -43.82 74.54 32.18
CA ASP E 277 -42.61 75.02 32.83
C ASP E 277 -41.65 75.66 31.84
N THR E 278 -41.31 74.93 30.78
CA THR E 278 -40.52 75.41 29.64
C THR E 278 -39.07 75.66 30.04
N ASN E 279 -38.77 75.54 31.33
CA ASN E 279 -37.39 75.50 31.82
C ASN E 279 -37.28 74.37 32.84
N SER E 280 -37.02 73.18 32.32
CA SER E 280 -37.01 71.96 33.11
C SER E 280 -35.99 70.99 32.55
N ILE E 281 -35.07 70.55 33.41
CA ILE E 281 -34.11 69.51 33.07
C ILE E 281 -34.41 68.32 33.96
N LEU E 282 -35.03 67.29 33.38
CA LEU E 282 -35.59 66.18 34.14
C LEU E 282 -34.56 65.06 34.28
N PHE E 283 -34.24 64.72 35.51
CA PHE E 283 -33.34 63.59 35.79
C PHE E 283 -34.19 62.41 36.25
N ILE E 284 -33.97 61.25 35.63
CA ILE E 284 -34.73 60.05 35.92
C ILE E 284 -33.74 58.93 36.22
N ASP E 285 -33.86 58.35 37.41
CA ASP E 285 -33.08 57.18 37.77
C ASP E 285 -33.75 55.92 37.25
N GLU E 286 -32.93 55.01 36.72
CA GLU E 286 -33.40 53.73 36.19
C GLU E 286 -34.49 53.96 35.13
N ILE E 287 -34.18 54.83 34.17
CA ILE E 287 -35.15 55.17 33.14
C ILE E 287 -35.48 53.98 32.26
N HIS E 288 -34.64 52.95 32.24
CA HIS E 288 -34.94 51.76 31.46
C HIS E 288 -36.21 51.07 31.94
N THR E 289 -36.46 51.08 33.25
CA THR E 289 -37.72 50.55 33.77
C THR E 289 -38.91 51.46 33.46
N ILE E 290 -38.66 52.73 33.14
CA ILE E 290 -39.77 53.65 32.86
C ILE E 290 -40.30 53.43 31.46
N ILE E 291 -39.43 53.08 30.52
CA ILE E 291 -39.85 52.70 29.18
C ILE E 291 -40.40 51.28 29.26
N GLY E 292 -41.66 51.11 28.87
CA GLY E 292 -42.33 49.84 29.08
C GLY E 292 -42.59 49.53 30.53
N ALA E 303 -44.84 54.98 28.12
CA ALA E 303 -44.19 56.23 28.51
C ALA E 303 -43.28 56.76 27.39
N ALA E 304 -42.78 55.86 26.55
CA ALA E 304 -41.96 56.29 25.42
C ALA E 304 -42.72 57.26 24.53
N ASN E 305 -43.92 56.89 24.09
CA ASN E 305 -44.71 57.75 23.23
C ASN E 305 -45.45 58.84 24.00
N LEU E 306 -45.19 58.96 25.31
CA LEU E 306 -45.69 60.11 26.05
C LEU E 306 -44.59 61.15 26.23
N ILE E 307 -43.34 60.69 26.35
CA ILE E 307 -42.21 61.60 26.39
C ILE E 307 -41.80 62.06 25.00
N LYS E 308 -42.02 61.22 23.99
CA LYS E 308 -41.55 61.50 22.63
C LYS E 308 -42.17 62.74 22.01
N PRO E 309 -43.50 62.95 22.02
CA PRO E 309 -44.05 64.16 21.38
C PRO E 309 -43.49 65.44 21.96
N LEU E 310 -42.90 65.39 23.15
CA LEU E 310 -42.22 66.55 23.73
C LEU E 310 -40.71 66.47 23.61
N LEU E 311 -40.15 65.26 23.57
CA LEU E 311 -38.70 65.10 23.56
C LEU E 311 -38.14 65.20 22.15
N SER E 312 -38.69 64.41 21.21
CA SER E 312 -38.25 64.49 19.82
C SER E 312 -38.40 65.88 19.24
N SER E 313 -39.33 66.67 19.77
CA SER E 313 -39.45 68.08 19.43
C SER E 313 -38.43 68.95 20.14
N GLY E 314 -37.64 68.37 21.04
CA GLY E 314 -36.57 69.12 21.71
C GLY E 314 -37.06 70.18 22.67
N LYS E 315 -38.15 69.93 23.39
CA LYS E 315 -38.69 70.93 24.29
C LYS E 315 -38.31 70.69 25.75
N ILE E 316 -37.95 69.45 26.10
CA ILE E 316 -37.54 69.12 27.46
C ILE E 316 -36.15 68.51 27.42
N ARG E 317 -35.46 68.59 28.54
CA ARG E 317 -34.12 68.04 28.71
C ARG E 317 -34.17 66.94 29.75
N VAL E 318 -33.58 65.79 29.43
CA VAL E 318 -33.61 64.63 30.30
C VAL E 318 -32.22 64.03 30.42
N ILE E 319 -31.94 63.43 31.56
CA ILE E 319 -30.71 62.69 31.82
C ILE E 319 -31.08 61.24 32.05
N GLY E 320 -30.42 60.33 31.33
CA GLY E 320 -30.69 58.93 31.48
C GLY E 320 -29.72 58.24 32.42
N SER E 321 -30.18 57.15 33.02
CA SER E 321 -29.36 56.36 33.91
C SER E 321 -29.81 54.92 33.84
N THR E 322 -29.07 54.09 33.11
CA THR E 322 -29.39 52.67 32.97
C THR E 322 -28.11 51.87 33.13
N THR E 323 -28.17 50.59 32.81
CA THR E 323 -27.01 49.71 32.76
C THR E 323 -26.77 49.29 31.32
N TYR E 324 -25.54 48.85 31.04
CA TYR E 324 -25.18 48.46 29.68
C TYR E 324 -26.05 47.31 29.19
N GLN E 325 -26.39 46.37 30.07
CA GLN E 325 -27.31 45.31 29.69
C GLN E 325 -28.67 45.87 29.30
N GLU E 326 -29.28 46.67 30.19
CA GLU E 326 -30.57 47.27 29.86
C GLU E 326 -30.45 48.25 28.70
N PHE E 327 -29.31 48.93 28.58
CA PHE E 327 -29.09 49.79 27.42
C PHE E 327 -29.16 49.00 26.13
N SER E 328 -28.51 47.83 26.11
CA SER E 328 -28.58 46.97 24.93
C SER E 328 -29.99 46.43 24.71
N ASN E 329 -30.70 46.11 25.80
CA ASN E 329 -32.03 45.55 25.67
C ASN E 329 -33.06 46.57 25.19
N ILE E 330 -32.83 47.86 25.44
CA ILE E 330 -33.86 48.85 25.16
C ILE E 330 -33.39 49.88 24.15
N PHE E 331 -32.33 50.61 24.47
CA PHE E 331 -31.97 51.79 23.71
C PHE E 331 -31.21 51.46 22.43
N GLU E 332 -30.59 50.28 22.35
CA GLU E 332 -29.81 49.94 21.17
C GLU E 332 -30.65 49.58 19.96
N LYS E 333 -31.97 49.43 20.13
CA LYS E 333 -32.85 49.03 19.03
C LYS E 333 -33.82 50.11 18.61
N ASP E 334 -34.35 50.88 19.55
CA ASP E 334 -35.38 51.89 19.24
C ASP E 334 -34.70 53.14 18.70
N ARG E 335 -35.09 53.54 17.49
CA ARG E 335 -34.51 54.73 16.88
C ARG E 335 -34.93 56.01 17.60
N ALA E 336 -36.16 56.05 18.13
CA ALA E 336 -36.59 57.22 18.89
C ALA E 336 -35.67 57.48 20.07
N LEU E 337 -35.24 56.43 20.76
CA LEU E 337 -34.23 56.57 21.80
C LEU E 337 -32.86 56.87 21.21
N ALA E 338 -32.59 56.38 19.99
CA ALA E 338 -31.33 56.67 19.34
C ALA E 338 -31.29 58.09 18.78
N ARG E 339 -32.44 58.59 18.32
CA ARG E 339 -32.49 59.90 17.67
C ARG E 339 -32.62 61.06 18.65
N ARG E 340 -32.65 60.79 19.95
CA ARG E 340 -32.75 61.85 20.94
C ARG E 340 -31.76 61.72 22.08
N PHE E 341 -31.17 60.55 22.29
CA PHE E 341 -30.31 60.29 23.42
C PHE E 341 -28.89 59.99 22.96
N GLN E 342 -27.92 60.50 23.73
CA GLN E 342 -26.51 60.24 23.49
C GLN E 342 -25.94 59.51 24.69
N LYS E 343 -25.35 58.34 24.44
CA LYS E 343 -24.77 57.55 25.52
C LYS E 343 -23.62 58.31 26.17
N ILE E 344 -23.46 58.13 27.48
CA ILE E 344 -22.36 58.73 28.23
C ILE E 344 -21.56 57.59 28.86
N ASP E 345 -20.25 57.68 28.75
CA ASP E 345 -19.38 56.66 29.32
C ASP E 345 -19.31 56.82 30.83
N ILE E 346 -19.83 55.82 31.55
CA ILE E 346 -19.78 55.81 33.00
C ILE E 346 -18.82 54.71 33.45
N THR E 347 -17.79 55.09 34.19
CA THR E 347 -16.73 54.19 34.62
C THR E 347 -16.55 54.32 36.12
N GLU E 348 -15.97 53.29 36.73
CA GLU E 348 -15.72 53.29 38.16
C GLU E 348 -14.72 54.38 38.54
N PRO E 349 -14.72 54.79 39.81
CA PRO E 349 -13.61 55.61 40.30
C PRO E 349 -12.38 54.76 40.56
N SER E 350 -11.30 55.42 40.96
CA SER E 350 -10.05 54.75 41.27
C SER E 350 -9.91 54.59 42.79
N ILE E 351 -8.77 54.05 43.22
CA ILE E 351 -8.58 53.74 44.63
C ILE E 351 -8.65 55.01 45.48
N GLU E 352 -7.92 56.05 45.09
CA GLU E 352 -7.88 57.26 45.89
C GLU E 352 -9.21 58.01 45.85
N GLU E 353 -9.84 58.07 44.68
CA GLU E 353 -11.15 58.70 44.58
C GLU E 353 -12.18 57.95 45.41
N THR E 354 -12.09 56.62 45.44
CA THR E 354 -12.99 55.84 46.28
C THR E 354 -12.74 56.10 47.75
N VAL E 355 -11.47 56.24 48.13
CA VAL E 355 -11.14 56.56 49.53
C VAL E 355 -11.74 57.91 49.90
N GLN E 356 -11.67 58.87 48.99
CA GLN E 356 -12.22 60.19 49.27
C GLN E 356 -13.75 60.14 49.38
N ILE E 357 -14.40 59.39 48.48
CA ILE E 357 -15.85 59.22 48.55
C ILE E 357 -16.24 58.57 49.88
N ILE E 358 -15.48 57.55 50.30
CA ILE E 358 -15.70 56.95 51.60
C ILE E 358 -15.63 58.02 52.68
N ASN E 359 -14.47 58.64 52.85
CA ASN E 359 -14.30 59.62 53.92
C ASN E 359 -15.36 60.71 53.87
N GLY E 360 -15.93 60.98 52.70
CA GLY E 360 -17.04 61.91 52.63
C GLY E 360 -18.32 61.34 53.21
N LEU E 361 -18.59 60.06 52.94
CA LEU E 361 -19.84 59.46 53.39
C LEU E 361 -19.76 58.93 54.82
N LYS E 362 -18.55 58.63 55.28
CA LYS E 362 -18.17 57.98 56.53
C LYS E 362 -18.92 58.46 57.77
N PRO E 363 -19.05 59.77 58.02
CA PRO E 363 -19.71 60.20 59.25
C PRO E 363 -21.15 59.73 59.39
N LYS E 364 -21.86 59.56 58.27
CA LYS E 364 -23.25 59.09 58.35
C LYS E 364 -23.32 57.71 59.00
N TYR E 365 -22.60 56.74 58.45
CA TYR E 365 -22.62 55.40 59.01
C TYR E 365 -21.91 55.34 60.36
N GLU E 366 -20.95 56.25 60.59
CA GLU E 366 -20.36 56.34 61.92
C GLU E 366 -21.40 56.70 62.96
N ALA E 367 -22.17 57.77 62.72
CA ALA E 367 -23.21 58.17 63.67
C ALA E 367 -24.32 57.15 63.73
N HIS E 368 -24.58 56.44 62.63
CA HIS E 368 -25.60 55.40 62.65
C HIS E 368 -25.19 54.25 63.55
N HIS E 369 -23.95 53.79 63.43
CA HIS E 369 -23.47 52.66 64.20
C HIS E 369 -22.74 53.07 65.48
N ASP E 370 -22.48 54.36 65.68
CA ASP E 370 -21.72 54.85 66.84
C ASP E 370 -20.32 54.24 66.87
N VAL E 371 -19.65 54.27 65.73
CA VAL E 371 -18.35 53.67 65.53
C VAL E 371 -17.48 54.68 64.77
N ARG E 372 -16.17 54.48 64.83
CA ARG E 372 -15.22 55.40 64.20
C ARG E 372 -14.16 54.61 63.44
N TYR E 373 -14.04 54.88 62.13
CA TYR E 373 -13.13 54.14 61.27
C TYR E 373 -11.79 54.84 61.17
N THR E 374 -10.72 54.06 61.18
CA THR E 374 -9.40 54.59 60.88
C THR E 374 -9.21 54.70 59.37
N ALA E 375 -8.32 55.61 58.96
CA ALA E 375 -7.98 55.70 57.55
C ALA E 375 -7.32 54.42 57.06
N LYS E 376 -6.54 53.76 57.92
CA LYS E 376 -6.01 52.44 57.59
C LYS E 376 -7.15 51.46 57.32
N ALA E 377 -8.23 51.56 58.08
CA ALA E 377 -9.39 50.71 57.81
C ALA E 377 -9.98 51.03 56.44
N VAL E 378 -10.03 52.30 56.07
CA VAL E 378 -10.54 52.69 54.76
C VAL E 378 -9.68 52.08 53.65
N ARG E 379 -8.36 52.17 53.81
CA ARG E 379 -7.46 51.67 52.77
C ARG E 379 -7.51 50.15 52.67
N ALA E 380 -7.49 49.46 53.82
CA ALA E 380 -7.66 48.01 53.79
C ALA E 380 -8.99 47.62 53.18
N ALA E 381 -10.03 48.41 53.44
CA ALA E 381 -11.34 48.15 52.86
C ALA E 381 -11.30 48.23 51.34
N VAL E 382 -10.73 49.31 50.80
CA VAL E 382 -10.70 49.44 49.34
C VAL E 382 -9.85 48.32 48.71
N GLU E 383 -8.70 48.03 49.32
CA GLU E 383 -7.82 47.01 48.73
C GLU E 383 -8.46 45.62 48.78
N LEU E 384 -9.11 45.28 49.89
CA LEU E 384 -9.70 43.95 50.00
C LEU E 384 -10.97 43.84 49.17
N ALA E 385 -11.70 44.96 49.01
CA ALA E 385 -12.83 44.96 48.09
C ALA E 385 -12.36 44.73 46.65
N VAL E 386 -11.18 45.25 46.30
CA VAL E 386 -10.60 44.93 45.00
C VAL E 386 -10.24 43.45 44.93
N LYS E 387 -9.55 42.95 45.95
CA LYS E 387 -8.94 41.62 45.86
C LYS E 387 -9.98 40.50 45.96
N TYR E 388 -10.72 40.44 47.05
CA TYR E 388 -11.52 39.28 47.39
C TYR E 388 -12.97 39.33 46.90
N ILE E 389 -13.50 40.51 46.58
CA ILE E 389 -14.88 40.66 46.16
C ILE E 389 -14.90 41.12 44.72
N ASN E 390 -15.66 40.42 43.87
CA ASN E 390 -15.71 40.71 42.44
C ASN E 390 -17.13 40.60 41.88
N ASP E 391 -18.14 40.89 42.70
CA ASP E 391 -19.53 40.82 42.26
C ASP E 391 -20.17 42.19 42.14
N ARG E 392 -19.53 43.21 42.70
CA ARG E 392 -20.04 44.58 42.64
C ARG E 392 -18.94 45.46 42.08
N HIS E 393 -19.11 46.77 42.24
CA HIS E 393 -18.10 47.68 41.77
C HIS E 393 -17.51 48.49 42.93
N LEU E 394 -16.26 48.91 42.76
CA LEU E 394 -15.36 49.42 43.80
C LEU E 394 -16.01 50.40 44.78
N PRO E 395 -16.65 51.49 44.34
CA PRO E 395 -17.16 52.46 45.33
C PRO E 395 -18.22 51.88 46.24
N ASP E 396 -19.23 51.20 45.69
CA ASP E 396 -20.24 50.60 46.55
C ASP E 396 -19.71 49.37 47.27
N LYS E 397 -18.76 48.66 46.67
CA LYS E 397 -18.02 47.63 47.40
C LYS E 397 -17.48 48.19 48.72
N ALA E 398 -16.71 49.27 48.63
CA ALA E 398 -16.09 49.83 49.82
C ALA E 398 -17.12 50.45 50.75
N ILE E 399 -18.18 51.04 50.19
CA ILE E 399 -19.25 51.55 51.04
C ILE E 399 -19.85 50.43 51.87
N ASP E 400 -20.10 49.29 51.26
CA ASP E 400 -20.71 48.17 51.97
C ASP E 400 -19.75 47.57 52.99
N VAL E 401 -18.45 47.50 52.67
CA VAL E 401 -17.53 46.95 53.66
C VAL E 401 -17.40 47.89 54.85
N ILE E 402 -17.43 49.21 54.61
CA ILE E 402 -17.43 50.16 55.72
C ILE E 402 -18.68 50.00 56.57
N ASP E 403 -19.84 49.94 55.92
CA ASP E 403 -21.10 49.83 56.65
C ASP E 403 -21.17 48.52 57.44
N GLU E 404 -20.68 47.43 56.86
CA GLU E 404 -20.76 46.14 57.55
C GLU E 404 -19.73 46.03 58.66
N ALA E 405 -18.55 46.63 58.47
CA ALA E 405 -17.59 46.68 59.57
C ALA E 405 -18.12 47.51 60.72
N GLY E 406 -18.83 48.60 60.42
CA GLY E 406 -19.47 49.36 61.48
C GLY E 406 -20.55 48.57 62.18
N ALA E 407 -21.38 47.87 61.42
CA ALA E 407 -22.40 47.02 62.01
C ALA E 407 -21.78 45.95 62.90
N ARG E 408 -20.68 45.34 62.45
CA ARG E 408 -20.02 44.32 63.26
C ARG E 408 -19.48 44.92 64.56
N ALA E 409 -18.68 45.99 64.45
CA ALA E 409 -18.17 46.65 65.64
C ALA E 409 -19.29 47.08 66.57
N ARG E 410 -20.48 47.33 66.01
CA ARG E 410 -21.65 47.58 66.84
C ARG E 410 -22.13 46.31 67.52
N LEU E 411 -21.98 45.17 66.85
CA LEU E 411 -22.55 43.91 67.36
C LEU E 411 -21.51 42.93 67.88
N MET E 412 -20.29 42.94 67.31
CA MET E 412 -19.25 41.99 67.70
C MET E 412 -19.03 41.97 69.22
N PRO E 413 -18.81 43.11 69.87
CA PRO E 413 -18.61 43.08 71.32
C PRO E 413 -19.94 43.02 72.07
N VAL E 414 -19.82 42.83 73.39
CA VAL E 414 -21.01 42.76 74.22
C VAL E 414 -21.50 44.16 74.58
N SER E 415 -20.58 45.11 74.72
CA SER E 415 -20.91 46.51 74.94
C SER E 415 -20.57 47.31 73.69
N LYS E 416 -21.06 48.54 73.65
CA LYS E 416 -20.79 49.44 72.52
C LYS E 416 -19.37 49.95 72.64
N ARG E 417 -18.42 49.04 72.40
CA ARG E 417 -17.00 49.35 72.53
C ARG E 417 -16.30 49.07 71.20
N LYS E 418 -14.98 49.27 71.21
CA LYS E 418 -14.17 49.18 70.00
C LYS E 418 -14.70 50.11 68.92
N LYS E 419 -15.04 51.34 69.31
CA LYS E 419 -15.50 52.33 68.34
C LYS E 419 -14.44 52.59 67.29
N THR E 420 -13.17 52.42 67.64
CA THR E 420 -12.11 52.45 66.64
C THR E 420 -12.18 51.21 65.78
N VAL E 421 -12.16 51.39 64.47
CA VAL E 421 -12.24 50.29 63.52
C VAL E 421 -10.82 49.91 63.11
N ASN E 422 -10.37 48.75 63.56
CA ASN E 422 -9.09 48.21 63.15
C ASN E 422 -9.25 47.41 61.87
N VAL E 423 -8.14 46.80 61.43
CA VAL E 423 -8.19 45.98 60.22
C VAL E 423 -8.93 44.68 60.47
N ALA E 424 -9.18 44.36 61.75
CA ALA E 424 -9.88 43.12 62.08
C ALA E 424 -11.28 43.09 61.49
N ASP E 425 -12.09 44.11 61.77
CA ASP E 425 -13.42 44.20 61.20
C ASP E 425 -13.39 44.19 59.68
N ILE E 426 -12.48 44.97 59.08
CA ILE E 426 -12.37 45.03 57.63
C ILE E 426 -12.13 43.65 57.04
N GLU E 427 -11.12 42.94 57.55
CA GLU E 427 -10.74 41.65 56.99
C GLU E 427 -11.84 40.62 57.22
N SER E 428 -12.42 40.59 58.43
CA SER E 428 -13.51 39.66 58.69
C SER E 428 -14.67 39.91 57.74
N VAL E 429 -15.02 41.18 57.52
CA VAL E 429 -16.15 41.51 56.66
C VAL E 429 -15.87 41.08 55.22
N VAL E 430 -14.69 41.39 54.70
CA VAL E 430 -14.41 41.06 53.30
C VAL E 430 -14.31 39.55 53.12
N ALA E 431 -13.79 38.84 54.13
CA ALA E 431 -13.69 37.38 54.03
C ALA E 431 -15.07 36.74 54.07
N ARG E 432 -15.95 37.23 54.93
CA ARG E 432 -17.28 36.64 55.06
C ARG E 432 -18.16 36.98 53.85
N ILE E 433 -18.08 38.22 53.38
CA ILE E 433 -18.86 38.61 52.21
C ILE E 433 -18.37 37.85 50.97
N ALA E 434 -17.06 37.64 50.88
CA ALA E 434 -16.52 36.84 49.79
C ALA E 434 -16.65 35.34 50.03
N ARG E 435 -17.23 34.93 51.17
CA ARG E 435 -17.43 33.53 51.50
C ARG E 435 -16.11 32.76 51.51
N ILE E 436 -15.14 33.28 52.25
CA ILE E 436 -13.80 32.71 52.27
C ILE E 436 -13.33 32.60 53.72
N PRO E 437 -12.84 31.43 54.15
CA PRO E 437 -12.42 31.26 55.55
C PRO E 437 -11.05 31.86 55.83
N GLU E 438 -10.98 33.20 55.81
CA GLU E 438 -9.81 33.96 56.23
C GLU E 438 -8.57 33.56 55.43
N LYS E 439 -8.60 33.89 54.14
CA LYS E 439 -7.60 33.42 53.22
C LYS E 439 -6.24 34.08 53.44
N SER E 440 -5.58 33.66 54.51
CA SER E 440 -4.16 33.95 54.72
C SER E 440 -3.58 32.71 55.40
N VAL E 441 -3.09 31.77 54.61
CA VAL E 441 -2.65 30.50 55.17
C VAL E 441 -1.35 30.67 55.95
N SER E 442 -0.48 31.59 55.51
CA SER E 442 0.72 31.89 56.28
C SER E 442 0.38 32.46 57.65
N GLN E 443 -0.87 32.93 57.83
CA GLN E 443 -1.31 33.38 59.14
C GLN E 443 -1.71 32.20 60.03
N SER E 444 -2.65 31.37 59.58
CA SER E 444 -3.11 30.27 60.41
C SER E 444 -3.37 28.97 59.66
N ASP E 445 -3.11 28.88 58.35
CA ASP E 445 -3.50 27.70 57.58
C ASP E 445 -2.39 27.21 56.66
N ARG E 446 -1.14 27.63 56.89
CA ARG E 446 -0.05 27.18 56.03
C ARG E 446 0.16 25.68 56.14
N ASP E 447 -0.14 25.09 57.30
CA ASP E 447 0.02 23.65 57.46
C ASP E 447 -0.75 22.86 56.42
N THR E 448 -1.77 23.46 55.80
CA THR E 448 -2.50 22.79 54.73
C THR E 448 -1.82 23.01 53.38
N LEU E 449 -1.54 24.27 53.05
CA LEU E 449 -1.00 24.57 51.73
C LEU E 449 0.41 24.01 51.56
N LYS E 450 1.30 24.30 52.51
CA LYS E 450 2.67 23.82 52.45
C LYS E 450 2.76 22.30 52.53
N ASN E 451 1.77 21.63 53.12
CA ASN E 451 1.79 20.18 53.27
C ASN E 451 0.83 19.48 52.34
N LEU E 452 0.25 20.20 51.37
CA LEU E 452 -0.41 19.53 50.25
C LEU E 452 0.47 18.43 49.69
N GLY E 453 1.73 18.74 49.41
CA GLY E 453 2.64 17.73 48.87
C GLY E 453 2.80 16.55 49.80
N ASP E 454 2.99 16.80 51.09
CA ASP E 454 3.18 15.71 52.05
C ASP E 454 1.95 14.82 52.12
N ARG E 455 0.76 15.41 52.21
CA ARG E 455 -0.46 14.61 52.34
C ARG E 455 -0.74 13.83 51.06
N LEU E 456 -0.54 14.46 49.89
CA LEU E 456 -0.79 13.75 48.65
C LEU E 456 0.24 12.66 48.42
N LYS E 457 1.48 12.86 48.91
CA LYS E 457 2.46 11.79 48.86
C LYS E 457 2.09 10.65 49.78
N MET E 458 1.46 10.97 50.92
CA MET E 458 0.97 9.91 51.79
C MET E 458 -0.15 9.12 51.15
N LEU E 459 -1.08 9.81 50.47
CA LEU E 459 -2.22 9.11 49.89
C LEU E 459 -1.87 8.47 48.55
N VAL E 460 -1.12 9.16 47.71
CA VAL E 460 -0.75 8.66 46.38
C VAL E 460 0.74 8.39 46.38
N PHE E 461 1.11 7.17 46.02
CA PHE E 461 2.52 6.76 46.02
C PHE E 461 3.10 6.95 44.63
N GLY E 462 4.38 7.29 44.58
CA GLY E 462 4.99 7.64 43.32
C GLY E 462 4.44 8.95 42.79
N GLN E 463 4.86 9.27 41.56
CA GLN E 463 4.45 10.50 40.90
C GLN E 463 4.75 11.72 41.77
N ASP E 464 5.82 11.63 42.55
CA ASP E 464 6.13 12.66 43.53
C ASP E 464 6.47 13.99 42.88
N LYS E 465 7.24 13.97 41.78
CA LYS E 465 7.57 15.21 41.10
C LYS E 465 6.32 15.87 40.51
N ALA E 466 5.33 15.07 40.12
CA ALA E 466 4.08 15.63 39.64
C ALA E 466 3.35 16.36 40.75
N ILE E 467 3.27 15.75 41.94
CA ILE E 467 2.68 16.42 43.08
C ILE E 467 3.46 17.69 43.41
N GLU E 468 4.78 17.63 43.29
CA GLU E 468 5.60 18.82 43.55
C GLU E 468 5.24 19.94 42.59
N ALA E 469 5.18 19.65 41.29
CA ALA E 469 4.84 20.68 40.32
C ALA E 469 3.45 21.25 40.58
N LEU E 470 2.48 20.38 40.86
CA LEU E 470 1.13 20.83 41.14
C LEU E 470 1.10 21.77 42.34
N THR E 471 1.72 21.35 43.45
CA THR E 471 1.73 22.16 44.65
C THR E 471 2.46 23.47 44.44
N GLU E 472 3.56 23.45 43.68
CA GLU E 472 4.28 24.69 43.42
C GLU E 472 3.42 25.67 42.62
N ALA E 473 2.67 25.16 41.64
CA ALA E 473 1.78 26.04 40.89
C ALA E 473 0.68 26.59 41.78
N ILE E 474 0.11 25.75 42.65
CA ILE E 474 -0.92 26.22 43.57
C ILE E 474 -0.35 27.30 44.48
N LYS E 475 0.90 27.13 44.92
CA LYS E 475 1.51 28.11 45.81
C LYS E 475 1.76 29.42 45.08
N MET E 476 2.25 29.36 43.84
CA MET E 476 2.36 30.57 43.04
C MET E 476 1.02 31.26 42.90
N ALA E 477 -0.06 30.48 42.78
CA ALA E 477 -1.38 31.08 42.72
C ALA E 477 -1.75 31.76 44.03
N ARG E 478 -1.48 31.10 45.16
CA ARG E 478 -1.80 31.69 46.46
C ARG E 478 -0.86 32.83 46.79
N ALA E 479 0.34 32.84 46.23
CA ALA E 479 1.26 33.94 46.45
C ALA E 479 0.94 35.16 45.60
N GLY E 480 0.02 35.03 44.64
CA GLY E 480 -0.30 36.13 43.75
C GLY E 480 0.56 36.23 42.52
N LEU E 481 1.45 35.27 42.29
CA LEU E 481 2.36 35.31 41.14
C LEU E 481 1.67 34.76 39.89
N GLY E 482 0.51 35.34 39.60
CA GLY E 482 -0.26 34.92 38.45
C GLY E 482 -0.96 36.07 37.76
N HIS E 483 -2.26 35.89 37.50
CA HIS E 483 -3.06 36.93 36.87
C HIS E 483 -4.44 36.94 37.51
N GLU E 484 -5.06 38.12 37.56
CA GLU E 484 -6.32 38.26 38.27
C GLU E 484 -7.50 37.64 37.52
N HIS E 485 -7.40 37.50 36.21
CA HIS E 485 -8.50 37.00 35.39
C HIS E 485 -8.30 35.56 34.95
N LYS E 486 -7.42 34.83 35.62
CA LYS E 486 -7.24 33.41 35.40
C LYS E 486 -7.84 32.63 36.55
N PRO E 487 -8.26 31.39 36.31
CA PRO E 487 -8.54 30.48 37.42
C PRO E 487 -7.29 30.23 38.24
N VAL E 488 -7.48 29.60 39.40
CA VAL E 488 -6.37 29.36 40.31
C VAL E 488 -5.24 28.62 39.60
N GLY E 489 -5.58 27.57 38.87
CA GLY E 489 -4.58 26.84 38.10
C GLY E 489 -5.20 25.84 37.14
N SER E 490 -4.78 25.90 35.89
CA SER E 490 -5.28 25.01 34.85
C SER E 490 -4.22 23.95 34.57
N PHE E 491 -4.54 22.70 34.87
CA PHE E 491 -3.57 21.62 34.78
C PHE E 491 -4.12 20.50 33.92
N LEU E 492 -3.24 19.94 33.10
CA LEU E 492 -3.56 18.77 32.28
C LEU E 492 -2.75 17.58 32.79
N PHE E 493 -3.46 16.56 33.27
CA PHE E 493 -2.84 15.37 33.81
C PHE E 493 -2.72 14.33 32.71
N ALA E 494 -1.51 14.11 32.22
CA ALA E 494 -1.26 13.13 31.17
C ALA E 494 -0.43 12.00 31.73
N GLY E 495 -0.75 10.78 31.31
CA GLY E 495 -0.04 9.60 31.77
C GLY E 495 -0.81 8.33 31.48
N PRO E 496 -0.25 7.19 31.88
CA PRO E 496 -0.93 5.92 31.65
C PRO E 496 -2.18 5.79 32.50
N THR E 497 -2.89 4.69 32.29
CA THR E 497 -4.09 4.44 33.08
C THR E 497 -3.71 3.90 34.46
N GLY E 498 -4.63 4.09 35.41
CA GLY E 498 -4.43 3.55 36.74
C GLY E 498 -3.18 4.02 37.44
N VAL E 499 -2.84 5.30 37.29
CA VAL E 499 -1.70 5.88 38.00
C VAL E 499 -2.15 6.93 39.00
N GLY E 500 -3.42 6.94 39.38
CA GLY E 500 -3.90 7.81 40.42
C GLY E 500 -4.21 9.22 40.02
N LYS E 501 -4.26 9.51 38.72
CA LYS E 501 -4.59 10.86 38.26
C LYS E 501 -5.88 11.35 38.88
N THR E 502 -6.99 10.65 38.60
CA THR E 502 -8.25 10.94 39.27
C THR E 502 -8.11 10.83 40.78
N GLU E 503 -7.37 9.83 41.27
CA GLU E 503 -7.15 9.70 42.70
C GLU E 503 -6.45 10.93 43.25
N VAL E 504 -5.41 11.40 42.55
CA VAL E 504 -4.71 12.61 42.98
C VAL E 504 -5.68 13.78 43.05
N THR E 505 -6.54 13.91 42.04
CA THR E 505 -7.46 15.04 42.02
C THR E 505 -8.46 14.98 43.18
N VAL E 506 -8.99 13.79 43.46
CA VAL E 506 -9.95 13.67 44.56
C VAL E 506 -9.26 13.96 45.89
N GLN E 507 -8.07 13.38 46.10
CA GLN E 507 -7.36 13.64 47.34
C GLN E 507 -6.97 15.11 47.48
N LEU E 508 -6.73 15.79 46.35
CA LEU E 508 -6.41 17.21 46.40
C LEU E 508 -7.63 18.02 46.80
N SER E 509 -8.77 17.76 46.16
CA SER E 509 -10.00 18.46 46.54
C SER E 509 -10.35 18.19 48.00
N LYS E 510 -10.02 17.01 48.50
CA LYS E 510 -10.19 16.75 49.94
C LYS E 510 -9.24 17.60 50.76
N ALA E 511 -7.96 17.64 50.38
CA ALA E 511 -6.97 18.36 51.16
C ALA E 511 -7.26 19.85 51.16
N LEU E 512 -7.69 20.41 50.03
CA LEU E 512 -8.08 21.80 49.99
C LEU E 512 -9.43 22.05 50.64
N GLY E 513 -10.15 20.99 51.02
CA GLY E 513 -11.41 21.16 51.71
C GLY E 513 -12.48 21.86 50.91
N ILE E 514 -12.50 21.68 49.59
CA ILE E 514 -13.49 22.34 48.74
C ILE E 514 -14.16 21.28 47.86
N GLU E 515 -15.30 21.67 47.30
CA GLU E 515 -16.10 20.75 46.50
C GLU E 515 -15.31 20.27 45.29
N LEU E 516 -15.54 19.02 44.91
CA LEU E 516 -14.95 18.44 43.71
C LEU E 516 -16.05 18.24 42.69
N LEU E 517 -16.22 19.22 41.80
CA LEU E 517 -17.15 19.10 40.68
C LEU E 517 -16.54 18.16 39.65
N ARG E 518 -17.28 17.11 39.32
CA ARG E 518 -16.80 16.10 38.38
C ARG E 518 -17.63 16.16 37.11
N PHE E 519 -16.95 16.26 35.98
CA PHE E 519 -17.56 16.11 34.68
C PHE E 519 -16.78 15.09 33.88
N ASP E 520 -17.48 14.07 33.40
CA ASP E 520 -16.88 13.04 32.57
C ASP E 520 -17.10 13.44 31.11
N MET E 521 -16.03 13.87 30.45
CA MET E 521 -16.12 14.35 29.08
C MET E 521 -16.58 13.27 28.10
N SER E 522 -16.60 12.00 28.51
CA SER E 522 -17.22 10.95 27.71
C SER E 522 -18.63 11.29 27.29
N GLU E 523 -19.41 11.95 28.15
CA GLU E 523 -20.78 12.29 27.83
C GLU E 523 -20.88 13.47 26.88
N TYR E 524 -19.77 14.09 26.52
CA TYR E 524 -19.75 15.31 25.74
C TYR E 524 -18.99 15.12 24.44
N MET E 525 -19.13 13.96 23.82
CA MET E 525 -18.49 13.68 22.54
C MET E 525 -19.20 14.33 21.38
N GLU E 526 -20.35 14.95 21.59
CA GLU E 526 -21.14 15.54 20.53
C GLU E 526 -21.06 17.05 20.57
N ARG E 527 -21.18 17.68 19.40
CA ARG E 527 -21.08 19.12 19.32
C ARG E 527 -22.27 19.81 19.98
N HIS E 528 -23.40 19.13 20.10
CA HIS E 528 -24.58 19.75 20.65
C HIS E 528 -24.76 19.47 22.14
N THR E 529 -23.85 18.73 22.76
CA THR E 529 -23.91 18.52 24.20
C THR E 529 -23.46 19.74 24.98
N VAL E 530 -22.85 20.73 24.34
CA VAL E 530 -22.44 21.94 25.04
C VAL E 530 -23.62 22.63 25.70
N SER E 531 -24.85 22.33 25.27
CA SER E 531 -26.01 22.85 25.97
C SER E 531 -26.18 22.23 27.35
N ARG E 532 -25.47 21.15 27.65
CA ARG E 532 -25.46 20.63 29.01
C ARG E 532 -24.54 21.45 29.92
N LEU E 533 -23.49 22.04 29.36
CA LEU E 533 -22.59 22.86 30.14
C LEU E 533 -23.05 24.31 30.22
N ILE E 534 -23.59 24.86 29.14
CA ILE E 534 -23.92 26.28 29.08
C ILE E 534 -25.41 26.47 29.32
N GLY E 535 -26.19 25.43 29.08
CA GLY E 535 -27.63 25.55 29.18
C GLY E 535 -28.26 25.89 27.84
N ALA E 536 -29.50 25.50 27.69
CA ALA E 536 -30.21 25.80 26.47
C ALA E 536 -30.59 27.27 26.43
N PRO E 537 -30.65 27.87 25.24
CA PRO E 537 -31.13 29.24 25.12
C PRO E 537 -32.60 29.32 25.50
N PRO E 538 -33.08 30.51 25.85
CA PRO E 538 -34.52 30.65 26.13
C PRO E 538 -35.34 30.38 24.87
N GLY E 539 -36.52 29.81 25.08
CA GLY E 539 -37.36 29.40 23.97
C GLY E 539 -37.04 28.04 23.41
N TYR E 540 -36.64 27.09 24.26
CA TYR E 540 -36.30 25.74 23.85
C TYR E 540 -36.98 24.75 24.81
N VAL E 541 -36.86 23.46 24.48
CA VAL E 541 -37.59 22.42 25.21
C VAL E 541 -37.34 22.50 26.71
N GLY E 542 -36.16 22.98 27.12
CA GLY E 542 -35.92 23.27 28.52
C GLY E 542 -34.65 24.05 28.75
N PHE E 543 -34.76 25.16 29.47
CA PHE E 543 -33.60 25.97 29.79
C PHE E 543 -33.61 26.31 31.28
N ASP E 544 -34.78 26.15 31.91
CA ASP E 544 -34.89 26.30 33.34
C ASP E 544 -33.82 25.49 34.08
N GLN E 545 -33.61 24.25 33.68
CA GLN E 545 -32.42 23.53 34.09
C GLN E 545 -31.23 24.09 33.32
N GLY E 546 -30.54 25.05 33.91
CA GLY E 546 -29.41 25.69 33.26
C GLY E 546 -28.26 24.72 33.04
N GLY E 547 -27.18 25.27 32.48
CA GLY E 547 -26.00 24.46 32.24
C GLY E 547 -25.46 23.87 33.52
N LEU E 548 -25.00 22.61 33.42
CA LEU E 548 -24.43 21.95 34.59
C LEU E 548 -23.22 22.70 35.12
N LEU E 549 -22.33 23.11 34.22
CA LEU E 549 -21.09 23.76 34.65
C LEU E 549 -21.36 25.09 35.33
N THR E 550 -22.27 25.89 34.78
CA THR E 550 -22.53 27.22 35.33
C THR E 550 -23.01 27.14 36.77
N ASP E 551 -24.06 26.36 37.01
CA ASP E 551 -24.56 26.22 38.38
C ASP E 551 -23.53 25.56 39.28
N ALA E 552 -22.85 24.52 38.78
CA ALA E 552 -21.88 23.81 39.58
C ALA E 552 -20.77 24.74 40.07
N VAL E 553 -20.37 25.71 39.25
CA VAL E 553 -19.27 26.58 39.64
C VAL E 553 -19.80 27.80 40.38
N ILE E 554 -21.06 28.19 40.16
CA ILE E 554 -21.59 29.36 40.84
C ILE E 554 -21.94 29.03 42.28
N LYS E 555 -22.53 27.87 42.51
CA LYS E 555 -22.82 27.45 43.88
C LYS E 555 -21.53 27.26 44.68
N HIS E 556 -20.44 26.88 44.02
CA HIS E 556 -19.17 26.61 44.69
C HIS E 556 -18.05 27.32 43.96
N PRO E 557 -18.00 28.65 44.05
CA PRO E 557 -16.96 29.40 43.32
C PRO E 557 -15.55 29.09 43.78
N HIS E 558 -15.39 28.50 44.96
CA HIS E 558 -14.08 28.10 45.47
C HIS E 558 -14.09 26.57 45.56
N ALA E 559 -13.62 25.93 44.49
CA ALA E 559 -13.71 24.47 44.40
C ALA E 559 -12.71 24.00 43.36
N VAL E 560 -12.60 22.67 43.25
CA VAL E 560 -11.79 22.02 42.22
C VAL E 560 -12.73 21.51 41.14
N LEU E 561 -12.39 21.81 39.89
CA LEU E 561 -13.18 21.40 38.74
C LEU E 561 -12.42 20.33 37.98
N LEU E 562 -13.01 19.15 37.86
CA LEU E 562 -12.37 18.00 37.26
C LEU E 562 -13.13 17.58 36.01
N LEU E 563 -12.40 17.47 34.90
CA LEU E 563 -12.96 17.00 33.64
C LEU E 563 -12.19 15.74 33.24
N ASP E 564 -12.84 14.59 33.35
CA ASP E 564 -12.19 13.33 33.08
C ASP E 564 -12.21 13.00 31.59
N GLU E 565 -11.04 12.64 31.07
CA GLU E 565 -10.88 12.20 29.69
C GLU E 565 -11.40 13.26 28.72
N ILE E 566 -10.77 14.43 28.75
CA ILE E 566 -11.19 15.53 27.90
C ILE E 566 -10.96 15.24 26.43
N GLU E 567 -10.02 14.35 26.10
CA GLU E 567 -9.77 14.01 24.71
C GLU E 567 -10.97 13.35 24.05
N LYS E 568 -11.90 12.81 24.83
CA LYS E 568 -13.10 12.19 24.29
C LYS E 568 -14.28 13.15 24.19
N ALA E 569 -14.10 14.38 24.64
CA ALA E 569 -15.13 15.40 24.45
C ALA E 569 -15.07 15.94 23.04
N HIS E 570 -16.17 16.52 22.59
CA HIS E 570 -16.20 17.12 21.27
C HIS E 570 -15.31 18.37 21.25
N PRO E 571 -14.52 18.56 20.19
CA PRO E 571 -13.60 19.71 20.15
C PRO E 571 -14.30 21.06 20.30
N ASP E 572 -15.62 21.10 20.16
CA ASP E 572 -16.36 22.34 20.41
C ASP E 572 -16.17 22.81 21.84
N VAL E 573 -16.24 21.89 22.82
CA VAL E 573 -16.12 22.28 24.22
C VAL E 573 -14.74 22.83 24.53
N PHE E 574 -13.74 22.56 23.68
CA PHE E 574 -12.43 23.16 23.88
C PHE E 574 -12.47 24.67 23.74
N ASN E 575 -13.38 25.20 22.90
CA ASN E 575 -13.52 26.65 22.83
C ASN E 575 -14.03 27.22 24.14
N ILE E 576 -15.01 26.57 24.77
CA ILE E 576 -15.49 27.02 26.07
C ILE E 576 -14.38 26.92 27.11
N LEU E 577 -13.64 25.81 27.10
CA LEU E 577 -12.54 25.65 28.05
C LEU E 577 -11.49 26.74 27.87
N LEU E 578 -11.13 27.04 26.63
CA LEU E 578 -10.14 28.07 26.37
C LEU E 578 -10.65 29.44 26.77
N GLN E 579 -11.92 29.73 26.48
CA GLN E 579 -12.48 31.02 26.90
C GLN E 579 -12.43 31.17 28.40
N VAL E 580 -12.79 30.12 29.13
CA VAL E 580 -12.75 30.18 30.59
C VAL E 580 -11.33 30.37 31.09
N MET E 581 -10.38 29.58 30.54
CA MET E 581 -8.99 29.73 30.94
C MET E 581 -8.45 31.11 30.58
N ASP E 582 -9.06 31.78 29.61
CA ASP E 582 -8.55 33.07 29.17
C ASP E 582 -9.08 34.20 30.03
N ASN E 583 -10.39 34.26 30.25
CA ASN E 583 -10.97 35.37 30.99
C ASN E 583 -11.57 34.97 32.33
N GLY E 584 -11.41 33.73 32.76
CA GLY E 584 -11.85 33.32 34.08
C GLY E 584 -13.33 33.38 34.34
N THR E 585 -14.13 33.85 33.37
CA THR E 585 -15.56 33.97 33.56
C THR E 585 -16.28 33.26 32.43
N LEU E 586 -17.60 33.20 32.53
CA LEU E 586 -18.43 32.59 31.50
C LEU E 586 -19.86 33.07 31.69
N THR E 587 -20.46 33.59 30.63
CA THR E 587 -21.83 34.05 30.66
C THR E 587 -22.77 32.87 30.40
N ASP E 588 -23.71 32.65 31.30
CA ASP E 588 -24.71 31.61 31.11
C ASP E 588 -25.59 31.96 29.92
N ASN E 589 -26.23 30.93 29.36
CA ASN E 589 -27.19 31.16 28.29
C ASN E 589 -28.45 31.86 28.78
N ASN E 590 -28.56 32.12 30.08
CA ASN E 590 -29.64 32.91 30.65
C ASN E 590 -29.17 34.27 31.13
N GLY E 591 -27.96 34.67 30.80
CA GLY E 591 -27.45 35.98 31.16
C GLY E 591 -26.66 36.04 32.44
N ARG E 592 -26.49 34.93 33.14
CA ARG E 592 -25.72 34.93 34.38
C ARG E 592 -24.24 34.73 34.08
N LYS E 593 -23.40 35.29 34.95
CA LYS E 593 -21.96 35.25 34.76
C LYS E 593 -21.33 34.41 35.86
N ALA E 594 -20.54 33.41 35.46
CA ALA E 594 -19.80 32.60 36.40
C ALA E 594 -18.41 33.19 36.62
N ASP E 595 -17.81 32.83 37.76
CA ASP E 595 -16.50 33.32 38.13
C ASP E 595 -15.62 32.12 38.48
N PHE E 596 -14.59 31.89 37.68
CA PHE E 596 -13.68 30.76 37.88
C PHE E 596 -12.36 31.17 38.50
N ARG E 597 -12.25 32.41 38.99
CA ARG E 597 -10.98 32.89 39.55
C ARG E 597 -10.52 32.01 40.70
N ASN E 598 -11.45 31.50 41.51
CA ASN E 598 -11.12 30.72 42.69
C ASN E 598 -11.22 29.21 42.45
N VAL E 599 -11.23 28.78 41.20
CA VAL E 599 -11.43 27.39 40.85
C VAL E 599 -10.14 26.82 40.29
N VAL E 600 -9.69 25.71 40.87
CA VAL E 600 -8.58 24.93 40.33
C VAL E 600 -9.14 23.98 39.29
N LEU E 601 -8.69 24.13 38.05
CA LEU E 601 -9.23 23.38 36.93
C LEU E 601 -8.23 22.31 36.51
N VAL E 602 -8.60 21.05 36.72
CA VAL E 602 -7.74 19.92 36.42
C VAL E 602 -8.41 19.05 35.37
N MET E 603 -7.68 18.73 34.32
CA MET E 603 -8.17 17.87 33.25
C MET E 603 -7.24 16.68 33.09
N THR E 604 -7.83 15.51 32.82
CA THR E 604 -7.11 14.26 32.72
C THR E 604 -7.12 13.75 31.28
N THR E 605 -6.11 12.96 30.94
CA THR E 605 -5.96 12.43 29.60
C THR E 605 -4.92 11.30 29.62
N ASN E 606 -5.16 10.29 28.79
CA ASN E 606 -4.21 9.19 28.62
C ASN E 606 -4.05 8.83 27.15
N ALA E 607 -4.16 9.81 26.26
CA ALA E 607 -4.28 9.50 24.83
C ALA E 607 -2.99 8.96 24.23
N GLY E 608 -1.85 9.31 24.78
CA GLY E 608 -0.58 8.96 24.18
C GLY E 608 0.21 7.87 24.86
N VAL E 609 -0.43 6.79 25.31
CA VAL E 609 0.26 5.77 26.08
C VAL E 609 0.37 4.46 25.31
N ARG E 610 -0.54 4.25 24.35
CA ARG E 610 -0.65 2.95 23.69
C ARG E 610 0.58 2.62 22.86
N GLU E 611 1.28 3.64 22.37
CA GLU E 611 2.30 3.43 21.35
C GLU E 611 3.58 2.80 21.90
N THR E 612 3.68 2.63 23.22
CA THR E 612 4.87 2.01 23.82
C THR E 612 4.72 0.51 24.00
N GLU E 613 3.53 -0.04 23.75
CA GLU E 613 3.30 -1.47 23.96
C GLU E 613 3.93 -2.34 22.87
N ARG E 614 4.37 -1.75 21.77
CA ARG E 614 5.12 -2.47 20.77
C ARG E 614 6.58 -2.59 21.21
N LYS E 615 7.31 -3.46 20.52
CA LYS E 615 8.71 -3.71 20.85
C LYS E 615 9.58 -3.52 19.62
N SER E 616 10.86 -3.23 19.87
CA SER E 616 11.83 -3.14 18.80
C SER E 616 12.23 -4.53 18.32
N ILE E 617 12.91 -4.57 17.18
CA ILE E 617 13.37 -5.81 16.59
C ILE E 617 14.88 -5.87 16.71
N GLY E 618 15.37 -6.96 17.26
CA GLY E 618 16.80 -7.14 17.47
C GLY E 618 17.04 -7.75 18.82
N LEU E 619 18.32 -7.82 19.19
CA LEU E 619 18.71 -8.37 20.47
C LEU E 619 18.69 -7.33 21.60
N ILE E 620 18.37 -6.08 21.30
CA ILE E 620 18.38 -4.99 22.27
C ILE E 620 17.18 -4.10 22.00
N HIS E 621 16.65 -3.48 23.05
CA HIS E 621 15.44 -2.68 22.95
C HIS E 621 15.74 -1.20 23.10
N GLN E 622 14.76 -0.38 22.71
CA GLN E 622 14.83 1.08 22.81
C GLN E 622 13.47 1.65 23.14
N ASP E 623 13.40 2.96 23.30
CA ASP E 623 12.17 3.66 23.63
C ASP E 623 11.88 4.76 22.60
N ASN E 624 10.60 5.11 22.48
CA ASN E 624 10.11 6.08 21.50
C ASN E 624 9.09 7.01 22.12
N SER E 625 9.41 7.58 23.29
CA SER E 625 8.39 8.21 24.13
C SER E 625 8.03 9.64 23.73
N THR E 626 8.85 10.33 22.93
CA THR E 626 8.54 11.72 22.60
C THR E 626 7.27 11.81 21.75
N ASP E 627 6.89 10.71 21.10
CA ASP E 627 5.63 10.69 20.37
C ASP E 627 4.45 10.91 21.30
N ALA E 628 4.61 10.61 22.59
CA ALA E 628 3.54 10.92 23.55
C ALA E 628 3.32 12.42 23.66
N MET E 629 4.41 13.18 23.86
CA MET E 629 4.31 14.63 23.86
C MET E 629 3.73 15.13 22.54
N GLU E 630 4.19 14.57 21.42
CA GLU E 630 3.65 14.99 20.12
C GLU E 630 2.16 14.69 20.00
N GLU E 631 1.71 13.58 20.58
CA GLU E 631 0.30 13.22 20.52
C GLU E 631 -0.52 14.18 21.36
N ILE E 632 -0.06 14.50 22.56
CA ILE E 632 -0.73 15.52 23.35
C ILE E 632 -0.78 16.84 22.58
N LYS E 633 0.28 17.14 21.84
CA LYS E 633 0.31 18.38 21.06
C LYS E 633 -0.68 18.34 19.92
N LYS E 634 -0.93 17.16 19.36
CA LYS E 634 -1.79 17.08 18.18
C LYS E 634 -3.27 16.98 18.57
N ILE E 635 -3.58 16.31 19.68
CA ILE E 635 -4.97 16.20 20.10
C ILE E 635 -5.54 17.56 20.46
N PHE E 636 -4.84 18.29 21.32
CA PHE E 636 -5.28 19.60 21.79
C PHE E 636 -4.58 20.68 20.99
N THR E 637 -5.35 21.69 20.57
CA THR E 637 -4.83 22.75 19.73
C THR E 637 -3.70 23.50 20.45
N PRO E 638 -2.70 23.99 19.70
CA PRO E 638 -1.54 24.60 20.35
C PRO E 638 -1.87 25.81 21.21
N GLU E 639 -2.73 26.71 20.73
CA GLU E 639 -3.12 27.85 21.54
C GLU E 639 -3.87 27.43 22.80
N PHE E 640 -4.48 26.25 22.80
CA PHE E 640 -5.07 25.69 24.01
C PHE E 640 -3.99 25.20 24.97
N ARG E 641 -2.93 24.58 24.44
CA ARG E 641 -1.82 24.16 25.29
C ARG E 641 -1.10 25.37 25.86
N ASN E 642 -1.14 26.49 25.16
CA ASN E 642 -0.51 27.71 25.64
C ASN E 642 -1.33 28.43 26.69
N ARG E 643 -2.60 28.08 26.86
CA ARG E 643 -3.42 28.62 27.93
C ARG E 643 -3.44 27.73 29.16
N LEU E 644 -2.85 26.55 29.08
CA LEU E 644 -2.68 25.69 30.24
C LEU E 644 -1.53 26.19 31.09
N ASP E 645 -1.72 26.16 32.40
CA ASP E 645 -0.65 26.57 33.30
C ASP E 645 0.51 25.59 33.25
N ASN E 646 0.23 24.29 33.21
CA ASN E 646 1.28 23.29 33.12
C ASN E 646 0.67 21.98 32.64
N ILE E 647 1.46 21.24 31.87
CA ILE E 647 1.12 19.89 31.43
C ILE E 647 1.91 18.93 32.29
N ILE E 648 1.24 18.29 33.24
CA ILE E 648 1.88 17.49 34.27
C ILE E 648 1.91 16.04 33.81
N TRP E 649 3.10 15.54 33.50
CA TRP E 649 3.27 14.18 33.02
C TRP E 649 3.42 13.22 34.18
N PHE E 650 2.68 12.11 34.13
CA PHE E 650 2.76 11.05 35.12
C PHE E 650 3.55 9.88 34.56
N ASP E 651 4.16 9.10 35.45
CA ASP E 651 4.96 7.96 35.03
C ASP E 651 4.30 6.67 35.49
N HIS E 652 4.86 5.54 35.04
CA HIS E 652 4.40 4.25 35.50
C HIS E 652 4.80 4.03 36.95
N LEU E 653 4.17 3.05 37.59
CA LEU E 653 4.40 2.76 39.00
C LEU E 653 5.53 1.75 39.14
N SER E 654 6.42 2.01 40.10
CA SER E 654 7.52 1.10 40.38
C SER E 654 7.07 -0.04 41.28
N THR E 655 7.96 -1.01 41.47
CA THR E 655 7.63 -2.17 42.29
C THR E 655 7.44 -1.79 43.75
N ASP E 656 8.30 -0.92 44.30
CA ASP E 656 8.14 -0.48 45.68
C ASP E 656 6.90 0.38 45.86
N VAL E 657 6.63 1.26 44.89
CA VAL E 657 5.36 1.97 44.87
C VAL E 657 4.22 0.98 44.88
N ILE E 658 4.38 -0.14 44.18
CA ILE E 658 3.35 -1.17 44.15
C ILE E 658 3.19 -1.81 45.53
N HIS E 659 4.30 -2.02 46.24
CA HIS E 659 4.20 -2.50 47.61
C HIS E 659 3.42 -1.53 48.48
N GLN E 660 3.67 -0.23 48.29
CA GLN E 660 2.92 0.78 49.04
C GLN E 660 1.42 0.72 48.71
N VAL E 661 1.08 0.55 47.43
CA VAL E 661 -0.34 0.50 47.08
C VAL E 661 -0.97 -0.78 47.62
N VAL E 662 -0.20 -1.86 47.68
CA VAL E 662 -0.69 -3.09 48.30
C VAL E 662 -1.01 -2.84 49.76
N ASP E 663 -0.12 -2.15 50.46
CA ASP E 663 -0.37 -1.85 51.87
C ASP E 663 -1.60 -0.97 52.03
N LYS E 664 -1.74 0.04 51.17
CA LYS E 664 -2.92 0.91 51.22
C LYS E 664 -4.20 0.10 51.04
N PHE E 665 -4.22 -0.78 50.05
CA PHE E 665 -5.41 -1.58 49.81
C PHE E 665 -5.67 -2.55 50.96
N ILE E 666 -4.61 -3.03 51.60
CA ILE E 666 -4.79 -3.91 52.75
C ILE E 666 -5.42 -3.16 53.90
N VAL E 667 -4.98 -1.92 54.14
CA VAL E 667 -5.61 -1.11 55.18
C VAL E 667 -7.06 -0.84 54.84
N GLU E 668 -7.37 -0.61 53.56
CA GLU E 668 -8.75 -0.40 53.17
C GLU E 668 -9.59 -1.65 53.40
N LEU E 669 -9.02 -2.82 53.09
CA LEU E 669 -9.70 -4.09 53.36
C LEU E 669 -9.97 -4.24 54.85
N GLN E 670 -8.98 -3.91 55.69
CA GLN E 670 -9.19 -3.97 57.13
C GLN E 670 -10.29 -3.03 57.57
N VAL E 671 -10.34 -1.84 57.00
CA VAL E 671 -11.39 -0.88 57.34
C VAL E 671 -12.76 -1.45 57.00
N GLN E 672 -12.88 -2.06 55.81
CA GLN E 672 -14.15 -2.65 55.44
C GLN E 672 -14.51 -3.82 56.35
N LEU E 673 -13.51 -4.60 56.76
CA LEU E 673 -13.78 -5.69 57.70
C LEU E 673 -14.24 -5.16 59.06
N ASP E 674 -13.74 -4.00 59.46
CA ASP E 674 -14.12 -3.43 60.75
C ASP E 674 -15.61 -3.17 60.86
N GLN E 675 -16.31 -3.02 59.74
CA GLN E 675 -17.76 -2.91 59.78
C GLN E 675 -18.43 -4.21 60.19
N LYS E 676 -17.69 -5.31 60.23
CA LYS E 676 -18.21 -6.60 60.66
C LYS E 676 -17.61 -7.07 61.97
N GLY E 677 -16.70 -6.31 62.56
CA GLY E 677 -16.01 -6.76 63.75
C GLY E 677 -14.98 -7.84 63.48
N VAL E 678 -14.24 -7.72 62.40
CA VAL E 678 -13.27 -8.74 61.98
C VAL E 678 -11.92 -8.06 61.82
N SER E 679 -10.90 -8.65 62.44
CA SER E 679 -9.52 -8.19 62.26
C SER E 679 -8.92 -8.86 61.04
N LEU E 680 -7.71 -8.42 60.68
CA LEU E 680 -7.00 -9.00 59.55
C LEU E 680 -5.50 -8.91 59.78
N GLU E 681 -4.84 -10.06 59.72
CA GLU E 681 -3.39 -10.13 59.74
C GLU E 681 -2.91 -10.56 58.36
N VAL E 682 -1.87 -9.87 57.87
CA VAL E 682 -1.23 -10.21 56.61
C VAL E 682 0.26 -10.29 56.84
N SER E 683 0.86 -11.43 56.53
CA SER E 683 2.30 -11.55 56.61
C SER E 683 2.95 -10.68 55.54
N GLN E 684 4.10 -10.11 55.89
CA GLN E 684 4.84 -9.29 54.93
C GLN E 684 5.27 -10.11 53.72
N GLU E 685 5.55 -11.40 53.93
CA GLU E 685 5.86 -12.27 52.79
C GLU E 685 4.63 -12.44 51.90
N ALA E 686 3.45 -12.58 52.50
CA ALA E 686 2.23 -12.60 51.70
C ALA E 686 2.03 -11.28 50.99
N ARG E 687 2.41 -10.17 51.62
CA ARG E 687 2.34 -8.87 50.95
C ARG E 687 3.22 -8.85 49.72
N ASN E 688 4.48 -9.30 49.85
CA ASN E 688 5.38 -9.31 48.71
C ASN E 688 4.89 -10.26 47.63
N TRP E 689 4.28 -11.38 48.01
CA TRP E 689 3.78 -12.33 47.02
C TRP E 689 2.60 -11.74 46.27
N LEU E 690 1.68 -11.10 46.99
CA LEU E 690 0.57 -10.42 46.33
C LEU E 690 1.07 -9.33 45.39
N ALA E 691 2.09 -8.59 45.82
CA ALA E 691 2.63 -7.54 44.97
C ALA E 691 3.28 -8.12 43.72
N GLU E 692 3.95 -9.26 43.86
CA GLU E 692 4.64 -9.86 42.71
C GLU E 692 3.65 -10.46 41.73
N LYS E 693 2.63 -11.16 42.23
CA LYS E 693 1.74 -11.90 41.35
C LYS E 693 0.76 -11.00 40.61
N GLY E 694 0.37 -9.88 41.20
CA GLY E 694 -0.69 -9.09 40.63
C GLY E 694 -0.31 -7.74 40.06
N TYR E 695 0.95 -7.53 39.70
CA TYR E 695 1.40 -6.23 39.22
C TYR E 695 1.59 -6.26 37.72
N ASP E 696 1.30 -5.12 37.09
CA ASP E 696 1.62 -4.89 35.69
C ASP E 696 1.75 -3.38 35.49
N ARG E 697 2.95 -2.93 35.17
CA ARG E 697 3.18 -1.50 35.00
C ARG E 697 2.35 -0.93 33.86
N ALA E 698 2.00 -1.77 32.87
CA ALA E 698 1.23 -1.27 31.74
C ALA E 698 -0.19 -0.91 32.12
N MET E 699 -0.76 -1.62 33.09
CA MET E 699 -2.15 -1.39 33.50
C MET E 699 -2.25 -0.66 34.83
N GLY E 700 -1.16 -0.11 35.33
CA GLY E 700 -1.23 0.70 36.52
C GLY E 700 -1.40 -0.13 37.78
N ALA E 701 -2.23 0.37 38.69
CA ALA E 701 -2.35 -0.25 40.01
C ALA E 701 -3.60 -1.12 40.14
N ARG E 702 -4.59 -0.93 39.26
CA ARG E 702 -5.81 -1.73 39.33
C ARG E 702 -5.57 -3.24 39.33
N PRO E 703 -4.56 -3.77 38.62
CA PRO E 703 -4.23 -5.19 38.82
C PRO E 703 -3.97 -5.56 40.27
N MET E 704 -3.42 -4.64 41.07
CA MET E 704 -3.28 -4.93 42.50
C MET E 704 -4.63 -5.04 43.17
N ALA E 705 -5.57 -4.14 42.85
CA ALA E 705 -6.91 -4.27 43.39
C ALA E 705 -7.52 -5.61 43.04
N ARG E 706 -7.34 -6.05 41.80
CA ARG E 706 -7.90 -7.32 41.37
C ARG E 706 -7.26 -8.49 42.11
N VAL E 707 -5.93 -8.50 42.23
CA VAL E 707 -5.27 -9.64 42.87
C VAL E 707 -5.62 -9.69 44.34
N ILE E 708 -5.69 -8.54 44.99
CA ILE E 708 -6.10 -8.50 46.40
C ILE E 708 -7.53 -9.00 46.54
N GLN E 709 -8.43 -8.54 45.67
CA GLN E 709 -9.80 -9.00 45.69
C GLN E 709 -9.85 -10.52 45.60
N ASP E 710 -9.34 -11.09 44.52
CA ASP E 710 -9.51 -12.52 44.29
C ASP E 710 -8.82 -13.35 45.38
N ASN E 711 -7.65 -12.91 45.85
CA ASN E 711 -6.90 -13.75 46.77
C ASN E 711 -7.39 -13.61 48.21
N LEU E 712 -8.02 -12.49 48.56
CA LEU E 712 -8.43 -12.27 49.94
C LEU E 712 -9.93 -12.18 50.14
N LYS E 713 -10.61 -11.29 49.40
CA LYS E 713 -12.01 -11.02 49.68
C LYS E 713 -12.88 -12.25 49.43
N LYS E 714 -12.59 -13.00 48.36
CA LYS E 714 -13.42 -14.15 48.02
C LYS E 714 -13.40 -15.21 49.10
N PRO E 715 -12.24 -15.68 49.59
CA PRO E 715 -12.27 -16.55 50.77
C PRO E 715 -12.87 -15.85 51.98
N LEU E 716 -12.58 -14.57 52.13
CA LEU E 716 -13.15 -13.80 53.23
C LEU E 716 -14.67 -13.71 53.12
N ALA E 717 -15.18 -13.52 51.90
CA ALA E 717 -16.63 -13.49 51.72
C ALA E 717 -17.24 -14.85 52.00
N ASN E 718 -16.60 -15.92 51.53
CA ASN E 718 -17.07 -17.26 51.84
C ASN E 718 -17.17 -17.47 53.35
N GLU E 719 -16.15 -17.03 54.09
CA GLU E 719 -16.15 -17.25 55.53
C GLU E 719 -17.15 -16.35 56.23
N LEU E 720 -17.31 -15.12 55.75
CA LEU E 720 -18.26 -14.20 56.37
C LEU E 720 -19.69 -14.67 56.17
N LEU E 721 -19.98 -15.30 55.04
CA LEU E 721 -21.35 -15.74 54.78
C LEU E 721 -21.63 -17.13 55.33
N PHE E 722 -20.64 -18.02 55.32
CA PHE E 722 -20.87 -19.42 55.68
C PHE E 722 -19.80 -20.01 56.58
N GLY E 723 -18.72 -19.29 56.88
CA GLY E 723 -17.67 -19.84 57.72
C GLY E 723 -17.84 -19.49 59.18
N SER E 724 -16.74 -19.41 59.92
CA SER E 724 -16.81 -19.07 61.33
C SER E 724 -16.80 -17.58 61.59
N LEU E 725 -16.63 -16.77 60.54
CA LEU E 725 -16.56 -15.32 60.68
C LEU E 725 -17.91 -14.65 60.54
N VAL E 726 -19.01 -15.40 60.65
CA VAL E 726 -20.33 -14.80 60.47
C VAL E 726 -20.63 -13.81 61.60
N ASP E 727 -19.96 -13.98 62.73
CA ASP E 727 -20.16 -13.13 63.90
C ASP E 727 -18.96 -12.26 64.21
N GLY E 728 -18.03 -12.15 63.29
CA GLY E 728 -16.76 -11.49 63.54
C GLY E 728 -15.70 -12.48 63.98
N GLY E 729 -14.48 -11.97 64.11
CA GLY E 729 -13.37 -12.80 64.51
C GLY E 729 -12.06 -12.12 64.18
N GLN E 730 -11.01 -12.93 64.12
CA GLN E 730 -9.66 -12.47 63.84
C GLN E 730 -9.09 -13.31 62.70
N VAL E 731 -8.66 -12.65 61.63
CA VAL E 731 -8.18 -13.30 60.44
C VAL E 731 -6.66 -13.13 60.36
N THR E 732 -5.97 -14.22 60.04
CA THR E 732 -4.52 -14.20 59.86
C THR E 732 -4.18 -14.88 58.55
N VAL E 733 -3.23 -14.31 57.82
CA VAL E 733 -2.82 -14.80 56.51
C VAL E 733 -1.30 -14.84 56.46
N ALA E 734 -0.75 -15.96 56.01
CA ALA E 734 0.68 -16.12 55.82
C ALA E 734 0.94 -16.78 54.48
N LEU E 735 2.22 -16.79 54.09
CA LEU E 735 2.63 -17.37 52.81
C LEU E 735 3.72 -18.41 53.07
N ASP E 736 3.47 -19.64 52.63
CA ASP E 736 4.45 -20.71 52.76
C ASP E 736 5.19 -20.88 51.43
N LYS E 737 5.99 -21.94 51.33
CA LYS E 737 6.67 -22.23 50.07
C LYS E 737 5.69 -22.61 48.96
N GLU E 738 4.48 -23.01 49.31
CA GLU E 738 3.47 -23.37 48.32
C GLU E 738 2.68 -22.16 47.81
N LYS E 739 3.08 -20.94 48.19
CA LYS E 739 2.41 -19.72 47.76
C LYS E 739 0.93 -19.75 48.13
N ASN E 740 0.65 -20.13 49.38
CA ASN E 740 -0.70 -20.44 49.80
C ASN E 740 -1.36 -19.22 50.44
N GLU E 741 -2.54 -19.42 51.02
CA GLU E 741 -3.21 -18.44 51.86
C GLU E 741 -3.62 -19.16 53.14
N LEU E 742 -3.08 -18.72 54.27
CA LEU E 742 -3.50 -19.26 55.55
C LEU E 742 -4.86 -18.66 55.92
N THR E 743 -5.55 -19.31 56.84
CA THR E 743 -6.89 -18.88 57.22
C THR E 743 -6.90 -18.36 58.65
N TYR E 744 -8.10 -18.00 59.11
CA TYR E 744 -8.27 -17.33 60.38
C TYR E 744 -8.31 -18.32 61.54
N GLY E 745 -8.62 -17.79 62.72
CA GLY E 745 -8.84 -18.59 63.91
C GLY E 745 -10.29 -18.54 64.34
N PHE E 746 -10.59 -17.70 65.33
CA PHE E 746 -11.97 -17.49 65.76
C PHE E 746 -12.74 -16.74 64.68
N MET F 169 -57.26 62.79 12.50
CA MET F 169 -56.51 63.29 11.35
C MET F 169 -55.62 64.46 11.75
N GLU F 170 -56.16 65.37 12.55
CA GLU F 170 -55.38 66.54 12.94
C GLU F 170 -54.23 66.20 13.88
N ASN F 171 -54.35 65.12 14.65
CA ASN F 171 -53.40 64.80 15.70
C ASN F 171 -52.54 63.58 15.36
N PHE F 172 -52.76 62.93 14.22
CA PHE F 172 -51.99 61.76 13.86
C PHE F 172 -51.18 61.91 12.59
N THR F 173 -51.64 62.69 11.62
CA THR F 173 -50.91 62.92 10.40
C THR F 173 -50.46 64.36 10.29
N THR F 174 -49.16 64.55 10.03
CA THR F 174 -48.58 65.86 9.80
C THR F 174 -48.59 66.14 8.30
N ASN F 175 -49.34 67.16 7.90
CA ASN F 175 -49.46 67.50 6.49
C ASN F 175 -48.13 68.09 6.02
N LEU F 176 -47.26 67.23 5.50
CA LEU F 176 -45.94 67.65 5.05
C LEU F 176 -46.00 68.65 3.91
N ASN F 177 -47.13 68.73 3.19
CA ASN F 177 -47.28 69.81 2.22
C ASN F 177 -47.22 71.18 2.91
N GLN F 178 -47.96 71.34 4.01
CA GLN F 178 -47.91 72.58 4.75
C GLN F 178 -46.57 72.74 5.47
N LEU F 179 -46.05 71.66 6.04
CA LEU F 179 -44.81 71.75 6.81
C LEU F 179 -43.63 72.13 5.92
N ALA F 180 -43.64 71.67 4.67
CA ALA F 180 -42.56 72.02 3.76
C ALA F 180 -42.85 73.33 3.05
N ARG F 181 -44.14 73.72 2.97
CA ARG F 181 -44.48 74.98 2.35
C ARG F 181 -44.10 76.15 3.25
N VAL F 182 -44.35 76.02 4.56
CA VAL F 182 -43.95 77.06 5.49
C VAL F 182 -42.45 77.12 5.71
N GLY F 183 -41.74 76.02 5.45
CA GLY F 183 -40.31 75.98 5.69
C GLY F 183 -39.88 75.19 6.89
N GLY F 184 -40.63 74.15 7.27
CA GLY F 184 -40.23 73.28 8.36
C GLY F 184 -39.61 71.98 7.92
N ILE F 185 -39.22 71.89 6.65
CA ILE F 185 -38.62 70.68 6.07
C ILE F 185 -37.42 71.09 5.25
N ASP F 186 -36.33 70.34 5.35
CA ASP F 186 -35.11 70.67 4.62
C ASP F 186 -35.08 70.11 3.21
N PRO F 187 -34.58 70.89 2.26
CA PRO F 187 -34.49 70.43 0.87
C PRO F 187 -33.55 69.25 0.76
N LEU F 188 -33.89 68.32 -0.13
CA LEU F 188 -33.09 67.12 -0.29
C LEU F 188 -31.79 67.44 -1.03
N ILE F 189 -30.67 67.07 -0.40
CA ILE F 189 -29.35 67.30 -0.97
C ILE F 189 -28.91 66.01 -1.64
N GLY F 190 -29.05 65.94 -2.95
CA GLY F 190 -28.66 64.75 -3.68
C GLY F 190 -29.73 63.67 -3.63
N ARG F 191 -29.28 62.45 -3.97
CA ARG F 191 -30.13 61.26 -3.94
C ARG F 191 -31.34 61.42 -4.87
N GLU F 192 -31.09 61.96 -6.05
CA GLU F 192 -32.18 62.15 -7.01
C GLU F 192 -32.58 60.84 -7.66
N LYS F 193 -31.66 59.88 -7.74
CA LYS F 193 -32.00 58.59 -8.35
C LYS F 193 -32.86 57.75 -7.41
N GLU F 194 -32.69 57.90 -6.10
CA GLU F 194 -33.62 57.25 -5.18
C GLU F 194 -34.99 57.92 -5.23
N LEU F 195 -35.01 59.24 -5.40
CA LEU F 195 -36.27 59.93 -5.71
C LEU F 195 -36.92 59.33 -6.94
N GLU F 196 -36.13 59.08 -7.98
CA GLU F 196 -36.66 58.54 -9.23
C GLU F 196 -37.21 57.14 -9.02
N ARG F 197 -36.48 56.29 -8.30
CA ARG F 197 -36.98 54.95 -8.02
C ARG F 197 -38.26 54.99 -7.21
N ALA F 198 -38.30 55.81 -6.16
CA ALA F 198 -39.51 55.93 -5.35
C ALA F 198 -40.70 56.37 -6.19
N ILE F 199 -40.55 57.44 -6.96
CA ILE F 199 -41.63 57.92 -7.81
C ILE F 199 -42.05 56.85 -8.80
N GLN F 200 -41.07 56.18 -9.42
CA GLN F 200 -41.36 55.05 -10.29
C GLN F 200 -42.29 54.06 -9.63
N VAL F 201 -41.99 53.67 -8.39
CA VAL F 201 -42.84 52.70 -7.70
C VAL F 201 -44.22 53.31 -7.42
N LEU F 202 -44.26 54.60 -7.09
CA LEU F 202 -45.54 55.24 -6.77
C LEU F 202 -46.49 55.21 -7.97
N CYS F 203 -45.96 55.21 -9.19
CA CYS F 203 -46.80 55.30 -10.37
C CYS F 203 -47.35 53.95 -10.81
N ARG F 204 -46.99 52.86 -10.14
CA ARG F 204 -47.39 51.54 -10.60
C ARG F 204 -48.89 51.32 -10.43
N ARG F 205 -49.37 50.23 -11.01
CA ARG F 205 -50.76 49.83 -10.81
C ARG F 205 -50.90 48.92 -9.59
N ARG F 206 -50.13 47.85 -9.53
CA ARG F 206 -50.08 46.96 -8.38
C ARG F 206 -48.71 47.05 -7.74
N LYS F 207 -48.65 46.71 -6.45
CA LYS F 207 -47.39 46.68 -5.70
C LYS F 207 -46.68 48.04 -5.79
N ASN F 208 -47.49 49.10 -5.77
CA ASN F 208 -47.01 50.46 -5.98
C ASN F 208 -46.62 51.15 -4.68
N ASN F 209 -46.26 50.38 -3.66
CA ASN F 209 -45.85 50.92 -2.37
C ASN F 209 -44.37 50.64 -2.18
N PRO F 210 -43.50 51.62 -2.39
CA PRO F 210 -42.07 51.36 -2.28
C PRO F 210 -41.65 51.05 -0.86
N LEU F 211 -40.64 50.20 -0.73
CA LEU F 211 -40.06 49.86 0.56
C LEU F 211 -38.61 50.31 0.57
N LEU F 212 -38.34 51.32 1.39
CA LEU F 212 -36.98 51.80 1.59
C LEU F 212 -36.33 50.98 2.70
N VAL F 213 -35.22 50.33 2.38
CA VAL F 213 -34.45 49.57 3.36
C VAL F 213 -33.08 50.23 3.51
N GLY F 214 -32.63 50.36 4.75
CA GLY F 214 -31.37 51.02 5.02
C GLY F 214 -31.22 51.27 6.51
N GLU F 215 -30.04 51.71 6.89
CA GLU F 215 -29.77 51.96 8.29
C GLU F 215 -30.22 53.36 8.70
N SER F 216 -30.01 53.68 9.97
CA SER F 216 -30.42 54.98 10.48
C SER F 216 -29.43 56.07 10.06
N GLY F 217 -29.95 57.28 9.91
CA GLY F 217 -29.14 58.42 9.53
C GLY F 217 -28.38 58.28 8.24
N VAL F 218 -29.07 57.90 7.18
CA VAL F 218 -28.43 57.71 5.88
C VAL F 218 -29.21 58.45 4.82
N GLY F 219 -30.53 58.46 4.96
CA GLY F 219 -31.36 59.15 4.00
C GLY F 219 -32.84 58.80 3.98
N LYS F 220 -33.32 57.93 4.87
CA LYS F 220 -34.75 57.66 4.79
C LYS F 220 -35.66 58.70 5.42
N THR F 221 -35.37 59.14 6.64
CA THR F 221 -36.14 60.26 7.20
C THR F 221 -35.98 61.50 6.34
N ALA F 222 -34.74 61.92 6.14
CA ALA F 222 -34.44 63.10 5.34
C ALA F 222 -34.98 62.95 3.92
N ILE F 223 -34.94 61.72 3.41
CA ILE F 223 -35.42 61.43 2.07
C ILE F 223 -36.83 61.99 1.86
N ALA F 224 -37.63 61.98 2.92
CA ALA F 224 -38.99 62.50 2.85
C ALA F 224 -39.03 63.91 2.27
N GLU F 225 -37.98 64.67 2.54
CA GLU F 225 -37.88 66.04 2.05
C GLU F 225 -38.10 66.09 0.53
N GLY F 226 -37.42 65.21 -0.19
CA GLY F 226 -37.53 65.15 -1.63
C GLY F 226 -38.96 64.92 -2.09
N LEU F 227 -39.61 63.93 -1.50
CA LEU F 227 -40.99 63.61 -1.84
C LEU F 227 -41.97 64.61 -1.23
N ALA F 228 -41.68 65.03 0.00
CA ALA F 228 -42.52 65.99 0.70
C ALA F 228 -42.19 67.42 0.28
N TRP F 229 -40.90 67.75 0.29
CA TRP F 229 -40.46 69.08 -0.08
C TRP F 229 -40.55 69.28 -1.60
N ARG F 230 -40.05 68.33 -2.35
CA ARG F 230 -40.18 68.51 -3.78
C ARG F 230 -41.66 68.58 -4.11
N ILE F 231 -42.47 67.72 -3.48
CA ILE F 231 -43.89 67.74 -3.80
C ILE F 231 -44.46 69.15 -3.66
N VAL F 232 -44.06 69.87 -2.61
CA VAL F 232 -44.55 71.25 -2.47
C VAL F 232 -43.87 72.15 -3.48
N GLN F 233 -42.72 71.73 -4.02
CA GLN F 233 -42.10 72.44 -5.12
C GLN F 233 -42.69 72.07 -6.47
N GLY F 234 -43.55 71.05 -6.52
CA GLY F 234 -44.22 70.68 -7.75
C GLY F 234 -43.31 70.18 -8.85
N ASP F 235 -42.18 69.56 -8.49
CA ASP F 235 -41.22 69.04 -9.45
C ASP F 235 -41.43 67.55 -9.72
N VAL F 236 -42.66 67.08 -9.65
CA VAL F 236 -42.98 65.66 -9.85
C VAL F 236 -43.89 65.56 -11.07
N PRO F 237 -44.02 64.36 -11.65
CA PRO F 237 -44.97 64.19 -12.74
C PRO F 237 -46.39 64.58 -12.34
N GLU F 238 -47.21 64.88 -13.34
CA GLU F 238 -48.54 65.41 -13.09
C GLU F 238 -49.42 64.43 -12.32
N VAL F 239 -49.15 63.13 -12.43
CA VAL F 239 -49.92 62.15 -11.66
C VAL F 239 -49.63 62.25 -10.18
N MET F 240 -48.46 62.77 -9.81
CA MET F 240 -48.14 63.07 -8.43
C MET F 240 -48.20 64.55 -8.10
N ALA F 241 -48.29 65.42 -9.13
CA ALA F 241 -48.39 66.85 -8.87
C ALA F 241 -49.69 67.21 -8.18
N ASP F 242 -50.69 66.33 -8.26
CA ASP F 242 -51.96 66.52 -7.57
C ASP F 242 -52.13 65.57 -6.39
N CYS F 243 -51.10 64.81 -6.06
CA CYS F 243 -51.15 63.82 -5.00
C CYS F 243 -50.39 64.35 -3.79
N THR F 244 -51.08 64.47 -2.66
CA THR F 244 -50.46 64.98 -1.45
C THR F 244 -49.77 63.86 -0.69
N ILE F 245 -48.98 64.25 0.31
CA ILE F 245 -48.19 63.31 1.09
C ILE F 245 -48.39 63.63 2.57
N TYR F 246 -48.43 62.58 3.39
CA TYR F 246 -48.65 62.70 4.83
C TYR F 246 -47.69 61.79 5.58
N SER F 247 -47.29 62.22 6.77
CA SER F 247 -46.54 61.38 7.69
C SER F 247 -47.40 61.06 8.90
N LEU F 248 -47.44 59.78 9.27
CA LEU F 248 -48.30 59.32 10.36
C LEU F 248 -47.50 59.29 11.66
N ASP F 249 -47.86 60.15 12.59
CA ASP F 249 -47.18 60.23 13.89
C ASP F 249 -47.59 59.01 14.71
N ILE F 250 -46.75 57.96 14.64
CA ILE F 250 -47.02 56.74 15.39
C ILE F 250 -47.15 57.03 16.88
N GLY F 251 -46.24 57.84 17.42
CA GLY F 251 -46.31 58.18 18.83
C GLY F 251 -47.61 58.88 19.20
N SER F 252 -48.09 59.76 18.32
CA SER F 252 -49.36 60.42 18.58
C SER F 252 -50.54 59.54 18.20
N LEU F 253 -50.36 58.69 17.18
CA LEU F 253 -51.41 57.76 16.80
C LEU F 253 -51.80 56.87 17.97
N LEU F 254 -50.84 56.52 18.82
CA LEU F 254 -51.10 55.73 20.01
C LEU F 254 -51.44 56.58 21.22
N ALA F 255 -51.36 57.91 21.10
CA ALA F 255 -51.56 58.80 22.23
C ALA F 255 -53.03 59.03 22.50
N GLY F 256 -53.37 59.22 23.77
CA GLY F 256 -54.71 59.59 24.17
C GLY F 256 -55.72 58.47 24.18
N THR F 257 -55.51 57.41 23.40
CA THR F 257 -56.47 56.31 23.34
C THR F 257 -56.02 55.24 24.32
N LYS F 258 -54.85 54.63 24.13
CA LYS F 258 -54.33 53.54 24.93
C LYS F 258 -55.34 52.42 25.14
N TYR F 259 -56.31 52.29 24.24
CA TYR F 259 -57.31 51.23 24.28
C TYR F 259 -57.65 50.84 22.86
N ARG F 260 -57.87 49.54 22.64
CA ARG F 260 -58.04 49.04 21.28
C ARG F 260 -59.26 49.64 20.60
N GLY F 261 -60.33 49.88 21.37
CA GLY F 261 -61.55 50.40 20.78
C GLY F 261 -61.35 51.76 20.14
N ASP F 262 -61.00 52.77 20.96
CA ASP F 262 -60.84 54.13 20.44
C ASP F 262 -59.69 54.22 19.46
N PHE F 263 -58.59 53.52 19.74
CA PHE F 263 -57.44 53.53 18.85
C PHE F 263 -57.82 53.02 17.46
N GLU F 264 -58.50 51.87 17.40
CA GLU F 264 -58.88 51.32 16.09
C GLU F 264 -59.98 52.14 15.45
N LYS F 265 -60.85 52.77 16.25
CA LYS F 265 -61.85 53.65 15.68
C LYS F 265 -61.21 54.83 14.96
N ARG F 266 -60.29 55.52 15.65
CA ARG F 266 -59.62 56.66 15.03
C ARG F 266 -58.73 56.21 13.89
N PHE F 267 -58.18 55.00 13.95
CA PHE F 267 -57.37 54.49 12.86
C PHE F 267 -58.23 54.19 11.63
N LYS F 268 -59.42 53.65 11.83
CA LYS F 268 -60.32 53.38 10.72
C LYS F 268 -60.81 54.68 10.09
N ALA F 269 -61.21 55.65 10.93
CA ALA F 269 -61.56 56.96 10.40
C ALA F 269 -60.38 57.60 9.69
N LEU F 270 -59.16 57.33 10.17
CA LEU F 270 -57.96 57.84 9.53
C LEU F 270 -57.79 57.27 8.14
N LEU F 271 -57.92 55.94 8.01
CA LEU F 271 -57.80 55.31 6.70
C LEU F 271 -58.90 55.78 5.76
N LYS F 272 -60.12 55.94 6.28
CA LYS F 272 -61.21 56.41 5.43
C LYS F 272 -60.98 57.84 4.96
N GLN F 273 -60.52 58.72 5.86
CA GLN F 273 -60.27 60.10 5.48
C GLN F 273 -59.08 60.21 4.53
N LEU F 274 -58.10 59.31 4.66
CA LEU F 274 -57.02 59.27 3.71
C LEU F 274 -57.48 58.71 2.37
N GLU F 275 -58.53 57.88 2.38
CA GLU F 275 -59.15 57.45 1.14
C GLU F 275 -59.85 58.61 0.44
N GLN F 276 -60.65 59.38 1.20
CA GLN F 276 -61.30 60.55 0.63
C GLN F 276 -60.30 61.55 0.08
N ASP F 277 -59.04 61.46 0.51
CA ASP F 277 -58.00 62.33 -0.02
C ASP F 277 -57.53 61.89 -1.41
N THR F 278 -58.25 60.98 -2.05
CA THR F 278 -57.98 60.55 -3.42
C THR F 278 -56.58 60.01 -3.62
N ASN F 279 -56.27 58.88 -2.98
CA ASN F 279 -55.05 58.14 -3.23
C ASN F 279 -53.81 58.94 -2.82
N SER F 280 -53.98 59.82 -1.83
CA SER F 280 -52.84 60.54 -1.30
C SER F 280 -51.88 59.57 -0.62
N ILE F 281 -50.60 59.95 -0.59
CA ILE F 281 -49.52 59.10 -0.10
C ILE F 281 -49.33 59.37 1.39
N LEU F 282 -49.13 58.30 2.16
CA LEU F 282 -48.76 58.40 3.56
C LEU F 282 -47.44 57.67 3.78
N PHE F 283 -46.54 58.30 4.52
CA PHE F 283 -45.24 57.72 4.86
C PHE F 283 -45.32 57.14 6.26
N ILE F 284 -44.76 55.96 6.45
CA ILE F 284 -44.68 55.31 7.75
C ILE F 284 -43.22 55.11 8.08
N ASP F 285 -42.68 56.01 8.91
CA ASP F 285 -41.34 55.82 9.44
C ASP F 285 -41.30 54.58 10.32
N GLU F 286 -40.26 53.77 10.13
CA GLU F 286 -40.07 52.55 10.91
C GLU F 286 -41.28 51.62 10.79
N ILE F 287 -41.67 51.35 9.55
CA ILE F 287 -42.83 50.49 9.32
C ILE F 287 -42.55 49.07 9.78
N HIS F 288 -41.28 48.66 9.77
CA HIS F 288 -40.91 47.35 10.31
C HIS F 288 -41.20 47.25 11.79
N THR F 289 -41.16 48.36 12.52
CA THR F 289 -41.50 48.36 13.94
C THR F 289 -43.01 48.42 14.17
N ILE F 290 -43.78 48.75 13.15
CA ILE F 290 -45.23 48.82 13.26
C ILE F 290 -45.88 47.50 12.84
N ILE F 291 -45.31 46.82 11.85
CA ILE F 291 -45.86 45.53 11.43
C ILE F 291 -45.45 44.44 12.41
N GLY F 292 -44.38 44.67 13.16
CA GLY F 292 -43.94 43.68 14.13
C GLY F 292 -44.90 43.54 15.30
N ALA F 303 -51.98 46.38 15.33
CA ALA F 303 -51.43 47.08 14.17
C ALA F 303 -50.56 46.18 13.29
N ALA F 304 -50.20 44.99 13.77
CA ALA F 304 -49.33 44.11 13.00
C ALA F 304 -49.92 43.75 11.64
N ASN F 305 -51.25 43.74 11.54
CA ASN F 305 -51.92 43.33 10.31
C ASN F 305 -53.03 44.28 9.89
N LEU F 306 -53.08 45.49 10.44
CA LEU F 306 -54.07 46.47 10.05
C LEU F 306 -53.70 47.19 8.76
N ILE F 307 -52.44 47.06 8.32
CA ILE F 307 -52.07 47.60 7.03
C ILE F 307 -52.69 46.78 5.90
N LYS F 308 -53.07 45.53 6.21
CA LYS F 308 -53.55 44.62 5.17
C LYS F 308 -54.84 45.07 4.49
N PRO F 309 -55.86 45.58 5.18
CA PRO F 309 -57.02 46.13 4.45
C PRO F 309 -56.63 47.18 3.44
N LEU F 310 -55.74 48.10 3.79
CA LEU F 310 -55.44 49.21 2.89
C LEU F 310 -54.31 48.90 1.92
N LEU F 311 -53.37 48.01 2.27
CA LEU F 311 -52.45 47.54 1.23
C LEU F 311 -53.17 46.70 0.19
N SER F 312 -54.28 46.07 0.57
CA SER F 312 -55.01 45.27 -0.38
C SER F 312 -55.92 46.15 -1.23
N SER F 313 -56.66 47.05 -0.59
CA SER F 313 -57.47 48.01 -1.32
C SER F 313 -56.61 49.06 -2.01
N GLY F 314 -55.37 49.26 -1.53
CA GLY F 314 -54.43 50.15 -2.18
C GLY F 314 -54.85 51.60 -2.29
N LYS F 315 -55.85 52.03 -1.52
CA LYS F 315 -56.36 53.39 -1.70
C LYS F 315 -55.40 54.43 -1.17
N ILE F 316 -54.39 54.03 -0.39
CA ILE F 316 -53.33 54.93 0.05
C ILE F 316 -52.01 54.22 -0.17
N ARG F 317 -51.23 54.72 -1.11
CA ARG F 317 -49.87 54.23 -1.31
C ARG F 317 -49.02 54.63 -0.12
N VAL F 318 -48.37 53.64 0.48
CA VAL F 318 -47.68 53.82 1.75
C VAL F 318 -46.18 53.59 1.56
N ILE F 319 -45.37 54.49 2.11
CA ILE F 319 -43.92 54.41 2.05
C ILE F 319 -43.43 53.76 3.34
N GLY F 320 -42.41 52.91 3.23
CA GLY F 320 -41.83 52.23 4.37
C GLY F 320 -40.34 52.51 4.50
N SER F 321 -39.88 52.44 5.75
CA SER F 321 -38.48 52.66 6.07
C SER F 321 -38.04 51.59 7.06
N THR F 322 -37.11 50.75 6.64
CA THR F 322 -36.69 49.61 7.45
C THR F 322 -35.17 49.48 7.35
N THR F 323 -34.60 48.69 8.25
CA THR F 323 -33.20 48.29 8.18
C THR F 323 -33.08 46.96 7.43
N TYR F 324 -31.83 46.59 7.13
CA TYR F 324 -31.60 45.33 6.42
C TYR F 324 -32.04 44.13 7.25
N GLN F 325 -31.80 44.17 8.56
CA GLN F 325 -32.07 43.01 9.40
C GLN F 325 -33.56 42.80 9.60
N GLU F 326 -34.29 43.87 9.92
CA GLU F 326 -35.75 43.74 10.07
C GLU F 326 -36.41 43.45 8.74
N PHE F 327 -35.75 43.80 7.63
CA PHE F 327 -36.26 43.44 6.31
C PHE F 327 -36.07 41.95 6.04
N SER F 328 -34.90 41.42 6.39
CA SER F 328 -34.54 40.06 6.00
C SER F 328 -35.45 39.02 6.65
N ASN F 329 -35.93 39.28 7.86
CA ASN F 329 -36.70 38.28 8.59
C ASN F 329 -38.21 38.53 8.54
N ILE F 330 -38.69 39.44 7.70
CA ILE F 330 -40.11 39.74 7.64
C ILE F 330 -40.64 39.63 6.21
N PHE F 331 -40.04 40.39 5.29
CA PHE F 331 -40.72 40.71 4.04
C PHE F 331 -40.58 39.61 2.99
N GLU F 332 -39.41 38.96 2.94
CA GLU F 332 -39.22 37.93 1.92
C GLU F 332 -40.14 36.74 2.13
N LYS F 333 -40.37 36.35 3.38
CA LYS F 333 -41.17 35.17 3.67
C LYS F 333 -42.67 35.46 3.73
N ASP F 334 -43.07 36.73 3.68
CA ASP F 334 -44.48 37.10 3.72
C ASP F 334 -44.92 37.47 2.30
N ARG F 335 -45.85 36.69 1.76
CA ARG F 335 -46.40 37.02 0.44
C ARG F 335 -47.18 38.33 0.48
N ALA F 336 -48.01 38.51 1.50
CA ALA F 336 -48.81 39.72 1.65
C ALA F 336 -47.97 40.97 1.84
N LEU F 337 -46.65 40.84 1.87
CA LEU F 337 -45.72 41.97 1.88
C LEU F 337 -44.78 41.97 0.69
N ALA F 338 -44.40 40.79 0.20
CA ALA F 338 -43.59 40.72 -1.01
C ALA F 338 -44.38 41.18 -2.22
N ARG F 339 -45.71 41.06 -2.17
CA ARG F 339 -46.58 41.48 -3.26
C ARG F 339 -47.14 42.88 -3.07
N ARG F 340 -46.74 43.57 -2.02
CA ARG F 340 -47.17 44.95 -1.78
C ARG F 340 -46.03 45.95 -1.84
N PHE F 341 -44.89 45.63 -1.24
CA PHE F 341 -43.79 46.57 -1.11
C PHE F 341 -42.63 46.17 -2.01
N GLN F 342 -42.12 47.15 -2.76
CA GLN F 342 -40.96 46.98 -3.63
C GLN F 342 -39.73 47.43 -2.85
N LYS F 343 -38.75 46.54 -2.71
CA LYS F 343 -37.56 46.85 -1.95
C LYS F 343 -36.65 47.82 -2.71
N ILE F 344 -36.13 48.81 -1.99
CA ILE F 344 -35.18 49.77 -2.54
C ILE F 344 -33.96 49.80 -1.63
N ASP F 345 -32.80 49.45 -2.19
CA ASP F 345 -31.57 49.40 -1.42
C ASP F 345 -30.98 50.80 -1.29
N ILE F 346 -30.48 51.13 -0.10
CA ILE F 346 -29.92 52.44 0.19
C ILE F 346 -28.53 52.25 0.79
N THR F 347 -27.59 53.07 0.35
CA THR F 347 -26.25 53.11 0.90
C THR F 347 -25.84 54.57 1.11
N GLU F 348 -24.85 54.77 1.97
CA GLU F 348 -24.43 56.12 2.32
C GLU F 348 -23.78 56.81 1.11
N PRO F 349 -23.95 58.11 0.99
CA PRO F 349 -23.36 58.85 -0.13
C PRO F 349 -21.86 59.08 0.09
N SER F 350 -21.25 59.77 -0.86
CA SER F 350 -19.82 59.96 -0.87
C SER F 350 -19.36 60.86 0.28
N ILE F 351 -18.05 61.01 0.40
CA ILE F 351 -17.48 61.86 1.43
C ILE F 351 -17.78 63.32 1.14
N GLU F 352 -17.58 63.75 -0.11
CA GLU F 352 -17.81 65.14 -0.45
C GLU F 352 -19.31 65.46 -0.47
N GLU F 353 -20.15 64.48 -0.81
CA GLU F 353 -21.58 64.71 -0.69
C GLU F 353 -22.00 64.77 0.78
N THR F 354 -21.32 64.02 1.65
CA THR F 354 -21.56 64.17 3.08
C THR F 354 -21.17 65.57 3.55
N VAL F 355 -20.03 66.07 3.06
CA VAL F 355 -19.59 67.42 3.43
C VAL F 355 -20.58 68.45 2.90
N GLN F 356 -21.14 68.21 1.71
CA GLN F 356 -22.10 69.15 1.15
C GLN F 356 -23.41 69.13 1.93
N ILE F 357 -23.85 67.94 2.37
CA ILE F 357 -25.01 67.86 3.23
C ILE F 357 -24.76 68.59 4.54
N ILE F 358 -23.56 68.41 5.10
CA ILE F 358 -23.19 69.10 6.33
C ILE F 358 -23.23 70.60 6.12
N ASN F 359 -22.74 71.08 4.97
CA ASN F 359 -22.70 72.51 4.73
C ASN F 359 -24.07 73.08 4.41
N GLY F 360 -24.97 72.24 3.89
CA GLY F 360 -26.33 72.70 3.63
C GLY F 360 -27.21 72.64 4.85
N LEU F 361 -26.82 71.86 5.85
CA LEU F 361 -27.57 71.80 7.10
C LEU F 361 -26.93 72.61 8.22
N LYS F 362 -25.71 73.11 7.99
CA LYS F 362 -24.96 73.87 8.98
C LYS F 362 -25.66 75.12 9.51
N PRO F 363 -26.37 75.93 8.70
CA PRO F 363 -26.98 77.15 9.25
C PRO F 363 -27.91 76.90 10.43
N LYS F 364 -28.64 75.79 10.45
CA LYS F 364 -29.47 75.48 11.61
C LYS F 364 -28.62 75.23 12.84
N TYR F 365 -27.54 74.45 12.68
CA TYR F 365 -26.63 74.20 13.81
C TYR F 365 -25.98 75.49 14.30
N GLU F 366 -25.74 76.43 13.38
CA GLU F 366 -25.15 77.70 13.79
C GLU F 366 -26.16 78.56 14.53
N ALA F 367 -27.40 78.62 14.03
CA ALA F 367 -28.43 79.37 14.74
C ALA F 367 -28.70 78.77 16.11
N HIS F 368 -28.54 77.46 16.25
CA HIS F 368 -28.74 76.83 17.56
C HIS F 368 -27.53 77.06 18.46
N HIS F 369 -26.33 77.05 17.90
CA HIS F 369 -25.10 77.11 18.67
C HIS F 369 -24.48 78.50 18.72
N ASP F 370 -24.84 79.39 17.80
CA ASP F 370 -24.21 80.71 17.69
C ASP F 370 -22.70 80.57 17.47
N VAL F 371 -22.33 79.57 16.66
CA VAL F 371 -20.94 79.36 16.26
C VAL F 371 -20.89 79.27 14.75
N ARG F 372 -19.68 79.27 14.20
CA ARG F 372 -19.47 79.22 12.77
C ARG F 372 -18.54 78.07 12.42
N TYR F 373 -18.55 77.67 11.15
CA TYR F 373 -17.76 76.54 10.70
C TYR F 373 -17.03 76.88 9.41
N THR F 374 -15.73 76.63 9.40
CA THR F 374 -14.94 76.75 8.20
C THR F 374 -15.02 75.46 7.39
N ALA F 375 -14.93 75.60 6.06
CA ALA F 375 -15.03 74.44 5.18
C ALA F 375 -13.86 73.49 5.38
N LYS F 376 -12.66 74.02 5.66
CA LYS F 376 -11.53 73.15 5.93
C LYS F 376 -11.76 72.33 7.20
N ALA F 377 -12.42 72.94 8.20
CA ALA F 377 -12.71 72.22 9.43
C ALA F 377 -13.62 71.03 9.17
N VAL F 378 -14.67 71.22 8.38
CA VAL F 378 -15.60 70.12 8.12
C VAL F 378 -14.94 69.07 7.22
N ARG F 379 -14.10 69.51 6.28
CA ARG F 379 -13.36 68.56 5.46
C ARG F 379 -12.48 67.66 6.31
N ALA F 380 -11.66 68.26 7.18
CA ALA F 380 -10.81 67.46 8.06
C ALA F 380 -11.64 66.65 9.04
N ALA F 381 -12.80 67.17 9.45
CA ALA F 381 -13.66 66.43 10.35
C ALA F 381 -14.13 65.13 9.73
N VAL F 382 -14.55 65.17 8.47
CA VAL F 382 -14.99 63.94 7.82
C VAL F 382 -13.79 63.05 7.51
N GLU F 383 -12.66 63.63 7.10
CA GLU F 383 -11.47 62.85 6.80
C GLU F 383 -10.95 62.14 8.05
N LEU F 384 -11.28 62.65 9.23
CA LEU F 384 -10.94 61.95 10.45
C LEU F 384 -12.06 60.99 10.88
N ALA F 385 -13.32 61.39 10.65
CA ALA F 385 -14.45 60.55 11.04
C ALA F 385 -14.40 59.20 10.34
N VAL F 386 -13.99 59.19 9.06
CA VAL F 386 -13.79 57.92 8.37
C VAL F 386 -12.77 57.04 9.08
N LYS F 387 -11.94 57.62 9.95
CA LYS F 387 -10.90 56.87 10.64
C LYS F 387 -11.26 56.48 12.06
N TYR F 388 -12.22 57.16 12.69
CA TYR F 388 -12.63 56.77 14.04
C TYR F 388 -14.13 56.54 14.19
N ILE F 389 -14.98 57.08 13.33
CA ILE F 389 -16.41 56.83 13.38
C ILE F 389 -16.68 55.52 12.64
N ASN F 390 -17.18 54.53 13.36
CA ASN F 390 -17.48 53.23 12.77
C ASN F 390 -18.82 52.72 13.25
N ASP F 391 -19.35 53.32 14.32
CA ASP F 391 -20.59 52.83 14.91
C ASP F 391 -21.77 53.08 13.99
N ARG F 392 -21.80 54.21 13.30
CA ARG F 392 -22.88 54.53 12.37
C ARG F 392 -22.29 55.05 11.07
N HIS F 393 -23.16 55.58 10.23
CA HIS F 393 -22.76 55.99 8.89
C HIS F 393 -22.44 57.48 8.84
N LEU F 394 -21.44 57.82 8.02
CA LEU F 394 -20.98 59.20 7.95
C LEU F 394 -22.05 60.22 7.57
N PRO F 395 -23.01 59.94 6.68
CA PRO F 395 -24.04 60.95 6.37
C PRO F 395 -24.72 61.52 7.59
N ASP F 396 -24.80 60.77 8.69
CA ASP F 396 -25.31 61.30 9.95
C ASP F 396 -24.24 61.26 11.03
N LYS F 397 -23.45 60.17 11.13
CA LYS F 397 -22.43 60.08 12.18
C LYS F 397 -21.18 60.81 11.73
N ALA F 398 -21.39 62.01 11.19
CA ALA F 398 -20.36 63.03 11.06
C ALA F 398 -20.95 64.36 11.49
N ILE F 399 -22.29 64.41 11.58
CA ILE F 399 -22.97 65.60 12.06
C ILE F 399 -22.99 65.67 13.58
N ASP F 400 -22.83 64.53 14.27
CA ASP F 400 -22.60 64.55 15.70
C ASP F 400 -21.34 65.31 16.04
N VAL F 401 -20.26 65.07 15.27
CA VAL F 401 -19.03 65.81 15.44
C VAL F 401 -19.28 67.30 15.29
N ILE F 402 -19.98 67.69 14.23
CA ILE F 402 -20.24 69.10 13.96
C ILE F 402 -21.02 69.73 15.11
N ASP F 403 -22.13 69.10 15.50
CA ASP F 403 -22.99 69.66 16.54
C ASP F 403 -22.25 69.76 17.87
N GLU F 404 -21.53 68.71 18.26
CA GLU F 404 -20.87 68.72 19.55
C GLU F 404 -19.68 69.67 19.58
N ALA F 405 -18.96 69.78 18.47
CA ALA F 405 -17.86 70.74 18.41
C ALA F 405 -18.38 72.17 18.48
N GLY F 406 -19.47 72.46 17.75
CA GLY F 406 -20.06 73.78 17.83
C GLY F 406 -20.56 74.09 19.23
N ALA F 407 -21.16 73.10 19.90
CA ALA F 407 -21.58 73.29 21.27
C ALA F 407 -20.40 73.59 22.18
N ARG F 408 -19.34 72.78 22.09
CA ARG F 408 -18.20 72.92 22.99
C ARG F 408 -17.47 74.23 22.75
N ALA F 409 -17.53 74.75 21.51
CA ALA F 409 -16.81 75.97 21.17
C ALA F 409 -17.23 77.14 22.06
N ARG F 410 -18.51 77.20 22.44
CA ARG F 410 -19.00 78.23 23.34
C ARG F 410 -19.15 77.75 24.78
N LEU F 411 -18.72 76.53 25.08
CA LEU F 411 -18.94 75.92 26.38
C LEU F 411 -17.67 75.78 27.19
N MET F 412 -16.63 75.14 26.66
CA MET F 412 -15.39 74.98 27.42
C MET F 412 -14.65 76.30 27.61
N PRO F 413 -14.39 77.11 26.59
CA PRO F 413 -13.71 78.38 26.83
C PRO F 413 -14.67 79.45 27.31
N VAL F 414 -14.23 80.25 28.26
CA VAL F 414 -14.98 81.39 28.77
C VAL F 414 -14.42 82.70 28.25
N SER F 415 -13.10 82.78 28.11
CA SER F 415 -12.46 83.98 27.57
C SER F 415 -12.33 83.92 26.06
N LYS F 416 -12.42 82.75 25.45
CA LYS F 416 -12.36 82.60 24.01
C LYS F 416 -13.75 82.35 23.45
N ARG F 417 -14.04 83.01 22.32
CA ARG F 417 -15.33 82.93 21.67
C ARG F 417 -15.13 82.59 20.20
N LYS F 418 -14.31 81.56 19.95
CA LYS F 418 -13.93 81.19 18.58
C LYS F 418 -15.16 80.58 17.90
N LYS F 419 -16.03 81.46 17.41
CA LYS F 419 -17.22 80.99 16.70
C LYS F 419 -16.86 80.09 15.54
N THR F 420 -15.93 80.52 14.70
CA THR F 420 -15.46 79.69 13.59
C THR F 420 -14.73 78.46 14.14
N VAL F 421 -15.33 77.29 13.95
CA VAL F 421 -14.72 76.04 14.38
C VAL F 421 -13.56 75.71 13.45
N ASN F 422 -12.39 75.45 14.03
CA ASN F 422 -11.21 75.09 13.27
C ASN F 422 -10.95 73.59 13.37
N VAL F 423 -9.80 73.17 12.84
CA VAL F 423 -9.43 71.76 12.88
C VAL F 423 -9.16 71.32 14.32
N ALA F 424 -8.67 72.25 15.16
CA ALA F 424 -8.31 71.89 16.53
C ALA F 424 -9.53 71.52 17.36
N ASP F 425 -10.66 72.19 17.14
CA ASP F 425 -11.88 71.81 17.85
C ASP F 425 -12.31 70.40 17.50
N ILE F 426 -12.27 70.07 16.21
CA ILE F 426 -12.57 68.70 15.79
C ILE F 426 -11.59 67.73 16.42
N GLU F 427 -10.31 68.09 16.47
CA GLU F 427 -9.32 67.23 17.12
C GLU F 427 -9.71 66.95 18.56
N SER F 428 -10.05 67.99 19.31
CA SER F 428 -10.44 67.81 20.71
C SER F 428 -11.68 66.93 20.84
N VAL F 429 -12.68 67.16 20.00
CA VAL F 429 -13.91 66.39 20.11
C VAL F 429 -13.66 64.93 19.72
N VAL F 430 -12.74 64.69 18.79
CA VAL F 430 -12.39 63.32 18.44
C VAL F 430 -11.67 62.65 19.60
N ALA F 431 -10.78 63.38 20.26
CA ALA F 431 -10.16 62.87 21.48
C ALA F 431 -11.23 62.44 22.48
N ARG F 432 -12.18 63.33 22.76
CA ARG F 432 -13.18 63.04 23.79
C ARG F 432 -14.13 61.93 23.37
N ILE F 433 -14.35 61.74 22.07
CA ILE F 433 -15.27 60.69 21.63
C ILE F 433 -14.55 59.34 21.55
N ALA F 434 -13.52 59.24 20.72
CA ALA F 434 -12.85 57.97 20.49
C ALA F 434 -11.82 57.63 21.55
N ARG F 435 -11.66 58.46 22.58
CA ARG F 435 -10.74 58.21 23.69
C ARG F 435 -9.33 57.95 23.17
N ILE F 436 -8.78 58.96 22.51
CA ILE F 436 -7.47 58.86 21.86
C ILE F 436 -6.54 59.92 22.42
N PRO F 437 -5.22 59.79 22.25
CA PRO F 437 -4.31 60.86 22.69
C PRO F 437 -4.21 62.02 21.72
N GLU F 438 -4.86 61.93 20.55
CA GLU F 438 -4.91 63.01 19.57
C GLU F 438 -3.55 63.24 18.90
N LYS F 439 -2.52 62.50 19.34
CA LYS F 439 -1.18 62.74 18.81
C LYS F 439 -0.73 61.60 17.91
N SER F 440 -1.40 60.46 17.97
CA SER F 440 -0.97 59.27 17.24
C SER F 440 -1.81 59.01 15.99
N VAL F 441 -2.93 59.70 15.82
CA VAL F 441 -3.82 59.49 14.68
C VAL F 441 -4.00 60.78 13.87
N SER F 442 -4.13 61.91 14.55
CA SER F 442 -4.40 63.18 13.88
C SER F 442 -3.16 64.04 13.69
N GLN F 443 -1.99 63.56 14.12
CA GLN F 443 -0.76 64.32 13.96
C GLN F 443 -0.47 64.62 12.49
N SER F 444 -0.49 63.59 11.65
CA SER F 444 -0.20 63.74 10.24
C SER F 444 -0.69 62.51 9.50
N ASP F 445 -0.58 62.57 8.17
CA ASP F 445 -0.80 61.39 7.34
C ASP F 445 0.52 60.76 6.90
N ARG F 446 1.58 61.54 6.82
CA ARG F 446 2.90 61.07 6.40
C ARG F 446 3.88 60.94 7.54
N ASP F 447 4.09 62.01 8.31
CA ASP F 447 5.07 62.00 9.39
C ASP F 447 4.67 61.08 10.53
N THR F 448 3.39 60.74 10.65
CA THR F 448 3.00 59.67 11.55
C THR F 448 3.55 58.33 11.09
N LEU F 449 3.92 58.24 9.82
CA LEU F 449 4.41 57.01 9.21
C LEU F 449 5.89 57.07 8.86
N LYS F 450 6.42 58.26 8.62
CA LYS F 450 7.81 58.38 8.19
C LYS F 450 8.78 57.83 9.24
N ASN F 451 8.39 57.87 10.51
CA ASN F 451 9.22 57.37 11.58
C ASN F 451 8.85 55.95 12.02
N LEU F 452 8.23 55.18 11.14
CA LEU F 452 7.75 53.86 11.54
C LEU F 452 8.89 52.88 11.77
N GLY F 453 9.91 52.92 10.89
CA GLY F 453 11.01 51.98 11.02
C GLY F 453 11.71 52.07 12.36
N ASP F 454 12.06 53.29 12.76
CA ASP F 454 12.64 53.50 14.08
C ASP F 454 11.66 53.15 15.19
N ARG F 455 10.38 53.51 15.03
CA ARG F 455 9.39 53.20 16.04
C ARG F 455 9.22 51.71 16.26
N LEU F 456 9.59 50.89 15.27
CA LEU F 456 9.50 49.45 15.41
C LEU F 456 10.81 48.83 15.89
N LYS F 457 11.94 49.25 15.31
CA LYS F 457 13.23 48.71 15.74
C LYS F 457 13.58 49.17 17.15
N MET F 458 12.99 50.26 17.61
CA MET F 458 13.20 50.69 18.99
C MET F 458 12.46 49.79 19.97
N LEU F 459 11.46 49.05 19.51
CA LEU F 459 10.70 48.15 20.36
C LEU F 459 11.06 46.68 20.17
N VAL F 460 11.15 46.23 18.93
CA VAL F 460 11.55 44.85 18.63
C VAL F 460 13.06 44.81 18.52
N PHE F 461 13.63 43.64 18.80
CA PHE F 461 15.06 43.44 18.73
C PHE F 461 15.35 42.43 17.63
N GLY F 462 16.08 42.87 16.61
CA GLY F 462 16.33 42.04 15.46
C GLY F 462 15.32 42.29 14.35
N GLN F 463 15.41 41.46 13.32
CA GLN F 463 14.57 41.57 12.13
C GLN F 463 14.67 42.97 11.51
N ASP F 464 15.85 43.58 11.62
CA ASP F 464 16.02 44.95 11.13
C ASP F 464 15.74 45.04 9.64
N LYS F 465 16.23 44.06 8.87
CA LYS F 465 15.91 44.05 7.44
C LYS F 465 14.46 43.71 7.20
N ALA F 466 13.86 42.86 8.04
CA ALA F 466 12.43 42.62 7.94
C ALA F 466 11.65 43.87 8.28
N ILE F 467 12.08 44.60 9.30
CA ILE F 467 11.47 45.89 9.62
C ILE F 467 11.56 46.83 8.42
N GLU F 468 12.72 46.88 7.79
CA GLU F 468 12.92 47.78 6.65
C GLU F 468 11.99 47.40 5.51
N ALA F 469 11.93 46.11 5.18
CA ALA F 469 11.05 45.66 4.11
C ALA F 469 9.59 45.99 4.42
N LEU F 470 9.17 45.82 5.67
CA LEU F 470 7.77 46.04 6.01
C LEU F 470 7.42 47.52 6.01
N THR F 471 8.32 48.37 6.52
CA THR F 471 8.07 49.81 6.43
C THR F 471 8.05 50.27 4.98
N GLU F 472 8.97 49.76 4.16
CA GLU F 472 8.95 50.11 2.75
C GLU F 472 7.66 49.66 2.09
N ALA F 473 7.12 48.52 2.51
CA ALA F 473 5.88 48.03 1.91
C ALA F 473 4.70 48.89 2.31
N ILE F 474 4.55 49.19 3.61
CA ILE F 474 3.44 50.01 4.04
C ILE F 474 3.54 51.41 3.45
N LYS F 475 4.76 51.90 3.26
CA LYS F 475 4.94 53.22 2.64
C LYS F 475 4.60 53.18 1.16
N MET F 476 5.05 52.13 0.46
CA MET F 476 4.67 51.91 -0.93
C MET F 476 3.16 51.89 -1.09
N ALA F 477 2.46 51.33 -0.10
CA ALA F 477 1.01 51.24 -0.20
C ALA F 477 0.34 52.57 0.12
N ARG F 478 0.85 53.28 1.13
CA ARG F 478 0.16 54.49 1.60
C ARG F 478 0.17 55.59 0.55
N ALA F 479 1.13 55.57 -0.37
CA ALA F 479 1.20 56.58 -1.41
C ALA F 479 -0.02 56.54 -2.33
N GLY F 480 -0.73 55.42 -2.38
CA GLY F 480 -1.88 55.29 -3.25
C GLY F 480 -1.61 54.63 -4.57
N LEU F 481 -0.44 54.02 -4.74
CA LEU F 481 -0.10 53.33 -5.99
C LEU F 481 -0.65 51.90 -5.94
N GLY F 482 -1.98 51.82 -5.87
CA GLY F 482 -2.64 50.54 -5.77
C GLY F 482 -4.08 50.57 -6.24
N HIS F 483 -4.96 49.86 -5.53
CA HIS F 483 -6.35 49.74 -5.92
C HIS F 483 -7.25 49.96 -4.73
N GLU F 484 -8.39 50.63 -4.97
CA GLU F 484 -9.41 50.75 -3.94
C GLU F 484 -10.11 49.42 -3.70
N HIS F 485 -10.10 48.53 -4.69
CA HIS F 485 -10.59 47.18 -4.54
C HIS F 485 -9.50 46.21 -4.09
N LYS F 486 -8.40 46.73 -3.55
CA LYS F 486 -7.39 45.87 -2.98
C LYS F 486 -7.02 46.35 -1.59
N PRO F 487 -6.85 45.43 -0.63
CA PRO F 487 -6.38 45.82 0.70
C PRO F 487 -5.06 46.59 0.63
N VAL F 488 -4.72 47.22 1.77
CA VAL F 488 -3.48 47.99 1.85
C VAL F 488 -2.30 47.13 1.45
N GLY F 489 -2.19 45.94 2.02
CA GLY F 489 -1.09 45.05 1.69
C GLY F 489 -1.36 43.67 2.24
N SER F 490 -0.77 42.69 1.57
CA SER F 490 -0.83 41.29 1.99
C SER F 490 0.59 40.76 2.03
N PHE F 491 1.05 40.38 3.22
CA PHE F 491 2.44 40.01 3.43
C PHE F 491 2.54 38.66 4.12
N LEU F 492 3.51 37.86 3.70
CA LEU F 492 3.78 36.57 4.30
C LEU F 492 5.01 36.69 5.19
N PHE F 493 4.90 36.18 6.41
CA PHE F 493 6.01 36.14 7.35
C PHE F 493 6.60 34.75 7.35
N ALA F 494 7.75 34.60 6.72
CA ALA F 494 8.43 33.31 6.62
C ALA F 494 9.60 33.28 7.59
N GLY F 495 9.90 32.09 8.09
CA GLY F 495 10.98 31.91 9.03
C GLY F 495 10.51 31.19 10.28
N PRO F 496 11.42 30.96 11.22
CA PRO F 496 11.04 30.27 12.46
C PRO F 496 10.02 31.09 13.25
N THR F 497 9.28 30.39 14.10
CA THR F 497 8.25 31.02 14.91
C THR F 497 8.77 31.35 16.30
N GLY F 498 8.00 32.15 17.03
CA GLY F 498 8.43 32.60 18.33
C GLY F 498 9.58 33.58 18.30
N VAL F 499 9.76 34.28 17.19
CA VAL F 499 10.86 35.22 17.02
C VAL F 499 10.39 36.66 16.88
N GLY F 500 9.11 36.91 17.13
CA GLY F 500 8.59 38.27 17.14
C GLY F 500 7.62 38.63 16.04
N LYS F 501 7.19 37.67 15.23
CA LYS F 501 6.18 37.95 14.21
C LYS F 501 4.91 38.51 14.85
N THR F 502 4.35 37.79 15.82
CA THR F 502 3.24 38.35 16.59
C THR F 502 3.67 39.63 17.28
N GLU F 503 4.92 39.70 17.75
CA GLU F 503 5.39 40.90 18.44
C GLU F 503 5.48 42.08 17.49
N VAL F 504 6.05 41.88 16.29
CA VAL F 504 6.13 43.00 15.36
C VAL F 504 4.75 43.41 14.90
N THR F 505 3.82 42.46 14.79
CA THR F 505 2.47 42.82 14.36
C THR F 505 1.74 43.61 15.44
N VAL F 506 1.92 43.25 16.72
CA VAL F 506 1.26 44.01 17.77
C VAL F 506 1.89 45.39 17.91
N GLN F 507 3.21 45.48 17.74
CA GLN F 507 3.86 46.79 17.72
C GLN F 507 3.34 47.64 16.57
N LEU F 508 3.10 47.01 15.41
CA LEU F 508 2.65 47.76 14.25
C LEU F 508 1.22 48.23 14.43
N SER F 509 0.38 47.39 15.01
CA SER F 509 -0.99 47.81 15.32
C SER F 509 -1.00 48.94 16.33
N LYS F 510 -0.09 48.91 17.31
CA LYS F 510 0.00 50.00 18.28
C LYS F 510 0.47 51.29 17.63
N ALA F 511 1.51 51.20 16.79
CA ALA F 511 2.08 52.40 16.17
C ALA F 511 1.09 53.02 15.18
N LEU F 512 0.46 52.19 14.36
CA LEU F 512 -0.53 52.69 13.41
C LEU F 512 -1.85 53.04 14.09
N GLY F 513 -2.03 52.63 15.36
CA GLY F 513 -3.23 52.98 16.08
C GLY F 513 -4.50 52.41 15.51
N ILE F 514 -4.44 51.21 14.94
CA ILE F 514 -5.60 50.59 14.30
C ILE F 514 -5.85 49.23 14.95
N GLU F 515 -7.08 48.75 14.78
CA GLU F 515 -7.51 47.53 15.45
C GLU F 515 -6.77 46.32 14.88
N LEU F 516 -6.35 45.42 15.77
CA LEU F 516 -5.62 44.22 15.39
C LEU F 516 -6.56 43.01 15.46
N LEU F 517 -6.92 42.47 14.30
CA LEU F 517 -7.77 41.30 14.21
C LEU F 517 -6.92 40.07 13.94
N ARG F 518 -7.11 39.04 14.76
CA ARG F 518 -6.27 37.84 14.72
C ARG F 518 -7.14 36.61 14.49
N PHE F 519 -6.58 35.66 13.72
CA PHE F 519 -7.20 34.36 13.50
C PHE F 519 -6.11 33.32 13.33
N ASP F 520 -6.28 32.19 14.01
CA ASP F 520 -5.42 31.03 13.80
C ASP F 520 -6.11 30.10 12.80
N MET F 521 -5.37 29.70 11.77
CA MET F 521 -5.94 28.83 10.74
C MET F 521 -6.18 27.42 11.26
N SER F 522 -5.49 27.01 12.32
CA SER F 522 -5.73 25.70 12.91
C SER F 522 -7.16 25.57 13.44
N GLU F 523 -7.78 26.68 13.84
CA GLU F 523 -9.18 26.65 14.26
C GLU F 523 -10.13 26.58 13.08
N TYR F 524 -9.62 26.65 11.85
CA TYR F 524 -10.46 26.70 10.65
C TYR F 524 -9.90 25.75 9.59
N MET F 525 -9.62 24.52 10.00
CA MET F 525 -9.08 23.50 9.12
C MET F 525 -10.15 22.65 8.44
N GLU F 526 -11.41 23.04 8.54
CA GLU F 526 -12.48 22.24 7.93
C GLU F 526 -13.63 23.13 7.52
N ARG F 527 -14.44 22.64 6.59
CA ARG F 527 -15.47 23.46 5.95
C ARG F 527 -16.51 23.96 6.95
N HIS F 528 -16.88 23.12 7.92
CA HIS F 528 -17.85 23.57 8.92
C HIS F 528 -17.31 24.72 9.76
N THR F 529 -15.99 24.87 9.87
CA THR F 529 -15.38 25.99 10.58
C THR F 529 -15.19 27.20 9.68
N VAL F 530 -14.72 26.99 8.45
CA VAL F 530 -14.52 28.13 7.56
C VAL F 530 -15.86 28.77 7.23
N SER F 531 -16.94 27.97 7.26
CA SER F 531 -18.28 28.53 7.02
C SER F 531 -18.62 29.60 8.04
N ARG F 532 -18.31 29.36 9.32
CA ARG F 532 -18.48 30.41 10.31
C ARG F 532 -17.44 31.51 10.15
N LEU F 533 -16.23 31.15 9.72
CA LEU F 533 -15.17 32.14 9.56
C LEU F 533 -15.52 33.16 8.49
N ILE F 534 -16.32 32.77 7.50
CA ILE F 534 -16.52 33.61 6.32
C ILE F 534 -17.83 34.39 6.43
N GLY F 535 -18.89 33.72 6.88
CA GLY F 535 -20.20 34.35 6.92
C GLY F 535 -21.08 34.04 5.73
N ALA F 536 -20.91 32.87 5.11
CA ALA F 536 -21.81 32.47 4.02
C ALA F 536 -23.21 32.23 4.58
N PRO F 537 -24.23 32.41 3.75
CA PRO F 537 -25.61 32.18 4.21
C PRO F 537 -25.82 30.79 4.74
N PRO F 538 -25.39 29.72 4.05
CA PRO F 538 -25.58 28.38 4.59
C PRO F 538 -24.39 27.93 5.43
N GLY F 539 -24.64 26.94 6.28
CA GLY F 539 -23.59 26.29 7.03
C GLY F 539 -23.74 26.29 8.53
N TYR F 540 -24.42 27.28 9.12
CA TYR F 540 -24.48 27.37 10.56
C TYR F 540 -25.73 28.11 10.99
N VAL F 541 -25.99 28.10 12.29
CA VAL F 541 -27.13 28.82 12.86
C VAL F 541 -26.73 30.27 13.11
N GLY F 542 -27.59 31.19 12.71
CA GLY F 542 -27.33 32.59 12.93
C GLY F 542 -26.63 33.29 11.77
N PHE F 543 -26.99 32.90 10.54
CA PHE F 543 -26.42 33.56 9.37
C PHE F 543 -26.85 35.01 9.28
N ASP F 544 -27.96 35.37 9.93
CA ASP F 544 -28.43 36.75 9.94
C ASP F 544 -27.49 37.70 10.67
N GLN F 545 -26.48 37.17 11.38
CA GLN F 545 -25.42 37.99 11.94
C GLN F 545 -24.25 38.15 10.99
N GLY F 546 -24.19 37.36 9.92
CA GLY F 546 -23.04 37.38 9.05
C GLY F 546 -21.86 36.68 9.71
N GLY F 547 -20.70 36.86 9.08
CA GLY F 547 -19.48 36.31 9.63
C GLY F 547 -18.82 37.25 10.63
N LEU F 548 -18.13 36.63 11.58
CA LEU F 548 -17.38 37.42 12.56
C LEU F 548 -16.32 38.28 11.88
N LEU F 549 -15.69 37.75 10.82
CA LEU F 549 -14.64 38.49 10.14
C LEU F 549 -15.18 39.74 9.47
N THR F 550 -16.24 39.60 8.67
CA THR F 550 -16.75 40.74 7.91
C THR F 550 -17.35 41.80 8.83
N ASP F 551 -18.02 41.39 9.89
CA ASP F 551 -18.57 42.37 10.82
C ASP F 551 -17.48 43.05 11.62
N ALA F 552 -16.47 42.29 12.04
CA ALA F 552 -15.34 42.90 12.75
C ALA F 552 -14.61 43.90 11.87
N VAL F 553 -14.48 43.60 10.58
CA VAL F 553 -13.78 44.53 9.70
C VAL F 553 -14.67 45.73 9.39
N ILE F 554 -15.99 45.54 9.35
CA ILE F 554 -16.89 46.69 9.20
C ILE F 554 -16.76 47.61 10.41
N LYS F 555 -16.62 47.03 11.60
CA LYS F 555 -16.49 47.86 12.80
C LYS F 555 -15.12 48.52 12.88
N HIS F 556 -14.15 48.06 12.10
CA HIS F 556 -12.80 48.62 12.08
C HIS F 556 -12.32 48.69 10.64
N PRO F 557 -12.75 49.70 9.88
CA PRO F 557 -12.38 49.79 8.47
C PRO F 557 -10.89 49.97 8.23
N HIS F 558 -10.14 50.49 9.21
CA HIS F 558 -8.70 50.68 9.08
C HIS F 558 -7.90 49.59 9.77
N ALA F 559 -8.54 48.51 10.19
CA ALA F 559 -7.89 47.52 11.03
C ALA F 559 -6.74 46.82 10.30
N VAL F 560 -5.87 46.21 11.09
CA VAL F 560 -4.82 45.33 10.59
C VAL F 560 -5.25 43.89 10.86
N LEU F 561 -5.10 43.02 9.87
CA LEU F 561 -5.55 41.65 9.96
C LEU F 561 -4.35 40.70 9.96
N LEU F 562 -4.31 39.81 10.95
CA LEU F 562 -3.26 38.82 11.09
C LEU F 562 -3.86 37.44 10.97
N LEU F 563 -3.24 36.57 10.18
CA LEU F 563 -3.67 35.20 9.99
C LEU F 563 -2.55 34.29 10.47
N ASP F 564 -2.81 33.56 11.55
CA ASP F 564 -1.77 32.77 12.20
C ASP F 564 -1.69 31.37 11.60
N GLU F 565 -0.46 30.94 11.29
CA GLU F 565 -0.18 29.61 10.76
C GLU F 565 -1.02 29.31 9.53
N ILE F 566 -0.74 30.08 8.47
CA ILE F 566 -1.56 30.03 7.26
C ILE F 566 -1.42 28.69 6.54
N GLU F 567 -0.31 27.99 6.75
CA GLU F 567 -0.07 26.75 6.01
C GLU F 567 -1.03 25.63 6.39
N LYS F 568 -1.89 25.84 7.38
CA LYS F 568 -2.90 24.87 7.75
C LYS F 568 -4.32 25.29 7.36
N ALA F 569 -4.47 26.45 6.73
CA ALA F 569 -5.79 26.95 6.38
C ALA F 569 -6.45 26.03 5.34
N HIS F 570 -7.77 25.94 5.43
CA HIS F 570 -8.50 25.15 4.46
C HIS F 570 -8.48 25.86 3.10
N PRO F 571 -8.48 25.11 2.00
CA PRO F 571 -8.51 25.76 0.68
C PRO F 571 -9.65 26.74 0.49
N ASP F 572 -10.74 26.62 1.26
CA ASP F 572 -11.77 27.65 1.21
C ASP F 572 -11.30 28.96 1.84
N VAL F 573 -10.44 28.89 2.86
CA VAL F 573 -9.80 30.10 3.34
C VAL F 573 -8.98 30.73 2.22
N PHE F 574 -8.22 29.90 1.49
CA PHE F 574 -7.44 30.40 0.37
C PHE F 574 -8.36 31.06 -0.66
N ASN F 575 -9.52 30.46 -0.91
CA ASN F 575 -10.43 31.00 -1.91
C ASN F 575 -11.00 32.34 -1.47
N ILE F 576 -11.46 32.45 -0.22
CA ILE F 576 -12.03 33.73 0.20
C ILE F 576 -10.93 34.79 0.34
N LEU F 577 -9.70 34.39 0.68
CA LEU F 577 -8.66 35.39 0.81
C LEU F 577 -8.20 35.90 -0.55
N LEU F 578 -8.16 35.02 -1.55
CA LEU F 578 -7.89 35.50 -2.90
C LEU F 578 -9.04 36.37 -3.41
N GLN F 579 -10.28 35.97 -3.10
CA GLN F 579 -11.43 36.82 -3.38
C GLN F 579 -11.25 38.21 -2.80
N VAL F 580 -10.85 38.30 -1.53
CA VAL F 580 -10.79 39.58 -0.86
C VAL F 580 -9.56 40.37 -1.30
N MET F 581 -8.50 39.67 -1.70
CA MET F 581 -7.36 40.36 -2.29
C MET F 581 -7.74 41.03 -3.60
N ASP F 582 -8.54 40.34 -4.42
CA ASP F 582 -8.86 40.87 -5.74
C ASP F 582 -10.01 41.86 -5.72
N ASN F 583 -10.98 41.69 -4.82
CA ASN F 583 -12.15 42.56 -4.79
C ASN F 583 -12.12 43.60 -3.68
N GLY F 584 -11.33 43.39 -2.63
CA GLY F 584 -11.24 44.31 -1.53
C GLY F 584 -12.53 44.55 -0.77
N THR F 585 -13.57 43.75 -1.02
CA THR F 585 -14.86 43.91 -0.36
C THR F 585 -15.63 42.61 -0.50
N LEU F 586 -16.03 42.06 0.65
CA LEU F 586 -16.83 40.84 0.68
C LEU F 586 -18.25 41.20 1.11
N THR F 587 -19.20 40.97 0.21
CA THR F 587 -20.59 41.29 0.46
C THR F 587 -21.15 40.40 1.57
N ASP F 588 -21.72 41.02 2.60
CA ASP F 588 -22.40 40.25 3.62
C ASP F 588 -23.68 39.64 3.05
N ASN F 589 -24.11 38.54 3.66
CA ASN F 589 -25.33 37.86 3.23
C ASN F 589 -26.58 38.66 3.52
N ASN F 590 -26.46 39.84 4.14
CA ASN F 590 -27.60 40.69 4.44
C ASN F 590 -27.54 42.03 3.72
N GLY F 591 -26.69 42.15 2.70
CA GLY F 591 -26.55 43.38 1.95
C GLY F 591 -25.46 44.31 2.43
N ARG F 592 -24.97 44.13 3.66
CA ARG F 592 -23.93 45.00 4.18
C ARG F 592 -22.60 44.71 3.48
N LYS F 593 -21.71 45.70 3.52
CA LYS F 593 -20.47 45.65 2.77
C LYS F 593 -19.28 45.89 3.69
N ALA F 594 -18.24 45.08 3.53
CA ALA F 594 -17.06 45.12 4.36
C ALA F 594 -15.89 45.70 3.57
N ASP F 595 -15.47 46.91 3.92
CA ASP F 595 -14.38 47.59 3.23
C ASP F 595 -13.05 46.99 3.68
N PHE F 596 -12.23 46.57 2.72
CA PHE F 596 -10.90 46.06 3.01
C PHE F 596 -9.80 46.97 2.48
N ARG F 597 -10.16 48.05 1.76
CA ARG F 597 -9.16 48.92 1.16
C ARG F 597 -8.26 49.58 2.20
N ASN F 598 -8.78 49.84 3.40
CA ASN F 598 -7.99 50.38 4.49
C ASN F 598 -7.55 49.30 5.47
N VAL F 599 -7.82 48.03 5.14
CA VAL F 599 -7.40 46.90 5.96
C VAL F 599 -6.17 46.29 5.31
N VAL F 600 -5.16 46.00 6.13
CA VAL F 600 -3.92 45.38 5.66
C VAL F 600 -3.93 43.93 6.13
N LEU F 601 -3.37 43.05 5.31
CA LEU F 601 -3.39 41.62 5.56
C LEU F 601 -1.98 41.13 5.84
N VAL F 602 -1.85 40.25 6.83
CA VAL F 602 -0.57 39.63 7.17
C VAL F 602 -0.83 38.16 7.49
N MET F 603 -0.04 37.29 6.86
CA MET F 603 -0.08 35.86 7.15
C MET F 603 1.23 35.45 7.79
N THR F 604 1.19 34.37 8.58
CA THR F 604 2.37 33.83 9.23
C THR F 604 2.46 32.33 8.96
N THR F 605 3.67 31.80 9.00
CA THR F 605 3.88 30.39 8.73
C THR F 605 5.17 29.91 9.38
N ASN F 606 5.31 28.59 9.41
CA ASN F 606 6.54 27.92 9.81
C ASN F 606 7.07 27.04 8.69
N ALA F 607 6.72 27.36 7.45
CA ALA F 607 7.02 26.49 6.33
C ALA F 607 8.50 26.49 6.01
N GLY F 608 9.01 25.31 5.64
CA GLY F 608 10.38 25.17 5.21
C GLY F 608 11.42 25.26 6.31
N VAL F 609 11.03 25.62 7.54
CA VAL F 609 12.00 25.66 8.62
C VAL F 609 12.49 24.25 8.94
N ARG F 610 11.65 23.24 8.71
CA ARG F 610 12.07 21.86 8.91
C ARG F 610 13.20 21.49 7.96
N GLU F 611 13.12 21.98 6.72
CA GLU F 611 14.18 21.71 5.75
C GLU F 611 15.48 22.39 6.14
N THR F 612 15.41 23.66 6.54
CA THR F 612 16.62 24.38 6.92
C THR F 612 17.28 23.80 8.15
N GLU F 613 16.51 23.41 9.16
CA GLU F 613 17.05 22.76 10.33
C GLU F 613 17.35 21.29 10.10
N ARG F 614 16.99 20.75 8.95
CA ARG F 614 17.28 19.35 8.64
C ARG F 614 18.76 19.16 8.36
N LYS F 615 19.36 18.18 9.01
CA LYS F 615 20.75 17.82 8.74
C LYS F 615 20.80 16.87 7.56
N SER F 616 21.68 17.17 6.62
CA SER F 616 21.82 16.31 5.45
C SER F 616 22.51 15.01 5.84
N ILE F 617 22.56 14.08 4.89
CA ILE F 617 23.06 12.74 5.12
C ILE F 617 24.52 12.67 4.75
N GLY F 618 25.32 11.95 5.54
CA GLY F 618 26.74 11.79 5.25
C GLY F 618 27.71 12.39 6.26
N LEU F 619 29.00 12.13 6.05
CA LEU F 619 30.05 12.63 6.93
C LEU F 619 29.83 14.11 7.20
N ILE F 620 30.34 14.97 6.31
CA ILE F 620 30.13 16.41 6.45
C ILE F 620 28.63 16.52 6.28
N HIS F 621 28.00 17.64 6.63
CA HIS F 621 26.57 17.61 6.46
C HIS F 621 25.99 19.02 6.50
N GLN F 622 24.66 19.06 6.45
CA GLN F 622 23.83 20.25 6.28
C GLN F 622 23.98 20.75 4.85
N ASP F 623 25.02 20.29 4.15
CA ASP F 623 25.10 20.28 2.69
C ASP F 623 25.03 21.68 2.09
N ASN F 624 24.61 22.64 2.90
CA ASN F 624 24.49 24.01 2.45
C ASN F 624 23.47 24.71 3.33
N SER F 625 23.29 26.01 3.13
CA SER F 625 22.33 26.73 3.96
C SER F 625 21.02 26.63 3.19
N THR F 626 20.17 25.67 3.59
CA THR F 626 19.00 25.31 2.80
C THR F 626 18.09 26.52 2.59
N ASP F 627 17.45 26.57 1.43
CA ASP F 627 16.50 27.62 1.10
C ASP F 627 15.08 27.08 1.30
N ALA F 628 14.40 27.61 2.32
CA ALA F 628 13.00 27.24 2.53
C ALA F 628 12.08 27.83 1.48
N MET F 629 12.58 28.77 0.67
CA MET F 629 11.79 29.32 -0.42
C MET F 629 11.29 28.24 -1.37
N GLU F 630 12.02 27.13 -1.49
CA GLU F 630 11.50 25.99 -2.25
C GLU F 630 10.16 25.53 -1.68
N GLU F 631 10.09 25.29 -0.38
CA GLU F 631 8.84 24.86 0.23
C GLU F 631 7.79 25.96 0.16
N ILE F 632 8.21 27.22 0.28
CA ILE F 632 7.26 28.32 0.15
C ILE F 632 6.58 28.29 -1.21
N LYS F 633 7.37 28.14 -2.27
CA LYS F 633 6.80 28.09 -3.62
C LYS F 633 6.01 26.81 -3.82
N LYS F 634 6.39 25.73 -3.15
CA LYS F 634 5.73 24.45 -3.34
C LYS F 634 4.33 24.45 -2.73
N ILE F 635 4.22 24.82 -1.45
CA ILE F 635 2.95 24.69 -0.76
C ILE F 635 1.97 25.80 -1.13
N PHE F 636 2.46 27.00 -1.40
CA PHE F 636 1.59 28.13 -1.72
C PHE F 636 1.35 28.20 -3.21
N THR F 637 0.09 28.36 -3.59
CA THR F 637 -0.28 28.40 -5.00
C THR F 637 0.47 29.53 -5.70
N PRO F 638 1.07 29.28 -6.86
CA PRO F 638 1.70 30.38 -7.61
C PRO F 638 0.75 31.54 -7.85
N GLU F 639 -0.54 31.27 -8.08
CA GLU F 639 -1.51 32.35 -8.09
C GLU F 639 -1.55 33.06 -6.75
N PHE F 640 -1.65 32.30 -5.67
CA PHE F 640 -1.65 32.88 -4.33
C PHE F 640 -0.38 33.68 -4.09
N ARG F 641 0.76 33.18 -4.55
CA ARG F 641 2.02 33.90 -4.38
C ARG F 641 2.04 35.19 -5.19
N ASN F 642 1.45 35.18 -6.37
CA ASN F 642 1.41 36.36 -7.21
C ASN F 642 0.32 37.35 -6.81
N ARG F 643 -0.59 36.95 -5.93
CA ARG F 643 -1.60 37.86 -5.41
C ARG F 643 -1.13 38.61 -4.17
N LEU F 644 -0.10 38.13 -3.50
CA LEU F 644 0.40 38.78 -2.28
C LEU F 644 1.43 39.84 -2.64
N ASP F 645 1.69 40.73 -1.67
CA ASP F 645 2.52 41.90 -1.92
C ASP F 645 4.01 41.61 -1.69
N ASN F 646 4.36 40.91 -0.61
CA ASN F 646 5.76 40.63 -0.33
C ASN F 646 5.84 39.45 0.63
N ILE F 647 6.96 38.73 0.56
CA ILE F 647 7.28 37.63 1.45
C ILE F 647 8.43 38.06 2.34
N ILE F 648 8.14 38.31 3.61
CA ILE F 648 9.11 38.84 4.56
C ILE F 648 9.77 37.66 5.27
N TRP F 649 11.09 37.66 5.30
CA TRP F 649 11.86 36.58 5.90
C TRP F 649 12.39 36.99 7.27
N PHE F 650 12.19 36.11 8.24
CA PHE F 650 12.69 36.31 9.60
C PHE F 650 13.84 35.36 9.86
N ASP F 651 14.73 35.75 10.77
CA ASP F 651 15.90 34.95 11.11
C ASP F 651 15.90 34.66 12.61
N HIS F 652 16.77 33.74 13.00
CA HIS F 652 16.94 33.42 14.40
C HIS F 652 17.57 34.59 15.15
N LEU F 653 17.21 34.73 16.42
CA LEU F 653 17.59 35.89 17.20
C LEU F 653 19.02 35.75 17.74
N SER F 654 19.75 36.86 17.68
CA SER F 654 21.12 36.90 18.18
C SER F 654 21.13 36.85 19.70
N THR F 655 22.32 36.61 20.26
CA THR F 655 22.46 36.50 21.71
C THR F 655 22.05 37.80 22.40
N ASP F 656 22.34 38.94 21.79
CA ASP F 656 21.95 40.22 22.39
C ASP F 656 20.44 40.37 22.39
N VAL F 657 19.78 39.91 21.33
CA VAL F 657 18.32 39.98 21.28
C VAL F 657 17.71 39.09 22.35
N ILE F 658 18.25 37.89 22.52
CA ILE F 658 17.77 37.00 23.56
C ILE F 658 17.99 37.62 24.94
N HIS F 659 19.13 38.31 25.11
CA HIS F 659 19.39 38.97 26.38
C HIS F 659 18.42 40.12 26.62
N GLN F 660 18.07 40.85 25.56
CA GLN F 660 17.10 41.93 25.69
C GLN F 660 15.72 41.36 26.07
N VAL F 661 15.36 40.22 25.50
CA VAL F 661 14.11 39.58 25.85
C VAL F 661 14.12 39.13 27.30
N VAL F 662 15.23 38.50 27.72
CA VAL F 662 15.36 38.09 29.12
C VAL F 662 15.25 39.30 30.03
N ASP F 663 15.85 40.41 29.62
CA ASP F 663 15.80 41.61 30.44
C ASP F 663 14.39 42.16 30.53
N LYS F 664 13.63 42.12 29.43
CA LYS F 664 12.25 42.59 29.50
C LYS F 664 11.41 41.67 30.37
N PHE F 665 11.69 40.37 30.35
CA PHE F 665 11.02 39.44 31.25
C PHE F 665 11.32 39.80 32.70
N ILE F 666 12.58 40.06 33.01
CA ILE F 666 12.97 40.38 34.37
C ILE F 666 12.39 41.74 34.79
N VAL F 667 12.23 42.65 33.83
CA VAL F 667 11.61 43.93 34.12
C VAL F 667 10.15 43.72 34.51
N GLU F 668 9.43 42.91 33.74
CA GLU F 668 8.05 42.61 34.10
C GLU F 668 7.96 41.93 35.45
N LEU F 669 8.88 41.02 35.75
CA LEU F 669 8.87 40.34 37.04
C LEU F 669 9.16 41.31 38.18
N GLN F 670 10.09 42.25 37.96
CA GLN F 670 10.39 43.26 38.97
C GLN F 670 9.17 44.14 39.21
N VAL F 671 8.47 44.51 38.16
CA VAL F 671 7.25 45.31 38.32
C VAL F 671 6.22 44.53 39.14
N GLN F 672 6.03 43.26 38.80
CA GLN F 672 5.07 42.42 39.51
C GLN F 672 5.43 42.31 40.99
N LEU F 673 6.73 42.20 41.29
CA LEU F 673 7.15 42.04 42.67
C LEU F 673 7.08 43.35 43.44
N ASP F 674 7.32 44.47 42.77
CA ASP F 674 7.17 45.77 43.41
C ASP F 674 5.70 46.06 43.73
N GLN F 675 4.79 45.62 42.85
CA GLN F 675 3.38 45.69 43.18
C GLN F 675 3.06 44.89 44.44
N LYS F 676 3.90 43.93 44.79
CA LYS F 676 3.84 43.24 46.06
C LYS F 676 4.87 43.76 47.05
N GLY F 677 5.64 44.77 46.69
CA GLY F 677 6.64 45.34 47.57
C GLY F 677 7.99 44.66 47.56
N VAL F 678 8.11 43.54 46.87
CA VAL F 678 9.34 42.75 46.87
C VAL F 678 10.31 43.34 45.85
N SER F 679 11.56 43.47 46.25
CA SER F 679 12.61 43.94 45.34
C SER F 679 13.39 42.72 44.84
N LEU F 680 13.73 42.71 43.55
CA LEU F 680 14.32 41.56 42.88
C LEU F 680 15.73 41.89 42.46
N GLU F 681 16.68 41.03 42.84
CA GLU F 681 18.07 41.15 42.42
C GLU F 681 18.45 39.91 41.63
N VAL F 682 18.97 40.12 40.42
CA VAL F 682 19.34 39.05 39.50
C VAL F 682 20.78 39.25 39.08
N SER F 683 21.59 38.19 39.18
CA SER F 683 22.97 38.27 38.73
C SER F 683 23.03 38.31 37.21
N GLN F 684 24.23 38.57 36.69
CA GLN F 684 24.38 38.71 35.24
C GLN F 684 24.47 37.35 34.56
N GLU F 685 25.28 36.44 35.11
CA GLU F 685 25.29 35.08 34.58
C GLU F 685 23.93 34.43 34.70
N ALA F 686 23.11 34.88 35.64
CA ALA F 686 21.72 34.43 35.69
C ALA F 686 20.98 34.79 34.41
N ARG F 687 21.08 36.05 33.98
CA ARG F 687 20.47 36.45 32.73
C ARG F 687 21.07 35.71 31.55
N ASN F 688 22.39 35.52 31.54
CA ASN F 688 23.02 34.77 30.45
C ASN F 688 22.45 33.36 30.35
N TRP F 689 22.35 32.67 31.48
CA TRP F 689 21.88 31.29 31.44
C TRP F 689 20.39 31.20 31.15
N LEU F 690 19.60 32.15 31.66
CA LEU F 690 18.19 32.19 31.34
C LEU F 690 17.99 32.44 29.85
N ALA F 691 18.86 33.24 29.24
CA ALA F 691 18.81 33.44 27.80
C ALA F 691 19.21 32.17 27.06
N GLU F 692 20.21 31.46 27.59
CA GLU F 692 20.62 30.20 26.97
C GLU F 692 19.49 29.18 26.99
N LYS F 693 18.72 29.15 28.08
CA LYS F 693 17.72 28.10 28.26
C LYS F 693 16.34 28.47 27.72
N GLY F 694 16.02 29.76 27.62
CA GLY F 694 14.68 30.15 27.20
C GLY F 694 14.49 30.19 25.71
N TYR F 695 15.56 30.36 24.95
CA TYR F 695 15.47 30.40 23.50
C TYR F 695 15.61 28.99 22.92
N ASP F 696 14.79 28.70 21.92
CA ASP F 696 14.82 27.41 21.22
C ASP F 696 14.76 27.69 19.73
N ARG F 697 15.73 27.14 18.98
CA ARG F 697 15.74 27.34 17.54
C ARG F 697 14.46 26.82 16.89
N ALA F 698 13.84 25.80 17.48
CA ALA F 698 12.57 25.31 16.96
C ALA F 698 11.44 26.29 17.25
N MET F 699 11.48 26.98 18.39
CA MET F 699 10.35 27.80 18.83
C MET F 699 10.75 29.25 19.10
N GLY F 700 11.96 29.64 18.75
CA GLY F 700 12.37 31.02 18.99
C GLY F 700 12.42 31.33 20.46
N ALA F 701 11.86 32.47 20.84
CA ALA F 701 11.79 32.89 22.23
C ALA F 701 10.47 32.53 22.89
N ARG F 702 9.65 31.68 22.25
CA ARG F 702 8.38 31.27 22.84
C ARG F 702 8.53 30.53 24.16
N PRO F 703 9.45 29.58 24.33
CA PRO F 703 9.55 28.88 25.62
C PRO F 703 10.07 29.75 26.75
N MET F 704 10.48 30.98 26.47
CA MET F 704 11.08 31.83 27.49
C MET F 704 10.12 32.11 28.63
N ALA F 705 8.81 32.21 28.34
CA ALA F 705 7.84 32.46 29.40
C ALA F 705 7.89 31.36 30.45
N ARG F 706 7.73 30.11 30.03
CA ARG F 706 7.76 29.01 30.98
C ARG F 706 9.14 28.84 31.61
N VAL F 707 10.21 29.09 30.84
CA VAL F 707 11.55 28.97 31.41
C VAL F 707 11.73 29.95 32.55
N ILE F 708 11.39 31.22 32.32
CA ILE F 708 11.51 32.24 33.35
C ILE F 708 10.62 31.91 34.54
N GLN F 709 9.37 31.51 34.28
CA GLN F 709 8.47 31.16 35.37
C GLN F 709 9.07 30.08 36.25
N ASP F 710 9.40 28.92 35.65
CA ASP F 710 9.97 27.82 36.42
C ASP F 710 11.22 28.25 37.16
N ASN F 711 12.13 28.96 36.50
CA ASN F 711 13.44 29.19 37.10
C ASN F 711 13.41 30.27 38.18
N LEU F 712 12.44 31.18 38.12
CA LEU F 712 12.46 32.30 39.06
C LEU F 712 11.32 32.31 40.06
N LYS F 713 10.09 32.01 39.63
CA LYS F 713 8.92 32.36 40.43
C LYS F 713 8.50 31.29 41.42
N LYS F 714 9.04 30.07 41.33
CA LYS F 714 8.66 29.05 42.32
C LYS F 714 9.35 29.29 43.66
N PRO F 715 10.67 29.48 43.74
CA PRO F 715 11.25 29.85 45.04
C PRO F 715 10.69 31.15 45.57
N LEU F 716 10.22 32.03 44.69
CA LEU F 716 9.51 33.22 45.16
C LEU F 716 8.26 32.86 45.96
N ALA F 717 7.44 31.96 45.41
CA ALA F 717 6.25 31.52 46.13
C ALA F 717 6.64 30.81 47.43
N ASN F 718 7.71 30.01 47.38
CA ASN F 718 8.19 29.37 48.61
C ASN F 718 8.53 30.40 49.68
N GLU F 719 9.36 31.38 49.34
CA GLU F 719 9.82 32.34 50.33
C GLU F 719 8.70 33.27 50.78
N LEU F 720 7.67 33.44 49.94
CA LEU F 720 6.56 34.30 50.33
C LEU F 720 5.60 33.58 51.25
N LEU F 721 5.11 32.40 50.85
CA LEU F 721 4.09 31.73 51.62
C LEU F 721 4.64 31.12 52.90
N PHE F 722 5.95 30.90 52.97
CA PHE F 722 6.57 30.40 54.19
C PHE F 722 6.98 31.53 55.13
N GLY F 723 6.72 32.78 54.76
CA GLY F 723 6.86 33.88 55.69
C GLY F 723 8.22 34.54 55.76
N SER F 724 9.21 34.05 54.99
CA SER F 724 10.49 34.76 54.95
C SER F 724 10.31 36.12 54.30
N LEU F 725 9.75 36.16 53.10
CA LEU F 725 9.19 37.38 52.53
C LEU F 725 7.71 37.42 52.88
N VAL F 726 7.23 38.60 53.27
CA VAL F 726 5.86 38.71 53.76
C VAL F 726 5.07 39.73 52.96
N ASP F 727 5.61 40.95 52.83
CA ASP F 727 4.96 42.03 52.11
C ASP F 727 5.96 42.81 51.27
N GLY F 728 7.16 42.28 51.11
CA GLY F 728 8.22 42.97 50.42
C GLY F 728 9.56 42.40 50.84
N GLY F 729 10.61 43.10 50.46
CA GLY F 729 11.94 42.71 50.83
C GLY F 729 12.81 42.57 49.59
N GLN F 730 13.99 41.99 49.81
CA GLN F 730 14.98 41.83 48.75
C GLN F 730 15.25 40.35 48.54
N VAL F 731 15.34 39.96 47.27
CA VAL F 731 15.71 38.61 46.90
C VAL F 731 16.87 38.67 45.92
N THR F 732 17.93 37.95 46.24
CA THR F 732 19.10 37.88 45.37
C THR F 732 19.16 36.48 44.76
N VAL F 733 19.01 36.40 43.44
CA VAL F 733 19.17 35.16 42.72
C VAL F 733 20.51 35.18 42.00
N ALA F 734 21.30 34.14 42.20
CA ALA F 734 22.59 34.01 41.54
C ALA F 734 22.74 32.57 41.08
N LEU F 735 23.85 32.29 40.40
CA LEU F 735 24.16 30.95 39.93
C LEU F 735 25.61 30.62 40.22
N ASP F 736 25.83 29.38 40.63
CA ASP F 736 27.17 28.83 40.70
C ASP F 736 27.56 28.30 39.32
N LYS F 737 28.63 27.52 39.25
CA LYS F 737 28.95 26.84 38.01
C LYS F 737 27.85 25.87 37.60
N GLU F 738 27.10 25.32 38.55
CA GLU F 738 25.99 24.43 38.28
C GLU F 738 24.71 25.18 37.92
N LYS F 739 24.76 26.51 37.85
CA LYS F 739 23.60 27.33 37.51
C LYS F 739 22.44 27.08 38.48
N ASN F 740 22.77 26.66 39.70
CA ASN F 740 21.76 26.47 40.73
C ASN F 740 21.09 27.79 41.06
N GLU F 741 19.77 27.75 41.25
CA GLU F 741 19.01 28.95 41.55
C GLU F 741 19.31 29.39 42.97
N LEU F 742 20.36 30.19 43.13
CA LEU F 742 20.80 30.67 44.44
C LEU F 742 19.87 31.81 44.85
N THR F 743 18.67 31.45 45.29
CA THR F 743 17.65 32.42 45.68
C THR F 743 17.66 32.58 47.19
N TYR F 744 17.96 33.80 47.65
CA TYR F 744 18.06 34.10 49.07
C TYR F 744 17.08 35.19 49.44
N GLY F 745 16.30 34.93 50.49
CA GLY F 745 15.22 35.80 50.89
C GLY F 745 15.68 37.01 51.67
N PHE F 746 14.72 37.67 52.29
CA PHE F 746 14.94 38.90 53.06
C PHE F 746 15.96 38.71 54.18
N UNK G 1 -10.90 7.07 2.22
CA UNK G 1 -12.33 7.11 1.95
C UNK G 1 -13.06 7.97 3.00
N UNK G 2 -13.56 7.31 4.04
CA UNK G 2 -14.28 8.02 5.10
C UNK G 2 -15.40 8.87 4.53
N UNK G 3 -16.09 9.60 5.42
CA UNK G 3 -17.19 10.46 5.01
C UNK G 3 -18.39 10.31 5.93
N UNK G 4 -19.50 10.93 5.55
CA UNK G 4 -20.82 10.66 6.14
C UNK G 4 -20.91 11.04 7.61
N UNK G 5 -20.12 12.00 8.06
CA UNK G 5 -20.29 12.50 9.41
C UNK G 5 -21.03 13.84 9.37
N UNK G 6 -22.34 13.78 9.19
CA UNK G 6 -23.15 15.00 9.21
C UNK G 6 -24.49 14.67 9.84
N UNK G 7 -24.55 14.82 11.15
CA UNK G 7 -25.77 14.58 11.89
C UNK G 7 -26.42 15.92 12.18
N UNK G 8 -27.71 16.01 11.87
CA UNK G 8 -28.45 17.26 12.07
C UNK G 8 -29.22 17.18 13.39
N UNK G 9 -29.34 18.33 14.05
CA UNK G 9 -30.04 18.40 15.32
C UNK G 9 -31.26 19.29 15.15
N UNK G 10 -32.28 19.03 15.97
CA UNK G 10 -33.53 19.77 15.87
C UNK G 10 -33.98 20.17 17.27
N UNK G 11 -34.79 21.23 17.34
CA UNK G 11 -35.25 21.75 18.61
C UNK G 11 -36.45 22.68 18.43
N UNK G 12 -37.25 22.87 19.49
CA UNK G 12 -38.39 23.78 19.44
C UNK G 12 -38.94 23.97 20.85
N UNK G 13 -39.91 24.87 20.96
CA UNK G 13 -40.63 25.11 22.21
C UNK G 13 -41.84 25.99 21.95
N UNK G 14 -42.71 26.07 22.96
CA UNK G 14 -43.90 26.91 22.92
C UNK G 14 -44.47 27.01 24.32
N UNK G 15 -45.46 27.89 24.48
CA UNK G 15 -46.11 28.09 25.76
C UNK G 15 -47.39 28.91 25.57
N UNK G 16 -48.22 28.94 26.61
CA UNK G 16 -49.47 29.68 26.62
C UNK G 16 -49.75 30.18 28.03
N UNK G 17 -50.74 31.06 28.16
CA UNK G 17 -51.05 31.63 29.46
C UNK G 17 -52.56 31.64 29.72
N UNK G 18 -52.92 32.17 30.89
CA UNK G 18 -54.31 32.28 31.31
C UNK G 18 -54.48 33.55 32.13
N UNK G 19 -55.75 33.91 32.38
CA UNK G 19 -56.07 35.12 33.12
C UNK G 19 -56.85 34.77 34.39
N UNK G 20 -56.77 35.68 35.37
CA UNK G 20 -57.44 35.51 36.66
C UNK G 20 -58.10 36.83 37.06
N UNK G 21 -58.83 37.44 36.13
CA UNK G 21 -59.40 38.75 36.36
C UNK G 21 -60.38 38.74 37.53
N UNK G 22 -60.74 39.94 37.99
CA UNK G 22 -61.53 40.13 39.19
C UNK G 22 -62.57 41.21 38.98
N UNK G 23 -63.42 41.39 39.99
CA UNK G 23 -64.45 42.42 39.93
C UNK G 23 -63.89 43.75 40.43
N UNK G 24 -64.71 44.79 40.33
CA UNK G 24 -64.31 46.12 40.77
C UNK G 24 -65.46 46.83 41.48
N ALA H 15 7.15 -15.70 -10.99
CA ALA H 15 8.32 -16.40 -11.50
C ALA H 15 8.31 -17.85 -11.05
N LEU H 16 9.48 -18.35 -10.63
CA LEU H 16 9.56 -19.73 -10.14
C LEU H 16 8.77 -19.89 -8.85
N VAL H 17 8.75 -18.87 -8.01
CA VAL H 17 8.02 -18.89 -6.75
C VAL H 17 6.63 -18.31 -7.00
N PRO H 18 5.56 -19.08 -6.79
CA PRO H 18 4.22 -18.59 -7.10
C PRO H 18 3.72 -17.62 -6.04
N MET H 19 2.84 -16.73 -6.47
CA MET H 19 2.21 -15.76 -5.60
C MET H 19 0.84 -16.26 -5.17
N VAL H 20 0.39 -15.79 -4.01
CA VAL H 20 -0.88 -16.20 -3.44
C VAL H 20 -1.64 -14.95 -3.00
N ILE H 21 -2.94 -15.11 -2.76
CA ILE H 21 -3.84 -14.01 -2.44
C ILE H 21 -4.46 -14.26 -1.07
N GLU H 22 -4.49 -13.22 -0.25
CA GLU H 22 -5.05 -13.29 1.10
C GLU H 22 -5.93 -12.08 1.36
N GLN H 23 -7.07 -12.32 1.99
CA GLN H 23 -8.06 -11.28 2.26
C GLN H 23 -8.17 -11.07 3.76
N THR H 24 -7.51 -10.04 4.28
CA THR H 24 -7.58 -9.75 5.71
C THR H 24 -8.26 -8.42 5.98
N SER H 25 -7.72 -7.32 5.44
CA SER H 25 -8.27 -6.01 5.72
C SER H 25 -8.84 -5.38 4.45
N ARG H 26 -8.02 -5.26 3.40
CA ARG H 26 -8.53 -4.76 2.14
C ARG H 26 -8.66 -5.90 1.12
N GLY H 27 -8.09 -7.06 1.42
CA GLY H 27 -8.16 -8.18 0.52
C GLY H 27 -7.14 -8.09 -0.60
N GLU H 28 -7.01 -9.20 -1.31
CA GLU H 28 -6.11 -9.31 -2.47
C GLU H 28 -4.68 -8.94 -2.09
N ARG H 29 -4.27 -9.38 -0.90
CA ARG H 29 -2.90 -9.16 -0.44
C ARG H 29 -2.00 -10.22 -1.07
N SER H 30 -1.25 -9.82 -2.08
CA SER H 30 -0.43 -10.74 -2.85
C SER H 30 0.91 -10.93 -2.16
N PHE H 31 1.18 -12.16 -1.73
CA PHE H 31 2.47 -12.53 -1.18
C PHE H 31 3.05 -13.66 -2.01
N ASP H 32 4.38 -13.73 -2.05
CA ASP H 32 5.00 -14.98 -2.45
C ASP H 32 4.67 -16.05 -1.41
N ILE H 33 4.81 -17.31 -1.81
CA ILE H 33 4.41 -18.39 -0.91
C ILE H 33 5.26 -18.39 0.36
N TYR H 34 6.55 -18.08 0.24
CA TYR H 34 7.41 -18.08 1.41
C TYR H 34 7.05 -16.96 2.37
N SER H 35 6.77 -15.76 1.84
CA SER H 35 6.30 -14.70 2.70
C SER H 35 4.93 -15.02 3.28
N ARG H 36 4.08 -15.70 2.50
CA ARG H 36 2.76 -16.07 2.99
C ARG H 36 2.86 -17.04 4.16
N LEU H 37 3.87 -17.91 4.16
CA LEU H 37 4.03 -18.81 5.30
C LEU H 37 4.76 -18.15 6.45
N LEU H 38 5.75 -17.32 6.17
CA LEU H 38 6.39 -16.56 7.22
C LEU H 38 5.36 -15.75 8.01
N LYS H 39 4.33 -15.24 7.33
CA LYS H 39 3.25 -14.59 8.04
C LYS H 39 2.59 -15.51 9.06
N GLU H 40 2.65 -16.83 8.85
CA GLU H 40 2.12 -17.79 9.80
C GLU H 40 3.18 -18.32 10.75
N ARG H 41 4.29 -17.60 10.90
CA ARG H 41 5.33 -17.96 11.87
C ARG H 41 5.93 -19.33 11.60
N VAL H 42 6.13 -19.65 10.31
CA VAL H 42 6.81 -20.87 9.90
C VAL H 42 7.96 -20.48 8.99
N ILE H 43 9.13 -21.06 9.24
CA ILE H 43 10.36 -20.73 8.53
C ILE H 43 10.92 -22.00 7.93
N PHE H 44 11.49 -21.89 6.74
CA PHE H 44 12.08 -23.02 6.04
C PHE H 44 13.59 -22.91 6.07
N LEU H 45 14.26 -24.04 6.29
CA LEU H 45 15.71 -24.13 6.25
C LEU H 45 16.05 -25.27 5.29
N THR H 46 16.60 -24.93 4.14
CA THR H 46 16.89 -25.92 3.11
C THR H 46 18.29 -25.71 2.57
N GLY H 47 18.79 -26.73 1.88
CA GLY H 47 20.12 -26.67 1.32
C GLY H 47 21.19 -26.58 2.39
N GLN H 48 22.41 -26.31 1.96
CA GLN H 48 23.52 -26.16 2.88
C GLN H 48 23.32 -24.94 3.75
N VAL H 49 23.87 -25.00 4.96
CA VAL H 49 23.83 -23.86 5.87
C VAL H 49 25.04 -22.98 5.61
N GLU H 50 24.80 -21.78 5.12
CA GLU H 50 25.87 -20.84 4.81
C GLU H 50 25.56 -19.51 5.48
N ASP H 51 26.43 -18.54 5.26
CA ASP H 51 26.34 -17.27 5.98
C ASP H 51 25.06 -16.53 5.63
N HIS H 52 24.79 -16.33 4.34
CA HIS H 52 23.66 -15.49 3.94
C HIS H 52 22.33 -16.14 4.27
N MET H 53 22.19 -17.44 4.00
CA MET H 53 20.94 -18.13 4.30
C MET H 53 20.68 -18.15 5.81
N ALA H 54 21.71 -18.46 6.60
CA ALA H 54 21.54 -18.45 8.04
C ALA H 54 21.21 -17.06 8.55
N ASN H 55 21.80 -16.04 7.96
CA ASN H 55 21.47 -14.68 8.37
C ASN H 55 20.04 -14.33 8.03
N LEU H 56 19.56 -14.81 6.88
CA LEU H 56 18.15 -14.64 6.53
C LEU H 56 17.25 -15.31 7.56
N ILE H 57 17.61 -16.53 7.97
CA ILE H 57 16.84 -17.23 8.99
C ILE H 57 16.84 -16.44 10.30
N VAL H 58 17.99 -15.89 10.66
CA VAL H 58 18.08 -15.12 11.90
C VAL H 58 17.18 -13.89 11.82
N ALA H 59 17.21 -13.20 10.69
CA ALA H 59 16.34 -12.03 10.52
C ALA H 59 14.88 -12.41 10.64
N GLN H 60 14.49 -13.51 10.01
CA GLN H 60 13.11 -13.95 10.11
C GLN H 60 12.73 -14.29 11.55
N MET H 61 13.62 -14.94 12.28
CA MET H 61 13.33 -15.30 13.66
C MET H 61 13.20 -14.06 14.53
N LEU H 62 14.07 -13.08 14.33
CA LEU H 62 13.98 -11.84 15.09
C LEU H 62 12.67 -11.11 14.80
N PHE H 63 12.28 -11.06 13.52
CA PHE H 63 11.02 -10.41 13.18
C PHE H 63 9.84 -11.13 13.82
N LEU H 64 9.85 -12.47 13.78
CA LEU H 64 8.76 -13.24 14.34
C LEU H 64 8.68 -13.05 15.84
N GLU H 65 9.84 -12.94 16.51
CA GLU H 65 9.84 -12.65 17.93
C GLU H 65 9.24 -11.27 18.21
N ALA H 66 9.63 -10.27 17.40
CA ALA H 66 9.08 -8.93 17.59
C ALA H 66 7.58 -8.91 17.31
N GLU H 67 7.10 -9.83 16.47
CA GLU H 67 5.68 -9.86 16.17
C GLU H 67 4.87 -10.32 17.37
N ASN H 68 5.19 -11.48 17.91
CA ASN H 68 4.48 -12.01 19.07
C ASN H 68 5.43 -12.89 19.86
N PRO H 69 6.03 -12.38 20.94
CA PRO H 69 7.03 -13.17 21.67
C PRO H 69 6.46 -14.38 22.38
N GLU H 70 5.15 -14.60 22.32
CA GLU H 70 4.53 -15.73 23.01
C GLU H 70 4.23 -16.90 22.10
N LYS H 71 3.91 -16.64 20.83
CA LYS H 71 3.55 -17.70 19.91
C LYS H 71 4.80 -18.43 19.42
N ASP H 72 4.66 -19.74 19.21
CA ASP H 72 5.79 -20.55 18.81
C ASP H 72 6.23 -20.20 17.39
N ILE H 73 7.45 -20.61 17.07
CA ILE H 73 8.03 -20.45 15.73
C ILE H 73 8.39 -21.83 15.22
N TYR H 74 8.00 -22.14 13.99
CA TYR H 74 8.19 -23.46 13.42
C TYR H 74 9.26 -23.39 12.33
N LEU H 75 10.34 -24.12 12.53
CA LEU H 75 11.47 -24.13 11.61
C LEU H 75 11.52 -25.48 10.92
N TYR H 76 11.03 -25.53 9.69
CA TYR H 76 11.02 -26.75 8.90
C TYR H 76 12.41 -26.98 8.34
N ILE H 77 13.08 -28.03 8.81
CA ILE H 77 14.48 -28.28 8.53
C ILE H 77 14.60 -29.38 7.50
N ASN H 78 15.32 -29.10 6.41
CA ASN H 78 15.68 -30.10 5.42
C ASN H 78 17.03 -29.68 4.85
N SER H 79 18.11 -30.19 5.44
CA SER H 79 19.42 -29.68 5.09
C SER H 79 20.46 -30.78 5.11
N PRO H 80 21.35 -30.83 4.11
CA PRO H 80 22.47 -31.78 4.14
C PRO H 80 23.66 -31.31 4.95
N GLY H 81 23.50 -30.29 5.78
CA GLY H 81 24.58 -29.79 6.58
C GLY H 81 24.91 -28.35 6.26
N GLY H 82 26.17 -27.99 6.49
CA GLY H 82 26.63 -26.65 6.23
C GLY H 82 27.82 -26.32 7.11
N VAL H 83 28.18 -25.04 7.14
CA VAL H 83 29.28 -24.57 7.96
C VAL H 83 28.83 -24.50 9.41
N ILE H 84 29.73 -24.86 10.32
CA ILE H 84 29.36 -24.95 11.73
C ILE H 84 29.02 -23.59 12.30
N THR H 85 29.68 -22.54 11.78
CA THR H 85 29.52 -21.21 12.37
C THR H 85 28.12 -20.65 12.12
N ALA H 86 27.61 -20.79 10.89
CA ALA H 86 26.27 -20.32 10.61
C ALA H 86 25.23 -21.09 11.40
N GLY H 87 25.42 -22.41 11.53
CA GLY H 87 24.54 -23.18 12.38
C GLY H 87 24.59 -22.72 13.83
N MET H 88 25.77 -22.35 14.30
CA MET H 88 25.89 -21.83 15.66
C MET H 88 25.17 -20.51 15.82
N SER H 89 25.24 -19.67 14.79
CA SER H 89 24.48 -18.42 14.81
C SER H 89 22.99 -18.70 14.93
N ILE H 90 22.48 -19.63 14.12
CA ILE H 90 21.06 -19.95 14.17
C ILE H 90 20.69 -20.52 15.53
N TYR H 91 21.56 -21.38 16.08
CA TYR H 91 21.26 -22.00 17.36
C TYR H 91 21.23 -20.97 18.48
N ASP H 92 22.19 -20.04 18.47
CA ASP H 92 22.21 -19.00 19.48
C ASP H 92 20.99 -18.10 19.35
N THR H 93 20.57 -17.80 18.13
CA THR H 93 19.37 -16.99 17.95
C THR H 93 18.14 -17.73 18.47
N MET H 94 18.08 -19.04 18.25
CA MET H 94 16.97 -19.83 18.78
C MET H 94 16.95 -19.82 20.29
N GLN H 95 18.12 -19.97 20.91
CA GLN H 95 18.17 -19.97 22.37
C GLN H 95 17.85 -18.61 22.96
N PHE H 96 18.27 -17.53 22.29
CA PHE H 96 18.13 -16.21 22.88
C PHE H 96 16.68 -15.75 22.89
N ILE H 97 15.97 -15.94 21.77
CA ILE H 97 14.64 -15.38 21.64
C ILE H 97 13.70 -16.01 22.67
N LYS H 98 12.71 -15.23 23.09
CA LYS H 98 11.77 -15.71 24.10
C LYS H 98 10.84 -16.80 23.60
N PRO H 99 10.13 -16.64 22.47
CA PRO H 99 9.20 -17.69 22.05
C PRO H 99 9.90 -19.00 21.74
N ASP H 100 9.13 -20.08 21.83
CA ASP H 100 9.66 -21.42 21.60
C ASP H 100 9.77 -21.72 20.11
N VAL H 101 10.87 -22.36 19.73
CA VAL H 101 11.13 -22.71 18.35
C VAL H 101 10.90 -24.21 18.19
N SER H 102 9.87 -24.56 17.42
CA SER H 102 9.54 -25.96 17.15
C SER H 102 10.17 -26.36 15.82
N THR H 103 11.18 -27.23 15.90
CA THR H 103 11.88 -27.70 14.71
C THR H 103 11.24 -28.98 14.19
N ILE H 104 10.94 -29.00 12.90
CA ILE H 104 10.32 -30.16 12.25
C ILE H 104 11.24 -30.61 11.14
N CYS H 105 11.77 -31.82 11.26
CA CYS H 105 12.70 -32.35 10.28
C CYS H 105 11.95 -33.17 9.25
N MET H 106 11.81 -32.61 8.05
CA MET H 106 11.24 -33.32 6.92
C MET H 106 12.33 -33.50 5.88
N GLY H 107 12.18 -34.54 5.06
CA GLY H 107 13.27 -34.87 4.17
C GLY H 107 14.40 -35.51 4.96
N GLN H 108 15.47 -34.75 5.18
CA GLN H 108 16.58 -35.24 5.96
C GLN H 108 17.32 -34.07 6.60
N ALA H 109 18.07 -34.37 7.65
CA ALA H 109 18.84 -33.37 8.38
C ALA H 109 20.18 -33.99 8.75
N ALA H 110 21.25 -33.47 8.17
CA ALA H 110 22.60 -33.93 8.44
C ALA H 110 23.17 -33.17 9.63
N SER H 111 24.48 -33.29 9.83
CA SER H 111 25.15 -32.86 11.06
C SER H 111 24.66 -31.52 11.57
N MET H 112 24.83 -30.46 10.78
CA MET H 112 24.36 -29.16 11.21
C MET H 112 22.85 -29.10 11.25
N GLY H 113 22.19 -29.69 10.25
CA GLY H 113 20.75 -29.73 10.25
C GLY H 113 20.19 -30.53 11.41
N ALA H 114 20.79 -31.69 11.69
CA ALA H 114 20.34 -32.48 12.82
C ALA H 114 20.55 -31.74 14.12
N PHE H 115 21.67 -31.03 14.26
CA PHE H 115 21.92 -30.26 15.46
C PHE H 115 20.88 -29.18 15.64
N LEU H 116 20.59 -28.43 14.58
CA LEU H 116 19.57 -27.39 14.68
C LEU H 116 18.20 -27.98 14.95
N LEU H 117 17.95 -29.21 14.49
CA LEU H 117 16.69 -29.87 14.77
C LEU H 117 16.57 -30.20 16.24
N THR H 118 17.58 -30.88 16.79
CA THR H 118 17.52 -31.28 18.19
C THR H 118 17.58 -30.08 19.13
N ALA H 119 17.97 -28.91 18.62
CA ALA H 119 18.05 -27.71 19.43
C ALA H 119 16.71 -27.02 19.61
N GLY H 120 15.63 -27.60 19.13
CA GLY H 120 14.33 -26.98 19.28
C GLY H 120 13.87 -26.96 20.72
N ALA H 121 12.72 -26.32 20.92
CA ALA H 121 12.14 -26.24 22.25
C ALA H 121 11.81 -27.63 22.78
N LYS H 122 12.20 -27.88 24.02
CA LYS H 122 11.99 -29.20 24.62
C LYS H 122 10.52 -29.57 24.59
N GLY H 123 10.22 -30.76 24.08
CA GLY H 123 8.86 -31.20 23.90
C GLY H 123 8.25 -30.83 22.56
N LYS H 124 8.97 -30.11 21.72
CA LYS H 124 8.44 -29.65 20.44
C LYS H 124 9.36 -29.98 19.27
N ARG H 125 10.31 -30.90 19.45
CA ARG H 125 11.15 -31.35 18.35
C ARG H 125 10.49 -32.55 17.69
N PHE H 126 10.01 -32.35 16.47
CA PHE H 126 9.28 -33.38 15.74
C PHE H 126 10.07 -33.82 14.53
N CYS H 127 9.63 -34.93 13.94
CA CYS H 127 10.18 -35.41 12.68
C CYS H 127 9.10 -36.20 11.96
N LEU H 128 9.28 -36.35 10.67
CA LEU H 128 8.30 -37.05 9.86
C LEU H 128 8.66 -38.52 9.74
N PRO H 129 7.66 -39.39 9.52
CA PRO H 129 7.90 -40.84 9.66
C PRO H 129 8.99 -41.39 8.78
N ASN H 130 9.23 -40.80 7.61
CA ASN H 130 10.25 -41.29 6.70
C ASN H 130 11.48 -40.38 6.65
N SER H 131 11.52 -39.36 7.49
CA SER H 131 12.66 -38.46 7.52
C SER H 131 13.91 -39.22 7.99
N ARG H 132 15.06 -38.72 7.58
CA ARG H 132 16.34 -39.32 7.94
C ARG H 132 17.17 -38.31 8.73
N VAL H 133 17.87 -38.80 9.73
CA VAL H 133 18.72 -37.97 10.58
C VAL H 133 20.11 -38.58 10.61
N MET H 134 21.12 -37.75 10.39
CA MET H 134 22.50 -38.19 10.41
C MET H 134 23.33 -37.20 11.22
N ILE H 135 24.24 -37.72 12.04
CA ILE H 135 25.09 -36.91 12.88
C ILE H 135 26.52 -37.41 12.75
N HIS H 136 27.47 -36.49 12.89
CA HIS H 136 28.89 -36.84 12.82
C HIS H 136 29.70 -35.69 13.40
N GLN H 137 30.96 -36.00 13.70
CA GLN H 137 31.86 -34.97 14.18
C GLN H 137 32.10 -33.93 13.09
N PRO H 138 32.33 -32.67 13.47
CA PRO H 138 32.51 -31.62 12.46
C PRO H 138 33.75 -31.87 11.61
N LEU H 139 33.67 -31.43 10.36
CA LEU H 139 34.75 -31.55 9.40
C LEU H 139 35.45 -30.22 9.22
N GLY H 140 36.64 -30.28 8.65
CA GLY H 140 37.40 -29.07 8.40
C GLY H 140 38.77 -29.40 7.90
N GLY H 141 39.69 -28.46 8.11
CA GLY H 141 41.07 -28.69 7.71
C GLY H 141 41.79 -27.37 7.54
N TYR H 142 43.09 -27.49 7.27
CA TYR H 142 43.93 -26.32 7.09
C TYR H 142 45.23 -26.73 6.43
N GLN H 143 45.82 -25.80 5.69
CA GLN H 143 47.12 -25.99 5.06
C GLN H 143 48.02 -24.82 5.42
N GLY H 144 49.25 -25.12 5.81
CA GLY H 144 50.19 -24.07 6.14
C GLY H 144 51.31 -24.60 7.01
N GLN H 145 51.87 -23.69 7.82
CA GLN H 145 52.97 -24.03 8.69
C GLN H 145 52.48 -24.88 9.86
N ALA H 146 53.43 -25.58 10.50
CA ALA H 146 53.08 -26.51 11.57
C ALA H 146 52.39 -25.80 12.72
N THR H 147 52.83 -24.58 13.06
CA THR H 147 52.24 -23.86 14.18
C THR H 147 50.79 -23.49 13.89
N ASP H 148 50.53 -22.94 12.72
CA ASP H 148 49.16 -22.64 12.34
C ASP H 148 48.31 -23.90 12.25
N ILE H 149 48.91 -25.01 11.78
CA ILE H 149 48.20 -26.28 11.75
C ILE H 149 47.76 -26.66 13.15
N GLU H 150 48.66 -26.57 14.13
CA GLU H 150 48.33 -26.90 15.50
C GLU H 150 47.24 -25.99 16.04
N ILE H 151 47.33 -24.69 15.74
CA ILE H 151 46.33 -23.75 16.22
C ILE H 151 44.96 -24.12 15.68
N HIS H 152 44.86 -24.35 14.37
CA HIS H 152 43.57 -24.68 13.77
C HIS H 152 43.06 -26.02 14.27
N ALA H 153 43.95 -26.97 14.52
CA ALA H 153 43.52 -28.27 15.04
C ALA H 153 42.94 -28.13 16.43
N ARG H 154 43.62 -27.39 17.31
CA ARG H 154 43.07 -27.16 18.64
C ARG H 154 41.74 -26.43 18.58
N GLU H 155 41.62 -25.48 17.64
CA GLU H 155 40.37 -24.76 17.52
C GLU H 155 39.23 -25.69 17.10
N ILE H 156 39.47 -26.52 16.10
CA ILE H 156 38.41 -27.42 15.64
C ILE H 156 38.10 -28.46 16.71
N LEU H 157 39.08 -28.83 17.52
CA LEU H 157 38.80 -29.77 18.60
C LEU H 157 37.93 -29.12 19.68
N LYS H 158 38.20 -27.85 19.98
CA LYS H 158 37.32 -27.12 20.89
C LYS H 158 35.90 -27.04 20.33
N VAL H 159 35.79 -26.80 19.02
CA VAL H 159 34.46 -26.74 18.40
C VAL H 159 33.76 -28.09 18.53
N LYS H 160 34.48 -29.18 18.27
CA LYS H 160 33.88 -30.50 18.39
C LYS H 160 33.43 -30.78 19.82
N GLY H 161 34.25 -30.40 20.80
CA GLY H 161 33.85 -30.58 22.18
C GLY H 161 32.60 -29.79 22.53
N ARG H 162 32.53 -28.55 22.06
CA ARG H 162 31.35 -27.72 22.33
C ARG H 162 30.11 -28.32 21.68
N MET H 163 30.24 -28.82 20.46
CA MET H 163 29.12 -29.46 19.79
C MET H 163 28.65 -30.68 20.56
N ASN H 164 29.59 -31.50 21.02
CA ASN H 164 29.22 -32.69 21.79
C ASN H 164 28.52 -32.30 23.09
N GLU H 165 29.01 -31.26 23.76
CA GLU H 165 28.37 -30.82 24.99
C GLU H 165 26.94 -30.35 24.72
N LEU H 166 26.75 -29.57 23.67
CA LEU H 166 25.41 -29.07 23.37
C LEU H 166 24.47 -30.21 22.99
N MET H 167 24.97 -31.19 22.24
CA MET H 167 24.13 -32.32 21.87
C MET H 167 23.76 -33.15 23.08
N ALA H 168 24.72 -33.39 23.98
CA ALA H 168 24.44 -34.13 25.19
C ALA H 168 23.44 -33.38 26.06
N LEU H 169 23.52 -32.05 26.06
CA LEU H 169 22.55 -31.26 26.82
C LEU H 169 21.15 -31.39 26.23
N HIS H 170 21.04 -31.28 24.91
CA HIS H 170 19.72 -31.22 24.30
C HIS H 170 19.07 -32.59 24.16
N THR H 171 19.86 -33.66 24.08
CA THR H 171 19.30 -35.00 23.94
C THR H 171 19.19 -35.74 25.25
N GLY H 172 19.90 -35.31 26.29
CA GLY H 172 19.92 -36.00 27.55
C GLY H 172 20.88 -37.15 27.63
N GLN H 173 21.54 -37.50 26.52
CA GLN H 173 22.51 -38.58 26.54
C GLN H 173 23.78 -38.14 27.25
N SER H 174 24.58 -39.11 27.65
CA SER H 174 25.86 -38.80 28.28
C SER H 174 26.83 -38.23 27.26
N LEU H 175 27.75 -37.40 27.74
CA LEU H 175 28.75 -36.82 26.86
C LEU H 175 29.60 -37.90 26.21
N GLU H 176 29.97 -38.93 26.97
CA GLU H 176 30.73 -40.03 26.40
C GLU H 176 29.91 -40.78 25.36
N GLN H 177 28.59 -40.85 25.57
CA GLN H 177 27.74 -41.52 24.58
C GLN H 177 27.74 -40.76 23.26
N ILE H 178 27.58 -39.45 23.30
CA ILE H 178 27.63 -38.65 22.09
C ILE H 178 29.00 -38.75 21.44
N GLU H 179 30.05 -38.76 22.26
CA GLU H 179 31.41 -38.84 21.72
C GLU H 179 31.64 -40.14 20.98
N ARG H 180 31.17 -41.26 21.56
CA ARG H 180 31.39 -42.54 20.90
C ARG H 180 30.42 -42.75 19.75
N ASP H 181 29.30 -42.03 19.74
CA ASP H 181 28.33 -42.20 18.66
C ASP H 181 28.71 -41.41 17.42
N THR H 182 29.11 -40.15 17.58
CA THR H 182 29.40 -39.30 16.44
C THR H 182 30.82 -39.44 15.93
N GLU H 183 31.53 -40.50 16.33
CA GLU H 183 32.87 -40.73 15.78
C GLU H 183 32.82 -40.93 14.27
N ARG H 184 31.77 -41.60 13.79
CA ARG H 184 31.54 -41.78 12.36
C ARG H 184 30.14 -41.31 12.02
N ASP H 185 29.85 -41.26 10.73
CA ASP H 185 28.49 -40.97 10.28
C ASP H 185 27.53 -42.00 10.85
N ARG H 186 26.54 -41.53 11.59
CA ARG H 186 25.52 -42.40 12.16
C ARG H 186 24.16 -41.93 11.69
N PHE H 187 23.47 -42.78 10.94
CA PHE H 187 22.14 -42.47 10.44
C PHE H 187 21.08 -42.95 11.43
N LEU H 188 19.97 -42.23 11.50
CA LEU H 188 18.88 -42.57 12.39
C LEU H 188 17.56 -42.39 11.66
N SER H 189 16.70 -43.39 11.72
CA SER H 189 15.34 -43.24 11.24
C SER H 189 14.54 -42.40 12.23
N ALA H 190 13.28 -42.17 11.91
CA ALA H 190 12.41 -41.41 12.80
C ALA H 190 12.21 -42.08 14.16
N PRO H 191 11.86 -43.36 14.25
CA PRO H 191 11.78 -43.99 15.58
C PRO H 191 13.12 -44.07 16.28
N GLU H 192 14.20 -44.35 15.56
CA GLU H 192 15.52 -44.33 16.18
C GLU H 192 15.85 -42.95 16.71
N ALA H 193 15.47 -41.89 16.00
CA ALA H 193 15.71 -40.54 16.49
C ALA H 193 14.89 -40.25 17.73
N VAL H 194 13.63 -40.71 17.75
CA VAL H 194 12.81 -40.50 18.94
C VAL H 194 13.41 -41.21 20.14
N GLU H 195 13.84 -42.45 19.96
CA GLU H 195 14.44 -43.19 21.07
C GLU H 195 15.76 -42.58 21.50
N TYR H 196 16.52 -42.03 20.55
CA TYR H 196 17.81 -41.44 20.88
C TYR H 196 17.64 -40.14 21.66
N GLY H 197 16.51 -39.47 21.47
CA GLY H 197 16.24 -38.22 22.15
C GLY H 197 16.39 -36.98 21.29
N LEU H 198 16.77 -37.14 20.02
CA LEU H 198 16.91 -35.97 19.14
C LEU H 198 15.58 -35.27 18.94
N VAL H 199 14.51 -36.02 18.78
CA VAL H 199 13.18 -35.46 18.58
C VAL H 199 12.27 -35.99 19.68
N ASP H 200 11.15 -35.31 19.86
CA ASP H 200 10.20 -35.66 20.91
C ASP H 200 9.16 -36.66 20.44
N SER H 201 8.67 -36.51 19.22
CA SER H 201 7.66 -37.42 18.70
C SER H 201 7.66 -37.33 17.18
N ILE H 202 6.94 -38.26 16.55
CA ILE H 202 6.83 -38.34 15.10
C ILE H 202 5.44 -37.89 14.71
N LEU H 203 5.37 -36.95 13.77
CA LEU H 203 4.09 -36.49 13.24
C LEU H 203 3.56 -37.50 12.25
N THR H 204 2.31 -37.93 12.46
CA THR H 204 1.71 -38.98 11.63
C THR H 204 0.57 -38.45 10.76
N HIS H 205 -0.46 -37.86 11.37
CA HIS H 205 -1.61 -37.39 10.62
C HIS H 205 -2.23 -36.20 11.34
N ARG H 206 -3.18 -35.57 10.68
CA ARG H 206 -3.88 -34.42 11.25
C ARG H 206 -4.80 -34.87 12.38
N ALA I 15 10.97 -13.23 -3.69
CA ALA I 15 12.04 -14.08 -4.19
C ALA I 15 12.70 -14.84 -3.04
N LEU I 16 14.04 -14.91 -3.07
CA LEU I 16 14.76 -15.57 -1.99
C LEU I 16 14.59 -14.82 -0.68
N VAL I 17 14.51 -13.49 -0.74
CA VAL I 17 14.35 -12.65 0.44
C VAL I 17 12.86 -12.41 0.64
N PRO I 18 12.28 -12.84 1.76
CA PRO I 18 10.84 -12.71 1.94
C PRO I 18 10.44 -11.28 2.31
N MET I 19 9.21 -10.94 1.95
CA MET I 19 8.64 -9.64 2.25
C MET I 19 7.78 -9.72 3.51
N VAL I 20 7.66 -8.59 4.18
CA VAL I 20 6.90 -8.50 5.42
C VAL I 20 5.96 -7.31 5.34
N ILE I 21 4.98 -7.27 6.24
CA ILE I 21 3.95 -6.26 6.25
C ILE I 21 3.98 -5.52 7.57
N GLU I 22 3.89 -4.19 7.50
CA GLU I 22 3.91 -3.34 8.68
C GLU I 22 2.82 -2.27 8.56
N GLN I 23 2.15 -2.03 9.69
CA GLN I 23 1.03 -1.09 9.74
C GLN I 23 1.40 0.09 10.63
N THR I 24 1.79 1.20 10.02
CA THR I 24 2.14 2.39 10.79
C THR I 24 1.19 3.53 10.51
N SER I 25 1.08 3.97 9.26
CA SER I 25 0.24 5.12 8.95
C SER I 25 -0.91 4.70 8.05
N ARG I 26 -0.63 4.08 6.91
CA ARG I 26 -1.70 3.57 6.06
C ARG I 26 -1.78 2.05 6.16
N GLY I 27 -0.78 1.42 6.73
CA GLY I 27 -0.78 -0.01 6.86
C GLY I 27 -0.32 -0.70 5.59
N GLU I 28 -0.07 -2.01 5.73
CA GLU I 28 0.31 -2.86 4.61
C GLU I 28 1.57 -2.33 3.91
N ARG I 29 2.50 -1.84 4.72
CA ARG I 29 3.78 -1.35 4.19
C ARG I 29 4.69 -2.54 3.97
N SER I 30 4.85 -2.93 2.71
CA SER I 30 5.60 -4.12 2.35
C SER I 30 7.08 -3.77 2.23
N PHE I 31 7.89 -4.38 3.10
CA PHE I 31 9.34 -4.26 3.02
C PHE I 31 9.93 -5.65 2.86
N ASP I 32 11.09 -5.71 2.22
CA ASP I 32 11.92 -6.89 2.39
C ASP I 32 12.38 -6.96 3.84
N ILE I 33 12.80 -8.15 4.26
CA ILE I 33 13.15 -8.32 5.67
C ILE I 33 14.34 -7.45 6.04
N TYR I 34 15.31 -7.30 5.14
CA TYR I 34 16.48 -6.49 5.46
C TYR I 34 16.12 -5.02 5.58
N SER I 35 15.28 -4.51 4.68
CA SER I 35 14.80 -3.15 4.83
C SER I 35 13.93 -3.01 6.08
N ARG I 36 13.15 -4.05 6.41
CA ARG I 36 12.32 -3.99 7.61
C ARG I 36 13.17 -3.89 8.87
N LEU I 37 14.34 -4.51 8.87
CA LEU I 37 15.20 -4.41 10.05
C LEU I 37 16.01 -3.12 10.02
N LEU I 38 16.48 -2.70 8.85
CA LEU I 38 17.15 -1.41 8.76
C LEU I 38 16.27 -0.30 9.30
N LYS I 39 14.95 -0.41 9.09
CA LYS I 39 14.04 0.55 9.69
C LYS I 39 14.17 0.57 11.21
N GLU I 40 14.60 -0.53 11.82
CA GLU I 40 14.82 -0.59 13.26
C GLU I 40 16.25 -0.32 13.65
N ARG I 41 17.03 0.31 12.76
CA ARG I 41 18.40 0.73 13.07
C ARG I 41 19.29 -0.46 13.39
N VAL I 42 19.12 -1.55 12.67
CA VAL I 42 19.98 -2.72 12.79
C VAL I 42 20.52 -3.05 11.39
N ILE I 43 21.82 -3.30 11.32
CA ILE I 43 22.51 -3.52 10.05
C ILE I 43 23.23 -4.85 10.14
N PHE I 44 23.24 -5.59 9.03
CA PHE I 44 23.91 -6.88 8.96
C PHE I 44 25.18 -6.77 8.16
N LEU I 45 26.24 -7.43 8.63
CA LEU I 45 27.51 -7.52 7.92
C LEU I 45 27.86 -8.99 7.82
N THR I 46 27.80 -9.54 6.61
CA THR I 46 28.01 -10.95 6.39
C THR I 46 28.98 -11.16 5.22
N GLY I 47 29.52 -12.37 5.14
CA GLY I 47 30.44 -12.70 4.08
C GLY I 47 31.71 -11.90 4.18
N GLN I 48 32.52 -11.98 3.12
CA GLN I 48 33.76 -11.23 3.08
C GLN I 48 33.48 -9.74 3.01
N VAL I 49 34.41 -8.95 3.54
CA VAL I 49 34.31 -7.50 3.47
C VAL I 49 34.95 -7.04 2.17
N GLU I 50 34.15 -6.49 1.27
CA GLU I 50 34.64 -6.01 0.00
C GLU I 50 34.15 -4.58 -0.21
N ASP I 51 34.49 -4.01 -1.36
CA ASP I 51 34.22 -2.60 -1.60
C ASP I 51 32.72 -2.30 -1.62
N HIS I 52 31.96 -3.04 -2.42
CA HIS I 52 30.55 -2.72 -2.61
C HIS I 52 29.74 -2.98 -1.34
N MET I 53 29.98 -4.11 -0.68
CA MET I 53 29.24 -4.41 0.54
C MET I 53 29.57 -3.41 1.64
N ALA I 54 30.85 -3.08 1.80
CA ALA I 54 31.22 -2.10 2.80
C ALA I 54 30.63 -0.74 2.48
N ASN I 55 30.58 -0.38 1.20
CA ASN I 55 29.97 0.88 0.83
C ASN I 55 28.48 0.89 1.13
N LEU I 56 27.82 -0.25 0.92
CA LEU I 56 26.42 -0.37 1.30
C LEU I 56 26.24 -0.17 2.81
N ILE I 57 27.13 -0.78 3.60
CA ILE I 57 27.07 -0.60 5.05
C ILE I 57 27.26 0.86 5.41
N VAL I 58 28.20 1.54 4.74
CA VAL I 58 28.45 2.94 5.02
C VAL I 58 27.22 3.79 4.70
N ALA I 59 26.59 3.51 3.56
CA ALA I 59 25.39 4.24 3.19
C ALA I 59 24.29 4.03 4.24
N GLN I 60 24.11 2.79 4.68
CA GLN I 60 23.10 2.52 5.70
C GLN I 60 23.41 3.27 6.99
N MET I 61 24.67 3.28 7.40
CA MET I 61 25.04 3.97 8.63
C MET I 61 24.80 5.47 8.52
N LEU I 62 25.15 6.06 7.37
CA LEU I 62 24.91 7.48 7.17
C LEU I 62 23.42 7.79 7.22
N PHE I 63 22.60 6.96 6.57
CA PHE I 63 21.16 7.20 6.61
C PHE I 63 20.62 7.08 8.02
N LEU I 64 21.08 6.08 8.78
CA LEU I 64 20.60 5.90 10.14
C LEU I 64 21.02 7.07 11.02
N GLU I 65 22.22 7.61 10.81
CA GLU I 65 22.63 8.80 11.53
C GLU I 65 21.73 9.98 11.19
N ALA I 66 21.44 10.17 9.91
CA ALA I 66 20.56 11.26 9.51
C ALA I 66 19.16 11.08 10.06
N GLU I 67 18.76 9.83 10.31
CA GLU I 67 17.42 9.59 10.85
C GLU I 67 17.31 10.06 12.29
N ASN I 68 18.18 9.59 13.16
CA ASN I 68 18.19 9.99 14.56
C ASN I 68 19.59 9.89 15.11
N PRO I 69 20.32 11.01 15.19
CA PRO I 69 21.73 10.94 15.62
C PRO I 69 21.91 10.54 17.07
N GLU I 70 20.83 10.32 17.82
CA GLU I 70 20.94 9.97 19.22
C GLU I 70 20.75 8.48 19.49
N LYS I 71 19.93 7.80 18.69
CA LYS I 71 19.66 6.39 18.90
C LYS I 71 20.82 5.54 18.41
N ASP I 72 21.07 4.44 19.11
CA ASP I 72 22.19 3.59 18.76
C ASP I 72 21.94 2.87 17.44
N ILE I 73 23.03 2.37 16.86
CA ILE I 73 22.99 1.58 15.63
C ILE I 73 23.60 0.22 15.94
N TYR I 74 22.92 -0.84 15.53
CA TYR I 74 23.35 -2.20 15.84
C TYR I 74 23.86 -2.88 14.58
N LEU I 75 25.12 -3.27 14.59
CA LEU I 75 25.77 -3.89 13.45
C LEU I 75 26.03 -5.35 13.78
N TYR I 76 25.18 -6.24 13.28
CA TYR I 76 25.32 -7.67 13.51
C TYR I 76 26.40 -8.21 12.58
N ILE I 77 27.51 -8.64 13.17
CA ILE I 77 28.71 -8.99 12.42
C ILE I 77 28.83 -10.51 12.36
N ASN I 78 28.96 -11.03 11.15
CA ASN I 78 29.28 -12.44 10.93
C ASN I 78 30.09 -12.51 9.64
N SER I 79 31.40 -12.47 9.78
CA SER I 79 32.24 -12.32 8.60
C SER I 79 33.53 -13.10 8.73
N PRO I 80 33.95 -13.81 7.69
CA PRO I 80 35.26 -14.48 7.71
C PRO I 80 36.43 -13.58 7.35
N GLY I 81 36.23 -12.26 7.35
CA GLY I 81 37.29 -11.33 7.02
C GLY I 81 36.95 -10.50 5.80
N GLY I 82 37.99 -10.07 5.11
CA GLY I 82 37.83 -9.26 3.92
C GLY I 82 39.07 -8.41 3.70
N VAL I 83 38.93 -7.46 2.78
CA VAL I 83 40.02 -6.54 2.47
C VAL I 83 40.13 -5.50 3.58
N ILE I 84 41.37 -5.13 3.92
CA ILE I 84 41.58 -4.24 5.05
C ILE I 84 41.01 -2.86 4.77
N THR I 85 41.03 -2.44 3.51
CA THR I 85 40.64 -1.07 3.18
C THR I 85 39.15 -0.84 3.38
N ALA I 86 38.32 -1.79 2.95
CA ALA I 86 36.88 -1.65 3.16
C ALA I 86 36.54 -1.67 4.64
N GLY I 87 37.21 -2.55 5.40
CA GLY I 87 37.04 -2.54 6.84
C GLY I 87 37.43 -1.23 7.46
N MET I 88 38.50 -0.61 6.95
CA MET I 88 38.91 0.69 7.45
C MET I 88 37.88 1.76 7.13
N SER I 89 37.27 1.68 5.95
CA SER I 89 36.19 2.59 5.61
C SER I 89 35.04 2.45 6.60
N ILE I 90 34.64 1.22 6.88
CA ILE I 90 33.53 1.00 7.82
C ILE I 90 33.90 1.51 9.21
N TYR I 91 35.14 1.27 9.63
CA TYR I 91 35.57 1.69 10.96
C TYR I 91 35.59 3.20 11.06
N ASP I 92 36.09 3.88 10.03
CA ASP I 92 36.11 5.33 10.05
C ASP I 92 34.69 5.90 10.05
N THR I 93 33.78 5.27 9.30
CA THR I 93 32.40 5.72 9.32
C THR I 93 31.78 5.54 10.70
N MET I 94 32.11 4.42 11.37
CA MET I 94 31.61 4.20 12.72
C MET I 94 32.14 5.25 13.69
N GLN I 95 33.42 5.57 13.58
CA GLN I 95 34.00 6.56 14.48
C GLN I 95 33.46 7.96 14.21
N PHE I 96 33.20 8.28 12.95
CA PHE I 96 32.83 9.66 12.61
C PHE I 96 31.42 9.99 13.07
N ILE I 97 30.47 9.08 12.83
CA ILE I 97 29.07 9.38 13.09
C ILE I 97 28.84 9.62 14.58
N LYS I 98 27.87 10.46 14.89
CA LYS I 98 27.59 10.80 16.28
C LYS I 98 26.98 9.64 17.07
N PRO I 99 25.91 8.99 16.61
CA PRO I 99 25.32 7.92 17.44
C PRO I 99 26.28 6.76 17.66
N ASP I 100 26.02 6.03 18.73
CA ASP I 100 26.85 4.90 19.11
C ASP I 100 26.51 3.67 18.28
N VAL I 101 27.55 2.95 17.88
CA VAL I 101 27.41 1.74 17.07
C VAL I 101 27.66 0.54 17.96
N SER I 102 26.63 -0.25 18.20
CA SER I 102 26.72 -1.46 19.01
C SER I 102 26.94 -2.65 18.10
N THR I 103 28.14 -3.22 18.14
CA THR I 103 28.48 -4.38 17.31
C THR I 103 28.18 -5.66 18.06
N ILE I 104 27.47 -6.57 17.41
CA ILE I 104 27.10 -7.86 17.99
C ILE I 104 27.66 -8.94 17.08
N CYS I 105 28.58 -9.74 17.60
CA CYS I 105 29.22 -10.79 16.84
C CYS I 105 28.48 -12.10 17.03
N MET I 106 27.73 -12.51 16.01
CA MET I 106 27.09 -13.81 15.99
C MET I 106 27.71 -14.64 14.89
N GLY I 107 27.66 -15.96 15.07
CA GLY I 107 28.39 -16.80 14.15
C GLY I 107 29.86 -16.71 14.46
N GLN I 108 30.61 -16.01 13.62
CA GLN I 108 32.04 -15.82 13.85
C GLN I 108 32.49 -14.52 13.19
N ALA I 109 33.63 -14.01 13.66
CA ALA I 109 34.21 -12.77 13.15
C ALA I 109 35.71 -12.95 13.07
N ALA I 110 36.25 -12.97 11.85
CA ALA I 110 37.67 -13.10 11.63
C ALA I 110 38.32 -11.74 11.65
N SER I 111 39.58 -11.67 11.19
CA SER I 111 40.45 -10.52 11.38
C SER I 111 39.74 -9.19 11.17
N MET I 112 39.24 -8.96 9.96
CA MET I 112 38.53 -7.71 9.70
C MET I 112 37.21 -7.66 10.45
N GLY I 113 36.50 -8.78 10.49
CA GLY I 113 35.25 -8.82 11.24
C GLY I 113 35.46 -8.61 12.73
N ALA I 114 36.49 -9.26 13.28
CA ALA I 114 36.79 -9.08 14.69
C ALA I 114 37.19 -7.64 14.98
N PHE I 115 37.96 -7.03 14.08
CA PHE I 115 38.34 -5.63 14.27
C PHE I 115 37.12 -4.72 14.27
N LEU I 116 36.23 -4.90 13.30
CA LEU I 116 35.02 -4.09 13.27
C LEU I 116 34.14 -4.36 14.47
N LEU I 117 34.18 -5.57 15.02
CA LEU I 117 33.42 -5.87 16.22
C LEU I 117 33.96 -5.11 17.42
N THR I 118 35.28 -5.21 17.65
CA THR I 118 35.86 -4.55 18.80
C THR I 118 35.84 -3.04 18.66
N ALA I 119 35.58 -2.53 17.46
CA ALA I 119 35.53 -1.10 17.23
C ALA I 119 34.20 -0.48 17.61
N GLY I 120 33.29 -1.25 18.19
CA GLY I 120 32.00 -0.70 18.57
C GLY I 120 32.11 0.29 19.70
N ALA I 121 30.96 0.89 20.03
CA ALA I 121 30.91 1.86 21.12
C ALA I 121 31.30 1.20 22.43
N LYS I 122 32.18 1.86 23.18
CA LYS I 122 32.67 1.31 24.43
C LYS I 122 31.51 1.01 25.37
N GLY I 123 31.49 -0.21 25.89
CA GLY I 123 30.39 -0.67 26.72
C GLY I 123 29.26 -1.32 25.97
N LYS I 124 29.33 -1.36 24.64
CA LYS I 124 28.25 -1.91 23.83
C LYS I 124 28.74 -2.94 22.82
N ARG I 125 29.95 -3.48 22.99
CA ARG I 125 30.44 -4.55 22.14
C ARG I 125 30.04 -5.89 22.76
N PHE I 126 29.12 -6.59 22.11
CA PHE I 126 28.58 -7.84 22.62
C PHE I 126 28.99 -8.99 21.72
N CYS I 127 28.77 -10.20 22.21
CA CYS I 127 28.97 -11.40 21.42
C CYS I 127 28.05 -12.49 21.96
N LEU I 128 27.80 -13.47 21.14
CA LEU I 128 26.90 -14.54 21.54
C LEU I 128 27.68 -15.71 22.13
N PRO I 129 27.04 -16.49 23.01
CA PRO I 129 27.80 -17.45 23.83
C PRO I 129 28.62 -18.44 23.04
N ASN I 130 28.20 -18.81 21.84
CA ASN I 130 28.93 -19.79 21.04
C ASN I 130 29.65 -19.15 19.86
N SER I 131 29.63 -17.82 19.76
CA SER I 131 30.32 -17.14 18.69
C SER I 131 31.83 -17.35 18.81
N ARG I 132 32.51 -17.26 17.68
CA ARG I 132 33.95 -17.44 17.61
C ARG I 132 34.60 -16.16 17.12
N VAL I 133 35.75 -15.82 17.69
CA VAL I 133 36.50 -14.62 17.31
C VAL I 133 37.92 -15.04 16.99
N MET I 134 38.43 -14.57 15.86
CA MET I 134 39.79 -14.87 15.44
C MET I 134 40.44 -13.58 14.95
N ILE I 135 41.71 -13.40 15.32
CA ILE I 135 42.47 -12.23 14.95
C ILE I 135 43.83 -12.66 14.45
N HIS I 136 44.38 -11.89 13.52
CA HIS I 136 45.71 -12.17 12.97
C HIS I 136 46.22 -10.93 12.26
N GLN I 137 47.52 -10.94 11.99
CA GLN I 137 48.13 -9.85 11.25
C GLN I 137 47.57 -9.83 9.83
N PRO I 138 47.47 -8.66 9.21
CA PRO I 138 46.90 -8.58 7.86
C PRO I 138 47.75 -9.33 6.85
N LEU I 139 47.08 -9.87 5.84
CA LEU I 139 47.72 -10.60 4.76
C LEU I 139 47.78 -9.74 3.51
N GLY I 140 48.63 -10.16 2.58
CA GLY I 140 48.77 -9.44 1.34
C GLY I 140 49.91 -10.01 0.51
N GLY I 141 50.45 -9.18 -0.36
CA GLY I 141 51.57 -9.60 -1.17
C GLY I 141 51.68 -8.75 -2.41
N TYR I 142 52.74 -9.00 -3.17
CA TYR I 142 52.99 -8.27 -4.39
C TYR I 142 54.03 -9.01 -5.22
N GLN I 143 53.95 -8.84 -6.53
CA GLN I 143 54.91 -9.39 -7.47
C GLN I 143 55.42 -8.29 -8.38
N GLY I 144 56.72 -8.22 -8.57
CA GLY I 144 57.29 -7.21 -9.45
C GLY I 144 58.75 -6.99 -9.15
N GLN I 145 59.20 -5.78 -9.45
CA GLN I 145 60.60 -5.42 -9.24
C GLN I 145 60.89 -5.24 -7.75
N ALA I 146 62.18 -5.31 -7.41
CA ALA I 146 62.60 -5.25 -6.02
C ALA I 146 62.16 -3.95 -5.35
N THR I 147 62.25 -2.85 -6.08
CA THR I 147 61.89 -1.56 -5.49
C THR I 147 60.40 -1.49 -5.16
N ASP I 148 59.55 -1.89 -6.11
CA ASP I 148 58.13 -1.95 -5.84
C ASP I 148 57.81 -2.95 -4.73
N ILE I 149 58.54 -4.06 -4.67
CA ILE I 149 58.36 -5.01 -3.59
C ILE I 149 58.61 -4.33 -2.25
N GLU I 150 59.72 -3.60 -2.15
CA GLU I 150 60.03 -2.90 -0.90
C GLU I 150 58.96 -1.88 -0.56
N ILE I 151 58.49 -1.15 -1.56
CA ILE I 151 57.46 -0.13 -1.30
C ILE I 151 56.21 -0.78 -0.74
N HIS I 152 55.74 -1.85 -1.38
CA HIS I 152 54.53 -2.51 -0.93
C HIS I 152 54.72 -3.15 0.43
N ALA I 153 55.92 -3.67 0.70
CA ALA I 153 56.19 -4.27 2.00
C ALA I 153 56.13 -3.21 3.10
N ARG I 154 56.77 -2.07 2.89
CA ARG I 154 56.71 -0.99 3.87
C ARG I 154 55.28 -0.51 4.06
N GLU I 155 54.51 -0.46 2.98
CA GLU I 155 53.12 -0.03 3.10
C GLU I 155 52.32 -1.01 3.94
N ILE I 156 52.45 -2.31 3.69
CA ILE I 156 51.67 -3.27 4.46
C ILE I 156 52.15 -3.31 5.91
N LEU I 157 53.44 -3.02 6.15
CA LEU I 157 53.91 -2.96 7.52
C LEU I 157 53.31 -1.77 8.25
N LYS I 158 53.21 -0.63 7.57
CA LYS I 158 52.51 0.51 8.16
C LYS I 158 51.07 0.18 8.46
N VAL I 159 50.41 -0.54 7.55
CA VAL I 159 49.03 -0.94 7.79
C VAL I 159 48.93 -1.83 9.01
N LYS I 160 49.84 -2.80 9.13
CA LYS I 160 49.84 -3.69 10.28
C LYS I 160 50.04 -2.92 11.58
N GLY I 161 50.97 -1.97 11.57
CA GLY I 161 51.19 -1.16 12.75
C GLY I 161 49.97 -0.35 13.13
N ARG I 162 49.29 0.23 12.13
CA ARG I 162 48.08 1.00 12.40
C ARG I 162 46.99 0.12 12.97
N MET I 163 46.84 -1.09 12.42
CA MET I 163 45.84 -2.02 12.95
C MET I 163 46.14 -2.38 14.38
N ASN I 164 47.41 -2.67 14.69
CA ASN I 164 47.77 -3.00 16.06
C ASN I 164 47.50 -1.85 17.00
N GLU I 165 47.81 -0.63 16.58
CA GLU I 165 47.54 0.54 17.42
C GLU I 165 46.05 0.68 17.69
N LEU I 166 45.23 0.53 16.65
CA LEU I 166 43.78 0.67 16.84
C LEU I 166 43.23 -0.42 17.74
N MET I 167 43.74 -1.65 17.59
CA MET I 167 43.26 -2.74 18.44
C MET I 167 43.68 -2.51 19.89
N ALA I 168 44.92 -2.07 20.11
CA ALA I 168 45.36 -1.78 21.47
C ALA I 168 44.55 -0.65 22.08
N LEU I 169 44.15 0.32 21.26
CA LEU I 169 43.32 1.40 21.75
C LEU I 169 41.94 0.90 22.16
N HIS I 170 41.32 0.08 21.31
CA HIS I 170 39.94 -0.31 21.55
C HIS I 170 39.81 -1.41 22.59
N THR I 171 40.83 -2.24 22.78
CA THR I 171 40.77 -3.31 23.75
C THR I 171 41.41 -2.97 25.09
N GLY I 172 42.24 -1.93 25.12
CA GLY I 172 42.95 -1.58 26.32
C GLY I 172 44.22 -2.36 26.57
N GLN I 173 44.52 -3.36 25.75
CA GLN I 173 45.73 -4.13 25.90
C GLN I 173 46.93 -3.30 25.46
N SER I 174 48.12 -3.74 25.87
CA SER I 174 49.33 -3.07 25.46
C SER I 174 49.61 -3.34 23.99
N LEU I 175 50.29 -2.39 23.34
CA LEU I 175 50.63 -2.56 21.94
C LEU I 175 51.51 -3.79 21.74
N GLU I 176 52.47 -4.01 22.64
CA GLU I 176 53.29 -5.21 22.55
C GLU I 176 52.46 -6.46 22.74
N GLN I 177 51.43 -6.40 23.58
CA GLN I 177 50.57 -7.56 23.77
C GLN I 177 49.84 -7.92 22.48
N ILE I 178 49.25 -6.92 21.82
CA ILE I 178 48.58 -7.17 20.55
C ILE I 178 49.58 -7.68 19.52
N GLU I 179 50.79 -7.11 19.51
CA GLU I 179 51.79 -7.52 18.53
C GLU I 179 52.17 -8.98 18.72
N ARG I 180 52.37 -9.41 19.97
CA ARG I 180 52.77 -10.79 20.21
C ARG I 180 51.59 -11.74 20.09
N ASP I 181 50.36 -11.22 20.21
CA ASP I 181 49.20 -12.09 20.11
C ASP I 181 48.80 -12.36 18.68
N THR I 182 48.76 -11.33 17.84
CA THR I 182 48.31 -11.49 16.46
C THR I 182 49.41 -11.93 15.51
N GLU I 183 50.54 -12.43 16.03
CA GLU I 183 51.57 -12.95 15.14
C GLU I 183 51.06 -14.14 14.34
N ARG I 184 50.21 -14.96 14.95
CA ARG I 184 49.56 -16.06 14.27
C ARG I 184 48.06 -15.97 14.48
N ASP I 185 47.32 -16.81 13.77
CA ASP I 185 45.89 -16.92 13.98
C ASP I 185 45.62 -17.30 15.44
N ARG I 186 44.87 -16.46 16.13
CA ARG I 186 44.50 -16.71 17.51
C ARG I 186 42.98 -16.70 17.62
N PHE I 187 42.41 -17.84 17.99
CA PHE I 187 40.97 -17.98 18.16
C PHE I 187 40.58 -17.66 19.60
N LEU I 188 39.40 -17.10 19.77
CA LEU I 188 38.89 -16.75 21.09
C LEU I 188 37.42 -17.12 21.17
N SER I 189 37.05 -17.83 22.24
CA SER I 189 35.64 -18.05 22.52
C SER I 189 35.02 -16.77 23.06
N ALA I 190 33.73 -16.83 23.35
CA ALA I 190 33.02 -15.68 23.91
C ALA I 190 33.58 -15.24 25.25
N PRO I 191 33.76 -16.12 26.25
CA PRO I 191 34.38 -15.67 27.50
C PRO I 191 35.82 -15.23 27.32
N GLU I 192 36.60 -15.92 26.50
CA GLU I 192 37.95 -15.47 26.21
C GLU I 192 37.96 -14.09 25.57
N ALA I 193 37.00 -13.82 24.69
CA ALA I 193 36.91 -12.50 24.08
C ALA I 193 36.54 -11.44 25.11
N VAL I 194 35.64 -11.77 26.03
CA VAL I 194 35.27 -10.82 27.07
C VAL I 194 36.46 -10.50 27.95
N GLU I 195 37.22 -11.53 28.34
CA GLU I 195 38.38 -11.31 29.19
C GLU I 195 39.48 -10.56 28.44
N TYR I 196 39.59 -10.79 27.12
CA TYR I 196 40.62 -10.12 26.35
C TYR I 196 40.30 -8.65 26.15
N GLY I 197 39.02 -8.29 26.22
CA GLY I 197 38.60 -6.93 26.04
C GLY I 197 37.99 -6.61 24.69
N LEU I 198 37.91 -7.59 23.78
CA LEU I 198 37.32 -7.33 22.48
C LEU I 198 35.85 -6.97 22.60
N VAL I 199 35.12 -7.65 23.47
CA VAL I 199 33.71 -7.38 23.69
C VAL I 199 33.49 -7.03 25.15
N ASP I 200 32.35 -6.40 25.43
CA ASP I 200 32.04 -5.96 26.78
C ASP I 200 31.32 -7.02 27.59
N SER I 201 30.40 -7.76 26.97
CA SER I 201 29.65 -8.79 27.69
C SER I 201 29.07 -9.75 26.66
N ILE I 202 28.55 -10.87 27.18
CA ILE I 202 27.96 -11.91 26.36
C ILE I 202 26.46 -11.87 26.53
N LEU I 203 25.73 -11.83 25.43
CA LEU I 203 24.27 -11.87 25.45
C LEU I 203 23.81 -13.30 25.69
N THR I 204 22.97 -13.48 26.70
CA THR I 204 22.50 -14.81 27.09
C THR I 204 21.03 -15.03 26.80
N HIS I 205 20.15 -14.20 27.35
CA HIS I 205 18.71 -14.38 27.18
C HIS I 205 18.02 -13.02 27.25
N ARG I 206 16.73 -13.02 26.92
CA ARG I 206 15.94 -11.80 26.97
C ARG I 206 15.71 -11.36 28.41
N ALA J 15 16.27 -6.47 -2.54
CA ALA J 15 17.32 -7.41 -2.88
C ALA J 15 18.57 -7.17 -2.04
N LEU J 16 19.74 -7.21 -2.68
CA LEU J 16 20.98 -6.94 -1.96
C LEU J 16 21.04 -5.50 -1.48
N VAL J 17 20.48 -4.58 -2.26
CA VAL J 17 20.46 -3.16 -1.93
C VAL J 17 19.15 -2.87 -1.19
N PRO J 18 19.19 -2.42 0.06
CA PRO J 18 17.95 -2.22 0.80
C PRO J 18 17.24 -0.95 0.39
N MET J 19 15.92 -0.97 0.57
CA MET J 19 15.08 0.18 0.28
C MET J 19 14.81 0.96 1.54
N VAL J 20 14.53 2.25 1.38
CA VAL J 20 14.28 3.15 2.49
C VAL J 20 13.02 3.96 2.20
N ILE J 21 12.47 4.58 3.24
CA ILE J 21 11.22 5.30 3.16
C ILE J 21 11.46 6.75 3.54
N GLU J 22 10.88 7.67 2.76
CA GLU J 22 11.01 9.09 2.99
C GLU J 22 9.66 9.78 2.83
N GLN J 23 9.38 10.71 3.75
CA GLN J 23 8.10 11.41 3.78
C GLN J 23 8.32 12.88 3.48
N THR J 24 8.06 13.28 2.22
CA THR J 24 8.22 14.67 1.85
C THR J 24 6.89 15.31 1.47
N SER J 25 6.21 14.77 0.47
CA SER J 25 4.96 15.37 -0.01
C SER J 25 3.79 14.43 0.25
N ARG J 26 3.86 13.21 -0.26
CA ARG J 26 2.81 12.24 0.03
C ARG J 26 3.30 11.20 1.03
N GLY J 27 4.60 11.14 1.28
CA GLY J 27 5.15 10.19 2.21
C GLY J 27 5.34 8.81 1.58
N GLU J 28 6.05 7.96 2.31
CA GLU J 28 6.30 6.59 1.91
C GLU J 28 6.96 6.53 0.52
N ARG J 29 7.88 7.45 0.29
CA ARG J 29 8.64 7.47 -0.96
C ARG J 29 9.76 6.46 -0.86
N SER J 30 9.60 5.32 -1.51
CA SER J 30 10.54 4.22 -1.42
C SER J 30 11.66 4.40 -2.42
N PHE J 31 12.88 4.58 -1.92
CA PHE J 31 14.07 4.63 -2.75
C PHE J 31 15.02 3.53 -2.33
N ASP J 32 15.82 3.06 -3.27
CA ASP J 32 17.01 2.33 -2.87
C ASP J 32 17.95 3.28 -2.15
N ILE J 33 18.89 2.70 -1.38
CA ILE J 33 19.73 3.55 -0.55
C ILE J 33 20.59 4.46 -1.41
N TYR J 34 21.06 3.97 -2.57
CA TYR J 34 21.91 4.80 -3.41
C TYR J 34 21.12 5.94 -4.03
N SER J 35 19.90 5.68 -4.48
CA SER J 35 19.06 6.78 -4.96
C SER J 35 18.70 7.71 -3.82
N ARG J 36 18.50 7.18 -2.61
CA ARG J 36 18.18 8.02 -1.47
C ARG J 36 19.32 8.97 -1.14
N LEU J 37 20.56 8.54 -1.35
CA LEU J 37 21.68 9.44 -1.10
C LEU J 37 21.93 10.37 -2.26
N LEU J 38 21.77 9.89 -3.49
CA LEU J 38 21.87 10.77 -4.64
C LEU J 38 20.90 11.93 -4.52
N LYS J 39 19.72 11.68 -3.94
CA LYS J 39 18.81 12.79 -3.66
C LYS J 39 19.44 13.84 -2.77
N GLU J 40 20.42 13.46 -1.94
CA GLU J 40 21.13 14.41 -1.10
C GLU J 40 22.42 14.90 -1.73
N ARG J 41 22.56 14.78 -3.05
CA ARG J 41 23.71 15.31 -3.78
C ARG J 41 25.02 14.68 -3.31
N VAL J 42 25.00 13.38 -3.04
CA VAL J 42 26.20 12.62 -2.71
C VAL J 42 26.29 11.44 -3.66
N ILE J 43 27.48 11.23 -4.21
CA ILE J 43 27.72 10.21 -5.23
C ILE J 43 28.85 9.31 -4.75
N PHE J 44 28.72 8.02 -5.02
CA PHE J 44 29.72 7.03 -4.63
C PHE J 44 30.51 6.59 -5.85
N LEU J 45 31.83 6.45 -5.68
CA LEU J 45 32.72 5.92 -6.70
C LEU J 45 33.50 4.79 -6.07
N THR J 46 33.22 3.56 -6.49
CA THR J 46 33.82 2.37 -5.91
C THR J 46 34.32 1.44 -7.00
N GLY J 47 35.18 0.51 -6.60
CA GLY J 47 35.73 -0.44 -7.55
C GLY J 47 36.59 0.24 -8.59
N GLN J 48 36.95 -0.53 -9.62
CA GLN J 48 37.75 0.00 -10.71
C GLN J 48 36.96 1.03 -11.49
N VAL J 49 37.67 1.98 -12.07
CA VAL J 49 37.05 2.99 -12.92
C VAL J 49 36.99 2.45 -14.34
N GLU J 50 35.78 2.22 -14.85
CA GLU J 50 35.59 1.70 -16.18
C GLU J 50 34.60 2.59 -16.91
N ASP J 51 34.30 2.22 -18.15
CA ASP J 51 33.47 3.08 -19.00
C ASP J 51 32.07 3.25 -18.45
N HIS J 52 31.38 2.15 -18.14
CA HIS J 52 29.99 2.24 -17.75
C HIS J 52 29.82 2.91 -16.40
N MET J 53 30.65 2.54 -15.43
CA MET J 53 30.54 3.14 -14.11
C MET J 53 30.86 4.63 -14.15
N ALA J 54 31.91 5.01 -14.88
CA ALA J 54 32.24 6.42 -15.01
C ALA J 54 31.14 7.18 -15.73
N ASN J 55 30.52 6.55 -16.72
CA ASN J 55 29.41 7.20 -17.41
C ASN J 55 28.23 7.39 -16.48
N LEU J 56 27.98 6.41 -15.61
CA LEU J 56 26.94 6.56 -14.60
C LEU J 56 27.24 7.74 -13.68
N ILE J 57 28.50 7.85 -13.26
CA ILE J 57 28.91 8.97 -12.40
C ILE J 57 28.67 10.29 -13.13
N VAL J 58 29.02 10.34 -14.42
CA VAL J 58 28.85 11.56 -15.20
C VAL J 58 27.38 11.93 -15.29
N ALA J 59 26.53 10.93 -15.53
CA ALA J 59 25.09 11.20 -15.60
C ALA J 59 24.58 11.75 -14.27
N GLN J 60 25.02 11.15 -13.17
CA GLN J 60 24.59 11.63 -11.86
C GLN J 60 25.05 13.06 -11.63
N MET J 61 26.28 13.37 -12.01
CA MET J 61 26.80 14.72 -11.81
C MET J 61 26.02 15.73 -12.65
N LEU J 62 25.72 15.38 -13.90
CA LEU J 62 24.94 16.28 -14.74
C LEU J 62 23.56 16.51 -14.16
N PHE J 63 22.91 15.45 -13.68
CA PHE J 63 21.59 15.61 -13.08
C PHE J 63 21.66 16.50 -11.85
N LEU J 64 22.67 16.29 -11.00
CA LEU J 64 22.79 17.09 -9.79
C LEU J 64 23.05 18.56 -10.12
N GLU J 65 23.84 18.81 -11.17
CA GLU J 65 24.03 20.19 -11.61
C GLU J 65 22.72 20.79 -12.08
N ALA J 66 21.94 20.04 -12.87
CA ALA J 66 20.65 20.56 -13.34
C ALA J 66 19.70 20.78 -12.17
N GLU J 67 19.87 20.04 -11.08
CA GLU J 67 18.99 20.20 -9.93
C GLU J 67 19.23 21.54 -9.24
N ASN J 68 20.46 21.81 -8.85
CA ASN J 68 20.81 23.05 -8.18
C ASN J 68 22.27 23.39 -8.47
N PRO J 69 22.53 24.26 -9.44
CA PRO J 69 23.93 24.54 -9.84
C PRO J 69 24.74 25.24 -8.76
N GLU J 70 24.13 25.58 -7.62
CA GLU J 70 24.85 26.28 -6.57
C GLU J 70 25.30 25.39 -5.43
N LYS J 71 24.54 24.33 -5.13
CA LYS J 71 24.88 23.45 -4.02
C LYS J 71 26.00 22.50 -4.42
N ASP J 72 26.86 22.19 -3.45
CA ASP J 72 28.01 21.35 -3.71
C ASP J 72 27.58 19.91 -4.01
N ILE J 73 28.49 19.17 -4.62
CA ILE J 73 28.30 17.76 -4.91
C ILE J 73 29.41 16.98 -4.23
N TYR J 74 29.06 15.92 -3.52
CA TYR J 74 30.01 15.16 -2.74
C TYR J 74 30.25 13.81 -3.38
N LEU J 75 31.49 13.55 -3.77
CA LEU J 75 31.88 12.32 -4.46
C LEU J 75 32.72 11.49 -3.51
N TYR J 76 32.12 10.49 -2.89
CA TYR J 76 32.83 9.60 -1.97
C TYR J 76 33.62 8.61 -2.78
N ILE J 77 34.94 8.71 -2.70
CA ILE J 77 35.85 7.95 -3.57
C ILE J 77 36.47 6.82 -2.77
N ASN J 78 36.33 5.60 -3.29
CA ASN J 78 37.02 4.43 -2.75
C ASN J 78 37.31 3.51 -3.94
N SER J 79 38.49 3.66 -4.53
CA SER J 79 38.75 2.97 -5.78
C SER J 79 40.19 2.51 -5.87
N PRO J 80 40.43 1.29 -6.34
CA PRO J 80 41.80 0.84 -6.57
C PRO J 80 42.37 1.27 -7.91
N GLY J 81 41.74 2.21 -8.60
CA GLY J 81 42.22 2.69 -9.87
C GLY J 81 41.22 2.46 -10.98
N GLY J 82 41.72 2.31 -12.18
CA GLY J 82 40.89 2.08 -13.34
C GLY J 82 41.58 2.56 -14.59
N VAL J 83 40.81 2.63 -15.68
CA VAL J 83 41.34 3.10 -16.96
C VAL J 83 41.44 4.61 -16.91
N ILE J 84 42.50 5.14 -17.52
CA ILE J 84 42.78 6.56 -17.44
C ILE J 84 41.71 7.37 -18.15
N THR J 85 41.12 6.81 -19.22
CA THR J 85 40.20 7.58 -20.04
C THR J 85 38.89 7.86 -19.30
N ALA J 86 38.35 6.85 -18.61
CA ALA J 86 37.13 7.07 -17.85
C ALA J 86 37.36 8.06 -16.71
N GLY J 87 38.51 7.96 -16.05
CA GLY J 87 38.86 8.95 -15.05
C GLY J 87 38.96 10.34 -15.63
N MET J 88 39.50 10.46 -16.84
CA MET J 88 39.58 11.76 -17.50
C MET J 88 38.20 12.29 -17.81
N SER J 89 37.29 11.42 -18.22
CA SER J 89 35.90 11.83 -18.44
C SER J 89 35.30 12.39 -17.17
N ILE J 90 35.48 11.68 -16.05
CA ILE J 90 34.93 12.14 -14.78
C ILE J 90 35.55 13.48 -14.38
N TYR J 91 36.87 13.61 -14.58
CA TYR J 91 37.56 14.83 -14.20
C TYR J 91 37.08 16.01 -15.02
N ASP J 92 36.92 15.81 -16.34
CA ASP J 92 36.42 16.87 -17.19
C ASP J 92 35.00 17.25 -16.82
N THR J 93 34.17 16.28 -16.48
CA THR J 93 32.81 16.59 -16.04
C THR J 93 32.83 17.39 -14.75
N MET J 94 33.74 17.05 -13.83
CA MET J 94 33.85 17.80 -12.59
C MET J 94 34.28 19.24 -12.85
N GLN J 95 35.25 19.42 -13.75
CA GLN J 95 35.72 20.76 -14.05
C GLN J 95 34.66 21.59 -14.78
N PHE J 96 33.88 20.96 -15.65
CA PHE J 96 32.96 21.72 -16.49
C PHE J 96 31.78 22.25 -15.68
N ILE J 97 31.20 21.42 -14.83
CA ILE J 97 29.97 21.79 -14.15
C ILE J 97 30.21 22.97 -13.23
N LYS J 98 29.17 23.79 -13.05
CA LYS J 98 29.31 24.98 -12.23
C LYS J 98 29.46 24.68 -10.74
N PRO J 99 28.60 23.86 -10.11
CA PRO J 99 28.74 23.64 -8.67
C PRO J 99 30.05 22.97 -8.32
N ASP J 100 30.46 23.16 -7.07
CA ASP J 100 31.72 22.62 -6.57
C ASP J 100 31.57 21.15 -6.21
N VAL J 101 32.58 20.36 -6.56
CA VAL J 101 32.59 18.93 -6.29
C VAL J 101 33.54 18.67 -5.14
N SER J 102 33.00 18.25 -4.01
CA SER J 102 33.80 17.92 -2.82
C SER J 102 34.08 16.43 -2.80
N THR J 103 35.34 16.06 -3.03
CA THR J 103 35.75 14.67 -3.06
C THR J 103 36.21 14.24 -1.67
N ILE J 104 35.67 13.12 -1.19
CA ILE J 104 36.01 12.57 0.12
C ILE J 104 36.56 11.17 -0.10
N CYS J 105 37.82 10.97 0.25
CA CYS J 105 38.47 9.68 0.06
C CYS J 105 38.36 8.85 1.33
N MET J 106 37.49 7.84 1.29
CA MET J 106 37.38 6.88 2.37
C MET J 106 37.84 5.52 1.85
N GLY J 107 38.30 4.69 2.75
CA GLY J 107 38.92 3.45 2.30
C GLY J 107 40.28 3.74 1.72
N GLN J 108 40.38 3.71 0.40
CA GLN J 108 41.63 4.03 -0.28
C GLN J 108 41.34 4.53 -1.68
N ALA J 109 42.31 5.24 -2.25
CA ALA J 109 42.20 5.80 -3.59
C ALA J 109 43.56 5.63 -4.28
N ALA J 110 43.59 4.80 -5.30
CA ALA J 110 44.80 4.56 -6.08
C ALA J 110 44.89 5.60 -7.19
N SER J 111 45.80 5.34 -8.14
CA SER J 111 46.22 6.32 -9.14
C SER J 111 45.07 7.13 -9.71
N MET J 112 44.12 6.46 -10.37
CA MET J 112 42.98 7.19 -10.92
C MET J 112 42.08 7.71 -9.82
N GLY J 113 41.87 6.91 -8.77
CA GLY J 113 41.06 7.38 -7.65
C GLY J 113 41.70 8.54 -6.94
N ALA J 114 43.00 8.47 -6.71
CA ALA J 114 43.70 9.58 -6.07
C ALA J 114 43.64 10.83 -6.93
N PHE J 115 43.77 10.67 -8.25
CA PHE J 115 43.69 11.82 -9.13
C PHE J 115 42.31 12.47 -9.07
N LEU J 116 41.26 11.65 -9.14
CA LEU J 116 39.91 12.20 -9.04
C LEU J 116 39.66 12.82 -7.68
N LEU J 117 40.31 12.31 -6.64
CA LEU J 117 40.17 12.91 -5.31
C LEU J 117 40.81 14.29 -5.28
N THR J 118 42.06 14.40 -5.70
CA THR J 118 42.74 15.69 -5.66
C THR J 118 42.15 16.69 -6.63
N ALA J 119 41.32 16.22 -7.56
CA ALA J 119 40.70 17.11 -8.53
C ALA J 119 39.45 17.80 -8.00
N GLY J 120 39.13 17.62 -6.73
CA GLY J 120 37.96 18.26 -6.16
C GLY J 120 38.10 19.76 -6.09
N ALA J 121 37.01 20.40 -5.66
CA ALA J 121 37.00 21.85 -5.51
C ALA J 121 38.04 22.28 -4.47
N LYS J 122 38.83 23.28 -4.83
CA LYS J 122 39.89 23.76 -3.95
C LYS J 122 39.32 24.16 -2.59
N GLY J 123 39.91 23.63 -1.53
CA GLY J 123 39.41 23.85 -0.19
C GLY J 123 38.39 22.84 0.28
N LYS J 124 38.00 21.89 -0.58
CA LYS J 124 36.98 20.92 -0.24
C LYS J 124 37.41 19.49 -0.52
N ARG J 125 38.70 19.23 -0.69
CA ARG J 125 39.21 17.89 -0.84
C ARG J 125 39.54 17.33 0.54
N PHE J 126 38.75 16.36 1.00
CA PHE J 126 38.91 15.79 2.32
C PHE J 126 39.35 14.34 2.22
N CYS J 127 39.76 13.79 3.36
CA CYS J 127 40.07 12.38 3.47
C CYS J 127 39.85 11.94 4.90
N LEU J 128 39.69 10.66 5.10
CA LEU J 128 39.42 10.13 6.42
C LEU J 128 40.71 9.72 7.11
N PRO J 129 40.74 9.73 8.44
CA PRO J 129 42.02 9.62 9.15
C PRO J 129 42.81 8.36 8.83
N ASN J 130 42.14 7.26 8.49
CA ASN J 130 42.85 6.02 8.19
C ASN J 130 42.84 5.69 6.70
N SER J 131 42.32 6.59 5.88
CA SER J 131 42.31 6.36 4.45
C SER J 131 43.73 6.30 3.90
N ARG J 132 43.89 5.61 2.79
CA ARG J 132 45.18 5.46 2.14
C ARG J 132 45.12 6.06 0.74
N VAL J 133 46.20 6.73 0.34
CA VAL J 133 46.29 7.34 -0.98
C VAL J 133 47.57 6.84 -1.64
N MET J 134 47.45 6.42 -2.89
CA MET J 134 48.58 5.94 -3.66
C MET J 134 48.54 6.55 -5.05
N ILE J 135 49.70 6.96 -5.55
CA ILE J 135 49.82 7.57 -6.86
C ILE J 135 50.98 6.93 -7.59
N HIS J 136 50.86 6.86 -8.92
CA HIS J 136 51.92 6.30 -9.75
C HIS J 136 51.68 6.72 -11.19
N GLN J 137 52.72 6.56 -12.01
CA GLN J 137 52.59 6.85 -13.42
C GLN J 137 51.61 5.87 -14.06
N PRO J 138 50.90 6.30 -15.10
CA PRO J 138 49.91 5.42 -15.72
C PRO J 138 50.55 4.20 -16.34
N LEU J 139 49.80 3.11 -16.34
CA LEU J 139 50.23 1.83 -16.91
C LEU J 139 49.55 1.61 -18.25
N GLY J 140 50.11 0.67 -19.01
CA GLY J 140 49.54 0.35 -20.30
C GLY J 140 50.44 -0.62 -21.04
N GLY J 141 50.31 -0.59 -22.36
CA GLY J 141 51.15 -1.44 -23.18
C GLY J 141 50.51 -1.67 -24.54
N TYR J 142 51.26 -2.35 -25.40
CA TYR J 142 50.79 -2.65 -26.74
C TYR J 142 51.66 -3.74 -27.34
N GLN J 143 51.07 -4.52 -28.24
CA GLN J 143 51.77 -5.55 -28.99
C GLN J 143 51.51 -5.36 -30.47
N GLY J 144 52.55 -5.42 -31.28
CA GLY J 144 52.38 -5.29 -32.71
C GLY J 144 53.68 -4.90 -33.37
N GLN J 145 53.54 -4.21 -34.50
CA GLN J 145 54.70 -3.79 -35.27
C GLN J 145 55.41 -2.63 -34.58
N ALA J 146 56.68 -2.44 -34.97
CA ALA J 146 57.50 -1.42 -34.31
C ALA J 146 56.91 -0.03 -34.44
N THR J 147 56.34 0.29 -35.60
CA THR J 147 55.78 1.62 -35.80
C THR J 147 54.58 1.86 -34.91
N ASP J 148 53.66 0.91 -34.84
CA ASP J 148 52.54 1.03 -33.93
C ASP J 148 52.99 1.06 -32.48
N ILE J 149 54.03 0.30 -32.15
CA ILE J 149 54.59 0.36 -30.81
C ILE J 149 55.05 1.77 -30.48
N GLU J 150 55.78 2.39 -31.39
CA GLU J 150 56.25 3.75 -31.16
C GLU J 150 55.09 4.72 -31.02
N ILE J 151 54.06 4.56 -31.86
CA ILE J 151 52.90 5.45 -31.78
C ILE J 151 52.24 5.34 -30.42
N HIS J 152 51.98 4.12 -29.97
CA HIS J 152 51.32 3.93 -28.69
C HIS J 152 52.19 4.40 -27.54
N ALA J 153 53.52 4.24 -27.65
CA ALA J 153 54.41 4.70 -26.61
C ALA J 153 54.37 6.22 -26.49
N ARG J 154 54.46 6.92 -27.63
CA ARG J 154 54.37 8.37 -27.60
C ARG J 154 53.03 8.83 -27.05
N GLU J 155 51.96 8.10 -27.39
CA GLU J 155 50.64 8.47 -26.88
C GLU J 155 50.58 8.34 -25.37
N ILE J 156 51.07 7.21 -24.83
CA ILE J 156 51.00 7.03 -23.39
C ILE J 156 51.94 7.99 -22.68
N LEU J 157 53.03 8.40 -23.33
CA LEU J 157 53.91 9.39 -22.72
C LEU J 157 53.22 10.75 -22.67
N LYS J 158 52.50 11.12 -23.73
CA LYS J 158 51.71 12.34 -23.68
C LYS J 158 50.67 12.27 -22.57
N VAL J 159 50.03 11.12 -22.40
CA VAL J 159 49.05 10.97 -21.33
C VAL J 159 49.71 11.15 -19.97
N LYS J 160 50.88 10.55 -19.78
CA LYS J 160 51.60 10.69 -18.51
C LYS J 160 51.95 12.14 -18.24
N GLY J 161 52.43 12.84 -19.27
CA GLY J 161 52.75 14.25 -19.11
C GLY J 161 51.53 15.07 -18.73
N ARG J 162 50.40 14.80 -19.39
CA ARG J 162 49.17 15.53 -19.07
C ARG J 162 48.73 15.26 -17.64
N MET J 163 48.82 13.99 -17.20
CA MET J 163 48.47 13.66 -15.83
C MET J 163 49.37 14.39 -14.84
N ASN J 164 50.67 14.42 -15.11
CA ASN J 164 51.59 15.11 -14.21
C ASN J 164 51.27 16.61 -14.17
N GLU J 165 50.96 17.20 -15.32
CA GLU J 165 50.62 18.62 -15.32
C GLU J 165 49.37 18.88 -14.50
N LEU J 166 48.34 18.06 -14.66
CA LEU J 166 47.10 18.26 -13.92
C LEU J 166 47.33 18.07 -12.42
N MET J 167 48.14 17.09 -12.04
CA MET J 167 48.41 16.88 -10.63
C MET J 167 49.20 18.04 -10.04
N ALA J 168 50.20 18.53 -10.78
CA ALA J 168 50.96 19.68 -10.30
C ALA J 168 50.08 20.91 -10.18
N LEU J 169 49.10 21.04 -11.08
CA LEU J 169 48.17 22.16 -10.99
C LEU J 169 47.29 22.05 -9.75
N HIS J 170 46.75 20.86 -9.50
CA HIS J 170 45.77 20.72 -8.43
C HIS J 170 46.40 20.63 -7.05
N THR J 171 47.65 20.17 -6.95
CA THR J 171 48.31 20.05 -5.66
C THR J 171 49.21 21.24 -5.34
N GLY J 172 49.59 22.03 -6.34
CA GLY J 172 50.50 23.12 -6.13
C GLY J 172 51.96 22.74 -6.14
N GLN J 173 52.28 21.45 -6.21
CA GLN J 173 53.66 21.02 -6.27
C GLN J 173 54.26 21.33 -7.63
N SER J 174 55.59 21.33 -7.69
CA SER J 174 56.26 21.55 -8.96
C SER J 174 56.07 20.34 -9.87
N LEU J 175 56.10 20.61 -11.18
CA LEU J 175 55.98 19.52 -12.15
C LEU J 175 57.10 18.51 -11.99
N GLU J 176 58.32 18.98 -11.76
CA GLU J 176 59.43 18.06 -11.52
C GLU J 176 59.22 17.27 -10.25
N GLN J 177 58.59 17.86 -9.23
CA GLN J 177 58.31 17.14 -8.01
C GLN J 177 57.36 15.98 -8.25
N ILE J 178 56.26 16.24 -8.97
CA ILE J 178 55.32 15.18 -9.30
C ILE J 178 56.00 14.12 -10.15
N GLU J 179 56.85 14.55 -11.08
CA GLU J 179 57.52 13.60 -11.96
C GLU J 179 58.44 12.67 -11.18
N ARG J 180 59.19 13.21 -10.22
CA ARG J 180 60.10 12.38 -9.46
C ARG J 180 59.37 11.59 -8.38
N ASP J 181 58.17 12.03 -8.00
CA ASP J 181 57.43 11.31 -6.97
C ASP J 181 56.68 10.12 -7.54
N THR J 182 55.99 10.29 -8.66
CA THR J 182 55.16 9.23 -9.22
C THR J 182 55.95 8.28 -10.12
N GLU J 183 57.28 8.29 -10.05
CA GLU J 183 58.05 7.32 -10.81
C GLU J 183 57.73 5.90 -10.37
N ARG J 184 57.49 5.70 -9.09
CA ARG J 184 57.08 4.41 -8.54
C ARG J 184 55.83 4.60 -7.72
N ASP J 185 55.23 3.49 -7.31
CA ASP J 185 54.10 3.54 -6.40
C ASP J 185 54.50 4.26 -5.12
N ARG J 186 53.79 5.33 -4.80
CA ARG J 186 54.05 6.09 -3.58
C ARG J 186 52.77 6.15 -2.76
N PHE J 187 52.80 5.56 -1.57
CA PHE J 187 51.66 5.55 -0.67
C PHE J 187 51.72 6.76 0.25
N LEU J 188 50.55 7.28 0.61
CA LEU J 188 50.45 8.42 1.50
C LEU J 188 49.33 8.18 2.51
N SER J 189 49.63 8.39 3.78
CA SER J 189 48.59 8.41 4.79
C SER J 189 47.78 9.70 4.68
N ALA J 190 46.78 9.83 5.55
CA ALA J 190 45.96 11.04 5.57
C ALA J 190 46.77 12.29 5.90
N PRO J 191 47.58 12.34 6.96
CA PRO J 191 48.40 13.54 7.18
C PRO J 191 49.44 13.76 6.10
N GLU J 192 50.06 12.70 5.59
CA GLU J 192 50.99 12.85 4.47
C GLU J 192 50.28 13.42 3.25
N ALA J 193 49.04 13.00 3.00
CA ALA J 193 48.29 13.54 1.87
C ALA J 193 47.96 15.01 2.10
N VAL J 194 47.61 15.38 3.32
CA VAL J 194 47.32 16.78 3.61
C VAL J 194 48.56 17.64 3.38
N GLU J 195 49.71 17.16 3.87
CA GLU J 195 50.95 17.93 3.70
C GLU J 195 51.37 17.98 2.24
N TYR J 196 51.09 16.91 1.49
CA TYR J 196 51.47 16.88 0.08
C TYR J 196 50.61 17.82 -0.75
N GLY J 197 49.40 18.10 -0.29
CA GLY J 197 48.49 18.96 -1.00
C GLY J 197 47.38 18.26 -1.75
N LEU J 198 47.34 16.93 -1.70
CA LEU J 198 46.27 16.20 -2.39
C LEU J 198 44.91 16.52 -1.81
N VAL J 199 44.83 16.62 -0.48
CA VAL J 199 43.58 16.94 0.19
C VAL J 199 43.79 18.20 1.02
N ASP J 200 42.67 18.82 1.40
CA ASP J 200 42.72 20.06 2.15
C ASP J 200 42.74 19.84 3.65
N SER J 201 41.99 18.86 4.15
CA SER J 201 41.94 18.59 5.58
C SER J 201 41.43 17.18 5.79
N ILE J 202 41.55 16.71 7.03
CA ILE J 202 41.11 15.38 7.43
C ILE J 202 39.85 15.51 8.26
N LEU J 203 38.81 14.76 7.88
CA LEU J 203 37.58 14.73 8.64
C LEU J 203 37.75 13.85 9.87
N THR J 204 37.43 14.39 11.04
CA THR J 204 37.64 13.69 12.30
C THR J 204 36.33 13.30 12.97
N HIS J 205 35.46 14.27 13.27
CA HIS J 205 34.22 14.00 13.98
C HIS J 205 33.18 15.02 13.56
N ARG J 206 31.95 14.78 13.99
CA ARG J 206 30.85 15.68 13.70
C ARG J 206 31.00 17.00 14.46
N ALA K 15 19.02 -0.80 -8.51
CA ALA K 15 20.14 -1.71 -8.72
C ALA K 15 21.43 -0.93 -8.94
N LEU K 16 22.23 -1.37 -9.91
CA LEU K 16 23.47 -0.65 -10.21
C LEU K 16 23.17 0.73 -10.77
N VAL K 17 22.09 0.87 -11.52
CA VAL K 17 21.69 2.15 -12.12
C VAL K 17 20.73 2.82 -11.15
N PRO K 18 21.05 3.99 -10.62
CA PRO K 18 20.18 4.63 -9.63
C PRO K 18 18.95 5.26 -10.27
N MET K 19 17.89 5.34 -9.49
CA MET K 19 16.65 5.97 -9.92
C MET K 19 16.59 7.40 -9.41
N VAL K 20 15.84 8.24 -10.12
CA VAL K 20 15.70 9.64 -9.79
C VAL K 20 14.22 10.01 -9.81
N ILE K 21 13.90 11.16 -9.23
CA ILE K 21 12.53 11.61 -9.06
C ILE K 21 12.36 12.95 -9.77
N GLU K 22 11.27 13.09 -10.51
CA GLU K 22 10.96 14.29 -11.25
C GLU K 22 9.50 14.66 -11.06
N GLN K 23 9.24 15.96 -10.88
CA GLN K 23 7.91 16.47 -10.61
C GLN K 23 7.47 17.35 -11.77
N THR K 24 6.66 16.79 -12.67
CA THR K 24 6.16 17.57 -13.80
C THR K 24 4.66 17.75 -13.74
N SER K 25 3.90 16.67 -13.74
CA SER K 25 2.45 16.77 -13.76
C SER K 25 1.85 16.22 -12.48
N ARG K 26 2.17 14.97 -12.13
CA ARG K 26 1.70 14.43 -10.87
C ARG K 26 2.85 14.35 -9.86
N GLY K 27 4.08 14.51 -10.33
CA GLY K 27 5.22 14.43 -9.45
C GLY K 27 5.64 13.00 -9.17
N GLU K 28 6.82 12.89 -8.56
CA GLU K 28 7.38 11.61 -8.15
C GLU K 28 7.48 10.65 -9.34
N ARG K 29 7.86 11.18 -10.49
CA ARG K 29 8.06 10.37 -11.68
C ARG K 29 9.44 9.72 -11.60
N SER K 30 9.46 8.43 -11.28
CA SER K 30 10.70 7.72 -11.06
C SER K 30 11.24 7.21 -12.38
N PHE K 31 12.41 7.70 -12.76
CA PHE K 31 13.13 7.19 -13.93
C PHE K 31 14.49 6.70 -13.50
N ASP K 32 15.01 5.73 -14.24
CA ASP K 32 16.44 5.48 -14.16
C ASP K 32 17.18 6.70 -14.70
N ILE K 33 18.46 6.81 -14.35
CA ILE K 33 19.20 8.01 -14.73
C ILE K 33 19.31 8.12 -16.23
N TYR K 34 19.48 6.99 -16.93
CA TYR K 34 19.62 7.06 -18.38
C TYR K 34 18.32 7.47 -19.04
N SER K 35 17.18 6.94 -18.57
CA SER K 35 15.91 7.40 -19.09
C SER K 35 15.67 8.86 -18.71
N ARG K 36 16.12 9.28 -17.52
CA ARG K 36 15.95 10.66 -17.10
C ARG K 36 16.71 11.61 -18.01
N LEU K 37 17.87 11.18 -18.52
CA LEU K 37 18.61 12.04 -19.42
C LEU K 37 18.08 11.95 -20.85
N LEU K 38 17.68 10.75 -21.29
CA LEU K 38 17.04 10.63 -22.59
C LEU K 38 15.83 11.55 -22.69
N LYS K 39 15.11 11.73 -21.58
CA LYS K 39 14.03 12.71 -21.58
C LYS K 39 14.53 14.11 -21.92
N GLU K 40 15.80 14.41 -21.66
CA GLU K 40 16.38 15.70 -22.02
C GLU K 40 17.10 15.66 -23.36
N ARG K 41 16.80 14.68 -24.21
CA ARG K 41 17.35 14.60 -25.56
C ARG K 41 18.87 14.49 -25.55
N VAL K 42 19.41 13.71 -24.62
CA VAL K 42 20.83 13.41 -24.57
C VAL K 42 20.99 11.90 -24.55
N ILE K 43 21.88 11.39 -25.39
CA ILE K 43 22.09 9.96 -25.58
C ILE K 43 23.56 9.64 -25.31
N PHE K 44 23.81 8.50 -24.68
CA PHE K 44 25.16 8.07 -24.37
C PHE K 44 25.57 6.93 -25.30
N LEU K 45 26.81 6.98 -25.76
CA LEU K 45 27.40 5.92 -26.56
C LEU K 45 28.71 5.52 -25.90
N THR K 46 28.73 4.33 -25.32
CA THR K 46 29.89 3.86 -24.56
C THR K 46 30.26 2.44 -24.98
N GLY K 47 31.47 2.05 -24.62
CA GLY K 47 31.95 0.73 -24.96
C GLY K 47 32.09 0.54 -26.46
N GLN K 48 32.30 -0.71 -26.85
CA GLN K 48 32.41 -1.04 -28.26
C GLN K 48 31.09 -0.82 -28.96
N VAL K 49 31.16 -0.49 -30.25
CA VAL K 49 29.97 -0.34 -31.08
C VAL K 49 29.60 -1.70 -31.65
N GLU K 50 28.46 -2.23 -31.24
CA GLU K 50 28.00 -3.52 -31.71
C GLU K 50 26.56 -3.38 -32.19
N ASP K 51 25.98 -4.50 -32.63
CA ASP K 51 24.67 -4.46 -33.26
C ASP K 51 23.60 -3.98 -32.30
N HIS K 52 23.50 -4.61 -31.13
CA HIS K 52 22.39 -4.31 -30.23
C HIS K 52 22.50 -2.91 -29.64
N MET K 53 23.70 -2.51 -29.22
CA MET K 53 23.86 -1.17 -28.67
C MET K 53 23.59 -0.10 -29.71
N ALA K 54 24.11 -0.29 -30.92
CA ALA K 54 23.86 0.68 -31.98
C ALA K 54 22.39 0.73 -32.33
N ASN K 55 21.71 -0.42 -32.30
CA ASN K 55 20.28 -0.43 -32.58
C ASN K 55 19.52 0.32 -31.48
N LEU K 56 19.96 0.17 -30.24
CA LEU K 56 19.36 0.93 -29.15
C LEU K 56 19.54 2.43 -29.38
N ILE K 57 20.74 2.84 -29.81
CA ILE K 57 21.00 4.24 -30.10
C ILE K 57 20.08 4.72 -31.22
N VAL K 58 19.90 3.89 -32.25
CA VAL K 58 19.05 4.27 -33.36
C VAL K 58 17.60 4.44 -32.90
N ALA K 59 17.13 3.52 -32.07
CA ALA K 59 15.77 3.64 -31.54
C ALA K 59 15.61 4.92 -30.74
N GLN K 60 16.60 5.24 -29.89
CA GLN K 60 16.52 6.47 -29.11
C GLN K 60 16.49 7.70 -30.02
N MET K 61 17.32 7.69 -31.07
CA MET K 61 17.35 8.84 -31.96
C MET K 61 16.03 9.00 -32.71
N LEU K 62 15.45 7.89 -33.15
CA LEU K 62 14.16 7.96 -33.83
C LEU K 62 13.08 8.49 -32.89
N PHE K 63 13.07 8.03 -31.65
CA PHE K 63 12.08 8.52 -30.69
C PHE K 63 12.27 10.00 -30.43
N LEU K 64 13.52 10.44 -30.29
CA LEU K 64 13.78 11.86 -30.02
C LEU K 64 13.37 12.71 -31.20
N GLU K 65 13.58 12.22 -32.42
CA GLU K 65 13.10 12.94 -33.59
C GLU K 65 11.59 13.04 -33.59
N ALA K 66 10.90 11.94 -33.27
CA ALA K 66 9.44 11.97 -33.23
C ALA K 66 8.95 12.90 -32.13
N GLU K 67 9.75 13.09 -31.09
CA GLU K 67 9.34 13.98 -30.00
C GLU K 67 9.31 15.43 -30.44
N ASN K 68 10.44 15.93 -30.94
CA ASN K 68 10.54 17.30 -31.41
C ASN K 68 11.57 17.38 -32.52
N PRO K 69 11.15 17.38 -33.78
CA PRO K 69 12.12 17.35 -34.89
C PRO K 69 12.95 18.61 -35.01
N GLU K 70 12.72 19.61 -34.16
CA GLU K 70 13.46 20.86 -34.25
C GLU K 70 14.57 20.98 -33.22
N LYS K 71 14.41 20.38 -32.04
CA LYS K 71 15.40 20.48 -30.98
C LYS K 71 16.57 19.54 -31.27
N ASP K 72 17.76 19.98 -30.88
CA ASP K 72 18.96 19.22 -31.15
C ASP K 72 18.98 17.95 -30.30
N ILE K 73 19.81 17.00 -30.72
CA ILE K 73 20.05 15.75 -30.00
C ILE K 73 21.53 15.67 -29.68
N TYR K 74 21.85 15.37 -28.43
CA TYR K 74 23.22 15.35 -27.96
C TYR K 74 23.67 13.92 -27.71
N LEU K 75 24.69 13.50 -28.45
CA LEU K 75 25.21 12.14 -28.37
C LEU K 75 26.59 12.18 -27.71
N TYR K 76 26.63 11.85 -26.43
CA TYR K 76 27.88 11.83 -25.68
C TYR K 76 28.64 10.56 -26.02
N ILE K 77 29.78 10.72 -26.69
CA ILE K 77 30.51 9.61 -27.27
C ILE K 77 31.73 9.31 -26.41
N ASN K 78 31.86 8.06 -25.99
CA ASN K 78 33.06 7.57 -25.31
C ASN K 78 33.21 6.10 -25.68
N SER K 79 33.96 5.84 -26.74
CA SER K 79 33.99 4.50 -27.28
C SER K 79 35.36 4.13 -27.81
N PRO K 80 35.84 2.92 -27.52
CA PRO K 80 37.10 2.46 -28.10
C PRO K 80 36.97 1.89 -29.51
N GLY K 81 35.84 2.12 -30.17
CA GLY K 81 35.64 1.62 -31.51
C GLY K 81 34.46 0.67 -31.59
N GLY K 82 34.51 -0.24 -32.54
CA GLY K 82 33.46 -1.21 -32.74
C GLY K 82 33.44 -1.67 -34.17
N VAL K 83 32.37 -2.38 -34.53
CA VAL K 83 32.20 -2.88 -35.88
C VAL K 83 31.77 -1.73 -36.79
N ILE K 84 32.29 -1.73 -38.02
CA ILE K 84 32.05 -0.61 -38.92
C ILE K 84 30.59 -0.52 -39.31
N THR K 85 29.91 -1.67 -39.38
CA THR K 85 28.54 -1.68 -39.88
C THR K 85 27.57 -1.00 -38.92
N ALA K 86 27.71 -1.29 -37.62
CA ALA K 86 26.85 -0.65 -36.65
C ALA K 86 27.10 0.86 -36.60
N GLY K 87 28.37 1.26 -36.69
CA GLY K 87 28.68 2.67 -36.78
C GLY K 87 28.07 3.31 -38.01
N MET K 88 28.06 2.59 -39.13
CA MET K 88 27.44 3.11 -40.35
C MET K 88 25.94 3.25 -40.16
N SER K 89 25.31 2.31 -39.46
CA SER K 89 23.90 2.44 -39.15
C SER K 89 23.63 3.70 -38.34
N ILE K 90 24.43 3.93 -37.31
CA ILE K 90 24.24 5.12 -36.48
C ILE K 90 24.46 6.38 -37.30
N TYR K 91 25.48 6.37 -38.16
CA TYR K 91 25.78 7.55 -38.96
C TYR K 91 24.65 7.85 -39.93
N ASP K 92 24.12 6.82 -40.58
CA ASP K 92 23.01 7.02 -41.50
C ASP K 92 21.78 7.52 -40.78
N THR K 93 21.53 7.01 -39.57
CA THR K 93 20.40 7.51 -38.79
C THR K 93 20.60 8.97 -38.42
N MET K 94 21.82 9.35 -38.08
CA MET K 94 22.09 10.75 -37.77
C MET K 94 21.88 11.64 -38.98
N GLN K 95 22.33 11.19 -40.16
CA GLN K 95 22.15 12.00 -41.36
C GLN K 95 20.69 12.09 -41.76
N PHE K 96 19.93 11.02 -41.58
CA PHE K 96 18.56 10.99 -42.10
C PHE K 96 17.65 11.90 -41.30
N ILE K 97 17.73 11.84 -39.97
CA ILE K 97 16.77 12.54 -39.13
C ILE K 97 16.89 14.05 -39.34
N LYS K 98 15.78 14.74 -39.17
CA LYS K 98 15.77 16.19 -39.39
C LYS K 98 16.53 16.96 -38.33
N PRO K 99 16.30 16.77 -37.02
CA PRO K 99 17.01 17.58 -36.03
C PRO K 99 18.51 17.35 -36.07
N ASP K 100 19.25 18.34 -35.58
CA ASP K 100 20.69 18.31 -35.59
C ASP K 100 21.21 17.46 -34.43
N VAL K 101 22.24 16.67 -34.70
CA VAL K 101 22.86 15.80 -33.72
C VAL K 101 24.19 16.41 -33.30
N SER K 102 24.27 16.84 -32.04
CA SER K 102 25.49 17.41 -31.50
C SER K 102 26.27 16.33 -30.77
N THR K 103 27.41 15.94 -31.33
CA THR K 103 28.25 14.90 -30.76
C THR K 103 29.28 15.53 -29.84
N ILE K 104 29.39 15.01 -28.62
CA ILE K 104 30.33 15.50 -27.62
C ILE K 104 31.23 14.33 -27.23
N CYS K 105 32.51 14.44 -27.52
CA CYS K 105 33.47 13.38 -27.23
C CYS K 105 34.11 13.63 -25.87
N MET K 106 33.70 12.83 -24.89
CA MET K 106 34.33 12.84 -23.58
C MET K 106 35.02 11.50 -23.37
N GLY K 107 36.04 11.50 -22.53
CA GLY K 107 36.85 10.31 -22.42
C GLY K 107 37.71 10.16 -23.65
N GLN K 108 37.34 9.24 -24.54
CA GLN K 108 38.07 9.05 -25.78
C GLN K 108 37.14 8.46 -26.83
N ALA K 109 37.54 8.63 -28.09
CA ALA K 109 36.76 8.14 -29.22
C ALA K 109 37.75 7.59 -30.25
N ALA K 110 37.70 6.27 -30.46
CA ALA K 110 38.56 5.61 -31.43
C ALA K 110 37.87 5.62 -32.78
N SER K 111 38.41 4.82 -33.71
CA SER K 111 38.07 4.88 -35.13
C SER K 111 36.59 5.07 -35.38
N MET K 112 35.77 4.12 -34.95
CA MET K 112 34.33 4.24 -35.15
C MET K 112 33.77 5.35 -34.29
N GLY K 113 34.23 5.46 -33.04
CA GLY K 113 33.77 6.54 -32.20
C GLY K 113 34.16 7.91 -32.71
N ALA K 114 35.41 8.03 -33.19
CA ALA K 114 35.84 9.30 -33.76
C ALA K 114 35.03 9.65 -35.00
N PHE K 115 34.74 8.64 -35.83
CA PHE K 115 33.95 8.89 -37.03
C PHE K 115 32.56 9.38 -36.65
N LEU K 116 31.90 8.71 -35.71
CA LEU K 116 30.58 9.14 -35.29
C LEU K 116 30.63 10.51 -34.64
N LEU K 117 31.75 10.85 -34.00
CA LEU K 117 31.89 12.18 -33.42
C LEU K 117 31.96 13.24 -34.50
N THR K 118 32.86 13.06 -35.48
CA THR K 118 33.02 14.06 -36.52
C THR K 118 31.80 14.13 -37.43
N ALA K 119 30.91 13.14 -37.35
CA ALA K 119 29.71 13.13 -38.18
C ALA K 119 28.58 13.97 -37.61
N GLY K 120 28.82 14.69 -36.52
CA GLY K 120 27.78 15.51 -35.93
C GLY K 120 27.40 16.67 -36.82
N ALA K 121 26.39 17.41 -36.37
CA ALA K 121 25.93 18.58 -37.10
C ALA K 121 27.04 19.62 -37.19
N LYS K 122 27.25 20.14 -38.39
CA LYS K 122 28.31 21.11 -38.62
C LYS K 122 28.15 22.31 -37.69
N GLY K 123 29.23 22.64 -37.00
CA GLY K 123 29.20 23.70 -36.01
C GLY K 123 28.85 23.25 -34.61
N LYS K 124 28.53 21.96 -34.43
CA LYS K 124 28.10 21.45 -33.14
C LYS K 124 28.88 20.21 -32.70
N ARG K 125 30.03 19.94 -33.32
CA ARG K 125 30.90 18.85 -32.90
C ARG K 125 31.87 19.37 -31.85
N PHE K 126 31.69 18.95 -30.60
CA PHE K 126 32.50 19.43 -29.50
C PHE K 126 33.35 18.30 -28.95
N CYS K 127 34.31 18.67 -28.11
CA CYS K 127 35.12 17.70 -27.38
C CYS K 127 35.58 18.36 -26.09
N LEU K 128 35.97 17.53 -25.14
CA LEU K 128 36.39 18.03 -23.86
C LEU K 128 37.90 18.22 -23.81
N PRO K 129 38.40 19.12 -22.97
CA PRO K 129 39.81 19.55 -23.09
C PRO K 129 40.81 18.42 -22.97
N ASN K 130 40.51 17.36 -22.23
CA ASN K 130 41.44 16.27 -22.05
C ASN K 130 41.01 15.02 -22.82
N SER K 131 39.96 15.11 -23.62
CA SER K 131 39.52 13.97 -24.40
C SER K 131 40.58 13.61 -25.44
N ARG K 132 40.57 12.34 -25.84
CA ARG K 132 41.50 11.82 -26.82
C ARG K 132 40.74 11.32 -28.04
N VAL K 133 41.30 11.56 -29.22
CA VAL K 133 40.69 11.13 -30.47
C VAL K 133 41.73 10.35 -31.25
N MET K 134 41.34 9.19 -31.76
CA MET K 134 42.21 8.34 -32.55
C MET K 134 41.46 7.85 -33.77
N ILE K 135 42.15 7.85 -34.92
CA ILE K 135 41.57 7.42 -36.17
C ILE K 135 42.53 6.48 -36.86
N HIS K 136 41.98 5.53 -37.62
CA HIS K 136 42.80 4.58 -38.37
C HIS K 136 41.93 3.92 -39.42
N GLN K 137 42.60 3.27 -40.37
CA GLN K 137 41.89 2.53 -41.39
C GLN K 137 41.15 1.35 -40.76
N PRO K 138 40.01 0.95 -41.32
CA PRO K 138 39.24 -0.13 -40.72
C PRO K 138 40.00 -1.45 -40.73
N LEU K 139 39.73 -2.27 -39.73
CA LEU K 139 40.36 -3.57 -39.59
C LEU K 139 39.37 -4.66 -39.98
N GLY K 140 39.91 -5.85 -40.22
CA GLY K 140 39.08 -6.98 -40.59
C GLY K 140 39.92 -8.17 -40.96
N GLY K 141 39.34 -9.05 -41.76
CA GLY K 141 40.07 -10.21 -42.23
C GLY K 141 39.12 -11.30 -42.65
N TYR K 142 39.70 -12.36 -43.18
CA TYR K 142 38.92 -13.50 -43.64
C TYR K 142 39.84 -14.69 -43.84
N GLN K 143 39.29 -15.89 -43.69
CA GLN K 143 39.99 -17.13 -43.93
C GLN K 143 39.16 -18.00 -44.86
N GLY K 144 39.80 -18.57 -45.87
CA GLY K 144 39.10 -19.44 -46.79
C GLY K 144 39.85 -19.56 -48.10
N GLN K 145 39.09 -19.82 -49.16
CA GLN K 145 39.66 -19.99 -50.47
C GLN K 145 40.12 -18.66 -51.05
N ALA K 146 41.01 -18.75 -52.04
CA ALA K 146 41.60 -17.54 -52.61
C ALA K 146 40.55 -16.61 -53.19
N THR K 147 39.53 -17.18 -53.84
CA THR K 147 38.51 -16.34 -54.47
C THR K 147 37.70 -15.59 -53.42
N ASP K 148 37.26 -16.27 -52.37
CA ASP K 148 36.56 -15.59 -51.28
C ASP K 148 37.47 -14.58 -50.60
N ILE K 149 38.75 -14.89 -50.46
CA ILE K 149 39.71 -13.93 -49.91
C ILE K 149 39.71 -12.66 -50.73
N GLU K 150 39.81 -12.80 -52.06
CA GLU K 150 39.82 -11.63 -52.92
C GLU K 150 38.52 -10.85 -52.81
N ILE K 151 37.39 -11.55 -52.75
CA ILE K 151 36.10 -10.87 -52.63
C ILE K 151 36.05 -10.04 -51.36
N HIS K 152 36.41 -10.65 -50.22
CA HIS K 152 36.37 -9.95 -48.96
C HIS K 152 37.36 -8.80 -48.92
N ALA K 153 38.52 -8.96 -49.56
CA ALA K 153 39.51 -7.90 -49.60
C ALA K 153 38.98 -6.71 -50.39
N ARG K 154 38.41 -6.96 -51.56
CA ARG K 154 37.83 -5.86 -52.33
C ARG K 154 36.70 -5.19 -51.57
N GLU K 155 35.91 -5.98 -50.84
CA GLU K 155 34.83 -5.39 -50.06
C GLU K 155 35.36 -4.48 -48.97
N ILE K 156 36.37 -4.92 -48.22
CA ILE K 156 36.89 -4.09 -47.15
C ILE K 156 37.61 -2.88 -47.72
N LEU K 157 38.19 -2.99 -48.92
CA LEU K 157 38.80 -1.83 -49.53
C LEU K 157 37.75 -0.81 -49.94
N LYS K 158 36.62 -1.27 -50.47
CA LYS K 158 35.52 -0.35 -50.75
C LYS K 158 35.04 0.33 -49.47
N VAL K 159 34.97 -0.43 -48.38
CA VAL K 159 34.55 0.16 -47.11
C VAL K 159 35.53 1.23 -46.67
N LYS K 160 36.83 0.93 -46.78
CA LYS K 160 37.84 1.91 -46.40
C LYS K 160 37.74 3.18 -47.24
N GLY K 161 37.54 3.00 -48.55
CA GLY K 161 37.37 4.17 -49.41
C GLY K 161 36.17 5.00 -49.03
N ARG K 162 35.05 4.33 -48.72
CA ARG K 162 33.85 5.06 -48.33
C ARG K 162 34.07 5.81 -47.03
N MET K 163 34.75 5.18 -46.06
CA MET K 163 35.04 5.84 -44.81
C MET K 163 35.92 7.06 -45.03
N ASN K 164 36.95 6.93 -45.88
CA ASN K 164 37.81 8.08 -46.15
C ASN K 164 37.03 9.20 -46.83
N GLU K 165 36.15 8.86 -47.76
CA GLU K 165 35.35 9.89 -48.41
C GLU K 165 34.47 10.62 -47.40
N LEU K 166 33.81 9.87 -46.52
CA LEU K 166 32.93 10.50 -45.53
C LEU K 166 33.73 11.37 -44.57
N MET K 167 34.91 10.92 -44.16
CA MET K 167 35.73 11.72 -43.26
C MET K 167 36.21 13.00 -43.94
N ALA K 168 36.63 12.88 -45.20
CA ALA K 168 37.06 14.07 -45.94
C ALA K 168 35.90 15.04 -46.11
N LEU K 169 34.70 14.51 -46.29
CA LEU K 169 33.53 15.38 -46.42
C LEU K 169 33.25 16.11 -45.10
N HIS K 170 33.28 15.39 -43.99
CA HIS K 170 32.87 15.98 -42.73
C HIS K 170 33.94 16.86 -42.09
N THR K 171 35.20 16.62 -42.40
CA THR K 171 36.28 17.41 -41.82
C THR K 171 36.76 18.53 -42.74
N GLY K 172 36.46 18.44 -44.03
CA GLY K 172 36.94 19.42 -44.98
C GLY K 172 38.33 19.16 -45.51
N GLN K 173 39.03 18.17 -44.97
CA GLN K 173 40.36 17.84 -45.46
C GLN K 173 40.27 17.16 -46.82
N SER K 174 41.40 17.15 -47.51
CA SER K 174 41.46 16.48 -48.80
C SER K 174 41.40 14.96 -48.60
N LEU K 175 40.87 14.28 -49.62
CA LEU K 175 40.79 12.82 -49.55
C LEU K 175 42.18 12.21 -49.42
N GLU K 176 43.16 12.75 -50.16
CA GLU K 176 44.52 12.25 -50.04
C GLU K 176 45.07 12.52 -48.64
N GLN K 177 44.68 13.63 -48.03
CA GLN K 177 45.14 13.92 -46.68
C GLN K 177 44.62 12.88 -45.69
N ILE K 178 43.33 12.55 -45.76
CA ILE K 178 42.78 11.53 -44.88
C ILE K 178 43.43 10.19 -45.17
N GLU K 179 43.68 9.89 -46.45
CA GLU K 179 44.29 8.61 -46.80
C GLU K 179 45.68 8.48 -46.21
N ARG K 180 46.48 9.54 -46.30
CA ARG K 180 47.85 9.46 -45.78
C ARG K 180 47.86 9.58 -44.25
N ASP K 181 46.81 10.14 -43.66
CA ASP K 181 46.80 10.28 -42.21
C ASP K 181 46.35 9.01 -41.51
N THR K 182 45.30 8.36 -41.99
CA THR K 182 44.76 7.17 -41.33
C THR K 182 45.45 5.90 -41.75
N GLU K 183 46.63 5.98 -42.38
CA GLU K 183 47.36 4.76 -42.71
C GLU K 183 47.75 4.00 -41.45
N ARG K 184 48.07 4.72 -40.38
CA ARG K 184 48.37 4.13 -39.09
C ARG K 184 47.50 4.79 -38.03
N ASP K 185 47.52 4.23 -36.83
CA ASP K 185 46.85 4.86 -35.70
C ASP K 185 47.40 6.27 -35.49
N ARG K 186 46.53 7.26 -35.55
CA ARG K 186 46.92 8.63 -35.32
C ARG K 186 46.08 9.20 -34.18
N PHE K 187 46.74 9.57 -33.09
CA PHE K 187 46.07 10.14 -31.93
C PHE K 187 46.02 11.66 -32.06
N LEU K 188 44.96 12.25 -31.54
CA LEU K 188 44.79 13.70 -31.57
C LEU K 188 44.27 14.17 -30.23
N SER K 189 44.90 15.20 -29.67
CA SER K 189 44.36 15.86 -28.51
C SER K 189 43.17 16.73 -28.91
N ALA K 190 42.57 17.38 -27.92
CA ALA K 190 41.44 18.27 -28.20
C ALA K 190 41.81 19.44 -29.11
N PRO K 191 42.88 20.21 -28.86
CA PRO K 191 43.24 21.26 -29.82
C PRO K 191 43.68 20.72 -31.16
N GLU K 192 44.41 19.60 -31.19
CA GLU K 192 44.75 18.98 -32.46
C GLU K 192 43.50 18.56 -33.22
N ALA K 193 42.49 18.06 -32.52
CA ALA K 193 41.25 17.68 -33.19
C ALA K 193 40.52 18.91 -33.73
N VAL K 194 40.53 19.99 -32.97
CA VAL K 194 39.88 21.23 -33.45
C VAL K 194 40.58 21.73 -34.71
N GLU K 195 41.91 21.74 -34.70
CA GLU K 195 42.64 22.21 -35.87
C GLU K 195 42.48 21.28 -37.05
N TYR K 196 42.35 19.97 -36.79
CA TYR K 196 42.20 19.02 -37.87
C TYR K 196 40.81 19.13 -38.52
N GLY K 197 39.84 19.61 -37.76
CA GLY K 197 38.48 19.75 -38.27
C GLY K 197 37.51 18.70 -37.79
N LEU K 198 37.96 17.75 -36.97
CA LEU K 198 37.04 16.72 -36.47
C LEU K 198 35.97 17.33 -35.60
N VAL K 199 36.32 18.29 -34.75
CA VAL K 199 35.38 18.95 -33.87
C VAL K 199 35.41 20.44 -34.17
N ASP K 200 34.36 21.13 -33.71
CA ASP K 200 34.22 22.55 -33.98
C ASP K 200 34.86 23.41 -32.88
N SER K 201 34.73 23.00 -31.62
CA SER K 201 35.30 23.77 -30.53
C SER K 201 35.43 22.85 -29.31
N ILE K 202 36.13 23.35 -28.30
CA ILE K 202 36.37 22.61 -27.07
C ILE K 202 35.52 23.24 -25.96
N LEU K 203 34.76 22.41 -25.27
CA LEU K 203 33.97 22.87 -24.14
C LEU K 203 34.87 23.05 -22.92
N THR K 204 34.82 24.24 -22.32
CA THR K 204 35.70 24.56 -21.20
C THR K 204 34.94 24.71 -19.89
N HIS K 205 33.95 25.60 -19.82
CA HIS K 205 33.23 25.85 -18.59
C HIS K 205 31.82 26.31 -18.91
N ARG K 206 30.99 26.39 -17.88
CA ARG K 206 29.62 26.83 -18.04
C ARG K 206 29.56 28.33 -18.38
N ALA L 15 17.00 -0.45 -16.84
CA ALA L 15 18.20 -1.26 -16.99
C ALA L 15 19.00 -0.81 -18.22
N LEU L 16 19.50 -1.79 -18.98
CA LEU L 16 20.23 -1.46 -20.19
C LEU L 16 19.34 -0.79 -21.22
N VAL L 17 18.07 -1.20 -21.28
CA VAL L 17 17.09 -0.64 -22.21
C VAL L 17 16.38 0.50 -21.50
N PRO L 18 16.46 1.73 -21.99
CA PRO L 18 15.86 2.86 -21.30
C PRO L 18 14.35 2.91 -21.50
N MET L 19 13.67 3.49 -20.53
CA MET L 19 12.24 3.67 -20.57
C MET L 19 11.90 5.07 -21.05
N VAL L 20 10.72 5.21 -21.63
CA VAL L 20 10.26 6.49 -22.17
C VAL L 20 8.84 6.75 -21.68
N ILE L 21 8.40 7.99 -21.82
CA ILE L 21 7.11 8.44 -21.31
C ILE L 21 6.28 8.96 -22.47
N GLU L 22 5.01 8.56 -22.51
CA GLU L 22 4.09 8.97 -23.54
C GLU L 22 2.75 9.36 -22.93
N GLN L 23 2.18 10.46 -23.44
CA GLN L 23 0.94 11.01 -22.92
C GLN L 23 -0.15 10.90 -23.98
N THR L 24 -1.01 9.88 -23.86
CA THR L 24 -2.09 9.71 -24.81
C THR L 24 -3.45 9.88 -24.15
N SER L 25 -3.77 9.07 -23.14
CA SER L 25 -5.08 9.12 -22.52
C SER L 25 -4.97 9.57 -21.07
N ARG L 26 -4.16 8.87 -20.27
CA ARG L 26 -3.94 9.31 -18.90
C ARG L 26 -2.55 9.92 -18.75
N GLY L 27 -1.68 9.73 -19.74
CA GLY L 27 -0.34 10.27 -19.68
C GLY L 27 0.59 9.40 -18.86
N GLU L 28 1.87 9.71 -18.97
CA GLU L 28 2.93 9.02 -18.22
C GLU L 28 2.90 7.52 -18.48
N ARG L 29 2.65 7.15 -19.73
CA ARG L 29 2.65 5.75 -20.14
C ARG L 29 4.09 5.33 -20.38
N SER L 30 4.65 4.58 -19.42
CA SER L 30 6.06 4.19 -19.45
C SER L 30 6.22 2.93 -20.28
N PHE L 31 6.95 3.04 -21.39
CA PHE L 31 7.31 1.90 -22.21
C PHE L 31 8.82 1.82 -22.28
N ASP L 32 9.33 0.60 -22.47
CA ASP L 32 10.68 0.48 -22.95
C ASP L 32 10.74 1.02 -24.37
N ILE L 33 11.95 1.34 -24.82
CA ILE L 33 12.08 1.99 -26.13
C ILE L 33 11.60 1.06 -27.24
N TYR L 34 11.86 -0.24 -27.12
CA TYR L 34 11.44 -1.16 -28.16
C TYR L 34 9.94 -1.29 -28.22
N SER L 35 9.28 -1.37 -27.05
CA SER L 35 7.83 -1.37 -27.05
C SER L 35 7.28 -0.04 -27.52
N ARG L 36 7.97 1.06 -27.21
CA ARG L 36 7.52 2.38 -27.66
C ARG L 36 7.57 2.48 -29.18
N LEU L 37 8.53 1.83 -29.82
CA LEU L 37 8.57 1.86 -31.27
C LEU L 37 7.63 0.85 -31.89
N LEU L 38 7.50 -0.34 -31.29
CA LEU L 38 6.52 -1.30 -31.75
C LEU L 38 5.13 -0.68 -31.78
N LYS L 39 4.84 0.18 -30.81
CA LYS L 39 3.58 0.92 -30.86
C LYS L 39 3.43 1.73 -32.14
N GLU L 40 4.55 2.13 -32.75
CA GLU L 40 4.51 2.86 -34.02
C GLU L 40 4.68 1.93 -35.22
N ARG L 41 4.42 0.64 -35.06
CA ARG L 41 4.44 -0.32 -36.16
C ARG L 41 5.81 -0.39 -36.83
N VAL L 42 6.87 -0.35 -36.02
CA VAL L 42 8.24 -0.54 -36.50
C VAL L 42 8.86 -1.66 -35.68
N ILE L 43 9.52 -2.60 -36.37
CA ILE L 43 10.09 -3.79 -35.76
C ILE L 43 11.57 -3.83 -36.10
N PHE L 44 12.38 -4.27 -35.16
CA PHE L 44 13.82 -4.39 -35.34
C PHE L 44 14.21 -5.85 -35.48
N LEU L 45 15.12 -6.12 -36.41
CA LEU L 45 15.68 -7.44 -36.61
C LEU L 45 17.20 -7.30 -36.57
N THR L 46 17.82 -7.80 -35.51
CA THR L 46 19.25 -7.65 -35.30
C THR L 46 19.88 -8.97 -34.93
N GLY L 47 21.20 -9.03 -35.05
CA GLY L 47 21.92 -10.25 -34.73
C GLY L 47 21.56 -11.38 -35.67
N GLN L 48 22.02 -12.58 -35.30
CA GLN L 48 21.72 -13.77 -36.08
C GLN L 48 20.22 -14.06 -36.03
N VAL L 49 19.73 -14.68 -37.10
CA VAL L 49 18.34 -15.11 -37.15
C VAL L 49 18.24 -16.51 -36.56
N GLU L 50 17.57 -16.64 -35.43
CA GLU L 50 17.42 -17.91 -34.76
C GLU L 50 15.93 -18.13 -34.47
N ASP L 51 15.64 -19.26 -33.82
CA ASP L 51 14.25 -19.66 -33.63
C ASP L 51 13.49 -18.66 -32.76
N HIS L 52 14.02 -18.34 -31.58
CA HIS L 52 13.29 -17.53 -30.62
C HIS L 52 13.15 -16.09 -31.11
N MET L 53 14.21 -15.51 -31.65
CA MET L 53 14.13 -14.14 -32.14
C MET L 53 13.17 -14.03 -33.32
N ALA L 54 13.25 -14.99 -34.25
CA ALA L 54 12.34 -14.98 -35.38
C ALA L 54 10.90 -15.17 -34.94
N ASN L 55 10.69 -16.01 -33.92
CA ASN L 55 9.34 -16.19 -33.40
C ASN L 55 8.82 -14.92 -32.75
N LEU L 56 9.71 -14.19 -32.06
CA LEU L 56 9.33 -12.90 -31.51
C LEU L 56 8.93 -11.93 -32.62
N ILE L 57 9.68 -11.92 -33.72
CA ILE L 57 9.35 -11.06 -34.84
C ILE L 57 7.99 -11.46 -35.42
N VAL L 58 7.74 -12.76 -35.52
CA VAL L 58 6.46 -13.23 -36.06
C VAL L 58 5.31 -12.80 -35.16
N ALA L 59 5.49 -12.92 -33.84
CA ALA L 59 4.45 -12.48 -32.92
C ALA L 59 4.19 -10.99 -33.06
N GLN L 60 5.25 -10.19 -33.18
CA GLN L 60 5.06 -8.76 -33.34
C GLN L 60 4.32 -8.45 -34.63
N MET L 61 4.67 -9.14 -35.71
CA MET L 61 4.01 -8.88 -36.99
C MET L 61 2.54 -9.26 -36.92
N LEU L 62 2.23 -10.39 -36.29
CA LEU L 62 0.82 -10.78 -36.15
C LEU L 62 0.05 -9.77 -35.34
N PHE L 63 0.64 -9.28 -34.24
CA PHE L 63 -0.05 -8.29 -33.43
C PHE L 63 -0.27 -7.01 -34.22
N LEU L 64 0.74 -6.57 -34.97
CA LEU L 64 0.61 -5.34 -35.74
C LEU L 64 -0.45 -5.49 -36.83
N GLU L 65 -0.54 -6.68 -37.43
CA GLU L 65 -1.63 -6.92 -38.39
C GLU L 65 -2.98 -6.84 -37.72
N ALA L 66 -3.12 -7.46 -36.54
CA ALA L 66 -4.38 -7.41 -35.82
C ALA L 66 -4.72 -5.98 -35.41
N GLU L 67 -3.71 -5.14 -35.22
CA GLU L 67 -3.96 -3.76 -34.83
C GLU L 67 -4.61 -2.96 -35.96
N ASN L 68 -3.97 -2.94 -37.11
CA ASN L 68 -4.50 -2.22 -38.26
C ASN L 68 -4.01 -2.90 -39.54
N PRO L 69 -4.83 -3.74 -40.17
CA PRO L 69 -4.38 -4.49 -41.34
C PRO L 69 -4.09 -3.63 -42.55
N GLU L 70 -4.31 -2.33 -42.47
CA GLU L 70 -4.11 -1.45 -43.61
C GLU L 70 -2.80 -0.67 -43.54
N LYS L 71 -2.33 -0.33 -42.35
CA LYS L 71 -1.11 0.45 -42.19
C LYS L 71 0.11 -0.44 -42.39
N ASP L 72 1.16 0.15 -42.97
CA ASP L 72 2.36 -0.60 -43.28
C ASP L 72 3.09 -0.98 -42.00
N ILE L 73 3.98 -1.97 -42.13
CA ILE L 73 4.83 -2.42 -41.04
C ILE L 73 6.28 -2.25 -41.50
N TYR L 74 7.11 -1.66 -40.66
CA TYR L 74 8.48 -1.34 -41.00
C TYR L 74 9.43 -2.25 -40.22
N LEU L 75 10.19 -3.05 -40.95
CA LEU L 75 11.12 -4.01 -40.36
C LEU L 75 12.53 -3.54 -40.61
N TYR L 76 13.15 -2.93 -39.60
CA TYR L 76 14.52 -2.44 -39.70
C TYR L 76 15.47 -3.62 -39.56
N ILE L 77 16.18 -3.95 -40.64
CA ILE L 77 16.97 -5.15 -40.73
C ILE L 77 18.44 -4.80 -40.57
N ASN L 78 19.12 -5.45 -39.63
CA ASN L 78 20.56 -5.35 -39.49
C ASN L 78 21.02 -6.71 -38.94
N SER L 79 21.40 -7.62 -39.85
CA SER L 79 21.66 -8.97 -39.43
C SER L 79 22.79 -9.59 -40.22
N PRO L 80 23.70 -10.30 -39.57
CA PRO L 80 24.75 -11.04 -40.28
C PRO L 80 24.31 -12.40 -40.80
N GLY L 81 23.02 -12.67 -40.82
CA GLY L 81 22.51 -13.94 -41.32
C GLY L 81 21.76 -14.69 -40.25
N GLY L 82 21.76 -16.01 -40.36
CA GLY L 82 21.08 -16.86 -39.42
C GLY L 82 20.70 -18.17 -40.08
N VAL L 83 19.86 -18.94 -39.38
CA VAL L 83 19.39 -20.21 -39.89
C VAL L 83 18.32 -19.95 -40.95
N ILE L 84 18.33 -20.77 -41.99
CA ILE L 84 17.44 -20.54 -43.13
C ILE L 84 15.99 -20.73 -42.72
N THR L 85 15.73 -21.64 -41.78
CA THR L 85 14.35 -21.99 -41.44
C THR L 85 13.64 -20.84 -40.73
N ALA L 86 14.32 -20.19 -39.78
CA ALA L 86 13.70 -19.06 -39.10
C ALA L 86 13.45 -17.91 -40.07
N GLY L 87 14.41 -17.66 -40.97
CA GLY L 87 14.18 -16.67 -42.01
C GLY L 87 13.01 -17.02 -42.89
N MET L 88 12.83 -18.31 -43.20
CA MET L 88 11.68 -18.72 -43.99
C MET L 88 10.38 -18.50 -43.24
N SER L 89 10.39 -18.73 -41.93
CA SER L 89 9.22 -18.43 -41.11
C SER L 89 8.88 -16.96 -41.19
N ILE L 90 9.88 -16.09 -41.04
CA ILE L 90 9.62 -14.66 -41.09
C ILE L 90 9.11 -14.26 -42.48
N TYR L 91 9.69 -14.84 -43.52
CA TYR L 91 9.29 -14.49 -44.89
C TYR L 91 7.86 -14.91 -45.15
N ASP L 92 7.49 -16.12 -44.71
CA ASP L 92 6.12 -16.59 -44.89
C ASP L 92 5.15 -15.73 -44.11
N THR L 93 5.52 -15.32 -42.91
CA THR L 93 4.65 -14.42 -42.14
C THR L 93 4.49 -13.09 -42.85
N MET L 94 5.56 -12.57 -43.44
CA MET L 94 5.47 -11.32 -44.19
C MET L 94 4.55 -11.47 -45.40
N GLN L 95 4.66 -12.58 -46.12
CA GLN L 95 3.82 -12.78 -47.28
C GLN L 95 2.36 -12.98 -46.91
N PHE L 96 2.11 -13.67 -45.79
CA PHE L 96 0.73 -14.03 -45.45
C PHE L 96 -0.08 -12.82 -45.01
N ILE L 97 0.49 -11.98 -44.15
CA ILE L 97 -0.27 -10.90 -43.56
C ILE L 97 -0.72 -9.91 -44.63
N LYS L 98 -1.86 -9.28 -44.38
CA LYS L 98 -2.43 -8.35 -45.36
C LYS L 98 -1.62 -7.06 -45.49
N PRO L 99 -1.29 -6.34 -44.41
CA PRO L 99 -0.57 -5.08 -44.58
C PRO L 99 0.81 -5.27 -45.20
N ASP L 100 1.29 -4.20 -45.81
CA ASP L 100 2.59 -4.23 -46.49
C ASP L 100 3.72 -4.09 -45.49
N VAL L 101 4.78 -4.86 -45.71
CA VAL L 101 5.95 -4.85 -44.85
C VAL L 101 7.07 -4.12 -45.58
N SER L 102 7.45 -2.96 -45.05
CA SER L 102 8.53 -2.16 -45.61
C SER L 102 9.83 -2.49 -44.88
N THR L 103 10.74 -3.15 -45.57
CA THR L 103 12.02 -3.54 -44.99
C THR L 103 13.06 -2.46 -45.27
N ILE L 104 13.75 -2.03 -44.22
CA ILE L 104 14.78 -1.01 -44.29
C ILE L 104 16.08 -1.61 -43.79
N CYS L 105 17.07 -1.72 -44.68
CA CYS L 105 18.35 -2.31 -44.33
C CYS L 105 19.33 -1.23 -43.89
N MET L 106 19.58 -1.17 -42.59
CA MET L 106 20.59 -0.28 -42.04
C MET L 106 21.70 -1.14 -41.46
N GLY L 107 22.90 -0.58 -41.40
CA GLY L 107 24.03 -1.39 -41.02
C GLY L 107 24.40 -2.32 -42.16
N GLN L 108 24.05 -3.59 -42.02
CA GLN L 108 24.30 -4.57 -43.07
C GLN L 108 23.31 -5.71 -42.97
N ALA L 109 23.14 -6.41 -44.08
CA ALA L 109 22.21 -7.54 -44.17
C ALA L 109 22.89 -8.64 -44.98
N ALA L 110 23.19 -9.76 -44.34
CA ALA L 110 23.81 -10.89 -45.00
C ALA L 110 22.73 -11.80 -45.56
N SER L 111 23.12 -13.01 -45.96
CA SER L 111 22.30 -13.91 -46.76
C SER L 111 20.84 -13.94 -46.32
N MET L 112 20.59 -14.37 -45.09
CA MET L 112 19.22 -14.40 -44.60
C MET L 112 18.67 -13.01 -44.41
N GLY L 113 19.49 -12.10 -43.88
CA GLY L 113 19.05 -10.72 -43.72
C GLY L 113 18.76 -10.05 -45.05
N ALA L 114 19.64 -10.26 -46.04
CA ALA L 114 19.40 -9.70 -47.36
C ALA L 114 18.15 -10.28 -47.98
N PHE L 115 17.91 -11.57 -47.80
CA PHE L 115 16.70 -12.19 -48.34
C PHE L 115 15.46 -11.58 -47.71
N LEU L 116 15.45 -11.45 -46.39
CA LEU L 116 14.30 -10.86 -45.73
C LEU L 116 14.13 -9.40 -46.12
N LEU L 117 15.23 -8.72 -46.44
CA LEU L 117 15.14 -7.33 -46.91
C LEU L 117 14.47 -7.27 -48.27
N THR L 118 14.97 -8.05 -49.23
CA THR L 118 14.40 -8.00 -50.58
C THR L 118 12.99 -8.56 -50.61
N ALA L 119 12.56 -9.24 -49.56
CA ALA L 119 11.22 -9.81 -49.51
C ALA L 119 10.16 -8.80 -49.08
N GLY L 120 10.52 -7.54 -48.91
CA GLY L 120 9.56 -6.54 -48.51
C GLY L 120 8.54 -6.26 -49.58
N ALA L 121 7.57 -5.42 -49.22
CA ALA L 121 6.54 -5.03 -50.16
C ALA L 121 7.14 -4.32 -51.36
N LYS L 122 6.71 -4.73 -52.56
CA LYS L 122 7.25 -4.15 -53.79
C LYS L 122 7.06 -2.64 -53.80
N GLY L 123 8.14 -1.92 -54.06
CA GLY L 123 8.13 -0.48 -54.02
C GLY L 123 8.47 0.11 -52.67
N LYS L 124 8.67 -0.73 -51.65
CA LYS L 124 8.93 -0.25 -50.29
C LYS L 124 10.17 -0.88 -49.67
N ARG L 125 11.04 -1.49 -50.47
CA ARG L 125 12.31 -2.02 -49.97
C ARG L 125 13.36 -0.93 -50.07
N PHE L 126 13.78 -0.41 -48.92
CA PHE L 126 14.74 0.68 -48.87
C PHE L 126 16.05 0.20 -48.27
N CYS L 127 17.06 1.05 -48.38
CA CYS L 127 18.34 0.81 -47.74
C CYS L 127 19.01 2.16 -47.49
N LEU L 128 19.96 2.17 -46.59
CA LEU L 128 20.62 3.41 -46.24
C LEU L 128 21.90 3.58 -47.05
N PRO L 129 22.35 4.81 -47.26
CA PRO L 129 23.40 5.06 -48.27
C PRO L 129 24.68 4.30 -48.03
N ASN L 130 25.03 4.00 -46.78
CA ASN L 130 26.27 3.30 -46.47
C ASN L 130 26.02 1.86 -46.04
N SER L 131 24.77 1.39 -46.10
CA SER L 131 24.48 0.02 -45.74
C SER L 131 25.15 -0.94 -46.72
N ARG L 132 25.41 -2.15 -46.24
CA ARG L 132 26.05 -3.19 -47.03
C ARG L 132 25.10 -4.37 -47.17
N VAL L 133 25.08 -4.99 -48.34
CA VAL L 133 24.24 -6.13 -48.63
C VAL L 133 25.12 -7.24 -49.18
N MET L 134 24.98 -8.44 -48.64
CA MET L 134 25.73 -9.60 -49.09
C MET L 134 24.79 -10.79 -49.24
N ILE L 135 24.98 -11.54 -50.32
CA ILE L 135 24.16 -12.70 -50.60
C ILE L 135 25.06 -13.86 -50.97
N HIS L 136 24.62 -15.07 -50.65
CA HIS L 136 25.37 -16.28 -50.98
C HIS L 136 24.44 -17.48 -50.86
N GLN L 137 24.90 -18.59 -51.43
CA GLN L 137 24.14 -19.83 -51.32
C GLN L 137 24.10 -20.27 -49.86
N PRO L 138 23.04 -20.95 -49.45
CA PRO L 138 22.93 -21.36 -48.04
C PRO L 138 24.02 -22.36 -47.67
N LEU L 139 24.41 -22.30 -46.40
CA LEU L 139 25.42 -23.18 -45.84
C LEU L 139 24.78 -24.26 -44.99
N GLY L 140 25.54 -25.31 -44.72
CA GLY L 140 25.04 -26.38 -43.90
C GLY L 140 26.03 -27.52 -43.86
N GLY L 141 25.52 -28.71 -43.58
CA GLY L 141 26.37 -29.89 -43.56
C GLY L 141 25.73 -30.98 -42.75
N TYR L 142 26.40 -32.13 -42.75
CA TYR L 142 25.92 -33.29 -42.01
C TYR L 142 27.04 -34.30 -41.89
N GLN L 143 26.99 -35.09 -40.83
CA GLN L 143 27.93 -36.18 -40.60
C GLN L 143 27.14 -37.45 -40.30
N GLY L 144 27.53 -38.55 -40.95
CA GLY L 144 26.85 -39.81 -40.69
C GLY L 144 27.09 -40.77 -41.84
N GLN L 145 26.12 -41.67 -42.01
CA GLN L 145 26.20 -42.69 -43.05
C GLN L 145 25.97 -42.07 -44.43
N ALA L 146 26.42 -42.80 -45.45
CA ALA L 146 26.35 -42.27 -46.81
C ALA L 146 24.92 -41.97 -47.23
N THR L 147 23.98 -42.82 -46.83
CA THR L 147 22.58 -42.62 -47.23
C THR L 147 22.01 -41.35 -46.60
N ASP L 148 22.23 -41.17 -45.30
CA ASP L 148 21.79 -39.94 -44.66
C ASP L 148 22.49 -38.73 -45.23
N ILE L 149 23.77 -38.87 -45.59
CA ILE L 149 24.49 -37.79 -46.24
C ILE L 149 23.79 -37.38 -47.53
N GLU L 150 23.45 -38.37 -48.36
CA GLU L 150 22.76 -38.08 -49.61
C GLU L 150 21.41 -37.41 -49.36
N ILE L 151 20.68 -37.90 -48.36
CA ILE L 151 19.37 -37.32 -48.06
C ILE L 151 19.52 -35.85 -47.68
N HIS L 152 20.44 -35.56 -46.77
CA HIS L 152 20.62 -34.18 -46.33
C HIS L 152 21.14 -33.31 -47.46
N ALA L 153 21.98 -33.85 -48.33
CA ALA L 153 22.48 -33.08 -49.45
C ALA L 153 21.36 -32.71 -50.41
N ARG L 154 20.51 -33.68 -50.76
CA ARG L 154 19.38 -33.39 -51.62
C ARG L 154 18.45 -32.37 -50.97
N GLU L 155 18.27 -32.48 -49.65
CA GLU L 155 17.40 -31.52 -48.96
C GLU L 155 17.97 -30.11 -49.05
N ILE L 156 19.26 -29.94 -48.77
CA ILE L 156 19.84 -28.61 -48.81
C ILE L 156 19.88 -28.08 -50.24
N LEU L 157 19.98 -28.97 -51.23
CA LEU L 157 19.93 -28.51 -52.61
C LEU L 157 18.53 -28.02 -52.97
N LYS L 158 17.51 -28.72 -52.50
CA LYS L 158 16.15 -28.22 -52.68
C LYS L 158 15.96 -26.86 -52.01
N VAL L 159 16.53 -26.70 -50.81
CA VAL L 159 16.43 -25.42 -50.13
C VAL L 159 17.11 -24.33 -50.94
N LYS L 160 18.30 -24.61 -51.47
CA LYS L 160 19.01 -23.63 -52.27
C LYS L 160 18.21 -23.25 -53.52
N GLY L 161 17.61 -24.25 -54.17
CA GLY L 161 16.79 -23.96 -55.34
C GLY L 161 15.60 -23.09 -54.99
N ARG L 162 14.95 -23.38 -53.87
CA ARG L 162 13.80 -22.58 -53.45
C ARG L 162 14.22 -21.15 -53.13
N MET L 163 15.37 -20.98 -52.47
CA MET L 163 15.86 -19.64 -52.18
C MET L 163 16.15 -18.88 -53.47
N ASN L 164 16.79 -19.54 -54.43
CA ASN L 164 17.08 -18.87 -55.70
C ASN L 164 15.80 -18.48 -56.42
N GLU L 165 14.79 -19.35 -56.40
CA GLU L 165 13.53 -19.02 -57.04
C GLU L 165 12.88 -17.82 -56.38
N LEU L 166 12.86 -17.78 -55.05
CA LEU L 166 12.25 -16.66 -54.35
C LEU L 166 13.00 -15.36 -54.61
N MET L 167 14.33 -15.42 -54.65
CA MET L 167 15.12 -14.22 -54.92
C MET L 167 14.88 -13.73 -56.34
N ALA L 168 14.84 -14.65 -57.31
CA ALA L 168 14.57 -14.25 -58.69
C ALA L 168 13.17 -13.66 -58.82
N LEU L 169 12.22 -14.17 -58.03
CA LEU L 169 10.87 -13.61 -58.05
C LEU L 169 10.86 -12.19 -57.48
N HIS L 170 11.53 -11.99 -56.35
CA HIS L 170 11.43 -10.71 -55.67
C HIS L 170 12.31 -9.63 -56.29
N THR L 171 13.39 -10.00 -56.97
CA THR L 171 14.28 -9.03 -57.57
C THR L 171 14.01 -8.80 -59.05
N GLY L 172 13.30 -9.73 -59.70
CA GLY L 172 13.07 -9.64 -61.12
C GLY L 172 14.18 -10.17 -61.98
N GLN L 173 15.31 -10.56 -61.39
CA GLN L 173 16.41 -11.12 -62.16
C GLN L 173 16.07 -12.53 -62.61
N SER L 174 16.81 -13.00 -63.62
CA SER L 174 16.61 -14.36 -64.09
C SER L 174 17.12 -15.36 -63.04
N LEU L 175 16.51 -16.55 -63.05
CA LEU L 175 16.94 -17.59 -62.12
C LEU L 175 18.39 -17.96 -62.35
N GLU L 176 18.82 -18.05 -63.61
CA GLU L 176 20.21 -18.34 -63.91
C GLU L 176 21.11 -17.21 -63.42
N GLN L 177 20.63 -15.97 -63.47
CA GLN L 177 21.42 -14.85 -62.97
C GLN L 177 21.66 -14.98 -61.47
N ILE L 178 20.61 -15.26 -60.71
CA ILE L 178 20.76 -15.45 -59.27
C ILE L 178 21.68 -16.64 -58.99
N GLU L 179 21.53 -17.70 -59.78
CA GLU L 179 22.35 -18.89 -59.56
C GLU L 179 23.82 -18.60 -59.77
N ARG L 180 24.15 -17.86 -60.83
CA ARG L 180 25.55 -17.56 -61.10
C ARG L 180 26.08 -16.46 -60.19
N ASP L 181 25.19 -15.66 -59.62
CA ASP L 181 25.64 -14.58 -58.74
C ASP L 181 25.92 -15.08 -57.33
N THR L 182 25.03 -15.87 -56.76
CA THR L 182 25.18 -16.32 -55.38
C THR L 182 26.06 -17.56 -55.24
N GLU L 183 26.83 -17.92 -56.27
CA GLU L 183 27.75 -19.04 -56.13
C GLU L 183 28.78 -18.76 -55.04
N ARG L 184 29.22 -17.51 -54.92
CA ARG L 184 30.14 -17.09 -53.87
C ARG L 184 29.54 -15.89 -53.15
N ASP L 185 30.17 -15.51 -52.05
CA ASP L 185 29.79 -14.29 -51.36
C ASP L 185 29.89 -13.10 -52.30
N ARG L 186 28.78 -12.40 -52.49
CA ARG L 186 28.76 -11.22 -53.33
C ARG L 186 28.25 -10.04 -52.52
N PHE L 187 29.10 -9.04 -52.34
CA PHE L 187 28.75 -7.84 -51.59
C PHE L 187 28.17 -6.80 -52.54
N LEU L 188 27.24 -6.01 -52.03
CA LEU L 188 26.61 -4.95 -52.81
C LEU L 188 26.48 -3.71 -51.95
N SER L 189 26.91 -2.57 -52.50
CA SER L 189 26.63 -1.30 -51.86
C SER L 189 25.16 -0.93 -52.06
N ALA L 190 24.78 0.22 -51.50
CA ALA L 190 23.41 0.70 -51.65
C ALA L 190 23.02 0.97 -53.11
N PRO L 191 23.80 1.71 -53.91
CA PRO L 191 23.44 1.85 -55.32
C PRO L 191 23.51 0.55 -56.10
N GLU L 192 24.50 -0.30 -55.82
CA GLU L 192 24.54 -1.60 -56.45
C GLU L 192 23.31 -2.43 -56.11
N ALA L 193 22.84 -2.34 -54.87
CA ALA L 193 21.64 -3.07 -54.48
C ALA L 193 20.42 -2.52 -55.20
N VAL L 194 20.34 -1.19 -55.34
CA VAL L 194 19.21 -0.60 -56.05
C VAL L 194 19.20 -1.06 -57.51
N GLU L 195 20.36 -1.04 -58.15
CA GLU L 195 20.45 -1.46 -59.54
C GLU L 195 20.17 -2.95 -59.69
N TYR L 196 20.57 -3.75 -58.70
CA TYR L 196 20.36 -5.19 -58.77
C TYR L 196 18.89 -5.54 -58.60
N GLY L 197 18.13 -4.68 -57.92
CA GLY L 197 16.73 -4.91 -57.67
C GLY L 197 16.39 -5.38 -56.28
N LEU L 198 17.38 -5.54 -55.41
CA LEU L 198 17.08 -5.98 -54.04
C LEU L 198 16.26 -4.94 -53.29
N VAL L 199 16.57 -3.66 -53.48
CA VAL L 199 15.84 -2.58 -52.84
C VAL L 199 15.28 -1.67 -53.91
N ASP L 200 14.31 -0.86 -53.51
CA ASP L 200 13.64 0.04 -54.44
C ASP L 200 14.31 1.39 -54.53
N SER L 201 14.78 1.93 -53.41
CA SER L 201 15.43 3.23 -53.41
C SER L 201 16.26 3.36 -52.15
N ILE L 202 17.09 4.40 -52.12
CA ILE L 202 17.97 4.68 -50.99
C ILE L 202 17.43 5.88 -50.24
N LEU L 203 17.27 5.73 -48.93
CA LEU L 203 16.84 6.83 -48.08
C LEU L 203 18.00 7.77 -47.82
N THR L 204 17.79 9.06 -48.10
CA THR L 204 18.86 10.04 -47.97
C THR L 204 18.62 11.03 -46.84
N HIS L 205 17.49 11.74 -46.84
CA HIS L 205 17.22 12.75 -45.83
C HIS L 205 15.72 12.86 -45.63
N ARG L 206 15.34 13.61 -44.60
CA ARG L 206 13.94 13.82 -44.30
C ARG L 206 13.29 14.72 -45.36
N ALA M 15 11.81 -5.38 -21.33
CA ALA M 15 13.09 -6.05 -21.57
C ALA M 15 13.18 -6.54 -23.01
N LEU M 16 13.68 -7.76 -23.19
CA LEU M 16 13.76 -8.33 -24.54
C LEU M 16 12.38 -8.54 -25.13
N VAL M 17 11.41 -8.89 -24.30
CA VAL M 17 10.04 -9.12 -24.74
C VAL M 17 9.27 -7.83 -24.58
N PRO M 18 8.74 -7.24 -25.65
CA PRO M 18 8.08 -5.95 -25.55
C PRO M 18 6.68 -6.08 -24.96
N MET M 19 6.24 -5.00 -24.32
CA MET M 19 4.92 -4.92 -23.73
C MET M 19 3.97 -4.21 -24.69
N VAL M 20 2.69 -4.52 -24.56
CA VAL M 20 1.65 -3.94 -25.41
C VAL M 20 0.51 -3.46 -24.54
N ILE M 21 -0.35 -2.63 -25.12
CA ILE M 21 -1.44 -1.99 -24.41
C ILE M 21 -2.76 -2.40 -25.04
N GLU M 22 -3.73 -2.73 -24.21
CA GLU M 22 -5.06 -3.14 -24.65
C GLU M 22 -6.13 -2.46 -23.82
N GLN M 23 -7.18 -2.00 -24.49
CA GLN M 23 -8.26 -1.26 -23.85
C GLN M 23 -9.55 -2.09 -23.93
N THR M 24 -9.89 -2.77 -22.83
CA THR M 24 -11.11 -3.56 -22.80
C THR M 24 -12.11 -3.01 -21.80
N SER M 25 -11.74 -2.94 -20.53
CA SER M 25 -12.67 -2.50 -19.50
C SER M 25 -12.21 -1.19 -18.88
N ARG M 26 -10.98 -1.15 -18.36
CA ARG M 26 -10.44 0.10 -17.84
C ARG M 26 -9.40 0.68 -18.79
N GLY M 27 -8.94 -0.12 -19.75
CA GLY M 27 -7.94 0.34 -20.69
C GLY M 27 -6.55 0.26 -20.12
N GLU M 28 -5.58 0.44 -21.01
CA GLU M 28 -4.16 0.46 -20.66
C GLU M 28 -3.76 -0.83 -19.95
N ARG M 29 -4.29 -1.94 -20.42
CA ARG M 29 -3.95 -3.26 -19.88
C ARG M 29 -2.63 -3.71 -20.50
N SER M 30 -1.56 -3.61 -19.74
CA SER M 30 -0.22 -3.89 -20.23
C SER M 30 0.06 -5.38 -20.12
N PHE M 31 0.26 -6.03 -21.26
CA PHE M 31 0.68 -7.42 -21.31
C PHE M 31 1.99 -7.51 -22.07
N ASP M 32 2.79 -8.51 -21.74
CA ASP M 32 3.83 -8.91 -22.66
C ASP M 32 3.18 -9.47 -23.92
N ILE M 33 3.96 -9.51 -25.01
CA ILE M 33 3.37 -9.91 -26.28
C ILE M 33 2.87 -11.35 -26.22
N TYR M 34 3.60 -12.22 -25.53
CA TYR M 34 3.18 -13.62 -25.46
C TYR M 34 1.90 -13.77 -24.66
N SER M 35 1.78 -13.07 -23.54
CA SER M 35 0.53 -13.08 -22.80
C SER M 35 -0.59 -12.43 -23.62
N ARG M 36 -0.26 -11.39 -24.38
CA ARG M 36 -1.26 -10.73 -25.22
C ARG M 36 -1.81 -11.68 -26.27
N LEU M 37 -0.97 -12.58 -26.79
CA LEU M 37 -1.47 -13.53 -27.78
C LEU M 37 -2.16 -14.72 -27.11
N LEU M 38 -1.63 -15.18 -25.99
CA LEU M 38 -2.32 -16.23 -25.24
C LEU M 38 -3.75 -15.81 -24.91
N LYS M 39 -3.96 -14.52 -24.65
CA LYS M 39 -5.32 -14.03 -24.46
C LYS M 39 -6.18 -14.30 -25.69
N GLU M 40 -5.58 -14.39 -26.87
CA GLU M 40 -6.32 -14.72 -28.09
C GLU M 40 -6.29 -16.20 -28.43
N ARG M 41 -6.00 -17.05 -27.44
CA ARG M 41 -6.05 -18.51 -27.61
C ARG M 41 -5.07 -18.99 -28.68
N VAL M 42 -3.88 -18.39 -28.72
CA VAL M 42 -2.81 -18.83 -29.60
C VAL M 42 -1.58 -19.10 -28.74
N ILE M 43 -0.94 -20.23 -28.97
CA ILE M 43 0.19 -20.69 -28.18
C ILE M 43 1.37 -20.94 -29.11
N PHE M 44 2.57 -20.62 -28.64
CA PHE M 44 3.78 -20.79 -29.42
C PHE M 44 4.58 -21.97 -28.86
N LEU M 45 5.13 -22.78 -29.76
CA LEU M 45 6.01 -23.88 -29.40
C LEU M 45 7.28 -23.71 -30.22
N THR M 46 8.38 -23.36 -29.56
CA THR M 46 9.64 -23.09 -30.23
C THR M 46 10.77 -23.80 -29.53
N GLY M 47 11.89 -23.91 -30.24
CA GLY M 47 13.05 -24.57 -29.69
C GLY M 47 12.81 -26.05 -29.46
N GLN M 48 13.74 -26.68 -28.76
CA GLN M 48 13.61 -28.09 -28.44
C GLN M 48 12.45 -28.30 -27.48
N VAL M 49 11.85 -29.48 -27.56
CA VAL M 49 10.78 -29.87 -26.65
C VAL M 49 11.39 -30.50 -25.42
N GLU M 50 11.26 -29.84 -24.28
CA GLU M 50 11.81 -30.34 -23.03
C GLU M 50 10.71 -30.33 -21.97
N ASP M 51 11.08 -30.73 -20.76
CA ASP M 51 10.08 -30.92 -19.71
C ASP M 51 9.39 -29.61 -19.35
N HIS M 52 10.17 -28.57 -19.03
CA HIS M 52 9.59 -27.34 -18.52
C HIS M 52 8.79 -26.61 -19.59
N MET M 53 9.31 -26.52 -20.80
CA MET M 53 8.59 -25.84 -21.88
C MET M 53 7.30 -26.58 -22.22
N ALA M 54 7.37 -27.91 -22.32
CA ALA M 54 6.16 -28.68 -22.59
C ALA M 54 5.14 -28.54 -21.47
N ASN M 55 5.62 -28.48 -20.23
CA ASN M 55 4.71 -28.29 -19.11
C ASN M 55 4.05 -26.93 -19.17
N LEU M 56 4.81 -25.90 -19.58
CA LEU M 56 4.23 -24.59 -19.79
C LEU M 56 3.15 -24.62 -20.86
N ILE M 57 3.41 -25.33 -21.95
CA ILE M 57 2.41 -25.47 -23.01
C ILE M 57 1.17 -26.17 -22.47
N VAL M 58 1.36 -27.20 -21.66
CA VAL M 58 0.22 -27.93 -21.10
C VAL M 58 -0.60 -27.03 -20.20
N ALA M 59 0.08 -26.23 -19.37
CA ALA M 59 -0.64 -25.31 -18.50
C ALA M 59 -1.44 -24.30 -19.32
N GLN M 60 -0.85 -23.77 -20.38
CA GLN M 60 -1.56 -22.83 -21.23
C GLN M 60 -2.78 -23.48 -21.88
N MET M 61 -2.62 -24.72 -22.35
CA MET M 61 -3.75 -25.40 -22.99
C MET M 61 -4.86 -25.66 -21.99
N LEU M 62 -4.51 -26.07 -20.77
CA LEU M 62 -5.54 -26.30 -19.76
C LEU M 62 -6.28 -25.00 -19.43
N PHE M 63 -5.53 -23.90 -19.29
CA PHE M 63 -6.18 -22.63 -19.01
C PHE M 63 -7.10 -22.21 -20.14
N LEU M 64 -6.65 -22.39 -21.38
CA LEU M 64 -7.47 -22.01 -22.52
C LEU M 64 -8.73 -22.86 -22.61
N GLU M 65 -8.62 -24.14 -22.27
CA GLU M 65 -9.81 -24.99 -22.21
C GLU M 65 -10.77 -24.50 -21.14
N ALA M 66 -10.24 -24.16 -19.96
CA ALA M 66 -11.11 -23.66 -18.89
C ALA M 66 -11.75 -22.34 -19.28
N GLU M 67 -11.09 -21.57 -20.15
CA GLU M 67 -11.65 -20.29 -20.56
C GLU M 67 -12.89 -20.48 -21.42
N ASN M 68 -12.76 -21.22 -22.51
CA ASN M 68 -13.89 -21.48 -23.41
C ASN M 68 -13.69 -22.83 -24.08
N PRO M 69 -14.33 -23.89 -23.59
CA PRO M 69 -14.09 -25.23 -24.14
C PRO M 69 -14.58 -25.40 -25.56
N GLU M 70 -15.20 -24.39 -26.16
CA GLU M 70 -15.73 -24.50 -27.50
C GLU M 70 -14.85 -23.85 -28.56
N LYS M 71 -14.13 -22.79 -28.22
CA LYS M 71 -13.29 -22.09 -29.18
C LYS M 71 -12.00 -22.86 -29.40
N ASP M 72 -11.50 -22.80 -30.64
CA ASP M 72 -10.31 -23.54 -31.00
C ASP M 72 -9.08 -22.95 -30.32
N ILE M 73 -8.02 -23.74 -30.28
CA ILE M 73 -6.73 -23.34 -29.75
C ILE M 73 -5.70 -23.49 -30.86
N TYR M 74 -4.89 -22.47 -31.07
CA TYR M 74 -3.93 -22.46 -32.16
C TYR M 74 -2.52 -22.59 -31.60
N LEU M 75 -1.83 -23.65 -32.00
CA LEU M 75 -0.49 -23.95 -31.52
C LEU M 75 0.49 -23.74 -32.67
N TYR M 76 1.17 -22.61 -32.67
CA TYR M 76 2.14 -22.29 -33.70
C TYR M 76 3.43 -23.04 -33.41
N ILE M 77 3.76 -24.00 -34.27
CA ILE M 77 4.85 -24.94 -34.03
C ILE M 77 6.05 -24.55 -34.87
N ASN M 78 7.19 -24.39 -34.22
CA ASN M 78 8.47 -24.19 -34.91
C ASN M 78 9.54 -24.82 -34.01
N SER M 79 9.85 -26.08 -34.26
CA SER M 79 10.69 -26.80 -33.33
C SER M 79 11.60 -27.78 -34.05
N PRO M 80 12.88 -27.85 -33.66
CA PRO M 80 13.79 -28.85 -34.24
C PRO M 80 13.69 -30.22 -33.57
N GLY M 81 12.65 -30.46 -32.77
CA GLY M 81 12.48 -31.72 -32.11
C GLY M 81 12.48 -31.58 -30.60
N GLY M 82 12.90 -32.64 -29.92
CA GLY M 82 12.94 -32.64 -28.48
C GLY M 82 12.84 -34.06 -27.95
N VAL M 83 12.62 -34.16 -26.64
CA VAL M 83 12.47 -35.45 -26.00
C VAL M 83 11.08 -36.00 -26.30
N ILE M 84 10.99 -37.31 -26.52
CA ILE M 84 9.73 -37.91 -26.93
C ILE M 84 8.69 -37.80 -25.83
N THR M 85 9.12 -37.85 -24.57
CA THR M 85 8.18 -37.90 -23.46
C THR M 85 7.41 -36.59 -23.31
N ALA M 86 8.11 -35.46 -23.42
CA ALA M 86 7.43 -34.17 -23.32
C ALA M 86 6.46 -33.98 -24.49
N GLY M 87 6.88 -34.39 -25.68
CA GLY M 87 5.97 -34.36 -26.82
C GLY M 87 4.75 -35.23 -26.60
N MET M 88 4.94 -36.39 -25.96
CA MET M 88 3.80 -37.26 -25.66
C MET M 88 2.87 -36.59 -24.66
N SER M 89 3.44 -35.89 -23.67
CA SER M 89 2.60 -35.14 -22.74
C SER M 89 1.77 -34.12 -23.47
N ILE M 90 2.38 -33.35 -24.37
CA ILE M 90 1.65 -32.34 -25.11
C ILE M 90 0.58 -32.98 -25.97
N TYR M 91 0.90 -34.10 -26.61
CA TYR M 91 -0.05 -34.77 -27.49
C TYR M 91 -1.24 -35.29 -26.70
N ASP M 92 -0.99 -35.88 -25.53
CA ASP M 92 -2.07 -36.38 -24.70
C ASP M 92 -2.94 -35.24 -24.20
N THR M 93 -2.32 -34.11 -23.85
CA THR M 93 -3.11 -32.96 -23.43
C THR M 93 -3.97 -32.45 -24.58
N MET M 94 -3.44 -32.45 -25.81
CA MET M 94 -4.23 -32.02 -26.95
C MET M 94 -5.40 -32.95 -27.19
N GLN M 95 -5.17 -34.26 -27.07
CA GLN M 95 -6.25 -35.22 -27.30
C GLN M 95 -7.30 -35.13 -26.20
N PHE M 96 -6.89 -34.89 -24.96
CA PHE M 96 -7.83 -34.96 -23.84
C PHE M 96 -8.80 -33.78 -23.85
N ILE M 97 -8.28 -32.57 -24.07
CA ILE M 97 -9.10 -31.38 -23.92
C ILE M 97 -10.22 -31.39 -24.95
N LYS M 98 -11.35 -30.77 -24.59
CA LYS M 98 -12.51 -30.75 -25.48
C LYS M 98 -12.31 -29.87 -26.71
N PRO M 99 -11.88 -28.61 -26.60
CA PRO M 99 -11.76 -27.78 -27.81
C PRO M 99 -10.73 -28.32 -28.77
N ASP M 100 -10.89 -27.93 -30.03
CA ASP M 100 -10.01 -28.39 -31.09
C ASP M 100 -8.71 -27.59 -31.10
N VAL M 101 -7.61 -28.28 -31.32
CA VAL M 101 -6.29 -27.67 -31.36
C VAL M 101 -5.83 -27.61 -32.81
N SER M 102 -5.72 -26.39 -33.33
CA SER M 102 -5.26 -26.16 -34.69
C SER M 102 -3.76 -25.89 -34.68
N THR M 103 -2.98 -26.83 -35.20
CA THR M 103 -1.54 -26.70 -35.25
C THR M 103 -1.11 -26.07 -36.56
N ILE M 104 -0.28 -25.04 -36.47
CA ILE M 104 0.23 -24.31 -37.64
C ILE M 104 1.75 -24.40 -37.61
N CYS M 105 2.32 -25.06 -38.61
CA CYS M 105 3.76 -25.24 -38.68
C CYS M 105 4.38 -24.14 -39.51
N MET M 106 5.04 -23.20 -38.84
CA MET M 106 5.82 -22.16 -39.50
C MET M 106 7.28 -22.38 -39.18
N GLY M 107 8.15 -21.92 -40.07
CA GLY M 107 9.55 -22.24 -39.91
C GLY M 107 9.78 -23.68 -40.30
N GLN M 108 9.97 -24.54 -39.30
CA GLN M 108 10.15 -25.96 -39.55
C GLN M 108 9.71 -26.74 -38.33
N ALA M 109 9.42 -28.03 -38.55
CA ALA M 109 8.99 -28.93 -37.50
C ALA M 109 9.65 -30.28 -37.72
N ALA M 110 10.53 -30.67 -36.81
CA ALA M 110 11.23 -31.94 -36.89
C ALA M 110 10.40 -33.00 -36.19
N SER M 111 11.01 -34.16 -35.95
CA SER M 111 10.33 -35.38 -35.53
C SER M 111 9.24 -35.14 -34.51
N MET M 112 9.61 -34.62 -33.33
CA MET M 112 8.62 -34.35 -32.31
C MET M 112 7.73 -33.19 -32.72
N GLY M 113 8.30 -32.15 -33.31
CA GLY M 113 7.50 -31.03 -33.79
C GLY M 113 6.55 -31.44 -34.89
N ALA M 114 7.03 -32.25 -35.84
CA ALA M 114 6.15 -32.73 -36.90
C ALA M 114 5.03 -33.59 -36.34
N PHE M 115 5.35 -34.43 -35.36
CA PHE M 115 4.33 -35.26 -34.76
C PHE M 115 3.26 -34.42 -34.08
N LEU M 116 3.68 -33.44 -33.28
CA LEU M 116 2.71 -32.57 -32.63
C LEU M 116 1.92 -31.75 -33.65
N LEU M 117 2.52 -31.45 -34.80
CA LEU M 117 1.79 -30.75 -35.85
C LEU M 117 0.70 -31.62 -36.43
N THR M 118 1.05 -32.84 -36.85
CA THR M 118 0.07 -33.72 -37.46
C THR M 118 -0.98 -34.18 -36.46
N ALA M 119 -0.73 -33.99 -35.17
CA ALA M 119 -1.68 -34.40 -34.14
C ALA M 119 -2.79 -33.38 -33.92
N GLY M 120 -2.85 -32.32 -34.72
CA GLY M 120 -3.89 -31.33 -34.55
C GLY M 120 -5.26 -31.87 -34.90
N ALA M 121 -6.26 -31.02 -34.67
CA ALA M 121 -7.63 -31.38 -34.98
C ALA M 121 -7.78 -31.65 -36.47
N LYS M 122 -8.44 -32.77 -36.79
CA LYS M 122 -8.62 -33.16 -38.18
C LYS M 122 -9.31 -32.06 -38.97
N GLY M 123 -8.71 -31.68 -40.10
CA GLY M 123 -9.21 -30.58 -40.89
C GLY M 123 -8.64 -29.23 -40.53
N LYS M 124 -7.81 -29.16 -39.49
CA LYS M 124 -7.27 -27.90 -39.02
C LYS M 124 -5.75 -27.92 -38.87
N ARG M 125 -5.08 -28.89 -39.48
CA ARG M 125 -3.62 -28.93 -39.48
C ARG M 125 -3.10 -28.17 -40.69
N PHE M 126 -2.50 -27.01 -40.47
CA PHE M 126 -2.04 -26.15 -41.54
C PHE M 126 -0.52 -26.07 -41.53
N CYS M 127 0.02 -25.51 -42.60
CA CYS M 127 1.44 -25.22 -42.69
C CYS M 127 1.63 -24.06 -43.64
N LEU M 128 2.77 -23.43 -43.54
CA LEU M 128 3.05 -22.26 -44.35
C LEU M 128 3.81 -22.66 -45.62
N PRO M 129 3.68 -21.89 -46.70
CA PRO M 129 4.15 -22.36 -48.01
C PRO M 129 5.62 -22.74 -48.05
N ASN M 130 6.47 -22.11 -47.24
CA ASN M 130 7.89 -22.40 -47.26
C ASN M 130 8.33 -23.18 -46.03
N SER M 131 7.40 -23.59 -45.18
CA SER M 131 7.75 -24.37 -44.01
C SER M 131 8.32 -25.72 -44.42
N ARG M 132 9.12 -26.29 -43.53
CA ARG M 132 9.76 -27.58 -43.76
C ARG M 132 9.30 -28.56 -42.69
N VAL M 133 9.07 -29.81 -43.10
CA VAL M 133 8.64 -30.86 -42.20
C VAL M 133 9.59 -32.04 -42.35
N MET M 134 10.08 -32.56 -41.24
CA MET M 134 10.97 -33.70 -41.24
C MET M 134 10.51 -34.70 -40.19
N ILE M 135 10.56 -35.98 -40.53
CA ILE M 135 10.14 -37.05 -39.64
C ILE M 135 11.20 -38.14 -39.66
N HIS M 136 11.34 -38.82 -38.53
CA HIS M 136 12.29 -39.92 -38.43
C HIS M 136 11.96 -40.75 -37.19
N GLN M 137 12.53 -41.95 -37.14
CA GLN M 137 12.35 -42.80 -35.98
C GLN M 137 13.00 -42.15 -34.76
N PRO M 138 12.46 -42.38 -33.57
CA PRO M 138 13.01 -41.74 -32.38
C PRO M 138 14.44 -42.20 -32.09
N LEU M 139 15.20 -41.30 -31.51
CA LEU M 139 16.59 -41.56 -31.16
C LEU M 139 16.71 -41.79 -29.65
N GLY M 140 17.84 -42.36 -29.25
CA GLY M 140 18.07 -42.62 -27.86
C GLY M 140 19.35 -43.42 -27.67
N GLY M 141 19.42 -44.12 -26.56
CA GLY M 141 20.56 -44.97 -26.29
C GLY M 141 20.68 -45.23 -24.80
N TYR M 142 21.66 -46.08 -24.47
CA TYR M 142 21.91 -46.44 -23.09
C TYR M 142 23.28 -47.09 -22.99
N GLN M 143 23.89 -46.96 -21.82
CA GLN M 143 25.17 -47.59 -21.51
C GLN M 143 25.03 -48.35 -20.19
N GLY M 144 25.52 -49.57 -20.17
CA GLY M 144 25.46 -50.35 -18.95
C GLY M 144 25.58 -51.84 -19.23
N GLN M 145 25.00 -52.62 -18.35
CA GLN M 145 25.05 -54.07 -18.48
C GLN M 145 24.15 -54.56 -19.61
N ALA M 146 24.41 -55.77 -20.07
CA ALA M 146 23.68 -56.30 -21.22
C ALA M 146 22.19 -56.39 -20.94
N THR M 147 21.81 -56.76 -19.72
CA THR M 147 20.39 -56.90 -19.41
C THR M 147 19.67 -55.56 -19.45
N ASP M 148 20.27 -54.54 -18.82
CA ASP M 148 19.69 -53.21 -18.89
C ASP M 148 19.67 -52.69 -20.32
N ILE M 149 20.71 -53.01 -21.11
CA ILE M 149 20.72 -52.63 -22.51
C ILE M 149 19.51 -53.21 -23.22
N GLU M 150 19.25 -54.50 -23.02
CA GLU M 150 18.11 -55.15 -23.66
C GLU M 150 16.80 -54.51 -23.20
N ILE M 151 16.68 -54.21 -21.90
CA ILE M 151 15.46 -53.60 -21.40
C ILE M 151 15.22 -52.26 -22.07
N HIS M 152 16.25 -51.41 -22.12
CA HIS M 152 16.08 -50.10 -22.71
C HIS M 152 15.82 -50.19 -24.21
N ALA M 153 16.42 -51.18 -24.87
CA ALA M 153 16.19 -51.36 -26.30
C ALA M 153 14.74 -51.75 -26.57
N ARG M 154 14.22 -52.71 -25.81
CA ARG M 154 12.83 -53.09 -25.97
C ARG M 154 11.91 -51.92 -25.67
N GLU M 155 12.26 -51.11 -24.66
CA GLU M 155 11.43 -49.96 -24.34
C GLU M 155 11.40 -48.96 -25.49
N ILE M 156 12.56 -48.64 -26.06
CA ILE M 156 12.58 -47.67 -27.14
C ILE M 156 11.91 -48.24 -28.38
N LEU M 157 11.96 -49.56 -28.57
CA LEU M 157 11.25 -50.14 -29.70
C LEU M 157 9.75 -50.05 -29.51
N LYS M 158 9.27 -50.26 -28.29
CA LYS M 158 7.85 -50.04 -28.02
C LYS M 158 7.46 -48.60 -28.28
N VAL M 159 8.33 -47.66 -27.88
CA VAL M 159 8.04 -46.25 -28.13
C VAL M 159 7.96 -45.98 -29.63
N LYS M 160 8.89 -46.53 -30.40
CA LYS M 160 8.88 -46.33 -31.84
C LYS M 160 7.62 -46.90 -32.46
N GLY M 161 7.21 -48.09 -32.02
CA GLY M 161 5.98 -48.67 -32.52
C GLY M 161 4.77 -47.82 -32.20
N ARG M 162 4.70 -47.30 -30.98
CA ARG M 162 3.58 -46.44 -30.61
C ARG M 162 3.56 -45.17 -31.43
N MET M 163 4.73 -44.57 -31.67
CA MET M 163 4.80 -43.38 -32.51
C MET M 163 4.33 -43.68 -33.92
N ASN M 164 4.76 -44.81 -34.49
CA ASN M 164 4.32 -45.16 -35.83
C ASN M 164 2.82 -45.38 -35.88
N GLU M 165 2.26 -46.03 -34.87
CA GLU M 165 0.81 -46.23 -34.84
C GLU M 165 0.07 -44.90 -34.78
N LEU M 166 0.53 -43.98 -33.93
CA LEU M 166 -0.14 -42.70 -33.82
C LEU M 166 -0.04 -41.90 -35.12
N MET M 167 1.13 -41.96 -35.77
CA MET M 167 1.29 -41.23 -37.03
C MET M 167 0.40 -41.84 -38.11
N ALA M 168 0.34 -43.16 -38.19
CA ALA M 168 -0.53 -43.81 -39.17
C ALA M 168 -1.99 -43.47 -38.90
N LEU M 169 -2.36 -43.34 -37.63
CA LEU M 169 -3.72 -42.96 -37.29
C LEU M 169 -4.02 -41.53 -37.74
N HIS M 170 -3.11 -40.61 -37.45
CA HIS M 170 -3.40 -39.20 -37.71
C HIS M 170 -3.24 -38.81 -39.17
N THR M 171 -2.40 -39.52 -39.92
CA THR M 171 -2.19 -39.19 -41.32
C THR M 171 -3.04 -40.03 -42.26
N GLY M 172 -3.55 -41.16 -41.81
CA GLY M 172 -4.30 -42.05 -42.66
C GLY M 172 -3.46 -43.01 -43.46
N GLN M 173 -2.14 -42.88 -43.42
CA GLN M 173 -1.27 -43.79 -44.14
C GLN M 173 -1.24 -45.15 -43.45
N SER M 174 -0.79 -46.16 -44.19
CA SER M 174 -0.66 -47.49 -43.62
C SER M 174 0.49 -47.51 -42.63
N LEU M 175 0.38 -48.40 -41.64
CA LEU M 175 1.44 -48.54 -40.66
C LEU M 175 2.76 -48.94 -41.31
N GLU M 176 2.70 -49.85 -42.28
CA GLU M 176 3.90 -50.24 -43.01
C GLU M 176 4.46 -49.07 -43.80
N GLN M 177 3.59 -48.19 -44.30
CA GLN M 177 4.08 -47.02 -45.03
C GLN M 177 4.86 -46.10 -44.11
N ILE M 178 4.32 -45.81 -42.92
CA ILE M 178 5.04 -44.97 -41.96
C ILE M 178 6.34 -45.65 -41.56
N GLU M 179 6.31 -46.97 -41.36
CA GLU M 179 7.51 -47.68 -40.94
C GLU M 179 8.60 -47.59 -42.00
N ARG M 180 8.25 -47.74 -43.27
CA ARG M 180 9.27 -47.68 -44.30
C ARG M 180 9.67 -46.25 -44.61
N ASP M 181 8.82 -45.28 -44.27
CA ASP M 181 9.16 -43.89 -44.55
C ASP M 181 10.07 -43.30 -43.50
N THR M 182 9.79 -43.52 -42.22
CA THR M 182 10.57 -42.91 -41.15
C THR M 182 11.81 -43.72 -40.79
N GLU M 183 12.23 -44.66 -41.62
CA GLU M 183 13.46 -45.38 -41.35
C GLU M 183 14.66 -44.44 -41.32
N ARG M 184 14.65 -43.42 -42.18
CA ARG M 184 15.67 -42.40 -42.20
C ARG M 184 15.00 -41.03 -42.14
N ASP M 185 15.80 -39.99 -41.96
CA ASP M 185 15.30 -38.63 -42.02
C ASP M 185 14.64 -38.38 -43.37
N ARG M 186 13.36 -38.03 -43.35
CA ARG M 186 12.63 -37.71 -44.57
C ARG M 186 12.08 -36.30 -44.47
N PHE M 187 12.52 -35.42 -45.35
CA PHE M 187 12.07 -34.04 -45.39
C PHE M 187 10.87 -33.92 -46.30
N LEU M 188 9.97 -33.01 -45.97
CA LEU M 188 8.77 -32.76 -46.76
C LEU M 188 8.53 -31.27 -46.86
N SER M 189 8.31 -30.79 -48.08
CA SER M 189 7.86 -29.42 -48.27
C SER M 189 6.39 -29.31 -47.88
N ALA M 190 5.86 -28.09 -48.00
CA ALA M 190 4.45 -27.87 -47.68
C ALA M 190 3.51 -28.67 -48.58
N PRO M 191 3.64 -28.63 -49.92
CA PRO M 191 2.76 -29.48 -50.73
C PRO M 191 3.00 -30.96 -50.51
N GLU M 192 4.25 -31.39 -50.34
CA GLU M 192 4.52 -32.78 -50.02
C GLU M 192 3.86 -33.18 -48.71
N ALA M 193 3.87 -32.29 -47.72
CA ALA M 193 3.22 -32.58 -46.45
C ALA M 193 1.71 -32.68 -46.62
N VAL M 194 1.13 -31.80 -47.44
CA VAL M 194 -0.30 -31.86 -47.67
C VAL M 194 -0.67 -33.18 -48.34
N GLU M 195 0.09 -33.58 -49.35
CA GLU M 195 -0.19 -34.84 -50.05
C GLU M 195 0.03 -36.04 -49.14
N TYR M 196 1.02 -35.95 -48.25
CA TYR M 196 1.31 -37.06 -47.36
C TYR M 196 0.21 -37.22 -46.30
N GLY M 197 -0.49 -36.15 -45.99
CA GLY M 197 -1.54 -36.18 -44.99
C GLY M 197 -1.17 -35.59 -43.65
N LEU M 198 0.06 -35.10 -43.48
CA LEU M 198 0.45 -34.51 -42.21
C LEU M 198 -0.37 -33.26 -41.91
N VAL M 199 -0.61 -32.43 -42.93
CA VAL M 199 -1.38 -31.22 -42.77
C VAL M 199 -2.56 -31.27 -43.72
N ASP M 200 -3.55 -30.42 -43.43
CA ASP M 200 -4.78 -30.41 -44.22
C ASP M 200 -4.69 -29.45 -45.40
N SER M 201 -4.08 -28.29 -45.21
CA SER M 201 -3.97 -27.31 -46.30
C SER M 201 -2.84 -26.36 -45.97
N ILE M 202 -2.47 -25.54 -46.96
CA ILE M 202 -1.40 -24.57 -46.84
C ILE M 202 -2.02 -23.19 -46.77
N LEU M 203 -1.62 -22.41 -45.76
CA LEU M 203 -2.07 -21.04 -45.63
C LEU M 203 -1.30 -20.15 -46.59
N THR M 204 -2.03 -19.39 -47.40
CA THR M 204 -1.41 -18.56 -48.42
C THR M 204 -1.55 -17.07 -48.14
N HIS M 205 -2.78 -16.57 -48.00
CA HIS M 205 -3.00 -15.14 -47.78
C HIS M 205 -4.27 -14.95 -46.96
N ARG M 206 -4.48 -13.71 -46.55
CA ARG M 206 -5.67 -13.37 -45.77
C ARG M 206 -6.92 -13.44 -46.65
N ALA N 15 7.36 -12.11 -18.64
CA ALA N 15 8.62 -12.73 -19.03
C ALA N 15 8.37 -14.06 -19.75
N LEU N 16 9.16 -15.08 -19.40
CA LEU N 16 8.97 -16.39 -19.98
C LEU N 16 7.64 -16.99 -19.56
N VAL N 17 7.20 -16.72 -18.34
CA VAL N 17 5.94 -17.22 -17.81
C VAL N 17 4.88 -16.17 -18.08
N PRO N 18 3.84 -16.48 -18.84
CA PRO N 18 2.84 -15.47 -19.19
C PRO N 18 1.88 -15.21 -18.04
N MET N 19 1.35 -13.99 -18.03
CA MET N 19 0.38 -13.57 -17.04
C MET N 19 -1.04 -13.71 -17.60
N VAL N 20 -2.00 -13.89 -16.70
CA VAL N 20 -3.39 -14.07 -17.06
C VAL N 20 -4.25 -13.15 -16.21
N ILE N 21 -5.48 -12.96 -16.64
CA ILE N 21 -6.41 -12.02 -16.00
C ILE N 21 -7.64 -12.79 -15.53
N GLU N 22 -8.07 -12.50 -14.30
CA GLU N 22 -9.22 -13.15 -13.70
C GLU N 22 -10.10 -12.10 -13.02
N GLN N 23 -11.40 -12.25 -13.19
CA GLN N 23 -12.38 -11.30 -12.67
C GLN N 23 -13.24 -11.99 -11.61
N THR N 24 -12.91 -11.76 -10.33
CA THR N 24 -13.69 -12.36 -9.26
C THR N 24 -14.40 -11.30 -8.43
N SER N 25 -13.64 -10.38 -7.82
CA SER N 25 -14.24 -9.38 -6.95
C SER N 25 -14.08 -7.99 -7.53
N ARG N 26 -12.86 -7.58 -7.82
CA ARG N 26 -12.65 -6.29 -8.47
C ARG N 26 -12.28 -6.48 -9.94
N GLY N 27 -11.94 -7.70 -10.34
CA GLY N 27 -11.56 -7.97 -11.70
C GLY N 27 -10.11 -7.61 -11.98
N GLU N 28 -9.67 -8.05 -13.16
CA GLU N 28 -8.31 -7.77 -13.63
C GLU N 28 -7.26 -8.22 -12.63
N ARG N 29 -7.49 -9.38 -12.03
CA ARG N 29 -6.55 -9.96 -11.09
C ARG N 29 -5.47 -10.68 -11.89
N SER N 30 -4.30 -10.08 -11.98
CA SER N 30 -3.21 -10.58 -12.81
C SER N 30 -2.41 -11.60 -12.02
N PHE N 31 -2.41 -12.84 -12.48
CA PHE N 31 -1.57 -13.89 -11.92
C PHE N 31 -0.67 -14.43 -13.01
N ASP N 32 0.50 -14.93 -12.62
CA ASP N 32 1.22 -15.82 -13.50
C ASP N 32 0.41 -17.09 -13.68
N ILE N 33 0.72 -17.84 -14.73
CA ILE N 33 -0.11 -19.01 -15.04
C ILE N 33 -0.01 -20.05 -13.93
N TYR N 34 1.17 -20.21 -13.33
CA TYR N 34 1.33 -21.20 -12.28
C TYR N 34 0.55 -20.81 -11.03
N SER N 35 0.60 -19.53 -10.66
CA SER N 35 -0.23 -19.08 -9.54
C SER N 35 -1.71 -19.17 -9.90
N ARG N 36 -2.06 -18.92 -11.16
CA ARG N 36 -3.46 -19.02 -11.58
C ARG N 36 -3.97 -20.44 -11.45
N LEU N 37 -3.11 -21.44 -11.68
CA LEU N 37 -3.55 -22.82 -11.52
C LEU N 37 -3.50 -23.27 -10.08
N LEU N 38 -2.48 -22.83 -9.33
CA LEU N 38 -2.45 -23.11 -7.90
C LEU N 38 -3.72 -22.63 -7.22
N LYS N 39 -4.27 -21.50 -7.68
CA LYS N 39 -5.55 -21.06 -7.18
C LYS N 39 -6.64 -22.09 -7.39
N GLU N 40 -6.50 -22.95 -8.40
CA GLU N 40 -7.46 -24.03 -8.64
C GLU N 40 -7.02 -25.35 -8.01
N ARG N 41 -6.12 -25.31 -7.03
CA ARG N 41 -5.71 -26.50 -6.27
C ARG N 41 -5.08 -27.54 -7.18
N VAL N 42 -4.27 -27.09 -8.14
CA VAL N 42 -3.49 -27.99 -8.98
C VAL N 42 -2.03 -27.57 -8.89
N ILE N 43 -1.15 -28.55 -8.70
CA ILE N 43 0.28 -28.33 -8.47
C ILE N 43 1.05 -29.11 -9.52
N PHE N 44 2.13 -28.52 -10.01
CA PHE N 44 2.98 -29.15 -11.01
C PHE N 44 4.28 -29.62 -10.37
N LEU N 45 4.72 -30.81 -10.76
CA LEU N 45 6.00 -31.35 -10.33
C LEU N 45 6.76 -31.75 -11.59
N THR N 46 7.82 -31.01 -11.90
CA THR N 46 8.58 -31.23 -13.13
C THR N 46 10.06 -31.26 -12.82
N GLY N 47 10.83 -31.78 -13.78
CA GLY N 47 12.26 -31.88 -13.62
C GLY N 47 12.64 -32.82 -12.50
N GLN N 48 13.93 -32.78 -12.14
CA GLN N 48 14.42 -33.60 -11.05
C GLN N 48 13.83 -33.15 -9.73
N VAL N 49 13.69 -34.09 -8.81
CA VAL N 49 13.21 -33.79 -7.47
C VAL N 49 14.41 -33.40 -6.61
N GLU N 50 14.46 -32.15 -6.18
CA GLU N 50 15.56 -31.66 -5.35
C GLU N 50 14.96 -30.97 -4.13
N ASP N 51 15.85 -30.44 -3.29
CA ASP N 51 15.42 -29.90 -2.01
C ASP N 51 14.49 -28.70 -2.18
N HIS N 52 14.91 -27.71 -2.96
CA HIS N 52 14.15 -26.47 -3.06
C HIS N 52 12.82 -26.67 -3.77
N MET N 53 12.83 -27.42 -4.88
CA MET N 53 11.57 -27.65 -5.60
C MET N 53 10.60 -28.46 -4.75
N ALA N 54 11.09 -29.50 -4.08
CA ALA N 54 10.22 -30.29 -3.22
C ALA N 54 9.69 -29.46 -2.07
N ASN N 55 10.51 -28.57 -1.54
CA ASN N 55 10.04 -27.69 -0.46
C ASN N 55 8.98 -26.74 -0.97
N LEU N 56 9.13 -26.26 -2.20
CA LEU N 56 8.09 -25.43 -2.80
C LEU N 56 6.79 -26.21 -2.94
N ILE N 57 6.88 -27.47 -3.36
CA ILE N 57 5.69 -28.31 -3.47
C ILE N 57 5.05 -28.49 -2.11
N VAL N 58 5.87 -28.70 -1.08
CA VAL N 58 5.33 -28.89 0.27
C VAL N 58 4.62 -27.64 0.74
N ALA N 59 5.21 -26.47 0.49
CA ALA N 59 4.56 -25.22 0.87
C ALA N 59 3.24 -25.06 0.16
N GLN N 60 3.19 -25.37 -1.14
CA GLN N 60 1.94 -25.26 -1.88
C GLN N 60 0.89 -26.21 -1.31
N MET N 61 1.30 -27.43 -0.98
CA MET N 61 0.34 -28.40 -0.45
C MET N 61 -0.19 -27.95 0.90
N LEU N 62 0.68 -27.42 1.76
CA LEU N 62 0.23 -26.92 3.06
C LEU N 62 -0.75 -25.77 2.89
N PHE N 63 -0.46 -24.84 1.97
CA PHE N 63 -1.36 -23.73 1.76
C PHE N 63 -2.70 -24.22 1.23
N LEU N 64 -2.69 -25.17 0.30
CA LEU N 64 -3.94 -25.67 -0.25
C LEU N 64 -4.75 -26.40 0.81
N GLU N 65 -4.09 -27.12 1.71
CA GLU N 65 -4.79 -27.73 2.83
C GLU N 65 -5.42 -26.67 3.72
N ALA N 66 -4.67 -25.61 4.03
CA ALA N 66 -5.22 -24.55 4.87
C ALA N 66 -6.38 -23.84 4.17
N GLU N 67 -6.39 -23.86 2.84
CA GLU N 67 -7.47 -23.20 2.11
C GLU N 67 -8.78 -23.95 2.27
N ASN N 68 -8.80 -25.23 1.94
CA ASN N 68 -9.98 -26.05 2.06
C ASN N 68 -9.57 -27.50 2.30
N PRO N 69 -9.59 -27.96 3.55
CA PRO N 69 -9.10 -29.31 3.84
C PRO N 69 -9.97 -30.42 3.27
N GLU N 70 -11.08 -30.08 2.60
CA GLU N 70 -11.97 -31.10 2.06
C GLU N 70 -11.79 -31.31 0.57
N LYS N 71 -11.42 -30.28 -0.18
CA LYS N 71 -11.28 -30.38 -1.62
C LYS N 71 -9.97 -31.07 -1.98
N ASP N 72 -10.01 -31.85 -3.05
CA ASP N 72 -8.83 -32.60 -3.46
C ASP N 72 -7.74 -31.68 -3.97
N ILE N 73 -6.52 -32.21 -4.01
CA ILE N 73 -5.36 -31.51 -4.54
C ILE N 73 -4.79 -32.36 -5.68
N TYR N 74 -4.53 -31.72 -6.81
CA TYR N 74 -4.09 -32.42 -8.01
C TYR N 74 -2.62 -32.10 -8.27
N LEU N 75 -1.79 -33.14 -8.26
CA LEU N 75 -0.36 -33.00 -8.44
C LEU N 75 0.02 -33.60 -9.79
N TYR N 76 0.21 -32.75 -10.78
CA TYR N 76 0.59 -33.18 -12.11
C TYR N 76 2.07 -33.51 -12.13
N ILE N 77 2.39 -34.78 -12.31
CA ILE N 77 3.74 -35.29 -12.14
C ILE N 77 4.36 -35.53 -13.51
N ASN N 78 5.52 -34.94 -13.75
CA ASN N 78 6.32 -35.24 -14.95
C ASN N 78 7.79 -35.06 -14.53
N SER N 79 8.41 -36.16 -14.11
CA SER N 79 9.72 -36.04 -13.51
C SER N 79 10.61 -37.22 -13.88
N PRO N 80 11.87 -36.98 -14.22
CA PRO N 80 12.81 -38.08 -14.46
C PRO N 80 13.44 -38.63 -13.19
N GLY N 81 12.91 -38.30 -12.03
CA GLY N 81 13.44 -38.80 -10.78
C GLY N 81 13.90 -37.68 -9.88
N GLY N 82 14.89 -37.98 -9.04
CA GLY N 82 15.43 -37.01 -8.13
C GLY N 82 16.02 -37.70 -6.91
N VAL N 83 16.33 -36.90 -5.90
CA VAL N 83 16.88 -37.44 -4.66
C VAL N 83 15.76 -38.06 -3.85
N ILE N 84 16.08 -39.17 -3.19
CA ILE N 84 15.05 -39.94 -2.48
C ILE N 84 14.49 -39.14 -1.31
N THR N 85 15.32 -38.32 -0.69
CA THR N 85 14.91 -37.63 0.53
C THR N 85 13.83 -36.58 0.25
N ALA N 86 14.01 -35.80 -0.81
CA ALA N 86 13.00 -34.80 -1.16
C ALA N 86 11.69 -35.48 -1.54
N GLY N 87 11.77 -36.57 -2.29
CA GLY N 87 10.57 -37.34 -2.59
C GLY N 87 9.90 -37.86 -1.35
N MET N 88 10.69 -38.29 -0.36
CA MET N 88 10.12 -38.75 0.90
C MET N 88 9.43 -37.61 1.64
N SER N 89 10.01 -36.42 1.59
CA SER N 89 9.37 -35.26 2.17
C SER N 89 8.01 -35.00 1.52
N ILE N 90 7.97 -35.04 0.19
CA ILE N 90 6.70 -34.81 -0.51
C ILE N 90 5.70 -35.89 -0.16
N TYR N 91 6.15 -37.14 -0.09
CA TYR N 91 5.25 -38.24 0.20
C TYR N 91 4.68 -38.12 1.61
N ASP N 92 5.53 -37.78 2.58
CA ASP N 92 5.06 -37.60 3.94
C ASP N 92 4.08 -36.46 4.04
N THR N 93 4.33 -35.37 3.30
CA THR N 93 3.38 -34.25 3.30
C THR N 93 2.06 -34.67 2.70
N MET N 94 2.10 -35.48 1.64
CA MET N 94 0.85 -35.97 1.04
C MET N 94 0.09 -36.85 2.00
N GLN N 95 0.78 -37.73 2.72
CA GLN N 95 0.10 -38.61 3.66
C GLN N 95 -0.46 -37.83 4.85
N PHE N 96 0.25 -36.80 5.31
CA PHE N 96 -0.15 -36.13 6.54
C PHE N 96 -1.40 -35.29 6.34
N ILE N 97 -1.46 -34.54 5.24
CA ILE N 97 -2.54 -33.58 5.06
C ILE N 97 -3.88 -34.31 4.94
N LYS N 98 -4.94 -33.64 5.39
CA LYS N 98 -6.25 -34.26 5.37
C LYS N 98 -6.83 -34.43 3.97
N PRO N 99 -6.86 -33.41 3.10
CA PRO N 99 -7.47 -33.60 1.79
C PRO N 99 -6.73 -34.64 0.94
N ASP N 100 -7.45 -35.20 -0.02
CA ASP N 100 -6.90 -36.24 -0.87
C ASP N 100 -6.06 -35.61 -1.98
N VAL N 101 -4.93 -36.26 -2.27
CA VAL N 101 -4.01 -35.79 -3.31
C VAL N 101 -4.15 -36.71 -4.51
N SER N 102 -4.66 -36.16 -5.61
CA SER N 102 -4.83 -36.89 -6.85
C SER N 102 -3.62 -36.65 -7.74
N THR N 103 -2.80 -37.67 -7.93
CA THR N 103 -1.60 -37.57 -8.75
C THR N 103 -1.92 -37.99 -10.18
N ILE N 104 -1.52 -37.14 -11.13
CA ILE N 104 -1.75 -37.39 -12.55
C ILE N 104 -0.39 -37.39 -13.24
N CYS N 105 -0.01 -38.54 -13.79
CA CYS N 105 1.28 -38.68 -14.45
C CYS N 105 1.13 -38.40 -15.94
N MET N 106 1.61 -37.24 -16.36
CA MET N 106 1.69 -36.90 -17.77
C MET N 106 3.15 -36.81 -18.17
N GLY N 107 3.42 -37.04 -19.45
CA GLY N 107 4.80 -37.15 -19.86
C GLY N 107 5.38 -38.46 -19.38
N GLN N 108 6.20 -38.41 -18.34
CA GLN N 108 6.77 -39.62 -17.77
C GLN N 108 7.10 -39.39 -16.31
N ALA N 109 7.21 -40.50 -15.56
CA ALA N 109 7.53 -40.46 -14.14
C ALA N 109 8.49 -41.59 -13.84
N ALA N 110 9.71 -41.24 -13.48
CA ALA N 110 10.75 -42.22 -13.13
C ALA N 110 10.64 -42.56 -11.65
N SER N 111 11.67 -43.22 -11.14
CA SER N 111 11.65 -43.86 -9.83
C SER N 111 10.98 -43.01 -8.76
N MET N 112 11.53 -41.83 -8.48
CA MET N 112 10.93 -40.97 -7.48
C MET N 112 9.61 -40.41 -7.97
N GLY N 113 9.53 -40.03 -9.24
CA GLY N 113 8.27 -39.55 -9.79
C GLY N 113 7.20 -40.61 -9.79
N ALA N 114 7.57 -41.84 -10.19
CA ALA N 114 6.61 -42.93 -10.17
C ALA N 114 6.14 -43.22 -8.75
N PHE N 115 7.06 -43.17 -7.78
CA PHE N 115 6.68 -43.40 -6.40
C PHE N 115 5.69 -42.35 -5.93
N LEU N 116 5.99 -41.08 -6.19
CA LEU N 116 5.07 -40.02 -5.78
C LEU N 116 3.74 -40.13 -6.51
N LEU N 117 3.75 -40.66 -7.74
CA LEU N 117 2.51 -40.87 -8.46
C LEU N 117 1.66 -41.94 -7.79
N THR N 118 2.25 -43.11 -7.53
CA THR N 118 1.49 -44.20 -6.93
C THR N 118 1.09 -43.89 -5.51
N ALA N 119 1.68 -42.88 -4.90
CA ALA N 119 1.37 -42.50 -3.53
C ALA N 119 0.13 -41.63 -3.42
N GLY N 120 -0.58 -41.40 -4.52
CA GLY N 120 -1.76 -40.58 -4.47
C GLY N 120 -2.89 -41.24 -3.70
N ALA N 121 -3.98 -40.48 -3.54
CA ALA N 121 -5.15 -41.00 -2.85
C ALA N 121 -5.71 -42.21 -3.59
N LYS N 122 -5.99 -43.27 -2.83
CA LYS N 122 -6.49 -44.50 -3.41
C LYS N 122 -7.76 -44.25 -4.21
N GLY N 123 -7.78 -44.70 -5.46
CA GLY N 123 -8.87 -44.45 -6.36
C GLY N 123 -8.73 -43.19 -7.19
N LYS N 124 -7.66 -42.42 -6.97
CA LYS N 124 -7.47 -41.15 -7.67
C LYS N 124 -6.10 -41.03 -8.31
N ARG N 125 -5.38 -42.13 -8.47
CA ARG N 125 -4.11 -42.12 -9.17
C ARG N 125 -4.36 -42.37 -10.66
N PHE N 126 -4.16 -41.35 -11.48
CA PHE N 126 -4.45 -41.42 -12.90
C PHE N 126 -3.15 -41.32 -13.69
N CYS N 127 -3.25 -41.62 -14.98
CA CYS N 127 -2.15 -41.43 -15.90
C CYS N 127 -2.72 -41.21 -17.29
N LEU N 128 -1.93 -40.64 -18.16
CA LEU N 128 -2.38 -40.32 -19.50
C LEU N 128 -2.03 -41.46 -20.46
N PRO N 129 -2.79 -41.61 -21.54
CA PRO N 129 -2.67 -42.83 -22.36
C PRO N 129 -1.29 -43.11 -22.90
N ASN N 130 -0.49 -42.07 -23.15
CA ASN N 130 0.84 -42.27 -23.71
C ASN N 130 1.93 -42.00 -22.68
N SER N 131 1.56 -41.75 -21.43
CA SER N 131 2.56 -41.52 -20.39
C SER N 131 3.38 -42.78 -20.15
N ARG N 132 4.59 -42.59 -19.66
CA ARG N 132 5.51 -43.67 -19.38
C ARG N 132 5.84 -43.68 -17.89
N VAL N 133 5.94 -44.88 -17.32
CA VAL N 133 6.25 -45.07 -15.91
C VAL N 133 7.44 -46.02 -15.82
N MET N 134 8.43 -45.64 -15.03
CA MET N 134 9.61 -46.45 -14.81
C MET N 134 9.94 -46.49 -13.33
N ILE N 135 10.30 -47.67 -12.84
CA ILE N 135 10.63 -47.86 -11.44
C ILE N 135 11.92 -48.65 -11.34
N HIS N 136 12.69 -48.39 -10.29
CA HIS N 136 13.93 -49.11 -10.07
C HIS N 136 14.37 -48.90 -8.63
N GLN N 137 15.30 -49.72 -8.19
CA GLN N 137 15.85 -49.58 -6.85
C GLN N 137 16.62 -48.26 -6.75
N PRO N 138 16.65 -47.65 -5.57
CA PRO N 138 17.33 -46.36 -5.44
C PRO N 138 18.81 -46.47 -5.70
N LEU N 139 19.38 -45.38 -6.22
CA LEU N 139 20.80 -45.30 -6.54
C LEU N 139 21.51 -44.46 -5.49
N GLY N 140 22.82 -44.58 -5.46
CA GLY N 140 23.61 -43.82 -4.52
C GLY N 140 25.06 -44.24 -4.57
N GLY N 141 25.76 -44.01 -3.47
CA GLY N 141 27.15 -44.42 -3.38
C GLY N 141 27.87 -43.61 -2.33
N TYR N 142 29.13 -43.99 -2.12
CA TYR N 142 29.96 -43.31 -1.13
C TYR N 142 31.41 -43.70 -1.37
N GLN N 143 32.31 -42.79 -0.99
CA GLN N 143 33.74 -43.01 -1.06
C GLN N 143 34.35 -42.68 0.30
N GLY N 144 35.22 -43.56 0.78
CA GLY N 144 35.87 -43.31 2.05
C GLY N 144 36.41 -44.60 2.65
N GLN N 145 36.48 -44.61 3.98
CA GLN N 145 37.00 -45.76 4.70
C GLN N 145 35.98 -46.89 4.70
N ALA N 146 36.47 -48.10 4.96
CA ALA N 146 35.63 -49.28 4.89
C ALA N 146 34.45 -49.19 5.86
N THR N 147 34.69 -48.66 7.05
CA THR N 147 33.62 -48.59 8.05
C THR N 147 32.52 -47.64 7.60
N ASP N 148 32.89 -46.45 7.12
CA ASP N 148 31.90 -45.53 6.60
C ASP N 148 31.20 -46.11 5.38
N ILE N 149 31.94 -46.85 4.54
CA ILE N 149 31.31 -47.52 3.41
C ILE N 149 30.22 -48.46 3.88
N GLU N 150 30.53 -49.28 4.88
CA GLU N 150 29.53 -50.21 5.40
C GLU N 150 28.34 -49.47 5.99
N ILE N 151 28.59 -48.39 6.71
CA ILE N 151 27.48 -47.62 7.29
C ILE N 151 26.57 -47.10 6.21
N HIS N 152 27.14 -46.47 5.19
CA HIS N 152 26.32 -45.91 4.11
C HIS N 152 25.60 -47.00 3.34
N ALA N 153 26.24 -48.16 3.17
CA ALA N 153 25.60 -49.26 2.46
C ALA N 153 24.40 -49.77 3.24
N ARG N 154 24.55 -49.97 4.54
CA ARG N 154 23.41 -50.40 5.35
C ARG N 154 22.31 -49.36 5.33
N GLU N 155 22.68 -48.08 5.33
CA GLU N 155 21.67 -47.03 5.29
C GLU N 155 20.88 -47.07 3.99
N ILE N 156 21.58 -47.18 2.86
CA ILE N 156 20.87 -47.20 1.58
C ILE N 156 20.06 -48.48 1.44
N LEU N 157 20.50 -49.57 2.06
CA LEU N 157 19.70 -50.79 2.01
C LEU N 157 18.42 -50.63 2.82
N LYS N 158 18.51 -49.98 3.98
CA LYS N 158 17.30 -49.67 4.73
C LYS N 158 16.36 -48.78 3.92
N VAL N 159 16.92 -47.80 3.21
CA VAL N 159 16.09 -46.95 2.38
C VAL N 159 15.40 -47.75 1.29
N LYS N 160 16.13 -48.65 0.64
CA LYS N 160 15.55 -49.49 -0.40
C LYS N 160 14.43 -50.35 0.17
N GLY N 161 14.65 -50.94 1.34
CA GLY N 161 13.61 -51.74 1.96
C GLY N 161 12.37 -50.93 2.27
N ARG N 162 12.56 -49.71 2.79
CA ARG N 162 11.42 -48.86 3.10
C ARG N 162 10.66 -48.48 1.83
N MET N 163 11.39 -48.18 0.76
CA MET N 163 10.73 -47.86 -0.51
C MET N 163 9.94 -49.04 -1.02
N ASN N 164 10.51 -50.25 -0.95
CA ASN N 164 9.78 -51.43 -1.40
C ASN N 164 8.54 -51.66 -0.56
N GLU N 165 8.64 -51.47 0.76
CA GLU N 165 7.46 -51.64 1.61
C GLU N 165 6.37 -50.64 1.24
N LEU N 166 6.74 -49.38 1.04
CA LEU N 166 5.74 -48.37 0.70
C LEU N 166 5.10 -48.65 -0.65
N MET N 167 5.89 -49.11 -1.62
CA MET N 167 5.34 -49.42 -2.93
C MET N 167 4.40 -50.62 -2.85
N ALA N 168 4.79 -51.65 -2.10
CA ALA N 168 3.92 -52.81 -1.94
C ALA N 168 2.64 -52.42 -1.23
N LEU N 169 2.71 -51.46 -0.30
CA LEU N 169 1.51 -51.00 0.38
C LEU N 169 0.59 -50.26 -0.58
N HIS N 170 1.15 -49.36 -1.38
CA HIS N 170 0.33 -48.50 -2.22
C HIS N 170 -0.18 -49.19 -3.47
N THR N 171 0.52 -50.21 -3.96
CA THR N 171 0.09 -50.90 -5.17
C THR N 171 -0.67 -52.19 -4.88
N GLY N 172 -0.57 -52.72 -3.66
CA GLY N 172 -1.20 -53.97 -3.34
C GLY N 172 -0.41 -55.21 -3.72
N GLN N 173 0.71 -55.04 -4.43
CA GLN N 173 1.53 -56.18 -4.80
C GLN N 173 2.27 -56.71 -3.58
N SER N 174 2.75 -57.94 -3.72
CA SER N 174 3.53 -58.53 -2.64
C SER N 174 4.90 -57.85 -2.55
N LEU N 175 5.46 -57.84 -1.34
CA LEU N 175 6.78 -57.25 -1.15
C LEU N 175 7.82 -57.97 -2.00
N GLU N 176 7.75 -59.29 -2.07
CA GLU N 176 8.68 -60.03 -2.93
C GLU N 176 8.48 -59.67 -4.39
N GLN N 177 7.24 -59.40 -4.79
CA GLN N 177 6.98 -59.00 -6.17
C GLN N 177 7.67 -57.69 -6.50
N ILE N 178 7.51 -56.68 -5.63
CA ILE N 178 8.18 -55.41 -5.85
C ILE N 178 9.69 -55.59 -5.84
N GLU N 179 10.19 -56.44 -4.93
CA GLU N 179 11.63 -56.66 -4.85
C GLU N 179 12.18 -57.26 -6.13
N ARG N 180 11.48 -58.24 -6.69
CA ARG N 180 11.98 -58.89 -7.90
C ARG N 180 11.72 -58.02 -9.13
N ASP N 181 10.76 -57.09 -9.04
CA ASP N 181 10.46 -56.25 -10.19
C ASP N 181 11.42 -55.08 -10.31
N THR N 182 11.70 -54.39 -9.20
CA THR N 182 12.54 -53.20 -9.24
C THR N 182 14.02 -53.52 -9.16
N GLU N 183 14.43 -54.77 -9.38
CA GLU N 183 15.85 -55.08 -9.40
C GLU N 183 16.56 -54.33 -10.51
N ARG N 184 15.89 -54.17 -11.65
CA ARG N 184 16.41 -53.39 -12.77
C ARG N 184 15.37 -52.36 -13.17
N ASP N 185 15.76 -51.45 -14.06
CA ASP N 185 14.82 -50.51 -14.63
C ASP N 185 13.70 -51.25 -15.32
N ARG N 186 12.47 -51.00 -14.88
CA ARG N 186 11.30 -51.62 -15.48
C ARG N 186 10.35 -50.52 -15.95
N PHE N 187 10.12 -50.46 -17.26
CA PHE N 187 9.23 -49.48 -17.86
C PHE N 187 7.82 -50.03 -17.93
N LEU N 188 6.84 -49.16 -17.79
CA LEU N 188 5.44 -49.55 -17.85
C LEU N 188 4.67 -48.52 -18.66
N SER N 189 3.87 -49.00 -19.62
CA SER N 189 2.94 -48.12 -20.30
C SER N 189 1.76 -47.81 -19.39
N ALA N 190 0.83 -47.01 -19.89
CA ALA N 190 -0.36 -46.67 -19.12
C ALA N 190 -1.22 -47.89 -18.79
N PRO N 191 -1.59 -48.76 -19.73
CA PRO N 191 -2.34 -49.96 -19.33
C PRO N 191 -1.53 -50.91 -18.45
N GLU N 192 -0.23 -51.06 -18.72
CA GLU N 192 0.60 -51.87 -17.84
C GLU N 192 0.63 -51.30 -16.44
N ALA N 193 0.68 -49.97 -16.31
CA ALA N 193 0.66 -49.35 -15.00
C ALA N 193 -0.67 -49.58 -14.30
N VAL N 194 -1.78 -49.49 -15.05
CA VAL N 194 -3.08 -49.74 -14.45
C VAL N 194 -3.18 -51.17 -13.94
N GLU N 195 -2.72 -52.12 -14.75
CA GLU N 195 -2.77 -53.53 -14.33
C GLU N 195 -1.84 -53.79 -13.17
N TYR N 196 -0.70 -53.09 -13.12
CA TYR N 196 0.25 -53.31 -12.05
C TYR N 196 -0.26 -52.75 -10.73
N GLY N 197 -1.15 -51.76 -10.80
CA GLY N 197 -1.69 -51.15 -9.61
C GLY N 197 -1.11 -49.79 -9.27
N LEU N 198 -0.15 -49.28 -10.04
CA LEU N 198 0.42 -47.98 -9.75
C LEU N 198 -0.61 -46.88 -9.88
N VAL N 199 -1.47 -46.96 -10.89
CA VAL N 199 -2.52 -45.97 -11.11
C VAL N 199 -3.86 -46.68 -11.10
N ASP N 200 -4.91 -45.90 -10.91
CA ASP N 200 -6.26 -46.44 -10.82
C ASP N 200 -6.94 -46.53 -12.18
N SER N 201 -6.75 -45.53 -13.04
CA SER N 201 -7.38 -45.54 -14.35
C SER N 201 -6.62 -44.59 -15.26
N ILE N 202 -6.93 -44.65 -16.55
CA ILE N 202 -6.30 -43.82 -17.57
C ILE N 202 -7.30 -42.76 -18.01
N LEU N 203 -6.88 -41.51 -18.00
CA LEU N 203 -7.70 -40.42 -18.48
C LEU N 203 -7.68 -40.39 -20.00
N THR N 204 -8.87 -40.40 -20.60
CA THR N 204 -8.99 -40.46 -22.06
C THR N 204 -9.53 -39.18 -22.65
N HIS N 205 -10.72 -38.73 -22.25
CA HIS N 205 -11.34 -37.55 -22.81
C HIS N 205 -12.22 -36.88 -21.77
N ARG N 206 -12.70 -35.69 -22.11
CA ARG N 206 -13.58 -34.95 -21.22
C ARG N 206 -14.95 -35.63 -21.12
N ALA O 15 72.61 -36.12 -26.07
CA ALA O 15 71.39 -35.33 -25.91
C ALA O 15 71.67 -34.06 -25.12
N LEU O 16 70.76 -33.74 -24.18
CA LEU O 16 70.97 -32.56 -23.35
C LEU O 16 72.18 -32.74 -22.45
N VAL O 17 72.43 -33.95 -21.99
CA VAL O 17 73.56 -34.26 -21.12
C VAL O 17 74.72 -34.69 -22.00
N PRO O 18 75.85 -33.98 -22.00
CA PRO O 18 76.94 -34.32 -22.90
C PRO O 18 77.72 -35.52 -22.40
N MET O 19 78.32 -36.23 -23.35
CA MET O 19 79.16 -37.39 -23.06
C MET O 19 80.63 -36.98 -23.04
N VAL O 20 81.42 -37.74 -22.30
CA VAL O 20 82.84 -37.47 -22.14
C VAL O 20 83.61 -38.76 -22.37
N ILE O 21 84.91 -38.63 -22.58
CA ILE O 21 85.78 -39.74 -22.92
C ILE O 21 86.87 -39.86 -21.86
N GLU O 22 87.13 -41.09 -21.42
CA GLU O 22 88.13 -41.38 -20.41
C GLU O 22 88.96 -42.59 -20.83
N GLN O 23 90.27 -42.49 -20.61
CA GLN O 23 91.21 -43.52 -21.01
C GLN O 23 91.84 -44.14 -19.77
N THR O 24 91.33 -45.30 -19.35
CA THR O 24 91.89 -45.97 -18.18
C THR O 24 92.53 -47.30 -18.55
N SER O 25 91.75 -48.22 -19.12
CA SER O 25 92.27 -49.55 -19.43
C SER O 25 92.29 -49.78 -20.93
N ARG O 26 91.16 -49.63 -21.59
CA ARG O 26 91.13 -49.74 -23.04
C ARG O 26 90.98 -48.37 -23.69
N GLY O 27 90.63 -47.35 -22.91
CA GLY O 27 90.46 -46.03 -23.44
C GLY O 27 89.10 -45.83 -24.08
N GLU O 28 88.80 -44.57 -24.37
CA GLU O 28 87.56 -44.18 -25.05
C GLU O 28 86.33 -44.69 -24.28
N ARG O 29 86.40 -44.60 -22.96
CA ARG O 29 85.29 -44.99 -22.10
C ARG O 29 84.31 -43.83 -22.05
N SER O 30 83.20 -43.96 -22.78
CA SER O 30 82.23 -42.89 -22.93
C SER O 30 81.25 -42.93 -21.77
N PHE O 31 81.24 -41.89 -20.95
CA PHE O 31 80.27 -41.72 -19.88
C PHE O 31 79.51 -40.42 -20.11
N ASP O 32 78.28 -40.38 -19.64
CA ASP O 32 77.64 -39.10 -19.45
C ASP O 32 78.39 -38.35 -18.35
N ILE O 33 78.21 -37.02 -18.31
CA ILE O 33 78.98 -36.24 -17.37
C ILE O 33 78.65 -36.61 -15.93
N TYR O 34 77.38 -36.92 -15.65
CA TYR O 34 77.01 -37.26 -14.28
C TYR O 34 77.61 -38.59 -13.86
N SER O 35 77.58 -39.59 -14.75
CA SER O 35 78.25 -40.84 -14.45
C SER O 35 79.76 -40.64 -14.35
N ARG O 36 80.32 -39.75 -15.17
CA ARG O 36 81.75 -39.48 -15.12
C ARG O 36 82.15 -38.88 -13.77
N LEU O 37 81.28 -38.08 -13.18
CA LEU O 37 81.61 -37.53 -11.87
C LEU O 37 81.29 -38.50 -10.75
N LEU O 38 80.21 -39.26 -10.87
CA LEU O 38 79.94 -40.31 -9.89
C LEU O 38 81.12 -41.26 -9.78
N LYS O 39 81.80 -41.52 -10.90
CA LYS O 39 83.02 -42.32 -10.84
C LYS O 39 84.05 -41.69 -9.92
N GLU O 40 84.01 -40.38 -9.74
CA GLU O 40 84.93 -39.70 -8.83
C GLU O 40 84.32 -39.48 -7.44
N ARG O 41 83.29 -40.25 -7.09
CA ARG O 41 82.70 -40.21 -5.76
C ARG O 41 82.14 -38.83 -5.41
N VAL O 42 81.51 -38.18 -6.40
CA VAL O 42 80.83 -36.91 -6.19
C VAL O 42 79.39 -37.08 -6.68
N ILE O 43 78.44 -36.62 -5.88
CA ILE O 43 77.01 -36.79 -6.15
C ILE O 43 76.36 -35.42 -6.13
N PHE O 44 75.40 -35.21 -7.03
CA PHE O 44 74.69 -33.95 -7.12
C PHE O 44 73.28 -34.11 -6.58
N LEU O 45 72.82 -33.12 -5.83
CA LEU O 45 71.46 -33.07 -5.31
C LEU O 45 70.88 -31.72 -5.73
N THR O 46 69.93 -31.74 -6.65
CA THR O 46 69.36 -30.52 -7.21
C THR O 46 67.85 -30.62 -7.23
N GLY O 47 67.21 -29.45 -7.38
CA GLY O 47 65.77 -29.40 -7.40
C GLY O 47 65.16 -29.81 -6.08
N GLN O 48 63.84 -30.00 -6.11
CA GLN O 48 63.14 -30.43 -4.91
C GLN O 48 63.55 -31.84 -4.53
N VAL O 49 63.47 -32.14 -3.24
CA VAL O 49 63.76 -33.47 -2.74
C VAL O 49 62.47 -34.29 -2.78
N GLU O 50 62.43 -35.30 -3.63
CA GLU O 50 61.26 -36.15 -3.76
C GLU O 50 61.69 -37.60 -3.63
N ASP O 51 60.72 -38.51 -3.77
CA ASP O 51 60.98 -39.92 -3.52
C ASP O 51 62.00 -40.50 -4.49
N HIS O 52 61.77 -40.33 -5.79
CA HIS O 52 62.61 -40.98 -6.79
C HIS O 52 64.02 -40.40 -6.81
N MET O 53 64.14 -39.08 -6.75
CA MET O 53 65.47 -38.46 -6.74
C MET O 53 66.25 -38.84 -5.50
N ALA O 54 65.60 -38.81 -4.33
CA ALA O 54 66.27 -39.19 -3.10
C ALA O 54 66.67 -40.66 -3.15
N ASN O 55 65.83 -41.51 -3.74
CA ASN O 55 66.18 -42.92 -3.86
C ASN O 55 67.37 -43.10 -4.78
N LEU O 56 67.44 -42.30 -5.84
CA LEU O 56 68.61 -42.34 -6.72
C LEU O 56 69.87 -41.94 -5.95
N ILE O 57 69.77 -40.90 -5.12
CA ILE O 57 70.90 -40.48 -4.31
C ILE O 57 71.31 -41.59 -3.36
N VAL O 58 70.34 -42.27 -2.76
CA VAL O 58 70.64 -43.36 -1.83
C VAL O 58 71.36 -44.49 -2.56
N ALA O 59 70.87 -44.84 -3.75
CA ALA O 59 71.53 -45.89 -4.52
C ALA O 59 72.96 -45.51 -4.85
N GLN O 60 73.19 -44.26 -5.25
CA GLN O 60 74.54 -43.82 -5.55
C GLN O 60 75.43 -43.89 -4.33
N MET O 61 74.91 -43.48 -3.17
CA MET O 61 75.71 -43.51 -1.95
C MET O 61 76.05 -44.95 -1.57
N LEU O 62 75.08 -45.86 -1.69
CA LEU O 62 75.37 -47.25 -1.38
C LEU O 62 76.42 -47.82 -2.30
N PHE O 63 76.32 -47.52 -3.60
CA PHE O 63 77.33 -48.01 -4.54
C PHE O 63 78.70 -47.45 -4.21
N LEU O 64 78.77 -46.15 -3.89
CA LEU O 64 80.06 -45.54 -3.58
C LEU O 64 80.65 -46.13 -2.31
N GLU O 65 79.81 -46.45 -1.32
CA GLU O 65 80.30 -47.13 -0.13
C GLU O 65 80.85 -48.51 -0.49
N ALA O 66 80.13 -49.26 -1.32
CA ALA O 66 80.61 -50.58 -1.72
C ALA O 66 81.90 -50.48 -2.52
N GLU O 67 82.12 -49.35 -3.19
CA GLU O 67 83.33 -49.19 -3.98
C GLU O 67 84.56 -49.05 -3.08
N ASN O 68 84.55 -48.10 -2.17
CA ASN O 68 85.65 -47.88 -1.25
C ASN O 68 85.11 -47.28 0.05
N PRO O 69 84.90 -48.10 1.08
CA PRO O 69 84.29 -47.58 2.31
C PRO O 69 85.17 -46.58 3.06
N GLU O 70 86.38 -46.31 2.59
CA GLU O 70 87.29 -45.41 3.28
C GLU O 70 87.33 -44.02 2.67
N LYS O 71 87.15 -43.90 1.36
CA LYS O 71 87.22 -42.62 0.68
C LYS O 71 85.94 -41.82 0.91
N ASP O 72 86.08 -40.51 1.01
CA ASP O 72 84.95 -39.65 1.29
C ASP O 72 84.00 -39.61 0.09
N ILE O 73 82.78 -39.17 0.36
CA ILE O 73 81.76 -38.97 -0.66
C ILE O 73 81.33 -37.52 -0.62
N TYR O 74 81.28 -36.87 -1.77
CA TYR O 74 80.99 -35.45 -1.85
C TYR O 74 79.60 -35.26 -2.45
N LEU O 75 78.72 -34.63 -1.68
CA LEU O 75 77.34 -34.40 -2.09
C LEU O 75 77.14 -32.91 -2.33
N TYR O 76 77.16 -32.52 -3.59
CA TYR O 76 76.97 -31.12 -3.96
C TYR O 76 75.49 -30.80 -3.89
N ILE O 77 75.11 -29.94 -2.94
CA ILE O 77 73.72 -29.67 -2.62
C ILE O 77 73.32 -28.33 -3.19
N ASN O 78 72.25 -28.32 -3.98
CA ASN O 78 71.62 -27.09 -4.45
C ASN O 78 70.13 -27.38 -4.59
N SER O 79 69.38 -27.09 -3.53
CA SER O 79 67.99 -27.53 -3.49
C SER O 79 67.10 -26.52 -2.80
N PRO O 80 65.93 -26.22 -3.35
CA PRO O 80 64.97 -25.35 -2.67
C PRO O 80 64.12 -26.06 -1.64
N GLY O 81 64.49 -27.27 -1.23
CA GLY O 81 63.74 -28.01 -0.24
C GLY O 81 63.21 -29.31 -0.80
N GLY O 82 62.10 -29.76 -0.23
CA GLY O 82 61.47 -31.00 -0.66
C GLY O 82 60.67 -31.59 0.47
N VAL O 83 60.25 -32.83 0.28
CA VAL O 83 59.49 -33.55 1.29
C VAL O 83 60.42 -34.01 2.40
N ILE O 84 59.94 -33.95 3.64
CA ILE O 84 60.80 -34.23 4.78
C ILE O 84 61.22 -35.69 4.79
N THR O 85 60.35 -36.57 4.30
CA THR O 85 60.61 -38.01 4.40
C THR O 85 61.78 -38.43 3.51
N ALA O 86 61.82 -37.93 2.28
CA ALA O 86 62.94 -38.27 1.40
C ALA O 86 64.24 -37.72 1.95
N GLY O 87 64.21 -36.50 2.48
CA GLY O 87 65.39 -35.96 3.13
C GLY O 87 65.82 -36.81 4.31
N MET O 88 64.87 -37.33 5.07
CA MET O 88 65.22 -38.20 6.19
C MET O 88 65.84 -39.49 5.70
N SER O 89 65.35 -40.03 4.58
CA SER O 89 65.98 -41.20 3.99
C SER O 89 67.43 -40.92 3.62
N ILE O 90 67.67 -39.78 2.97
CA ILE O 90 69.04 -39.44 2.58
C ILE O 90 69.91 -39.25 3.81
N TYR O 91 69.37 -38.61 4.85
CA TYR O 91 70.15 -38.35 6.05
C TYR O 91 70.50 -39.66 6.76
N ASP O 92 69.54 -40.57 6.85
CA ASP O 92 69.80 -41.87 7.47
C ASP O 92 70.82 -42.66 6.67
N THR O 93 70.76 -42.59 5.34
CA THR O 93 71.76 -43.27 4.54
C THR O 93 73.13 -42.66 4.75
N MET O 94 73.21 -41.34 4.88
CA MET O 94 74.49 -40.70 5.16
C MET O 94 75.05 -41.13 6.50
N GLN O 95 74.20 -41.19 7.52
CA GLN O 95 74.67 -41.60 8.84
C GLN O 95 75.09 -43.06 8.88
N PHE O 96 74.37 -43.91 8.14
CA PHE O 96 74.62 -45.35 8.26
C PHE O 96 75.94 -45.74 7.62
N ILE O 97 76.22 -45.24 6.41
CA ILE O 97 77.37 -45.69 5.66
C ILE O 97 78.66 -45.34 6.39
N LYS O 98 79.67 -46.17 6.20
CA LYS O 98 80.95 -45.95 6.89
C LYS O 98 81.71 -44.74 6.39
N PRO O 99 81.95 -44.56 5.09
CA PRO O 99 82.74 -43.41 4.66
C PRO O 99 82.06 -42.09 4.99
N ASP O 100 82.90 -41.05 5.07
CA ASP O 100 82.42 -39.72 5.43
C ASP O 100 81.80 -39.02 4.22
N VAL O 101 80.69 -38.33 4.46
CA VAL O 101 79.98 -37.62 3.42
C VAL O 101 80.24 -36.13 3.59
N SER O 102 80.95 -35.55 2.63
CA SER O 102 81.26 -34.13 2.63
C SER O 102 80.22 -33.39 1.79
N THR O 103 79.37 -32.60 2.45
CA THR O 103 78.33 -31.85 1.78
C THR O 103 78.83 -30.46 1.44
N ILE O 104 78.65 -30.07 0.18
CA ILE O 104 79.07 -28.76 -0.32
C ILE O 104 77.85 -28.04 -0.85
N CYS O 105 77.49 -26.93 -0.22
CA CYS O 105 76.30 -26.18 -0.61
C CYS O 105 76.69 -25.09 -1.59
N MET O 106 76.35 -25.30 -2.86
CA MET O 106 76.52 -24.28 -3.88
C MET O 106 75.15 -23.85 -4.36
N GLY O 107 75.06 -22.62 -4.85
CA GLY O 107 73.76 -22.09 -5.17
C GLY O 107 73.04 -21.73 -3.88
N GLN O 108 72.07 -22.56 -3.50
CA GLN O 108 71.35 -22.34 -2.26
C GLN O 108 70.81 -23.66 -1.74
N ALA O 109 70.52 -23.69 -0.44
CA ALA O 109 69.99 -24.88 0.22
C ALA O 109 68.91 -24.43 1.20
N ALA O 110 67.67 -24.81 0.93
CA ALA O 110 66.54 -24.48 1.79
C ALA O 110 66.40 -25.56 2.85
N SER O 111 65.26 -25.54 3.55
CA SER O 111 65.04 -26.30 4.77
C SER O 111 65.59 -27.72 4.69
N MET O 112 65.06 -28.53 3.76
CA MET O 112 65.57 -29.89 3.62
C MET O 112 66.98 -29.90 3.08
N GLY O 113 67.27 -29.03 2.11
CA GLY O 113 68.62 -28.95 1.59
C GLY O 113 69.62 -28.49 2.64
N ALA O 114 69.24 -27.48 3.42
CA ALA O 114 70.12 -27.00 4.49
C ALA O 114 70.35 -28.09 5.53
N PHE O 115 69.29 -28.84 5.85
CA PHE O 115 69.44 -29.92 6.82
C PHE O 115 70.40 -30.99 6.30
N LEU O 116 70.23 -31.40 5.05
CA LEU O 116 71.14 -32.40 4.49
C LEU O 116 72.56 -31.85 4.39
N LEU O 117 72.71 -30.54 4.21
CA LEU O 117 74.04 -29.94 4.18
C LEU O 117 74.69 -30.02 5.54
N THR O 118 74.00 -29.55 6.58
CA THR O 118 74.59 -29.56 7.91
C THR O 118 74.78 -30.97 8.45
N ALA O 119 74.16 -31.96 7.82
CA ALA O 119 74.28 -33.34 8.26
C ALA O 119 75.55 -34.02 7.74
N GLY O 120 76.43 -33.29 7.07
CA GLY O 120 77.64 -33.88 6.56
C GLY O 120 78.59 -34.30 7.66
N ALA O 121 79.68 -34.92 7.26
CA ALA O 121 80.69 -35.36 8.21
C ALA O 121 81.29 -34.14 8.92
N LYS O 122 81.40 -34.26 10.25
CA LYS O 122 81.90 -33.15 11.06
C LYS O 122 83.29 -32.75 10.60
N GLY O 123 83.46 -31.45 10.35
CA GLY O 123 84.70 -30.93 9.81
C GLY O 123 84.76 -30.89 8.31
N LYS O 124 83.74 -31.38 7.62
CA LYS O 124 83.73 -31.45 6.16
C LYS O 124 82.47 -30.84 5.54
N ARG O 125 81.72 -30.04 6.30
CA ARG O 125 80.58 -29.33 5.76
C ARG O 125 81.04 -27.97 5.24
N PHE O 126 81.04 -27.81 3.92
CA PHE O 126 81.53 -26.60 3.28
C PHE O 126 80.39 -25.85 2.62
N CYS O 127 80.66 -24.62 2.22
CA CYS O 127 79.73 -23.83 1.43
C CYS O 127 80.53 -22.83 0.61
N LEU O 128 79.91 -22.33 -0.43
CA LEU O 128 80.59 -21.41 -1.33
C LEU O 128 80.31 -19.98 -0.91
N PRO O 129 81.23 -19.05 -1.24
CA PRO O 129 81.16 -17.71 -0.63
C PRO O 129 79.87 -16.97 -0.88
N ASN O 130 79.18 -17.22 -1.99
CA ASN O 130 77.94 -16.52 -2.29
C ASN O 130 76.73 -17.42 -2.13
N SER O 131 76.91 -18.65 -1.65
CA SER O 131 75.79 -19.55 -1.44
C SER O 131 74.86 -18.99 -0.37
N ARG O 132 73.59 -19.40 -0.44
CA ARG O 132 72.58 -18.96 0.51
C ARG O 132 72.03 -20.18 1.24
N VAL O 133 71.76 -20.01 2.53
CA VAL O 133 71.23 -21.07 3.36
C VAL O 133 69.98 -20.54 4.07
N MET O 134 68.90 -21.30 4.02
CA MET O 134 67.66 -20.93 4.66
C MET O 134 67.11 -22.13 5.42
N ILE O 135 66.60 -21.88 6.62
CA ILE O 135 66.04 -22.92 7.46
C ILE O 135 64.70 -22.45 8.00
N HIS O 136 63.80 -23.41 8.23
CA HIS O 136 62.50 -23.10 8.77
C HIS O 136 61.86 -24.38 9.28
N GLN O 137 60.82 -24.22 10.09
CA GLN O 137 60.07 -25.37 10.58
C GLN O 137 59.39 -26.07 9.41
N PRO O 138 59.21 -27.39 9.50
CA PRO O 138 58.61 -28.12 8.38
C PRO O 138 57.17 -27.69 8.13
N LEU O 139 56.76 -27.78 6.88
CA LEU O 139 55.42 -27.42 6.45
C LEU O 139 54.61 -28.68 6.19
N GLY O 140 53.29 -28.50 6.13
CA GLY O 140 52.42 -29.62 5.87
C GLY O 140 50.98 -29.21 6.01
N GLY O 141 50.13 -30.19 6.27
CA GLY O 141 48.72 -29.91 6.49
C GLY O 141 47.90 -31.15 6.25
N TYR O 142 46.60 -31.02 6.51
CA TYR O 142 45.67 -32.11 6.34
C TYR O 142 44.25 -31.58 6.34
N GLN O 143 43.37 -32.28 5.65
CA GLN O 143 41.95 -31.97 5.61
C GLN O 143 41.16 -33.22 5.95
N GLY O 144 40.17 -33.08 6.83
CA GLY O 144 39.35 -34.21 7.18
C GLY O 144 38.66 -33.99 8.51
N GLN O 145 38.37 -35.09 9.18
CA GLN O 145 37.68 -35.04 10.46
C GLN O 145 38.61 -34.54 11.56
N ALA O 146 38.01 -34.07 12.65
CA ALA O 146 38.78 -33.47 13.73
C ALA O 146 39.79 -34.44 14.31
N THR O 147 39.41 -35.72 14.45
CA THR O 147 40.31 -36.69 15.04
C THR O 147 41.53 -36.93 14.15
N ASP O 148 41.31 -37.12 12.86
CA ASP O 148 42.43 -37.26 11.94
C ASP O 148 43.27 -36.00 11.89
N ILE O 149 42.63 -34.83 11.98
CA ILE O 149 43.38 -33.57 12.06
C ILE O 149 44.32 -33.59 13.24
N GLU O 150 43.81 -33.96 14.41
CA GLU O 150 44.66 -34.02 15.60
C GLU O 150 45.79 -35.01 15.43
N ILE O 151 45.50 -36.17 14.86
CA ILE O 151 46.53 -37.18 14.66
C ILE O 151 47.65 -36.63 13.78
N HIS O 152 47.28 -36.04 12.64
CA HIS O 152 48.29 -35.52 11.73
C HIS O 152 49.04 -34.35 12.34
N ALA O 153 48.37 -33.53 13.15
CA ALA O 153 49.05 -32.42 13.80
C ALA O 153 50.09 -32.92 14.79
N ARG O 154 49.72 -33.90 15.62
CA ARG O 154 50.69 -34.47 16.55
C ARG O 154 51.85 -35.10 15.81
N GLU O 155 51.55 -35.76 14.68
CA GLU O 155 52.62 -36.37 13.91
C GLU O 155 53.60 -35.33 13.38
N ILE O 156 53.08 -34.25 12.80
CA ILE O 156 53.97 -33.24 12.25
C ILE O 156 54.72 -32.52 13.35
N LEU O 157 54.12 -32.42 14.54
CA LEU O 157 54.84 -31.81 15.66
C LEU O 157 55.98 -32.70 16.12
N LYS O 158 55.75 -34.02 16.14
CA LYS O 158 56.85 -34.94 16.44
C LYS O 158 57.95 -34.82 15.40
N VAL O 159 57.58 -34.68 14.12
CA VAL O 159 58.58 -34.52 13.08
C VAL O 159 59.38 -33.24 13.30
N LYS O 160 58.69 -32.14 13.63
CA LYS O 160 59.38 -30.89 13.87
C LYS O 160 60.35 -31.01 15.04
N GLY O 161 59.91 -31.66 16.12
CA GLY O 161 60.78 -31.87 17.25
C GLY O 161 62.02 -32.68 16.90
N ARG O 162 61.82 -33.74 16.11
CA ARG O 162 62.95 -34.56 15.70
C ARG O 162 63.92 -33.78 14.83
N MET O 163 63.39 -32.97 13.92
CA MET O 163 64.25 -32.13 13.09
C MET O 163 65.05 -31.15 13.93
N ASN O 164 64.40 -30.51 14.90
CA ASN O 164 65.11 -29.59 15.77
C ASN O 164 66.19 -30.29 16.57
N GLU O 165 65.91 -31.49 17.07
CA GLU O 165 66.91 -32.23 17.81
C GLU O 165 68.11 -32.56 16.93
N LEU O 166 67.85 -33.02 15.71
CA LEU O 166 68.96 -33.37 14.81
C LEU O 166 69.78 -32.14 14.44
N MET O 167 69.11 -31.00 14.22
CA MET O 167 69.85 -29.79 13.88
C MET O 167 70.68 -29.32 15.06
N ALA O 168 70.13 -29.37 16.27
CA ALA O 168 70.89 -28.98 17.45
C ALA O 168 72.06 -29.90 17.66
N LEU O 169 71.91 -31.19 17.32
CA LEU O 169 73.02 -32.12 17.44
C LEU O 169 74.12 -31.79 16.44
N HIS O 170 73.75 -31.53 15.19
CA HIS O 170 74.74 -31.38 14.14
C HIS O 170 75.39 -29.99 14.15
N THR O 171 74.71 -28.98 14.65
CA THR O 171 75.28 -27.64 14.69
C THR O 171 75.91 -27.28 16.02
N GLY O 172 75.58 -28.01 17.08
CA GLY O 172 76.08 -27.68 18.40
C GLY O 172 75.29 -26.63 19.13
N GLN O 173 74.31 -26.01 18.48
CA GLN O 173 73.48 -25.01 19.14
C GLN O 173 72.53 -25.68 20.12
N SER O 174 71.99 -24.88 21.03
CA SER O 174 71.01 -25.39 21.97
C SER O 174 69.70 -25.69 21.26
N LEU O 175 68.96 -26.65 21.81
CA LEU O 175 67.67 -27.00 21.22
C LEU O 175 66.72 -25.81 21.25
N GLU O 176 66.72 -25.05 22.35
CA GLU O 176 65.90 -23.85 22.40
C GLU O 176 66.34 -22.82 21.38
N GLN O 177 67.64 -22.76 21.10
CA GLN O 177 68.13 -21.82 20.09
C GLN O 177 67.59 -22.18 18.72
N ILE O 178 67.67 -23.45 18.34
CA ILE O 178 67.12 -23.88 17.06
C ILE O 178 65.62 -23.65 17.02
N GLU O 179 64.93 -23.91 18.13
CA GLU O 179 63.48 -23.73 18.16
C GLU O 179 63.11 -22.27 17.95
N ARG O 180 63.82 -21.35 18.58
CA ARG O 180 63.48 -19.94 18.42
C ARG O 180 63.98 -19.39 17.10
N ASP O 181 64.97 -20.05 16.48
CA ASP O 181 65.50 -19.55 15.22
C ASP O 181 64.64 -19.98 14.04
N THR O 182 64.23 -21.25 13.99
CA THR O 182 63.49 -21.76 12.85
C THR O 182 61.99 -21.52 12.96
N GLU O 183 61.55 -20.63 13.85
CA GLU O 183 60.13 -20.32 13.92
C GLU O 183 59.65 -19.69 12.61
N ARG O 184 60.50 -18.89 11.97
CA ARG O 184 60.21 -18.31 10.67
C ARG O 184 61.36 -18.62 9.73
N ASP O 185 61.16 -18.31 8.46
CA ASP O 185 62.23 -18.43 7.49
C ASP O 185 63.41 -17.56 7.92
N ARG O 186 64.56 -18.19 8.09
CA ARG O 186 65.78 -17.46 8.45
C ARG O 186 66.85 -17.74 7.41
N PHE O 187 67.28 -16.69 6.72
CA PHE O 187 68.32 -16.82 5.70
C PHE O 187 69.68 -16.59 6.33
N LEU O 188 70.69 -17.27 5.79
CA LEU O 188 72.06 -17.14 6.27
C LEU O 188 73.00 -17.08 5.09
N SER O 189 73.90 -16.11 5.10
CA SER O 189 74.98 -16.08 4.14
C SER O 189 76.03 -17.13 4.51
N ALA O 190 77.06 -17.23 3.69
CA ALA O 190 78.15 -18.18 3.96
C ALA O 190 78.86 -17.90 5.28
N PRO O 191 79.31 -16.67 5.58
CA PRO O 191 79.91 -16.44 6.90
C PRO O 191 78.93 -16.61 8.05
N GLU O 192 77.68 -16.17 7.87
CA GLU O 192 76.67 -16.40 8.90
C GLU O 192 76.45 -17.89 9.12
N ALA O 193 76.48 -18.69 8.06
CA ALA O 193 76.33 -20.13 8.22
C ALA O 193 77.53 -20.73 8.95
N VAL O 194 78.73 -20.25 8.64
CA VAL O 194 79.91 -20.75 9.33
C VAL O 194 79.84 -20.43 10.82
N GLU O 195 79.46 -19.20 11.15
CA GLU O 195 79.36 -18.81 12.56
C GLU O 195 78.23 -19.56 13.25
N TYR O 196 77.15 -19.85 12.54
CA TYR O 196 76.02 -20.56 13.15
C TYR O 196 76.37 -22.01 13.43
N GLY O 197 77.30 -22.57 12.67
CA GLY O 197 77.71 -23.95 12.83
C GLY O 197 77.17 -24.90 11.79
N LEU O 198 76.37 -24.41 10.83
CA LEU O 198 75.84 -25.30 9.80
C LEU O 198 76.95 -25.87 8.94
N VAL O 199 77.94 -25.06 8.60
CA VAL O 199 79.08 -25.50 7.80
C VAL O 199 80.35 -25.27 8.58
N ASP O 200 81.41 -25.95 8.15
CA ASP O 200 82.69 -25.87 8.84
C ASP O 200 83.56 -24.74 8.32
N SER O 201 83.57 -24.53 7.00
CA SER O 201 84.39 -23.48 6.41
C SER O 201 83.84 -23.14 5.03
N ILE O 202 84.35 -22.05 4.47
CA ILE O 202 83.93 -21.57 3.16
C ILE O 202 85.06 -21.86 2.17
N LEU O 203 84.72 -22.49 1.06
CA LEU O 203 85.68 -22.75 0.00
C LEU O 203 85.89 -21.48 -0.81
N THR O 204 87.16 -21.09 -0.97
CA THR O 204 87.49 -19.84 -1.65
C THR O 204 88.20 -20.07 -2.98
N HIS O 205 89.34 -20.76 -2.97
CA HIS O 205 90.11 -20.97 -4.19
C HIS O 205 90.86 -22.29 -4.09
N ARG O 206 91.45 -22.69 -5.20
CA ARG O 206 92.23 -23.92 -5.26
C ARG O 206 93.52 -23.78 -4.45
N ALA P 15 68.63 -37.76 -34.23
CA ALA P 15 67.36 -37.10 -33.96
C ALA P 15 67.43 -35.61 -34.33
N LEU P 16 66.88 -34.76 -33.47
CA LEU P 16 66.95 -33.33 -33.72
C LEU P 16 68.39 -32.82 -33.65
N VAL P 17 69.20 -33.41 -32.79
CA VAL P 17 70.60 -33.04 -32.62
C VAL P 17 71.43 -33.93 -33.53
N PRO P 18 72.14 -33.38 -34.50
CA PRO P 18 72.88 -34.23 -35.44
C PRO P 18 74.16 -34.77 -34.83
N MET P 19 74.59 -35.92 -35.33
CA MET P 19 75.81 -36.56 -34.90
C MET P 19 76.94 -36.23 -35.87
N VAL P 20 78.17 -36.27 -35.36
CA VAL P 20 79.36 -35.95 -36.14
C VAL P 20 80.39 -37.05 -35.92
N ILE P 21 81.39 -37.07 -36.81
CA ILE P 21 82.40 -38.12 -36.81
C ILE P 21 83.76 -37.47 -36.62
N GLU P 22 84.59 -38.06 -35.76
CA GLU P 22 85.92 -37.58 -35.46
C GLU P 22 86.90 -38.74 -35.45
N GLN P 23 88.07 -38.51 -36.03
CA GLN P 23 89.11 -39.53 -36.16
C GLN P 23 90.33 -39.13 -35.34
N THR P 24 90.45 -39.71 -34.14
CA THR P 24 91.60 -39.41 -33.29
C THR P 24 92.48 -40.62 -33.08
N SER P 25 91.93 -41.70 -32.53
CA SER P 25 92.73 -42.88 -32.22
C SER P 25 92.28 -44.06 -33.06
N ARG P 26 91.00 -44.43 -32.99
CA ARG P 26 90.48 -45.48 -33.85
C ARG P 26 89.64 -44.91 -34.97
N GLY P 27 89.26 -43.64 -34.88
CA GLY P 27 88.45 -43.02 -35.89
C GLY P 27 86.98 -43.34 -35.73
N GLU P 28 86.16 -42.61 -36.49
CA GLU P 28 84.72 -42.80 -36.51
C GLU P 28 84.12 -42.66 -35.12
N ARG P 29 84.64 -41.71 -34.35
CA ARG P 29 84.12 -41.43 -33.02
C ARG P 29 82.89 -40.56 -33.15
N SER P 30 81.72 -41.16 -32.98
CA SER P 30 80.45 -40.48 -33.20
C SER P 30 80.04 -39.75 -31.93
N PHE P 31 79.96 -38.42 -32.01
CA PHE P 31 79.45 -37.60 -30.93
C PHE P 31 78.26 -36.80 -31.44
N ASP P 32 77.35 -36.48 -30.53
CA ASP P 32 76.43 -35.40 -30.83
C ASP P 32 77.21 -34.10 -30.94
N ILE P 33 76.61 -33.10 -31.59
CA ILE P 33 77.35 -31.87 -31.84
C ILE P 33 77.71 -31.18 -30.53
N TYR P 34 76.83 -31.23 -29.53
CA TYR P 34 77.13 -30.57 -28.27
C TYR P 34 78.27 -31.27 -27.53
N SER P 35 78.27 -32.59 -27.52
CA SER P 35 79.40 -33.30 -26.94
C SER P 35 80.66 -33.06 -27.76
N ARG P 36 80.53 -32.96 -29.09
CA ARG P 36 81.70 -32.70 -29.93
C ARG P 36 82.31 -31.35 -29.62
N LEU P 37 81.50 -30.36 -29.26
CA LEU P 37 82.06 -29.06 -28.90
C LEU P 37 82.56 -29.03 -27.47
N LEU P 38 81.84 -29.69 -26.55
CA LEU P 38 82.33 -29.81 -25.18
C LEU P 38 83.72 -30.42 -25.17
N LYS P 39 83.98 -31.35 -26.08
CA LYS P 39 85.34 -31.88 -26.20
C LYS P 39 86.35 -30.79 -26.50
N GLU P 40 85.92 -29.69 -27.12
CA GLU P 40 86.80 -28.56 -27.39
C GLU P 40 86.71 -27.48 -26.32
N ARG P 41 86.21 -27.82 -25.13
CA ARG P 41 86.18 -26.90 -23.99
C ARG P 41 85.34 -25.66 -24.30
N VAL P 42 84.22 -25.86 -24.97
CA VAL P 42 83.25 -24.79 -25.22
C VAL P 42 81.89 -25.26 -24.72
N ILE P 43 81.20 -24.41 -23.98
CA ILE P 43 79.94 -24.73 -23.33
C ILE P 43 78.90 -23.72 -23.78
N PHE P 44 77.68 -24.18 -24.00
CA PHE P 44 76.58 -23.32 -24.41
C PHE P 44 75.62 -23.10 -23.26
N LEU P 45 75.16 -21.86 -23.12
CA LEU P 45 74.15 -21.49 -22.13
C LEU P 45 73.03 -20.79 -22.89
N THR P 46 71.87 -21.45 -22.98
CA THR P 46 70.75 -20.94 -23.75
C THR P 46 69.47 -21.03 -22.93
N GLY P 47 68.46 -20.30 -23.38
CA GLY P 47 67.19 -20.30 -22.70
C GLY P 47 67.29 -19.71 -21.30
N GLN P 48 66.22 -19.89 -20.54
CA GLN P 48 66.19 -19.41 -19.17
C GLN P 48 67.18 -20.18 -18.32
N VAL P 49 67.70 -19.53 -17.29
CA VAL P 49 68.60 -20.18 -16.35
C VAL P 49 67.76 -20.82 -15.25
N GLU P 50 67.78 -22.14 -15.18
CA GLU P 50 67.01 -22.87 -14.19
C GLU P 50 67.95 -23.86 -13.49
N ASP P 51 67.38 -24.63 -12.56
CA ASP P 51 68.19 -25.48 -11.71
C ASP P 51 68.91 -26.56 -12.52
N HIS P 52 68.18 -27.31 -13.33
CA HIS P 52 68.77 -28.45 -14.02
C HIS P 52 69.78 -28.01 -15.08
N MET P 53 69.44 -26.99 -15.86
CA MET P 53 70.36 -26.53 -16.89
C MET P 53 71.62 -25.96 -16.27
N ALA P 54 71.48 -25.15 -15.22
CA ALA P 54 72.65 -24.60 -14.55
C ALA P 54 73.49 -25.70 -13.93
N ASN P 55 72.84 -26.74 -13.40
CA ASN P 55 73.60 -27.85 -12.84
C ASN P 55 74.36 -28.59 -13.93
N LEU P 56 73.75 -28.73 -15.10
CA LEU P 56 74.45 -29.32 -16.23
C LEU P 56 75.67 -28.49 -16.60
N ILE P 57 75.52 -27.17 -16.63
CA ILE P 57 76.65 -26.29 -16.93
C ILE P 57 77.74 -26.47 -15.88
N VAL P 58 77.36 -26.57 -14.62
CA VAL P 58 78.33 -26.75 -13.55
C VAL P 58 79.09 -28.06 -13.72
N ALA P 59 78.36 -29.13 -14.05
CA ALA P 59 79.02 -30.41 -14.27
C ALA P 59 80.00 -30.33 -15.42
N GLN P 60 79.60 -29.68 -16.51
CA GLN P 60 80.50 -29.54 -17.64
C GLN P 60 81.74 -28.75 -17.27
N MET P 61 81.57 -27.67 -16.50
CA MET P 61 82.72 -26.87 -16.11
C MET P 61 83.66 -27.65 -15.21
N LEU P 62 83.10 -28.42 -14.28
CA LEU P 62 83.95 -29.24 -13.40
C LEU P 62 84.73 -30.27 -14.21
N PHE P 63 84.06 -30.92 -15.16
CA PHE P 63 84.75 -31.90 -15.99
C PHE P 63 85.86 -31.24 -16.81
N LEU P 64 85.58 -30.07 -17.38
CA LEU P 64 86.58 -29.39 -18.18
C LEU P 64 87.77 -28.96 -17.33
N GLU P 65 87.52 -28.55 -16.09
CA GLU P 65 88.62 -28.24 -15.18
C GLU P 65 89.44 -29.48 -14.90
N ALA P 66 88.78 -30.60 -14.63
CA ALA P 66 89.51 -31.84 -14.38
C ALA P 66 90.29 -32.29 -15.59
N GLU P 67 89.85 -31.91 -16.79
CA GLU P 67 90.55 -32.30 -18.00
C GLU P 67 91.88 -31.59 -18.12
N ASN P 68 91.86 -30.26 -18.08
CA ASN P 68 93.08 -29.46 -18.18
C ASN P 68 92.88 -28.16 -17.43
N PRO P 69 93.36 -28.06 -16.19
CA PRO P 69 93.11 -26.86 -15.40
C PRO P 69 93.79 -25.60 -15.92
N GLU P 70 94.56 -25.70 -17.01
CA GLU P 70 95.27 -24.56 -17.54
C GLU P 70 94.60 -23.94 -18.76
N LYS P 71 93.92 -24.75 -19.57
CA LYS P 71 93.29 -24.25 -20.79
C LYS P 71 91.98 -23.54 -20.45
N ASP P 72 91.69 -22.50 -21.21
CA ASP P 72 90.50 -21.70 -20.96
C ASP P 72 89.23 -22.49 -21.26
N ILE P 73 88.13 -22.00 -20.72
CA ILE P 73 86.80 -22.56 -20.98
C ILE P 73 85.94 -21.46 -21.56
N TYR P 74 85.24 -21.76 -22.65
CA TYR P 74 84.46 -20.78 -23.37
C TYR P 74 82.98 -21.05 -23.17
N LEU P 75 82.28 -20.10 -22.59
CA LEU P 75 80.86 -20.22 -22.27
C LEU P 75 80.09 -19.29 -23.19
N TYR P 76 79.49 -19.84 -24.23
CA TYR P 76 78.71 -19.07 -25.18
C TYR P 76 77.34 -18.80 -24.58
N ILE P 77 77.07 -17.54 -24.28
CA ILE P 77 75.89 -17.14 -23.50
C ILE P 77 74.86 -16.55 -24.45
N ASN P 78 73.64 -17.09 -24.41
CA ASN P 78 72.50 -16.52 -25.11
C ASN P 78 71.26 -16.84 -24.27
N SER P 79 70.91 -15.92 -23.38
CA SER P 79 69.88 -16.24 -22.40
C SER P 79 69.01 -15.04 -22.09
N PRO P 80 67.69 -15.21 -22.01
CA PRO P 80 66.81 -14.12 -21.60
C PRO P 80 66.70 -13.95 -20.09
N GLY P 81 67.60 -14.57 -19.32
CA GLY P 81 67.57 -14.46 -17.89
C GLY P 81 67.37 -15.80 -17.21
N GLY P 82 66.78 -15.77 -16.03
CA GLY P 82 66.52 -16.97 -15.28
C GLY P 82 66.45 -16.65 -13.80
N VAL P 83 66.46 -17.72 -13.00
CA VAL P 83 66.42 -17.56 -11.55
C VAL P 83 67.79 -17.14 -11.06
N ILE P 84 67.81 -16.27 -10.05
CA ILE P 84 69.06 -15.69 -9.58
C ILE P 84 69.94 -16.76 -8.95
N THR P 85 69.33 -17.75 -8.32
CA THR P 85 70.09 -18.73 -7.56
C THR P 85 70.93 -19.62 -8.47
N ALA P 86 70.34 -20.09 -9.57
CA ALA P 86 71.09 -20.92 -10.50
C ALA P 86 72.22 -20.13 -11.14
N GLY P 87 71.96 -18.86 -11.48
CA GLY P 87 73.02 -18.01 -11.97
C GLY P 87 74.13 -17.83 -10.96
N MET P 88 73.77 -17.72 -9.68
CA MET P 88 74.77 -17.60 -8.64
C MET P 88 75.60 -18.87 -8.52
N SER P 89 74.96 -20.02 -8.68
CA SER P 89 75.69 -21.29 -8.70
C SER P 89 76.71 -21.30 -9.83
N ILE P 90 76.28 -20.91 -11.03
CA ILE P 90 77.19 -20.90 -12.17
C ILE P 90 78.33 -19.91 -11.93
N TYR P 91 78.02 -18.75 -11.37
CA TYR P 91 79.04 -17.73 -11.14
C TYR P 91 80.06 -18.22 -10.12
N ASP P 92 79.58 -18.85 -9.05
CA ASP P 92 80.50 -19.37 -8.03
C ASP P 92 81.36 -20.48 -8.61
N THR P 93 80.80 -21.32 -9.46
CA THR P 93 81.60 -22.35 -10.09
C THR P 93 82.65 -21.75 -11.01
N MET P 94 82.30 -20.68 -11.72
CA MET P 94 83.28 -20.01 -12.57
C MET P 94 84.40 -19.40 -11.74
N GLN P 95 84.06 -18.77 -10.62
CA GLN P 95 85.09 -18.17 -9.78
C GLN P 95 85.97 -19.22 -9.12
N PHE P 96 85.40 -20.36 -8.74
CA PHE P 96 86.17 -21.33 -7.96
C PHE P 96 87.20 -22.03 -8.81
N ILE P 97 86.82 -22.47 -10.02
CA ILE P 97 87.70 -23.30 -10.83
C ILE P 97 88.95 -22.52 -11.21
N LYS P 98 90.06 -23.25 -11.37
CA LYS P 98 91.33 -22.61 -11.69
C LYS P 98 91.38 -22.05 -13.11
N PRO P 99 91.03 -22.78 -14.17
CA PRO P 99 91.16 -22.22 -15.51
C PRO P 99 90.23 -21.02 -15.71
N ASP P 100 90.61 -20.19 -16.68
CA ASP P 100 89.86 -18.98 -16.98
C ASP P 100 88.65 -19.30 -17.84
N VAL P 101 87.54 -18.64 -17.52
CA VAL P 101 86.28 -18.83 -18.24
C VAL P 101 86.04 -17.62 -19.13
N SER P 102 86.10 -17.82 -20.44
CA SER P 102 85.87 -16.77 -21.41
C SER P 102 84.41 -16.80 -21.84
N THR P 103 83.64 -15.79 -21.44
CA THR P 103 82.23 -15.71 -21.78
C THR P 103 82.05 -14.91 -23.05
N ILE P 104 81.29 -15.47 -23.99
CA ILE P 104 81.02 -14.84 -25.28
C ILE P 104 79.51 -14.68 -25.41
N CYS P 105 79.04 -13.45 -25.47
CA CYS P 105 77.61 -13.17 -25.56
C CYS P 105 77.20 -13.03 -27.01
N MET P 106 76.52 -14.04 -27.53
CA MET P 106 75.94 -13.98 -28.85
C MET P 106 74.43 -14.00 -28.71
N GLY P 107 73.75 -13.44 -29.70
CA GLY P 107 72.32 -13.28 -29.53
C GLY P 107 72.04 -12.16 -28.56
N GLN P 108 71.63 -12.51 -27.34
CA GLN P 108 71.39 -11.53 -26.31
C GLN P 108 71.59 -12.17 -24.94
N ALA P 109 71.81 -11.31 -23.95
CA ALA P 109 72.02 -11.75 -22.57
C ALA P 109 71.30 -10.77 -21.65
N ALA P 110 70.26 -11.25 -20.98
CA ALA P 110 69.49 -10.45 -20.05
C ALA P 110 70.13 -10.53 -18.67
N SER P 111 69.39 -10.05 -17.66
CA SER P 111 69.92 -9.80 -16.33
C SER P 111 70.86 -10.88 -15.83
N MET P 112 70.36 -12.11 -15.70
CA MET P 112 71.22 -13.20 -15.25
C MET P 112 72.24 -13.56 -16.32
N GLY P 113 71.84 -13.57 -17.58
CA GLY P 113 72.78 -13.84 -18.65
C GLY P 113 73.86 -12.78 -18.75
N ALA P 114 73.46 -11.50 -18.65
CA ALA P 114 74.44 -10.44 -18.68
C ALA P 114 75.40 -10.52 -17.50
N PHE P 115 74.87 -10.87 -16.32
CA PHE P 115 75.74 -11.01 -15.15
C PHE P 115 76.75 -12.12 -15.36
N LEU P 116 76.29 -13.28 -15.84
CA LEU P 116 77.22 -14.38 -16.08
C LEU P 116 78.21 -14.03 -17.18
N LEU P 117 77.82 -13.18 -18.13
CA LEU P 117 78.74 -12.75 -19.17
C LEU P 117 79.83 -11.87 -18.59
N THR P 118 79.45 -10.84 -17.84
CA THR P 118 80.44 -9.93 -17.27
C THR P 118 81.30 -10.60 -16.21
N ALA P 119 80.88 -11.78 -15.73
CA ALA P 119 81.64 -12.49 -14.72
C ALA P 119 82.78 -13.32 -15.30
N GLY P 120 83.03 -13.23 -16.60
CA GLY P 120 84.10 -13.99 -17.20
C GLY P 120 85.47 -13.52 -16.74
N ALA P 121 86.48 -14.26 -17.19
CA ALA P 121 87.86 -13.91 -16.85
C ALA P 121 88.20 -12.53 -17.38
N LYS P 122 88.81 -11.71 -16.53
CA LYS P 122 89.17 -10.35 -16.90
C LYS P 122 90.04 -10.34 -18.14
N GLY P 123 89.66 -9.55 -19.13
CA GLY P 123 90.34 -9.51 -20.40
C GLY P 123 89.82 -10.50 -21.42
N LYS P 124 88.85 -11.34 -21.06
CA LYS P 124 88.35 -12.37 -21.95
C LYS P 124 86.82 -12.36 -22.06
N ARG P 125 86.18 -11.27 -21.66
CA ARG P 125 84.73 -11.13 -21.84
C ARG P 125 84.47 -10.47 -23.19
N PHE P 126 83.93 -11.24 -24.12
CA PHE P 126 83.69 -10.77 -25.48
C PHE P 126 82.20 -10.69 -25.75
N CYS P 127 81.86 -10.05 -26.86
CA CYS P 127 80.49 -10.02 -27.35
C CYS P 127 80.53 -9.83 -28.85
N LEU P 128 79.43 -10.17 -29.49
CA LEU P 128 79.36 -10.09 -30.94
C LEU P 128 78.77 -8.75 -31.36
N PRO P 129 79.11 -8.28 -32.57
CA PRO P 129 78.81 -6.88 -32.92
C PRO P 129 77.34 -6.52 -32.84
N ASN P 130 76.44 -7.46 -33.07
CA ASN P 130 75.01 -7.17 -33.03
C ASN P 130 74.34 -7.74 -31.79
N SER P 131 75.10 -8.32 -30.87
CA SER P 131 74.53 -8.85 -29.65
C SER P 131 73.92 -7.73 -28.81
N ARG P 132 72.95 -8.10 -27.98
CA ARG P 132 72.27 -7.16 -27.11
C ARG P 132 72.50 -7.57 -25.66
N VAL P 133 72.68 -6.57 -24.80
CA VAL P 133 72.89 -6.80 -23.38
C VAL P 133 71.89 -5.94 -22.61
N MET P 134 71.21 -6.56 -21.65
CA MET P 134 70.25 -5.87 -20.81
C MET P 134 70.47 -6.25 -19.37
N ILE P 135 70.38 -5.26 -18.48
CA ILE P 135 70.58 -5.47 -17.05
C ILE P 135 69.46 -4.78 -16.30
N HIS P 136 69.10 -5.34 -15.15
CA HIS P 136 68.07 -4.76 -14.31
C HIS P 136 68.16 -5.37 -12.92
N GLN P 137 67.49 -4.73 -11.97
CA GLN P 137 67.44 -5.25 -10.63
C GLN P 137 66.67 -6.57 -10.61
N PRO P 138 67.01 -7.49 -9.72
CA PRO P 138 66.34 -8.79 -9.70
C PRO P 138 64.86 -8.66 -9.37
N LEU P 139 64.08 -9.57 -9.93
CA LEU P 139 62.64 -9.61 -9.71
C LEU P 139 62.29 -10.74 -8.75
N GLY P 140 61.07 -10.67 -8.23
CA GLY P 140 60.62 -11.68 -7.31
C GLY P 140 59.28 -11.31 -6.72
N GLY P 141 59.00 -11.85 -5.55
CA GLY P 141 57.77 -11.53 -4.86
C GLY P 141 57.40 -12.61 -3.88
N TYR P 142 56.33 -12.35 -3.13
CA TYR P 142 55.86 -13.29 -2.14
C TYR P 142 54.44 -12.92 -1.73
N GLN P 143 53.68 -13.92 -1.31
CA GLN P 143 52.33 -13.73 -0.80
C GLN P 143 52.21 -14.44 0.54
N GLY P 144 51.64 -13.76 1.52
CA GLY P 144 51.46 -14.37 2.83
C GLY P 144 51.26 -13.31 3.89
N GLN P 145 51.65 -13.67 5.11
CA GLN P 145 51.51 -12.79 6.25
C GLN P 145 52.54 -11.66 6.18
N ALA P 146 52.25 -10.59 6.92
CA ALA P 146 53.10 -9.40 6.87
C ALA P 146 54.53 -9.71 7.30
N THR P 147 54.70 -10.56 8.30
CA THR P 147 56.04 -10.87 8.79
C THR P 147 56.84 -11.62 7.74
N ASP P 148 56.25 -12.64 7.13
CA ASP P 148 56.92 -13.35 6.06
C ASP P 148 57.19 -12.44 4.88
N ILE P 149 56.26 -11.52 4.59
CA ILE P 149 56.48 -10.55 3.53
C ILE P 149 57.74 -9.73 3.82
N GLU P 150 57.86 -9.23 5.04
CA GLU P 150 59.04 -8.44 5.41
C GLU P 150 60.30 -9.27 5.30
N ILE P 151 60.25 -10.54 5.74
CA ILE P 151 61.43 -11.39 5.67
C ILE P 151 61.88 -11.57 4.23
N HIS P 152 60.93 -11.90 3.35
CA HIS P 152 61.27 -12.13 1.95
C HIS P 152 61.75 -10.84 1.28
N ALA P 153 61.17 -9.70 1.68
CA ALA P 153 61.60 -8.43 1.10
C ALA P 153 63.03 -8.12 1.50
N ARG P 154 63.36 -8.28 2.77
CA ARG P 154 64.74 -8.06 3.21
C ARG P 154 65.69 -9.02 2.52
N GLU P 155 65.26 -10.26 2.32
CA GLU P 155 66.11 -11.22 1.64
C GLU P 155 66.39 -10.80 0.20
N ILE P 156 65.35 -10.40 -0.54
CA ILE P 156 65.57 -10.01 -1.92
C ILE P 156 66.36 -8.72 -2.00
N LEU P 157 66.25 -7.85 -1.00
CA LEU P 157 67.06 -6.64 -1.00
C LEU P 157 68.52 -6.97 -0.77
N LYS P 158 68.80 -7.92 0.13
CA LYS P 158 70.17 -8.39 0.29
C LYS P 158 70.70 -8.99 -1.01
N VAL P 159 69.86 -9.75 -1.71
CA VAL P 159 70.28 -10.33 -2.99
C VAL P 159 70.61 -9.23 -3.98
N LYS P 160 69.75 -8.21 -4.07
CA LYS P 160 69.99 -7.10 -4.98
C LYS P 160 71.29 -6.39 -4.65
N GLY P 161 71.54 -6.15 -3.36
CA GLY P 161 72.79 -5.52 -2.96
C GLY P 161 74.00 -6.34 -3.35
N ARG P 162 73.91 -7.66 -3.14
CA ARG P 162 75.02 -8.53 -3.50
C ARG P 162 75.27 -8.52 -5.00
N MET P 163 74.19 -8.54 -5.79
CA MET P 163 74.33 -8.47 -7.24
C MET P 163 74.99 -7.17 -7.67
N ASN P 164 74.55 -6.05 -7.08
CA ASN P 164 75.16 -4.77 -7.43
C ASN P 164 76.63 -4.74 -7.05
N GLU P 165 76.99 -5.28 -5.90
CA GLU P 165 78.39 -5.32 -5.50
C GLU P 165 79.22 -6.14 -6.49
N LEU P 166 78.71 -7.32 -6.88
CA LEU P 166 79.46 -8.16 -7.81
C LEU P 166 79.59 -7.49 -9.17
N MET P 167 78.54 -6.82 -9.64
CA MET P 167 78.62 -6.14 -10.92
C MET P 167 79.60 -4.97 -10.87
N ALA P 168 79.58 -4.20 -9.77
CA ALA P 168 80.54 -3.11 -9.63
C ALA P 168 81.96 -3.64 -9.56
N LEU P 169 82.15 -4.80 -8.96
CA LEU P 169 83.47 -5.40 -8.90
C LEU P 169 83.94 -5.82 -10.29
N HIS P 170 83.07 -6.49 -11.05
CA HIS P 170 83.49 -7.05 -12.32
C HIS P 170 83.58 -6.03 -13.44
N THR P 171 82.82 -4.94 -13.36
CA THR P 171 82.84 -3.93 -14.40
C THR P 171 83.74 -2.76 -14.08
N GLY P 172 84.10 -2.57 -12.81
CA GLY P 172 84.90 -1.44 -12.41
C GLY P 172 84.11 -0.18 -12.14
N GLN P 173 82.81 -0.18 -12.42
CA GLN P 173 81.99 0.99 -12.16
C GLN P 173 81.77 1.15 -10.66
N SER P 174 81.36 2.35 -10.26
CA SER P 174 81.04 2.59 -8.87
C SER P 174 79.74 1.87 -8.49
N LEU P 175 79.65 1.52 -7.21
CA LEU P 175 78.44 0.85 -6.72
C LEU P 175 77.22 1.73 -6.91
N GLU P 176 77.35 3.03 -6.66
CA GLU P 176 76.24 3.95 -6.88
C GLU P 176 75.89 4.02 -8.36
N GLN P 177 76.88 3.90 -9.23
CA GLN P 177 76.61 3.91 -10.67
C GLN P 177 75.76 2.71 -11.07
N ILE P 178 76.14 1.51 -10.61
CA ILE P 178 75.36 0.33 -10.91
C ILE P 178 73.97 0.45 -10.32
N GLU P 179 73.87 1.00 -9.10
CA GLU P 179 72.58 1.13 -8.44
C GLU P 179 71.65 2.05 -9.23
N ARG P 180 72.17 3.18 -9.72
CA ARG P 180 71.32 4.10 -10.46
C ARG P 180 71.09 3.62 -11.88
N ASP P 181 71.94 2.74 -12.40
CA ASP P 181 71.76 2.25 -13.76
C ASP P 181 70.74 1.13 -13.83
N THR P 182 70.82 0.15 -12.93
CA THR P 182 69.94 -1.00 -12.98
C THR P 182 68.61 -0.78 -12.29
N GLU P 183 68.25 0.47 -12.00
CA GLU P 183 66.93 0.73 -11.43
C GLU P 183 65.82 0.30 -12.39
N ARG P 184 66.03 0.48 -13.68
CA ARG P 184 65.10 0.02 -14.71
C ARG P 184 65.86 -0.83 -15.71
N ASP P 185 65.11 -1.47 -16.60
CA ASP P 185 65.72 -2.20 -17.71
C ASP P 185 66.59 -1.25 -18.53
N ARG P 186 67.87 -1.57 -18.64
CA ARG P 186 68.79 -0.78 -19.44
C ARG P 186 69.44 -1.67 -20.49
N PHE P 187 69.18 -1.36 -21.75
CA PHE P 187 69.74 -2.12 -22.86
C PHE P 187 71.07 -1.51 -23.29
N LEU P 188 71.98 -2.36 -23.74
CA LEU P 188 73.29 -1.92 -24.20
C LEU P 188 73.65 -2.67 -25.48
N SER P 189 74.08 -1.92 -26.48
CA SER P 189 74.66 -2.54 -27.67
C SER P 189 76.06 -3.05 -27.36
N ALA P 190 76.68 -3.66 -28.36
CA ALA P 190 78.05 -4.16 -28.18
C ALA P 190 79.05 -3.06 -27.86
N PRO P 191 79.12 -1.94 -28.60
CA PRO P 191 80.04 -0.87 -28.19
C PRO P 191 79.67 -0.23 -26.87
N GLU P 192 78.38 -0.04 -26.60
CA GLU P 192 77.96 0.46 -25.30
C GLU P 192 78.38 -0.49 -24.18
N ALA P 193 78.30 -1.79 -24.42
CA ALA P 193 78.74 -2.75 -23.41
C ALA P 193 80.24 -2.67 -23.20
N VAL P 194 81.00 -2.52 -24.28
CA VAL P 194 82.45 -2.41 -24.15
C VAL P 194 82.81 -1.16 -23.35
N GLU P 195 82.16 -0.03 -23.65
CA GLU P 195 82.46 1.20 -22.92
C GLU P 195 82.01 1.10 -21.47
N TYR P 196 80.92 0.38 -21.22
CA TYR P 196 80.42 0.27 -19.85
C TYR P 196 81.34 -0.62 -19.01
N GLY P 197 82.07 -1.52 -19.64
CA GLY P 197 82.94 -2.42 -18.95
C GLY P 197 82.44 -3.84 -18.80
N LEU P 198 81.24 -4.14 -19.28
CA LEU P 198 80.71 -5.49 -19.16
C LEU P 198 81.56 -6.48 -19.95
N VAL P 199 82.01 -6.10 -21.14
CA VAL P 199 82.84 -6.95 -21.97
C VAL P 199 84.14 -6.23 -22.25
N ASP P 200 85.13 -7.01 -22.68
CA ASP P 200 86.46 -6.46 -22.93
C ASP P 200 86.62 -5.98 -24.36
N SER P 201 86.08 -6.71 -25.32
CA SER P 201 86.20 -6.32 -26.73
C SER P 201 85.10 -7.02 -27.52
N ILE P 202 84.94 -6.59 -28.77
CA ILE P 202 83.94 -7.13 -29.68
C ILE P 202 84.65 -7.99 -30.71
N LEU P 203 84.17 -9.21 -30.89
CA LEU P 203 84.71 -10.11 -31.91
C LEU P 203 84.14 -9.71 -33.27
N THR P 204 85.04 -9.51 -34.23
CA THR P 204 84.63 -9.03 -35.55
C THR P 204 84.85 -10.09 -36.63
N HIS P 205 86.07 -10.59 -36.81
CA HIS P 205 86.36 -11.55 -37.85
C HIS P 205 87.51 -12.45 -37.41
N ARG P 206 87.76 -13.48 -38.19
CA ARG P 206 88.84 -14.42 -37.91
C ARG P 206 90.20 -13.75 -38.13
N ALA Q 15 63.57 -44.25 -36.96
CA ALA Q 15 62.34 -43.60 -36.55
C ALA Q 15 61.77 -42.75 -37.67
N LEU Q 16 61.31 -41.54 -37.34
CA LEU Q 16 60.79 -40.65 -38.36
C LEU Q 16 61.89 -40.20 -39.32
N VAL Q 17 63.11 -40.05 -38.82
CA VAL Q 17 64.25 -39.64 -39.63
C VAL Q 17 64.95 -40.90 -40.11
N PRO Q 18 65.04 -41.14 -41.41
CA PRO Q 18 65.64 -42.38 -41.89
C PRO Q 18 67.16 -42.35 -41.81
N MET Q 19 67.73 -43.54 -41.69
CA MET Q 19 69.17 -43.71 -41.64
C MET Q 19 69.70 -44.10 -43.01
N VAL Q 20 70.96 -43.77 -43.26
CA VAL Q 20 71.60 -44.04 -44.54
C VAL Q 20 72.96 -44.69 -44.28
N ILE Q 21 73.51 -45.28 -45.33
CA ILE Q 21 74.75 -46.05 -45.24
C ILE Q 21 75.78 -45.42 -46.16
N GLU Q 22 77.00 -45.27 -45.66
CA GLU Q 22 78.10 -44.69 -46.41
C GLU Q 22 79.37 -45.53 -46.21
N GLN Q 23 80.10 -45.73 -47.30
CA GLN Q 23 81.29 -46.56 -47.31
C GLN Q 23 82.51 -45.69 -47.61
N THR Q 24 83.25 -45.31 -46.56
CA THR Q 24 84.43 -44.50 -46.74
C THR Q 24 85.70 -45.25 -46.34
N SER Q 25 85.79 -45.69 -45.09
CA SER Q 25 86.99 -46.35 -44.60
C SER Q 25 86.71 -47.78 -44.24
N ARG Q 26 85.74 -48.02 -43.35
CA ARG Q 26 85.35 -49.39 -43.04
C ARG Q 26 84.01 -49.74 -43.67
N GLY Q 27 83.30 -48.74 -44.17
CA GLY Q 27 82.01 -48.97 -44.79
C GLY Q 27 80.90 -49.12 -43.78
N GLU Q 28 79.67 -49.09 -44.29
CA GLU Q 28 78.47 -49.28 -43.48
C GLU Q 28 78.41 -48.26 -42.35
N ARG Q 29 78.80 -47.02 -42.66
CA ARG Q 29 78.73 -45.93 -41.71
C ARG Q 29 77.31 -45.39 -41.69
N SER Q 30 76.56 -45.75 -40.65
CA SER Q 30 75.15 -45.40 -40.56
C SER Q 30 75.00 -44.02 -39.96
N PHE Q 31 74.45 -43.09 -40.74
CA PHE Q 31 74.11 -41.76 -40.26
C PHE Q 31 72.62 -41.53 -40.46
N ASP Q 32 72.05 -40.70 -39.61
CA ASP Q 32 70.77 -40.11 -39.97
C ASP Q 32 70.97 -39.21 -41.19
N ILE Q 33 69.87 -38.91 -41.88
CA ILE Q 33 70.00 -38.15 -43.11
C ILE Q 33 70.55 -36.76 -42.85
N TYR Q 34 70.15 -36.13 -41.74
CA TYR Q 34 70.65 -34.80 -41.45
C TYR Q 34 72.13 -34.80 -41.13
N SER Q 35 72.59 -35.78 -40.36
CA SER Q 35 74.03 -35.91 -40.13
C SER Q 35 74.75 -36.26 -41.42
N ARG Q 36 74.12 -37.07 -42.28
CA ARG Q 36 74.74 -37.42 -43.55
C ARG Q 36 74.94 -36.20 -44.43
N LEU Q 37 74.02 -35.25 -44.37
CA LEU Q 37 74.19 -34.04 -45.17
C LEU Q 37 75.12 -33.03 -44.50
N LEU Q 38 75.05 -32.92 -43.16
CA LEU Q 38 76.01 -32.08 -42.45
C LEU Q 38 77.43 -32.51 -42.78
N LYS Q 39 77.66 -33.81 -42.95
CA LYS Q 39 78.98 -34.26 -43.40
C LYS Q 39 79.37 -33.64 -44.73
N GLU Q 40 78.40 -33.25 -45.56
CA GLU Q 40 78.68 -32.58 -46.82
C GLU Q 40 78.61 -31.06 -46.70
N ARG Q 41 78.73 -30.51 -45.50
CA ARG Q 41 78.79 -29.07 -45.27
C ARG Q 41 77.53 -28.37 -45.76
N VAL Q 42 76.37 -28.99 -45.54
CA VAL Q 42 75.09 -28.38 -45.84
C VAL Q 42 74.25 -28.41 -44.57
N ILE Q 43 73.62 -27.29 -44.24
CA ILE Q 43 72.86 -27.11 -43.01
C ILE Q 43 71.45 -26.68 -43.38
N PHE Q 44 70.47 -27.19 -42.64
CA PHE Q 44 69.07 -26.85 -42.86
C PHE Q 44 68.58 -25.92 -41.77
N LEU Q 45 67.80 -24.92 -42.16
CA LEU Q 45 67.15 -24.00 -41.24
C LEU Q 45 65.67 -23.99 -41.58
N THR Q 46 64.85 -24.57 -40.69
CA THR Q 46 63.43 -24.72 -40.94
C THR Q 46 62.64 -24.26 -39.71
N GLY Q 47 61.35 -24.03 -39.93
CA GLY Q 47 60.48 -23.59 -38.86
C GLY Q 47 60.88 -22.23 -38.34
N GLN Q 48 60.28 -21.85 -37.22
CA GLN Q 48 60.58 -20.58 -36.59
C GLN Q 48 62.01 -20.57 -36.08
N VAL Q 49 62.61 -19.39 -36.05
CA VAL Q 49 63.95 -19.22 -35.50
C VAL Q 49 63.82 -18.96 -34.00
N GLU Q 50 64.32 -19.90 -33.20
CA GLU Q 50 64.26 -19.79 -31.75
C GLU Q 50 65.66 -20.03 -31.20
N ASP Q 51 65.75 -19.99 -29.87
CA ASP Q 51 67.06 -20.05 -29.22
C ASP Q 51 67.76 -21.37 -29.48
N HIS Q 52 67.10 -22.49 -29.21
CA HIS Q 52 67.75 -23.78 -29.29
C HIS Q 52 68.10 -24.16 -30.73
N MET Q 53 67.17 -23.94 -31.66
CA MET Q 53 67.45 -24.27 -33.05
C MET Q 53 68.57 -23.40 -33.60
N ALA Q 54 68.55 -22.11 -33.32
CA ALA Q 54 69.61 -21.23 -33.78
C ALA Q 54 70.94 -21.62 -33.16
N ASN Q 55 70.93 -22.03 -31.90
CA ASN Q 55 72.17 -22.47 -31.26
C ASN Q 55 72.69 -23.75 -31.91
N LEU Q 56 71.79 -24.64 -32.29
CA LEU Q 56 72.19 -25.83 -33.03
C LEU Q 56 72.83 -25.45 -34.36
N ILE Q 57 72.24 -24.48 -35.06
CA ILE Q 57 72.82 -24.02 -36.32
C ILE Q 57 74.20 -23.44 -36.09
N VAL Q 58 74.36 -22.67 -35.01
CA VAL Q 58 75.65 -22.06 -34.70
C VAL Q 58 76.69 -23.14 -34.42
N ALA Q 59 76.31 -24.17 -33.66
CA ALA Q 59 77.24 -25.25 -33.38
C ALA Q 59 77.65 -25.95 -34.66
N GLN Q 60 76.69 -26.21 -35.55
CA GLN Q 60 77.02 -26.85 -36.82
C GLN Q 60 77.97 -25.99 -37.64
N MET Q 61 77.73 -24.68 -37.68
CA MET Q 61 78.59 -23.80 -38.46
C MET Q 61 80.00 -23.77 -37.89
N LEU Q 62 80.11 -23.72 -36.55
CA LEU Q 62 81.43 -23.73 -35.94
C LEU Q 62 82.17 -25.03 -36.25
N PHE Q 63 81.47 -26.16 -36.17
CA PHE Q 63 82.11 -27.43 -36.48
C PHE Q 63 82.56 -27.47 -37.93
N LEU Q 64 81.72 -27.00 -38.84
CA LEU Q 64 82.07 -27.02 -40.26
C LEU Q 64 83.26 -26.11 -40.54
N GLU Q 65 83.34 -24.97 -39.85
CA GLU Q 65 84.51 -24.12 -39.98
C GLU Q 65 85.75 -24.82 -39.49
N ALA Q 66 85.66 -25.50 -38.33
CA ALA Q 66 86.81 -26.22 -37.81
C ALA Q 66 87.21 -27.37 -38.74
N GLU Q 67 86.26 -27.90 -39.50
CA GLU Q 67 86.56 -28.99 -40.41
C GLU Q 67 87.44 -28.51 -41.56
N ASN Q 68 86.99 -27.52 -42.30
CA ASN Q 68 87.73 -26.97 -43.41
C ASN Q 68 87.39 -25.50 -43.59
N PRO Q 69 88.21 -24.59 -43.08
CA PRO Q 69 87.86 -23.16 -43.13
C PRO Q 69 87.84 -22.58 -44.53
N GLU Q 70 88.16 -23.37 -45.56
CA GLU Q 70 88.20 -22.87 -46.93
C GLU Q 70 86.97 -23.25 -47.74
N LYS Q 71 86.36 -24.40 -47.47
CA LYS Q 71 85.20 -24.85 -48.22
C LYS Q 71 83.96 -24.11 -47.78
N ASP Q 72 83.06 -23.86 -48.73
CA ASP Q 72 81.85 -23.12 -48.44
C ASP Q 72 80.91 -23.92 -47.56
N ILE Q 73 79.97 -23.22 -46.94
CA ILE Q 73 78.92 -23.82 -46.12
C ILE Q 73 77.59 -23.42 -46.72
N TYR Q 74 76.70 -24.38 -46.90
CA TYR Q 74 75.43 -24.15 -47.56
C TYR Q 74 74.31 -24.24 -46.53
N LEU Q 75 73.58 -23.14 -46.36
CA LEU Q 75 72.49 -23.05 -45.39
C LEU Q 75 71.18 -22.98 -46.13
N TYR Q 76 70.48 -24.11 -46.21
CA TYR Q 76 69.19 -24.19 -46.87
C TYR Q 76 68.13 -23.60 -45.96
N ILE Q 77 67.56 -22.46 -46.36
CA ILE Q 77 66.68 -21.67 -45.51
C ILE Q 77 65.25 -21.88 -45.96
N ASN Q 78 64.39 -22.27 -45.01
CA ASN Q 78 62.94 -22.33 -45.24
C ASN Q 78 62.30 -22.02 -43.89
N SER Q 79 61.98 -20.74 -43.67
CA SER Q 79 61.55 -20.35 -42.34
C SER Q 79 60.49 -19.26 -42.41
N PRO Q 80 59.43 -19.36 -41.60
CA PRO Q 80 58.44 -18.28 -41.53
C PRO Q 80 58.83 -17.15 -40.59
N GLY Q 81 60.09 -17.08 -40.18
CA GLY Q 81 60.54 -16.03 -39.30
C GLY Q 81 61.07 -16.58 -37.99
N GLY Q 82 60.97 -15.77 -36.95
CA GLY Q 82 61.43 -16.16 -35.63
C GLY Q 82 61.78 -14.93 -34.82
N VAL Q 83 62.44 -15.18 -33.69
CA VAL Q 83 62.87 -14.09 -32.82
C VAL Q 83 64.10 -13.43 -33.42
N ILE Q 84 64.17 -12.11 -33.29
CA ILE Q 84 65.23 -11.35 -33.94
C ILE Q 84 66.59 -11.70 -33.35
N THR Q 85 66.62 -12.02 -32.05
CA THR Q 85 67.90 -12.22 -31.37
C THR Q 85 68.60 -13.49 -31.87
N ALA Q 86 67.85 -14.58 -32.00
CA ALA Q 86 68.46 -15.81 -32.51
C ALA Q 86 68.94 -15.63 -33.95
N GLY Q 87 68.16 -14.93 -34.76
CA GLY Q 87 68.62 -14.62 -36.11
C GLY Q 87 69.88 -13.78 -36.09
N MET Q 88 69.98 -12.85 -35.15
CA MET Q 88 71.19 -12.05 -35.04
C MET Q 88 72.38 -12.90 -34.65
N SER Q 89 72.16 -13.87 -33.76
CA SER Q 89 73.22 -14.80 -33.40
C SER Q 89 73.70 -15.55 -34.63
N ILE Q 90 72.77 -16.08 -35.43
CA ILE Q 90 73.15 -16.82 -36.62
C ILE Q 90 73.89 -15.91 -37.59
N TYR Q 91 73.41 -14.68 -37.75
CA TYR Q 91 74.04 -13.75 -38.69
C TYR Q 91 75.46 -13.41 -38.26
N ASP Q 92 75.65 -13.17 -36.96
CA ASP Q 92 76.98 -12.87 -36.45
C ASP Q 92 77.91 -14.05 -36.62
N THR Q 93 77.40 -15.26 -36.40
CA THR Q 93 78.23 -16.44 -36.61
C THR Q 93 78.60 -16.59 -38.07
N MET Q 94 77.68 -16.28 -38.97
CA MET Q 94 77.99 -16.34 -40.40
C MET Q 94 79.06 -15.32 -40.77
N GLN Q 95 78.95 -14.10 -40.23
CA GLN Q 95 79.94 -13.09 -40.55
C GLN Q 95 81.30 -13.41 -39.96
N PHE Q 96 81.33 -13.99 -38.77
CA PHE Q 96 82.61 -14.18 -38.08
C PHE Q 96 83.44 -15.26 -38.73
N ILE Q 97 82.83 -16.40 -39.08
CA ILE Q 97 83.59 -17.54 -39.55
C ILE Q 97 84.27 -17.20 -40.87
N LYS Q 98 85.42 -17.84 -41.10
CA LYS Q 98 86.20 -17.56 -42.30
C LYS Q 98 85.54 -18.09 -43.58
N PRO Q 99 85.12 -19.35 -43.67
CA PRO Q 99 84.54 -19.83 -44.93
C PRO Q 99 83.26 -19.10 -45.29
N ASP Q 100 82.96 -19.13 -46.58
CA ASP Q 100 81.79 -18.44 -47.11
C ASP Q 100 80.53 -19.27 -46.88
N VAL Q 101 79.46 -18.59 -46.51
CA VAL Q 101 78.18 -19.23 -46.25
C VAL Q 101 77.25 -18.92 -47.41
N SER Q 102 76.89 -19.96 -48.16
CA SER Q 102 75.98 -19.84 -49.29
C SER Q 102 74.57 -20.17 -48.83
N THR Q 103 73.70 -19.16 -48.78
CA THR Q 103 72.33 -19.35 -48.35
C THR Q 103 71.44 -19.62 -49.56
N ILE Q 104 70.64 -20.68 -49.46
CA ILE Q 104 69.72 -21.07 -50.52
C ILE Q 104 68.32 -21.07 -49.96
N CYS Q 105 67.46 -20.19 -50.48
CA CYS Q 105 66.10 -20.07 -49.99
C CYS Q 105 65.18 -20.95 -50.81
N MET Q 106 64.73 -22.06 -50.22
CA MET Q 106 63.73 -22.92 -50.83
C MET Q 106 62.48 -22.86 -49.97
N GLY Q 107 61.35 -23.11 -50.60
CA GLY Q 107 60.10 -22.91 -49.89
C GLY Q 107 59.83 -21.43 -49.76
N GLN Q 108 60.04 -20.89 -48.57
CA GLN Q 108 59.86 -19.46 -48.35
C GLN Q 108 60.73 -19.00 -47.19
N ALA Q 109 60.99 -17.70 -47.14
CA ALA Q 109 61.81 -17.10 -46.10
C ALA Q 109 61.18 -15.77 -45.71
N ALA Q 110 60.68 -15.69 -44.49
CA ALA Q 110 60.07 -14.47 -43.97
C ALA Q 110 61.14 -13.60 -43.35
N SER Q 111 60.71 -12.59 -42.60
CA SER Q 111 61.56 -11.49 -42.14
C SER Q 111 62.92 -11.95 -41.66
N MET Q 112 62.95 -12.78 -40.62
CA MET Q 112 64.23 -13.27 -40.12
C MET Q 112 64.87 -14.23 -41.11
N GLY Q 113 64.06 -15.10 -41.73
CA GLY Q 113 64.59 -16.00 -42.72
C GLY Q 113 65.13 -15.27 -43.93
N ALA Q 114 64.39 -14.26 -44.41
CA ALA Q 114 64.86 -13.47 -45.54
C ALA Q 114 66.14 -12.74 -45.19
N PHE Q 115 66.23 -12.21 -43.97
CA PHE Q 115 67.45 -11.52 -43.56
C PHE Q 115 68.63 -12.47 -43.55
N LEU Q 116 68.46 -13.65 -42.96
CA LEU Q 116 69.56 -14.62 -42.95
C LEU Q 116 69.91 -15.08 -44.35
N LEU Q 117 68.93 -15.09 -45.26
CA LEU Q 117 69.20 -15.46 -46.64
C LEU Q 117 70.07 -14.40 -47.32
N THR Q 118 69.66 -13.14 -47.24
CA THR Q 118 70.41 -12.07 -47.89
C THR Q 118 71.77 -11.86 -47.23
N ALA Q 119 71.98 -12.40 -46.04
CA ALA Q 119 73.23 -12.24 -45.34
C ALA Q 119 74.30 -13.22 -45.79
N GLY Q 120 74.03 -14.02 -46.82
CA GLY Q 120 75.00 -14.97 -47.30
C GLY Q 120 76.20 -14.30 -47.94
N ALA Q 121 77.17 -15.13 -48.31
CA ALA Q 121 78.37 -14.63 -48.96
C ALA Q 121 78.01 -13.95 -50.29
N LYS Q 122 78.56 -12.77 -50.51
CA LYS Q 122 78.27 -12.01 -51.70
C LYS Q 122 78.59 -12.81 -52.95
N GLY Q 123 77.62 -12.90 -53.85
CA GLY Q 123 77.75 -13.72 -55.04
C GLY Q 123 77.27 -15.14 -54.88
N LYS Q 124 76.84 -15.53 -53.68
CA LYS Q 124 76.44 -16.91 -53.41
C LYS Q 124 75.07 -16.99 -52.74
N ARG Q 125 74.28 -15.92 -52.79
CA ARG Q 125 72.92 -15.96 -52.27
C ARG Q 125 71.98 -16.38 -53.39
N PHE Q 126 71.43 -17.59 -53.29
CA PHE Q 126 70.59 -18.16 -54.33
C PHE Q 126 69.16 -18.30 -53.80
N CYS Q 127 68.25 -18.58 -54.74
CA CYS Q 127 66.88 -18.90 -54.40
C CYS Q 127 66.31 -19.77 -55.50
N LEU Q 128 65.24 -20.47 -55.17
CA LEU Q 128 64.64 -21.37 -56.13
C LEU Q 128 63.52 -20.68 -56.89
N PRO Q 129 63.22 -21.14 -58.11
CA PRO Q 129 62.35 -20.34 -59.00
C PRO Q 129 60.98 -20.05 -58.43
N ASN Q 130 60.43 -20.91 -57.58
CA ASN Q 130 59.11 -20.69 -57.02
C ASN Q 130 59.16 -20.30 -55.55
N SER Q 131 60.35 -20.09 -55.00
CA SER Q 131 60.48 -19.68 -53.62
C SER Q 131 59.86 -18.29 -53.43
N ARG Q 132 59.45 -18.01 -52.20
CA ARG Q 132 58.84 -16.74 -51.83
C ARG Q 132 59.69 -16.07 -50.77
N VAL Q 133 59.82 -14.75 -50.87
CA VAL Q 133 60.59 -13.96 -49.93
C VAL Q 133 59.71 -12.83 -49.43
N MET Q 134 59.67 -12.65 -48.12
CA MET Q 134 58.89 -11.59 -47.49
C MET Q 134 59.73 -10.90 -46.44
N ILE Q 135 59.64 -9.57 -46.39
CA ILE Q 135 60.38 -8.77 -45.44
C ILE Q 135 59.45 -7.77 -44.80
N HIS Q 136 59.74 -7.42 -43.55
CA HIS Q 136 58.95 -6.44 -42.83
C HIS Q 136 59.73 -5.96 -41.62
N GLN Q 137 59.27 -4.86 -41.06
CA GLN Q 137 59.89 -4.33 -39.85
C GLN Q 137 59.67 -5.32 -38.70
N PRO Q 138 60.60 -5.39 -37.75
CA PRO Q 138 60.47 -6.35 -36.66
C PRO Q 138 59.26 -6.05 -35.79
N LEU Q 139 58.69 -7.11 -35.23
CA LEU Q 139 57.53 -7.03 -34.36
C LEU Q 139 57.94 -7.22 -32.92
N GLY Q 140 57.07 -6.83 -32.01
CA GLY Q 140 57.34 -6.98 -30.60
C GLY Q 140 56.26 -6.32 -29.78
N GLY Q 141 56.61 -5.95 -28.56
CA GLY Q 141 55.68 -5.27 -27.70
C GLY Q 141 56.09 -5.41 -26.25
N TYR Q 142 55.33 -4.73 -25.39
CA TYR Q 142 55.60 -4.77 -23.96
C TYR Q 142 54.39 -4.24 -23.21
N GLN Q 143 54.21 -4.72 -21.99
CA GLN Q 143 53.16 -4.25 -21.10
C GLN Q 143 53.78 -3.87 -19.76
N GLY Q 144 53.39 -2.72 -19.23
CA GLY Q 144 53.92 -2.30 -17.94
C GLY Q 144 53.77 -0.80 -17.77
N GLN Q 145 54.67 -0.25 -16.96
CA GLN Q 145 54.64 1.17 -16.67
C GLN Q 145 55.13 1.98 -17.87
N ALA Q 146 54.77 3.27 -17.87
CA ALA Q 146 55.09 4.13 -19.01
C ALA Q 146 56.59 4.20 -19.25
N THR Q 147 57.39 4.25 -18.19
CA THR Q 147 58.83 4.37 -18.36
C THR Q 147 59.42 3.12 -19.00
N ASP Q 148 59.03 1.94 -18.51
CA ASP Q 148 59.48 0.70 -19.13
C ASP Q 148 58.97 0.60 -20.57
N ILE Q 149 57.75 1.06 -20.82
CA ILE Q 149 57.23 1.08 -22.18
C ILE Q 149 58.14 1.89 -23.08
N GLU Q 150 58.52 3.09 -22.64
CA GLU Q 150 59.40 3.93 -23.44
C GLU Q 150 60.75 3.26 -23.66
N ILE Q 151 61.30 2.63 -22.62
CA ILE Q 151 62.59 1.97 -22.75
C ILE Q 151 62.51 0.87 -23.80
N HIS Q 152 61.50 0.02 -23.71
CA HIS Q 152 61.37 -1.08 -24.67
C HIS Q 152 61.10 -0.56 -26.07
N ALA Q 153 60.35 0.53 -26.20
CA ALA Q 153 60.09 1.10 -27.51
C ALA Q 153 61.36 1.62 -28.15
N ARG Q 154 62.17 2.36 -27.38
CA ARG Q 154 63.44 2.83 -27.91
C ARG Q 154 64.35 1.68 -28.27
N GLU Q 155 64.33 0.61 -27.47
CA GLU Q 155 65.16 -0.54 -27.79
C GLU Q 155 64.74 -1.19 -29.10
N ILE Q 156 63.44 -1.41 -29.29
CA ILE Q 156 62.99 -2.05 -30.52
C ILE Q 156 63.21 -1.14 -31.71
N LEU Q 157 63.17 0.18 -31.50
CA LEU Q 157 63.47 1.09 -32.60
C LEU Q 157 64.94 1.02 -32.99
N LYS Q 158 65.82 0.92 -32.00
CA LYS Q 158 67.24 0.71 -32.30
C LYS Q 158 67.44 -0.60 -33.05
N VAL Q 159 66.72 -1.65 -32.65
CA VAL Q 159 66.82 -2.93 -33.36
C VAL Q 159 66.37 -2.78 -34.81
N LYS Q 160 65.25 -2.09 -35.02
CA LYS Q 160 64.76 -1.88 -36.38
C LYS Q 160 65.76 -1.11 -37.21
N GLY Q 161 66.35 -0.06 -36.64
CA GLY Q 161 67.36 0.69 -37.36
C GLY Q 161 68.56 -0.16 -37.73
N ARG Q 162 69.01 -1.00 -36.80
CA ARG Q 162 70.15 -1.87 -37.08
C ARG Q 162 69.82 -2.87 -38.17
N MET Q 163 68.61 -3.42 -38.14
CA MET Q 163 68.18 -4.35 -39.19
C MET Q 163 68.15 -3.66 -40.55
N ASN Q 164 67.61 -2.44 -40.60
CA ASN Q 164 67.57 -1.72 -41.85
C ASN Q 164 68.97 -1.43 -42.37
N GLU Q 165 69.89 -1.04 -41.47
CA GLU Q 165 71.27 -0.79 -41.90
C GLU Q 165 71.91 -2.04 -42.47
N LEU Q 166 71.73 -3.18 -41.79
CA LEU Q 166 72.33 -4.41 -42.28
C LEU Q 166 71.74 -4.83 -43.61
N MET Q 167 70.43 -4.67 -43.79
CA MET Q 167 69.81 -5.02 -45.05
C MET Q 167 70.28 -4.11 -46.17
N ALA Q 168 70.39 -2.81 -45.90
CA ALA Q 168 70.89 -1.88 -46.91
C ALA Q 168 72.33 -2.21 -47.26
N LEU Q 169 73.12 -2.67 -46.29
CA LEU Q 169 74.49 -3.05 -46.57
C LEU Q 169 74.55 -4.29 -47.46
N HIS Q 170 73.74 -5.30 -47.14
CA HIS Q 170 73.85 -6.58 -47.84
C HIS Q 170 73.17 -6.56 -49.20
N THR Q 171 72.16 -5.71 -49.40
CA THR Q 171 71.46 -5.66 -50.67
C THR Q 171 71.97 -4.56 -51.59
N GLY Q 172 72.68 -3.57 -51.05
CA GLY Q 172 73.12 -2.44 -51.83
C GLY Q 172 72.10 -1.35 -52.00
N GLN Q 173 70.88 -1.55 -51.55
CA GLN Q 173 69.86 -0.52 -51.64
C GLN Q 173 70.14 0.59 -50.64
N SER Q 174 69.51 1.75 -50.88
CA SER Q 174 69.66 2.85 -49.96
C SER Q 174 68.92 2.56 -48.67
N LEU Q 175 69.41 3.16 -47.58
CA LEU Q 175 68.76 2.97 -46.28
C LEU Q 175 67.33 3.48 -46.31
N GLU Q 176 67.10 4.62 -46.95
CA GLU Q 176 65.73 5.12 -47.09
C GLU Q 176 64.88 4.18 -47.91
N GLN Q 177 65.47 3.52 -48.90
CA GLN Q 177 64.71 2.56 -49.71
C GLN Q 177 64.24 1.39 -48.86
N ILE Q 178 65.14 0.82 -48.06
CA ILE Q 178 64.76 -0.28 -47.17
C ILE Q 178 63.72 0.19 -46.16
N GLU Q 179 63.88 1.42 -45.65
CA GLU Q 179 62.95 1.94 -44.66
C GLU Q 179 61.55 2.07 -45.25
N ARG Q 180 61.45 2.58 -46.48
CA ARG Q 180 60.13 2.76 -47.07
C ARG Q 180 59.57 1.44 -47.60
N ASP Q 181 60.43 0.46 -47.84
CA ASP Q 181 59.95 -0.81 -48.36
C ASP Q 181 59.43 -1.71 -47.25
N THR Q 182 60.15 -1.82 -46.14
CA THR Q 182 59.77 -2.74 -45.07
C THR Q 182 58.78 -2.13 -44.09
N GLU Q 183 58.13 -1.01 -44.45
CA GLU Q 183 57.11 -0.45 -43.58
C GLU Q 183 55.96 -1.43 -43.39
N ARG Q 184 55.62 -2.17 -44.44
CA ARG Q 184 54.60 -3.21 -44.38
C ARG Q 184 55.18 -4.50 -44.92
N ASP Q 185 54.43 -5.59 -44.77
CA ASP Q 185 54.82 -6.85 -45.36
C ASP Q 185 54.96 -6.69 -46.87
N ARG Q 186 56.14 -6.98 -47.38
CA ARG Q 186 56.38 -6.92 -48.82
C ARG Q 186 56.88 -8.28 -49.30
N PHE Q 187 56.10 -8.91 -50.18
CA PHE Q 187 56.44 -10.20 -50.74
C PHE Q 187 57.24 -10.01 -52.02
N LEU Q 188 58.16 -10.93 -52.27
CA LEU Q 188 58.98 -10.90 -53.47
C LEU Q 188 59.09 -12.30 -54.05
N SER Q 189 58.85 -12.42 -55.35
CA SER Q 189 59.14 -13.66 -56.05
C SER Q 189 60.64 -13.81 -56.24
N ALA Q 190 61.04 -14.92 -56.85
CA ALA Q 190 62.46 -15.15 -57.12
C ALA Q 190 63.07 -14.11 -58.04
N PRO Q 191 62.49 -13.78 -59.20
CA PRO Q 191 63.06 -12.70 -60.01
C PRO Q 191 63.00 -11.34 -59.33
N GLU Q 192 61.90 -11.04 -58.64
CA GLU Q 192 61.84 -9.79 -57.88
C GLU Q 192 62.92 -9.74 -56.81
N ALA Q 193 63.21 -10.87 -56.17
CA ALA Q 193 64.28 -10.89 -55.17
C ALA Q 193 65.65 -10.69 -55.82
N VAL Q 194 65.86 -11.29 -57.00
CA VAL Q 194 67.12 -11.08 -57.69
C VAL Q 194 67.30 -9.62 -58.07
N GLU Q 195 66.25 -8.99 -58.59
CA GLU Q 195 66.34 -7.59 -58.98
C GLU Q 195 66.51 -6.69 -57.76
N TYR Q 196 65.89 -7.07 -56.64
CA TYR Q 196 65.99 -6.25 -55.44
C TYR Q 196 67.38 -6.32 -54.84
N GLY Q 197 68.10 -7.41 -55.09
CA GLY Q 197 69.43 -7.61 -54.55
C GLY Q 197 69.52 -8.54 -53.38
N LEU Q 198 68.40 -9.12 -52.93
CA LEU Q 198 68.45 -10.05 -51.81
C LEU Q 198 69.24 -11.30 -52.16
N VAL Q 199 69.08 -11.81 -53.37
CA VAL Q 199 69.79 -12.98 -53.83
C VAL Q 199 70.59 -12.62 -55.08
N ASP Q 200 71.56 -13.47 -55.40
CA ASP Q 200 72.43 -13.21 -56.54
C ASP Q 200 71.91 -13.81 -57.82
N SER Q 201 71.32 -15.01 -57.76
CA SER Q 201 70.79 -15.66 -58.95
C SER Q 201 69.80 -16.72 -58.52
N ILE Q 202 69.08 -17.25 -59.50
CA ILE Q 202 68.06 -18.27 -59.29
C ILE Q 202 68.59 -19.59 -59.81
N LEU Q 203 68.54 -20.62 -58.98
CA LEU Q 203 68.94 -21.96 -59.39
C LEU Q 203 67.83 -22.59 -60.22
N THR Q 204 68.20 -23.07 -61.41
CA THR Q 204 67.22 -23.62 -62.34
C THR Q 204 67.38 -25.12 -62.53
N HIS Q 205 68.54 -25.59 -62.96
CA HIS Q 205 68.76 -27.01 -63.23
C HIS Q 205 70.22 -27.35 -62.99
N ARG Q 206 70.50 -28.65 -63.02
CA ARG Q 206 71.87 -29.12 -62.83
C ARG Q 206 72.73 -28.76 -64.03
N ALA R 15 60.40 -50.77 -32.07
CA ALA R 15 59.25 -50.02 -31.56
C ALA R 15 58.06 -50.18 -32.50
N LEU R 16 57.36 -49.06 -32.75
CA LEU R 16 56.23 -49.10 -33.67
C LEU R 16 56.68 -49.41 -35.09
N VAL R 17 57.87 -48.93 -35.47
CA VAL R 17 58.43 -49.17 -36.80
C VAL R 17 59.31 -50.41 -36.72
N PRO R 18 58.99 -51.47 -37.46
CA PRO R 18 59.76 -52.71 -37.35
C PRO R 18 61.09 -52.61 -38.08
N MET R 19 62.06 -53.39 -37.59
CA MET R 19 63.37 -53.46 -38.18
C MET R 19 63.46 -54.68 -39.11
N VAL R 20 64.35 -54.59 -40.08
CA VAL R 20 64.54 -55.65 -41.07
C VAL R 20 66.02 -55.94 -41.20
N ILE R 21 66.33 -57.08 -41.81
CA ILE R 21 67.70 -57.56 -41.92
C ILE R 21 68.05 -57.72 -43.40
N GLU R 22 69.23 -57.26 -43.77
CA GLU R 22 69.72 -57.32 -45.13
C GLU R 22 71.18 -57.79 -45.16
N GLN R 23 71.48 -58.66 -46.10
CA GLN R 23 72.80 -59.27 -46.22
C GLN R 23 73.45 -58.81 -47.52
N THR R 24 74.34 -57.82 -47.43
CA THR R 24 75.02 -57.34 -48.63
C THR R 24 76.52 -57.60 -48.55
N SER R 25 77.19 -57.07 -47.54
CA SER R 25 78.65 -57.22 -47.45
C SER R 25 79.03 -58.04 -46.23
N ARG R 26 78.59 -57.63 -45.05
CA ARG R 26 78.84 -58.42 -43.86
C ARG R 26 77.57 -59.13 -43.40
N GLY R 27 76.42 -58.73 -43.94
CA GLY R 27 75.17 -59.33 -43.56
C GLY R 27 74.62 -58.77 -42.27
N GLU R 28 73.37 -59.12 -42.00
CA GLU R 28 72.68 -58.72 -40.77
C GLU R 28 72.67 -57.20 -40.61
N ARG R 29 72.48 -56.49 -41.72
CA ARG R 29 72.39 -55.05 -41.71
C ARG R 29 70.98 -54.66 -41.30
N SER R 30 70.83 -54.22 -40.05
CA SER R 30 69.52 -53.92 -39.49
C SER R 30 69.13 -52.49 -39.83
N PHE R 31 68.06 -52.35 -40.60
CA PHE R 31 67.48 -51.05 -40.90
C PHE R 31 66.04 -51.03 -40.41
N ASP R 32 65.55 -49.85 -40.07
CA ASP R 32 64.12 -49.67 -40.00
C ASP R 32 63.53 -49.82 -41.41
N ILE R 33 62.23 -50.08 -41.47
CA ILE R 33 61.64 -50.37 -42.78
C ILE R 33 61.73 -49.15 -43.69
N TYR R 34 61.58 -47.95 -43.14
CA TYR R 34 61.64 -46.76 -43.97
C TYR R 34 63.04 -46.53 -44.51
N SER R 35 64.06 -46.72 -43.67
CA SER R 35 65.43 -46.64 -44.17
C SER R 35 65.71 -47.77 -45.16
N ARG R 36 65.13 -48.95 -44.93
CA ARG R 36 65.34 -50.07 -45.85
C ARG R 36 64.76 -49.76 -47.22
N LEU R 37 63.66 -49.02 -47.28
CA LEU R 37 63.10 -48.67 -48.58
C LEU R 37 63.82 -47.47 -49.20
N LEU R 38 64.19 -46.49 -48.37
CA LEU R 38 64.99 -45.38 -48.88
C LEU R 38 66.25 -45.89 -49.55
N LYS R 39 66.83 -46.97 -49.02
CA LYS R 39 67.97 -47.58 -49.70
C LYS R 39 67.61 -48.02 -51.12
N GLU R 40 66.34 -48.30 -51.39
CA GLU R 40 65.90 -48.67 -52.73
C GLU R 40 65.36 -47.47 -53.51
N ARG R 41 65.71 -46.25 -53.10
CA ARG R 41 65.34 -45.04 -53.83
C ARG R 41 63.83 -44.86 -53.92
N VAL R 42 63.12 -45.18 -52.85
CA VAL R 42 61.69 -44.94 -52.74
C VAL R 42 61.44 -44.12 -51.49
N ILE R 43 60.62 -43.08 -51.63
CA ILE R 43 60.35 -42.13 -50.56
C ILE R 43 58.84 -42.08 -50.34
N PHE R 44 58.44 -41.95 -49.08
CA PHE R 44 57.03 -41.87 -48.72
C PHE R 44 56.68 -40.46 -48.31
N LEU R 45 55.51 -39.99 -48.76
CA LEU R 45 54.97 -38.70 -48.38
C LEU R 45 53.55 -38.94 -47.85
N THR R 46 53.38 -38.77 -46.55
CA THR R 46 52.10 -39.06 -45.91
C THR R 46 51.70 -37.91 -44.99
N GLY R 47 50.43 -37.90 -44.62
CA GLY R 47 49.91 -36.87 -43.76
C GLY R 47 49.97 -35.50 -44.42
N GLN R 48 49.72 -34.48 -43.61
CA GLN R 48 49.78 -33.11 -44.10
C GLN R 48 51.20 -32.75 -44.48
N VAL R 49 51.31 -31.84 -45.45
CA VAL R 49 52.62 -31.33 -45.87
C VAL R 49 52.97 -30.14 -45.00
N GLU R 50 54.01 -30.28 -44.18
CA GLU R 50 54.44 -29.22 -43.29
C GLU R 50 55.93 -29.01 -43.49
N ASP R 51 56.49 -28.07 -42.71
CA ASP R 51 57.87 -27.67 -42.92
C ASP R 51 58.85 -28.81 -42.66
N HIS R 52 58.74 -29.46 -41.51
CA HIS R 52 59.74 -30.46 -41.13
C HIS R 52 59.64 -31.70 -42.00
N MET R 53 58.43 -32.17 -42.27
CA MET R 53 58.28 -33.37 -43.11
C MET R 53 58.76 -33.10 -44.53
N ALA R 54 58.39 -31.93 -45.08
CA ALA R 54 58.84 -31.59 -46.43
C ALA R 54 60.36 -31.44 -46.46
N ASN R 55 60.94 -30.89 -45.41
CA ASN R 55 62.40 -30.78 -45.36
C ASN R 55 63.05 -32.14 -45.29
N LEU R 56 62.44 -33.07 -44.57
CA LEU R 56 62.93 -34.45 -44.56
C LEU R 56 62.88 -35.06 -45.95
N ILE R 57 61.79 -34.82 -46.67
CA ILE R 57 61.66 -35.32 -48.03
C ILE R 57 62.75 -34.72 -48.92
N VAL R 58 63.01 -33.42 -48.75
CA VAL R 58 64.03 -32.75 -49.55
C VAL R 58 65.40 -33.36 -49.27
N ALA R 59 65.70 -33.59 -47.99
CA ALA R 59 66.98 -34.20 -47.64
C ALA R 59 67.12 -35.57 -48.26
N GLN R 60 66.06 -36.37 -48.20
CA GLN R 60 66.10 -37.70 -48.80
C GLN R 60 66.33 -37.62 -50.31
N MET R 61 65.65 -36.68 -50.97
CA MET R 61 65.81 -36.55 -52.41
C MET R 61 67.23 -36.11 -52.77
N LEU R 62 67.80 -35.18 -52.00
CA LEU R 62 69.16 -34.76 -52.26
C LEU R 62 70.14 -35.91 -52.07
N PHE R 63 69.95 -36.70 -51.01
CA PHE R 63 70.84 -37.84 -50.80
C PHE R 63 70.71 -38.86 -51.93
N LEU R 64 69.48 -39.12 -52.37
CA LEU R 64 69.29 -40.09 -53.44
C LEU R 64 69.91 -39.60 -54.74
N GLU R 65 69.83 -38.30 -55.00
CA GLU R 65 70.50 -37.74 -56.17
C GLU R 65 72.01 -37.92 -56.06
N ALA R 66 72.57 -37.63 -54.89
CA ALA R 66 74.00 -37.80 -54.70
C ALA R 66 74.41 -39.27 -54.83
N GLU R 67 73.50 -40.19 -54.53
CA GLU R 67 73.81 -41.60 -54.64
C GLU R 67 73.99 -42.02 -56.09
N ASN R 68 72.99 -41.78 -56.92
CA ASN R 68 73.05 -42.13 -58.33
C ASN R 68 72.17 -41.17 -59.12
N PRO R 69 72.76 -40.14 -59.74
CA PRO R 69 71.94 -39.14 -60.42
C PRO R 69 71.22 -39.65 -61.64
N GLU R 70 71.40 -40.93 -62.01
CA GLU R 70 70.76 -41.47 -63.20
C GLU R 70 69.53 -42.31 -62.88
N LYS R 71 69.50 -42.99 -61.74
CA LYS R 71 68.38 -43.85 -61.38
C LYS R 71 67.20 -43.02 -60.89
N ASP R 72 66.00 -43.48 -61.21
CA ASP R 72 64.80 -42.75 -60.86
C ASP R 72 64.58 -42.77 -59.35
N ILE R 73 63.75 -41.83 -58.89
CA ILE R 73 63.34 -41.73 -57.50
C ILE R 73 61.83 -41.85 -57.45
N TYR R 74 61.33 -42.70 -56.56
CA TYR R 74 59.90 -42.99 -56.48
C TYR R 74 59.33 -42.38 -55.20
N LEU R 75 58.40 -41.46 -55.37
CA LEU R 75 57.77 -40.74 -54.26
C LEU R 75 56.33 -41.21 -54.12
N TYR R 76 56.10 -42.10 -53.16
CA TYR R 76 54.76 -42.61 -52.91
C TYR R 76 53.98 -41.58 -52.13
N ILE R 77 52.95 -41.02 -52.76
CA ILE R 77 52.23 -39.87 -52.25
C ILE R 77 50.89 -40.35 -51.69
N ASN R 78 50.61 -40.01 -50.43
CA ASN R 78 49.31 -40.22 -49.82
C ASN R 78 49.12 -39.09 -48.81
N SER R 79 48.49 -38.00 -49.25
CA SER R 79 48.46 -36.82 -48.41
C SER R 79 47.15 -36.07 -48.56
N PRO R 80 46.55 -35.62 -47.46
CA PRO R 80 45.35 -34.78 -47.54
C PRO R 80 45.63 -33.31 -47.79
N GLY R 81 46.85 -32.96 -48.19
CA GLY R 81 47.20 -31.59 -48.47
C GLY R 81 48.31 -31.10 -47.57
N GLY R 82 48.32 -29.81 -47.32
CA GLY R 82 49.33 -29.20 -46.48
C GLY R 82 49.51 -27.74 -46.85
N VAL R 83 50.58 -27.15 -46.31
CA VAL R 83 50.89 -25.76 -46.59
C VAL R 83 51.50 -25.66 -47.98
N ILE R 84 51.16 -24.60 -48.70
CA ILE R 84 51.58 -24.46 -50.09
C ILE R 84 53.10 -24.30 -50.18
N THR R 85 53.70 -23.67 -49.18
CA THR R 85 55.12 -23.34 -49.26
C THR R 85 55.99 -24.60 -49.18
N ALA R 86 55.67 -25.51 -48.28
CA ALA R 86 56.42 -26.75 -48.19
C ALA R 86 56.28 -27.58 -49.45
N GLY R 87 55.06 -27.64 -49.99
CA GLY R 87 54.86 -28.30 -51.26
C GLY R 87 55.67 -27.66 -52.38
N MET R 88 55.78 -26.33 -52.36
CA MET R 88 56.59 -25.65 -53.37
C MET R 88 58.06 -26.00 -53.21
N SER R 89 58.52 -26.12 -51.96
CA SER R 89 59.89 -26.56 -51.72
C SER R 89 60.12 -27.94 -52.31
N ILE R 90 59.21 -28.87 -52.06
CA ILE R 90 59.36 -30.23 -52.58
C ILE R 90 59.34 -30.20 -54.11
N TYR R 91 58.45 -29.40 -54.69
CA TYR R 91 58.34 -29.36 -56.14
C TYR R 91 59.60 -28.79 -56.77
N ASP R 92 60.14 -27.73 -56.17
CA ASP R 92 61.37 -27.14 -56.69
C ASP R 92 62.54 -28.13 -56.56
N THR R 93 62.58 -28.87 -55.46
CA THR R 93 63.63 -29.87 -55.32
C THR R 93 63.49 -30.97 -56.37
N MET R 94 62.25 -31.37 -56.66
CA MET R 94 62.03 -32.36 -57.71
C MET R 94 62.46 -31.86 -59.07
N GLN R 95 62.15 -30.60 -59.38
CA GLN R 95 62.53 -30.04 -60.67
C GLN R 95 64.04 -29.87 -60.78
N PHE R 96 64.71 -29.50 -59.68
CA PHE R 96 66.12 -29.15 -59.77
C PHE R 96 66.98 -30.38 -59.98
N ILE R 97 66.71 -31.46 -59.23
CA ILE R 97 67.59 -32.61 -59.26
C ILE R 97 67.59 -33.25 -60.64
N LYS R 98 68.72 -33.86 -60.99
CA LYS R 98 68.87 -34.47 -62.31
C LYS R 98 68.02 -35.72 -62.50
N PRO R 99 68.05 -36.72 -61.60
CA PRO R 99 67.27 -37.93 -61.86
C PRO R 99 65.77 -37.65 -61.88
N ASP R 100 65.05 -38.55 -62.54
CA ASP R 100 63.62 -38.41 -62.69
C ASP R 100 62.90 -38.88 -61.44
N VAL R 101 61.86 -38.13 -61.05
CA VAL R 101 61.07 -38.45 -59.87
C VAL R 101 59.73 -39.02 -60.33
N SER R 102 59.51 -40.29 -60.04
CA SER R 102 58.27 -40.98 -60.38
C SER R 102 57.34 -40.93 -59.18
N THR R 103 56.26 -40.16 -59.30
CA THR R 103 55.28 -40.02 -58.23
C THR R 103 54.17 -41.05 -58.41
N ILE R 104 53.88 -41.77 -57.33
CA ILE R 104 52.83 -42.79 -57.33
C ILE R 104 51.82 -42.42 -56.25
N CYS R 105 50.59 -42.14 -56.67
CA CYS R 105 49.54 -41.74 -55.75
C CYS R 105 48.75 -42.95 -55.31
N MET R 106 48.96 -43.37 -54.07
CA MET R 106 48.17 -44.42 -53.46
C MET R 106 47.38 -43.82 -52.32
N GLY R 107 46.25 -44.44 -52.01
CA GLY R 107 45.36 -43.82 -51.05
C GLY R 107 44.66 -42.65 -51.69
N GLN R 108 45.08 -41.44 -51.34
CA GLN R 108 44.51 -40.25 -51.94
C GLN R 108 45.53 -39.11 -51.90
N ALA R 109 45.33 -38.12 -52.75
CA ALA R 109 46.21 -36.96 -52.85
C ALA R 109 45.34 -35.72 -53.06
N ALA R 110 45.32 -34.85 -52.07
CA ALA R 110 44.57 -33.61 -52.13
C ALA R 110 45.42 -32.53 -52.78
N SER R 111 44.96 -31.28 -52.68
CA SER R 111 45.49 -30.15 -53.43
C SER R 111 47.00 -30.16 -53.54
N MET R 112 47.69 -30.06 -52.40
CA MET R 112 49.14 -30.07 -52.44
C MET R 112 49.67 -31.44 -52.83
N GLY R 113 49.04 -32.51 -52.32
CA GLY R 113 49.46 -33.85 -52.70
C GLY R 113 49.23 -34.11 -54.18
N ALA R 114 48.08 -33.70 -54.69
CA ALA R 114 47.80 -33.88 -56.12
C ALA R 114 48.79 -33.08 -56.95
N PHE R 115 49.12 -31.87 -56.53
CA PHE R 115 50.09 -31.07 -57.27
C PHE R 115 51.45 -31.75 -57.30
N LEU R 116 51.92 -32.22 -56.15
CA LEU R 116 53.21 -32.91 -56.13
C LEU R 116 53.16 -34.20 -56.94
N LEU R 117 51.99 -34.83 -57.03
CA LEU R 117 51.86 -36.03 -57.84
C LEU R 117 51.99 -35.70 -59.32
N THR R 118 51.23 -34.72 -59.80
CA THR R 118 51.28 -34.37 -61.21
C THR R 118 52.62 -33.75 -61.59
N ALA R 119 53.42 -33.34 -60.62
CA ALA R 119 54.71 -32.73 -60.89
C ALA R 119 55.80 -33.75 -61.14
N GLY R 120 55.47 -35.04 -61.20
CA GLY R 120 56.46 -36.06 -61.44
C GLY R 120 57.04 -35.98 -62.83
N ALA R 121 58.03 -36.83 -63.08
CA ALA R 121 58.66 -36.89 -64.39
C ALA R 121 57.64 -37.29 -65.45
N LYS R 122 57.64 -36.56 -66.56
CA LYS R 122 56.67 -36.80 -67.63
C LYS R 122 56.78 -38.25 -68.11
N GLY R 123 55.65 -38.94 -68.16
CA GLY R 123 55.62 -40.33 -68.51
C GLY R 123 55.75 -41.27 -67.34
N LYS R 124 55.96 -40.76 -66.13
CA LYS R 124 56.17 -41.59 -64.96
C LYS R 124 55.26 -41.22 -63.79
N ARG R 125 54.19 -40.47 -64.05
CA ARG R 125 53.20 -40.17 -63.01
C ARG R 125 52.13 -41.25 -63.02
N PHE R 126 52.12 -42.07 -61.98
CA PHE R 126 51.20 -43.20 -61.90
C PHE R 126 50.20 -42.97 -60.77
N CYS R 127 49.18 -43.81 -60.75
CA CYS R 127 48.22 -43.84 -59.66
C CYS R 127 47.63 -45.23 -59.57
N LEU R 128 47.06 -45.54 -58.43
CA LEU R 128 46.51 -46.86 -58.21
C LEU R 128 45.02 -46.87 -58.54
N PRO R 129 44.48 -48.03 -58.91
CA PRO R 129 43.14 -48.06 -59.51
C PRO R 129 42.04 -47.47 -58.63
N ASN R 130 42.18 -47.54 -57.32
CA ASN R 130 41.16 -47.01 -56.42
C ASN R 130 41.59 -45.73 -55.74
N SER R 131 42.76 -45.19 -56.10
CA SER R 131 43.22 -43.95 -55.51
C SER R 131 42.29 -42.81 -55.89
N ARG R 132 42.27 -41.78 -55.05
CA ARG R 132 41.44 -40.61 -55.26
C ARG R 132 42.32 -39.38 -55.39
N VAL R 133 41.95 -38.48 -56.29
CA VAL R 133 42.68 -37.24 -56.52
C VAL R 133 41.71 -36.09 -56.41
N MET R 134 42.10 -35.07 -55.65
CA MET R 134 41.28 -33.87 -55.48
C MET R 134 42.15 -32.64 -55.63
N ILE R 135 41.63 -31.64 -56.32
CA ILE R 135 42.35 -30.40 -56.56
C ILE R 135 41.41 -29.23 -56.26
N HIS R 136 42.00 -28.12 -55.80
CA HIS R 136 41.23 -26.92 -55.51
C HIS R 136 42.18 -25.75 -55.41
N GLN R 137 41.61 -24.55 -55.46
CA GLN R 137 42.41 -23.35 -55.29
C GLN R 137 42.97 -23.30 -53.87
N PRO R 138 44.14 -22.71 -53.69
CA PRO R 138 44.75 -22.67 -52.36
C PRO R 138 43.91 -21.88 -51.38
N LEU R 139 43.99 -22.29 -50.11
CA LEU R 139 43.28 -21.65 -49.03
C LEU R 139 44.22 -20.80 -48.19
N GLY R 140 43.64 -19.92 -47.40
CA GLY R 140 44.45 -19.07 -46.54
C GLY R 140 43.58 -18.05 -45.85
N GLY R 141 44.20 -16.94 -45.48
CA GLY R 141 43.47 -15.86 -44.85
C GLY R 141 44.40 -14.99 -44.04
N TYR R 142 43.83 -13.92 -43.50
CA TYR R 142 44.58 -12.98 -42.69
C TYR R 142 43.61 -12.09 -41.92
N GLN R 143 44.07 -11.62 -40.77
CA GLN R 143 43.32 -10.69 -39.94
C GLN R 143 44.22 -9.50 -39.61
N GLY R 144 43.67 -8.30 -39.76
CA GLY R 144 44.44 -7.11 -39.42
C GLY R 144 43.86 -5.89 -40.11
N GLN R 145 44.74 -4.93 -40.37
CA GLN R 145 44.34 -3.68 -40.99
C GLN R 145 44.04 -3.89 -42.47
N ALA R 146 43.30 -2.94 -43.04
CA ALA R 146 42.86 -3.08 -44.43
C ALA R 146 44.05 -3.18 -45.38
N THR R 147 45.11 -2.41 -45.12
CA THR R 147 46.26 -2.42 -46.03
C THR R 147 46.96 -3.77 -46.01
N ASP R 148 47.21 -4.31 -44.82
CA ASP R 148 47.79 -5.64 -44.72
C ASP R 148 46.88 -6.69 -45.31
N ILE R 149 45.57 -6.53 -45.14
CA ILE R 149 44.62 -7.45 -45.77
C ILE R 149 44.80 -7.45 -47.27
N GLU R 150 44.88 -6.26 -47.88
CA GLU R 150 45.06 -6.17 -49.32
C GLU R 150 46.38 -6.80 -49.74
N ILE R 151 47.45 -6.56 -48.98
CA ILE R 151 48.75 -7.12 -49.33
C ILE R 151 48.68 -8.64 -49.33
N HIS R 152 48.12 -9.22 -48.27
CA HIS R 152 48.05 -10.67 -48.17
C HIS R 152 47.14 -11.24 -49.25
N ALA R 153 46.06 -10.53 -49.58
CA ALA R 153 45.16 -11.00 -50.63
C ALA R 153 45.87 -11.03 -51.97
N ARG R 154 46.58 -9.97 -52.31
CA ARG R 154 47.32 -9.96 -53.57
C ARG R 154 48.38 -11.05 -53.58
N GLU R 155 49.02 -11.30 -52.44
CA GLU R 155 50.02 -12.34 -52.38
C GLU R 155 49.41 -13.71 -52.63
N ILE R 156 48.28 -14.01 -51.98
CA ILE R 156 47.68 -15.32 -52.17
C ILE R 156 47.12 -15.45 -53.59
N LEU R 157 46.71 -14.34 -54.20
CA LEU R 157 46.25 -14.41 -55.58
C LEU R 157 47.42 -14.71 -56.52
N LYS R 158 48.57 -14.10 -56.27
CA LYS R 158 49.76 -14.45 -57.05
C LYS R 158 50.11 -15.93 -56.87
N VAL R 159 49.99 -16.43 -55.65
CA VAL R 159 50.27 -17.85 -55.41
C VAL R 159 49.31 -18.72 -56.20
N LYS R 160 48.02 -18.37 -56.18
CA LYS R 160 47.03 -19.14 -56.92
C LYS R 160 47.33 -19.13 -58.41
N GLY R 161 47.68 -17.96 -58.94
CA GLY R 161 48.04 -17.88 -60.35
C GLY R 161 49.24 -18.74 -60.69
N ARG R 162 50.26 -18.73 -59.83
CA ARG R 162 51.44 -19.55 -60.07
C ARG R 162 51.10 -21.02 -60.03
N MET R 163 50.26 -21.43 -59.08
CA MET R 163 49.83 -22.83 -59.01
C MET R 163 49.08 -23.23 -60.26
N ASN R 164 48.18 -22.37 -60.74
CA ASN R 164 47.43 -22.70 -61.95
C ASN R 164 48.36 -22.81 -63.14
N GLU R 165 49.34 -21.92 -63.24
CA GLU R 165 50.29 -21.99 -64.35
C GLU R 165 51.08 -23.30 -64.31
N LEU R 166 51.56 -23.67 -63.13
CA LEU R 166 52.33 -24.91 -63.02
C LEU R 166 51.48 -26.13 -63.33
N MET R 167 50.22 -26.13 -62.89
CA MET R 167 49.35 -27.26 -63.18
C MET R 167 49.04 -27.34 -64.67
N ALA R 168 48.78 -26.20 -65.31
CA ALA R 168 48.54 -26.20 -66.74
C ALA R 168 49.77 -26.66 -67.51
N LEU R 169 50.96 -26.33 -67.00
CA LEU R 169 52.18 -26.79 -67.65
C LEU R 169 52.33 -28.29 -67.52
N HIS R 170 52.11 -28.83 -66.32
CA HIS R 170 52.38 -30.24 -66.09
C HIS R 170 51.30 -31.17 -66.64
N THR R 171 50.06 -30.68 -66.76
CA THR R 171 48.97 -31.51 -67.25
C THR R 171 48.70 -31.31 -68.73
N GLY R 172 49.17 -30.21 -69.31
CA GLY R 172 48.89 -29.91 -70.70
C GLY R 172 47.56 -29.23 -70.93
N GLN R 173 46.74 -29.08 -69.90
CA GLN R 173 45.46 -28.39 -70.07
C GLN R 173 45.68 -26.89 -70.21
N SER R 174 44.66 -26.21 -70.72
CA SER R 174 44.73 -24.77 -70.85
C SER R 174 44.66 -24.13 -69.47
N LEU R 175 45.28 -22.95 -69.37
CA LEU R 175 45.25 -22.22 -68.11
C LEU R 175 43.82 -21.88 -67.70
N GLU R 176 42.99 -21.48 -68.66
CA GLU R 176 41.60 -21.20 -68.36
C GLU R 176 40.87 -22.47 -67.91
N GLN R 177 41.26 -23.62 -68.47
CA GLN R 177 40.64 -24.88 -68.05
C GLN R 177 40.95 -25.17 -66.58
N ILE R 178 42.22 -25.04 -66.18
CA ILE R 178 42.58 -25.25 -64.79
C ILE R 178 41.88 -24.24 -63.90
N GLU R 179 41.79 -22.98 -64.36
CA GLU R 179 41.15 -21.95 -63.56
C GLU R 179 39.68 -22.26 -63.32
N ARG R 180 38.97 -22.71 -64.35
CA ARG R 180 37.55 -23.00 -64.18
C ARG R 180 37.34 -24.33 -63.47
N ASP R 181 38.33 -25.21 -63.49
CA ASP R 181 38.18 -26.51 -62.84
C ASP R 181 38.43 -26.42 -61.34
N THR R 182 39.49 -25.75 -60.92
CA THR R 182 39.85 -25.71 -59.52
C THR R 182 39.15 -24.61 -58.75
N GLU R 183 38.08 -24.03 -59.30
CA GLU R 183 37.30 -23.04 -58.56
C GLU R 183 36.71 -23.65 -57.30
N ARG R 184 36.30 -24.91 -57.37
CA ARG R 184 35.79 -25.65 -56.22
C ARG R 184 36.55 -26.96 -56.11
N ASP R 185 36.33 -27.65 -54.99
CA ASP R 185 36.88 -28.99 -54.84
C ASP R 185 36.40 -29.89 -55.98
N ARG R 186 37.35 -30.44 -56.72
CA ARG R 186 37.02 -31.36 -57.81
C ARG R 186 37.73 -32.67 -57.57
N PHE R 187 36.96 -33.75 -57.38
CA PHE R 187 37.50 -35.07 -57.15
C PHE R 187 37.66 -35.80 -58.48
N LEU R 188 38.68 -36.64 -58.57
CA LEU R 188 38.96 -37.40 -59.77
C LEU R 188 39.32 -38.83 -59.39
N SER R 189 38.69 -39.80 -60.03
CA SER R 189 39.11 -41.18 -59.89
C SER R 189 40.39 -41.40 -60.69
N ALA R 190 40.91 -42.63 -60.63
CA ALA R 190 42.12 -42.97 -61.38
C ALA R 190 41.95 -42.81 -62.89
N PRO R 191 40.92 -43.36 -63.53
CA PRO R 191 40.75 -43.10 -64.97
C PRO R 191 40.47 -41.65 -65.29
N GLU R 192 39.66 -40.96 -64.47
CA GLU R 192 39.46 -39.54 -64.67
C GLU R 192 40.76 -38.77 -64.57
N ALA R 193 41.64 -39.16 -63.63
CA ALA R 193 42.93 -38.49 -63.51
C ALA R 193 43.80 -38.76 -64.73
N VAL R 194 43.77 -39.99 -65.25
CA VAL R 194 44.55 -40.30 -66.44
C VAL R 194 44.06 -39.48 -67.62
N GLU R 195 42.74 -39.39 -67.80
CA GLU R 195 42.20 -38.61 -68.92
C GLU R 195 42.46 -37.13 -68.73
N TYR R 196 42.48 -36.65 -67.49
CA TYR R 196 42.71 -35.23 -67.24
C TYR R 196 44.16 -34.86 -67.50
N GLY R 197 45.07 -35.83 -67.39
CA GLY R 197 46.47 -35.59 -67.60
C GLY R 197 47.31 -35.50 -66.34
N LEU R 198 46.70 -35.61 -65.17
CA LEU R 198 47.47 -35.55 -63.92
C LEU R 198 48.46 -36.70 -63.82
N VAL R 199 48.05 -37.89 -64.23
CA VAL R 199 48.91 -39.06 -64.20
C VAL R 199 49.02 -39.63 -65.60
N ASP R 200 50.04 -40.46 -65.80
CA ASP R 200 50.30 -41.03 -67.11
C ASP R 200 49.59 -42.35 -67.33
N SER R 201 49.52 -43.19 -66.30
CA SER R 201 48.85 -44.48 -66.42
C SER R 201 48.51 -44.99 -65.04
N ILE R 202 47.71 -46.04 -64.99
CA ILE R 202 47.26 -46.66 -63.76
C ILE R 202 47.99 -47.99 -63.59
N LEU R 203 48.59 -48.18 -62.43
CA LEU R 203 49.26 -49.44 -62.11
C LEU R 203 48.22 -50.49 -61.73
N THR R 204 48.26 -51.64 -62.40
CA THR R 204 47.27 -52.68 -62.18
C THR R 204 47.85 -53.91 -61.51
N HIS R 205 48.87 -54.53 -62.09
CA HIS R 205 49.44 -55.76 -61.55
C HIS R 205 50.92 -55.83 -61.92
N ARG R 206 51.61 -56.81 -61.35
CA ARG R 206 53.01 -57.02 -61.62
C ARG R 206 53.21 -57.56 -63.03
N ALA S 15 61.76 -52.32 -23.66
CA ALA S 15 60.69 -51.44 -23.21
C ALA S 15 59.37 -52.19 -23.13
N LEU S 16 58.29 -51.55 -23.59
CA LEU S 16 56.99 -52.20 -23.59
C LEU S 16 56.98 -53.40 -24.53
N VAL S 17 57.69 -53.30 -25.65
CA VAL S 17 57.78 -54.37 -26.64
C VAL S 17 58.99 -55.23 -26.30
N PRO S 18 58.82 -56.51 -25.99
CA PRO S 18 59.95 -57.33 -25.59
C PRO S 18 60.80 -57.75 -26.77
N MET S 19 62.08 -57.98 -26.48
CA MET S 19 63.04 -58.44 -27.48
C MET S 19 63.19 -59.95 -27.40
N VAL S 20 63.58 -60.55 -28.53
CA VAL S 20 63.74 -61.98 -28.62
C VAL S 20 65.09 -62.28 -29.28
N ILE S 21 65.53 -63.52 -29.15
CA ILE S 21 66.84 -63.95 -29.63
C ILE S 21 66.65 -65.06 -30.65
N GLU S 22 67.38 -64.97 -31.75
CA GLU S 22 67.33 -65.95 -32.84
C GLU S 22 68.73 -66.29 -33.30
N GLN S 23 68.96 -67.58 -33.55
CA GLN S 23 70.27 -68.09 -33.93
C GLN S 23 70.20 -68.65 -35.34
N THR S 24 70.65 -67.85 -36.32
CA THR S 24 70.64 -68.29 -37.70
C THR S 24 72.06 -68.43 -38.25
N SER S 25 72.83 -67.35 -38.26
CA SER S 25 74.16 -67.39 -38.84
C SER S 25 75.23 -67.16 -37.78
N ARG S 26 75.14 -66.05 -37.04
CA ARG S 26 76.06 -65.83 -35.94
C ARG S 26 75.37 -66.04 -34.60
N GLY S 27 74.05 -66.12 -34.60
CA GLY S 27 73.31 -66.32 -33.37
C GLY S 27 73.11 -65.02 -32.61
N GLU S 28 72.24 -65.11 -31.60
CA GLU S 28 71.95 -63.99 -30.72
C GLU S 28 71.49 -62.76 -31.50
N ARG S 29 70.67 -63.00 -32.51
CA ARG S 29 70.10 -61.93 -33.32
C ARG S 29 68.89 -61.37 -32.58
N SER S 30 69.06 -60.21 -31.97
CA SER S 30 68.03 -59.62 -31.13
C SER S 30 67.08 -58.80 -31.99
N PHE S 31 65.82 -59.23 -32.02
CA PHE S 31 64.76 -58.48 -32.68
C PHE S 31 63.69 -58.15 -31.66
N ASP S 32 62.99 -57.05 -31.89
CA ASP S 32 61.71 -56.88 -31.23
C ASP S 32 60.74 -57.95 -31.74
N ILE S 33 59.68 -58.20 -30.99
CA ILE S 33 58.79 -59.29 -31.35
C ILE S 33 58.12 -59.02 -32.69
N TYR S 34 57.77 -57.77 -32.97
CA TYR S 34 57.12 -57.47 -34.23
C TYR S 34 58.05 -57.65 -35.41
N SER S 35 59.31 -57.21 -35.27
CA SER S 35 60.28 -57.48 -36.32
C SER S 35 60.56 -58.98 -36.43
N ARG S 36 60.54 -59.70 -35.31
CA ARG S 36 60.77 -61.14 -35.34
C ARG S 36 59.68 -61.85 -36.10
N LEU S 37 58.45 -61.35 -36.02
CA LEU S 37 57.37 -61.98 -36.77
C LEU S 37 57.34 -61.52 -38.22
N LEU S 38 57.63 -60.24 -38.46
CA LEU S 38 57.75 -59.76 -39.83
C LEU S 38 58.77 -60.58 -40.60
N LYS S 39 59.84 -61.02 -39.93
CA LYS S 39 60.79 -61.92 -40.56
C LYS S 39 60.12 -63.20 -41.03
N GLU S 40 59.02 -63.61 -40.40
CA GLU S 40 58.27 -64.78 -40.82
C GLU S 40 57.11 -64.44 -41.75
N ARG S 41 57.13 -63.26 -42.38
CA ARG S 41 56.14 -62.87 -43.38
C ARG S 41 54.74 -62.82 -42.77
N VAL S 42 54.63 -62.32 -41.54
CA VAL S 42 53.34 -62.10 -40.90
C VAL S 42 53.29 -60.63 -40.45
N ILE S 43 52.17 -59.97 -40.75
CA ILE S 43 52.01 -58.55 -40.49
C ILE S 43 50.77 -58.36 -39.63
N PHE S 44 50.83 -57.43 -38.69
CA PHE S 44 49.71 -57.14 -37.80
C PHE S 44 49.06 -55.82 -38.20
N LEU S 45 47.74 -55.79 -38.17
CA LEU S 45 46.97 -54.58 -38.41
C LEU S 45 46.01 -54.41 -37.23
N THR S 46 46.27 -53.41 -36.40
CA THR S 46 45.50 -53.19 -35.18
C THR S 46 45.09 -51.73 -35.08
N GLY S 47 44.12 -51.48 -34.21
CA GLY S 47 43.64 -50.13 -34.00
C GLY S 47 42.97 -49.58 -35.25
N GLN S 48 42.70 -48.28 -35.22
CA GLN S 48 42.10 -47.61 -36.36
C GLN S 48 43.07 -47.60 -37.53
N VAL S 49 42.50 -47.59 -38.74
CA VAL S 49 43.30 -47.49 -39.94
C VAL S 49 43.51 -46.02 -40.27
N GLU S 50 44.76 -45.56 -40.18
CA GLU S 50 45.09 -44.18 -40.46
C GLU S 50 46.23 -44.15 -41.46
N ASP S 51 46.67 -42.93 -41.78
CA ASP S 51 47.66 -42.76 -42.85
C ASP S 51 48.99 -43.43 -42.51
N HIS S 52 49.55 -43.11 -41.33
CA HIS S 52 50.88 -43.58 -41.01
C HIS S 52 50.91 -45.08 -40.79
N MET S 53 49.93 -45.63 -40.08
CA MET S 53 49.90 -47.07 -39.84
C MET S 53 49.70 -47.83 -41.14
N ALA S 54 48.78 -47.36 -41.99
CA ALA S 54 48.57 -48.02 -43.27
C ALA S 54 49.82 -47.93 -44.14
N ASN S 55 50.53 -46.80 -44.09
CA ASN S 55 51.75 -46.67 -44.85
C ASN S 55 52.82 -47.63 -44.33
N LEU S 56 52.87 -47.82 -43.02
CA LEU S 56 53.77 -48.82 -42.46
C LEU S 56 53.44 -50.21 -42.96
N ILE S 57 52.14 -50.54 -43.00
CA ILE S 57 51.72 -51.83 -43.52
C ILE S 57 52.12 -51.99 -44.98
N VAL S 58 51.96 -50.92 -45.76
CA VAL S 58 52.33 -50.97 -47.18
C VAL S 58 53.82 -51.20 -47.34
N ALA S 59 54.63 -50.51 -46.53
CA ALA S 59 56.07 -50.71 -46.59
C ALA S 59 56.45 -52.13 -46.25
N GLN S 60 55.82 -52.69 -45.22
CA GLN S 60 56.09 -54.07 -44.85
C GLN S 60 55.72 -55.03 -45.96
N MET S 61 54.56 -54.80 -46.59
CA MET S 61 54.14 -55.68 -47.67
C MET S 61 55.08 -55.60 -48.86
N LEU S 62 55.53 -54.40 -49.21
CA LEU S 62 56.47 -54.24 -50.30
C LEU S 62 57.78 -54.95 -50.00
N PHE S 63 58.28 -54.82 -48.77
CA PHE S 63 59.52 -55.50 -48.41
C PHE S 63 59.34 -57.00 -48.48
N LEU S 64 58.22 -57.51 -47.98
CA LEU S 64 57.98 -58.95 -48.00
C LEU S 64 57.88 -59.47 -49.43
N GLU S 65 57.27 -58.70 -50.31
CA GLU S 65 57.24 -59.08 -51.72
C GLU S 65 58.64 -59.13 -52.30
N ALA S 66 59.45 -58.11 -52.00
CA ALA S 66 60.83 -58.10 -52.50
C ALA S 66 61.63 -59.26 -51.93
N GLU S 67 61.26 -59.74 -50.75
CA GLU S 67 61.98 -60.84 -50.14
C GLU S 67 61.76 -62.14 -50.91
N ASN S 68 60.50 -62.53 -51.08
CA ASN S 68 60.16 -63.75 -51.79
C ASN S 68 58.78 -63.58 -52.42
N PRO S 69 58.72 -63.25 -53.72
CA PRO S 69 57.41 -62.98 -54.34
C PRO S 69 56.52 -64.20 -54.44
N GLU S 70 56.98 -65.38 -54.02
CA GLU S 70 56.19 -66.59 -54.13
C GLU S 70 55.53 -67.00 -52.83
N LYS S 71 56.15 -66.71 -51.69
CA LYS S 71 55.61 -67.12 -50.40
C LYS S 71 54.48 -66.18 -49.99
N ASP S 72 53.48 -66.74 -49.32
CA ASP S 72 52.33 -65.97 -48.92
C ASP S 72 52.69 -64.96 -47.83
N ILE S 73 51.81 -63.98 -47.67
CA ILE S 73 51.93 -62.96 -46.64
C ILE S 73 50.68 -63.02 -45.78
N TYR S 74 50.87 -63.04 -44.47
CA TYR S 74 49.77 -63.20 -43.53
C TYR S 74 49.52 -61.90 -42.79
N LEU S 75 48.32 -61.34 -42.96
CA LEU S 75 47.95 -60.07 -42.37
C LEU S 75 46.92 -60.32 -41.29
N TYR S 76 47.37 -60.32 -40.04
CA TYR S 76 46.49 -60.54 -38.90
C TYR S 76 45.72 -59.25 -38.61
N ILE S 77 44.42 -59.28 -38.83
CA ILE S 77 43.58 -58.10 -38.80
C ILE S 77 42.79 -58.07 -37.51
N ASN S 78 42.90 -56.97 -36.77
CA ASN S 78 42.07 -56.71 -35.60
C ASN S 78 41.88 -55.21 -35.52
N SER S 79 40.80 -54.71 -36.13
CA SER S 79 40.67 -53.27 -36.27
C SER S 79 39.22 -52.83 -36.14
N PRO S 80 38.95 -51.75 -35.41
CA PRO S 80 37.59 -51.21 -35.35
C PRO S 80 37.24 -50.30 -36.51
N GLY S 81 38.03 -50.31 -37.58
CA GLY S 81 37.76 -49.48 -38.73
C GLY S 81 38.89 -48.51 -39.01
N GLY S 82 38.53 -47.38 -39.61
CA GLY S 82 39.50 -46.36 -39.93
C GLY S 82 39.02 -45.54 -41.12
N VAL S 83 39.93 -44.74 -41.65
CA VAL S 83 39.61 -43.90 -42.81
C VAL S 83 39.61 -44.78 -44.06
N ILE S 84 38.68 -44.48 -44.97
CA ILE S 84 38.50 -45.33 -46.14
C ILE S 84 39.72 -45.26 -47.05
N THR S 85 40.39 -44.11 -47.09
CA THR S 85 41.49 -43.92 -48.04
C THR S 85 42.69 -44.78 -47.69
N ALA S 86 43.05 -44.84 -46.41
CA ALA S 86 44.17 -45.68 -46.02
C ALA S 86 43.87 -47.15 -46.26
N GLY S 87 42.64 -47.56 -45.97
CA GLY S 87 42.22 -48.91 -46.29
C GLY S 87 42.30 -49.20 -47.77
N MET S 88 41.94 -48.22 -48.59
CA MET S 88 42.05 -48.40 -50.04
C MET S 88 43.50 -48.53 -50.47
N SER S 89 44.39 -47.77 -49.85
CA SER S 89 45.82 -47.92 -50.11
C SER S 89 46.27 -49.33 -49.81
N ILE S 90 45.90 -49.85 -48.63
CA ILE S 90 46.31 -51.20 -48.26
C ILE S 90 45.73 -52.22 -49.22
N TYR S 91 44.47 -52.04 -49.61
CA TYR S 91 43.83 -52.98 -50.51
C TYR S 91 44.49 -52.99 -51.87
N ASP S 92 44.82 -51.81 -52.39
CA ASP S 92 45.50 -51.72 -53.68
C ASP S 92 46.88 -52.34 -53.61
N THR S 93 47.59 -52.14 -52.50
CA THR S 93 48.89 -52.78 -52.34
C THR S 93 48.76 -54.30 -52.30
N MET S 94 47.72 -54.80 -51.63
CA MET S 94 47.49 -56.24 -51.60
C MET S 94 47.20 -56.78 -52.98
N GLN S 95 46.37 -56.07 -53.75
CA GLN S 95 46.05 -56.54 -55.10
C GLN S 95 47.25 -56.47 -56.03
N PHE S 96 48.09 -55.46 -55.88
CA PHE S 96 49.18 -55.25 -56.85
C PHE S 96 50.26 -56.29 -56.69
N ILE S 97 50.67 -56.57 -55.45
CA ILE S 97 51.83 -57.44 -55.23
C ILE S 97 51.55 -58.84 -55.74
N LYS S 98 52.61 -59.52 -56.17
CA LYS S 98 52.45 -60.86 -56.73
C LYS S 98 52.09 -61.91 -55.69
N PRO S 99 52.78 -62.03 -54.56
CA PRO S 99 52.43 -63.10 -53.61
C PRO S 99 51.04 -62.92 -53.04
N ASP S 100 50.47 -64.04 -52.57
CA ASP S 100 49.13 -64.05 -52.03
C ASP S 100 49.13 -63.54 -50.59
N VAL S 101 48.12 -62.74 -50.27
CA VAL S 101 47.97 -62.17 -48.94
C VAL S 101 46.85 -62.91 -48.22
N SER S 102 47.20 -63.65 -47.18
CA SER S 102 46.24 -64.38 -46.38
C SER S 102 45.84 -63.55 -45.16
N THR S 103 44.60 -63.07 -45.15
CA THR S 103 44.10 -62.25 -44.07
C THR S 103 43.43 -63.12 -43.03
N ILE S 104 43.81 -62.93 -41.76
CA ILE S 104 43.28 -63.68 -40.65
C ILE S 104 42.65 -62.69 -39.67
N CYS S 105 41.34 -62.78 -39.48
CA CYS S 105 40.64 -61.86 -38.61
C CYS S 105 40.52 -62.45 -37.22
N MET S 106 41.30 -61.93 -36.29
CA MET S 106 41.20 -62.28 -34.89
C MET S 106 40.72 -61.08 -34.12
N GLY S 107 40.08 -61.32 -32.99
CA GLY S 107 39.44 -60.22 -32.30
C GLY S 107 38.20 -59.81 -33.04
N GLN S 108 38.27 -58.67 -33.73
CA GLN S 108 37.15 -58.20 -34.53
C GLN S 108 37.66 -57.35 -35.67
N ALA S 109 36.83 -57.20 -36.70
CA ALA S 109 37.16 -56.41 -37.88
C ALA S 109 35.91 -55.65 -38.30
N ALA S 110 35.94 -54.33 -38.18
CA ALA S 110 34.84 -53.47 -38.57
C ALA S 110 34.97 -53.11 -40.04
N SER S 111 34.18 -52.13 -40.47
CA SER S 111 33.97 -51.82 -41.88
C SER S 111 35.24 -51.88 -42.70
N MET S 112 36.22 -51.03 -42.38
CA MET S 112 37.47 -51.05 -43.13
C MET S 112 38.26 -52.33 -42.84
N GLY S 113 38.26 -52.76 -41.58
CA GLY S 113 38.95 -54.00 -41.25
C GLY S 113 38.31 -55.20 -41.92
N ALA S 114 36.97 -55.26 -41.91
CA ALA S 114 36.28 -56.36 -42.58
C ALA S 114 36.55 -56.33 -44.07
N PHE S 115 36.58 -55.16 -44.67
CA PHE S 115 36.87 -55.07 -46.09
C PHE S 115 38.27 -55.58 -46.40
N LEU S 116 39.26 -55.14 -45.62
CA LEU S 116 40.62 -55.62 -45.85
C LEU S 116 40.72 -57.11 -45.59
N LEU S 117 39.91 -57.64 -44.69
CA LEU S 117 39.90 -59.08 -44.44
C LEU S 117 39.37 -59.84 -45.65
N THR S 118 38.19 -59.45 -46.14
CA THR S 118 37.60 -60.15 -47.27
C THR S 118 38.41 -59.95 -48.55
N ALA S 119 39.32 -58.98 -48.56
CA ALA S 119 40.13 -58.71 -49.74
C ALA S 119 41.34 -59.63 -49.85
N GLY S 120 41.47 -60.61 -48.96
CA GLY S 120 42.59 -61.51 -49.03
C GLY S 120 42.56 -62.41 -50.25
N ALA S 121 43.62 -63.19 -50.40
CA ALA S 121 43.71 -64.12 -51.52
C ALA S 121 42.59 -65.14 -51.45
N LYS S 122 41.92 -65.35 -52.58
CA LYS S 122 40.79 -66.27 -52.63
C LYS S 122 41.20 -67.66 -52.16
N GLY S 123 40.43 -68.20 -51.22
CA GLY S 123 40.76 -69.47 -50.60
C GLY S 123 41.63 -69.36 -49.37
N LYS S 124 42.06 -68.16 -49.01
CA LYS S 124 42.96 -67.96 -47.88
C LYS S 124 42.47 -66.91 -46.90
N ARG S 125 41.19 -66.54 -46.96
CA ARG S 125 40.62 -65.62 -45.99
C ARG S 125 40.06 -66.42 -44.82
N PHE S 126 40.71 -66.32 -43.67
CA PHE S 126 40.33 -67.10 -42.50
C PHE S 126 39.81 -66.18 -41.41
N CYS S 127 39.21 -66.78 -40.40
CA CYS S 127 38.78 -66.06 -39.20
C CYS S 127 38.79 -67.03 -38.03
N LEU S 128 38.82 -66.48 -36.84
CA LEU S 128 38.87 -67.31 -35.66
C LEU S 128 37.47 -67.55 -35.11
N PRO S 129 37.27 -68.66 -34.40
CA PRO S 129 35.89 -69.09 -34.09
C PRO S 129 35.07 -68.08 -33.33
N ASN S 130 35.68 -67.23 -32.52
CA ASN S 130 34.95 -66.25 -31.74
C ASN S 130 35.14 -64.83 -32.27
N SER S 131 35.82 -64.68 -33.40
CA SER S 131 36.01 -63.37 -33.99
C SER S 131 34.67 -62.79 -34.44
N ARG S 132 34.61 -61.46 -34.49
CA ARG S 132 33.42 -60.74 -34.89
C ARG S 132 33.70 -59.93 -36.14
N VAL S 133 32.74 -59.88 -37.05
CA VAL S 133 32.87 -59.14 -38.29
C VAL S 133 31.66 -58.22 -38.42
N MET S 134 31.92 -56.95 -38.72
CA MET S 134 30.87 -55.97 -38.90
C MET S 134 31.14 -55.16 -40.16
N ILE S 135 30.09 -54.89 -40.92
CA ILE S 135 30.19 -54.14 -42.15
C ILE S 135 29.10 -53.09 -42.18
N HIS S 136 29.39 -51.96 -42.83
CA HIS S 136 28.42 -50.89 -42.97
C HIS S 136 28.88 -49.95 -44.06
N GLN S 137 27.95 -49.10 -44.51
CA GLN S 137 28.28 -48.11 -45.50
C GLN S 137 29.27 -47.10 -44.91
N PRO S 138 30.15 -46.54 -45.73
CA PRO S 138 31.15 -45.61 -45.21
C PRO S 138 30.51 -44.36 -44.63
N LEU S 139 31.18 -43.81 -43.62
CA LEU S 139 30.73 -42.60 -42.94
C LEU S 139 31.56 -41.41 -43.38
N GLY S 140 31.05 -40.22 -43.10
CA GLY S 140 31.76 -39.02 -43.46
C GLY S 140 30.91 -37.80 -43.19
N GLY S 141 31.21 -36.72 -43.90
CA GLY S 141 30.42 -35.51 -43.77
C GLY S 141 31.22 -34.32 -44.23
N TYR S 142 30.55 -33.17 -44.23
CA TYR S 142 31.17 -31.92 -44.64
C TYR S 142 30.31 -30.76 -44.19
N GLN S 143 30.97 -29.62 -43.96
CA GLN S 143 30.30 -28.38 -43.61
C GLN S 143 30.78 -27.28 -44.53
N GLY S 144 29.84 -26.50 -45.06
CA GLY S 144 30.22 -25.40 -45.93
C GLY S 144 29.04 -24.97 -46.79
N GLN S 145 29.39 -24.43 -47.96
CA GLN S 145 28.38 -23.94 -48.88
C GLN S 145 27.66 -25.11 -49.56
N ALA S 146 26.48 -24.81 -50.10
CA ALA S 146 25.65 -25.85 -50.70
C ALA S 146 26.35 -26.56 -51.83
N THR S 147 27.10 -25.82 -52.65
CA THR S 147 27.77 -26.43 -53.79
C THR S 147 28.85 -27.40 -53.34
N ASP S 148 29.69 -26.99 -52.39
CA ASP S 148 30.68 -27.89 -51.84
C ASP S 148 30.04 -29.08 -51.14
N ILE S 149 28.91 -28.85 -50.48
CA ILE S 149 28.17 -29.96 -49.87
C ILE S 149 27.79 -30.98 -50.91
N GLU S 150 27.23 -30.52 -52.03
CA GLU S 150 26.83 -31.43 -53.09
C GLU S 150 28.04 -32.16 -53.66
N ILE S 151 29.15 -31.46 -53.85
CA ILE S 151 30.34 -32.10 -54.39
C ILE S 151 30.81 -33.22 -53.47
N HIS S 152 30.92 -32.92 -52.17
CA HIS S 152 31.39 -33.93 -51.23
C HIS S 152 30.40 -35.09 -51.11
N ALA S 153 29.10 -34.80 -51.22
CA ALA S 153 28.11 -35.87 -51.15
C ALA S 153 28.24 -36.80 -52.35
N ARG S 154 28.37 -36.24 -53.54
CA ARG S 154 28.55 -37.08 -54.72
C ARG S 154 29.83 -37.88 -54.62
N GLU S 155 30.88 -37.28 -54.07
CA GLU S 155 32.14 -38.01 -53.92
C GLU S 155 31.99 -39.19 -52.97
N ILE S 156 31.35 -38.97 -51.81
CA ILE S 156 31.21 -40.06 -50.87
C ILE S 156 30.26 -41.13 -51.41
N LEU S 157 29.29 -40.72 -52.25
CA LEU S 157 28.42 -41.73 -52.85
C LEU S 157 29.19 -42.57 -53.86
N LYS S 158 30.08 -41.95 -54.63
CA LYS S 158 30.94 -42.72 -55.52
C LYS S 158 31.82 -43.68 -54.72
N VAL S 159 32.33 -43.23 -53.59
CA VAL S 159 33.15 -44.10 -52.74
C VAL S 159 32.33 -45.29 -52.25
N LYS S 160 31.10 -45.03 -51.80
CA LYS S 160 30.24 -46.09 -51.33
C LYS S 160 29.95 -47.10 -52.43
N GLY S 161 29.67 -46.60 -53.64
CA GLY S 161 29.44 -47.50 -54.76
C GLY S 161 30.65 -48.35 -55.07
N ARG S 162 31.83 -47.75 -55.04
CA ARG S 162 33.05 -48.51 -55.31
C ARG S 162 33.29 -49.56 -54.25
N MET S 163 33.04 -49.22 -52.97
CA MET S 163 33.18 -50.19 -51.91
C MET S 163 32.21 -51.35 -52.09
N ASN S 164 30.96 -51.05 -52.44
CA ASN S 164 29.98 -52.12 -52.65
C ASN S 164 30.39 -53.01 -53.81
N GLU S 165 30.90 -52.41 -54.89
CA GLU S 165 31.34 -53.22 -56.02
C GLU S 165 32.49 -54.13 -55.63
N LEU S 166 33.47 -53.61 -54.89
CA LEU S 166 34.60 -54.44 -54.49
C LEU S 166 34.16 -55.55 -53.55
N MET S 167 33.24 -55.26 -52.63
CA MET S 167 32.77 -56.30 -51.72
C MET S 167 31.99 -57.38 -52.47
N ALA S 168 31.14 -56.96 -53.41
CA ALA S 168 30.41 -57.94 -54.21
C ALA S 168 31.35 -58.79 -55.04
N LEU S 169 32.45 -58.19 -55.51
CA LEU S 169 33.43 -58.96 -56.26
C LEU S 169 34.12 -59.98 -55.38
N HIS S 170 34.55 -59.57 -54.19
CA HIS S 170 35.36 -60.44 -53.34
C HIS S 170 34.54 -61.49 -52.61
N THR S 171 33.26 -61.22 -52.35
CA THR S 171 32.43 -62.18 -51.64
C THR S 171 31.59 -63.04 -52.57
N GLY S 172 31.40 -62.63 -53.81
CA GLY S 172 30.55 -63.34 -54.73
C GLY S 172 29.07 -63.01 -54.61
N GLN S 173 28.68 -62.21 -53.63
CA GLN S 173 27.29 -61.83 -53.49
C GLN S 173 26.91 -60.83 -54.58
N SER S 174 25.61 -60.68 -54.78
CA SER S 174 25.12 -59.70 -55.75
C SER S 174 25.34 -58.29 -55.22
N LEU S 175 25.51 -57.36 -56.15
CA LEU S 175 25.69 -55.96 -55.75
C LEU S 175 24.48 -55.46 -54.98
N GLU S 176 23.27 -55.82 -55.42
CA GLU S 176 22.09 -55.42 -54.68
C GLU S 176 22.06 -56.05 -53.29
N GLN S 177 22.59 -57.27 -53.16
CA GLN S 177 22.64 -57.90 -51.85
C GLN S 177 23.54 -57.13 -50.90
N ILE S 178 24.74 -56.75 -51.35
CA ILE S 178 25.64 -55.96 -50.52
C ILE S 178 25.00 -54.61 -50.20
N GLU S 179 24.32 -54.01 -51.19
CA GLU S 179 23.71 -52.71 -50.97
C GLU S 179 22.63 -52.78 -49.89
N ARG S 180 21.79 -53.81 -49.92
CA ARG S 180 20.73 -53.92 -48.94
C ARG S 180 21.26 -54.42 -47.60
N ASP S 181 22.42 -55.08 -47.60
CA ASP S 181 22.96 -55.58 -46.35
C ASP S 181 23.69 -54.50 -45.56
N THR S 182 24.54 -53.72 -46.22
CA THR S 182 25.35 -52.72 -45.54
C THR S 182 24.63 -51.39 -45.34
N GLU S 183 23.30 -51.36 -45.50
CA GLU S 183 22.57 -50.13 -45.21
C GLU S 183 22.73 -49.72 -43.75
N ARG S 184 22.78 -50.70 -42.86
CA ARG S 184 23.01 -50.47 -41.44
C ARG S 184 24.17 -51.34 -40.98
N ASP S 185 24.62 -51.11 -39.75
CA ASP S 185 25.61 -51.97 -39.15
C ASP S 185 25.09 -53.40 -39.10
N ARG S 186 25.83 -54.31 -39.73
CA ARG S 186 25.46 -55.72 -39.71
C ARG S 186 26.63 -56.53 -39.15
N PHE S 187 26.39 -57.19 -38.02
CA PHE S 187 27.40 -58.00 -37.37
C PHE S 187 27.31 -59.44 -37.87
N LEU S 188 28.44 -60.10 -37.95
CA LEU S 188 28.51 -61.49 -38.40
C LEU S 188 29.46 -62.26 -37.50
N SER S 189 29.01 -63.42 -37.03
CA SER S 189 29.91 -64.33 -36.35
C SER S 189 30.81 -65.02 -37.37
N ALA S 190 31.68 -65.89 -36.87
CA ALA S 190 32.58 -66.64 -37.75
C ALA S 190 31.83 -67.54 -38.71
N PRO S 191 30.89 -68.39 -38.29
CA PRO S 191 30.14 -69.18 -39.27
C PRO S 191 29.27 -68.33 -40.18
N GLU S 192 28.65 -67.28 -39.66
CA GLU S 192 27.90 -66.37 -40.52
C GLU S 192 28.81 -65.73 -41.56
N ALA S 193 30.03 -65.38 -41.18
CA ALA S 193 30.96 -64.80 -42.14
C ALA S 193 31.36 -65.82 -43.19
N VAL S 194 31.58 -67.07 -42.78
CA VAL S 194 31.92 -68.11 -43.75
C VAL S 194 30.78 -68.31 -44.75
N GLU S 195 29.55 -68.37 -44.25
CA GLU S 195 28.41 -68.55 -45.14
C GLU S 195 28.20 -67.35 -46.03
N TYR S 196 28.49 -66.15 -45.52
CA TYR S 196 28.29 -64.95 -46.31
C TYR S 196 29.33 -64.83 -47.42
N GLY S 197 30.49 -65.46 -47.24
CA GLY S 197 31.55 -65.42 -48.22
C GLY S 197 32.69 -64.49 -47.90
N LEU S 198 32.63 -63.79 -46.76
CA LEU S 198 33.72 -62.89 -46.40
C LEU S 198 35.02 -63.66 -46.16
N VAL S 199 34.92 -64.81 -45.51
CA VAL S 199 36.09 -65.64 -45.24
C VAL S 199 35.87 -67.01 -45.85
N ASP S 200 36.96 -67.74 -46.01
CA ASP S 200 36.91 -69.06 -46.64
C ASP S 200 36.66 -70.18 -45.64
N SER S 201 37.27 -70.10 -44.46
CA SER S 201 37.10 -71.13 -43.46
C SER S 201 37.48 -70.56 -42.09
N ILE S 202 37.17 -71.32 -41.06
CA ILE S 202 37.44 -70.93 -39.68
C ILE S 202 38.59 -71.78 -39.16
N LEU S 203 39.60 -71.13 -38.61
CA LEU S 203 40.72 -71.84 -38.00
C LEU S 203 40.32 -72.35 -36.62
N THR S 204 40.51 -73.65 -36.40
CA THR S 204 40.09 -74.27 -35.15
C THR S 204 41.27 -74.72 -34.30
N HIS S 205 42.15 -75.56 -34.82
CA HIS S 205 43.27 -76.09 -34.04
C HIS S 205 44.43 -76.40 -34.97
N ARG S 206 45.58 -76.71 -34.37
CA ARG S 206 46.77 -77.03 -35.13
C ARG S 206 46.60 -78.38 -35.82
N ALA T 15 66.73 -48.02 -18.22
CA ALA T 15 65.68 -47.07 -17.91
C ALA T 15 64.82 -47.58 -16.75
N LEU T 16 63.50 -47.43 -16.88
CA LEU T 16 62.60 -47.92 -15.84
C LEU T 16 62.66 -49.44 -15.74
N VAL T 17 62.84 -50.12 -16.87
CA VAL T 17 62.92 -51.57 -16.91
C VAL T 17 64.38 -51.96 -16.81
N PRO T 18 64.79 -52.70 -15.78
CA PRO T 18 66.21 -53.02 -15.62
C PRO T 18 66.66 -54.12 -16.56
N MET T 19 67.95 -54.09 -16.88
CA MET T 19 68.56 -55.09 -17.73
C MET T 19 69.25 -56.15 -16.88
N VAL T 20 69.38 -57.35 -17.44
CA VAL T 20 69.98 -58.47 -16.74
C VAL T 20 71.00 -59.12 -17.67
N ILE T 21 71.86 -59.95 -17.08
CA ILE T 21 72.97 -60.58 -17.79
C ILE T 21 72.82 -62.08 -17.71
N GLU T 22 73.01 -62.76 -18.84
CA GLU T 22 72.91 -64.21 -18.92
C GLU T 22 74.08 -64.77 -19.73
N GLN T 23 74.63 -65.87 -19.25
CA GLN T 23 75.80 -66.50 -19.84
C GLN T 23 75.41 -67.87 -20.40
N THR T 24 75.17 -67.94 -21.72
CA THR T 24 74.81 -69.20 -22.33
C THR T 24 75.88 -69.67 -23.31
N SER T 25 76.17 -68.88 -24.34
CA SER T 25 77.13 -69.29 -25.36
C SER T 25 78.35 -68.39 -25.34
N ARG T 26 78.15 -67.08 -25.48
CA ARG T 26 79.29 -66.16 -25.36
C ARG T 26 79.25 -65.41 -24.04
N GLY T 27 78.14 -65.48 -23.32
CA GLY T 27 78.02 -64.80 -22.06
C GLY T 27 77.67 -63.33 -22.23
N GLU T 28 77.32 -62.72 -21.10
CA GLU T 28 77.00 -61.30 -21.04
C GLU T 28 75.90 -60.93 -22.02
N ARG T 29 74.90 -61.81 -22.12
CA ARG T 29 73.74 -61.57 -22.97
C ARG T 29 72.78 -60.67 -22.22
N SER T 30 72.75 -59.39 -22.59
CA SER T 30 71.96 -58.39 -21.89
C SER T 30 70.54 -58.39 -22.42
N PHE T 31 69.58 -58.73 -21.57
CA PHE T 31 68.18 -58.63 -21.89
C PHE T 31 67.50 -57.72 -20.88
N ASP T 32 66.43 -57.06 -21.33
CA ASP T 32 65.51 -56.50 -20.36
C ASP T 32 64.86 -57.64 -19.58
N ILE T 33 64.30 -57.32 -18.41
CA ILE T 33 63.77 -58.37 -17.56
C ILE T 33 62.62 -59.09 -18.24
N TYR T 34 61.78 -58.36 -18.98
CA TYR T 34 60.64 -59.00 -19.63
C TYR T 34 61.09 -59.93 -20.74
N SER T 35 62.07 -59.51 -21.54
CA SER T 35 62.62 -60.40 -22.54
C SER T 35 63.33 -61.58 -21.88
N ARG T 36 63.99 -61.34 -20.73
CA ARG T 36 64.67 -62.42 -20.03
C ARG T 36 63.69 -63.47 -19.55
N LEU T 37 62.48 -63.06 -19.16
CA LEU T 37 61.49 -64.04 -18.74
C LEU T 37 60.78 -64.67 -19.92
N LEU T 38 60.49 -63.91 -20.97
CA LEU T 38 59.93 -64.48 -22.18
C LEU T 38 60.83 -65.60 -22.70
N LYS T 39 62.15 -65.44 -22.55
CA LYS T 39 63.04 -66.54 -22.92
C LYS T 39 62.73 -67.80 -22.12
N GLU T 40 62.16 -67.68 -20.93
CA GLU T 40 61.76 -68.84 -20.14
C GLU T 40 60.30 -69.22 -20.35
N ARG T 41 59.69 -68.78 -21.45
CA ARG T 41 58.32 -69.18 -21.81
C ARG T 41 57.31 -68.74 -20.75
N VAL T 42 57.50 -67.54 -20.21
CA VAL T 42 56.54 -66.95 -19.28
C VAL T 42 56.17 -65.58 -19.82
N ILE T 43 54.87 -65.30 -19.83
CA ILE T 43 54.32 -64.07 -20.42
C ILE T 43 53.49 -63.37 -19.35
N PHE T 44 53.56 -62.04 -19.33
CA PHE T 44 52.83 -61.24 -18.37
C PHE T 44 51.66 -60.54 -19.06
N LEU T 45 50.52 -60.51 -18.40
CA LEU T 45 49.35 -59.79 -18.86
C LEU T 45 48.90 -58.87 -17.73
N THR T 46 49.08 -57.57 -17.92
CA THR T 46 48.77 -56.59 -16.88
C THR T 46 47.97 -55.44 -17.46
N GLY T 47 47.35 -54.68 -16.56
CA GLY T 47 46.54 -53.57 -16.97
C GLY T 47 45.32 -54.00 -17.76
N GLN T 48 44.65 -53.02 -18.36
CA GLN T 48 43.48 -53.30 -19.17
C GLN T 48 43.88 -54.09 -20.42
N VAL T 49 42.95 -54.91 -20.90
CA VAL T 49 43.16 -55.65 -22.14
C VAL T 49 42.72 -54.78 -23.31
N GLU T 50 43.67 -54.38 -24.15
CA GLU T 50 43.38 -53.54 -25.30
C GLU T 50 44.00 -54.19 -26.53
N ASP T 51 43.83 -53.51 -27.67
CA ASP T 51 44.24 -54.11 -28.94
C ASP T 51 45.74 -54.34 -29.01
N HIS T 52 46.54 -53.32 -28.72
CA HIS T 52 47.98 -53.44 -28.91
C HIS T 52 48.61 -54.40 -27.91
N MET T 53 48.21 -54.31 -26.64
CA MET T 53 48.76 -55.22 -25.64
C MET T 53 48.38 -56.66 -25.93
N ALA T 54 47.11 -56.89 -26.28
CA ALA T 54 46.69 -58.25 -26.61
C ALA T 54 47.42 -58.76 -27.83
N ASN T 55 47.66 -57.88 -28.82
CA ASN T 55 48.40 -58.31 -29.99
C ASN T 55 49.83 -58.66 -29.65
N LEU T 56 50.43 -57.90 -28.72
CA LEU T 56 51.76 -58.24 -28.24
C LEU T 56 51.77 -59.61 -27.57
N ILE T 57 50.75 -59.89 -26.76
CA ILE T 57 50.64 -61.20 -26.12
C ILE T 57 50.51 -62.30 -27.17
N VAL T 58 49.71 -62.05 -28.21
CA VAL T 58 49.53 -63.03 -29.27
C VAL T 58 50.84 -63.30 -29.98
N ALA T 59 51.59 -62.24 -30.28
CA ALA T 59 52.88 -62.41 -30.93
C ALA T 59 53.82 -63.24 -30.06
N GLN T 60 53.85 -62.94 -28.76
CA GLN T 60 54.71 -63.71 -27.86
C GLN T 60 54.30 -65.18 -27.83
N MET T 61 52.99 -65.44 -27.79
CA MET T 61 52.54 -66.83 -27.74
C MET T 61 52.89 -67.57 -29.02
N LEU T 62 52.74 -66.91 -30.17
CA LEU T 62 53.10 -67.53 -31.44
C LEU T 62 54.59 -67.84 -31.48
N PHE T 63 55.41 -66.90 -31.03
CA PHE T 63 56.86 -67.14 -31.02
C PHE T 63 57.20 -68.30 -30.10
N LEU T 64 56.58 -68.35 -28.93
CA LEU T 64 56.88 -69.42 -27.98
C LEU T 64 56.45 -70.77 -28.53
N GLU T 65 55.32 -70.80 -29.24
CA GLU T 65 54.91 -72.03 -29.90
C GLU T 65 55.94 -72.45 -30.95
N ALA T 66 56.40 -71.51 -31.76
CA ALA T 66 57.39 -71.82 -32.77
C ALA T 66 58.70 -72.28 -32.15
N GLU T 67 58.97 -71.84 -30.92
CA GLU T 67 60.20 -72.23 -30.26
C GLU T 67 60.18 -73.71 -29.87
N ASN T 68 59.17 -74.12 -29.12
CA ASN T 68 59.03 -75.50 -28.69
C ASN T 68 57.56 -75.82 -28.51
N PRO T 69 56.91 -76.45 -29.49
CA PRO T 69 55.46 -76.68 -29.38
C PRO T 69 55.07 -77.66 -28.29
N GLU T 70 56.03 -78.22 -27.57
CA GLU T 70 55.73 -79.21 -26.53
C GLU T 70 55.78 -78.63 -25.13
N LYS T 71 56.62 -77.64 -24.88
CA LYS T 71 56.77 -77.07 -23.55
C LYS T 71 55.62 -76.12 -23.26
N ASP T 72 55.20 -76.08 -22.00
CA ASP T 72 54.08 -75.25 -21.62
C ASP T 72 54.44 -73.77 -21.70
N ILE T 73 53.40 -72.93 -21.73
CA ILE T 73 53.53 -71.49 -21.73
C ILE T 73 52.78 -70.96 -20.52
N TYR T 74 53.43 -70.08 -19.75
CA TYR T 74 52.88 -69.57 -18.51
C TYR T 74 52.48 -68.12 -18.69
N LEU T 75 51.19 -67.84 -18.52
CA LEU T 75 50.65 -66.50 -18.69
C LEU T 75 50.24 -65.96 -17.33
N TYR T 76 51.09 -65.11 -16.75
CA TYR T 76 50.82 -64.50 -15.46
C TYR T 76 49.82 -63.37 -15.65
N ILE T 77 48.62 -63.55 -15.11
CA ILE T 77 47.49 -62.66 -15.37
C ILE T 77 47.28 -61.77 -14.16
N ASN T 78 47.26 -60.46 -14.38
CA ASN T 78 46.87 -59.49 -13.37
C ASN T 78 46.23 -58.32 -14.10
N SER T 79 44.89 -58.38 -14.23
CA SER T 79 44.23 -57.42 -15.10
C SER T 79 42.87 -57.03 -14.54
N PRO T 80 42.54 -55.74 -14.57
CA PRO T 80 41.19 -55.30 -14.17
C PRO T 80 40.15 -55.42 -15.26
N GLY T 81 40.44 -56.15 -16.33
CA GLY T 81 39.50 -56.34 -17.42
C GLY T 81 40.04 -55.79 -18.72
N GLY T 82 39.13 -55.38 -19.58
CA GLY T 82 39.49 -54.84 -20.88
C GLY T 82 38.36 -55.04 -21.86
N VAL T 83 38.68 -54.80 -23.13
CA VAL T 83 37.70 -54.98 -24.21
C VAL T 83 37.54 -56.46 -24.50
N ILE T 84 36.30 -56.87 -24.78
CA ILE T 84 36.01 -58.30 -24.94
C ILE T 84 36.70 -58.85 -26.17
N THR T 85 36.87 -58.03 -27.20
CA THR T 85 37.39 -58.52 -28.47
C THR T 85 38.87 -58.91 -28.35
N ALA T 86 39.67 -58.08 -27.69
CA ALA T 86 41.08 -58.42 -27.51
C ALA T 86 41.24 -59.67 -26.65
N GLY T 87 40.42 -59.78 -25.60
CA GLY T 87 40.41 -61.00 -24.81
C GLY T 87 40.04 -62.21 -25.63
N MET T 88 39.09 -62.06 -26.55
CA MET T 88 38.71 -63.16 -27.42
C MET T 88 39.85 -63.54 -28.35
N SER T 89 40.58 -62.55 -28.84
CA SER T 89 41.77 -62.84 -29.64
C SER T 89 42.78 -63.66 -28.86
N ILE T 90 43.05 -63.24 -27.62
CA ILE T 90 44.01 -63.98 -26.79
C ILE T 90 43.51 -65.40 -26.52
N TYR T 91 42.21 -65.53 -26.25
CA TYR T 91 41.66 -66.84 -25.94
C TYR T 91 41.74 -67.76 -27.15
N ASP T 92 41.43 -67.25 -28.33
CA ASP T 92 41.51 -68.05 -29.54
C ASP T 92 42.95 -68.45 -29.82
N THR T 93 43.90 -67.54 -29.58
CA THR T 93 45.29 -67.89 -29.77
C THR T 93 45.72 -68.98 -28.80
N MET T 94 45.24 -68.91 -27.56
CA MET T 94 45.55 -69.94 -26.58
C MET T 94 44.98 -71.28 -27.00
N GLN T 95 43.75 -71.30 -27.49
CA GLN T 95 43.14 -72.55 -27.91
C GLN T 95 43.81 -73.13 -29.14
N PHE T 96 44.24 -72.27 -30.07
CA PHE T 96 44.75 -72.76 -31.34
C PHE T 96 46.12 -73.42 -31.18
N ILE T 97 47.01 -72.78 -30.44
CA ILE T 97 48.40 -73.25 -30.38
C ILE T 97 48.44 -74.64 -29.74
N LYS T 98 49.44 -75.42 -30.16
CA LYS T 98 49.57 -76.78 -29.65
C LYS T 98 49.99 -76.85 -28.19
N PRO T 99 51.06 -76.17 -27.75
CA PRO T 99 51.47 -76.31 -26.35
C PRO T 99 50.40 -75.80 -25.38
N ASP T 100 50.47 -76.31 -24.16
CA ASP T 100 49.52 -75.96 -23.13
C ASP T 100 49.86 -74.62 -22.49
N VAL T 101 48.83 -73.82 -22.25
CA VAL T 101 48.99 -72.49 -21.66
C VAL T 101 48.54 -72.57 -20.21
N SER T 102 49.48 -72.40 -19.29
CA SER T 102 49.20 -72.40 -17.86
C SER T 102 49.01 -70.97 -17.38
N THR T 103 47.78 -70.62 -17.03
CA THR T 103 47.45 -69.28 -16.57
C THR T 103 47.57 -69.22 -15.05
N ILE T 104 48.28 -68.22 -14.55
CA ILE T 104 48.48 -68.02 -13.12
C ILE T 104 47.97 -66.64 -12.78
N CYS T 105 46.93 -66.59 -11.94
CA CYS T 105 46.32 -65.32 -11.57
C CYS T 105 46.93 -64.82 -10.27
N MET T 106 47.77 -63.79 -10.38
CA MET T 106 48.32 -63.11 -9.22
C MET T 106 47.76 -61.69 -9.20
N GLY T 107 47.71 -61.12 -8.01
CA GLY T 107 47.02 -59.84 -7.89
C GLY T 107 45.54 -60.05 -7.98
N GLN T 108 44.96 -59.70 -9.13
CA GLN T 108 43.53 -59.90 -9.35
C GLN T 108 43.26 -60.03 -10.83
N ALA T 109 42.11 -60.63 -11.14
CA ALA T 109 41.69 -60.85 -12.53
C ALA T 109 40.19 -60.58 -12.62
N ALA T 110 39.82 -59.53 -13.32
CA ALA T 110 38.42 -59.18 -13.52
C ALA T 110 37.87 -59.90 -14.72
N SER T 111 36.70 -59.48 -15.18
CA SER T 111 35.89 -60.21 -16.15
C SER T 111 36.71 -60.80 -17.30
N MET T 112 37.38 -59.95 -18.07
CA MET T 112 38.20 -60.47 -19.16
C MET T 112 39.42 -61.20 -18.62
N GLY T 113 40.04 -60.66 -17.57
CA GLY T 113 41.18 -61.35 -16.98
C GLY T 113 40.80 -62.69 -16.38
N ALA T 114 39.66 -62.73 -15.68
CA ALA T 114 39.21 -63.99 -15.12
C ALA T 114 38.89 -65.00 -16.21
N PHE T 115 38.28 -64.53 -17.31
CA PHE T 115 37.98 -65.43 -18.41
C PHE T 115 39.25 -66.00 -19.01
N LEU T 116 40.24 -65.15 -19.27
CA LEU T 116 41.50 -65.64 -19.81
C LEU T 116 42.21 -66.56 -18.84
N LEU T 117 42.01 -66.34 -17.53
CA LEU T 117 42.59 -67.23 -16.54
C LEU T 117 41.96 -68.62 -16.60
N THR T 118 40.63 -68.67 -16.55
CA THR T 118 39.95 -69.97 -16.56
C THR T 118 40.10 -70.67 -17.89
N ALA T 119 40.55 -69.96 -18.93
CA ALA T 119 40.72 -70.56 -20.25
C ALA T 119 42.05 -71.30 -20.39
N GLY T 120 42.83 -71.42 -19.32
CA GLY T 120 44.08 -72.11 -19.40
C GLY T 120 43.91 -73.60 -19.64
N ALA T 121 45.05 -74.27 -19.81
CA ALA T 121 45.04 -75.71 -20.03
C ALA T 121 44.44 -76.42 -18.83
N LYS T 122 43.53 -77.36 -19.08
CA LYS T 122 42.84 -78.07 -18.02
C LYS T 122 43.86 -78.76 -17.11
N GLY T 123 43.73 -78.53 -15.81
CA GLY T 123 44.67 -79.04 -14.84
C GLY T 123 45.84 -78.13 -14.56
N LYS T 124 45.93 -76.99 -15.24
CA LYS T 124 47.06 -76.08 -15.09
C LYS T 124 46.63 -74.64 -14.83
N ARG T 125 45.37 -74.42 -14.45
CA ARG T 125 44.90 -73.09 -14.07
C ARG T 125 45.13 -72.89 -12.57
N PHE T 126 46.08 -72.03 -12.23
CA PHE T 126 46.46 -71.81 -10.84
C PHE T 126 46.07 -70.40 -10.42
N CYS T 127 46.14 -70.16 -9.12
CA CYS T 127 45.96 -68.83 -8.56
C CYS T 127 46.71 -68.75 -7.25
N LEU T 128 46.99 -67.54 -6.82
CA LEU T 128 47.77 -67.34 -5.62
C LEU T 128 46.84 -67.16 -4.42
N PRO T 129 47.29 -67.49 -3.22
CA PRO T 129 46.38 -67.61 -2.07
C PRO T 129 45.59 -66.36 -1.77
N ASN T 130 46.13 -65.17 -2.06
CA ASN T 130 45.43 -63.93 -1.77
C ASN T 130 44.91 -63.25 -3.03
N SER T 131 45.04 -63.89 -4.18
CA SER T 131 44.53 -63.33 -5.42
C SER T 131 43.01 -63.21 -5.36
N ARG T 132 42.48 -62.28 -6.14
CA ARG T 132 41.06 -62.03 -6.21
C ARG T 132 40.57 -62.28 -7.62
N VAL T 133 39.38 -62.88 -7.75
CA VAL T 133 38.78 -63.17 -9.04
C VAL T 133 37.38 -62.58 -9.05
N MET T 134 37.05 -61.86 -10.11
CA MET T 134 35.73 -61.26 -10.27
C MET T 134 35.24 -61.51 -11.68
N ILE T 135 33.95 -61.85 -11.80
CA ILE T 135 33.33 -62.13 -13.08
C ILE T 135 32.01 -61.38 -13.16
N HIS T 136 31.64 -60.98 -14.38
CA HIS T 136 30.37 -60.30 -14.60
C HIS T 136 30.04 -60.35 -16.08
N GLN T 137 28.79 -60.05 -16.39
CA GLN T 137 28.37 -59.98 -17.77
C GLN T 137 29.09 -58.83 -18.48
N PRO T 138 29.35 -58.96 -19.78
CA PRO T 138 30.09 -57.92 -20.48
C PRO T 138 29.32 -56.61 -20.52
N LEU T 139 30.07 -55.51 -20.54
CA LEU T 139 29.51 -54.18 -20.57
C LEU T 139 29.66 -53.59 -21.97
N GLY T 140 28.91 -52.54 -22.23
CA GLY T 140 28.97 -51.88 -23.52
C GLY T 140 27.91 -50.81 -23.63
N GLY T 141 27.54 -50.50 -24.86
CA GLY T 141 26.50 -49.53 -25.09
C GLY T 141 26.61 -48.96 -26.48
N TYR T 142 25.63 -48.12 -26.81
CA TYR T 142 25.59 -47.48 -28.11
C TYR T 142 24.61 -46.32 -28.07
N GLN T 143 24.86 -45.32 -28.91
CA GLN T 143 23.98 -44.18 -29.07
C GLN T 143 23.67 -43.99 -30.55
N GLY T 144 22.41 -43.78 -30.87
CA GLY T 144 22.04 -43.56 -32.26
C GLY T 144 20.56 -43.85 -32.47
N GLN T 145 20.23 -44.23 -33.70
CA GLN T 145 18.86 -44.51 -34.07
C GLN T 145 18.40 -45.82 -33.45
N ALA T 146 17.07 -45.98 -33.38
CA ALA T 146 16.50 -47.16 -32.73
C ALA T 146 16.94 -48.45 -33.40
N THR T 147 17.03 -48.46 -34.73
CA THR T 147 17.40 -49.67 -35.43
C THR T 147 18.84 -50.07 -35.13
N ASP T 148 19.76 -49.11 -35.18
CA ASP T 148 21.14 -49.40 -34.81
C ASP T 148 21.25 -49.81 -33.35
N ILE T 149 20.44 -49.19 -32.49
CA ILE T 149 20.41 -49.60 -31.09
C ILE T 149 20.05 -51.07 -30.97
N GLU T 150 18.99 -51.48 -31.66
CA GLU T 150 18.57 -52.88 -31.61
C GLU T 150 19.67 -53.80 -32.14
N ILE T 151 20.31 -53.40 -33.24
CA ILE T 151 21.37 -54.22 -33.81
C ILE T 151 22.50 -54.42 -32.80
N HIS T 152 22.96 -53.32 -32.21
CA HIS T 152 24.06 -53.42 -31.25
C HIS T 152 23.65 -54.19 -30.01
N ALA T 153 22.39 -54.06 -29.58
CA ALA T 153 21.93 -54.81 -28.42
C ALA T 153 21.92 -56.30 -28.70
N ARG T 154 21.40 -56.71 -29.86
CA ARG T 154 21.42 -58.12 -30.21
C ARG T 154 22.84 -58.63 -30.33
N GLU T 155 23.75 -57.81 -30.85
CA GLU T 155 25.14 -58.22 -30.97
C GLU T 155 25.76 -58.46 -29.60
N ILE T 156 25.56 -57.52 -28.67
CA ILE T 156 26.16 -57.69 -27.35
C ILE T 156 25.51 -58.84 -26.61
N LEU T 157 24.23 -59.12 -26.88
CA LEU T 157 23.60 -60.27 -26.25
C LEU T 157 24.18 -61.57 -26.78
N LYS T 158 24.46 -61.64 -28.09
CA LYS T 158 25.15 -62.80 -28.63
C LYS T 158 26.52 -62.95 -28.01
N VAL T 159 27.23 -61.84 -27.81
CA VAL T 159 28.55 -61.91 -27.17
C VAL T 159 28.42 -62.45 -25.76
N LYS T 160 27.44 -61.96 -25.00
CA LYS T 160 27.24 -62.43 -23.64
C LYS T 160 26.93 -63.92 -23.62
N GLY T 161 26.08 -64.37 -24.53
CA GLY T 161 25.78 -65.79 -24.61
C GLY T 161 27.01 -66.62 -24.92
N ARG T 162 27.83 -66.16 -25.85
CA ARG T 162 29.04 -66.89 -26.20
C ARG T 162 30.00 -66.94 -25.01
N MET T 163 30.13 -65.83 -24.28
CA MET T 163 30.98 -65.82 -23.10
C MET T 163 30.48 -66.80 -22.05
N ASN T 164 29.17 -66.83 -21.82
CA ASN T 164 28.62 -67.76 -20.85
C ASN T 164 28.85 -69.20 -21.28
N GLU T 165 28.68 -69.49 -22.56
CA GLU T 165 28.94 -70.84 -23.04
C GLU T 165 30.39 -71.24 -22.83
N LEU T 166 31.32 -70.35 -23.15
CA LEU T 166 32.73 -70.67 -22.99
C LEU T 166 33.08 -70.87 -21.51
N MET T 167 32.53 -70.03 -20.64
CA MET T 167 32.81 -70.18 -19.22
C MET T 167 32.23 -71.49 -18.68
N ALA T 168 31.01 -71.83 -19.09
CA ALA T 168 30.42 -73.09 -18.65
C ALA T 168 31.23 -74.27 -19.17
N LEU T 169 31.80 -74.15 -20.36
CA LEU T 169 32.64 -75.21 -20.90
C LEU T 169 33.92 -75.36 -20.08
N HIS T 170 34.58 -74.24 -19.78
CA HIS T 170 35.89 -74.32 -19.14
C HIS T 170 35.81 -74.59 -17.65
N THR T 171 34.71 -74.23 -17.00
CA THR T 171 34.57 -74.45 -15.57
C THR T 171 33.80 -75.72 -15.23
N GLY T 172 33.05 -76.26 -16.17
CA GLY T 172 32.23 -77.42 -15.91
C GLY T 172 30.88 -77.10 -15.29
N GLN T 173 30.63 -75.86 -14.93
CA GLN T 173 29.34 -75.49 -14.36
C GLN T 173 28.27 -75.49 -15.45
N SER T 174 27.01 -75.53 -15.01
CA SER T 174 25.91 -75.48 -15.95
C SER T 174 25.80 -74.07 -16.55
N LEU T 175 25.28 -74.02 -17.77
CA LEU T 175 25.10 -72.73 -18.43
C LEU T 175 24.17 -71.84 -17.62
N GLU T 176 23.09 -72.41 -17.08
CA GLU T 176 22.19 -71.62 -16.24
C GLU T 176 22.89 -71.14 -14.98
N GLN T 177 23.81 -71.95 -14.46
CA GLN T 177 24.56 -71.52 -13.28
C GLN T 177 25.42 -70.30 -13.58
N ILE T 178 26.16 -70.33 -14.69
CA ILE T 178 26.95 -69.18 -15.06
C ILE T 178 26.06 -67.98 -15.33
N GLU T 179 24.91 -68.20 -15.96
CA GLU T 179 24.01 -67.10 -16.27
C GLU T 179 23.50 -66.44 -15.00
N ARG T 180 23.12 -67.23 -14.00
CA ARG T 180 22.60 -66.64 -12.77
C ARG T 180 23.71 -66.10 -11.90
N ASP T 181 24.94 -66.56 -12.10
CA ASP T 181 26.05 -66.07 -11.28
C ASP T 181 26.59 -64.75 -11.78
N THR T 182 26.82 -64.62 -13.08
CA THR T 182 27.41 -63.42 -13.63
C THR T 182 26.41 -62.31 -13.91
N GLU T 183 25.20 -62.41 -13.36
CA GLU T 183 24.25 -61.31 -13.53
C GLU T 183 24.77 -60.03 -12.92
N ARG T 184 25.47 -60.13 -11.79
CA ARG T 184 26.11 -59.00 -11.15
C ARG T 184 27.58 -59.32 -10.92
N ASP T 185 28.34 -58.32 -10.51
CA ASP T 185 29.72 -58.53 -10.12
C ASP T 185 29.79 -59.56 -9.00
N ARG T 186 30.50 -60.64 -9.23
CA ARG T 186 30.68 -61.68 -8.22
C ARG T 186 32.17 -61.87 -7.97
N PHE T 187 32.61 -61.59 -6.75
CA PHE T 187 34.00 -61.75 -6.37
C PHE T 187 34.22 -63.14 -5.81
N LEU T 188 35.42 -63.68 -6.04
CA LEU T 188 35.79 -65.00 -5.55
C LEU T 188 37.20 -64.96 -5.01
N SER T 189 37.39 -65.48 -3.81
CA SER T 189 38.73 -65.68 -3.28
C SER T 189 39.38 -66.88 -3.98
N ALA T 190 40.62 -67.17 -3.60
CA ALA T 190 41.32 -68.31 -4.18
C ALA T 190 40.64 -69.63 -3.89
N PRO T 191 40.27 -69.98 -2.65
CA PRO T 191 39.54 -71.23 -2.44
C PRO T 191 38.16 -71.23 -3.08
N GLU T 192 37.45 -70.12 -3.04
CA GLU T 192 36.18 -70.03 -3.74
C GLU T 192 36.35 -70.25 -5.24
N ALA T 193 37.43 -69.73 -5.82
CA ALA T 193 37.68 -69.95 -7.24
C ALA T 193 38.00 -71.41 -7.52
N VAL T 194 38.76 -72.05 -6.63
CA VAL T 194 39.07 -73.47 -6.82
C VAL T 194 37.80 -74.29 -6.77
N GLU T 195 36.94 -74.02 -5.79
CA GLU T 195 35.68 -74.77 -5.68
C GLU T 195 34.75 -74.48 -6.84
N TYR T 196 34.78 -73.25 -7.36
CA TYR T 196 33.91 -72.90 -8.48
C TYR T 196 34.36 -73.57 -9.77
N GLY T 197 35.63 -73.90 -9.86
CA GLY T 197 36.18 -74.53 -11.04
C GLY T 197 36.97 -73.61 -11.96
N LEU T 198 37.09 -72.32 -11.62
CA LEU T 198 37.86 -71.41 -12.45
C LEU T 198 39.33 -71.80 -12.51
N VAL T 199 39.89 -72.22 -11.38
CA VAL T 199 41.28 -72.62 -11.30
C VAL T 199 41.33 -74.05 -10.78
N ASP T 200 42.48 -74.69 -11.00
CA ASP T 200 42.65 -76.09 -10.61
C ASP T 200 43.19 -76.23 -9.20
N SER T 201 44.12 -75.37 -8.80
CA SER T 201 44.70 -75.45 -7.47
C SER T 201 45.32 -74.10 -7.13
N ILE T 202 45.69 -73.95 -5.86
CA ILE T 202 46.31 -72.74 -5.35
C ILE T 202 47.79 -73.00 -5.10
N LEU T 203 48.64 -72.14 -5.64
CA LEU T 203 50.07 -72.24 -5.40
C LEU T 203 50.40 -71.68 -4.03
N THR T 204 51.10 -72.48 -3.22
CA THR T 204 51.41 -72.10 -1.85
C THR T 204 52.89 -71.84 -1.63
N HIS T 205 53.76 -72.81 -1.92
CA HIS T 205 55.18 -72.67 -1.68
C HIS T 205 55.95 -73.51 -2.68
N ARG T 206 57.27 -73.32 -2.69
CA ARG T 206 58.13 -74.07 -3.58
C ARG T 206 58.22 -75.54 -3.15
N ALA U 15 70.56 -40.57 -19.56
CA ALA U 15 69.43 -39.67 -19.38
C ALA U 15 69.29 -39.26 -17.92
N LEU U 16 68.05 -39.26 -17.42
CA LEU U 16 67.82 -38.93 -16.02
C LEU U 16 68.43 -39.97 -15.10
N VAL U 17 68.42 -41.24 -15.53
CA VAL U 17 68.97 -42.34 -14.75
C VAL U 17 70.42 -42.53 -15.19
N PRO U 18 71.39 -42.37 -14.31
CA PRO U 18 72.79 -42.48 -14.72
C PRO U 18 73.23 -43.92 -14.91
N MET U 19 74.21 -44.10 -15.78
CA MET U 19 74.78 -45.41 -16.05
C MET U 19 76.06 -45.60 -15.24
N VAL U 20 76.38 -46.85 -14.97
CA VAL U 20 77.55 -47.21 -14.17
C VAL U 20 78.32 -48.30 -14.90
N ILE U 21 79.56 -48.50 -14.47
CA ILE U 21 80.48 -49.43 -15.12
C ILE U 21 80.90 -50.49 -14.11
N GLU U 22 80.90 -51.75 -14.55
CA GLU U 22 81.28 -52.87 -13.71
C GLU U 22 82.19 -53.81 -14.48
N GLN U 23 83.24 -54.29 -13.81
CA GLN U 23 84.24 -55.15 -14.41
C GLN U 23 84.18 -56.53 -13.78
N THR U 24 83.53 -57.47 -14.45
CA THR U 24 83.44 -58.84 -13.93
C THR U 24 84.17 -59.83 -14.82
N SER U 25 83.77 -59.93 -16.09
CA SER U 25 84.36 -60.91 -16.98
C SER U 25 85.12 -60.23 -18.11
N ARG U 26 84.45 -59.36 -18.87
CA ARG U 26 85.13 -58.60 -19.89
C ARG U 26 85.33 -57.14 -19.46
N GLY U 27 84.65 -56.73 -18.41
CA GLY U 27 84.77 -55.37 -17.93
C GLY U 27 83.90 -54.41 -18.72
N GLU U 28 83.79 -53.20 -18.18
CA GLU U 28 83.04 -52.11 -18.80
C GLU U 28 81.60 -52.52 -19.09
N ARG U 29 81.01 -53.25 -18.15
CA ARG U 29 79.62 -53.66 -18.24
C ARG U 29 78.74 -52.50 -17.80
N SER U 30 78.14 -51.81 -18.76
CA SER U 30 77.37 -50.61 -18.50
C SER U 30 75.94 -50.99 -18.13
N PHE U 31 75.54 -50.68 -16.91
CA PHE U 31 74.17 -50.84 -16.46
C PHE U 31 73.63 -49.49 -16.01
N ASP U 32 72.32 -49.32 -16.13
CA ASP U 32 71.68 -48.26 -15.38
C ASP U 32 71.80 -48.58 -13.89
N ILE U 33 71.62 -47.56 -13.06
CA ILE U 33 71.84 -47.77 -11.64
C ILE U 33 70.85 -48.76 -11.07
N TYR U 34 69.60 -48.73 -11.54
CA TYR U 34 68.60 -49.66 -11.02
C TYR U 34 68.92 -51.09 -11.42
N SER U 35 69.33 -51.31 -12.66
CA SER U 35 69.76 -52.65 -13.06
C SER U 35 71.02 -53.05 -12.31
N ARG U 36 71.91 -52.09 -12.05
CA ARG U 36 73.13 -52.39 -11.31
C ARG U 36 72.83 -52.86 -9.90
N LEU U 37 71.77 -52.31 -9.29
CA LEU U 37 71.42 -52.76 -7.94
C LEU U 37 70.60 -54.04 -7.98
N LEU U 38 69.70 -54.18 -8.95
CA LEU U 38 68.99 -55.44 -9.11
C LEU U 38 69.96 -56.60 -9.25
N LYS U 39 71.09 -56.37 -9.90
CA LYS U 39 72.12 -57.41 -9.95
C LYS U 39 72.58 -57.81 -8.55
N GLU U 40 72.46 -56.92 -7.57
CA GLU U 40 72.81 -57.24 -6.19
C GLU U 40 71.61 -57.68 -5.37
N ARG U 41 70.53 -58.10 -6.03
CA ARG U 41 69.36 -58.65 -5.34
C ARG U 41 68.72 -57.63 -4.41
N VAL U 42 68.65 -56.38 -4.84
CA VAL U 42 67.96 -55.33 -4.12
C VAL U 42 66.96 -54.69 -5.06
N ILE U 43 65.73 -54.50 -4.59
CA ILE U 43 64.62 -54.00 -5.40
C ILE U 43 64.06 -52.77 -4.71
N PHE U 44 63.66 -51.78 -5.51
CA PHE U 44 63.09 -50.55 -4.99
C PHE U 44 61.58 -50.52 -5.25
N LEU U 45 60.84 -50.06 -4.27
CA LEU U 45 59.40 -49.86 -4.40
C LEU U 45 59.10 -48.42 -3.98
N THR U 46 58.73 -47.59 -4.95
CA THR U 46 58.51 -46.18 -4.70
C THR U 46 57.20 -45.74 -5.32
N GLY U 47 56.73 -44.57 -4.89
CA GLY U 47 55.48 -44.04 -5.40
C GLY U 47 54.30 -44.91 -5.03
N GLN U 48 53.16 -44.60 -5.64
CA GLN U 48 51.96 -45.38 -5.42
C GLN U 48 52.12 -46.79 -5.96
N VAL U 49 51.43 -47.73 -5.33
CA VAL U 49 51.42 -49.11 -5.80
C VAL U 49 50.31 -49.27 -6.82
N GLU U 50 50.69 -49.53 -8.07
CA GLU U 50 49.73 -49.70 -9.14
C GLU U 50 50.04 -51.00 -9.87
N ASP U 51 49.25 -51.27 -10.91
CA ASP U 51 49.35 -52.57 -11.58
C ASP U 51 50.70 -52.77 -12.23
N HIS U 52 51.14 -51.82 -13.05
CA HIS U 52 52.36 -52.01 -13.83
C HIS U 52 53.60 -52.03 -12.95
N MET U 53 53.68 -51.12 -11.98
CA MET U 53 54.84 -51.09 -11.09
C MET U 53 54.91 -52.36 -10.25
N ALA U 54 53.78 -52.78 -9.70
CA ALA U 54 53.76 -54.01 -8.91
C ALA U 54 54.12 -55.22 -9.77
N ASN U 55 53.67 -55.22 -11.01
CA ASN U 55 54.02 -56.32 -11.91
C ASN U 55 55.51 -56.32 -12.20
N LEU U 56 56.09 -55.14 -12.35
CA LEU U 56 57.54 -55.05 -12.51
C LEU U 56 58.27 -55.61 -11.28
N ILE U 57 57.77 -55.27 -10.09
CA ILE U 57 58.37 -55.80 -8.86
C ILE U 57 58.26 -57.32 -8.83
N VAL U 58 57.10 -57.85 -9.25
CA VAL U 58 56.91 -59.29 -9.26
C VAL U 58 57.88 -59.96 -10.22
N ALA U 59 58.05 -59.37 -11.40
CA ALA U 59 58.99 -59.93 -12.37
C ALA U 59 60.41 -59.93 -11.81
N GLN U 60 60.80 -58.84 -11.17
CA GLN U 60 62.13 -58.78 -10.57
C GLN U 60 62.31 -59.84 -9.49
N MET U 61 61.28 -60.03 -8.65
CA MET U 61 61.38 -61.02 -7.59
C MET U 61 61.49 -62.42 -8.16
N LEU U 62 60.70 -62.71 -9.20
CA LEU U 62 60.78 -64.03 -9.83
C LEU U 62 62.16 -64.27 -10.43
N PHE U 63 62.72 -63.26 -11.10
CA PHE U 63 64.05 -63.42 -11.68
C PHE U 63 65.08 -63.64 -10.58
N LEU U 64 64.98 -62.89 -9.50
CA LEU U 64 65.96 -63.03 -8.42
C LEU U 64 65.86 -64.40 -7.76
N GLU U 65 64.63 -64.93 -7.63
CA GLU U 65 64.47 -66.29 -7.14
C GLU U 65 65.11 -67.29 -8.08
N ALA U 66 64.89 -67.13 -9.38
CA ALA U 66 65.50 -68.05 -10.34
C ALA U 66 67.02 -67.94 -10.34
N GLU U 67 67.54 -66.77 -9.95
CA GLU U 67 68.99 -66.60 -9.91
C GLU U 67 69.62 -67.42 -8.80
N ASN U 68 69.16 -67.23 -7.57
CA ASN U 68 69.67 -67.96 -6.42
C ASN U 68 68.58 -68.09 -5.37
N PRO U 69 67.89 -69.22 -5.31
CA PRO U 69 66.74 -69.34 -4.38
C PRO U 69 67.15 -69.32 -2.92
N GLU U 70 68.44 -69.25 -2.60
CA GLU U 70 68.89 -69.26 -1.22
C GLU U 70 69.24 -67.88 -0.68
N LYS U 71 69.72 -66.99 -1.53
CA LYS U 71 70.13 -65.66 -1.08
C LYS U 71 68.91 -64.77 -0.88
N ASP U 72 68.98 -63.90 0.12
CA ASP U 72 67.87 -63.04 0.45
C ASP U 72 67.63 -62.01 -0.65
N ILE U 73 66.43 -61.43 -0.63
CA ILE U 73 66.04 -60.36 -1.53
C ILE U 73 65.66 -59.15 -0.69
N TYR U 74 66.19 -57.99 -1.03
CA TYR U 74 65.98 -56.78 -0.25
C TYR U 74 65.07 -55.83 -1.01
N LEU U 75 63.92 -55.52 -0.42
CA LEU U 75 62.92 -54.66 -1.04
C LEU U 75 62.88 -53.35 -0.28
N TYR U 76 63.51 -52.32 -0.83
CA TYR U 76 63.54 -51.01 -0.22
C TYR U 76 62.22 -50.31 -0.49
N ILE U 77 61.43 -50.10 0.56
CA ILE U 77 60.06 -49.64 0.44
C ILE U 77 60.00 -48.16 0.81
N ASN U 78 59.45 -47.35 -0.09
CA ASN U 78 59.15 -45.95 0.19
C ASN U 78 57.91 -45.60 -0.64
N SER U 79 56.74 -45.74 -0.02
CA SER U 79 55.51 -45.63 -0.79
C SER U 79 54.41 -44.98 0.01
N PRO U 80 53.65 -44.05 -0.59
CA PRO U 80 52.49 -43.48 0.10
C PRO U 80 51.23 -44.32 -0.01
N GLY U 81 51.35 -45.58 -0.42
CA GLY U 81 50.20 -46.46 -0.54
C GLY U 81 50.01 -46.94 -1.95
N GLY U 82 48.76 -47.23 -2.29
CA GLY U 82 48.42 -47.71 -3.61
C GLY U 82 47.16 -48.53 -3.56
N VAL U 83 46.89 -49.22 -4.67
CA VAL U 83 45.71 -50.08 -4.76
C VAL U 83 45.98 -51.37 -4.00
N ILE U 84 44.96 -51.88 -3.33
CA ILE U 84 45.14 -53.04 -2.45
C ILE U 84 45.49 -54.27 -3.27
N THR U 85 44.97 -54.36 -4.49
CA THR U 85 45.15 -55.58 -5.28
C THR U 85 46.59 -55.78 -5.71
N ALA U 86 47.23 -54.70 -6.17
CA ALA U 86 48.64 -54.81 -6.57
C ALA U 86 49.52 -55.14 -5.37
N GLY U 87 49.23 -54.53 -4.23
CA GLY U 87 49.94 -54.89 -3.01
C GLY U 87 49.74 -56.35 -2.64
N MET U 88 48.53 -56.86 -2.84
CA MET U 88 48.28 -58.27 -2.57
C MET U 88 49.05 -59.16 -3.52
N SER U 89 49.17 -58.76 -4.78
CA SER U 89 50.00 -59.49 -5.71
C SER U 89 51.44 -59.56 -5.23
N ILE U 90 51.99 -58.41 -4.82
CA ILE U 90 53.37 -58.38 -4.35
C ILE U 90 53.53 -59.25 -3.11
N TYR U 91 52.55 -59.17 -2.20
CA TYR U 91 52.64 -59.94 -0.96
C TYR U 91 52.59 -61.43 -1.24
N ASP U 92 51.71 -61.86 -2.14
CA ASP U 92 51.62 -63.26 -2.49
C ASP U 92 52.90 -63.73 -3.17
N THR U 93 53.49 -62.90 -4.01
CA THR U 93 54.76 -63.27 -4.63
C THR U 93 55.86 -63.39 -3.59
N MET U 94 55.86 -62.51 -2.59
CA MET U 94 56.85 -62.60 -1.53
C MET U 94 56.67 -63.88 -0.72
N GLN U 95 55.43 -64.24 -0.42
CA GLN U 95 55.19 -65.46 0.35
C GLN U 95 55.52 -66.71 -0.44
N PHE U 96 55.26 -66.70 -1.75
CA PHE U 96 55.41 -67.91 -2.53
C PHE U 96 56.88 -68.27 -2.74
N ILE U 97 57.70 -67.29 -3.08
CA ILE U 97 59.08 -67.57 -3.46
C ILE U 97 59.84 -68.16 -2.28
N LYS U 98 60.82 -69.01 -2.59
CA LYS U 98 61.59 -69.67 -1.53
C LYS U 98 62.50 -68.72 -0.77
N PRO U 99 63.35 -67.91 -1.41
CA PRO U 99 64.27 -67.06 -0.64
C PRO U 99 63.53 -66.05 0.21
N ASP U 100 64.20 -65.58 1.25
CA ASP U 100 63.62 -64.65 2.19
C ASP U 100 63.68 -63.23 1.64
N VAL U 101 62.60 -62.48 1.85
CA VAL U 101 62.50 -61.11 1.38
C VAL U 101 62.65 -60.18 2.58
N SER U 102 63.75 -59.43 2.60
CA SER U 102 64.02 -58.46 3.65
C SER U 102 63.53 -57.09 3.22
N THR U 103 62.48 -56.61 3.87
CA THR U 103 61.90 -55.31 3.55
C THR U 103 62.52 -54.24 4.43
N ILE U 104 62.98 -53.16 3.80
CA ILE U 104 63.60 -52.04 4.50
C ILE U 104 62.79 -50.79 4.18
N CYS U 105 62.17 -50.21 5.20
CA CYS U 105 61.34 -49.03 5.02
C CYS U 105 62.17 -47.77 5.24
N MET U 106 62.49 -47.08 4.15
CA MET U 106 63.15 -45.79 4.22
C MET U 106 62.19 -44.73 3.69
N GLY U 107 62.36 -43.51 4.15
CA GLY U 107 61.39 -42.49 3.82
C GLY U 107 60.14 -42.74 4.64
N GLN U 108 59.09 -43.25 3.99
CA GLN U 108 57.86 -43.56 4.69
C GLN U 108 57.14 -44.68 3.94
N ALA U 109 56.23 -45.34 4.67
CA ALA U 109 55.44 -46.45 4.12
C ALA U 109 54.03 -46.32 4.66
N ALA U 110 53.07 -46.04 3.78
CA ALA U 110 51.67 -45.92 4.16
C ALA U 110 51.02 -47.28 4.08
N SER U 111 49.68 -47.30 4.14
CA SER U 111 48.89 -48.50 4.34
C SER U 111 49.40 -49.70 3.55
N MET U 112 49.40 -49.59 2.21
CA MET U 112 49.89 -50.69 1.42
C MET U 112 51.39 -50.86 1.56
N GLY U 113 52.12 -49.74 1.61
CA GLY U 113 53.56 -49.83 1.82
C GLY U 113 53.91 -50.42 3.17
N ALA U 114 53.21 -49.98 4.21
CA ALA U 114 53.45 -50.54 5.54
C ALA U 114 53.12 -52.02 5.58
N PHE U 115 52.04 -52.42 4.92
CA PHE U 115 51.70 -53.84 4.88
C PHE U 115 52.78 -54.65 4.19
N LEU U 116 53.24 -54.19 3.04
CA LEU U 116 54.30 -54.90 2.35
C LEU U 116 55.59 -54.91 3.15
N LEU U 117 55.81 -53.87 3.96
CA LEU U 117 57.00 -53.84 4.81
C LEU U 117 56.90 -54.91 5.90
N THR U 118 55.78 -54.93 6.63
CA THR U 118 55.64 -55.90 7.71
C THR U 118 55.54 -57.33 7.20
N ALA U 119 55.30 -57.49 5.89
CA ALA U 119 55.19 -58.83 5.31
C ALA U 119 56.54 -59.45 4.99
N GLY U 120 57.63 -58.80 5.35
CA GLY U 120 58.95 -59.35 5.07
C GLY U 120 59.22 -60.61 5.86
N ALA U 121 60.37 -61.22 5.58
CA ALA U 121 60.79 -62.42 6.28
C ALA U 121 60.96 -62.13 7.77
N LYS U 122 60.40 -63.00 8.60
CA LYS U 122 60.45 -62.82 10.04
C LYS U 122 61.89 -62.70 10.51
N GLY U 123 62.17 -61.64 11.28
CA GLY U 123 63.51 -61.36 11.72
C GLY U 123 64.31 -60.47 10.79
N LYS U 124 63.74 -60.10 9.63
CA LYS U 124 64.46 -59.32 8.63
C LYS U 124 63.67 -58.09 8.18
N ARG U 125 62.65 -57.67 8.93
CA ARG U 125 61.93 -56.45 8.63
C ARG U 125 62.60 -55.29 9.37
N PHE U 126 63.24 -54.41 8.61
CA PHE U 126 63.98 -53.30 9.18
C PHE U 126 63.32 -51.99 8.82
N CYS U 127 63.76 -50.93 9.48
CA CYS U 127 63.35 -49.57 9.15
C CYS U 127 64.45 -48.62 9.57
N LEU U 128 64.42 -47.43 8.99
CA LEU U 128 65.46 -46.46 9.26
C LEU U 128 65.03 -45.53 10.40
N PRO U 129 65.98 -44.95 11.13
CA PRO U 129 65.64 -44.27 12.39
C PRO U 129 64.63 -43.15 12.24
N ASN U 130 64.58 -42.48 11.10
CA ASN U 130 63.65 -41.37 10.92
C ASN U 130 62.50 -41.73 9.98
N SER U 131 62.42 -42.99 9.55
CA SER U 131 61.34 -43.42 8.69
C SER U 131 60.00 -43.31 9.42
N ARG U 132 58.94 -43.15 8.64
CA ARG U 132 57.59 -43.04 9.18
C ARG U 132 56.74 -44.19 8.65
N VAL U 133 55.88 -44.72 9.51
CA VAL U 133 54.99 -45.82 9.16
C VAL U 133 53.57 -45.41 9.52
N MET U 134 52.65 -45.60 8.58
CA MET U 134 51.25 -45.29 8.80
C MET U 134 50.39 -46.44 8.29
N ILE U 135 49.37 -46.78 9.06
CA ILE U 135 48.46 -47.85 8.71
C ILE U 135 47.02 -47.38 8.89
N HIS U 136 46.13 -47.92 8.07
CA HIS U 136 44.72 -47.58 8.17
C HIS U 136 43.91 -48.62 7.41
N GLN U 137 42.61 -48.62 7.66
CA GLN U 137 41.71 -49.51 6.95
C GLN U 137 41.69 -49.15 5.47
N PRO U 138 41.49 -50.12 4.59
CA PRO U 138 41.50 -49.82 3.15
C PRO U 138 40.37 -48.89 2.76
N LEU U 139 40.64 -48.09 1.73
CA LEU U 139 39.67 -47.13 1.21
C LEU U 139 39.09 -47.65 -0.10
N GLY U 140 37.98 -47.05 -0.50
CA GLY U 140 37.35 -47.45 -1.73
C GLY U 140 36.02 -46.74 -1.90
N GLY U 141 35.14 -47.36 -2.67
CA GLY U 141 33.81 -46.81 -2.87
C GLY U 141 33.20 -47.33 -4.14
N TYR U 142 31.95 -46.94 -4.35
CA TYR U 142 31.22 -47.36 -5.53
C TYR U 142 29.98 -46.49 -5.68
N GLN U 143 29.54 -46.33 -6.93
CA GLN U 143 28.33 -45.61 -7.27
C GLN U 143 27.46 -46.47 -8.16
N GLY U 144 26.18 -46.55 -7.86
CA GLY U 144 25.28 -47.34 -8.68
C GLY U 144 24.02 -47.70 -7.91
N GLN U 145 23.44 -48.82 -8.32
CA GLN U 145 22.21 -49.29 -7.69
C GLN U 145 22.49 -49.85 -6.30
N ALA U 146 21.43 -49.93 -5.50
CA ALA U 146 21.58 -50.37 -4.11
C ALA U 146 22.16 -51.76 -4.01
N THR U 147 21.76 -52.67 -4.91
CA THR U 147 22.24 -54.04 -4.83
C THR U 147 23.74 -54.11 -5.13
N ASP U 148 24.19 -53.42 -6.18
CA ASP U 148 25.61 -53.37 -6.48
C ASP U 148 26.38 -52.67 -5.35
N ILE U 149 25.78 -51.65 -4.75
CA ILE U 149 26.39 -50.99 -3.60
C ILE U 149 26.64 -51.99 -2.50
N GLU U 150 25.62 -52.79 -2.17
CA GLU U 150 25.77 -53.78 -1.11
C GLU U 150 26.83 -54.81 -1.47
N ILE U 151 26.86 -55.25 -2.73
CA ILE U 151 27.85 -56.23 -3.14
C ILE U 151 29.26 -55.68 -2.95
N HIS U 152 29.50 -54.46 -3.44
CA HIS U 152 30.82 -53.88 -3.32
C HIS U 152 31.19 -53.61 -1.87
N ALA U 153 30.21 -53.24 -1.05
CA ALA U 153 30.48 -53.01 0.37
C ALA U 153 30.90 -54.30 1.05
N ARG U 154 30.17 -55.38 0.81
CA ARG U 154 30.55 -56.66 1.40
C ARG U 154 31.92 -57.10 0.91
N GLU U 155 32.22 -56.84 -0.36
CA GLU U 155 33.53 -57.21 -0.89
C GLU U 155 34.64 -56.44 -0.19
N ILE U 156 34.48 -55.12 -0.04
CA ILE U 156 35.54 -54.34 0.59
C ILE U 156 35.64 -54.69 2.07
N LEU U 157 34.54 -55.11 2.69
CA LEU U 157 34.62 -55.53 4.09
C LEU U 157 35.39 -56.84 4.21
N LYS U 158 35.17 -57.77 3.27
CA LYS U 158 35.97 -58.99 3.26
C LYS U 158 37.45 -58.66 3.06
N VAL U 159 37.74 -57.70 2.18
CA VAL U 159 39.13 -57.30 1.97
C VAL U 159 39.73 -56.74 3.25
N LYS U 160 38.98 -55.88 3.95
CA LYS U 160 39.47 -55.31 5.19
C LYS U 160 39.73 -56.39 6.22
N GLY U 161 38.81 -57.36 6.33
CA GLY U 161 39.03 -58.45 7.26
C GLY U 161 40.26 -59.26 6.93
N ARG U 162 40.47 -59.54 5.64
CA ARG U 162 41.66 -60.29 5.24
C ARG U 162 42.93 -59.52 5.54
N MET U 163 42.92 -58.21 5.30
CA MET U 163 44.08 -57.39 5.63
C MET U 163 44.38 -57.41 7.12
N ASN U 164 43.32 -57.28 7.94
CA ASN U 164 43.53 -57.31 9.39
C ASN U 164 44.08 -58.66 9.83
N GLU U 165 43.57 -59.76 9.25
CA GLU U 165 44.09 -61.07 9.61
C GLU U 165 45.55 -61.20 9.25
N LEU U 166 45.93 -60.76 8.05
CA LEU U 166 47.33 -60.86 7.65
C LEU U 166 48.23 -60.00 8.51
N MET U 167 47.77 -58.81 8.88
CA MET U 167 48.59 -57.95 9.73
C MET U 167 48.74 -58.54 11.12
N ALA U 168 47.65 -59.10 11.68
CA ALA U 168 47.74 -59.74 12.98
C ALA U 168 48.66 -60.95 12.93
N LEU U 169 48.68 -61.65 11.80
CA LEU U 169 49.58 -62.78 11.66
C LEU U 169 51.04 -62.33 11.63
N HIS U 170 51.32 -61.28 10.84
CA HIS U 170 52.71 -60.89 10.63
C HIS U 170 53.29 -60.09 11.78
N THR U 171 52.44 -59.40 12.55
CA THR U 171 52.93 -58.59 13.66
C THR U 171 52.83 -59.30 15.00
N GLY U 172 52.01 -60.35 15.09
CA GLY U 172 51.80 -61.03 16.34
C GLY U 172 50.76 -60.40 17.24
N GLN U 173 50.23 -59.24 16.87
CA GLN U 173 49.19 -58.60 17.66
C GLN U 173 47.87 -59.35 17.52
N SER U 174 46.96 -59.10 18.44
CA SER U 174 45.65 -59.71 18.36
C SER U 174 44.85 -59.08 17.22
N LEU U 175 43.93 -59.88 16.66
CA LEU U 175 43.09 -59.37 15.59
C LEU U 175 42.26 -58.19 16.05
N GLU U 176 41.73 -58.25 17.27
CA GLU U 176 40.99 -57.11 17.81
C GLU U 176 41.89 -55.90 17.99
N GLN U 177 43.15 -56.12 18.32
CA GLN U 177 44.08 -55.00 18.45
C GLN U 177 44.29 -54.30 17.12
N ILE U 178 44.53 -55.06 16.06
CA ILE U 178 44.68 -54.46 14.74
C ILE U 178 43.39 -53.77 14.32
N GLU U 179 42.25 -54.38 14.63
CA GLU U 179 40.98 -53.79 14.24
C GLU U 179 40.75 -52.44 14.93
N ARG U 180 41.07 -52.35 16.21
CA ARG U 180 40.86 -51.10 16.92
C ARG U 180 41.95 -50.09 16.60
N ASP U 181 43.10 -50.55 16.13
CA ASP U 181 44.19 -49.63 15.82
C ASP U 181 44.02 -48.98 14.46
N THR U 182 43.69 -49.77 13.44
CA THR U 182 43.59 -49.25 12.08
C THR U 182 42.24 -48.64 11.77
N GLU U 183 41.42 -48.35 12.78
CA GLU U 183 40.15 -47.67 12.51
C GLU U 183 40.39 -46.30 11.90
N ARG U 184 41.44 -45.62 12.32
CA ARG U 184 41.82 -44.34 11.75
C ARG U 184 43.29 -44.40 11.35
N ASP U 185 43.75 -43.37 10.65
CA ASP U 185 45.16 -43.25 10.33
C ASP U 185 45.97 -43.24 11.61
N ARG U 186 46.89 -44.19 11.74
CA ARG U 186 47.78 -44.26 12.89
C ARG U 186 49.22 -44.22 12.41
N PHE U 187 49.94 -43.18 12.82
CA PHE U 187 51.34 -43.02 12.45
C PHE U 187 52.22 -43.67 13.50
N LEU U 188 53.36 -44.20 13.07
CA LEU U 188 54.31 -44.83 13.96
C LEU U 188 55.72 -44.42 13.57
N SER U 189 56.49 -43.99 14.56
CA SER U 189 57.92 -43.77 14.34
C SER U 189 58.64 -45.12 14.26
N ALA U 190 59.94 -45.06 14.05
CA ALA U 190 60.74 -46.27 13.98
C ALA U 190 60.72 -47.07 15.29
N PRO U 191 60.97 -46.48 16.47
CA PRO U 191 60.86 -47.27 17.70
C PRO U 191 59.43 -47.72 17.98
N GLU U 192 58.44 -46.88 17.70
CA GLU U 192 57.05 -47.31 17.85
C GLU U 192 56.73 -48.49 16.93
N ALA U 193 57.28 -48.48 15.72
CA ALA U 193 57.06 -49.60 14.81
C ALA U 193 57.75 -50.86 15.32
N VAL U 194 58.95 -50.72 15.88
CA VAL U 194 59.64 -51.89 16.43
C VAL U 194 58.83 -52.48 17.58
N GLU U 195 58.35 -51.62 18.48
CA GLU U 195 57.57 -52.11 19.61
C GLU U 195 56.25 -52.70 19.17
N TYR U 196 55.65 -52.15 18.11
CA TYR U 196 54.38 -52.66 17.63
C TYR U 196 54.54 -54.02 16.97
N GLY U 197 55.71 -54.31 16.45
CA GLY U 197 55.98 -55.57 15.78
C GLY U 197 56.01 -55.50 14.28
N LEU U 198 55.79 -54.32 13.69
CA LEU U 198 55.83 -54.20 12.23
C LEU U 198 57.22 -54.52 11.70
N VAL U 199 58.25 -54.04 12.37
CA VAL U 199 59.63 -54.27 11.96
C VAL U 199 60.36 -54.97 13.10
N ASP U 200 61.49 -55.58 12.75
CA ASP U 200 62.27 -56.34 13.71
C ASP U 200 63.30 -55.48 14.44
N SER U 201 63.95 -54.57 13.72
CA SER U 201 64.96 -53.72 14.34
C SER U 201 65.15 -52.49 13.46
N ILE U 202 65.88 -51.52 13.99
CA ILE U 202 66.18 -50.27 13.31
C ILE U 202 67.63 -50.28 12.88
N LEU U 203 67.88 -50.00 11.61
CA LEU U 203 69.23 -49.90 11.09
C LEU U 203 69.83 -48.55 11.48
N THR U 204 71.00 -48.58 12.11
CA THR U 204 71.63 -47.37 12.61
C THR U 204 72.90 -47.01 11.86
N HIS U 205 73.89 -47.91 11.80
CA HIS U 205 75.15 -47.62 11.15
C HIS U 205 75.75 -48.91 10.62
N ARG U 206 76.82 -48.76 9.84
CA ARG U 206 77.51 -49.91 9.28
C ARG U 206 78.24 -50.68 10.36
PB ADP V . -48.76 34.01 -5.27
O1B ADP V . -47.29 33.59 -5.17
O2B ADP V . -49.65 32.78 -5.18
O3B ADP V . -49.09 34.96 -4.14
PA ADP V . -50.50 35.13 -7.29
O1A ADP V . -51.10 33.90 -7.96
O2A ADP V . -51.40 35.58 -6.15
O3A ADP V . -49.01 34.77 -6.70
O5' ADP V . -50.37 36.36 -8.40
C5' ADP V . -51.49 37.26 -8.57
C4' ADP V . -51.23 38.11 -9.80
O4' ADP V . -50.56 37.24 -10.95
C3' ADP V . -52.39 38.54 -10.30
O3' ADP V . -52.70 39.85 -9.81
C2' ADP V . -52.17 38.60 -11.91
O2' ADP V . -51.51 39.79 -12.27
C1' ADP V . -51.37 37.52 -12.22
N9 ADP V . -52.17 36.40 -12.54
C8 ADP V . -52.11 35.21 -11.95
N7 ADP V . -53.00 34.40 -12.51
C5 ADP V . -53.64 35.08 -13.46
C6 ADP V . -54.67 34.73 -14.35
N6 ADP V . -55.25 33.38 -14.35
N1 ADP V . -55.11 35.67 -15.20
C2 ADP V . -54.59 36.90 -15.20
N3 ADP V . -53.62 37.25 -14.37
C4 ADP V . -53.11 36.37 -13.48
PB ADP W . -1.94 33.60 -18.09
O1B ADP W . -0.77 32.72 -18.52
O2B ADP W . -3.24 33.00 -18.61
O3B ADP W . -1.98 33.70 -16.59
PA ADP W . -2.77 36.35 -18.48
O1A ADP W . -3.72 36.47 -19.67
O2A ADP W . -3.58 36.09 -17.21
O3A ADP W . -1.74 35.10 -18.74
O5' ADP W . -1.91 37.75 -18.32
C5' ADP W . -1.32 38.05 -17.04
C4' ADP W . -0.64 39.42 -17.13
O4' ADP W . 0.03 39.60 -18.57
C3' ADP W . -1.54 40.38 -17.02
O3' ADP W . -0.97 41.53 -16.38
C2' ADP W . -1.97 40.76 -18.54
O2' ADP W . -2.47 42.08 -18.59
C1' ADP W . -0.82 40.66 -19.28
N9 ADP W . -1.13 40.24 -20.60
C8 ADP W . -1.07 38.99 -21.04
N7 ADP W . -1.42 38.96 -22.32
C5 ADP W . -1.72 40.20 -22.69
C6 ADP W . -2.15 40.75 -23.91
N6 ADP W . -2.36 39.91 -25.09
N1 ADP W . -2.36 42.07 -23.97
C2 ADP W . -2.17 42.85 -22.89
N3 ADP W . -1.77 42.35 -21.73
C4 ADP W . -1.53 41.02 -21.59
PG ATP X . -60.00 10.29 11.00
O1G ATP X . -60.93 10.89 12.03
O2G ATP X . -58.75 9.65 11.58
O3G ATP X . -59.74 11.17 9.80
PB ATP X . -62.13 9.31 9.48
O1B ATP X . -63.20 9.94 10.33
O2B ATP X . -61.67 10.00 8.21
O3B ATP X . -60.84 9.06 10.41
PA ATP X . -64.13 7.50 8.79
O1A ATP X . -64.98 8.13 9.87
O2A ATP X . -64.27 6.02 8.50
O3A ATP X . -62.59 7.82 9.10
O5' ATP X . -64.40 8.31 7.42
C5' ATP X . -65.73 8.52 6.94
C4' ATP X . -65.81 8.12 5.47
O4' ATP X . -65.29 6.81 5.30
C3' ATP X . -67.24 8.13 4.98
O3' ATP X . -67.39 9.06 3.90
C2' ATP X . -67.53 6.73 4.50
O2' ATP X . -67.87 6.74 3.11
C1' ATP X . -66.25 5.92 4.72
N9 ATP X . -66.52 4.80 5.65
C8 ATP X . -65.80 4.49 6.74
N7 ATP X . -66.31 3.40 7.38
C5 ATP X . -67.39 3.00 6.69
C6 ATP X . -68.40 1.92 6.81
N6 ATP X . -68.34 1.03 7.82
N1 ATP X . -69.36 1.85 5.87
C2 ATP X . -69.42 2.73 4.85
N3 ATP X . -68.55 3.74 4.68
C4 ATP X . -67.53 3.93 5.54
PB ADP Y . -25.15 9.17 -27.43
O1B ADP Y . -23.67 9.38 -27.31
O2B ADP Y . -25.55 7.81 -27.96
O3B ADP Y . -25.95 9.63 -26.24
PA ADP Y . -27.12 10.66 -28.74
O1A ADP Y . -27.98 9.44 -28.98
O2A ADP Y . -27.42 11.59 -27.60
O3A ADP Y . -25.58 10.18 -28.62
O5' ADP Y . -27.10 11.53 -30.10
C5' ADP Y . -26.16 12.59 -30.28
C4' ADP Y . -26.67 13.55 -31.33
O4' ADP Y . -26.45 13.01 -32.63
C3' ADP Y . -28.16 13.81 -31.17
O3' ADP Y . -28.41 15.20 -30.94
C2' ADP Y . -28.80 13.37 -32.47
O2' ADP Y . -29.47 14.48 -33.09
C1' ADP Y . -27.68 12.87 -33.36
N9 ADP Y . -27.90 11.45 -33.70
C8 ADP Y . -27.21 10.40 -33.20
N7 ADP Y . -27.66 9.23 -33.72
C5 ADP Y . -28.66 9.52 -34.57
C6 ADP Y . -29.58 8.74 -35.45
N6 ADP Y . -29.50 7.40 -35.52
N1 ADP Y . -30.48 9.44 -36.18
C2 ADP Y . -30.57 10.78 -36.10
N3 ADP Y . -29.78 11.54 -35.33
C4 ADP Y . -28.82 10.98 -34.55
PG ATP Z . -51.17 5.47 36.76
O1G ATP Z . -51.46 6.67 37.62
O2G ATP Z . -49.78 5.45 36.18
O3G ATP Z . -52.25 5.13 35.76
PB ATP Z . -52.55 3.78 38.51
O1B ATP Z . -52.74 4.63 39.73
O2B ATP Z . -53.64 3.71 37.45
O3B ATP Z . -51.18 4.23 37.78
PA ATP Z . -53.16 1.54 40.06
O1A ATP Z . -54.02 2.58 40.74
O2A ATP Z . -52.30 0.61 40.88
O3A ATP Z . -52.22 2.28 38.98
O5' ATP Z . -54.12 0.64 39.12
C5' ATP Z . -55.39 0.19 39.61
C4' ATP Z . -55.77 -1.11 38.90
O4' ATP Z . -54.72 -2.07 39.05
C3' ATP Z . -57.03 -1.70 39.48
O3' ATP Z . -58.04 -1.80 38.47
C2' ATP Z . -56.67 -3.08 39.99
O2' ATP Z . -57.43 -4.08 39.31
C1' ATP Z . -55.18 -3.26 39.69
N9 ATP Z . -54.44 -3.47 40.95
C8 ATP Z . -53.20 -3.01 41.23
N7 ATP Z . -52.81 -3.37 42.47
C5 ATP Z . -53.81 -4.09 43.02
C6 ATP Z . -54.04 -4.79 44.31
N6 ATP Z . -53.10 -4.78 45.29
N1 ATP Z . -55.22 -5.42 44.48
C2 ATP Z . -56.16 -5.43 43.52
N3 ATP Z . -56.01 -4.83 42.32
C4 ATP Z . -54.88 -4.16 42.02
PG ATP AA . -33.07 -12.73 -7.93
O1G ATP AA . -32.97 -12.58 -6.42
O2G ATP AA . -31.74 -12.75 -8.63
O3G ATP AA . -34.11 -11.84 -8.57
PB ATP AA . -34.92 -14.72 -7.29
O1B ATP AA . -34.64 -16.12 -6.80
O2B ATP AA . -35.30 -13.64 -6.30
O3B ATP AA . -33.65 -14.21 -8.14
PA ATP AA . -37.63 -14.79 -8.00
O1A ATP AA . -37.92 -13.47 -7.32
O2A ATP AA . -37.93 -16.08 -7.29
O3A ATP AA . -36.08 -14.80 -8.42
O5' ATP AA . -38.38 -14.80 -9.42
C5' ATP AA . -39.73 -14.37 -9.53
C4' ATP AA . -40.25 -14.63 -10.94
O4' ATP AA . -39.55 -15.73 -11.52
C3' ATP AA . -41.74 -14.96 -10.95
O3' ATP AA . -42.46 -14.00 -11.70
C2' ATP AA . -41.85 -16.34 -11.56
O2' ATP AA . -42.68 -16.29 -12.73
C1' ATP AA . -40.44 -16.77 -11.91
N9 ATP AA . -40.11 -18.03 -11.20
C8 ATP AA . -38.92 -18.31 -10.62
N7 ATP AA . -38.94 -19.54 -10.05
C5 ATP AA . -40.17 -20.08 -10.27
C6 ATP AA . -40.86 -21.33 -9.93
N6 ATP AA . -40.24 -22.31 -9.23
N1 ATP AA . -42.14 -21.48 -10.35
C2 ATP AA . -42.78 -20.52 -11.03
N3 ATP AA . -42.21 -19.35 -11.36
C4 ATP AA . -40.93 -19.07 -11.02
PG ATP BA . -36.40 24.21 51.93
O1G ATP BA . -36.81 25.64 52.21
O2G ATP BA . -35.82 23.99 50.55
O3G ATP BA . -37.41 23.17 52.35
PB ATP BA . -35.20 24.51 54.43
O1B ATP BA . -34.15 25.59 54.59
O2B ATP BA . -36.64 24.80 54.79
O3B ATP BA . -35.15 23.98 52.91
PA ATP BA . -35.05 23.11 56.85
O1A ATP BA . -36.51 22.77 57.01
O2A ATP BA . -34.48 24.32 57.54
O3A ATP BA . -34.73 23.22 55.28
O5' ATP BA . -34.19 21.83 57.30
C5' ATP BA . -34.56 20.51 56.87
C4' ATP BA . -34.78 19.62 58.08
O4' ATP BA . -33.51 19.26 58.66
C3' ATP BA . -35.59 20.32 59.16
O3' ATP BA . -36.82 19.61 59.41
C2' ATP BA . -34.73 20.34 60.41
O2' ATP BA . -35.37 19.66 61.48
C1' ATP BA . -33.43 19.66 60.03
N9 ATP BA . -32.29 20.59 60.23
C8 ATP BA . -31.48 21.04 59.25
N7 ATP BA . -30.53 21.88 59.76
C5 ATP BA . -30.74 21.96 61.09
C6 ATP BA . -30.10 22.67 62.23
N6 ATP BA . -29.03 23.48 62.04
N1 ATP BA . -30.63 22.48 63.46
C2 ATP BA . -31.70 21.67 63.66
N3 ATP BA . -32.32 21.01 62.67
C4 ATP BA . -31.89 21.10 61.39
PG ATP CA . -23.25 -15.03 19.34
O1G ATP CA . -22.85 -13.85 20.20
O2G ATP CA . -22.18 -15.51 18.39
O3G ATP CA . -24.62 -14.91 18.71
PB ATP CA . -24.09 -15.99 21.82
O1B ATP CA . -23.12 -16.42 22.89
O2B ATP CA . -24.66 -14.60 21.84
O3B ATP CA . -23.41 -16.24 20.39
PA ATP CA . -26.33 -17.12 23.06
O1A ATP CA . -27.22 -15.91 23.04
O2A ATP CA . -25.51 -17.44 24.30
O3A ATP CA . -25.32 -17.04 21.81
O5' ATP CA . -27.22 -18.42 22.71
C5' ATP CA . -28.22 -18.88 23.61
C4' ATP CA . -28.77 -20.21 23.13
O4' ATP CA . -27.68 -21.12 22.91
C3' ATP CA . -29.69 -20.84 24.17
O3' ATP CA . -30.99 -21.03 23.60
C2' ATP CA . -29.07 -22.18 24.53
O2' ATP CA . -29.98 -23.23 24.22
C1' ATP CA . -27.80 -22.30 23.71
N9 ATP CA . -26.63 -22.42 24.61
C8 ATP CA . -25.48 -21.71 24.51
N7 ATP CA . -24.61 -22.06 25.49
C5 ATP CA . -25.19 -23.00 26.24
C6 ATP CA . -24.83 -23.80 27.44
N6 ATP CA . -23.62 -23.65 28.03
N1 ATP CA . -25.74 -24.69 27.91
C2 ATP CA . -26.94 -24.84 27.33
N3 ATP CA . -27.34 -24.16 26.24
C4 ATP CA . -26.53 -23.24 25.66
PG ATP DA . -26.06 51.48 41.23
O1G ATP DA . -26.99 50.73 42.15
O2G ATP DA . -25.71 50.75 39.96
O3G ATP DA . -24.88 52.12 41.92
PB ATP DA . -27.90 53.51 41.75
O1B ATP DA . -28.48 54.71 41.03
O2B ATP DA . -28.83 52.51 42.40
O3B ATP DA . -26.94 52.73 40.72
PA ATP DA . -26.01 55.38 42.60
O1A ATP DA . -26.86 56.58 42.94
O2A ATP DA . -25.37 55.26 41.24
O3A ATP DA . -26.88 54.05 42.86
O5' ATP DA . -24.84 55.25 43.71
C5' ATP DA . -24.48 56.38 44.50
C4' ATP DA . -23.50 55.95 45.58
O4' ATP DA . -22.16 56.03 45.08
C3' ATP DA . -23.59 56.84 46.81
O3' ATP DA . -23.93 56.07 47.96
C2' ATP DA . -22.22 57.47 46.99
O2' ATP DA . -21.68 57.09 48.26
C1' ATP DA . -21.35 56.92 45.87
N9 ATP DA . -20.88 58.04 45.02
C8 ATP DA . -21.25 58.28 43.75
N7 ATP DA . -20.62 59.38 43.25
C5 ATP DA . -19.84 59.87 44.22
C6 ATP DA . -18.90 61.02 44.38
N6 ATP DA . -18.69 61.88 43.35
N1 ATP DA . -18.28 61.17 45.56
C2 ATP DA . -18.49 60.31 46.58
N3 ATP DA . -19.31 59.25 46.51
C4 ATP DA . -20.00 58.99 45.39
PG ATP EA . -7.54 6.97 34.17
O1G ATP EA . -8.59 7.65 35.02
O2G ATP EA . -6.58 7.92 33.50
O3G ATP EA . -8.07 5.88 33.27
PB ATP EA . -6.20 6.90 36.63
O1B ATP EA . -5.25 5.98 37.36
O2B ATP EA . -5.80 8.32 36.32
O3B ATP EA . -6.62 6.19 35.24
PA ATP EA . -7.63 6.55 39.00
O1A ATP EA . -8.95 7.01 39.56
O2A ATP EA . -6.35 7.01 39.63
O3A ATP EA . -7.59 6.94 37.44
O5' ATP EA . -7.64 4.94 38.96
C5' ATP EA . -6.51 4.19 39.42
C4' ATP EA . -6.82 3.58 40.79
O4' ATP EA . -5.71 2.81 41.24
C3' ATP EA . -7.09 4.66 41.83
O3' ATP EA . -8.42 4.54 42.35
C2' ATP EA . -6.06 4.46 42.92
O2' ATP EA . -6.70 4.21 44.18
C1' ATP EA . -5.21 3.28 42.49
N9 ATP EA . -3.78 3.69 42.36
C8 ATP EA . -2.97 3.38 41.34
N7 ATP EA . -1.74 3.92 41.52
C5 ATP EA . -1.76 4.60 42.68
C6 ATP EA . -0.80 5.40 43.47
N6 ATP EA . 0.48 5.58 43.03
N1 ATP EA . -1.22 5.93 44.63
C2 ATP EA . -2.49 5.76 45.08
N3 ATP EA . -3.41 5.05 44.41
C4 ATP EA . -3.11 4.44 43.23
PB ADP FA . -31.20 59.84 10.88
O1B ADP FA . -29.96 60.65 10.50
O2B ADP FA . -31.52 58.84 9.78
O3B ADP FA . -30.94 59.10 12.18
PA ADP FA . -32.94 61.95 9.95
O1A ADP FA . -32.34 61.59 8.60
O2A ADP FA . -34.47 61.96 9.86
O3A ADP FA . -32.47 60.86 11.08
O5' ADP FA . -32.43 63.47 10.40
C5' ADP FA . -31.17 63.94 9.90
C4' ADP FA . -31.28 65.43 9.67
O4' ADP FA . -30.01 65.96 8.87
C3' ADP FA . -32.32 65.70 8.88
O3' ADP FA . -33.47 66.03 9.68
C2' ADP FA . -31.89 66.97 7.98
O2' ADP FA . -32.07 68.17 8.71
C1' ADP FA . -30.56 66.79 7.70
N9 ADP FA . -30.41 66.08 6.48
C8 ADP FA . -29.82 64.90 6.34
N7 ADP FA . -29.86 64.54 5.07
C5 ADP FA . -30.47 65.50 4.39
C6 ADP FA . -30.80 65.66 3.03
N6 ADP FA . -30.44 64.62 2.04
N1 ADP FA . -31.43 66.77 2.64
C2 ADP FA . -31.76 67.72 3.54
N3 ADP FA . -31.47 67.59 4.83
C4 ADP FA . -30.82 66.49 5.29
PB ADP GA . 3.67 32.66 18.32
O1B ADP GA . 4.93 31.81 18.50
O2B ADP GA . 3.01 32.87 19.68
O3B ADP GA . 2.71 31.95 17.40
PA ADP GA . 5.56 34.79 17.81
O1A ADP GA . 6.58 33.91 17.06
O2A ADP GA . 5.54 36.19 17.19
O3A ADP GA . 4.07 34.11 17.68
O5' ADP GA . 5.99 34.89 19.41
C5' ADP GA . 5.94 36.18 20.05
C4' ADP GA . 6.61 36.06 21.41
O4' ADP GA . 8.19 35.89 21.22
C3' ADP GA . 6.46 37.19 22.08
O3' ADP GA . 5.32 37.08 22.96
C2' ADP GA . 7.81 37.38 22.96
O2' ADP GA . 7.74 36.60 24.13
C1' ADP GA . 8.83 36.92 22.16
N9 ADP GA . 9.37 37.99 21.41
C8 ADP GA . 9.54 38.00 20.09
N7 ADP GA . 10.06 39.16 19.73
C5 ADP GA . 10.22 39.91 20.81
C6 ADP GA . 10.73 41.21 21.02
N6 ADP GA . 11.20 42.02 19.90
N1 ADP GA . 10.75 41.68 22.27
C2 ADP GA . 10.32 40.94 23.30
N3 ADP GA . 9.84 39.72 23.13
C4 ADP GA . 9.77 39.16 21.90
#